data_6YFU
#
_entry.id   6YFU
#
_cell.length_a   551.800
_cell.length_b   551.800
_cell.length_c   551.800
_cell.angle_alpha   90.000
_cell.angle_beta   90.000
_cell.angle_gamma   90.000
#
_symmetry.space_group_name_H-M   'I 2 3'
#
_entity_poly.entity_id   1
_entity_poly.type   'polypeptide(L)'
_entity_poly.pdbx_seq_one_letter_code
;SIKYIFKKTDTLPRSVIGNVLRTTGPDTTVYSLPGHTPVNPFTLTAVSRLPVPRKGNAGTTKTTLSLRREVTINKGTDQE
KIVPMIARIETSVPVGVSQDDFKAMIEGLACPLLLDEIHVNDLFLSGLPIATTDVPDNEPLPPALL
;
_entity_poly.pdbx_strand_id   AA,AB,AC,AD,AE,AF,AG,AH,AI,AJ,AK,AL,AM,AN,AO,AP,AQ,AR,AS,AT,AU,AV,AW,AX,AY,AZ,BA,BB,BC,BD,BE,BF,BG,BH,BI,BJ,BK,BL,BM,BN,BO,BP,BQ,BR,BS,BT,BU,BV,BW,BX,BY,BZ,CA,CB,CC,CD,CE,CF,CG,CH
#
# COMPACT_ATOMS: atom_id res chain seq x y z
N SER A 1 21.66 61.93 -65.62
CA SER A 1 21.35 63.33 -65.84
C SER A 1 20.46 63.91 -64.74
N ILE A 2 19.47 64.68 -65.14
CA ILE A 2 18.50 65.27 -64.22
C ILE A 2 17.16 64.59 -64.46
N LYS A 3 16.49 64.20 -63.39
CA LYS A 3 15.28 63.40 -63.50
C LYS A 3 14.08 64.13 -62.93
N TYR A 4 12.96 64.05 -63.64
CA TYR A 4 11.65 64.26 -63.05
C TYR A 4 11.49 63.33 -61.86
N ILE A 5 11.26 63.93 -60.69
CA ILE A 5 10.76 63.20 -59.54
C ILE A 5 9.24 63.07 -59.63
N PHE A 6 8.55 64.17 -59.92
CA PHE A 6 7.11 64.18 -60.11
C PHE A 6 6.79 65.07 -61.29
N LYS A 7 6.29 64.47 -62.38
CA LYS A 7 5.86 65.23 -63.54
C LYS A 7 4.51 65.87 -63.25
N LYS A 8 4.39 67.15 -63.54
CA LYS A 8 3.15 67.88 -63.30
C LYS A 8 2.05 67.40 -64.24
N THR A 9 0.85 67.25 -63.69
CA THR A 9 -0.33 66.85 -64.46
C THR A 9 -1.35 67.97 -64.48
N ASP A 10 -2.06 68.09 -65.60
CA ASP A 10 -3.14 69.07 -65.72
C ASP A 10 -4.40 68.55 -65.02
N THR A 11 -4.26 68.36 -63.71
CA THR A 11 -5.36 67.87 -62.87
C THR A 11 -5.58 68.93 -61.78
N LEU A 12 -6.63 69.72 -61.93
CA LEU A 12 -6.89 70.78 -60.97
C LEU A 12 -7.25 70.19 -59.60
N PRO A 13 -6.87 70.85 -58.51
CA PRO A 13 -7.27 70.36 -57.19
C PRO A 13 -8.73 70.66 -56.91
N ARG A 14 -9.40 69.72 -56.27
CA ARG A 14 -10.76 69.94 -55.82
C ARG A 14 -10.76 71.02 -54.75
N SER A 15 -11.60 72.03 -54.92
CA SER A 15 -11.83 72.97 -53.83
C SER A 15 -12.34 72.22 -52.61
N VAL A 16 -12.07 72.77 -51.42
CA VAL A 16 -12.39 72.12 -50.15
C VAL A 16 -13.56 72.83 -49.51
N ILE A 17 -14.65 72.11 -49.32
CA ILE A 17 -15.89 72.68 -48.82
C ILE A 17 -16.25 71.97 -47.54
N GLY A 18 -16.76 72.71 -46.56
CA GLY A 18 -17.06 72.09 -45.29
C GLY A 18 -17.89 72.99 -44.40
N ASN A 19 -17.94 72.62 -43.12
CA ASN A 19 -18.57 73.44 -42.11
C ASN A 19 -17.85 73.21 -40.78
N VAL A 20 -17.59 74.30 -40.06
CA VAL A 20 -16.86 74.19 -38.79
C VAL A 20 -17.64 73.33 -37.82
N LEU A 21 -16.95 72.36 -37.22
CA LEU A 21 -17.57 71.42 -36.28
C LEU A 21 -17.32 71.78 -34.83
N ARG A 22 -16.05 71.79 -34.41
CA ARG A 22 -15.72 72.11 -33.03
C ARG A 22 -14.36 72.77 -33.01
N THR A 23 -14.15 73.59 -31.99
CA THR A 23 -12.88 74.27 -31.76
C THR A 23 -12.28 73.64 -30.50
N THR A 24 -11.42 72.65 -30.69
CA THR A 24 -10.84 71.92 -29.57
C THR A 24 -10.05 72.85 -28.65
N GLY A 25 -9.11 73.59 -29.22
CA GLY A 25 -8.30 74.51 -28.46
C GLY A 25 -8.23 75.87 -29.12
N PRO A 26 -7.45 76.79 -28.54
CA PRO A 26 -7.31 78.11 -29.14
C PRO A 26 -6.59 78.08 -30.48
N ASP A 27 -5.63 77.17 -30.64
CA ASP A 27 -4.89 77.01 -31.87
C ASP A 27 -5.42 75.89 -32.76
N THR A 28 -6.39 75.12 -32.29
CA THR A 28 -6.84 73.91 -32.97
C THR A 28 -8.33 74.01 -33.26
N THR A 29 -8.71 73.89 -34.53
CA THR A 29 -10.12 73.90 -34.93
C THR A 29 -10.39 72.73 -35.87
N VAL A 30 -11.56 72.11 -35.72
CA VAL A 30 -11.89 70.88 -36.44
C VAL A 30 -13.16 71.10 -37.25
N TYR A 31 -13.05 70.87 -38.55
CA TYR A 31 -14.13 71.08 -39.51
C TYR A 31 -14.68 69.73 -39.92
N SER A 32 -16.01 69.65 -40.04
CA SER A 32 -16.69 68.49 -40.58
C SER A 32 -16.92 68.71 -42.08
N LEU A 33 -16.53 67.73 -42.87
CA LEU A 33 -16.59 67.75 -44.32
C LEU A 33 -17.81 67.00 -44.81
N PRO A 34 -18.12 67.08 -46.11
CA PRO A 34 -19.29 66.35 -46.61
C PRO A 34 -19.09 64.85 -46.49
N GLY A 35 -20.21 64.14 -46.26
CA GLY A 35 -20.15 62.70 -46.07
C GLY A 35 -19.74 62.26 -44.69
N HIS A 36 -19.61 63.19 -43.75
CA HIS A 36 -19.30 62.89 -42.36
C HIS A 36 -20.54 62.33 -41.68
N THR A 37 -20.62 61.01 -41.63
CA THR A 37 -21.61 60.39 -40.78
C THR A 37 -21.03 60.16 -39.39
N PRO A 38 -21.86 59.96 -38.37
CA PRO A 38 -21.30 59.54 -37.07
C PRO A 38 -20.58 58.20 -37.17
N VAL A 39 -21.10 57.30 -38.00
CA VAL A 39 -20.47 55.99 -38.16
C VAL A 39 -19.14 56.12 -38.88
N ASN A 40 -19.09 56.92 -39.95
CA ASN A 40 -17.92 57.05 -40.81
C ASN A 40 -17.48 58.51 -40.80
N PRO A 41 -16.78 58.94 -39.74
CA PRO A 41 -16.43 60.36 -39.63
C PRO A 41 -15.45 60.78 -40.72
N PHE A 42 -15.53 62.07 -41.08
CA PHE A 42 -14.69 62.63 -42.13
C PHE A 42 -14.44 64.08 -41.80
N THR A 43 -13.19 64.42 -41.45
CA THR A 43 -12.90 65.70 -40.83
C THR A 43 -11.55 66.25 -41.26
N LEU A 44 -11.50 67.58 -41.36
CA LEU A 44 -10.26 68.32 -41.50
C LEU A 44 -9.93 68.98 -40.17
N THR A 45 -8.78 68.63 -39.61
CA THR A 45 -8.29 69.27 -38.39
C THR A 45 -7.17 70.23 -38.75
N ALA A 46 -7.22 71.44 -38.20
CA ALA A 46 -6.26 72.49 -38.49
C ALA A 46 -5.65 72.97 -37.19
N VAL A 47 -4.33 72.91 -37.10
CA VAL A 47 -3.59 73.30 -35.91
C VAL A 47 -2.53 74.30 -36.36
N SER A 48 -2.72 75.57 -36.02
CA SER A 48 -1.80 76.65 -36.41
C SER A 48 -1.16 77.20 -35.14
N ARG A 49 0.14 76.94 -34.97
CA ARG A 49 0.86 77.36 -33.78
C ARG A 49 1.75 78.55 -34.11
N LEU A 50 1.51 79.66 -33.40
CA LEU A 50 2.18 80.91 -33.63
C LEU A 50 3.64 80.82 -33.21
N PRO A 51 4.49 81.71 -33.73
CA PRO A 51 5.91 81.68 -33.34
C PRO A 51 6.10 82.30 -31.97
N VAL A 52 6.88 81.63 -31.14
CA VAL A 52 7.28 82.16 -29.84
C VAL A 52 8.72 82.62 -29.95
N PRO A 53 9.00 83.90 -29.79
CA PRO A 53 10.38 84.38 -29.90
C PRO A 53 11.21 83.92 -28.72
N ARG A 54 12.44 83.56 -29.02
CA ARG A 54 13.40 83.11 -28.03
C ARG A 54 14.52 84.15 -27.97
N LYS A 55 15.28 84.15 -26.88
CA LYS A 55 16.30 85.17 -26.71
C LYS A 55 17.42 84.93 -27.73
N GLY A 56 17.50 85.81 -28.73
CA GLY A 56 18.44 85.63 -29.81
C GLY A 56 17.95 84.79 -30.96
N ASN A 57 16.73 84.26 -30.88
CA ASN A 57 16.16 83.42 -31.92
C ASN A 57 14.78 83.94 -32.29
N ALA A 58 14.56 84.18 -33.58
CA ALA A 58 13.20 84.47 -34.01
C ALA A 58 12.32 83.24 -33.84
N GLY A 59 11.01 83.49 -33.82
CA GLY A 59 10.07 82.39 -33.75
C GLY A 59 9.99 81.62 -35.07
N THR A 60 9.28 80.49 -35.03
CA THR A 60 8.93 79.73 -36.22
C THR A 60 7.46 79.33 -36.13
N THR A 61 6.72 79.61 -37.20
CA THR A 61 5.30 79.28 -37.28
C THR A 61 5.11 77.86 -37.77
N LYS A 62 4.33 77.07 -37.03
CA LYS A 62 4.00 75.71 -37.46
C LYS A 62 2.54 75.66 -37.86
N THR A 63 2.23 74.87 -38.87
CA THR A 63 0.87 74.78 -39.42
C THR A 63 0.63 73.35 -39.83
N THR A 64 -0.50 72.77 -39.41
CA THR A 64 -0.76 71.35 -39.65
C THR A 64 -2.22 71.17 -40.07
N LEU A 65 -2.43 70.58 -41.24
CA LEU A 65 -3.75 70.35 -41.81
C LEU A 65 -3.89 68.85 -42.07
N SER A 66 -4.85 68.19 -41.41
CA SER A 66 -5.03 66.74 -41.51
C SER A 66 -6.43 66.41 -41.99
N LEU A 67 -6.54 65.67 -43.08
CA LEU A 67 -7.80 65.09 -43.53
C LEU A 67 -7.85 63.64 -43.07
N ARG A 68 -8.86 63.31 -42.26
CA ARG A 68 -9.04 61.96 -41.74
C ARG A 68 -10.42 61.45 -42.12
N ARG A 69 -10.46 60.34 -42.86
CA ARG A 69 -11.70 59.68 -43.21
C ARG A 69 -11.66 58.22 -42.79
N GLU A 70 -12.64 57.80 -41.98
CA GLU A 70 -12.72 56.41 -41.55
C GLU A 70 -13.67 55.68 -42.49
N VAL A 71 -13.12 54.85 -43.37
CA VAL A 71 -13.86 54.21 -44.44
C VAL A 71 -14.17 52.77 -44.04
N THR A 72 -15.33 52.28 -44.45
CA THR A 72 -15.65 50.87 -44.29
C THR A 72 -14.90 50.06 -45.34
N ILE A 73 -14.16 49.05 -44.89
CA ILE A 73 -13.37 48.18 -45.75
C ILE A 73 -14.09 46.87 -45.90
N ASN A 74 -14.11 46.36 -47.14
CA ASN A 74 -14.71 45.10 -47.59
C ASN A 74 -16.05 44.83 -46.92
N LYS A 75 -16.98 45.75 -47.19
CA LYS A 75 -18.33 45.66 -46.64
C LYS A 75 -19.01 44.34 -47.00
N GLY A 76 -19.01 44.00 -48.29
CA GLY A 76 -19.68 42.77 -48.70
C GLY A 76 -19.10 41.53 -48.06
N THR A 77 -17.77 41.50 -47.94
CA THR A 77 -17.09 40.36 -47.37
C THR A 77 -17.29 40.35 -45.85
N ASP A 78 -17.06 39.18 -45.25
CA ASP A 78 -17.03 39.07 -43.81
C ASP A 78 -15.84 39.86 -43.25
N GLN A 79 -15.96 40.23 -41.97
CA GLN A 79 -14.95 41.00 -41.26
C GLN A 79 -14.78 42.40 -41.86
N GLU A 80 -15.90 43.02 -42.23
CA GLU A 80 -15.85 44.40 -42.69
C GLU A 80 -15.41 45.29 -41.53
N LYS A 81 -14.56 46.28 -41.80
CA LYS A 81 -14.04 47.06 -40.68
C LYS A 81 -13.89 48.53 -41.06
N ILE A 82 -14.24 49.42 -40.13
CA ILE A 82 -14.06 50.85 -40.35
C ILE A 82 -12.63 51.21 -39.96
N VAL A 83 -11.84 51.64 -40.94
CA VAL A 83 -10.42 51.88 -40.73
C VAL A 83 -10.12 53.29 -41.23
N PRO A 84 -9.29 54.06 -40.54
CA PRO A 84 -9.01 55.44 -40.98
C PRO A 84 -7.89 55.59 -41.99
N MET A 85 -8.11 56.40 -43.03
CA MET A 85 -7.05 56.87 -43.90
C MET A 85 -6.84 58.35 -43.63
N ILE A 86 -5.58 58.76 -43.63
CA ILE A 86 -5.20 60.11 -43.25
C ILE A 86 -4.25 60.68 -44.29
N ALA A 87 -4.43 61.97 -44.60
CA ALA A 87 -3.49 62.73 -45.42
C ALA A 87 -3.24 64.08 -44.75
N ARG A 88 -1.98 64.35 -44.38
CA ARG A 88 -1.56 65.55 -43.66
C ARG A 88 -0.59 66.39 -44.46
N ILE A 89 -0.78 67.69 -44.34
CA ILE A 89 0.22 68.69 -44.71
C ILE A 89 0.73 69.25 -43.40
N GLU A 90 2.06 69.26 -43.22
CA GLU A 90 2.68 69.85 -42.04
C GLU A 90 3.77 70.80 -42.50
N THR A 91 3.80 72.02 -41.96
CA THR A 91 4.69 73.05 -42.47
C THR A 91 5.25 73.90 -41.35
N SER A 92 6.58 73.96 -41.25
CA SER A 92 7.27 74.84 -40.30
C SER A 92 8.03 75.90 -41.06
N VAL A 93 7.65 77.17 -40.86
CA VAL A 93 8.25 78.31 -41.55
C VAL A 93 8.86 79.23 -40.50
N PRO A 94 10.17 79.44 -40.50
CA PRO A 94 10.75 80.48 -39.63
C PRO A 94 10.34 81.87 -40.10
N VAL A 95 10.50 82.85 -39.19
CA VAL A 95 9.95 84.18 -39.43
C VAL A 95 10.62 84.86 -40.63
N GLY A 96 11.96 84.79 -40.69
CA GLY A 96 12.71 85.49 -41.73
C GLY A 96 12.42 85.08 -43.17
N VAL A 97 11.58 84.06 -43.36
CA VAL A 97 11.35 83.50 -44.69
C VAL A 97 10.58 84.48 -45.58
N SER A 98 10.93 84.49 -46.87
CA SER A 98 10.19 85.26 -47.87
C SER A 98 9.02 84.45 -48.41
N GLN A 99 7.87 85.12 -48.51
CA GLN A 99 6.67 84.47 -49.04
C GLN A 99 6.90 83.91 -50.44
N ASP A 100 7.79 84.56 -51.21
CA ASP A 100 8.11 84.05 -52.54
C ASP A 100 8.77 82.67 -52.45
N ASP A 101 9.86 82.58 -51.68
CA ASP A 101 10.55 81.31 -51.49
C ASP A 101 9.60 80.22 -51.01
N PHE A 102 8.77 80.56 -50.03
CA PHE A 102 7.94 79.53 -49.44
C PHE A 102 6.80 79.11 -50.36
N LYS A 103 6.20 80.04 -51.10
CA LYS A 103 5.18 79.62 -52.04
C LYS A 103 5.79 78.77 -53.16
N ALA A 104 7.07 79.01 -53.48
CA ALA A 104 7.75 78.11 -54.40
C ALA A 104 7.81 76.69 -53.86
N MET A 105 8.26 76.54 -52.62
CA MET A 105 8.26 75.21 -52.02
C MET A 105 6.87 74.59 -52.01
N ILE A 106 5.84 75.39 -51.72
CA ILE A 106 4.49 74.85 -51.64
C ILE A 106 4.04 74.33 -53.00
N GLU A 107 4.23 75.16 -54.04
CA GLU A 107 3.85 74.77 -55.39
C GLU A 107 4.56 73.47 -55.79
N GLY A 108 5.83 73.34 -55.42
CA GLY A 108 6.51 72.08 -55.66
C GLY A 108 5.85 70.93 -54.92
N LEU A 109 5.58 71.12 -53.63
CA LEU A 109 5.03 70.07 -52.78
C LEU A 109 3.67 69.59 -53.27
N ALA A 110 2.92 70.48 -53.92
CA ALA A 110 1.58 70.12 -54.37
C ALA A 110 1.62 69.12 -55.53
N CYS A 111 2.71 69.11 -56.28
CA CYS A 111 2.78 68.31 -57.52
C CYS A 111 2.51 66.83 -57.32
N PRO A 112 3.12 66.11 -56.37
CA PRO A 112 2.83 64.67 -56.25
C PRO A 112 1.40 64.36 -55.88
N LEU A 113 0.71 65.29 -55.23
CA LEU A 113 -0.69 65.04 -54.87
C LEU A 113 -1.56 64.91 -56.11
N LEU A 114 -1.30 65.73 -57.12
CA LEU A 114 -2.16 65.79 -58.30
C LEU A 114 -1.60 64.92 -59.42
N LEU A 115 -1.69 63.60 -59.20
CA LEU A 115 -1.20 62.61 -60.15
C LEU A 115 -2.29 61.63 -60.53
N ASP A 116 -2.04 60.87 -61.60
CA ASP A 116 -3.01 59.90 -62.10
C ASP A 116 -3.11 58.69 -61.17
N GLU A 117 -4.20 57.93 -61.35
CA GLU A 117 -4.49 56.81 -60.47
C GLU A 117 -3.36 55.78 -60.47
N ILE A 118 -2.71 55.60 -61.62
CA ILE A 118 -1.65 54.59 -61.71
C ILE A 118 -0.52 54.93 -60.74
N HIS A 119 0.02 56.15 -60.85
CA HIS A 119 1.11 56.56 -59.97
C HIS A 119 0.65 56.62 -58.52
N VAL A 120 -0.57 57.10 -58.28
CA VAL A 120 -1.04 57.24 -56.91
C VAL A 120 -1.14 55.88 -56.23
N ASN A 121 -1.69 54.89 -56.93
CA ASN A 121 -1.77 53.55 -56.37
C ASN A 121 -0.39 52.92 -56.23
N ASP A 122 0.51 53.20 -57.16
CA ASP A 122 1.84 52.61 -57.06
C ASP A 122 2.63 53.18 -55.88
N LEU A 123 2.46 54.47 -55.58
CA LEU A 123 3.25 55.11 -54.53
C LEU A 123 2.57 55.08 -53.16
N PHE A 124 1.36 55.61 -53.05
CA PHE A 124 0.75 55.86 -51.74
C PHE A 124 0.09 54.62 -51.14
N LEU A 125 -0.31 53.66 -51.98
CA LEU A 125 -0.99 52.46 -51.53
C LEU A 125 -0.13 51.21 -51.62
N SER A 126 0.47 50.94 -52.80
CA SER A 126 1.31 49.76 -52.94
C SER A 126 2.65 49.94 -52.23
N GLY A 127 3.16 51.17 -52.22
CA GLY A 127 4.40 51.47 -51.55
C GLY A 127 5.63 51.39 -52.41
N LEU A 128 5.47 51.43 -53.73
CA LEU A 128 6.59 51.34 -54.65
C LEU A 128 7.48 52.58 -54.53
N PRO A 129 8.71 52.51 -55.03
CA PRO A 129 9.57 53.70 -55.00
C PRO A 129 9.08 54.71 -56.03
N ILE A 130 9.53 55.95 -55.87
CA ILE A 130 9.10 57.01 -56.79
C ILE A 130 9.55 56.69 -58.20
N ALA A 131 8.64 56.84 -59.17
CA ALA A 131 8.93 56.60 -60.57
C ALA A 131 9.67 57.81 -61.14
N THR A 132 10.99 57.66 -61.36
CA THR A 132 11.80 58.75 -61.90
C THR A 132 11.77 58.70 -63.42
N THR A 133 11.72 59.87 -64.05
CA THR A 133 11.64 59.95 -65.50
C THR A 133 12.74 60.86 -66.01
N ASP A 134 13.60 60.34 -66.89
CA ASP A 134 14.67 61.16 -67.45
C ASP A 134 14.09 62.34 -68.21
N VAL A 135 14.54 63.54 -67.86
CA VAL A 135 14.09 64.75 -68.56
C VAL A 135 14.68 64.76 -69.97
N PRO A 136 13.89 64.93 -71.01
CA PRO A 136 14.47 64.99 -72.36
C PRO A 136 15.36 66.21 -72.48
N ASP A 137 16.65 65.97 -72.71
CA ASP A 137 17.57 67.07 -72.98
C ASP A 137 17.09 67.91 -74.16
N ASN A 138 16.33 67.28 -75.07
CA ASN A 138 15.82 67.98 -76.24
C ASN A 138 14.77 69.01 -75.83
N GLU A 139 13.95 68.68 -74.84
CA GLU A 139 12.81 69.46 -74.39
C GLU A 139 13.25 70.61 -73.47
N PRO A 140 12.37 71.59 -73.21
CA PRO A 140 12.79 72.73 -72.38
C PRO A 140 13.03 72.30 -70.95
N LEU A 141 13.93 73.02 -70.28
CA LEU A 141 14.19 72.73 -68.88
C LEU A 141 12.96 73.07 -68.05
N PRO A 142 12.55 72.19 -67.15
CA PRO A 142 11.35 72.42 -66.35
C PRO A 142 11.54 73.59 -65.38
N PRO A 143 10.47 74.06 -64.74
CA PRO A 143 10.60 75.24 -63.87
C PRO A 143 11.54 74.98 -62.71
N ALA A 144 12.31 76.01 -62.34
CA ALA A 144 13.40 75.84 -61.39
C ALA A 144 12.94 75.47 -59.99
N LEU A 145 11.69 75.77 -59.64
CA LEU A 145 11.15 75.54 -58.30
C LEU A 145 11.70 76.52 -57.27
N LEU A 146 12.11 77.71 -57.74
CA LEU A 146 12.77 78.75 -56.94
C LEU A 146 13.51 78.21 -55.73
N SER B 1 -60.79 53.43 -23.15
CA SER B 1 -60.33 53.23 -24.52
C SER B 1 -58.94 53.82 -24.74
N ILE B 2 -58.78 54.51 -25.86
CA ILE B 2 -57.55 55.20 -26.19
C ILE B 2 -57.82 56.70 -26.11
N LYS B 3 -56.90 57.44 -25.50
CA LYS B 3 -57.15 58.83 -25.16
C LYS B 3 -56.10 59.76 -25.78
N TYR B 4 -56.59 60.87 -26.33
CA TYR B 4 -55.75 62.03 -26.59
C TYR B 4 -55.08 62.45 -25.29
N ILE B 5 -53.75 62.46 -25.33
CA ILE B 5 -52.96 63.14 -24.31
C ILE B 5 -52.82 64.62 -24.65
N PHE B 6 -52.48 64.92 -25.90
CA PHE B 6 -52.37 66.28 -26.41
C PHE B 6 -52.97 66.30 -27.80
N LYS B 7 -54.08 67.03 -27.96
CA LYS B 7 -54.68 67.20 -29.27
C LYS B 7 -53.90 68.24 -30.05
N LYS B 8 -53.55 67.89 -31.30
CA LYS B 8 -52.81 68.81 -32.15
C LYS B 8 -53.65 70.04 -32.50
N THR B 9 -53.01 71.20 -32.42
CA THR B 9 -53.64 72.46 -32.78
C THR B 9 -52.96 73.05 -34.00
N ASP B 10 -53.76 73.73 -34.83
CA ASP B 10 -53.25 74.35 -36.05
C ASP B 10 -52.61 75.70 -35.72
N THR B 11 -51.60 75.64 -34.87
CA THR B 11 -50.85 76.82 -34.43
C THR B 11 -49.39 76.62 -34.85
N LEU B 12 -48.96 77.34 -35.87
CA LEU B 12 -47.61 77.19 -36.39
C LEU B 12 -46.58 77.70 -35.38
N PRO B 13 -45.41 77.09 -35.31
CA PRO B 13 -44.39 77.56 -34.37
C PRO B 13 -43.74 78.84 -34.87
N ARG B 14 -43.47 79.74 -33.94
CA ARG B 14 -42.73 80.97 -34.26
C ARG B 14 -41.32 80.60 -34.66
N SER B 15 -40.87 81.13 -35.81
CA SER B 15 -39.48 81.00 -36.18
C SER B 15 -38.60 81.67 -35.12
N VAL B 16 -37.37 81.16 -34.98
CA VAL B 16 -36.46 81.60 -33.93
C VAL B 16 -35.34 82.42 -34.54
N ILE B 17 -35.32 83.71 -34.24
CA ILE B 17 -34.35 84.64 -34.81
C ILE B 17 -33.48 85.15 -33.68
N GLY B 18 -32.19 85.30 -33.94
CA GLY B 18 -31.30 85.74 -32.89
C GLY B 18 -29.96 86.18 -33.46
N ASN B 19 -29.00 86.36 -32.55
CA ASN B 19 -27.64 86.65 -32.95
C ASN B 19 -26.69 86.04 -31.93
N VAL B 20 -25.59 85.46 -32.42
CA VAL B 20 -24.67 84.75 -31.52
C VAL B 20 -24.04 85.73 -30.54
N LEU B 21 -24.16 85.42 -29.25
CA LEU B 21 -23.63 86.28 -28.20
C LEU B 21 -22.25 85.86 -27.73
N ARG B 22 -22.12 84.68 -27.14
CA ARG B 22 -20.81 84.23 -26.67
C ARG B 22 -20.76 82.72 -26.69
N THR B 23 -19.57 82.21 -26.98
CA THR B 23 -19.28 80.79 -27.01
C THR B 23 -18.59 80.45 -25.69
N THR B 24 -19.37 79.90 -24.75
CA THR B 24 -18.84 79.58 -23.43
C THR B 24 -17.78 78.50 -23.52
N GLY B 25 -18.14 77.33 -24.03
CA GLY B 25 -17.21 76.23 -24.19
C GLY B 25 -17.18 75.75 -25.62
N PRO B 26 -16.37 74.72 -25.90
CA PRO B 26 -16.35 74.17 -27.27
C PRO B 26 -17.66 73.55 -27.66
N ASP B 27 -18.35 72.92 -26.70
CA ASP B 27 -19.65 72.32 -26.91
C ASP B 27 -20.81 73.22 -26.52
N THR B 28 -20.56 74.46 -26.07
CA THR B 28 -21.60 75.31 -25.52
C THR B 28 -21.54 76.68 -26.20
N THR B 29 -22.64 77.07 -26.84
CA THR B 29 -22.75 78.39 -27.45
C THR B 29 -24.02 79.05 -26.97
N VAL B 30 -23.97 80.38 -26.80
CA VAL B 30 -25.09 81.12 -26.24
C VAL B 30 -25.47 82.25 -27.17
N TYR B 31 -26.75 82.31 -27.53
CA TYR B 31 -27.31 83.26 -28.47
C TYR B 31 -28.16 84.26 -27.72
N SER B 32 -28.04 85.54 -28.10
CA SER B 32 -28.89 86.59 -27.60
C SER B 32 -30.06 86.78 -28.56
N LEU B 33 -31.27 86.74 -28.02
CA LEU B 33 -32.51 86.84 -28.75
C LEU B 33 -33.04 88.27 -28.70
N PRO B 34 -34.06 88.59 -29.48
CA PRO B 34 -34.63 89.94 -29.40
C PRO B 34 -35.21 90.23 -28.02
N GLY B 35 -35.18 91.51 -27.66
CA GLY B 35 -35.65 91.91 -26.34
C GLY B 35 -34.68 91.62 -25.22
N HIS B 36 -33.47 91.19 -25.54
CA HIS B 36 -32.42 90.96 -24.55
C HIS B 36 -31.84 92.30 -24.16
N THR B 37 -32.41 92.90 -23.13
CA THR B 37 -31.77 94.02 -22.49
C THR B 37 -30.77 93.50 -21.45
N PRO B 38 -29.79 94.32 -21.06
CA PRO B 38 -28.96 93.94 -19.91
C PRO B 38 -29.78 93.81 -18.64
N VAL B 39 -30.87 94.58 -18.53
CA VAL B 39 -31.73 94.49 -17.36
C VAL B 39 -32.51 93.18 -17.37
N ASN B 40 -33.08 92.82 -18.52
CA ASN B 40 -33.97 91.67 -18.64
C ASN B 40 -33.44 90.75 -19.72
N PRO B 41 -32.42 89.95 -19.41
CA PRO B 41 -31.77 89.15 -20.45
C PRO B 41 -32.68 88.07 -21.02
N PHE B 42 -32.50 87.82 -22.32
CA PHE B 42 -33.23 86.78 -23.06
C PHE B 42 -32.16 85.99 -23.81
N THR B 43 -31.97 84.71 -23.49
CA THR B 43 -30.93 83.98 -24.20
C THR B 43 -31.32 82.53 -24.47
N LEU B 44 -30.91 82.04 -25.63
CA LEU B 44 -30.94 80.62 -25.97
C LEU B 44 -29.53 80.05 -25.81
N THR B 45 -29.39 79.06 -24.93
CA THR B 45 -28.13 78.37 -24.75
C THR B 45 -28.23 76.98 -25.38
N ALA B 46 -27.22 76.61 -26.16
CA ALA B 46 -27.20 75.35 -26.89
C ALA B 46 -25.94 74.58 -26.51
N VAL B 47 -26.13 73.35 -26.05
CA VAL B 47 -25.04 72.49 -25.60
C VAL B 47 -25.19 71.16 -26.32
N SER B 48 -24.32 70.90 -27.30
CA SER B 48 -24.39 69.70 -28.13
C SER B 48 -23.14 68.87 -27.84
N ARG B 49 -23.32 67.79 -27.09
CA ARG B 49 -22.21 66.93 -26.67
C ARG B 49 -22.11 65.74 -27.60
N LEU B 50 -20.98 65.65 -28.30
CA LEU B 50 -20.76 64.68 -29.35
C LEU B 50 -20.58 63.28 -28.75
N PRO B 51 -20.79 62.25 -29.55
CA PRO B 51 -20.74 60.90 -29.00
C PRO B 51 -19.33 60.33 -29.01
N VAL B 52 -18.87 59.80 -27.89
CA VAL B 52 -17.57 59.17 -27.80
C VAL B 52 -17.77 57.66 -27.90
N PRO B 53 -17.24 56.99 -28.91
CA PRO B 53 -17.47 55.54 -29.06
C PRO B 53 -16.46 54.79 -28.22
N ARG B 54 -16.95 54.02 -27.25
CA ARG B 54 -16.13 53.06 -26.53
C ARG B 54 -16.06 51.75 -27.33
N LYS B 55 -15.05 50.94 -27.05
CA LYS B 55 -14.86 49.74 -27.84
C LYS B 55 -16.07 48.83 -27.67
N GLY B 56 -16.71 48.48 -28.79
CA GLY B 56 -17.92 47.69 -28.77
C GLY B 56 -19.19 48.46 -28.52
N ASN B 57 -19.13 49.79 -28.44
CA ASN B 57 -20.30 50.62 -28.21
C ASN B 57 -20.27 51.82 -29.14
N ALA B 58 -21.36 52.04 -29.86
CA ALA B 58 -21.52 53.32 -30.55
C ALA B 58 -21.78 54.42 -29.54
N GLY B 59 -21.44 55.64 -29.93
CA GLY B 59 -21.68 56.77 -29.05
C GLY B 59 -23.16 57.02 -28.80
N THR B 60 -23.42 58.01 -27.96
CA THR B 60 -24.77 58.55 -27.76
C THR B 60 -24.67 60.08 -27.73
N THR B 61 -25.34 60.73 -28.68
CA THR B 61 -25.27 62.19 -28.81
C THR B 61 -26.28 62.86 -27.90
N LYS B 62 -25.83 63.83 -27.10
CA LYS B 62 -26.73 64.60 -26.26
C LYS B 62 -26.86 66.02 -26.78
N THR B 63 -28.06 66.57 -26.73
CA THR B 63 -28.33 67.90 -27.27
C THR B 63 -29.28 68.62 -26.32
N THR B 64 -28.93 69.85 -25.94
CA THR B 64 -29.72 70.58 -24.96
C THR B 64 -29.90 72.02 -25.42
N LEU B 65 -31.15 72.46 -25.49
CA LEU B 65 -31.52 73.79 -25.97
C LEU B 65 -32.38 74.45 -24.90
N SER B 66 -31.90 75.55 -24.32
CA SER B 66 -32.59 76.20 -23.21
C SER B 66 -32.88 77.65 -23.56
N LEU B 67 -34.15 78.04 -23.51
CA LEU B 67 -34.54 79.43 -23.57
C LEU B 67 -34.76 79.94 -22.15
N ARG B 68 -34.04 80.99 -21.76
CA ARG B 68 -34.17 81.60 -20.46
C ARG B 68 -34.41 83.08 -20.61
N ARG B 69 -35.53 83.57 -20.07
CA ARG B 69 -35.81 85.00 -20.11
C ARG B 69 -36.30 85.46 -18.74
N GLU B 70 -35.66 86.50 -18.19
CA GLU B 70 -35.92 86.97 -16.83
C GLU B 70 -36.90 88.14 -16.90
N VAL B 71 -38.16 87.87 -16.56
CA VAL B 71 -39.21 88.87 -16.69
C VAL B 71 -39.27 89.72 -15.43
N THR B 72 -39.51 91.03 -15.60
CA THR B 72 -39.94 91.88 -14.51
C THR B 72 -41.40 91.53 -14.22
N ILE B 73 -41.61 90.73 -13.18
CA ILE B 73 -42.94 90.36 -12.70
C ILE B 73 -43.49 91.44 -11.81
N ASN B 74 -44.79 91.69 -11.97
CA ASN B 74 -45.61 92.69 -11.28
C ASN B 74 -44.87 94.02 -11.11
N LYS B 75 -44.50 94.58 -12.27
CA LYS B 75 -43.76 95.84 -12.32
C LYS B 75 -44.53 96.97 -11.66
N GLY B 76 -45.79 97.18 -12.04
CA GLY B 76 -46.55 98.28 -11.48
C GLY B 76 -46.56 98.25 -9.95
N THR B 77 -46.77 97.07 -9.38
CA THR B 77 -46.88 96.90 -7.93
C THR B 77 -45.50 97.05 -7.28
N ASP B 78 -45.49 97.50 -6.04
CA ASP B 78 -44.26 97.57 -5.28
C ASP B 78 -43.74 96.17 -4.99
N GLN B 79 -42.46 96.10 -4.63
CA GLN B 79 -41.73 94.84 -4.53
C GLN B 79 -41.83 94.05 -5.84
N GLU B 80 -41.70 94.78 -6.95
CA GLU B 80 -41.63 94.18 -8.26
C GLU B 80 -40.31 93.43 -8.38
N LYS B 81 -40.28 92.31 -9.10
CA LYS B 81 -39.04 91.52 -9.08
C LYS B 81 -38.70 91.00 -10.47
N ILE B 82 -37.42 90.69 -10.68
CA ILE B 82 -36.96 90.08 -11.93
C ILE B 82 -36.76 88.59 -11.67
N VAL B 83 -37.48 87.76 -12.40
CA VAL B 83 -37.48 86.31 -12.13
C VAL B 83 -37.36 85.56 -13.45
N PRO B 84 -36.53 84.52 -13.53
CA PRO B 84 -36.30 83.84 -14.82
C PRO B 84 -37.27 82.71 -15.14
N MET B 85 -37.89 82.73 -16.31
CA MET B 85 -38.64 81.58 -16.79
C MET B 85 -37.78 80.84 -17.81
N ILE B 86 -37.85 79.51 -17.77
CA ILE B 86 -36.96 78.68 -18.58
C ILE B 86 -37.77 77.56 -19.23
N ALA B 87 -37.49 77.31 -20.51
CA ALA B 87 -38.04 76.16 -21.22
C ALA B 87 -36.92 75.48 -22.01
N ARG B 88 -36.72 74.18 -21.76
CA ARG B 88 -35.63 73.39 -22.31
C ARG B 88 -36.15 72.21 -23.12
N ILE B 89 -35.43 71.94 -24.19
CA ILE B 89 -35.50 70.70 -24.92
C ILE B 89 -34.19 69.96 -24.65
N GLU B 90 -34.28 68.73 -24.13
CA GLU B 90 -33.10 67.91 -23.88
C GLU B 90 -33.29 66.58 -24.59
N THR B 91 -32.29 66.14 -25.34
CA THR B 91 -32.46 64.98 -26.21
C THR B 91 -31.21 64.11 -26.24
N SER B 92 -31.38 62.82 -25.91
CA SER B 92 -30.29 61.85 -25.97
C SER B 92 -30.62 60.81 -27.02
N VAL B 93 -29.83 60.79 -28.11
CA VAL B 93 -30.04 59.90 -29.24
C VAL B 93 -28.80 59.02 -29.39
N PRO B 94 -28.90 57.72 -29.16
CA PRO B 94 -27.77 56.83 -29.46
C PRO B 94 -27.49 56.79 -30.96
N VAL B 95 -26.29 56.32 -31.30
CA VAL B 95 -25.84 56.40 -32.69
C VAL B 95 -26.76 55.59 -33.62
N GLY B 96 -26.97 54.31 -33.30
CA GLY B 96 -27.75 53.44 -34.16
C GLY B 96 -29.16 53.88 -34.53
N VAL B 97 -29.65 54.93 -33.87
CA VAL B 97 -31.04 55.37 -34.07
C VAL B 97 -31.27 55.81 -35.51
N SER B 98 -32.49 55.55 -36.01
CA SER B 98 -32.88 55.96 -37.35
C SER B 98 -33.49 57.36 -37.34
N GLN B 99 -33.05 58.17 -38.31
CA GLN B 99 -33.52 59.55 -38.40
C GLN B 99 -35.04 59.61 -38.58
N ASP B 100 -35.62 58.64 -39.29
CA ASP B 100 -37.07 58.60 -39.46
C ASP B 100 -37.78 58.44 -38.12
N ASP B 101 -37.37 57.43 -37.34
CA ASP B 101 -38.01 57.17 -36.05
C ASP B 101 -37.88 58.38 -35.13
N PHE B 102 -36.67 58.93 -35.04
CA PHE B 102 -36.49 60.02 -34.09
C PHE B 102 -37.19 61.30 -34.55
N LYS B 103 -37.28 61.54 -35.86
CA LYS B 103 -37.99 62.72 -36.35
C LYS B 103 -39.48 62.60 -36.06
N ALA B 104 -40.03 61.39 -36.14
CA ALA B 104 -41.44 61.19 -35.79
C ALA B 104 -41.67 61.43 -34.29
N MET B 105 -40.78 60.89 -33.46
CA MET B 105 -40.89 61.13 -32.03
C MET B 105 -40.78 62.62 -31.70
N ILE B 106 -39.89 63.35 -32.38
CA ILE B 106 -39.79 64.79 -32.18
C ILE B 106 -41.09 65.48 -32.56
N GLU B 107 -41.62 65.15 -33.74
CA GLU B 107 -42.90 65.72 -34.17
C GLU B 107 -43.97 65.51 -33.11
N GLY B 108 -44.00 64.32 -32.51
CA GLY B 108 -44.93 64.09 -31.42
C GLY B 108 -44.67 64.99 -30.23
N LEU B 109 -43.40 65.10 -29.84
CA LEU B 109 -43.05 65.89 -28.66
C LEU B 109 -43.38 67.37 -28.84
N ALA B 110 -43.38 67.85 -30.08
CA ALA B 110 -43.68 69.27 -30.29
C ALA B 110 -45.14 69.61 -30.06
N CYS B 111 -46.03 68.61 -29.97
CA CYS B 111 -47.46 68.87 -29.90
C CYS B 111 -47.89 69.63 -28.65
N PRO B 112 -47.48 69.25 -27.43
CA PRO B 112 -47.94 70.00 -26.24
C PRO B 112 -47.44 71.42 -26.21
N LEU B 113 -46.37 71.74 -26.92
CA LEU B 113 -45.89 73.11 -26.93
C LEU B 113 -46.86 74.04 -27.66
N LEU B 114 -47.45 73.58 -28.77
CA LEU B 114 -48.29 74.41 -29.60
C LEU B 114 -49.76 74.22 -29.23
N LEU B 115 -50.11 74.70 -28.04
CA LEU B 115 -51.46 74.61 -27.51
C LEU B 115 -52.01 75.99 -27.18
N ASP B 116 -53.33 76.04 -26.96
CA ASP B 116 -54.03 77.28 -26.67
C ASP B 116 -53.73 77.76 -25.25
N GLU B 117 -54.01 79.04 -25.01
CA GLU B 117 -53.67 79.66 -23.73
C GLU B 117 -54.34 78.94 -22.58
N ILE B 118 -55.56 78.43 -22.78
CA ILE B 118 -56.27 77.76 -21.70
C ILE B 118 -55.48 76.55 -21.22
N HIS B 119 -55.16 75.63 -22.13
CA HIS B 119 -54.40 74.44 -21.75
C HIS B 119 -53.01 74.81 -21.24
N VAL B 120 -52.37 75.81 -21.84
CA VAL B 120 -51.01 76.13 -21.44
C VAL B 120 -50.98 76.67 -20.01
N ASN B 121 -51.93 77.54 -19.67
CA ASN B 121 -52.02 78.04 -18.30
C ASN B 121 -52.42 76.94 -17.34
N ASP B 122 -53.29 76.02 -17.76
CA ASP B 122 -53.71 74.95 -16.86
C ASP B 122 -52.56 73.99 -16.56
N LEU B 123 -51.67 73.74 -17.52
CA LEU B 123 -50.61 72.75 -17.32
C LEU B 123 -49.28 73.33 -16.86
N PHE B 124 -48.74 74.32 -17.58
CA PHE B 124 -47.36 74.73 -17.35
C PHE B 124 -47.22 75.75 -16.23
N LEU B 125 -48.23 76.57 -15.98
CA LEU B 125 -48.19 77.56 -14.93
C LEU B 125 -48.94 77.11 -13.68
N SER B 126 -50.21 76.73 -13.84
CA SER B 126 -51.03 76.36 -12.68
C SER B 126 -50.60 75.01 -12.11
N GLY B 127 -50.15 74.10 -12.97
CA GLY B 127 -49.80 72.77 -12.51
C GLY B 127 -50.96 71.81 -12.43
N LEU B 128 -52.13 72.18 -12.95
CA LEU B 128 -53.28 71.30 -12.94
C LEU B 128 -52.95 70.00 -13.71
N PRO B 129 -53.62 68.90 -13.37
CA PRO B 129 -53.32 67.63 -14.06
C PRO B 129 -53.76 67.66 -15.51
N ILE B 130 -53.13 66.80 -16.31
CA ILE B 130 -53.46 66.71 -17.73
C ILE B 130 -54.83 66.08 -17.90
N ALA B 131 -55.68 66.71 -18.73
CA ALA B 131 -57.03 66.23 -19.00
C ALA B 131 -57.00 65.33 -20.23
N THR B 132 -57.22 64.04 -20.02
CA THR B 132 -57.27 63.08 -21.12
C THR B 132 -58.60 63.20 -21.86
N THR B 133 -58.55 63.12 -23.18
CA THR B 133 -59.76 63.27 -23.98
C THR B 133 -60.04 61.99 -24.76
N ASP B 134 -61.23 61.43 -24.60
CA ASP B 134 -61.58 60.23 -25.36
C ASP B 134 -61.55 60.51 -26.85
N VAL B 135 -60.83 59.68 -27.59
CA VAL B 135 -60.83 59.76 -29.05
C VAL B 135 -62.16 59.21 -29.56
N PRO B 136 -62.87 59.93 -30.43
CA PRO B 136 -64.14 59.40 -30.94
C PRO B 136 -63.91 58.14 -31.75
N ASP B 137 -64.51 57.04 -31.30
CA ASP B 137 -64.42 55.79 -32.06
C ASP B 137 -64.98 55.97 -33.46
N ASN B 138 -65.93 56.89 -33.63
CA ASN B 138 -66.51 57.16 -34.94
C ASN B 138 -65.49 57.82 -35.87
N GLU B 139 -64.67 58.70 -35.32
CA GLU B 139 -63.70 59.48 -36.09
C GLU B 139 -62.49 58.62 -36.47
N PRO B 140 -61.71 59.04 -37.48
CA PRO B 140 -60.56 58.23 -37.89
C PRO B 140 -59.47 58.24 -36.83
N LEU B 141 -58.73 57.14 -36.77
CA LEU B 141 -57.69 57.01 -35.75
C LEU B 141 -56.59 58.03 -36.02
N PRO B 142 -56.06 58.67 -34.97
CA PRO B 142 -55.02 59.69 -35.17
C PRO B 142 -53.70 59.06 -35.60
N PRO B 143 -52.74 59.86 -36.04
CA PRO B 143 -51.48 59.29 -36.54
C PRO B 143 -50.75 58.47 -35.49
N ALA B 144 -50.08 57.41 -35.93
CA ALA B 144 -49.52 56.43 -35.02
C ALA B 144 -48.32 56.96 -34.23
N LEU B 145 -47.68 58.03 -34.70
CA LEU B 145 -46.50 58.61 -34.06
C LEU B 145 -45.24 57.78 -34.27
N LEU B 146 -45.27 56.88 -35.26
CA LEU B 146 -44.20 55.93 -35.56
C LEU B 146 -43.51 55.40 -34.30
N SER C 1 -11.51 130.49 -10.70
CA SER C 1 -12.75 130.31 -11.45
C SER C 1 -12.92 128.87 -11.90
N ILE C 2 -13.37 128.71 -13.15
CA ILE C 2 -13.55 127.40 -13.76
C ILE C 2 -12.46 127.24 -14.81
N LYS C 3 -11.81 126.07 -14.82
CA LYS C 3 -10.66 125.86 -15.67
C LYS C 3 -10.90 124.74 -16.67
N TYR C 4 -10.48 124.98 -17.91
CA TYR C 4 -10.20 123.91 -18.86
C TYR C 4 -9.23 122.93 -18.22
N ILE C 5 -9.68 121.68 -18.09
CA ILE C 5 -8.78 120.57 -17.81
C ILE C 5 -8.11 120.11 -19.10
N PHE C 6 -8.92 119.85 -20.12
CA PHE C 6 -8.41 119.49 -21.44
C PHE C 6 -9.22 120.26 -22.47
N LYS C 7 -8.55 121.16 -23.19
CA LYS C 7 -9.19 121.92 -24.26
C LYS C 7 -9.32 121.04 -25.49
N LYS C 8 -10.53 120.99 -26.04
CA LYS C 8 -10.78 120.16 -27.21
C LYS C 8 -10.02 120.66 -28.44
N THR C 9 -9.41 119.73 -29.16
CA THR C 9 -8.68 120.04 -30.38
C THR C 9 -9.38 119.44 -31.58
N ASP C 10 -9.29 120.13 -32.72
CA ASP C 10 -9.95 119.68 -33.94
C ASP C 10 -9.05 118.67 -34.67
N THR C 11 -8.79 117.56 -33.96
CA THR C 11 -7.95 116.48 -34.47
C THR C 11 -8.79 115.21 -34.46
N LEU C 12 -9.18 114.75 -35.64
CA LEU C 12 -10.06 113.59 -35.75
C LEU C 12 -9.32 112.32 -35.34
N PRO C 13 -10.02 111.36 -34.73
CA PRO C 13 -9.35 110.11 -34.34
C PRO C 13 -9.08 109.23 -35.55
N ARG C 14 -7.91 108.60 -35.55
CA ARG C 14 -7.58 107.63 -36.59
C ARG C 14 -8.50 106.42 -36.46
N SER C 15 -9.14 106.04 -37.56
CA SER C 15 -9.90 104.81 -37.59
C SER C 15 -8.99 103.63 -37.29
N VAL C 16 -9.55 102.59 -36.68
CA VAL C 16 -8.78 101.44 -36.20
C VAL C 16 -9.01 100.25 -37.12
N ILE C 17 -7.96 99.84 -37.82
CA ILE C 17 -8.05 98.76 -38.80
C ILE C 17 -7.17 97.62 -38.35
N GLY C 18 -7.64 96.39 -38.52
CA GLY C 18 -6.88 95.26 -38.03
C GLY C 18 -7.40 93.95 -38.62
N ASN C 19 -6.99 92.86 -37.97
CA ASN C 19 -7.50 91.55 -38.32
C ASN C 19 -7.42 90.63 -37.10
N VAL C 20 -8.45 89.79 -36.91
CA VAL C 20 -8.51 88.95 -35.71
C VAL C 20 -7.40 87.91 -35.72
N LEU C 21 -6.58 87.90 -34.66
CA LEU C 21 -5.43 87.00 -34.55
C LEU C 21 -5.77 85.71 -33.82
N ARG C 22 -6.19 85.81 -32.56
CA ARG C 22 -6.57 84.66 -31.78
C ARG C 22 -7.64 85.06 -30.80
N THR C 23 -8.39 84.07 -30.33
CA THR C 23 -9.39 84.24 -29.30
C THR C 23 -8.91 83.46 -28.08
N THR C 24 -8.30 84.17 -27.14
CA THR C 24 -7.72 83.53 -25.96
C THR C 24 -8.78 82.80 -25.15
N GLY C 25 -9.82 83.53 -24.73
CA GLY C 25 -10.90 82.97 -23.95
C GLY C 25 -12.25 83.35 -24.51
N PRO C 26 -13.31 82.94 -23.82
CA PRO C 26 -14.67 83.25 -24.31
C PRO C 26 -15.01 84.72 -24.23
N ASP C 27 -14.39 85.45 -23.32
CA ASP C 27 -14.58 86.89 -23.18
C ASP C 27 -13.40 87.70 -23.71
N THR C 28 -12.34 87.06 -24.17
CA THR C 28 -11.10 87.74 -24.52
C THR C 28 -10.73 87.41 -25.97
N THR C 29 -10.62 88.44 -26.81
CA THR C 29 -10.20 88.26 -28.19
C THR C 29 -9.09 89.24 -28.54
N VAL C 30 -8.10 88.76 -29.30
CA VAL C 30 -6.90 89.54 -29.58
C VAL C 30 -6.77 89.76 -31.08
N TYR C 31 -6.58 91.01 -31.47
CA TYR C 31 -6.50 91.43 -32.86
C TYR C 31 -5.07 91.86 -33.15
N SER C 32 -4.55 91.44 -34.30
CA SER C 32 -3.26 91.92 -34.79
C SER C 32 -3.52 93.13 -35.68
N LEU C 33 -2.79 94.21 -35.41
CA LEU C 33 -2.90 95.48 -36.11
C LEU C 33 -1.78 95.60 -37.13
N PRO C 34 -1.82 96.61 -37.99
CA PRO C 34 -0.75 96.75 -38.99
C PRO C 34 0.60 96.98 -38.33
N GLY C 35 1.65 96.50 -39.00
CA GLY C 35 2.99 96.64 -38.46
C GLY C 35 3.33 95.66 -37.37
N HIS C 36 2.59 94.56 -37.28
CA HIS C 36 2.78 93.55 -36.24
C HIS C 36 3.74 92.48 -36.74
N THR C 37 5.03 92.67 -36.48
CA THR C 37 5.96 91.58 -36.66
C THR C 37 6.03 90.76 -35.38
N PRO C 38 6.43 89.48 -35.47
CA PRO C 38 6.58 88.70 -34.24
C PRO C 38 7.63 89.27 -33.31
N VAL C 39 8.68 89.86 -33.88
CA VAL C 39 9.73 90.47 -33.06
C VAL C 39 9.20 91.72 -32.36
N ASN C 40 8.44 92.55 -33.07
CA ASN C 40 7.94 93.82 -32.55
C ASN C 40 6.41 93.81 -32.62
N PRO C 41 5.76 93.05 -31.74
CA PRO C 41 4.30 92.87 -31.87
C PRO C 41 3.53 94.14 -31.55
N PHE C 42 2.37 94.27 -32.20
CA PHE C 42 1.47 95.40 -31.99
C PHE C 42 0.04 94.91 -32.13
N THR C 43 -0.70 94.91 -31.02
CA THR C 43 -1.96 94.20 -30.93
C THR C 43 -2.97 94.93 -30.04
N LEU C 44 -4.24 94.80 -30.41
CA LEU C 44 -5.38 95.23 -29.59
C LEU C 44 -6.02 94.02 -28.95
N THR C 45 -5.97 93.97 -27.62
CA THR C 45 -6.68 92.94 -26.86
C THR C 45 -7.98 93.54 -26.34
N ALA C 46 -9.07 92.77 -26.47
CA ALA C 46 -10.40 93.22 -26.07
C ALA C 46 -10.99 92.19 -25.12
N VAL C 47 -11.33 92.63 -23.91
CA VAL C 47 -11.88 91.77 -22.87
C VAL C 47 -13.20 92.40 -22.44
N SER C 48 -14.32 91.77 -22.81
CA SER C 48 -15.65 92.25 -22.44
C SER C 48 -16.29 91.24 -21.51
N ARG C 49 -16.47 91.62 -20.25
CA ARG C 49 -17.02 90.72 -19.23
C ARG C 49 -18.45 91.12 -18.92
N LEU C 50 -19.38 90.16 -19.11
CA LEU C 50 -20.79 90.39 -18.92
C LEU C 50 -21.12 90.63 -17.45
N PRO C 51 -22.27 91.22 -17.17
CA PRO C 51 -22.68 91.39 -15.79
C PRO C 51 -23.21 90.09 -15.22
N VAL C 52 -22.80 89.81 -13.99
CA VAL C 52 -23.30 88.67 -13.24
C VAL C 52 -24.23 89.18 -12.15
N PRO C 53 -25.52 88.88 -12.21
CA PRO C 53 -26.44 89.39 -11.18
C PRO C 53 -26.10 88.78 -9.83
N ARG C 54 -26.26 89.60 -8.79
CA ARG C 54 -26.06 89.17 -7.42
C ARG C 54 -27.37 89.38 -6.69
N LYS C 55 -27.59 88.61 -5.61
CA LYS C 55 -28.89 88.65 -4.95
C LYS C 55 -29.10 90.04 -4.36
N GLY C 56 -30.05 90.80 -4.92
CA GLY C 56 -30.28 92.16 -4.54
C GLY C 56 -29.45 93.20 -5.28
N ASN C 57 -28.55 92.77 -6.16
CA ASN C 57 -27.66 93.68 -6.86
C ASN C 57 -27.72 93.39 -8.36
N ALA C 58 -27.92 94.44 -9.16
CA ALA C 58 -27.82 94.28 -10.60
C ALA C 58 -26.36 94.10 -11.00
N GLY C 59 -26.16 93.47 -12.15
CA GLY C 59 -24.81 93.27 -12.64
C GLY C 59 -24.13 94.57 -13.04
N THR C 60 -22.84 94.46 -13.37
CA THR C 60 -22.08 95.55 -13.97
C THR C 60 -21.23 95.00 -15.11
N THR C 61 -21.34 95.62 -16.28
CA THR C 61 -20.58 95.21 -17.45
C THR C 61 -19.19 95.86 -17.43
N LYS C 62 -18.15 95.04 -17.52
CA LYS C 62 -16.79 95.58 -17.63
C LYS C 62 -16.30 95.39 -19.06
N THR C 63 -15.52 96.35 -19.54
CA THR C 63 -15.03 96.35 -20.91
C THR C 63 -13.62 96.92 -20.91
N THR C 64 -12.67 96.21 -21.48
CA THR C 64 -11.28 96.63 -21.45
C THR C 64 -10.68 96.47 -22.84
N LEU C 65 -10.08 97.54 -23.36
CA LEU C 65 -9.47 97.58 -24.68
C LEU C 65 -8.03 98.07 -24.52
N SER C 66 -7.05 97.21 -24.83
CA SER C 66 -5.64 97.51 -24.61
C SER C 66 -4.89 97.46 -25.94
N LEU C 67 -4.22 98.55 -26.28
CA LEU C 67 -3.26 98.53 -27.39
C LEU C 67 -1.86 98.38 -26.79
N ARG C 68 -1.09 97.43 -27.34
CA ARG C 68 0.27 97.17 -26.88
C ARG C 68 1.20 97.03 -28.08
N ARG C 69 2.26 97.85 -28.10
CA ARG C 69 3.20 97.85 -29.21
C ARG C 69 4.61 97.94 -28.67
N GLU C 70 5.46 96.97 -29.02
CA GLU C 70 6.81 96.86 -28.46
C GLU C 70 7.79 97.50 -29.43
N VAL C 71 8.19 98.73 -29.12
CA VAL C 71 9.05 99.51 -30.01
C VAL C 71 10.51 99.15 -29.77
N THR C 72 11.29 99.12 -30.85
CA THR C 72 12.74 99.14 -30.71
C THR C 72 13.18 100.56 -30.38
N ILE C 73 13.87 100.71 -29.25
CA ILE C 73 14.31 102.00 -28.75
C ILE C 73 15.79 102.14 -29.05
N ASN C 74 16.16 103.33 -29.54
CA ASN C 74 17.51 103.78 -29.85
C ASN C 74 18.34 102.66 -30.53
N LYS C 75 17.84 102.28 -31.70
CA LYS C 75 18.44 101.18 -32.46
C LYS C 75 19.88 101.48 -32.84
N GLY C 76 20.12 102.63 -33.47
CA GLY C 76 21.48 102.96 -33.89
C GLY C 76 22.45 102.97 -32.73
N THR C 77 22.01 103.45 -31.57
CA THR C 77 22.85 103.58 -30.39
C THR C 77 23.00 102.21 -29.71
N ASP C 78 23.99 102.10 -28.84
CA ASP C 78 24.12 100.93 -27.99
C ASP C 78 22.95 100.85 -27.02
N GLN C 79 22.74 99.64 -26.48
CA GLN C 79 21.59 99.35 -25.62
C GLN C 79 20.26 99.56 -26.35
N GLU C 80 20.24 99.27 -27.65
CA GLU C 80 18.99 99.09 -28.38
C GLU C 80 18.10 98.09 -27.65
N LYS C 81 16.86 98.47 -27.34
CA LYS C 81 16.02 97.55 -26.58
C LYS C 81 14.58 97.54 -27.09
N ILE C 82 13.97 96.36 -27.15
CA ILE C 82 12.56 96.26 -27.50
C ILE C 82 11.74 96.39 -26.21
N VAL C 83 10.91 97.43 -26.16
CA VAL C 83 10.22 97.80 -24.93
C VAL C 83 8.76 98.12 -25.26
N PRO C 84 7.79 97.63 -24.49
CA PRO C 84 6.38 97.83 -24.85
C PRO C 84 5.74 99.11 -24.35
N MET C 85 5.03 99.83 -25.21
CA MET C 85 4.16 100.92 -24.79
C MET C 85 2.72 100.41 -24.84
N ILE C 86 1.93 100.83 -23.85
CA ILE C 86 0.56 100.35 -23.70
C ILE C 86 -0.38 101.51 -23.44
N ALA C 87 -1.54 101.48 -24.10
CA ALA C 87 -2.62 102.44 -23.87
C ALA C 87 -3.95 101.69 -23.77
N ARG C 88 -4.62 101.79 -22.61
CA ARG C 88 -5.83 101.04 -22.28
C ARG C 88 -6.99 101.96 -22.01
N ILE C 89 -8.16 101.50 -22.44
CA ILE C 89 -9.44 102.02 -22.03
C ILE C 89 -10.08 100.96 -21.17
N GLU C 90 -10.48 101.29 -19.94
CA GLU C 90 -11.17 100.35 -19.07
C GLU C 90 -12.45 101.00 -18.59
N THR C 91 -13.57 100.27 -18.68
CA THR C 91 -14.87 100.87 -18.45
C THR C 91 -15.80 99.92 -17.70
N SER C 92 -16.30 100.38 -16.56
CA SER C 92 -17.26 99.62 -15.76
C SER C 92 -18.59 100.37 -15.76
N VAL C 93 -19.58 99.80 -16.43
CA VAL C 93 -20.91 100.39 -16.59
C VAL C 93 -21.91 99.48 -15.88
N PRO C 94 -22.50 99.92 -14.77
CA PRO C 94 -23.58 99.14 -14.16
C PRO C 94 -24.80 99.07 -15.07
N VAL C 95 -25.68 98.10 -14.78
CA VAL C 95 -26.71 97.72 -15.74
C VAL C 95 -27.66 98.89 -16.02
N GLY C 96 -28.21 99.51 -14.98
CA GLY C 96 -29.23 100.54 -15.13
C GLY C 96 -28.77 101.81 -15.84
N VAL C 97 -27.48 101.95 -16.10
CA VAL C 97 -26.93 103.19 -16.67
C VAL C 97 -27.59 103.49 -18.02
N SER C 98 -27.81 104.79 -18.27
CA SER C 98 -28.41 105.23 -19.52
C SER C 98 -27.34 105.49 -20.59
N GLN C 99 -27.64 105.02 -21.80
CA GLN C 99 -26.70 105.17 -22.92
C GLN C 99 -26.36 106.63 -23.17
N ASP C 100 -27.31 107.53 -22.94
CA ASP C 100 -27.06 108.95 -23.15
C ASP C 100 -25.96 109.44 -22.21
N ASP C 101 -26.16 109.23 -20.91
CA ASP C 101 -25.21 109.69 -19.91
C ASP C 101 -23.83 109.08 -20.16
N PHE C 102 -23.78 107.79 -20.47
CA PHE C 102 -22.48 107.17 -20.60
C PHE C 102 -21.77 107.60 -21.88
N LYS C 103 -22.50 107.80 -22.98
CA LYS C 103 -21.86 108.35 -24.18
C LYS C 103 -21.33 109.74 -23.91
N ALA C 104 -22.01 110.52 -23.07
CA ALA C 104 -21.48 111.82 -22.69
C ALA C 104 -20.14 111.70 -21.98
N MET C 105 -20.07 110.83 -20.97
CA MET C 105 -18.78 110.61 -20.31
C MET C 105 -17.71 110.13 -21.29
N ILE C 106 -18.07 109.25 -22.23
CA ILE C 106 -17.10 108.73 -23.19
C ILE C 106 -16.54 109.86 -24.03
N GLU C 107 -17.44 110.68 -24.59
CA GLU C 107 -17.02 111.80 -25.43
C GLU C 107 -16.09 112.73 -24.66
N GLY C 108 -16.40 112.97 -23.38
CA GLY C 108 -15.49 113.75 -22.56
C GLY C 108 -14.13 113.08 -22.39
N LEU C 109 -14.15 111.77 -22.12
CA LEU C 109 -12.91 111.03 -21.89
C LEU C 109 -12.01 111.01 -23.11
N ALA C 110 -12.60 111.06 -24.31
CA ALA C 110 -11.80 111.01 -25.52
C ALA C 110 -11.00 112.30 -25.73
N CYS C 111 -11.32 113.37 -25.01
CA CYS C 111 -10.70 114.66 -25.26
C CYS C 111 -9.20 114.70 -24.99
N PRO C 112 -8.69 114.23 -23.85
CA PRO C 112 -7.22 114.30 -23.64
C PRO C 112 -6.44 113.45 -24.62
N LEU C 113 -7.06 112.44 -25.22
CA LEU C 113 -6.33 111.62 -26.18
C LEU C 113 -5.97 112.41 -27.43
N LEU C 114 -6.90 113.23 -27.91
CA LEU C 114 -6.70 113.93 -29.18
C LEU C 114 -6.12 115.32 -28.92
N LEU C 115 -4.87 115.34 -28.46
CA LEU C 115 -4.16 116.57 -28.17
C LEU C 115 -2.89 116.68 -29.02
N ASP C 116 -2.33 117.89 -29.02
CA ASP C 116 -1.13 118.18 -29.79
C ASP C 116 0.10 117.57 -29.14
N GLU C 117 1.16 117.44 -29.95
CA GLU C 117 2.37 116.77 -29.49
C GLU C 117 2.95 117.43 -28.24
N ILE C 118 2.82 118.74 -28.13
CA ILE C 118 3.38 119.45 -26.98
C ILE C 118 2.74 118.94 -25.69
N HIS C 119 1.40 119.01 -25.61
CA HIS C 119 0.72 118.55 -24.41
C HIS C 119 0.91 117.06 -24.19
N VAL C 120 0.92 116.27 -25.27
CA VAL C 120 1.01 114.82 -25.09
C VAL C 120 2.37 114.43 -24.54
N ASN C 121 3.45 115.04 -25.04
CA ASN C 121 4.77 114.78 -24.48
C ASN C 121 4.89 115.31 -23.06
N ASP C 122 4.29 116.47 -22.79
CA ASP C 122 4.35 117.01 -21.43
C ASP C 122 3.64 116.12 -20.43
N LEU C 123 2.53 115.48 -20.81
CA LEU C 123 1.72 114.72 -19.87
C LEU C 123 2.03 113.22 -19.85
N PHE C 124 1.98 112.57 -21.01
CA PHE C 124 2.00 111.10 -21.04
C PHE C 124 3.42 110.54 -21.01
N LEU C 125 4.41 111.27 -21.51
CA LEU C 125 5.79 110.81 -21.51
C LEU C 125 6.60 111.43 -20.38
N SER C 126 6.63 112.77 -20.32
CA SER C 126 7.44 113.43 -19.31
C SER C 126 6.85 113.25 -17.92
N GLY C 127 5.53 113.24 -17.80
CA GLY C 127 4.87 113.04 -16.54
C GLY C 127 4.47 114.30 -15.79
N LEU C 128 4.46 115.45 -16.46
CA LEU C 128 4.10 116.70 -15.81
C LEU C 128 2.64 116.67 -15.35
N PRO C 129 2.23 117.59 -14.50
CA PRO C 129 0.80 117.70 -14.18
C PRO C 129 0.01 118.26 -15.34
N ILE C 130 -1.32 118.14 -15.24
CA ILE C 130 -2.19 118.61 -16.31
C ILE C 130 -2.09 120.12 -16.45
N ALA C 131 -1.99 120.59 -17.69
CA ALA C 131 -1.95 122.03 -17.96
C ALA C 131 -3.36 122.59 -17.90
N THR C 132 -3.65 123.38 -16.87
CA THR C 132 -4.96 123.97 -16.67
C THR C 132 -5.03 125.34 -17.35
N THR C 133 -6.17 125.65 -17.97
CA THR C 133 -6.31 126.91 -18.69
C THR C 133 -7.57 127.62 -18.21
N ASP C 134 -7.42 128.84 -17.69
CA ASP C 134 -8.59 129.60 -17.25
C ASP C 134 -9.54 129.83 -18.41
N VAL C 135 -10.79 129.44 -18.22
CA VAL C 135 -11.83 129.66 -19.25
C VAL C 135 -12.13 131.14 -19.33
N PRO C 136 -12.09 131.77 -20.50
CA PRO C 136 -12.43 133.19 -20.59
C PRO C 136 -13.88 133.40 -20.20
N ASP C 137 -14.09 134.18 -19.14
CA ASP C 137 -15.45 134.51 -18.73
C ASP C 137 -16.21 135.18 -19.87
N ASN C 138 -15.50 135.92 -20.72
CA ASN C 138 -16.15 136.58 -21.84
C ASN C 138 -16.66 135.58 -22.86
N GLU C 139 -15.89 134.53 -23.13
CA GLU C 139 -16.27 133.54 -24.12
C GLU C 139 -17.42 132.68 -23.60
N PRO C 140 -18.17 132.04 -24.50
CA PRO C 140 -19.31 131.24 -24.05
C PRO C 140 -18.87 130.04 -23.23
N LEU C 141 -19.75 129.60 -22.34
CA LEU C 141 -19.40 128.49 -21.47
C LEU C 141 -19.29 127.20 -22.28
N PRO C 142 -18.26 126.39 -22.04
CA PRO C 142 -18.07 125.15 -22.81
C PRO C 142 -19.15 124.13 -22.52
N PRO C 143 -19.26 123.07 -23.32
CA PRO C 143 -20.33 122.10 -23.12
C PRO C 143 -20.28 121.45 -21.74
N ALA C 144 -21.46 121.17 -21.19
CA ALA C 144 -21.58 120.73 -19.82
C ALA C 144 -21.09 119.32 -19.57
N LEU C 145 -20.89 118.51 -20.62
CA LEU C 145 -20.41 117.15 -20.52
C LEU C 145 -21.46 116.20 -19.91
N LEU C 146 -22.72 116.63 -19.89
CA LEU C 146 -23.85 115.90 -19.29
C LEU C 146 -23.46 115.17 -18.00
N SER D 1 145.73 24.25 -24.81
CA SER D 1 145.54 25.12 -25.97
C SER D 1 144.09 25.14 -26.44
N ILE D 2 143.90 25.08 -27.75
CA ILE D 2 142.58 25.04 -28.36
C ILE D 2 142.39 23.65 -28.95
N LYS D 3 141.23 23.06 -28.71
CA LYS D 3 140.98 21.68 -29.07
C LYS D 3 139.84 21.57 -30.08
N TYR D 4 140.05 20.71 -31.08
CA TYR D 4 138.95 20.14 -31.84
C TYR D 4 138.00 19.47 -30.88
N ILE D 5 136.74 19.94 -30.89
CA ILE D 5 135.64 19.19 -30.30
C ILE D 5 135.13 18.14 -31.27
N PHE D 6 134.91 18.53 -32.52
CA PHE D 6 134.50 17.61 -33.58
C PHE D 6 135.27 17.95 -34.85
N LYS D 7 136.15 17.04 -35.27
CA LYS D 7 136.88 17.23 -36.51
C LYS D 7 135.96 16.91 -37.68
N LYS D 8 135.92 17.80 -38.67
CA LYS D 8 135.09 17.61 -39.84
C LYS D 8 135.57 16.43 -40.69
N THR D 9 134.62 15.64 -41.16
CA THR D 9 134.91 14.50 -42.03
C THR D 9 134.31 14.74 -43.41
N ASP D 10 134.99 14.23 -44.44
CA ASP D 10 134.49 14.32 -45.80
C ASP D 10 133.45 13.21 -46.03
N THR D 11 132.36 13.31 -45.27
CA THR D 11 131.25 12.37 -45.35
C THR D 11 129.99 13.17 -45.67
N LEU D 12 129.56 13.11 -46.93
CA LEU D 12 128.40 13.89 -47.34
C LEU D 12 127.15 13.37 -46.64
N PRO D 13 126.21 14.26 -46.32
CA PRO D 13 124.95 13.79 -45.72
C PRO D 13 124.05 13.14 -46.77
N ARG D 14 123.38 12.08 -46.36
CA ARG D 14 122.38 11.46 -47.23
C ARG D 14 121.22 12.42 -47.42
N SER D 15 120.85 12.66 -48.67
CA SER D 15 119.61 13.37 -48.94
C SER D 15 118.44 12.63 -48.30
N VAL D 16 117.39 13.37 -47.95
CA VAL D 16 116.26 12.83 -47.22
C VAL D 16 115.07 12.73 -48.17
N ILE D 17 114.59 11.51 -48.38
CA ILE D 17 113.54 11.24 -49.34
C ILE D 17 112.36 10.63 -48.60
N GLY D 18 111.15 11.01 -48.99
CA GLY D 18 110.00 10.51 -48.27
C GLY D 18 108.70 10.79 -48.98
N ASN D 19 107.61 10.62 -48.25
CA ASN D 19 106.30 11.00 -48.73
C ASN D 19 105.43 11.43 -47.55
N VAL D 20 104.70 12.53 -47.73
CA VAL D 20 103.88 13.05 -46.64
C VAL D 20 102.84 12.02 -46.23
N LEU D 21 102.76 11.77 -44.92
CA LEU D 21 101.85 10.77 -44.37
C LEU D 21 100.58 11.38 -43.79
N ARG D 22 100.72 12.24 -42.78
CA ARG D 22 99.56 12.86 -42.17
C ARG D 22 99.96 14.22 -41.64
N THR D 23 98.99 15.11 -41.57
CA THR D 23 99.16 16.45 -41.02
C THR D 23 98.38 16.49 -39.71
N THR D 24 99.10 16.25 -38.60
CA THR D 24 98.46 16.18 -37.30
C THR D 24 97.79 17.50 -36.95
N GLY D 25 98.54 18.60 -37.01
CA GLY D 25 98.01 19.90 -36.71
C GLY D 25 98.40 20.92 -37.76
N PRO D 26 98.01 22.17 -37.54
CA PRO D 26 98.37 23.22 -38.52
C PRO D 26 99.86 23.47 -38.59
N ASP D 27 100.56 23.35 -37.45
CA ASP D 27 102.00 23.54 -37.39
C ASP D 27 102.78 22.23 -37.44
N THR D 28 102.11 21.08 -37.42
CA THR D 28 102.76 19.78 -37.27
C THR D 28 102.39 18.90 -38.47
N THR D 29 103.41 18.42 -39.19
CA THR D 29 103.19 17.50 -40.30
C THR D 29 104.13 16.31 -40.17
N VAL D 30 103.65 15.12 -40.51
CA VAL D 30 104.38 13.88 -40.30
C VAL D 30 104.55 13.16 -41.62
N TYR D 31 105.81 12.88 -41.97
CA TYR D 31 106.19 12.25 -43.22
C TYR D 31 106.59 10.81 -42.95
N SER D 32 106.17 9.92 -43.85
CA SER D 32 106.60 8.53 -43.82
C SER D 32 107.80 8.36 -44.75
N LEU D 33 108.84 7.75 -44.23
CA LEU D 33 110.12 7.56 -44.91
C LEU D 33 110.20 6.16 -45.48
N PRO D 34 111.22 5.87 -46.28
CA PRO D 34 111.34 4.51 -46.83
C PRO D 34 111.58 3.49 -45.73
N GLY D 35 111.06 2.27 -45.95
CA GLY D 35 111.17 1.22 -44.95
C GLY D 35 110.18 1.31 -43.82
N HIS D 36 109.22 2.22 -43.91
CA HIS D 36 108.15 2.36 -42.92
C HIS D 36 107.15 1.24 -43.12
N THR D 37 107.30 0.17 -42.36
CA THR D 37 106.25 -0.83 -42.28
C THR D 37 105.28 -0.46 -41.16
N PRO D 38 104.08 -1.02 -41.15
CA PRO D 38 103.22 -0.83 -39.97
C PRO D 38 103.84 -1.42 -38.72
N VAL D 39 104.54 -2.54 -38.87
CA VAL D 39 105.17 -3.19 -37.72
C VAL D 39 106.33 -2.35 -37.21
N ASN D 40 107.16 -1.82 -38.13
CA ASN D 40 108.39 -1.11 -37.79
C ASN D 40 108.29 0.30 -38.37
N PRO D 41 107.54 1.20 -37.73
CA PRO D 41 107.32 2.52 -38.30
C PRO D 41 108.61 3.33 -38.37
N PHE D 42 108.67 4.23 -39.35
CA PHE D 42 109.86 5.05 -39.58
C PHE D 42 109.40 6.38 -40.15
N THR D 43 109.53 7.46 -39.37
CA THR D 43 108.85 8.70 -39.70
C THR D 43 109.68 9.92 -39.31
N LEU D 44 109.55 10.96 -40.13
CA LEU D 44 110.05 12.30 -39.81
C LEU D 44 108.87 13.16 -39.41
N THR D 45 108.89 13.68 -38.19
CA THR D 45 107.87 14.63 -37.74
C THR D 45 108.48 16.03 -37.72
N ALA D 46 107.74 17.00 -38.27
CA ALA D 46 108.21 18.37 -38.37
C ALA D 46 107.20 19.29 -37.71
N VAL D 47 107.66 20.08 -36.75
CA VAL D 47 106.82 20.98 -35.98
C VAL D 47 107.47 22.36 -36.07
N SER D 48 106.85 23.27 -36.83
CA SER D 48 107.38 24.62 -37.02
C SER D 48 106.41 25.60 -36.39
N ARG D 49 106.82 26.23 -35.31
CA ARG D 49 105.97 27.15 -34.56
C ARG D 49 106.40 28.59 -34.83
N LEU D 50 105.46 29.37 -35.36
CA LEU D 50 105.71 30.74 -35.77
C LEU D 50 105.95 31.63 -34.56
N PRO D 51 106.58 32.78 -34.75
CA PRO D 51 106.82 33.68 -33.62
C PRO D 51 105.56 34.45 -33.29
N VAL D 52 105.26 34.52 -32.00
CA VAL D 52 104.16 35.34 -31.49
C VAL D 52 104.76 36.58 -30.86
N PRO D 53 104.48 37.77 -31.39
CA PRO D 53 105.05 38.99 -30.81
C PRO D 53 104.41 39.30 -29.47
N ARG D 54 105.25 39.74 -28.54
CA ARG D 54 104.83 40.12 -27.21
C ARG D 54 105.04 41.61 -27.07
N LYS D 55 104.37 42.23 -26.10
CA LYS D 55 104.45 43.68 -25.96
C LYS D 55 105.85 44.06 -25.49
N GLY D 56 106.62 44.67 -26.40
CA GLY D 56 108.01 44.99 -26.13
C GLY D 56 108.99 43.88 -26.43
N ASN D 57 108.53 42.72 -26.89
CA ASN D 57 109.38 41.60 -27.21
C ASN D 57 109.05 41.08 -28.60
N ALA D 58 110.07 40.98 -29.45
CA ALA D 58 109.87 40.31 -30.72
C ALA D 58 109.58 38.82 -30.49
N GLY D 59 108.99 38.20 -31.51
CA GLY D 59 108.75 36.77 -31.44
C GLY D 59 110.03 35.97 -31.59
N THR D 60 109.91 34.66 -31.35
CA THR D 60 110.98 33.71 -31.63
C THR D 60 110.39 32.50 -32.34
N THR D 61 110.99 32.12 -33.46
CA THR D 61 110.55 30.98 -34.25
C THR D 61 111.17 29.69 -33.72
N LYS D 62 110.33 28.68 -33.44
CA LYS D 62 110.84 27.39 -33.02
C LYS D 62 110.60 26.39 -34.15
N THR D 63 111.54 25.44 -34.30
CA THR D 63 111.49 24.47 -35.39
C THR D 63 112.02 23.15 -34.86
N THR D 64 111.30 22.06 -35.08
CA THR D 64 111.66 20.77 -34.50
C THR D 64 111.49 19.68 -35.54
N LEU D 65 112.56 18.94 -35.82
CA LEU D 65 112.58 17.87 -36.81
C LEU D 65 113.04 16.59 -36.10
N SER D 66 112.17 15.57 -36.06
CA SER D 66 112.46 14.33 -35.35
C SER D 66 112.37 13.12 -36.28
N LEU D 67 113.45 12.36 -36.37
CA LEU D 67 113.45 11.07 -37.05
C LEU D 67 113.28 9.98 -36.01
N ARG D 68 112.21 9.19 -36.14
CA ARG D 68 111.91 8.10 -35.22
C ARG D 68 111.78 6.80 -35.99
N ARG D 69 112.64 5.83 -35.66
CA ARG D 69 112.57 4.49 -36.25
C ARG D 69 112.47 3.45 -35.14
N GLU D 70 111.44 2.62 -35.20
CA GLU D 70 111.27 1.54 -34.22
C GLU D 70 111.86 0.27 -34.83
N VAL D 71 113.01 -0.13 -34.32
CA VAL D 71 113.79 -1.23 -34.88
C VAL D 71 113.58 -2.47 -34.04
N THR D 72 113.56 -3.62 -34.70
CA THR D 72 113.54 -4.89 -33.99
C THR D 72 114.94 -5.18 -33.45
N ILE D 73 115.02 -5.44 -32.14
CA ILE D 73 116.28 -5.72 -31.46
C ILE D 73 116.35 -7.22 -31.20
N ASN D 74 117.56 -7.77 -31.43
CA ASN D 74 117.94 -9.17 -31.25
C ASN D 74 116.85 -10.13 -31.70
N LYS D 75 116.55 -10.05 -33.00
CA LYS D 75 115.53 -10.88 -33.62
C LYS D 75 115.81 -12.36 -33.42
N GLY D 76 117.03 -12.79 -33.76
CA GLY D 76 117.35 -14.20 -33.65
C GLY D 76 117.25 -14.72 -32.23
N THR D 77 117.69 -13.91 -31.27
CA THR D 77 117.65 -14.30 -29.87
C THR D 77 116.21 -14.23 -29.35
N ASP D 78 115.98 -14.93 -28.25
CA ASP D 78 114.72 -14.81 -27.53
C ASP D 78 114.55 -13.40 -26.98
N GLN D 79 113.30 -13.03 -26.74
CA GLN D 79 112.93 -11.70 -26.23
C GLN D 79 113.27 -10.59 -27.23
N GLU D 80 113.03 -10.85 -28.51
CA GLU D 80 113.22 -9.81 -29.51
C GLU D 80 112.19 -8.72 -29.27
N LYS D 81 112.60 -7.45 -29.41
CA LYS D 81 111.66 -6.38 -29.07
C LYS D 81 111.80 -5.21 -30.01
N ILE D 82 110.66 -4.63 -30.39
CA ILE D 82 110.66 -3.43 -31.23
C ILE D 82 110.82 -2.21 -30.33
N VAL D 83 111.95 -1.52 -30.48
CA VAL D 83 112.29 -0.42 -29.59
C VAL D 83 112.60 0.79 -30.45
N PRO D 84 112.18 2.00 -30.06
CA PRO D 84 112.43 3.18 -30.91
C PRO D 84 113.76 3.87 -30.68
N MET D 85 114.45 4.21 -31.77
CA MET D 85 115.58 5.14 -31.71
C MET D 85 115.16 6.45 -32.36
N ILE D 86 115.59 7.56 -31.76
CA ILE D 86 115.15 8.88 -32.17
C ILE D 86 116.37 9.79 -32.32
N ALA D 87 116.34 10.63 -33.35
CA ALA D 87 117.31 11.70 -33.53
C ALA D 87 116.57 12.99 -33.91
N ARG D 88 116.70 14.02 -33.06
CA ARG D 88 116.00 15.29 -33.20
C ARG D 88 116.95 16.45 -33.41
N ILE D 89 116.54 17.36 -34.28
CA ILE D 89 117.09 18.71 -34.37
C ILE D 89 116.02 19.63 -33.81
N GLU D 90 116.39 20.47 -32.85
CA GLU D 90 115.47 21.47 -32.29
C GLU D 90 116.16 22.82 -32.35
N THR D 91 115.46 23.84 -32.83
CA THR D 91 116.09 25.14 -33.08
C THR D 91 115.15 26.28 -32.75
N SER D 92 115.59 27.15 -31.85
CA SER D 92 114.86 28.38 -31.52
C SER D 92 115.65 29.59 -31.98
N VAL D 93 115.09 30.36 -32.90
CA VAL D 93 115.74 31.53 -33.50
C VAL D 93 114.88 32.75 -33.20
N PRO D 94 115.37 33.73 -32.45
CA PRO D 94 114.64 34.99 -32.34
C PRO D 94 114.63 35.76 -33.65
N VAL D 95 113.71 36.73 -33.74
CA VAL D 95 113.46 37.38 -35.03
C VAL D 95 114.68 38.17 -35.50
N GLY D 96 115.28 38.95 -34.60
CA GLY D 96 116.39 39.83 -34.95
C GLY D 96 117.64 39.14 -35.52
N VAL D 97 117.66 37.82 -35.54
CA VAL D 97 118.86 37.08 -35.92
C VAL D 97 119.17 37.25 -37.40
N SER D 98 120.46 37.31 -37.73
CA SER D 98 120.92 37.32 -39.11
C SER D 98 121.08 35.90 -39.64
N GLN D 99 120.59 35.69 -40.86
CA GLN D 99 120.68 34.38 -41.49
C GLN D 99 122.14 33.92 -41.60
N ASP D 100 123.08 34.87 -41.73
CA ASP D 100 124.49 34.52 -41.76
C ASP D 100 124.93 33.88 -40.45
N ASP D 101 124.69 34.58 -39.33
CA ASP D 101 125.04 34.05 -38.01
C ASP D 101 124.42 32.69 -37.79
N PHE D 102 123.14 32.55 -38.14
CA PHE D 102 122.47 31.31 -37.80
C PHE D 102 122.91 30.16 -38.70
N LYS D 103 123.15 30.41 -39.99
CA LYS D 103 123.67 29.33 -40.82
C LYS D 103 125.06 28.92 -40.38
N ALA D 104 125.82 29.85 -39.80
CA ALA D 104 127.11 29.48 -39.19
C ALA D 104 126.90 28.49 -38.05
N MET D 105 125.99 28.81 -37.13
CA MET D 105 125.70 27.85 -36.06
C MET D 105 125.25 26.50 -36.61
N ILE D 106 124.42 26.52 -37.66
CA ILE D 106 123.90 25.26 -38.21
C ILE D 106 125.03 24.42 -38.77
N GLU D 107 125.88 25.04 -39.60
CA GLU D 107 127.02 24.34 -40.19
C GLU D 107 127.90 23.73 -39.10
N GLY D 108 128.11 24.46 -38.01
CA GLY D 108 128.82 23.88 -36.89
C GLY D 108 128.11 22.68 -36.31
N LEU D 109 126.81 22.82 -36.06
CA LEU D 109 126.02 21.76 -35.42
C LEU D 109 125.99 20.50 -36.27
N ALA D 110 126.10 20.64 -37.58
CA ALA D 110 126.04 19.46 -38.44
C ALA D 110 127.26 18.57 -38.30
N CYS D 111 128.39 19.15 -37.89
CA CYS D 111 129.67 18.43 -37.88
C CYS D 111 129.66 17.14 -37.08
N PRO D 112 129.18 17.08 -35.84
CA PRO D 112 129.23 15.81 -35.10
C PRO D 112 128.37 14.72 -35.71
N LEU D 113 127.33 15.08 -36.47
CA LEU D 113 126.50 14.06 -37.09
C LEU D 113 127.28 13.27 -38.13
N LEU D 114 128.15 13.94 -38.87
CA LEU D 114 128.84 13.31 -39.99
C LEU D 114 130.22 12.84 -39.56
N LEU D 115 130.24 11.79 -38.74
CA LEU D 115 131.46 11.22 -38.21
C LEU D 115 131.53 9.73 -38.50
N ASP D 116 132.74 9.17 -38.33
CA ASP D 116 132.96 7.76 -38.60
C ASP D 116 132.32 6.87 -37.54
N GLU D 117 132.18 5.58 -37.88
CA GLU D 117 131.48 4.64 -37.02
C GLU D 117 132.12 4.56 -35.64
N ILE D 118 133.45 4.69 -35.57
CA ILE D 118 134.14 4.55 -34.29
C ILE D 118 133.68 5.64 -33.33
N HIS D 119 133.77 6.90 -33.76
CA HIS D 119 133.35 8.00 -32.90
C HIS D 119 131.84 7.95 -32.63
N VAL D 120 131.05 7.58 -33.64
CA VAL D 120 129.60 7.57 -33.45
C VAL D 120 129.21 6.54 -32.40
N ASN D 121 129.79 5.35 -32.47
CA ASN D 121 129.49 4.32 -31.47
C ASN D 121 130.04 4.71 -30.09
N ASP D 122 131.20 5.38 -30.05
CA ASP D 122 131.75 5.78 -28.77
C ASP D 122 130.90 6.84 -28.09
N LEU D 123 130.33 7.77 -28.85
CA LEU D 123 129.59 8.88 -28.26
C LEU D 123 128.10 8.61 -28.12
N PHE D 124 127.42 8.28 -29.22
CA PHE D 124 125.95 8.25 -29.22
C PHE D 124 125.37 6.96 -28.64
N LEU D 125 126.12 5.87 -28.69
CA LEU D 125 125.67 4.57 -28.22
C LEU D 125 126.34 4.13 -26.92
N SER D 126 127.67 4.15 -26.86
CA SER D 126 128.36 3.75 -25.63
C SER D 126 128.23 4.81 -24.55
N GLY D 127 128.21 6.08 -24.95
CA GLY D 127 128.04 7.16 -24.01
C GLY D 127 129.34 7.76 -23.51
N LEU D 128 130.45 7.53 -24.20
CA LEU D 128 131.74 8.05 -23.80
C LEU D 128 131.77 9.57 -23.91
N PRO D 129 132.71 10.22 -23.24
CA PRO D 129 132.83 11.67 -23.38
C PRO D 129 133.37 12.02 -24.76
N ILE D 130 133.18 13.29 -25.15
CA ILE D 130 133.63 13.72 -26.47
C ILE D 130 135.14 13.58 -26.58
N ALA D 131 135.61 13.01 -27.69
CA ALA D 131 137.04 12.83 -27.94
C ALA D 131 137.63 14.16 -28.42
N THR D 132 138.38 14.84 -27.55
CA THR D 132 138.99 16.11 -27.88
C THR D 132 140.35 15.87 -28.53
N THR D 133 140.67 16.67 -29.55
CA THR D 133 141.94 16.50 -30.27
C THR D 133 142.68 17.83 -30.30
N ASP D 134 143.89 17.85 -29.78
CA ASP D 134 144.69 19.08 -29.80
C ASP D 134 144.91 19.54 -31.23
N VAL D 135 144.56 20.79 -31.51
CA VAL D 135 144.79 21.35 -32.85
C VAL D 135 146.28 21.56 -33.05
N PRO D 136 146.87 21.05 -34.13
CA PRO D 136 148.29 21.30 -34.35
C PRO D 136 148.54 22.80 -34.55
N ASP D 137 149.33 23.38 -33.65
CA ASP D 137 149.74 24.77 -33.81
C ASP D 137 150.44 24.97 -35.15
N ASN D 138 151.07 23.91 -35.65
CA ASN D 138 151.77 23.98 -36.93
C ASN D 138 150.81 24.18 -38.08
N GLU D 139 149.65 23.53 -38.00
CA GLU D 139 148.64 23.49 -39.05
C GLU D 139 147.78 24.76 -39.06
N PRO D 140 147.01 24.99 -40.13
CA PRO D 140 146.23 26.23 -40.20
C PRO D 140 145.12 26.24 -39.16
N LEU D 141 144.75 27.43 -38.71
CA LEU D 141 143.67 27.54 -37.77
C LEU D 141 142.35 27.15 -38.45
N PRO D 142 141.54 26.32 -37.80
CA PRO D 142 140.29 25.85 -38.41
C PRO D 142 139.30 26.98 -38.57
N PRO D 143 138.20 26.77 -39.31
CA PRO D 143 137.26 27.87 -39.56
C PRO D 143 136.65 28.40 -38.28
N ALA D 144 136.45 29.71 -38.24
CA ALA D 144 136.07 30.38 -37.00
C ALA D 144 134.69 29.98 -36.48
N LEU D 145 133.81 29.48 -37.35
CA LEU D 145 132.43 29.12 -37.01
C LEU D 145 131.56 30.36 -36.80
N LEU D 146 131.92 31.47 -37.44
CA LEU D 146 131.29 32.79 -37.30
C LEU D 146 130.60 32.98 -35.95
N SER E 1 75.89 -28.42 -56.78
CA SER E 1 77.35 -28.47 -56.94
C SER E 1 77.99 -27.17 -56.46
N ILE E 2 78.94 -26.67 -57.25
CA ILE E 2 79.61 -25.41 -56.98
C ILE E 2 79.14 -24.41 -58.04
N LYS E 3 78.85 -23.19 -57.62
CA LYS E 3 78.19 -22.24 -58.49
C LYS E 3 78.99 -20.94 -58.61
N TYR E 4 79.09 -20.46 -59.85
CA TYR E 4 79.45 -19.07 -60.11
C TYR E 4 78.48 -18.16 -59.36
N ILE E 5 79.04 -17.33 -58.50
CA ILE E 5 78.33 -16.18 -57.94
C ILE E 5 78.42 -14.99 -58.89
N PHE E 6 79.62 -14.71 -59.36
CA PHE E 6 79.87 -13.66 -60.34
C PHE E 6 80.88 -14.18 -61.36
N LYS E 7 80.43 -14.34 -62.60
CA LYS E 7 81.33 -14.74 -63.68
C LYS E 7 82.17 -13.55 -64.11
N LYS E 8 83.48 -13.75 -64.20
CA LYS E 8 84.38 -12.68 -64.62
C LYS E 8 84.13 -12.29 -66.08
N THR E 9 84.11 -10.99 -66.32
CA THR E 9 83.94 -10.46 -67.67
C THR E 9 85.21 -9.73 -68.09
N ASP E 10 85.50 -9.79 -69.39
CA ASP E 10 86.68 -9.15 -69.94
C ASP E 10 86.40 -7.67 -70.20
N THR E 11 86.06 -6.98 -69.12
CA THR E 11 85.75 -5.55 -69.15
C THR E 11 86.75 -4.86 -68.22
N LEU E 12 87.71 -4.15 -68.83
CA LEU E 12 88.74 -3.50 -68.05
C LEU E 12 88.16 -2.33 -67.24
N PRO E 13 88.69 -2.08 -66.04
CA PRO E 13 88.17 -0.96 -65.25
C PRO E 13 88.65 0.38 -65.80
N ARG E 14 87.76 1.37 -65.78
CA ARG E 14 88.12 2.72 -66.16
C ARG E 14 89.13 3.28 -65.17
N SER E 15 90.23 3.82 -65.68
CA SER E 15 91.15 4.55 -64.82
C SER E 15 90.44 5.73 -64.18
N VAL E 16 90.90 6.14 -63.00
CA VAL E 16 90.24 7.17 -62.20
C VAL E 16 91.10 8.42 -62.22
N ILE E 17 90.60 9.46 -62.87
CA ILE E 17 91.33 10.71 -63.02
C ILE E 17 90.57 11.79 -62.27
N GLY E 18 91.30 12.68 -61.60
CA GLY E 18 90.65 13.71 -60.82
C GLY E 18 91.61 14.81 -60.44
N ASN E 19 91.16 15.65 -59.52
CA ASN E 19 92.02 16.68 -58.95
C ASN E 19 91.60 16.94 -57.51
N VAL E 20 92.57 17.10 -56.62
CA VAL E 20 92.27 17.24 -55.20
C VAL E 20 91.47 18.51 -54.95
N LEU E 21 90.33 18.35 -54.30
CA LEU E 21 89.43 19.47 -54.02
C LEU E 21 89.66 20.08 -52.63
N ARG E 22 89.38 19.32 -51.58
CA ARG E 22 89.57 19.83 -50.23
C ARG E 22 89.90 18.69 -49.28
N THR E 23 90.73 19.01 -48.30
CA THR E 23 91.13 18.08 -47.26
C THR E 23 90.29 18.42 -46.03
N THR E 24 89.24 17.63 -45.82
CA THR E 24 88.32 17.88 -44.71
C THR E 24 89.03 17.69 -43.37
N GLY E 25 89.56 16.50 -43.12
CA GLY E 25 90.27 16.20 -41.89
C GLY E 25 91.65 15.67 -42.19
N PRO E 26 92.42 15.35 -41.14
CA PRO E 26 93.75 14.77 -41.38
C PRO E 26 93.68 13.42 -42.04
N ASP E 27 92.66 12.64 -41.72
CA ASP E 27 92.44 11.32 -42.31
C ASP E 27 91.45 11.35 -43.48
N THR E 28 90.94 12.51 -43.86
CA THR E 28 89.86 12.61 -44.84
C THR E 28 90.24 13.61 -45.92
N THR E 29 90.31 13.16 -47.17
CA THR E 29 90.57 14.03 -48.31
C THR E 29 89.50 13.81 -49.37
N VAL E 30 89.12 14.88 -50.06
CA VAL E 30 88.03 14.83 -51.01
C VAL E 30 88.51 15.35 -52.36
N TYR E 31 88.30 14.55 -53.40
CA TYR E 31 88.75 14.82 -54.75
C TYR E 31 87.55 15.15 -55.63
N SER E 32 87.70 16.17 -56.47
CA SER E 32 86.71 16.51 -57.48
C SER E 32 87.07 15.81 -58.79
N LEU E 33 86.11 15.10 -59.34
CA LEU E 33 86.24 14.32 -60.54
C LEU E 33 85.72 15.10 -61.74
N PRO E 34 85.94 14.60 -62.96
CA PRO E 34 85.40 15.30 -64.13
C PRO E 34 83.89 15.34 -64.10
N GLY E 35 83.33 16.39 -64.71
CA GLY E 35 81.90 16.58 -64.70
C GLY E 35 81.33 17.09 -63.40
N HIS E 36 82.18 17.47 -62.46
CA HIS E 36 81.76 18.07 -61.20
C HIS E 36 81.40 19.52 -61.45
N THR E 37 80.14 19.75 -61.76
CA THR E 37 79.62 21.11 -61.74
C THR E 37 79.19 21.44 -60.32
N PRO E 38 79.09 22.74 -59.99
CA PRO E 38 78.46 23.10 -58.72
C PRO E 38 77.02 22.65 -58.64
N VAL E 39 76.33 22.58 -59.79
CA VAL E 39 74.95 22.11 -59.83
C VAL E 39 74.89 20.62 -59.54
N ASN E 40 75.75 19.84 -60.20
CA ASN E 40 75.70 18.38 -60.16
C ASN E 40 77.06 17.86 -59.69
N PRO E 41 77.34 17.93 -58.39
CA PRO E 41 78.69 17.58 -57.91
C PRO E 41 79.01 16.11 -58.11
N PHE E 42 80.30 15.86 -58.39
CA PHE E 42 80.86 14.52 -58.56
C PHE E 42 82.10 14.49 -57.68
N THR E 43 82.14 13.65 -56.65
CA THR E 43 83.33 13.65 -55.80
C THR E 43 83.66 12.25 -55.29
N LEU E 44 84.97 11.98 -55.22
CA LEU E 44 85.52 10.83 -54.51
C LEU E 44 86.04 11.29 -53.16
N THR E 45 85.50 10.72 -52.10
CA THR E 45 85.99 10.99 -50.75
C THR E 45 86.75 9.78 -50.24
N ALA E 46 87.92 10.02 -49.66
CA ALA E 46 88.82 8.97 -49.20
C ALA E 46 89.12 9.20 -47.73
N VAL E 47 88.86 8.20 -46.91
CA VAL E 47 89.06 8.27 -45.47
C VAL E 47 89.88 7.05 -45.06
N SER E 48 91.16 7.28 -44.74
CA SER E 48 92.09 6.21 -44.41
C SER E 48 92.49 6.38 -42.95
N ARG E 49 91.94 5.53 -42.08
CA ARG E 49 92.18 5.60 -40.65
C ARG E 49 93.27 4.62 -40.25
N LEU E 50 94.37 5.17 -39.74
CA LEU E 50 95.57 4.44 -39.44
C LEU E 50 95.37 3.54 -38.23
N PRO E 51 96.18 2.51 -38.08
CA PRO E 51 95.96 1.57 -36.98
C PRO E 51 96.65 2.00 -35.70
N VAL E 52 95.92 2.03 -34.60
CA VAL E 52 96.48 2.36 -33.30
C VAL E 52 96.77 1.05 -32.55
N PRO E 53 98.01 0.74 -32.23
CA PRO E 53 98.31 -0.52 -31.56
C PRO E 53 98.11 -0.39 -30.07
N ARG E 54 97.18 -1.17 -29.52
CA ARG E 54 97.04 -1.31 -28.08
C ARG E 54 98.01 -2.38 -27.58
N LYS E 55 98.32 -2.33 -26.29
CA LYS E 55 99.32 -3.25 -25.76
C LYS E 55 98.86 -4.69 -25.96
N GLY E 56 99.67 -5.48 -26.64
CA GLY E 56 99.30 -6.85 -26.96
C GLY E 56 98.43 -7.01 -28.19
N ASN E 57 98.14 -5.94 -28.91
CA ASN E 57 97.30 -6.00 -30.11
C ASN E 57 97.93 -5.17 -31.21
N ALA E 58 98.09 -5.76 -32.38
CA ALA E 58 98.42 -4.97 -33.55
C ALA E 58 97.20 -4.15 -33.97
N GLY E 59 97.47 -3.04 -34.66
CA GLY E 59 96.38 -2.21 -35.12
C GLY E 59 95.52 -2.90 -36.16
N THR E 60 94.46 -2.21 -36.59
CA THR E 60 93.65 -2.60 -37.73
C THR E 60 93.39 -1.36 -38.57
N THR E 61 93.84 -1.39 -39.83
CA THR E 61 93.73 -0.24 -40.73
C THR E 61 92.38 -0.23 -41.43
N LYS E 62 91.66 0.90 -41.38
CA LYS E 62 90.40 1.03 -42.09
C LYS E 62 90.57 1.99 -43.26
N THR E 63 89.92 1.67 -44.38
CA THR E 63 90.06 2.46 -45.59
C THR E 63 88.70 2.55 -46.26
N THR E 64 88.27 3.76 -46.61
CA THR E 64 86.94 3.97 -47.16
C THR E 64 87.02 4.90 -48.36
N LEU E 65 86.50 4.45 -49.50
CA LEU E 65 86.53 5.19 -50.76
C LEU E 65 85.11 5.29 -51.28
N SER E 66 84.58 6.51 -51.38
CA SER E 66 83.19 6.74 -51.76
C SER E 66 83.11 7.62 -52.99
N LEU E 67 82.49 7.13 -54.06
CA LEU E 67 82.13 7.96 -55.20
C LEU E 67 80.68 8.39 -55.04
N ARG E 68 80.43 9.70 -55.02
CA ARG E 68 79.09 10.25 -54.93
C ARG E 68 78.87 11.22 -56.07
N ARG E 69 77.84 10.97 -56.88
CA ARG E 69 77.49 11.91 -57.95
C ARG E 69 75.99 12.12 -57.98
N GLU E 70 75.57 13.39 -57.94
CA GLU E 70 74.16 13.76 -57.82
C GLU E 70 73.61 14.04 -59.23
N VAL E 71 72.85 13.09 -59.76
CA VAL E 71 72.34 13.19 -61.13
C VAL E 71 71.04 13.97 -61.14
N THR E 72 70.87 14.81 -62.17
CA THR E 72 69.55 15.34 -62.52
C THR E 72 68.77 14.19 -63.15
N ILE E 73 67.90 13.57 -62.37
CA ILE E 73 67.00 12.51 -62.83
C ILE E 73 65.77 13.13 -63.48
N ASN E 74 65.36 12.48 -64.56
CA ASN E 74 64.22 12.82 -65.43
C ASN E 74 64.13 14.33 -65.68
N LYS E 75 65.22 14.86 -66.25
CA LYS E 75 65.33 16.29 -66.55
C LYS E 75 64.21 16.77 -67.47
N GLY E 76 64.02 16.09 -68.60
CA GLY E 76 63.00 16.54 -69.54
C GLY E 76 61.63 16.69 -68.89
N THR E 77 61.24 15.71 -68.07
CA THR E 77 59.94 15.71 -67.42
C THR E 77 59.89 16.76 -66.32
N ASP E 78 58.69 17.26 -66.05
CA ASP E 78 58.51 18.19 -64.94
C ASP E 78 58.71 17.45 -63.61
N GLN E 79 58.92 18.24 -62.56
CA GLN E 79 59.35 17.74 -61.27
C GLN E 79 60.62 16.91 -61.41
N GLU E 80 61.53 17.42 -62.24
CA GLU E 80 62.85 16.82 -62.39
C GLU E 80 63.63 17.07 -61.09
N LYS E 81 64.50 16.12 -60.71
CA LYS E 81 65.12 16.28 -59.39
C LYS E 81 66.60 15.93 -59.44
N ILE E 82 67.35 16.46 -58.46
CA ILE E 82 68.77 16.12 -58.32
C ILE E 82 68.90 15.13 -57.17
N VAL E 83 69.41 13.94 -57.46
CA VAL E 83 69.44 12.87 -56.47
C VAL E 83 70.80 12.20 -56.50
N PRO E 84 71.39 11.89 -55.34
CA PRO E 84 72.76 11.35 -55.33
C PRO E 84 72.86 9.83 -55.42
N MET E 85 73.67 9.32 -56.36
CA MET E 85 74.01 7.90 -56.35
C MET E 85 75.40 7.74 -55.77
N ILE E 86 75.59 6.67 -54.99
CA ILE E 86 76.82 6.49 -54.23
C ILE E 86 77.28 5.04 -54.36
N ALA E 87 78.58 4.87 -54.57
CA ALA E 87 79.21 3.55 -54.54
C ALA E 87 80.50 3.62 -53.72
N ARG E 88 80.59 2.78 -52.68
CA ARG E 88 81.66 2.78 -51.71
C ARG E 88 82.39 1.44 -51.68
N ILE E 89 83.70 1.55 -51.49
CA ILE E 89 84.55 0.45 -51.09
C ILE E 89 84.97 0.72 -49.66
N GLU E 90 84.69 -0.22 -48.75
CA GLU E 90 85.09 -0.08 -47.35
C GLU E 90 85.89 -1.32 -46.96
N THR E 91 87.05 -1.13 -46.35
CA THR E 91 87.98 -2.23 -46.12
C THR E 91 88.66 -2.13 -44.77
N SER E 92 88.54 -3.19 -43.97
CA SER E 92 89.21 -3.27 -42.67
C SER E 92 90.21 -4.41 -42.71
N VAL E 93 91.50 -4.06 -42.64
CA VAL E 93 92.59 -5.01 -42.71
C VAL E 93 93.40 -4.95 -41.41
N PRO E 94 93.39 -5.98 -40.59
CA PRO E 94 94.28 -6.01 -39.43
C PRO E 94 95.74 -6.06 -39.85
N VAL E 95 96.62 -5.72 -38.90
CA VAL E 95 98.03 -5.54 -39.25
C VAL E 95 98.63 -6.85 -39.76
N GLY E 96 98.50 -7.93 -38.99
CA GLY E 96 99.11 -9.20 -39.34
C GLY E 96 98.80 -9.78 -40.71
N VAL E 97 97.82 -9.19 -41.41
CA VAL E 97 97.36 -9.73 -42.68
C VAL E 97 98.46 -9.72 -43.72
N SER E 98 98.47 -10.74 -44.59
CA SER E 98 99.44 -10.83 -45.67
C SER E 98 98.93 -10.14 -46.93
N GLN E 99 99.82 -9.36 -47.54
CA GLN E 99 99.46 -8.59 -48.74
C GLN E 99 99.00 -9.52 -49.86
N ASP E 100 99.58 -10.72 -49.96
CA ASP E 100 99.15 -11.67 -50.98
C ASP E 100 97.69 -12.06 -50.79
N ASP E 101 97.34 -12.49 -49.58
CA ASP E 101 95.98 -12.93 -49.29
C ASP E 101 94.99 -11.81 -49.55
N PHE E 102 95.30 -10.61 -49.04
CA PHE E 102 94.32 -9.55 -49.17
C PHE E 102 94.22 -9.05 -50.62
N LYS E 103 95.31 -9.08 -51.37
CA LYS E 103 95.25 -8.67 -52.77
C LYS E 103 94.40 -9.65 -53.58
N ALA E 104 94.48 -10.95 -53.25
CA ALA E 104 93.62 -11.93 -53.92
C ALA E 104 92.15 -11.71 -53.59
N MET E 105 91.86 -11.48 -52.31
CA MET E 105 90.48 -11.17 -51.91
C MET E 105 89.96 -9.91 -52.60
N ILE E 106 90.80 -8.88 -52.75
CA ILE E 106 90.40 -7.67 -53.47
C ILE E 106 90.09 -8.00 -54.92
N GLU E 107 90.99 -8.74 -55.58
CA GLU E 107 90.77 -9.15 -56.96
C GLU E 107 89.42 -9.85 -57.10
N GLY E 108 89.08 -10.71 -56.15
CA GLY E 108 87.77 -11.33 -56.16
C GLY E 108 86.64 -10.32 -56.03
N LEU E 109 86.78 -9.40 -55.07
CA LEU E 109 85.72 -8.42 -54.83
C LEU E 109 85.48 -7.51 -56.02
N ALA E 110 86.50 -7.30 -56.85
CA ALA E 110 86.32 -6.40 -57.99
C ALA E 110 85.45 -7.02 -59.08
N CYS E 111 85.21 -8.34 -59.02
CA CYS E 111 84.51 -9.02 -60.12
C CYS E 111 83.08 -8.55 -60.33
N PRO E 112 82.22 -8.44 -59.31
CA PRO E 112 80.84 -7.99 -59.56
C PRO E 112 80.74 -6.58 -60.08
N LEU E 113 81.76 -5.76 -59.87
CA LEU E 113 81.71 -4.40 -60.38
C LEU E 113 81.81 -4.38 -61.91
N LEU E 114 82.64 -5.24 -62.48
CA LEU E 114 82.89 -5.22 -63.92
C LEU E 114 82.00 -6.24 -64.63
N LEU E 115 80.71 -5.95 -64.64
CA LEU E 115 79.70 -6.79 -65.27
C LEU E 115 78.94 -6.03 -66.34
N ASP E 116 78.21 -6.78 -67.15
CA ASP E 116 77.43 -6.22 -68.25
C ASP E 116 76.18 -5.49 -67.74
N GLU E 117 75.63 -4.64 -68.60
CA GLU E 117 74.51 -3.79 -68.22
C GLU E 117 73.33 -4.63 -67.73
N ILE E 118 73.12 -5.80 -68.32
CA ILE E 118 71.98 -6.64 -67.93
C ILE E 118 72.08 -7.02 -66.46
N HIS E 119 73.20 -7.64 -66.08
CA HIS E 119 73.38 -8.04 -64.68
C HIS E 119 73.42 -6.83 -63.76
N VAL E 120 74.04 -5.73 -64.19
CA VAL E 120 74.17 -4.58 -63.30
C VAL E 120 72.81 -3.97 -63.00
N ASN E 121 71.95 -3.85 -64.03
CA ASN E 121 70.60 -3.35 -63.81
C ASN E 121 69.78 -4.34 -62.99
N ASP E 122 69.98 -5.64 -63.20
CA ASP E 122 69.19 -6.61 -62.44
C ASP E 122 69.56 -6.60 -60.96
N LEU E 123 70.83 -6.35 -60.62
CA LEU E 123 71.26 -6.44 -59.23
C LEU E 123 71.28 -5.10 -58.50
N PHE E 124 71.95 -4.09 -59.04
CA PHE E 124 72.23 -2.89 -58.28
C PHE E 124 71.10 -1.87 -58.31
N LEU E 125 70.32 -1.84 -59.38
CA LEU E 125 69.20 -0.91 -59.52
C LEU E 125 67.86 -1.58 -59.22
N SER E 126 67.57 -2.69 -59.89
CA SER E 126 66.27 -3.33 -59.73
C SER E 126 66.17 -4.04 -58.38
N GLY E 127 67.29 -4.57 -57.89
CA GLY E 127 67.27 -5.32 -56.65
C GLY E 127 66.90 -6.77 -56.81
N LEU E 128 66.82 -7.28 -58.04
CA LEU E 128 66.52 -8.69 -58.27
C LEU E 128 67.57 -9.57 -57.59
N PRO E 129 67.20 -10.80 -57.22
CA PRO E 129 68.18 -11.67 -56.55
C PRO E 129 69.29 -12.11 -57.47
N ILE E 130 70.42 -12.48 -56.87
CA ILE E 130 71.58 -12.93 -57.64
C ILE E 130 71.29 -14.29 -58.25
N ALA E 131 71.58 -14.43 -59.55
CA ALA E 131 71.35 -15.68 -60.27
C ALA E 131 72.64 -16.50 -60.24
N THR E 132 72.59 -17.61 -59.50
CA THR E 132 73.74 -18.52 -59.42
C THR E 132 73.84 -19.35 -60.70
N THR E 133 75.06 -19.54 -61.19
CA THR E 133 75.26 -20.28 -62.43
C THR E 133 76.07 -21.54 -62.17
N ASP E 134 75.56 -22.70 -62.56
CA ASP E 134 76.31 -23.93 -62.38
C ASP E 134 77.61 -23.88 -63.18
N VAL E 135 78.71 -24.16 -62.49
CA VAL E 135 80.01 -24.29 -63.17
C VAL E 135 80.03 -25.60 -63.94
N PRO E 136 80.40 -25.59 -65.22
CA PRO E 136 80.42 -26.85 -65.98
C PRO E 136 81.48 -27.78 -65.40
N ASP E 137 81.03 -28.95 -64.93
CA ASP E 137 81.98 -29.96 -64.45
C ASP E 137 82.97 -30.35 -65.53
N ASN E 138 82.58 -30.25 -66.79
CA ASN E 138 83.47 -30.56 -67.90
C ASN E 138 84.59 -29.53 -68.01
N GLU E 139 84.27 -28.26 -67.76
CA GLU E 139 85.21 -27.17 -67.92
C GLU E 139 86.20 -27.11 -66.75
N PRO E 140 87.34 -26.43 -66.92
CA PRO E 140 88.32 -26.38 -65.83
C PRO E 140 87.82 -25.57 -64.65
N LEU E 141 88.26 -25.96 -63.45
CA LEU E 141 87.79 -25.28 -62.24
C LEU E 141 88.30 -23.83 -62.24
N PRO E 142 87.45 -22.88 -61.84
CA PRO E 142 87.86 -21.47 -61.84
C PRO E 142 88.89 -21.20 -60.76
N PRO E 143 89.53 -20.02 -60.79
CA PRO E 143 90.60 -19.74 -59.81
C PRO E 143 90.08 -19.80 -58.38
N ALA E 144 90.96 -20.26 -57.48
CA ALA E 144 90.54 -20.55 -56.12
C ALA E 144 90.22 -19.30 -55.30
N LEU E 145 90.70 -18.13 -55.72
CA LEU E 145 90.50 -16.86 -55.01
C LEU E 145 91.35 -16.75 -53.75
N LEU E 146 92.40 -17.58 -53.64
CA LEU E 146 93.26 -17.70 -52.46
C LEU E 146 92.52 -17.51 -51.16
N SER F 1 70.58 63.35 -65.32
CA SER F 1 70.78 62.34 -66.36
C SER F 1 71.38 61.06 -65.80
N ILE F 2 72.34 60.51 -66.53
CA ILE F 2 73.06 59.31 -66.12
C ILE F 2 74.48 59.72 -65.74
N LYS F 3 74.96 59.23 -64.60
CA LYS F 3 76.23 59.68 -64.06
C LYS F 3 77.23 58.54 -63.96
N TYR F 4 78.47 58.83 -64.35
CA TYR F 4 79.62 58.06 -63.93
C TYR F 4 79.63 57.99 -62.41
N ILE F 5 79.55 56.76 -61.90
CA ILE F 5 79.87 56.49 -60.49
C ILE F 5 81.38 56.41 -60.32
N PHE F 6 82.02 55.57 -61.13
CA PHE F 6 83.47 55.44 -61.14
C PHE F 6 83.93 55.41 -62.58
N LYS F 7 84.68 56.43 -62.99
CA LYS F 7 85.23 56.49 -64.34
C LYS F 7 86.44 55.58 -64.41
N LYS F 8 86.47 54.71 -65.43
CA LYS F 8 87.56 53.77 -65.60
C LYS F 8 88.87 54.49 -65.90
N THR F 9 89.94 54.06 -65.24
CA THR F 9 91.27 54.60 -65.45
C THR F 9 92.18 53.55 -66.08
N ASP F 10 93.10 54.00 -66.92
CA ASP F 10 94.03 53.10 -67.60
C ASP F 10 95.22 52.79 -66.70
N THR F 11 94.89 52.17 -65.55
CA THR F 11 95.88 51.80 -64.55
C THR F 11 95.76 50.29 -64.33
N LEU F 12 96.76 49.55 -64.82
CA LEU F 12 96.71 48.10 -64.75
C LEU F 12 96.87 47.63 -63.30
N PRO F 13 96.22 46.53 -62.93
CA PRO F 13 96.36 46.02 -61.56
C PRO F 13 97.72 45.36 -61.36
N ARG F 14 98.31 45.61 -60.19
CA ARG F 14 99.55 44.93 -59.82
C ARG F 14 99.28 43.44 -59.65
N SER F 15 100.08 42.62 -60.32
CA SER F 15 100.01 41.18 -60.09
C SER F 15 100.34 40.87 -58.63
N VAL F 16 99.75 39.80 -58.11
CA VAL F 16 99.84 39.45 -56.70
C VAL F 16 100.79 38.28 -56.52
N ILE F 17 101.92 38.52 -55.86
CA ILE F 17 102.96 37.51 -55.69
C ILE F 17 103.11 37.24 -54.21
N GLY F 18 103.30 35.97 -53.85
CA GLY F 18 103.38 35.62 -52.44
C GLY F 18 103.93 34.23 -52.24
N ASN F 19 103.73 33.72 -51.03
CA ASN F 19 104.07 32.34 -50.72
C ASN F 19 103.16 31.84 -49.60
N VAL F 20 102.74 30.57 -49.69
CA VAL F 20 101.79 30.03 -48.72
C VAL F 20 102.44 29.92 -47.34
N LEU F 21 101.83 30.56 -46.34
CA LEU F 21 102.36 30.59 -44.97
C LEU F 21 101.80 29.48 -44.09
N ARG F 22 100.49 29.44 -43.91
CA ARG F 22 99.84 28.41 -43.12
C ARG F 22 98.45 28.17 -43.68
N THR F 23 97.91 27.00 -43.36
CA THR F 23 96.54 26.63 -43.70
C THR F 23 95.79 26.47 -42.39
N THR F 24 95.07 27.53 -42.00
CA THR F 24 94.37 27.53 -40.73
C THR F 24 93.34 26.41 -40.66
N GLY F 25 92.41 26.38 -41.61
CA GLY F 25 91.38 25.38 -41.66
C GLY F 25 91.27 24.75 -43.04
N PRO F 26 90.29 23.87 -43.21
CA PRO F 26 90.13 23.20 -44.51
C PRO F 26 89.66 24.13 -45.61
N ASP F 27 88.95 25.20 -45.24
CA ASP F 27 88.48 26.20 -46.19
C ASP F 27 89.28 27.51 -46.12
N THR F 28 90.25 27.61 -45.21
CA THR F 28 90.94 28.86 -44.94
C THR F 28 92.45 28.66 -45.11
N THR F 29 93.05 29.43 -46.02
CA THR F 29 94.50 29.37 -46.23
C THR F 29 95.08 30.77 -46.22
N VAL F 30 96.24 30.94 -45.60
CA VAL F 30 96.84 32.24 -45.37
C VAL F 30 98.20 32.31 -46.06
N TYR F 31 98.39 33.35 -46.87
CA TYR F 31 99.59 33.55 -47.66
C TYR F 31 100.36 34.74 -47.09
N SER F 32 101.68 34.60 -46.97
CA SER F 32 102.54 35.70 -46.61
C SER F 32 103.02 36.37 -47.91
N LEU F 33 102.87 37.69 -47.96
CA LEU F 33 103.22 38.53 -49.08
C LEU F 33 104.58 39.18 -48.85
N PRO F 34 105.14 39.84 -49.86
CA PRO F 34 106.44 40.49 -49.66
C PRO F 34 106.36 41.58 -48.60
N GLY F 35 107.47 41.79 -47.90
CA GLY F 35 107.51 42.80 -46.85
C GLY F 35 106.84 42.37 -45.56
N HIS F 36 106.66 41.08 -45.34
CA HIS F 36 105.98 40.55 -44.17
C HIS F 36 107.02 40.26 -43.09
N THR F 37 107.27 41.24 -42.24
CA THR F 37 108.01 40.96 -41.02
C THR F 37 107.04 40.52 -39.93
N PRO F 38 107.52 39.77 -38.92
CA PRO F 38 106.61 39.41 -37.83
C PRO F 38 106.11 40.63 -37.07
N VAL F 39 106.94 41.67 -36.97
CA VAL F 39 106.52 42.89 -36.28
C VAL F 39 105.44 43.61 -37.10
N ASN F 40 105.62 43.70 -38.41
CA ASN F 40 104.71 44.43 -39.31
C ASN F 40 104.16 43.47 -40.35
N PRO F 41 103.25 42.57 -39.96
CA PRO F 41 102.82 41.52 -40.88
C PRO F 41 101.98 42.05 -42.03
N PHE F 42 102.07 41.35 -43.16
CA PHE F 42 101.32 41.69 -44.36
C PHE F 42 100.96 40.40 -45.08
N THR F 43 99.66 40.08 -45.10
CA THR F 43 99.20 38.75 -45.47
C THR F 43 97.85 38.80 -46.21
N LEU F 44 97.70 37.86 -47.14
CA LEU F 44 96.43 37.60 -47.82
C LEU F 44 95.81 36.34 -47.25
N THR F 45 94.65 36.48 -46.61
CA THR F 45 93.87 35.34 -46.14
C THR F 45 92.78 35.05 -47.16
N ALA F 46 92.58 33.77 -47.47
CA ALA F 46 91.60 33.34 -48.46
C ALA F 46 90.70 32.29 -47.83
N VAL F 47 89.41 32.58 -47.81
CA VAL F 47 88.41 31.70 -47.21
C VAL F 47 87.37 31.40 -48.30
N SER F 48 87.37 30.18 -48.82
CA SER F 48 86.41 29.77 -49.86
C SER F 48 85.50 28.71 -49.26
N ARG F 49 84.23 29.04 -49.08
CA ARG F 49 83.26 28.14 -48.47
C ARG F 49 82.33 27.58 -49.54
N LEU F 50 82.30 26.25 -49.65
CA LEU F 50 81.52 25.56 -50.66
C LEU F 50 80.03 25.73 -50.40
N PRO F 51 79.20 25.50 -51.41
CA PRO F 51 77.75 25.55 -51.20
C PRO F 51 77.28 24.29 -50.51
N VAL F 52 76.39 24.48 -49.55
CA VAL F 52 75.72 23.37 -48.87
C VAL F 52 74.28 23.32 -49.34
N PRO F 53 73.87 22.29 -50.06
CA PRO F 53 72.48 22.22 -50.53
C PRO F 53 71.52 22.15 -49.36
N ARG F 54 70.39 22.80 -49.52
CA ARG F 54 69.31 22.77 -48.55
C ARG F 54 68.08 22.20 -49.24
N LYS F 55 67.18 21.60 -48.47
CA LYS F 55 66.04 20.91 -49.07
C LYS F 55 65.17 21.92 -49.81
N GLY F 56 65.16 21.84 -51.14
CA GLY F 56 64.47 22.80 -51.98
C GLY F 56 65.28 24.03 -52.35
N ASN F 57 66.51 24.14 -51.87
CA ASN F 57 67.34 25.31 -52.13
C ASN F 57 68.70 24.88 -52.64
N ALA F 58 69.15 25.46 -53.74
CA ALA F 58 70.51 25.22 -54.19
C ALA F 58 71.49 25.94 -53.27
N GLY F 59 72.72 25.44 -53.25
CA GLY F 59 73.74 26.06 -52.44
C GLY F 59 74.14 27.44 -52.94
N THR F 60 74.98 28.12 -52.14
CA THR F 60 75.62 29.37 -52.56
C THR F 60 77.08 29.32 -52.13
N THR F 61 77.98 29.59 -53.08
CA THR F 61 79.41 29.60 -52.82
C THR F 61 79.82 30.96 -52.28
N LYS F 62 80.49 30.98 -51.13
CA LYS F 62 81.02 32.22 -50.59
C LYS F 62 82.54 32.21 -50.74
N THR F 63 83.11 33.38 -51.01
CA THR F 63 84.54 33.52 -51.28
C THR F 63 85.00 34.84 -50.68
N THR F 64 86.04 34.80 -49.85
CA THR F 64 86.50 36.00 -49.15
C THR F 64 88.01 36.07 -49.25
N LEU F 65 88.52 37.22 -49.72
CA LEU F 65 89.95 37.46 -49.90
C LEU F 65 90.29 38.75 -49.17
N SER F 66 91.13 38.66 -48.12
CA SER F 66 91.44 39.80 -47.26
C SER F 66 92.94 40.06 -47.30
N LEU F 67 93.33 41.28 -47.66
CA LEU F 67 94.70 41.72 -47.47
C LEU F 67 94.77 42.55 -46.19
N ARG F 68 95.74 42.23 -45.33
CA ARG F 68 95.93 42.94 -44.07
C ARG F 68 97.39 43.26 -43.87
N ARG F 69 97.70 44.55 -43.67
CA ARG F 69 99.08 45.00 -43.52
C ARG F 69 99.15 46.02 -42.38
N GLU F 70 99.99 45.75 -41.38
CA GLU F 70 100.04 46.58 -40.17
C GLU F 70 101.19 47.57 -40.31
N VAL F 71 100.86 48.81 -40.66
CA VAL F 71 101.85 49.83 -40.93
C VAL F 71 102.29 50.49 -39.63
N THR F 72 103.58 50.82 -39.55
CA THR F 72 104.05 51.75 -38.54
C THR F 72 103.66 53.16 -38.97
N ILE F 73 102.90 53.85 -38.12
CA ILE F 73 102.40 55.18 -38.40
C ILE F 73 103.24 56.18 -37.61
N ASN F 74 103.61 57.26 -38.30
CA ASN F 74 104.36 58.42 -37.80
C ASN F 74 105.49 57.99 -36.86
N LYS F 75 106.42 57.23 -37.45
CA LYS F 75 107.54 56.67 -36.71
C LYS F 75 108.41 57.74 -36.09
N GLY F 76 108.86 58.71 -36.90
CA GLY F 76 109.72 59.76 -36.37
C GLY F 76 109.08 60.51 -35.22
N THR F 77 107.77 60.75 -35.32
CA THR F 77 107.03 61.51 -34.33
C THR F 77 106.73 60.64 -33.12
N ASP F 78 106.36 61.28 -32.00
CA ASP F 78 105.88 60.55 -30.85
C ASP F 78 104.55 59.89 -31.16
N GLN F 79 104.20 58.89 -30.35
CA GLN F 79 103.02 58.06 -30.56
C GLN F 79 103.09 57.31 -31.90
N GLU F 80 104.30 56.90 -32.29
CA GLU F 80 104.48 55.89 -33.33
C GLU F 80 103.66 54.66 -33.01
N LYS F 81 102.81 54.22 -33.94
CA LYS F 81 101.96 53.07 -33.62
C LYS F 81 101.83 52.11 -34.80
N ILE F 82 101.86 50.81 -34.50
CA ILE F 82 101.61 49.81 -35.55
C ILE F 82 100.12 49.56 -35.63
N VAL F 83 99.53 49.86 -36.79
CA VAL F 83 98.08 49.85 -36.96
C VAL F 83 97.74 49.16 -38.27
N PRO F 84 96.74 48.28 -38.29
CA PRO F 84 96.46 47.50 -39.51
C PRO F 84 95.50 48.16 -40.50
N MET F 85 95.87 48.17 -41.78
CA MET F 85 94.94 48.51 -42.85
C MET F 85 94.49 47.23 -43.53
N ILE F 86 93.21 47.17 -43.89
CA ILE F 86 92.62 45.96 -44.45
C ILE F 86 91.79 46.31 -45.68
N ALA F 87 91.91 45.48 -46.72
CA ALA F 87 91.09 45.58 -47.92
C ALA F 87 90.62 44.18 -48.31
N ARG F 88 89.28 43.99 -48.33
CA ARG F 88 88.64 42.70 -48.55
C ARG F 88 87.75 42.72 -49.77
N ILE F 89 87.76 41.58 -50.46
CA ILE F 89 86.77 41.25 -51.47
C ILE F 89 85.94 40.12 -50.87
N GLU F 90 84.62 40.29 -50.82
CA GLU F 90 83.73 39.24 -50.33
C GLU F 90 82.65 39.00 -51.38
N THR F 91 82.41 37.73 -51.73
CA THR F 91 81.58 37.41 -52.88
C THR F 91 80.71 36.19 -52.59
N SER F 92 79.39 36.37 -52.72
CA SER F 92 78.43 35.28 -52.56
C SER F 92 77.75 35.03 -53.90
N VAL F 93 78.05 33.89 -54.52
CA VAL F 93 77.55 33.50 -55.82
C VAL F 93 76.67 32.27 -55.64
N PRO F 94 75.36 32.37 -55.83
CA PRO F 94 74.53 31.18 -55.82
C PRO F 94 74.87 30.24 -56.98
N VAL F 95 74.42 28.99 -56.86
CA VAL F 95 74.94 27.94 -57.74
C VAL F 95 74.60 28.22 -59.20
N GLY F 96 73.32 28.48 -59.49
CA GLY F 96 72.86 28.62 -60.87
C GLY F 96 73.45 29.79 -61.64
N VAL F 97 74.19 30.68 -60.97
CA VAL F 97 74.68 31.90 -61.61
C VAL F 97 75.56 31.56 -62.80
N SER F 98 75.47 32.40 -63.84
CA SER F 98 76.27 32.22 -65.05
C SER F 98 77.61 32.94 -64.94
N GLN F 99 78.67 32.25 -65.38
CA GLN F 99 80.02 32.80 -65.31
C GLN F 99 80.11 34.13 -66.06
N ASP F 100 79.37 34.25 -67.17
CA ASP F 100 79.38 35.47 -67.95
C ASP F 100 78.89 36.66 -67.12
N ASP F 101 77.69 36.52 -66.56
CA ASP F 101 77.10 37.61 -65.77
C ASP F 101 77.99 37.96 -64.60
N PHE F 102 78.51 36.95 -63.91
CA PHE F 102 79.28 37.27 -62.71
C PHE F 102 80.63 37.89 -63.05
N LYS F 103 81.29 37.45 -64.12
CA LYS F 103 82.52 38.11 -64.54
C LYS F 103 82.25 39.57 -64.92
N ALA F 104 81.06 39.85 -65.49
CA ALA F 104 80.70 41.23 -65.76
C ALA F 104 80.63 42.06 -64.49
N MET F 105 79.91 41.56 -63.48
CA MET F 105 79.88 42.27 -62.21
C MET F 105 81.28 42.44 -61.61
N ILE F 106 82.13 41.42 -61.71
CA ILE F 106 83.48 41.51 -61.16
C ILE F 106 84.27 42.62 -61.83
N GLU F 107 84.25 42.63 -63.17
CA GLU F 107 84.97 43.65 -63.93
C GLU F 107 84.48 45.04 -63.54
N GLY F 108 83.16 45.19 -63.35
CA GLY F 108 82.67 46.47 -62.86
C GLY F 108 83.18 46.81 -61.47
N LEU F 109 83.18 45.83 -60.57
CA LEU F 109 83.60 46.06 -59.19
C LEU F 109 85.06 46.44 -59.11
N ALA F 110 85.89 45.96 -60.04
CA ALA F 110 87.30 46.29 -59.99
C ALA F 110 87.59 47.75 -60.32
N CYS F 111 86.60 48.46 -60.87
CA CYS F 111 86.85 49.82 -61.37
C CYS F 111 87.20 50.81 -60.26
N PRO F 112 86.48 50.91 -59.14
CA PRO F 112 86.87 51.90 -58.12
C PRO F 112 88.21 51.62 -57.50
N LEU F 113 88.69 50.37 -57.55
CA LEU F 113 89.99 50.08 -56.97
C LEU F 113 91.12 50.75 -57.75
N LEU F 114 91.02 50.76 -59.07
CA LEU F 114 92.10 51.26 -59.91
C LEU F 114 91.86 52.72 -60.26
N LEU F 115 91.96 53.57 -59.24
CA LEU F 115 91.75 55.01 -59.38
C LEU F 115 93.00 55.78 -58.96
N ASP F 116 93.01 57.06 -59.32
CA ASP F 116 94.13 57.94 -59.02
C ASP F 116 94.16 58.31 -57.54
N GLU F 117 95.33 58.78 -57.10
CA GLU F 117 95.54 59.07 -55.69
C GLU F 117 94.53 60.08 -55.18
N ILE F 118 94.14 61.04 -56.01
CA ILE F 118 93.20 62.07 -55.57
C ILE F 118 91.88 61.45 -55.15
N HIS F 119 91.26 60.68 -56.05
CA HIS F 119 89.99 60.04 -55.71
C HIS F 119 90.15 59.04 -54.58
N VAL F 120 91.26 58.30 -54.56
CA VAL F 120 91.39 57.26 -53.54
C VAL F 120 91.53 57.87 -52.15
N ASN F 121 92.30 58.95 -52.02
CA ASN F 121 92.38 59.64 -50.74
C ASN F 121 91.06 60.30 -50.37
N ASP F 122 90.36 60.85 -51.37
CA ASP F 122 89.07 61.48 -51.08
C ASP F 122 88.04 60.48 -50.58
N LEU F 123 88.06 59.25 -51.11
CA LEU F 123 87.02 58.27 -50.77
C LEU F 123 87.41 57.30 -49.65
N PHE F 124 88.54 56.62 -49.78
CA PHE F 124 88.85 55.51 -48.89
C PHE F 124 89.50 55.95 -47.58
N LEU F 125 90.20 57.08 -47.58
CA LEU F 125 90.85 57.58 -46.37
C LEU F 125 90.05 58.70 -45.73
N SER F 126 89.77 59.77 -46.49
CA SER F 126 89.07 60.91 -45.92
C SER F 126 87.61 60.57 -45.61
N GLY F 127 86.99 59.75 -46.44
CA GLY F 127 85.62 59.33 -46.23
C GLY F 127 84.56 60.15 -46.95
N LEU F 128 84.95 60.96 -47.93
CA LEU F 128 83.99 61.78 -48.66
C LEU F 128 83.00 60.90 -49.42
N PRO F 129 81.89 61.47 -49.90
CA PRO F 129 81.00 60.70 -50.79
C PRO F 129 81.62 60.49 -52.16
N ILE F 130 81.02 59.59 -52.93
CA ILE F 130 81.54 59.26 -54.25
C ILE F 130 81.42 60.49 -55.15
N ALA F 131 82.49 60.77 -55.90
CA ALA F 131 82.51 61.86 -56.87
C ALA F 131 81.77 61.42 -58.14
N THR F 132 80.58 61.98 -58.37
CA THR F 132 79.76 61.64 -59.52
C THR F 132 80.10 62.58 -60.68
N THR F 133 80.14 62.03 -61.90
CA THR F 133 80.49 62.83 -63.07
C THR F 133 79.43 62.65 -64.14
N ASP F 134 78.80 63.75 -64.56
CA ASP F 134 77.80 63.66 -65.62
C ASP F 134 78.41 63.11 -66.90
N VAL F 135 77.81 62.04 -67.41
CA VAL F 135 78.26 61.45 -68.68
C VAL F 135 77.94 62.40 -69.81
N PRO F 136 78.90 62.76 -70.66
CA PRO F 136 78.58 63.63 -71.80
C PRO F 136 77.61 62.94 -72.73
N ASP F 137 76.43 63.54 -72.89
CA ASP F 137 75.45 63.00 -73.83
C ASP F 137 76.04 62.91 -75.23
N ASN F 138 76.96 63.82 -75.58
CA ASN F 138 77.58 63.79 -76.90
C ASN F 138 78.47 62.56 -77.05
N GLU F 139 79.21 62.20 -76.01
CA GLU F 139 80.13 61.08 -76.09
C GLU F 139 79.36 59.76 -76.11
N PRO F 140 79.97 58.69 -76.61
CA PRO F 140 79.25 57.41 -76.70
C PRO F 140 78.93 56.86 -75.32
N LEU F 141 77.85 56.09 -75.27
CA LEU F 141 77.41 55.55 -73.99
C LEU F 141 78.41 54.53 -73.47
N PRO F 142 78.76 54.56 -72.19
CA PRO F 142 79.76 53.64 -71.64
C PRO F 142 79.24 52.21 -71.62
N PRO F 143 80.12 51.22 -71.38
CA PRO F 143 79.68 49.82 -71.43
C PRO F 143 78.59 49.53 -70.41
N ALA F 144 77.67 48.64 -70.79
CA ALA F 144 76.45 48.40 -70.03
C ALA F 144 76.71 47.65 -68.72
N LEU F 145 77.87 47.02 -68.56
CA LEU F 145 78.22 46.27 -67.35
C LEU F 145 77.43 44.97 -67.23
N LEU F 146 76.82 44.53 -68.32
CA LEU F 146 75.95 43.33 -68.37
C LEU F 146 75.09 43.15 -67.13
N SER G 1 45.27 148.08 0.82
CA SER G 1 44.11 148.94 1.02
C SER G 1 42.81 148.15 1.10
N ILE G 2 41.78 148.65 0.43
CA ILE G 2 40.48 147.97 0.37
C ILE G 2 40.29 147.48 -1.05
N LYS G 3 39.84 146.23 -1.19
CA LYS G 3 39.78 145.59 -2.48
C LYS G 3 38.34 145.22 -2.84
N TYR G 4 37.98 145.47 -4.10
CA TYR G 4 36.86 144.78 -4.74
C TYR G 4 37.09 143.28 -4.62
N ILE G 5 36.13 142.61 -3.98
CA ILE G 5 36.00 141.16 -4.08
C ILE G 5 35.26 140.78 -5.35
N PHE G 6 34.13 141.44 -5.59
CA PHE G 6 33.35 141.24 -6.80
C PHE G 6 32.87 142.59 -7.30
N LYS G 7 33.39 143.01 -8.47
CA LYS G 7 32.94 144.25 -9.08
C LYS G 7 31.59 144.03 -9.74
N LYS G 8 30.65 144.93 -9.47
CA LYS G 8 29.31 144.82 -10.05
C LYS G 8 29.33 145.03 -11.55
N THR G 9 28.56 144.22 -12.26
CA THR G 9 28.43 144.32 -13.71
C THR G 9 27.00 144.69 -14.08
N ASP G 10 26.86 145.46 -15.15
CA ASP G 10 25.54 145.83 -15.66
C ASP G 10 24.97 144.67 -16.48
N THR G 11 24.77 143.55 -15.80
CA THR G 11 24.22 142.33 -16.41
C THR G 11 22.96 141.97 -15.62
N LEU G 12 21.79 142.27 -16.21
CA LEU G 12 20.53 142.00 -15.52
C LEU G 12 20.33 140.50 -15.34
N PRO G 13 19.72 140.08 -14.25
CA PRO G 13 19.43 138.65 -14.07
C PRO G 13 18.26 138.22 -14.96
N ARG G 14 18.36 137.03 -15.51
CA ARG G 14 17.26 136.45 -16.26
C ARG G 14 16.12 136.17 -15.30
N SER G 15 14.92 136.64 -15.65
CA SER G 15 13.74 136.22 -14.92
C SER G 15 13.61 134.70 -14.99
N VAL G 16 12.97 134.12 -13.97
CA VAL G 16 12.87 132.67 -13.84
C VAL G 16 11.45 132.26 -14.14
N ILE G 17 11.28 131.43 -15.17
CA ILE G 17 9.97 131.03 -15.65
C ILE G 17 9.89 129.52 -15.56
N GLY G 18 8.72 129.01 -15.18
CA GLY G 18 8.59 127.58 -15.01
C GLY G 18 7.15 127.15 -14.86
N ASN G 19 6.99 125.90 -14.40
CA ASN G 19 5.68 125.38 -14.06
C ASN G 19 5.84 124.37 -12.94
N VAL G 20 4.95 124.44 -11.94
CA VAL G 20 5.05 123.56 -10.79
C VAL G 20 4.92 122.11 -11.24
N LEU G 21 5.85 121.27 -10.79
CA LEU G 21 5.89 119.86 -11.16
C LEU G 21 5.30 118.95 -10.08
N ARG G 22 5.89 118.95 -8.90
CA ARG G 22 5.40 118.09 -7.82
C ARG G 22 5.71 118.77 -6.50
N THR G 23 4.88 118.44 -5.52
CA THR G 23 5.05 118.94 -4.15
C THR G 23 5.44 117.75 -3.30
N THR G 24 6.75 117.58 -3.11
CA THR G 24 7.28 116.43 -2.38
C THR G 24 6.74 116.39 -0.96
N GLY G 25 6.91 117.48 -0.22
CA GLY G 25 6.45 117.58 1.14
C GLY G 25 5.71 118.87 1.39
N PRO G 26 5.28 119.08 2.64
CA PRO G 26 4.56 120.32 2.96
C PRO G 26 5.44 121.55 2.83
N ASP G 27 6.73 121.42 3.14
CA ASP G 27 7.68 122.53 3.04
C ASP G 27 8.49 122.49 1.75
N THR G 28 8.35 121.45 0.93
CA THR G 28 9.21 121.23 -0.23
C THR G 28 8.35 121.14 -1.49
N THR G 29 8.64 122.00 -2.46
CA THR G 29 7.95 121.98 -3.74
C THR G 29 8.95 122.03 -4.88
N VAL G 30 8.70 121.29 -5.95
CA VAL G 30 9.65 121.11 -7.04
C VAL G 30 9.02 121.57 -8.34
N TYR G 31 9.67 122.52 -9.01
CA TYR G 31 9.20 123.12 -10.24
C TYR G 31 10.01 122.59 -11.40
N SER G 32 9.34 122.31 -12.51
CA SER G 32 9.99 121.95 -13.76
C SER G 32 10.16 123.20 -14.61
N LEU G 33 11.38 123.41 -15.08
CA LEU G 33 11.79 124.58 -15.84
C LEU G 33 11.80 124.26 -17.33
N PRO G 34 11.98 125.27 -18.19
CA PRO G 34 12.02 124.98 -19.63
C PRO G 34 13.21 124.12 -19.99
N GLY G 35 13.02 123.28 -21.01
CA GLY G 35 14.06 122.35 -21.43
C GLY G 35 14.19 121.11 -20.59
N HIS G 36 13.26 120.89 -19.66
CA HIS G 36 13.22 119.69 -18.83
C HIS G 36 12.70 118.53 -19.67
N THR G 37 13.62 117.76 -20.23
CA THR G 37 13.22 116.48 -20.80
C THR G 37 13.29 115.40 -19.73
N PRO G 38 12.63 114.25 -19.95
CA PRO G 38 12.85 113.13 -19.03
C PRO G 38 14.30 112.67 -19.04
N VAL G 39 14.94 112.71 -20.20
CA VAL G 39 16.33 112.29 -20.31
C VAL G 39 17.25 113.27 -19.58
N ASN G 40 17.02 114.57 -19.78
CA ASN G 40 17.89 115.63 -19.24
C ASN G 40 17.04 116.51 -18.33
N PRO G 41 16.78 116.08 -17.10
CA PRO G 41 15.89 116.85 -16.23
C PRO G 41 16.50 118.19 -15.85
N PHE G 42 15.61 119.15 -15.58
CA PHE G 42 16.02 120.52 -15.26
C PHE G 42 14.97 121.11 -14.33
N THR G 43 15.34 121.32 -13.06
CA THR G 43 14.35 121.58 -12.03
C THR G 43 14.86 122.57 -10.99
N LEU G 44 13.93 123.38 -10.49
CA LEU G 44 14.14 124.20 -9.31
C LEU G 44 13.42 123.56 -8.13
N THR G 45 14.16 123.22 -7.10
CA THR G 45 13.58 122.71 -5.87
C THR G 45 13.63 123.80 -4.80
N ALA G 46 12.52 124.01 -4.10
CA ALA G 46 12.39 125.05 -3.09
C ALA G 46 11.96 124.41 -1.78
N VAL G 47 12.75 124.64 -0.74
CA VAL G 47 12.51 124.08 0.58
C VAL G 47 12.52 125.24 1.57
N SER G 48 11.35 125.62 2.07
CA SER G 48 11.21 126.74 3.01
C SER G 48 10.76 126.18 4.35
N ARG G 49 11.65 126.22 5.34
CA ARG G 49 11.38 125.68 6.66
C ARG G 49 11.11 126.81 7.65
N LEU G 50 9.92 126.77 8.24
CA LEU G 50 9.44 127.81 9.14
C LEU G 50 10.22 127.79 10.44
N PRO G 51 10.23 128.90 11.18
CA PRO G 51 10.95 128.92 12.45
C PRO G 51 10.15 128.21 13.52
N VAL G 52 10.84 127.37 14.29
CA VAL G 52 10.26 126.72 15.46
C VAL G 52 10.80 127.42 16.70
N PRO G 53 9.94 128.06 17.49
CA PRO G 53 10.42 128.74 18.69
C PRO G 53 10.87 127.76 19.75
N ARG G 54 11.96 128.11 20.41
CA ARG G 54 12.53 127.31 21.47
C ARG G 54 12.38 128.10 22.77
N LYS G 55 12.47 127.42 23.90
CA LYS G 55 12.25 128.10 25.18
C LYS G 55 13.41 129.06 25.44
N GLY G 56 13.12 130.36 25.34
CA GLY G 56 14.16 131.37 25.46
C GLY G 56 14.87 131.71 24.17
N ASN G 57 14.53 131.06 23.06
CA ASN G 57 15.16 131.29 21.77
C ASN G 57 14.08 131.53 20.73
N ALA G 58 14.18 132.63 20.00
CA ALA G 58 13.33 132.80 18.85
C ALA G 58 13.66 131.78 17.77
N GLY G 59 12.72 131.56 16.86
CA GLY G 59 12.97 130.68 15.74
C GLY G 59 13.92 131.30 14.72
N THR G 60 14.34 130.47 13.76
CA THR G 60 15.10 130.93 12.60
C THR G 60 14.50 130.29 11.35
N THR G 61 14.21 131.11 10.35
CA THR G 61 13.65 130.64 9.08
C THR G 61 14.76 130.22 8.14
N LYS G 62 14.66 129.00 7.61
CA LYS G 62 15.62 128.53 6.62
C LYS G 62 14.93 128.45 5.26
N THR G 63 15.67 128.75 4.19
CA THR G 63 15.12 128.81 2.85
C THR G 63 16.19 128.30 1.89
N THR G 64 15.82 127.37 1.01
CA THR G 64 16.81 126.73 0.14
C THR G 64 16.24 126.60 -1.27
N LEU G 65 16.93 127.17 -2.24
CA LEU G 65 16.52 127.16 -3.64
C LEU G 65 17.64 126.54 -4.47
N SER G 66 17.36 125.42 -5.13
CA SER G 66 18.38 124.67 -5.88
C SER G 66 17.96 124.51 -7.33
N LEU G 67 18.81 124.96 -8.24
CA LEU G 67 18.64 124.69 -9.67
C LEU G 67 19.54 123.53 -10.04
N ARG G 68 18.95 122.44 -10.54
CA ARG G 68 19.68 121.24 -10.95
C ARG G 68 19.38 120.93 -12.40
N ARG G 69 20.44 120.91 -13.23
CA ARG G 69 20.31 120.53 -14.64
C ARG G 69 21.29 119.41 -14.94
N GLU G 70 20.78 118.29 -15.46
CA GLU G 70 21.63 117.17 -15.84
C GLU G 70 21.91 117.30 -17.34
N VAL G 71 23.14 117.69 -17.66
CA VAL G 71 23.53 118.01 -19.03
C VAL G 71 24.30 116.84 -19.61
N THR G 72 24.12 116.61 -20.92
CA THR G 72 24.93 115.64 -21.62
C THR G 72 26.31 116.23 -21.88
N ILE G 73 27.35 115.52 -21.47
CA ILE G 73 28.74 115.93 -21.63
C ILE G 73 29.35 115.16 -22.78
N ASN G 74 30.13 115.87 -23.60
CA ASN G 74 30.86 115.41 -24.79
C ASN G 74 30.06 114.38 -25.59
N LYS G 75 28.93 114.86 -26.10
CA LYS G 75 28.02 114.04 -26.89
C LYS G 75 28.72 113.45 -28.11
N GLY G 76 29.40 114.29 -28.89
CA GLY G 76 30.06 113.79 -30.09
C GLY G 76 31.12 112.75 -29.79
N THR G 77 31.89 112.98 -28.73
CA THR G 77 32.95 112.06 -28.35
C THR G 77 32.35 110.79 -27.74
N ASP G 78 33.15 109.74 -27.72
CA ASP G 78 32.79 108.53 -27.02
C ASP G 78 32.71 108.80 -25.51
N GLN G 79 31.96 107.95 -24.82
CA GLN G 79 31.74 108.05 -23.37
C GLN G 79 30.98 109.33 -23.01
N GLU G 80 29.98 109.68 -23.82
CA GLU G 80 29.14 110.81 -23.48
C GLU G 80 28.36 110.46 -22.22
N LYS G 81 28.19 111.43 -21.31
CA LYS G 81 27.55 111.09 -20.04
C LYS G 81 26.67 112.23 -19.54
N ILE G 82 25.50 111.87 -19.01
CA ILE G 82 24.61 112.87 -18.42
C ILE G 82 25.04 113.11 -16.98
N VAL G 83 25.50 114.33 -16.71
CA VAL G 83 26.07 114.64 -15.40
C VAL G 83 25.37 115.88 -14.88
N PRO G 84 25.05 115.95 -13.58
CA PRO G 84 24.32 117.12 -13.06
C PRO G 84 25.19 118.30 -12.65
N MET G 85 24.79 119.50 -13.03
CA MET G 85 25.34 120.73 -12.46
C MET G 85 24.27 121.37 -11.59
N ILE G 86 24.70 121.91 -10.45
CA ILE G 86 23.78 122.42 -9.44
C ILE G 86 24.25 123.81 -9.01
N ALA G 87 23.29 124.71 -8.81
CA ALA G 87 23.52 126.01 -8.19
C ALA G 87 22.44 126.27 -7.15
N ARG G 88 22.86 126.43 -5.89
CA ARG G 88 21.98 126.61 -4.73
C ARG G 88 22.17 127.95 -4.06
N ILE G 89 21.06 128.51 -3.64
CA ILE G 89 21.01 129.59 -2.67
C ILE G 89 20.46 128.98 -1.39
N GLU G 90 21.17 129.17 -0.28
CA GLU G 90 20.71 128.69 1.02
C GLU G 90 20.77 129.86 2.00
N THR G 91 19.71 130.09 2.77
CA THR G 91 19.62 131.28 3.60
C THR G 91 18.95 130.97 4.93
N SER G 92 19.65 131.26 6.02
CA SER G 92 19.09 131.15 7.37
C SER G 92 18.98 132.53 8.00
N VAL G 93 17.76 132.96 8.30
CA VAL G 93 17.48 134.27 8.85
C VAL G 93 16.80 134.08 10.21
N PRO G 94 17.40 134.53 11.30
CA PRO G 94 16.69 134.54 12.58
C PRO G 94 15.55 135.56 12.58
N VAL G 95 14.64 135.41 13.53
CA VAL G 95 13.40 136.18 13.50
C VAL G 95 13.66 137.67 13.68
N GLY G 96 14.50 138.02 14.65
CA GLY G 96 14.76 139.42 14.98
C GLY G 96 15.36 140.28 13.88
N VAL G 97 15.70 139.67 12.74
CA VAL G 97 16.41 140.38 11.68
C VAL G 97 15.52 141.44 11.02
N SER G 98 16.13 142.56 10.64
CA SER G 98 15.45 143.59 9.87
C SER G 98 15.55 143.29 8.37
N GLN G 99 14.41 143.45 7.69
CA GLN G 99 14.37 143.22 6.25
C GLN G 99 15.37 144.11 5.51
N ASP G 100 15.66 145.29 6.06
CA ASP G 100 16.65 146.17 5.45
C ASP G 100 18.03 145.52 5.47
N ASP G 101 18.49 145.11 6.66
CA ASP G 101 19.78 144.45 6.81
C ASP G 101 19.88 143.25 5.89
N PHE G 102 18.82 142.44 5.86
CA PHE G 102 18.93 141.20 5.12
C PHE G 102 18.88 141.41 3.62
N LYS G 103 18.06 142.35 3.14
CA LYS G 103 18.10 142.63 1.71
C LYS G 103 19.44 143.23 1.30
N ALA G 104 20.10 143.93 2.22
CA ALA G 104 21.47 144.37 1.94
C ALA G 104 22.39 143.17 1.71
N MET G 105 22.37 142.21 2.62
CA MET G 105 23.17 141.00 2.41
C MET G 105 22.82 140.31 1.10
N ILE G 106 21.54 140.26 0.76
CA ILE G 106 21.13 139.56 -0.46
C ILE G 106 21.69 140.27 -1.69
N GLU G 107 21.51 141.59 -1.75
CA GLU G 107 22.03 142.37 -2.87
C GLU G 107 23.52 142.16 -3.03
N GLY G 108 24.25 142.12 -1.90
CA GLY G 108 25.67 141.79 -1.99
C GLY G 108 25.90 140.41 -2.57
N LEU G 109 25.18 139.41 -2.05
CA LEU G 109 25.37 138.02 -2.47
C LEU G 109 25.09 137.83 -3.95
N ALA G 110 24.20 138.64 -4.51
CA ALA G 110 23.84 138.46 -5.92
C ALA G 110 24.99 138.86 -6.84
N CYS G 111 25.87 139.74 -6.38
CA CYS G 111 26.90 140.32 -7.26
C CYS G 111 27.79 139.29 -7.94
N PRO G 112 28.37 138.28 -7.27
CA PRO G 112 29.25 137.35 -7.99
C PRO G 112 28.52 136.51 -9.03
N LEU G 113 27.21 136.32 -8.89
CA LEU G 113 26.48 135.55 -9.88
C LEU G 113 26.47 136.26 -11.23
N LEU G 114 26.33 137.58 -11.21
CA LEU G 114 26.16 138.34 -12.44
C LEU G 114 27.51 138.90 -12.91
N LEU G 115 28.36 138.00 -13.39
CA LEU G 115 29.69 138.35 -13.86
C LEU G 115 29.92 137.84 -15.28
N ASP G 116 30.97 138.35 -15.91
CA ASP G 116 31.29 137.99 -17.28
C ASP G 116 31.84 136.56 -17.37
N GLU G 117 31.84 136.03 -18.60
CA GLU G 117 32.21 134.64 -18.82
C GLU G 117 33.63 134.37 -18.34
N ILE G 118 34.52 135.35 -18.47
CA ILE G 118 35.92 135.14 -18.09
C ILE G 118 36.02 134.83 -16.59
N HIS G 119 35.46 135.72 -15.76
CA HIS G 119 35.50 135.50 -14.33
C HIS G 119 34.71 134.26 -13.92
N VAL G 120 33.58 134.02 -14.57
CA VAL G 120 32.75 132.87 -14.19
C VAL G 120 33.50 131.57 -14.44
N ASN G 121 34.14 131.46 -15.61
CA ASN G 121 34.91 130.26 -15.92
C ASN G 121 36.13 130.14 -15.02
N ASP G 122 36.75 131.28 -14.68
CA ASP G 122 37.93 131.22 -13.82
C ASP G 122 37.58 130.76 -12.40
N LEU G 123 36.43 131.18 -11.88
CA LEU G 123 36.07 130.88 -10.50
C LEU G 123 35.25 129.60 -10.35
N PHE G 124 34.11 129.50 -11.03
CA PHE G 124 33.15 128.43 -10.75
C PHE G 124 33.51 127.11 -11.44
N LEU G 125 34.25 127.16 -12.53
CA LEU G 125 34.62 125.97 -13.29
C LEU G 125 36.09 125.59 -13.16
N SER G 126 37.01 126.54 -13.39
CA SER G 126 38.43 126.22 -13.27
C SER G 126 38.83 126.10 -11.81
N GLY G 127 38.22 126.87 -10.93
CA GLY G 127 38.49 126.80 -9.51
C GLY G 127 39.55 127.77 -9.03
N LEU G 128 39.85 128.80 -9.80
CA LEU G 128 40.86 129.77 -9.43
C LEU G 128 40.42 130.58 -8.21
N PRO G 129 41.35 131.24 -7.52
CA PRO G 129 40.95 132.08 -6.39
C PRO G 129 40.25 133.33 -6.90
N ILE G 130 39.52 133.99 -5.98
CA ILE G 130 38.78 135.18 -6.37
C ILE G 130 39.74 136.27 -6.85
N ALA G 131 39.40 136.89 -7.99
CA ALA G 131 40.21 137.97 -8.55
C ALA G 131 39.93 139.26 -7.80
N THR G 132 40.87 139.68 -6.95
CA THR G 132 40.71 140.91 -6.17
C THR G 132 41.22 142.09 -6.98
N THR G 133 40.50 143.22 -6.88
CA THR G 133 40.87 144.42 -7.64
C THR G 133 41.00 145.59 -6.69
N ASP G 134 42.17 146.22 -6.66
CA ASP G 134 42.36 147.38 -5.80
C ASP G 134 41.38 148.49 -6.18
N VAL G 135 40.64 148.97 -5.19
CA VAL G 135 39.71 150.07 -5.43
C VAL G 135 40.50 151.35 -5.66
N PRO G 136 40.24 152.09 -6.74
CA PRO G 136 40.97 153.34 -6.94
C PRO G 136 40.62 154.33 -5.84
N ASP G 137 41.62 154.72 -5.05
CA ASP G 137 41.41 155.76 -4.06
C ASP G 137 40.90 157.03 -4.69
N ASN G 138 41.22 157.24 -5.98
CA ASN G 138 40.77 158.42 -6.69
C ASN G 138 39.26 158.39 -6.90
N GLU G 139 38.71 157.21 -7.15
CA GLU G 139 37.32 157.00 -7.51
C GLU G 139 36.42 156.98 -6.27
N PRO G 140 35.09 157.08 -6.44
CA PRO G 140 34.22 157.14 -5.27
C PRO G 140 34.22 155.81 -4.52
N LEU G 141 33.99 155.89 -3.21
CA LEU G 141 33.92 154.68 -2.42
C LEU G 141 32.67 153.89 -2.82
N PRO G 142 32.80 152.58 -3.03
CA PRO G 142 31.66 151.77 -3.47
C PRO G 142 30.60 151.67 -2.38
N PRO G 143 29.41 151.15 -2.71
CA PRO G 143 28.33 151.12 -1.71
C PRO G 143 28.70 150.28 -0.50
N ALA G 144 28.26 150.74 0.67
CA ALA G 144 28.72 150.16 1.92
C ALA G 144 28.27 148.71 2.12
N LEU G 145 27.20 148.28 1.45
CA LEU G 145 26.63 146.94 1.62
C LEU G 145 25.88 146.79 2.94
N LEU G 146 25.39 147.91 3.48
CA LEU G 146 24.73 148.00 4.80
C LEU G 146 25.18 146.92 5.77
N SER H 1 -10.05 88.78 -44.96
CA SER H 1 -9.19 89.88 -45.38
C SER H 1 -8.75 90.72 -44.19
N ILE H 2 -8.81 92.03 -44.36
CA ILE H 2 -8.51 92.98 -43.29
C ILE H 2 -9.81 93.66 -42.89
N LYS H 3 -10.02 93.81 -41.59
CA LYS H 3 -11.32 94.23 -41.07
C LYS H 3 -11.20 95.49 -40.21
N TYR H 4 -12.14 96.41 -40.43
CA TYR H 4 -12.43 97.46 -39.47
C TYR H 4 -12.77 96.81 -38.14
N ILE H 5 -12.00 97.17 -37.12
CA ILE H 5 -12.38 96.92 -35.73
C ILE H 5 -13.29 98.03 -35.23
N PHE H 6 -12.90 99.28 -35.47
CA PHE H 6 -13.70 100.45 -35.12
C PHE H 6 -13.62 101.44 -36.27
N LYS H 7 -14.75 101.67 -36.93
CA LYS H 7 -14.80 102.66 -38.00
C LYS H 7 -14.87 104.05 -37.38
N LYS H 8 -14.01 104.95 -37.86
CA LYS H 8 -13.98 106.31 -37.37
C LYS H 8 -15.28 107.06 -37.70
N THR H 9 -15.81 107.79 -36.72
CA THR H 9 -17.00 108.59 -36.91
C THR H 9 -16.65 110.07 -36.78
N ASP H 10 -17.36 110.90 -37.53
CA ASP H 10 -17.13 112.34 -37.52
C ASP H 10 -17.87 112.97 -36.33
N THR H 11 -17.51 112.51 -35.15
CA THR H 11 -18.09 112.98 -33.89
C THR H 11 -16.96 113.56 -33.06
N LEU H 12 -16.93 114.89 -32.95
CA LEU H 12 -15.86 115.56 -32.22
C LEU H 12 -15.97 115.29 -30.73
N PRO H 13 -14.85 115.18 -30.02
CA PRO H 13 -14.91 114.94 -28.58
C PRO H 13 -15.33 116.20 -27.83
N ARG H 14 -16.14 116.01 -26.80
CA ARG H 14 -16.52 117.11 -25.93
C ARG H 14 -15.29 117.60 -25.17
N SER H 15 -15.06 118.90 -25.20
CA SER H 15 -14.03 119.49 -24.35
C SER H 15 -14.36 119.21 -22.89
N VAL H 16 -13.32 119.15 -22.05
CA VAL H 16 -13.46 118.76 -20.66
C VAL H 16 -13.22 119.98 -19.78
N ILE H 17 -14.27 120.44 -19.12
CA ILE H 17 -14.22 121.64 -18.29
C ILE H 17 -14.46 121.22 -16.85
N GLY H 18 -13.74 121.84 -15.93
CA GLY H 18 -13.88 121.46 -14.54
C GLY H 18 -13.25 122.48 -13.62
N ASN H 19 -13.11 122.10 -12.35
CA ASN H 19 -12.41 122.92 -11.38
C ASN H 19 -11.73 122.01 -10.37
N VAL H 20 -10.50 122.35 -9.99
CA VAL H 20 -9.73 121.49 -9.12
C VAL H 20 -10.40 121.38 -7.75
N LEU H 21 -10.66 120.15 -7.32
CA LEU H 21 -11.34 119.90 -6.05
C LEU H 21 -10.36 119.65 -4.90
N ARG H 22 -9.60 118.56 -4.96
CA ARG H 22 -8.66 118.26 -3.89
C ARG H 22 -7.48 117.48 -4.44
N THR H 23 -6.33 117.73 -3.86
CA THR H 23 -5.09 117.05 -4.21
C THR H 23 -4.86 116.00 -3.14
N THR H 24 -5.21 114.75 -3.48
CA THR H 24 -5.08 113.65 -2.54
C THR H 24 -3.62 113.40 -2.17
N GLY H 25 -2.79 113.08 -3.16
CA GLY H 25 -1.39 112.84 -2.95
C GLY H 25 -0.55 113.74 -3.83
N PRO H 26 0.78 113.61 -3.74
CA PRO H 26 1.65 114.42 -4.61
C PRO H 26 1.47 114.06 -6.08
N ASP H 27 1.22 112.78 -6.37
CA ASP H 27 1.00 112.30 -7.72
C ASP H 27 -0.48 112.19 -8.07
N THR H 28 -1.40 112.56 -7.18
CA THR H 28 -2.82 112.33 -7.37
C THR H 28 -3.59 113.62 -7.13
N THR H 29 -4.31 114.07 -8.15
CA THR H 29 -5.17 115.25 -8.03
C THR H 29 -6.56 114.91 -8.52
N VAL H 30 -7.58 115.50 -7.89
CA VAL H 30 -8.96 115.17 -8.18
C VAL H 30 -9.73 116.44 -8.51
N TYR H 31 -10.40 116.43 -9.65
CA TYR H 31 -11.12 117.57 -10.20
C TYR H 31 -12.62 117.30 -10.09
N SER H 32 -13.37 118.32 -9.69
CA SER H 32 -14.83 118.27 -9.70
C SER H 32 -15.33 118.86 -11.01
N LEU H 33 -16.17 118.09 -11.69
CA LEU H 33 -16.75 118.43 -12.98
C LEU H 33 -18.13 119.03 -12.80
N PRO H 34 -18.72 119.57 -13.87
CA PRO H 34 -20.08 120.10 -13.75
C PRO H 34 -21.08 119.01 -13.39
N GLY H 35 -22.13 119.41 -12.69
CA GLY H 35 -23.13 118.46 -12.23
C GLY H 35 -22.71 117.64 -11.03
N HIS H 36 -21.57 117.97 -10.43
CA HIS H 36 -21.12 117.31 -9.21
C HIS H 36 -21.90 117.87 -8.03
N THR H 37 -23.02 117.22 -7.74
CA THR H 37 -23.69 117.48 -6.48
C THR H 37 -23.06 116.61 -5.39
N PRO H 38 -23.22 116.99 -4.12
CA PRO H 38 -22.82 116.07 -3.05
C PRO H 38 -23.61 114.78 -3.10
N VAL H 39 -24.85 114.82 -3.58
CA VAL H 39 -25.68 113.63 -3.70
C VAL H 39 -25.14 112.72 -4.81
N ASN H 40 -24.83 113.31 -5.97
CA ASN H 40 -24.46 112.56 -7.17
C ASN H 40 -23.10 113.06 -7.66
N PRO H 41 -22.01 112.64 -7.02
CA PRO H 41 -20.70 113.20 -7.35
C PRO H 41 -20.25 112.85 -8.75
N PHE H 42 -19.54 113.80 -9.37
CA PHE H 42 -18.95 113.65 -10.70
C PHE H 42 -17.50 114.09 -10.56
N THR H 43 -16.53 113.19 -10.74
CA THR H 43 -15.15 113.62 -10.58
C THR H 43 -14.21 112.95 -11.57
N LEU H 44 -13.23 113.73 -12.03
CA LEU H 44 -12.07 113.22 -12.76
C LEU H 44 -10.89 113.13 -11.82
N THR H 45 -10.35 111.93 -11.66
CA THR H 45 -9.15 111.73 -10.85
C THR H 45 -7.97 111.46 -11.78
N ALA H 46 -6.85 112.13 -11.53
CA ALA H 46 -5.66 112.04 -12.38
C ALA H 46 -4.49 111.63 -11.51
N VAL H 47 -3.82 110.54 -11.89
CA VAL H 47 -2.69 110.01 -11.16
C VAL H 47 -1.56 109.82 -12.16
N SER H 48 -0.55 110.68 -12.07
CA SER H 48 0.58 110.68 -13.00
C SER H 48 1.83 110.31 -12.21
N ARG H 49 2.30 109.08 -12.39
CA ARG H 49 3.45 108.56 -11.65
C ARG H 49 4.69 108.68 -12.51
N LEU H 50 5.65 109.47 -12.02
CA LEU H 50 6.84 109.85 -12.75
C LEU H 50 7.79 108.66 -12.85
N PRO H 51 8.69 108.68 -13.82
CA PRO H 51 9.57 107.52 -14.03
C PRO H 51 10.81 107.58 -13.16
N VAL H 52 11.10 106.51 -12.44
CA VAL H 52 12.31 106.42 -11.63
C VAL H 52 13.35 105.63 -12.42
N PRO H 53 14.48 106.22 -12.78
CA PRO H 53 15.48 105.49 -13.58
C PRO H 53 16.36 104.66 -12.68
N ARG H 54 16.34 103.34 -12.86
CA ARG H 54 17.29 102.45 -12.24
C ARG H 54 18.57 102.40 -13.09
N LYS H 55 19.67 101.99 -12.48
CA LYS H 55 20.94 102.02 -13.20
C LYS H 55 20.86 101.10 -14.41
N GLY H 56 21.11 101.65 -15.59
CA GLY H 56 20.99 100.89 -16.82
C GLY H 56 19.59 100.80 -17.38
N ASN H 57 18.61 101.47 -16.78
CA ASN H 57 17.24 101.44 -17.25
C ASN H 57 16.66 102.84 -17.22
N ALA H 58 16.08 103.27 -18.35
CA ALA H 58 15.27 104.47 -18.33
C ALA H 58 13.97 104.19 -17.59
N GLY H 59 13.37 105.25 -17.06
CA GLY H 59 12.12 105.10 -16.36
C GLY H 59 10.98 104.66 -17.29
N THR H 60 9.82 104.45 -16.69
CA THR H 60 8.57 104.25 -17.42
C THR H 60 7.49 105.08 -16.74
N THR H 61 6.90 106.02 -17.48
CA THR H 61 5.91 106.94 -16.94
C THR H 61 4.51 106.33 -17.00
N LYS H 62 3.80 106.32 -15.88
CA LYS H 62 2.43 105.83 -15.85
C LYS H 62 1.46 106.99 -15.66
N THR H 63 0.33 106.95 -16.35
CA THR H 63 -0.64 108.03 -16.33
C THR H 63 -2.03 107.43 -16.30
N THR H 64 -2.88 107.87 -15.37
CA THR H 64 -4.20 107.29 -15.19
C THR H 64 -5.23 108.39 -15.02
N LEU H 65 -6.26 108.37 -15.85
CA LEU H 65 -7.31 109.38 -15.86
C LEU H 65 -8.66 108.67 -15.74
N SER H 66 -9.38 108.92 -14.65
CA SER H 66 -10.62 108.20 -14.36
C SER H 66 -11.77 109.20 -14.21
N LEU H 67 -12.81 109.04 -15.02
CA LEU H 67 -14.06 109.76 -14.81
C LEU H 67 -15.02 108.82 -14.07
N ARG H 68 -15.51 109.27 -12.92
CA ARG H 68 -16.46 108.51 -12.12
C ARG H 68 -17.67 109.39 -11.82
N ARG H 69 -18.86 108.93 -12.23
CA ARG H 69 -20.07 109.66 -11.89
C ARG H 69 -21.14 108.70 -11.42
N GLU H 70 -21.72 108.98 -10.25
CA GLU H 70 -22.66 108.09 -9.59
C GLU H 70 -24.08 108.52 -9.92
N VAL H 71 -24.72 107.79 -10.84
CA VAL H 71 -26.05 108.17 -11.33
C VAL H 71 -27.12 107.61 -10.40
N THR H 72 -28.18 108.39 -10.18
CA THR H 72 -29.41 107.86 -9.63
C THR H 72 -30.10 107.08 -10.76
N ILE H 73 -29.96 105.76 -10.71
CA ILE H 73 -30.60 104.85 -11.64
C ILE H 73 -32.03 104.57 -11.18
N ASN H 74 -32.91 104.52 -12.19
CA ASN H 74 -34.36 104.30 -12.09
C ASN H 74 -34.98 105.07 -10.92
N LYS H 75 -34.80 106.40 -10.99
CA LYS H 75 -35.30 107.30 -9.96
C LYS H 75 -36.81 107.19 -9.79
N GLY H 76 -37.57 107.30 -10.87
CA GLY H 76 -39.02 107.24 -10.75
C GLY H 76 -39.49 106.00 -10.02
N THR H 77 -38.92 104.85 -10.35
CA THR H 77 -39.33 103.58 -9.76
C THR H 77 -38.84 103.48 -8.31
N ASP H 78 -39.58 102.72 -7.51
CA ASP H 78 -39.15 102.47 -6.15
C ASP H 78 -37.90 101.59 -6.14
N GLN H 79 -37.21 101.60 -5.00
CA GLN H 79 -35.88 101.01 -4.88
C GLN H 79 -34.94 101.61 -5.91
N GLU H 80 -35.05 102.93 -6.07
CA GLU H 80 -34.13 103.67 -6.92
C GLU H 80 -32.76 103.69 -6.25
N LYS H 81 -31.68 103.67 -7.02
CA LYS H 81 -30.38 103.55 -6.36
C LYS H 81 -29.34 104.47 -6.99
N ILE H 82 -28.29 104.78 -6.22
CA ILE H 82 -27.17 105.56 -6.73
C ILE H 82 -26.03 104.60 -7.02
N VAL H 83 -25.59 104.56 -8.27
CA VAL H 83 -24.59 103.56 -8.68
C VAL H 83 -23.54 104.24 -9.55
N PRO H 84 -22.26 103.95 -9.35
CA PRO H 84 -21.21 104.67 -10.08
C PRO H 84 -20.81 104.07 -11.42
N MET H 85 -20.81 104.87 -12.50
CA MET H 85 -20.23 104.45 -13.76
C MET H 85 -18.85 105.08 -13.88
N ILE H 86 -17.91 104.31 -14.43
CA ILE H 86 -16.51 104.73 -14.48
C ILE H 86 -15.94 104.45 -15.85
N ALA H 87 -15.19 105.40 -16.38
CA ALA H 87 -14.41 105.23 -17.60
C ALA H 87 -13.00 105.77 -17.40
N ARG H 88 -11.99 104.91 -17.63
CA ARG H 88 -10.59 105.19 -17.36
C ARG H 88 -9.75 105.08 -18.62
N ILE H 89 -8.78 105.98 -18.70
CA ILE H 89 -7.66 105.86 -19.61
C ILE H 89 -6.43 105.57 -18.75
N GLU H 90 -5.74 104.47 -19.04
CA GLU H 90 -4.52 104.12 -18.31
C GLU H 90 -3.40 103.92 -19.32
N THR H 91 -2.25 104.53 -19.10
CA THR H 91 -1.20 104.57 -20.11
C THR H 91 0.17 104.43 -19.50
N SER H 92 0.94 103.43 -19.96
CA SER H 92 2.31 103.21 -19.52
C SER H 92 3.24 103.43 -20.71
N VAL H 93 4.05 104.47 -20.65
CA VAL H 93 4.97 104.86 -21.72
C VAL H 93 6.40 104.82 -21.18
N PRO H 94 7.23 103.90 -21.64
CA PRO H 94 8.66 103.94 -21.27
C PRO H 94 9.33 105.19 -21.82
N VAL H 95 10.49 105.51 -21.24
CA VAL H 95 11.14 106.78 -21.56
C VAL H 95 11.50 106.86 -23.04
N GLY H 96 12.24 105.86 -23.54
CA GLY H 96 12.72 105.88 -24.92
C GLY H 96 11.68 106.06 -26.02
N VAL H 97 10.40 105.97 -25.67
CA VAL H 97 9.33 106.04 -26.67
C VAL H 97 9.32 107.37 -27.40
N SER H 98 8.98 107.32 -28.69
CA SER H 98 8.87 108.52 -29.51
C SER H 98 7.47 109.12 -29.44
N GLN H 99 7.43 110.45 -29.27
CA GLN H 99 6.16 111.15 -29.15
C GLN H 99 5.29 110.94 -30.39
N ASP H 100 5.90 110.84 -31.57
CA ASP H 100 5.15 110.59 -32.80
C ASP H 100 4.42 109.26 -32.73
N ASP H 101 5.15 108.19 -32.42
CA ASP H 101 4.56 106.85 -32.36
C ASP H 101 3.45 106.80 -31.33
N PHE H 102 3.70 107.33 -30.14
CA PHE H 102 2.69 107.20 -29.11
C PHE H 102 1.48 108.09 -29.38
N LYS H 103 1.67 109.25 -30.01
CA LYS H 103 0.53 110.09 -30.35
C LYS H 103 -0.33 109.43 -31.40
N ALA H 104 0.27 108.70 -32.34
CA ALA H 104 -0.52 107.96 -33.32
C ALA H 104 -1.30 106.84 -32.67
N MET H 105 -0.66 106.10 -31.77
CA MET H 105 -1.36 105.05 -31.03
C MET H 105 -2.51 105.61 -30.21
N ILE H 106 -2.33 106.77 -29.59
CA ILE H 106 -3.40 107.43 -28.85
C ILE H 106 -4.56 107.78 -29.78
N GLU H 107 -4.24 108.41 -30.91
CA GLU H 107 -5.26 108.74 -31.90
C GLU H 107 -6.08 107.52 -32.28
N GLY H 108 -5.40 106.38 -32.46
CA GLY H 108 -6.12 105.15 -32.72
C GLY H 108 -7.03 104.75 -31.57
N LEU H 109 -6.49 104.81 -30.34
CA LEU H 109 -7.26 104.38 -29.18
C LEU H 109 -8.50 105.24 -28.96
N ALA H 110 -8.47 106.49 -29.40
CA ALA H 110 -9.62 107.36 -29.18
C ALA H 110 -10.81 107.00 -30.07
N CYS H 111 -10.59 106.16 -31.09
CA CYS H 111 -11.65 105.89 -32.07
C CYS H 111 -12.86 105.19 -31.47
N PRO H 112 -12.74 104.10 -30.70
CA PRO H 112 -13.95 103.44 -30.17
C PRO H 112 -14.74 104.30 -29.22
N LEU H 113 -14.12 105.33 -28.62
CA LEU H 113 -14.86 106.19 -27.73
C LEU H 113 -15.88 107.04 -28.49
N LEU H 114 -15.51 107.52 -29.68
CA LEU H 114 -16.37 108.44 -30.42
C LEU H 114 -17.20 107.67 -31.44
N LEU H 115 -18.15 106.89 -30.93
CA LEU H 115 -19.03 106.07 -31.75
C LEU H 115 -20.49 106.42 -31.47
N ASP H 116 -21.35 105.94 -32.37
CA ASP H 116 -22.79 106.21 -32.27
C ASP H 116 -23.43 105.39 -31.16
N GLU H 117 -24.63 105.83 -30.75
CA GLU H 117 -25.31 105.22 -29.61
C GLU H 117 -25.52 103.73 -29.83
N ILE H 118 -25.79 103.33 -31.07
CA ILE H 118 -26.06 101.92 -31.34
C ILE H 118 -24.85 101.06 -30.95
N HIS H 119 -23.68 101.39 -31.52
CA HIS H 119 -22.48 100.62 -31.20
C HIS H 119 -22.10 100.76 -29.72
N VAL H 120 -22.28 101.95 -29.15
CA VAL H 120 -21.86 102.14 -27.76
C VAL H 120 -22.71 101.30 -26.82
N ASN H 121 -24.02 101.25 -27.05
CA ASN H 121 -24.88 100.40 -26.23
C ASN H 121 -24.61 98.93 -26.48
N ASP H 122 -24.29 98.56 -27.74
CA ASP H 122 -24.03 97.15 -28.01
C ASP H 122 -22.74 96.67 -27.34
N LEU H 123 -21.72 97.53 -27.23
CA LEU H 123 -20.43 97.10 -26.70
C LEU H 123 -20.24 97.38 -25.22
N PHE H 124 -20.44 98.62 -24.77
CA PHE H 124 -20.01 99.02 -23.43
C PHE H 124 -21.05 98.70 -22.36
N LEU H 125 -22.34 98.69 -22.71
CA LEU H 125 -23.39 98.39 -21.76
C LEU H 125 -23.89 96.95 -21.89
N SER H 126 -24.30 96.56 -23.11
CA SER H 126 -24.86 95.23 -23.29
C SER H 126 -23.80 94.14 -23.20
N GLY H 127 -22.58 94.44 -23.63
CA GLY H 127 -21.54 93.46 -23.64
C GLY H 127 -21.51 92.58 -24.87
N LEU H 128 -22.30 92.90 -25.89
CA LEU H 128 -22.31 92.13 -27.13
C LEU H 128 -20.92 92.13 -27.76
N PRO H 129 -20.58 91.09 -28.53
CA PRO H 129 -19.25 91.04 -29.13
C PRO H 129 -19.05 92.10 -30.19
N ILE H 130 -17.78 92.44 -30.44
CA ILE H 130 -17.45 93.44 -31.44
C ILE H 130 -17.73 92.90 -32.84
N ALA H 131 -18.42 93.69 -33.66
CA ALA H 131 -18.76 93.31 -35.02
C ALA H 131 -17.68 93.82 -35.96
N THR H 132 -16.90 92.90 -36.53
CA THR H 132 -15.87 93.25 -37.48
C THR H 132 -16.48 93.57 -38.84
N THR H 133 -15.98 94.61 -39.50
CA THR H 133 -16.54 95.03 -40.78
C THR H 133 -15.48 94.89 -41.88
N ASP H 134 -15.82 94.16 -42.94
CA ASP H 134 -14.87 94.03 -44.05
C ASP H 134 -14.59 95.39 -44.67
N VAL H 135 -13.31 95.70 -44.80
CA VAL H 135 -12.90 96.92 -45.51
C VAL H 135 -13.10 96.72 -47.01
N PRO H 136 -13.76 97.62 -47.72
CA PRO H 136 -13.95 97.42 -49.15
C PRO H 136 -12.61 97.45 -49.88
N ASP H 137 -12.28 96.33 -50.53
CA ASP H 137 -11.06 96.29 -51.33
C ASP H 137 -11.07 97.38 -52.41
N ASN H 138 -12.25 97.77 -52.86
CA ASN H 138 -12.35 98.82 -53.86
C ASN H 138 -11.97 100.18 -53.29
N GLU H 139 -12.33 100.43 -52.03
CA GLU H 139 -12.09 101.71 -51.38
C GLU H 139 -10.63 101.85 -50.96
N PRO H 140 -10.16 103.08 -50.69
CA PRO H 140 -8.75 103.26 -50.33
C PRO H 140 -8.46 102.70 -48.95
N LEU H 141 -7.23 102.22 -48.76
CA LEU H 141 -6.85 101.61 -47.51
C LEU H 141 -6.89 102.65 -46.39
N PRO H 142 -7.40 102.30 -45.21
CA PRO H 142 -7.49 103.25 -44.10
C PRO H 142 -6.12 103.58 -43.55
N PRO H 143 -6.01 104.62 -42.71
CA PRO H 143 -4.69 105.03 -42.21
C PRO H 143 -4.00 103.92 -41.44
N ALA H 144 -2.67 103.87 -41.56
CA ALA H 144 -1.91 102.74 -41.04
C ALA H 144 -1.86 102.69 -39.52
N LEU H 145 -2.14 103.81 -38.83
CA LEU H 145 -2.09 103.92 -37.38
C LEU H 145 -0.66 103.95 -36.83
N LEU H 146 0.31 104.25 -37.70
CA LEU H 146 1.74 104.23 -37.39
C LEU H 146 2.13 103.11 -36.42
N SER I 1 -42.93 132.82 29.20
CA SER I 1 -43.28 133.01 27.80
C SER I 1 -42.16 132.56 26.88
N ILE I 2 -41.89 133.36 25.84
CA ILE I 2 -40.82 133.09 24.89
C ILE I 2 -39.73 134.12 25.14
N LYS I 3 -38.48 133.66 25.19
CA LYS I 3 -37.38 134.52 25.58
C LYS I 3 -36.35 134.66 24.45
N TYR I 4 -35.89 135.89 24.25
CA TYR I 4 -34.63 136.13 23.57
C TYR I 4 -33.53 135.35 24.27
N ILE I 5 -32.91 134.45 23.51
CA ILE I 5 -31.65 133.84 23.91
C ILE I 5 -30.50 134.80 23.62
N PHE I 6 -30.43 135.28 22.37
CA PHE I 6 -29.45 136.26 21.95
C PHE I 6 -30.17 137.32 21.11
N LYS I 7 -30.21 138.54 21.62
CA LYS I 7 -30.82 139.64 20.88
C LYS I 7 -29.84 140.12 19.83
N LYS I 8 -30.32 140.24 18.59
CA LYS I 8 -29.48 140.68 17.48
C LYS I 8 -29.01 142.11 17.66
N THR I 9 -27.72 142.34 17.40
CA THR I 9 -27.13 143.68 17.48
C THR I 9 -26.71 144.14 16.09
N ASP I 10 -26.81 145.45 15.87
CA ASP I 10 -26.46 146.02 14.58
C ASP I 10 -24.95 146.27 14.52
N THR I 11 -24.20 145.18 14.64
CA THR I 11 -22.74 145.21 14.61
C THR I 11 -22.28 144.30 13.48
N LEU I 12 -21.78 144.90 12.41
CA LEU I 12 -21.38 144.15 11.23
C LEU I 12 -20.14 143.31 11.52
N PRO I 13 -20.03 142.13 10.91
CA PRO I 13 -18.84 141.31 11.13
C PRO I 13 -17.63 141.87 10.39
N ARG I 14 -16.48 141.83 11.06
CA ARG I 14 -15.23 142.21 10.42
C ARG I 14 -14.92 141.22 9.30
N SER I 15 -14.64 141.74 8.11
CA SER I 15 -14.16 140.90 7.03
C SER I 15 -12.83 140.25 7.43
N VAL I 16 -12.58 139.06 6.90
CA VAL I 16 -11.43 138.25 7.29
C VAL I 16 -10.38 138.28 6.19
N ILE I 17 -9.23 138.87 6.49
CA ILE I 17 -8.18 139.07 5.51
C ILE I 17 -6.95 138.30 5.99
N GLY I 18 -6.24 137.66 5.06
CA GLY I 18 -5.12 136.85 5.45
C GLY I 18 -4.26 136.48 4.26
N ASN I 19 -3.41 135.47 4.48
CA ASN I 19 -2.61 134.91 3.40
C ASN I 19 -2.28 133.45 3.72
N VAL I 20 -2.31 132.59 2.70
CA VAL I 20 -2.11 131.16 2.92
C VAL I 20 -0.69 130.88 3.38
N LEU I 21 -0.55 130.24 4.54
CA LEU I 21 0.77 129.95 5.14
C LEU I 21 1.30 128.57 4.74
N ARG I 22 0.57 127.52 5.08
CA ARG I 22 0.97 126.16 4.74
C ARG I 22 -0.28 125.33 4.55
N THR I 23 -0.12 124.23 3.82
CA THR I 23 -1.17 123.23 3.63
C THR I 23 -0.70 121.96 4.31
N THR I 24 -1.18 121.74 5.54
CA THR I 24 -0.74 120.59 6.32
C THR I 24 -1.07 119.28 5.63
N GLY I 25 -2.36 119.08 5.33
CA GLY I 25 -2.82 117.88 4.67
C GLY I 25 -3.70 118.20 3.48
N PRO I 26 -4.25 117.16 2.85
CA PRO I 26 -5.11 117.39 1.67
C PRO I 26 -6.43 118.02 2.01
N ASP I 27 -6.91 117.85 3.24
CA ASP I 27 -8.14 118.47 3.71
C ASP I 27 -7.90 119.63 4.68
N THR I 28 -6.64 119.91 5.01
CA THR I 28 -6.31 120.87 6.07
C THR I 28 -5.39 121.95 5.50
N THR I 29 -5.82 123.21 5.56
CA THR I 29 -5.00 124.34 5.11
C THR I 29 -4.97 125.41 6.18
N VAL I 30 -3.80 126.01 6.38
CA VAL I 30 -3.58 126.96 7.47
C VAL I 30 -3.19 128.32 6.90
N TYR I 31 -3.89 129.35 7.34
CA TYR I 31 -3.71 130.71 6.87
C TYR I 31 -3.11 131.54 8.00
N SER I 32 -2.11 132.36 7.66
CA SER I 32 -1.57 133.34 8.59
C SER I 32 -2.34 134.65 8.41
N LEU I 33 -2.80 135.19 9.53
CA LEU I 33 -3.59 136.42 9.59
C LEU I 33 -2.70 137.58 9.98
N PRO I 34 -3.20 138.80 9.92
CA PRO I 34 -2.37 139.96 10.30
C PRO I 34 -1.95 139.89 11.76
N GLY I 35 -0.78 140.43 12.05
CA GLY I 35 -0.27 140.41 13.41
C GLY I 35 0.30 139.08 13.85
N HIS I 36 0.68 138.22 12.89
CA HIS I 36 1.20 136.89 13.17
C HIS I 36 2.71 136.96 13.25
N THR I 37 3.24 137.17 14.45
CA THR I 37 4.65 136.96 14.67
C THR I 37 4.90 135.51 15.04
N PRO I 38 6.11 134.99 14.81
CA PRO I 38 6.38 133.60 15.24
C PRO I 38 6.27 133.44 16.74
N VAL I 39 6.63 134.49 17.49
CA VAL I 39 6.52 134.42 18.95
C VAL I 39 5.06 134.40 19.38
N ASN I 40 4.22 135.23 18.76
CA ASN I 40 2.81 135.37 19.12
C ASN I 40 1.95 135.04 17.91
N PRO I 41 1.86 133.76 17.54
CA PRO I 41 1.18 133.41 16.28
C PRO I 41 -0.31 133.64 16.33
N PHE I 42 -0.87 133.94 15.16
CA PHE I 42 -2.31 134.17 15.01
C PHE I 42 -2.72 133.65 13.64
N THR I 43 -3.53 132.57 13.62
CA THR I 43 -3.76 131.79 12.42
C THR I 43 -5.17 131.22 12.37
N LEU I 44 -5.69 131.13 11.15
CA LEU I 44 -6.95 130.44 10.85
C LEU I 44 -6.63 129.10 10.20
N THR I 45 -6.98 128.02 10.88
CA THR I 45 -6.88 126.68 10.32
C THR I 45 -8.25 126.26 9.79
N ALA I 46 -8.26 125.66 8.60
CA ALA I 46 -9.50 125.25 7.95
C ALA I 46 -9.39 123.79 7.56
N VAL I 47 -10.30 122.97 8.08
CA VAL I 47 -10.32 121.54 7.84
C VAL I 47 -11.69 121.20 7.28
N SER I 48 -11.74 120.88 5.98
CA SER I 48 -13.01 120.52 5.32
C SER I 48 -12.91 119.05 4.91
N ARG I 49 -13.71 118.20 5.54
CA ARG I 49 -13.70 116.77 5.28
C ARG I 49 -14.92 116.37 4.48
N LEU I 50 -14.68 115.77 3.31
CA LEU I 50 -15.74 115.39 2.40
C LEU I 50 -16.58 114.26 2.98
N PRO I 51 -17.79 114.06 2.45
CA PRO I 51 -18.60 112.94 2.90
C PRO I 51 -18.11 111.65 2.28
N VAL I 52 -18.06 110.61 3.09
CA VAL I 52 -17.75 109.27 2.64
C VAL I 52 -19.02 108.44 2.67
N PRO I 53 -19.53 108.01 1.52
CA PRO I 53 -20.77 107.21 1.52
C PRO I 53 -20.55 105.90 2.23
N ARG I 54 -21.59 105.46 2.94
CA ARG I 54 -21.60 104.18 3.62
C ARG I 54 -22.76 103.38 3.06
N LYS I 55 -22.66 102.06 3.12
CA LYS I 55 -23.66 101.21 2.47
C LYS I 55 -25.01 101.43 3.13
N GLY I 56 -25.93 102.06 2.41
CA GLY I 56 -27.22 102.43 2.95
C GLY I 56 -27.27 103.79 3.63
N ASN I 57 -26.15 104.49 3.71
CA ASN I 57 -26.08 105.78 4.40
C ASN I 57 -25.43 106.80 3.49
N ALA I 58 -26.06 107.96 3.34
CA ALA I 58 -25.42 109.05 2.64
C ALA I 58 -24.30 109.65 3.50
N GLY I 59 -23.35 110.28 2.84
CA GLY I 59 -22.25 110.90 3.55
C GLY I 59 -22.70 112.11 4.38
N THR I 60 -21.76 112.62 5.16
CA THR I 60 -21.94 113.89 5.88
C THR I 60 -20.67 114.71 5.75
N THR I 61 -20.81 115.96 5.32
CA THR I 61 -19.69 116.88 5.17
C THR I 61 -19.38 117.55 6.49
N LYS I 62 -18.13 117.45 6.94
CA LYS I 62 -17.70 118.15 8.15
C LYS I 62 -16.81 119.33 7.74
N THR I 63 -16.92 120.43 8.47
CA THR I 63 -16.20 121.66 8.17
C THR I 63 -15.80 122.31 9.48
N THR I 64 -14.53 122.63 9.64
CA THR I 64 -14.04 123.17 10.91
C THR I 64 -13.13 124.35 10.61
N LEU I 65 -13.41 125.50 11.23
CA LEU I 65 -12.66 126.74 11.05
C LEU I 65 -12.24 127.23 12.43
N SER I 66 -10.94 127.26 12.70
CA SER I 66 -10.40 127.60 14.02
C SER I 66 -9.50 128.83 13.91
N LEU I 67 -9.82 129.87 14.67
CA LEU I 67 -8.89 130.97 14.86
C LEU I 67 -8.15 130.77 16.17
N ARG I 68 -6.82 130.88 16.14
CA ARG I 68 -5.98 130.71 17.32
C ARG I 68 -4.95 131.82 17.39
N ARG I 69 -4.94 132.56 18.50
CA ARG I 69 -4.03 133.70 18.68
C ARG I 69 -3.45 133.65 20.08
N GLU I 70 -2.12 133.62 20.19
CA GLU I 70 -1.44 133.44 21.47
C GLU I 70 -1.04 134.82 21.99
N VAL I 71 -1.81 135.35 22.94
CA VAL I 71 -1.60 136.69 23.46
C VAL I 71 -0.56 136.67 24.56
N THR I 72 0.26 137.71 24.62
CA THR I 72 1.04 137.98 25.81
C THR I 72 0.12 138.58 26.86
N ILE I 73 0.05 137.94 28.02
CA ILE I 73 -0.81 138.35 29.12
C ILE I 73 0.04 139.02 30.17
N ASN I 74 -0.48 140.16 30.66
CA ASN I 74 0.08 141.00 31.73
C ASN I 74 1.59 141.14 31.60
N LYS I 75 1.99 141.74 30.47
CA LYS I 75 3.40 141.92 30.13
C LYS I 75 4.14 142.74 31.17
N GLY I 76 3.62 143.93 31.50
CA GLY I 76 4.29 144.77 32.45
C GLY I 76 4.48 144.09 33.80
N THR I 77 3.49 143.32 34.22
CA THR I 77 3.50 142.66 35.50
C THR I 77 4.39 141.40 35.43
N ASP I 78 4.77 140.89 36.60
CA ASP I 78 5.45 139.60 36.67
C ASP I 78 4.51 138.49 36.23
N GLN I 79 5.12 137.35 35.86
CA GLN I 79 4.39 136.21 35.30
C GLN I 79 3.69 136.58 33.99
N GLU I 80 4.32 137.47 33.21
CA GLU I 80 3.96 137.63 31.80
C GLU I 80 3.96 136.30 31.09
N LYS I 81 2.85 135.93 30.44
CA LYS I 81 2.80 134.62 29.80
C LYS I 81 2.13 134.66 28.44
N ILE I 82 2.68 133.92 27.47
CA ILE I 82 2.05 133.79 26.16
C ILE I 82 1.06 132.64 26.22
N VAL I 83 -0.22 132.95 26.02
CA VAL I 83 -1.30 131.97 26.24
C VAL I 83 -2.26 132.06 25.07
N PRO I 84 -2.72 130.93 24.52
CA PRO I 84 -3.57 130.97 23.32
C PRO I 84 -5.07 131.10 23.58
N MET I 85 -5.74 132.01 22.88
CA MET I 85 -7.19 132.04 22.82
C MET I 85 -7.64 131.43 21.50
N ILE I 86 -8.73 130.68 21.54
CA ILE I 86 -9.21 129.95 20.37
C ILE I 86 -10.71 130.14 20.23
N ALA I 87 -11.15 130.37 18.98
CA ALA I 87 -12.57 130.42 18.63
C ALA I 87 -12.80 129.61 17.36
N ARG I 88 -13.65 128.57 17.46
CA ARG I 88 -13.90 127.59 16.41
C ARG I 88 -15.36 127.59 15.99
N ILE I 89 -15.54 127.39 14.70
CA ILE I 89 -16.82 127.03 14.12
C ILE I 89 -16.67 125.60 13.63
N GLU I 90 -17.54 124.70 14.08
CA GLU I 90 -17.53 123.31 13.62
C GLU I 90 -18.91 122.95 13.12
N THR I 91 -19.00 122.35 11.93
CA THR I 91 -20.27 122.16 11.25
C THR I 91 -20.35 120.82 10.57
N SER I 92 -21.35 120.02 10.92
CA SER I 92 -21.60 118.72 10.28
C SER I 92 -22.93 118.80 9.54
N VAL I 93 -22.87 118.79 8.21
CA VAL I 93 -24.02 118.90 7.34
C VAL I 93 -24.16 117.59 6.57
N PRO I 94 -25.19 116.78 6.84
CA PRO I 94 -25.43 115.60 6.01
C PRO I 94 -25.78 115.99 4.58
N VAL I 95 -25.68 115.01 3.67
CA VAL I 95 -25.69 115.32 2.24
C VAL I 95 -27.02 115.95 1.82
N GLY I 96 -28.14 115.31 2.16
CA GLY I 96 -29.45 115.74 1.69
C GLY I 96 -29.90 117.10 2.18
N VAL I 97 -29.17 117.72 3.11
CA VAL I 97 -29.60 118.97 3.71
C VAL I 97 -29.78 120.06 2.65
N SER I 98 -30.78 120.91 2.85
CA SER I 98 -31.07 122.01 1.94
C SER I 98 -30.28 123.26 2.32
N GLN I 99 -29.73 123.92 1.30
CA GLN I 99 -28.92 125.12 1.53
C GLN I 99 -29.73 126.20 2.24
N ASP I 100 -31.03 126.27 1.96
CA ASP I 100 -31.88 127.26 2.59
C ASP I 100 -31.92 127.05 4.10
N ASP I 101 -32.29 125.84 4.53
CA ASP I 101 -32.39 125.53 5.94
C ASP I 101 -31.07 125.75 6.64
N PHE I 102 -29.97 125.30 6.03
CA PHE I 102 -28.70 125.40 6.73
C PHE I 102 -28.21 126.84 6.81
N LYS I 103 -28.42 127.65 5.76
CA LYS I 103 -28.08 129.06 5.87
C LYS I 103 -28.89 129.75 6.96
N ALA I 104 -30.14 129.31 7.15
CA ALA I 104 -30.93 129.85 8.25
C ALA I 104 -30.29 129.54 9.60
N MET I 105 -29.92 128.28 9.83
CA MET I 105 -29.21 127.95 11.07
C MET I 105 -27.93 128.75 11.23
N ILE I 106 -27.18 128.93 10.13
CA ILE I 106 -25.92 129.66 10.21
C ILE I 106 -26.16 131.10 10.64
N GLU I 107 -27.11 131.77 9.99
CA GLU I 107 -27.44 133.14 10.33
C GLU I 107 -27.84 133.26 11.79
N GLY I 108 -28.61 132.29 12.28
CA GLY I 108 -28.92 132.28 13.70
C GLY I 108 -27.69 132.13 14.57
N LEU I 109 -26.80 131.19 14.20
CA LEU I 109 -25.61 130.92 15.00
C LEU I 109 -24.67 132.12 15.06
N ALA I 110 -24.67 132.95 14.01
CA ALA I 110 -23.77 134.10 14.01
C ALA I 110 -24.19 135.17 15.02
N CYS I 111 -25.42 135.07 15.55
CA CYS I 111 -25.95 136.14 16.41
C CYS I 111 -25.19 136.32 17.71
N PRO I 112 -24.91 135.28 18.51
CA PRO I 112 -24.17 135.51 19.77
C PRO I 112 -22.77 136.04 19.56
N LEU I 113 -22.18 135.81 18.39
CA LEU I 113 -20.83 136.32 18.15
C LEU I 113 -20.81 137.85 18.10
N LEU I 114 -21.81 138.44 17.48
CA LEU I 114 -21.82 139.89 17.25
C LEU I 114 -22.59 140.58 18.36
N LEU I 115 -22.03 140.54 19.57
CA LEU I 115 -22.63 141.15 20.75
C LEU I 115 -21.70 142.20 21.35
N ASP I 116 -22.28 143.00 22.25
CA ASP I 116 -21.55 144.07 22.90
C ASP I 116 -20.58 143.53 23.95
N GLU I 117 -19.61 144.38 24.31
CA GLU I 117 -18.55 143.95 25.21
C GLU I 117 -19.11 143.45 26.54
N ILE I 118 -20.20 144.04 27.01
CA ILE I 118 -20.77 143.64 28.29
C ILE I 118 -21.19 142.17 28.24
N HIS I 119 -22.03 141.81 27.28
CA HIS I 119 -22.49 140.42 27.18
C HIS I 119 -21.32 139.48 26.85
N VAL I 120 -20.39 139.93 26.01
CA VAL I 120 -19.31 139.02 25.62
C VAL I 120 -18.39 138.71 26.80
N ASN I 121 -18.07 139.71 27.62
CA ASN I 121 -17.28 139.45 28.81
C ASN I 121 -18.07 138.63 29.82
N ASP I 122 -19.38 138.89 29.94
CA ASP I 122 -20.17 138.11 30.88
C ASP I 122 -20.25 136.63 30.50
N LEU I 123 -20.30 136.32 29.20
CA LEU I 123 -20.50 134.95 28.75
C LEU I 123 -19.21 134.20 28.42
N PHE I 124 -18.37 134.76 27.53
CA PHE I 124 -17.25 134.01 26.98
C PHE I 124 -16.02 134.02 27.88
N LEU I 125 -15.84 135.07 28.67
CA LEU I 125 -14.68 135.17 29.55
C LEU I 125 -15.05 134.80 30.99
N SER I 126 -16.04 135.48 31.57
CA SER I 126 -16.39 135.24 32.96
C SER I 126 -17.05 133.87 33.13
N GLY I 127 -17.85 133.45 32.16
CA GLY I 127 -18.49 132.16 32.20
C GLY I 127 -19.90 132.14 32.75
N LEU I 128 -20.55 133.29 32.86
CA LEU I 128 -21.90 133.36 33.40
C LEU I 128 -22.87 132.62 32.48
N PRO I 129 -24.08 132.32 32.95
CA PRO I 129 -25.09 131.77 32.05
C PRO I 129 -25.61 132.81 31.07
N ILE I 130 -26.32 132.33 30.03
CA ILE I 130 -26.83 133.22 29.00
C ILE I 130 -27.86 134.17 29.60
N ALA I 131 -27.74 135.46 29.24
CA ALA I 131 -28.71 136.47 29.69
C ALA I 131 -29.97 136.37 28.84
N THR I 132 -31.06 135.89 29.45
CA THR I 132 -32.33 135.72 28.75
C THR I 132 -33.17 136.99 28.89
N THR I 133 -33.86 137.38 27.82
CA THR I 133 -34.66 138.59 27.84
C THR I 133 -36.08 138.28 27.37
N ASP I 134 -37.07 138.56 28.22
CA ASP I 134 -38.45 138.33 27.83
C ASP I 134 -38.80 139.15 26.60
N VAL I 135 -39.30 138.47 25.57
CA VAL I 135 -39.74 139.15 24.35
C VAL I 135 -40.99 139.95 24.65
N PRO I 136 -41.05 141.24 24.33
CA PRO I 136 -42.28 141.99 24.57
C PRO I 136 -43.42 141.44 23.72
N ASP I 137 -44.47 140.95 24.40
CA ASP I 137 -45.63 140.46 23.67
C ASP I 137 -46.21 141.55 22.77
N ASN I 138 -46.08 142.81 23.18
CA ASN I 138 -46.59 143.90 22.38
C ASN I 138 -45.80 144.05 21.08
N GLU I 139 -44.49 143.88 21.14
CA GLU I 139 -43.66 144.05 19.97
C GLU I 139 -43.84 142.89 19.00
N PRO I 140 -43.52 143.07 17.72
CA PRO I 140 -43.73 141.99 16.75
C PRO I 140 -42.84 140.80 17.05
N LEU I 141 -43.31 139.63 16.64
CA LEU I 141 -42.56 138.41 16.92
C LEU I 141 -41.27 138.39 16.10
N PRO I 142 -40.15 138.02 16.70
CA PRO I 142 -38.85 138.02 15.99
C PRO I 142 -38.82 136.96 14.90
N PRO I 143 -37.83 137.00 14.00
CA PRO I 143 -37.79 136.04 12.89
C PRO I 143 -37.72 134.61 13.38
N ALA I 144 -38.38 133.71 12.64
CA ALA I 144 -38.58 132.34 13.06
C ALA I 144 -37.30 131.51 13.02
N LEU I 145 -36.25 131.96 12.34
CA LEU I 145 -34.98 131.25 12.23
C LEU I 145 -35.07 130.00 11.36
N LEU I 146 -36.14 129.90 10.57
CA LEU I 146 -36.44 128.73 9.72
C LEU I 146 -36.09 127.40 10.36
N SER J 1 -26.15 146.41 85.93
CA SER J 1 -27.54 146.42 85.47
C SER J 1 -27.73 145.61 84.20
N ILE J 2 -28.50 146.16 83.27
CA ILE J 2 -28.74 145.54 81.97
C ILE J 2 -28.04 146.39 80.92
N LYS J 3 -27.33 145.72 80.01
CA LYS J 3 -26.48 146.41 79.06
C LYS J 3 -26.94 146.16 77.63
N TYR J 4 -26.94 147.23 76.82
CA TYR J 4 -26.90 147.11 75.38
C TYR J 4 -25.68 146.27 75.01
N ILE J 5 -25.94 145.16 74.31
CA ILE J 5 -24.91 144.43 73.60
C ILE J 5 -24.66 145.07 72.24
N PHE J 6 -25.74 145.35 71.51
CA PHE J 6 -25.67 146.04 70.22
C PHE J 6 -26.81 147.05 70.15
N LYS J 7 -26.46 148.34 70.13
CA LYS J 7 -27.44 149.39 69.99
C LYS J 7 -27.86 149.47 68.53
N LYS J 8 -29.18 149.51 68.29
CA LYS J 8 -29.70 149.59 66.94
C LYS J 8 -29.38 150.93 66.30
N THR J 9 -28.99 150.89 65.02
CA THR J 9 -28.70 152.08 64.24
C THR J 9 -29.70 152.23 63.11
N ASP J 10 -30.02 153.48 62.78
CA ASP J 10 -30.92 153.77 61.66
C ASP J 10 -30.12 153.68 60.35
N THR J 11 -29.62 152.48 60.08
CA THR J 11 -28.85 152.19 58.87
C THR J 11 -29.57 151.05 58.14
N LEU J 12 -30.29 151.40 57.08
CA LEU J 12 -31.05 150.39 56.34
C LEU J 12 -30.10 149.40 55.67
N PRO J 13 -30.49 148.14 55.56
CA PRO J 13 -29.66 147.17 54.85
C PRO J 13 -29.76 147.37 53.35
N ARG J 14 -28.62 147.22 52.67
CA ARG J 14 -28.61 147.24 51.22
C ARG J 14 -29.37 146.03 50.70
N SER J 15 -30.32 146.27 49.80
CA SER J 15 -30.93 145.18 49.07
C SER J 15 -29.86 144.39 48.33
N VAL J 16 -30.11 143.10 48.11
CA VAL J 16 -29.14 142.19 47.52
C VAL J 16 -29.58 141.87 46.10
N ILE J 17 -28.73 142.23 45.14
CA ILE J 17 -29.04 142.09 43.73
C ILE J 17 -28.01 141.19 43.10
N GLY J 18 -28.43 140.33 42.19
CA GLY J 18 -27.49 139.40 41.60
C GLY J 18 -28.06 138.69 40.39
N ASN J 19 -27.37 137.62 40.00
CA ASN J 19 -27.86 136.74 38.94
C ASN J 19 -27.37 135.33 39.22
N VAL J 20 -28.26 134.35 39.05
CA VAL J 20 -27.91 132.97 39.34
C VAL J 20 -26.76 132.53 38.44
N LEU J 21 -25.73 131.94 39.05
CA LEU J 21 -24.53 131.50 38.33
C LEU J 21 -24.54 130.00 38.04
N ARG J 22 -24.57 129.18 39.08
CA ARG J 22 -24.55 127.74 38.89
C ARG J 22 -25.30 127.09 40.04
N THR J 23 -25.85 125.92 39.78
CA THR J 23 -26.55 125.12 40.77
C THR J 23 -25.68 123.89 41.02
N THR J 24 -24.86 123.97 42.07
CA THR J 24 -23.92 122.90 42.36
C THR J 24 -24.65 121.59 42.64
N GLY J 25 -25.59 121.61 43.57
CA GLY J 25 -26.36 120.45 43.93
C GLY J 25 -27.84 120.76 43.99
N PRO J 26 -28.65 119.76 44.37
CA PRO J 26 -30.09 119.99 44.47
C PRO J 26 -30.46 120.95 45.58
N ASP J 27 -29.70 120.95 46.68
CA ASP J 27 -29.92 121.85 47.80
C ASP J 27 -29.01 123.08 47.78
N THR J 28 -28.07 123.15 46.84
CA THR J 28 -27.04 124.19 46.84
C THR J 28 -27.08 124.94 45.53
N THR J 29 -27.24 126.27 45.61
CA THR J 29 -27.23 127.12 44.42
C THR J 29 -26.32 128.32 44.68
N VAL J 30 -25.58 128.72 43.64
CA VAL J 30 -24.55 129.75 43.77
C VAL J 30 -24.85 130.89 42.81
N TYR J 31 -24.97 132.09 43.37
CA TYR J 31 -25.32 133.30 42.64
C TYR J 31 -24.06 134.15 42.49
N SER J 32 -23.91 134.74 41.30
CA SER J 32 -22.87 135.72 41.04
C SER J 32 -23.44 137.12 41.26
N LEU J 33 -22.72 137.91 42.04
CA LEU J 33 -23.11 139.24 42.45
C LEU J 33 -22.40 140.28 41.60
N PRO J 34 -22.77 141.56 41.71
CA PRO J 34 -22.10 142.58 40.92
C PRO J 34 -20.63 142.71 41.30
N GLY J 35 -19.79 143.04 40.32
CA GLY J 35 -18.37 143.14 40.55
C GLY J 35 -17.63 141.82 40.56
N HIS J 36 -18.31 140.73 40.22
CA HIS J 36 -17.69 139.41 40.12
C HIS J 36 -16.87 139.35 38.84
N THR J 37 -15.58 139.60 38.95
CA THR J 37 -14.68 139.29 37.85
C THR J 37 -14.17 137.87 38.00
N PRO J 38 -13.64 137.28 36.93
CA PRO J 38 -12.95 135.98 37.10
C PRO J 38 -11.76 136.10 38.03
N VAL J 39 -11.05 137.22 37.97
CA VAL J 39 -9.88 137.42 38.82
C VAL J 39 -10.30 137.58 40.27
N ASN J 40 -11.35 138.37 40.53
CA ASN J 40 -11.79 138.72 41.88
C ASN J 40 -13.24 138.24 42.03
N PRO J 41 -13.45 136.94 42.27
CA PRO J 41 -14.82 136.43 42.33
C PRO J 41 -15.58 136.99 43.51
N PHE J 42 -16.90 137.07 43.35
CA PHE J 42 -17.77 137.64 44.38
C PHE J 42 -19.12 136.94 44.26
N THR J 43 -19.46 136.11 45.25
CA THR J 43 -20.57 135.18 45.10
C THR J 43 -21.33 134.99 46.41
N LEU J 44 -22.64 134.79 46.27
CA LEU J 44 -23.50 134.33 47.35
C LEU J 44 -23.81 132.85 47.12
N THR J 45 -23.45 132.01 48.07
CA THR J 45 -23.79 130.60 48.02
C THR J 45 -24.91 130.33 49.02
N ALA J 46 -25.94 129.60 48.59
CA ALA J 46 -27.11 129.31 49.41
C ALA J 46 -27.29 127.80 49.47
N VAL J 47 -27.33 127.26 50.69
CA VAL J 47 -27.47 125.85 50.93
C VAL J 47 -28.64 125.66 51.90
N SER J 48 -29.76 125.17 51.40
CA SER J 48 -30.97 124.98 52.20
C SER J 48 -31.25 123.48 52.30
N ARG J 49 -31.07 122.92 53.48
CA ARG J 49 -31.23 121.49 53.70
C ARG J 49 -32.54 121.23 54.44
N LEU J 50 -33.40 120.44 53.80
CA LEU J 50 -34.74 120.15 54.29
C LEU J 50 -34.67 119.28 55.53
N PRO J 51 -35.73 119.26 56.34
CA PRO J 51 -35.73 118.43 57.54
C PRO J 51 -35.99 116.98 57.17
N VAL J 52 -35.21 116.08 57.75
CA VAL J 52 -35.42 114.65 57.62
C VAL J 52 -36.03 114.15 58.93
N PRO J 53 -37.25 113.63 58.92
CA PRO J 53 -37.86 113.14 60.15
C PRO J 53 -37.20 111.86 60.62
N ARG J 54 -37.01 111.79 61.93
CA ARG J 54 -36.42 110.63 62.58
C ARG J 54 -37.51 109.97 63.42
N LYS J 55 -37.30 108.71 63.78
CA LYS J 55 -38.33 107.99 64.52
C LYS J 55 -38.45 108.56 65.92
N GLY J 56 -39.55 109.27 66.18
CA GLY J 56 -39.74 109.97 67.43
C GLY J 56 -39.17 111.37 67.47
N ASN J 57 -38.53 111.82 66.41
CA ASN J 57 -37.94 113.16 66.35
C ASN J 57 -38.40 113.87 65.10
N ALA J 58 -38.94 115.07 65.26
CA ALA J 58 -39.22 115.89 64.09
C ALA J 58 -37.91 116.29 63.41
N GLY J 59 -38.03 116.69 62.15
CA GLY J 59 -36.87 117.19 61.44
C GLY J 59 -36.46 118.57 61.91
N THR J 60 -35.29 119.01 61.43
CA THR J 60 -34.82 120.38 61.62
C THR J 60 -34.30 120.90 60.29
N THR J 61 -34.77 122.08 59.89
CA THR J 61 -34.35 122.72 58.65
C THR J 61 -33.08 123.53 58.86
N LYS J 62 -32.06 123.30 58.04
CA LYS J 62 -30.85 124.09 58.10
C LYS J 62 -30.77 124.96 56.86
N THR J 63 -30.22 126.17 57.03
CA THR J 63 -30.16 127.16 55.97
C THR J 63 -28.85 127.92 56.10
N THR J 64 -28.10 128.06 55.01
CA THR J 64 -26.77 128.66 55.10
C THR J 64 -26.57 129.59 53.90
N LEU J 65 -26.29 130.86 54.18
CA LEU J 65 -26.08 131.89 53.17
C LEU J 65 -24.69 132.49 53.37
N SER J 66 -23.81 132.36 52.38
CA SER J 66 -22.43 132.82 52.49
C SER J 66 -22.10 133.82 51.39
N LEU J 67 -21.65 135.00 51.77
CA LEU J 67 -21.10 135.96 50.84
C LEU J 67 -19.58 135.87 50.88
N ARG J 68 -18.97 135.55 49.73
CA ARG J 68 -17.52 135.42 49.63
C ARG J 68 -17.01 136.36 48.55
N ARG J 69 -16.12 137.27 48.93
CA ARG J 69 -15.46 138.18 47.99
C ARG J 69 -13.95 138.06 48.15
N GLU J 70 -13.26 137.77 47.06
CA GLU J 70 -11.80 137.69 47.06
C GLU J 70 -11.25 139.03 46.60
N VAL J 71 -10.74 139.81 47.54
CA VAL J 71 -10.31 141.17 47.30
C VAL J 71 -8.80 141.21 47.13
N THR J 72 -8.33 142.11 46.26
CA THR J 72 -6.90 142.36 46.14
C THR J 72 -6.45 143.22 47.32
N ILE J 73 -5.43 142.75 48.04
CA ILE J 73 -4.88 143.44 49.19
C ILE J 73 -3.58 144.11 48.79
N ASN J 74 -3.40 145.35 49.26
CA ASN J 74 -2.25 146.23 49.06
C ASN J 74 -1.70 146.15 47.63
N LYS J 75 -2.57 146.54 46.70
CA LYS J 75 -2.24 146.52 45.28
C LYS J 75 -1.00 147.37 44.98
N GLY J 76 -0.99 148.61 45.46
CA GLY J 76 0.14 149.48 45.16
C GLY J 76 1.45 148.94 45.72
N THR J 77 1.40 148.38 46.92
CA THR J 77 2.59 147.85 47.56
C THR J 77 2.99 146.53 46.90
N ASP J 78 4.25 146.15 47.10
CA ASP J 78 4.71 144.84 46.69
C ASP J 78 4.00 143.75 47.48
N GLN J 79 3.97 142.55 46.89
CA GLN J 79 3.31 141.38 47.49
C GLN J 79 1.80 141.58 47.59
N GLU J 80 1.20 142.18 46.57
CA GLU J 80 -0.25 142.30 46.53
C GLU J 80 -0.85 140.91 46.41
N LYS J 81 -1.94 140.66 47.12
CA LYS J 81 -2.47 139.28 47.13
C LYS J 81 -3.99 139.28 47.14
N ILE J 82 -4.58 138.37 46.37
CA ILE J 82 -6.03 138.20 46.37
C ILE J 82 -6.41 137.27 47.51
N VAL J 83 -7.13 137.81 48.48
CA VAL J 83 -7.44 137.06 49.70
C VAL J 83 -8.94 137.12 49.91
N PRO J 84 -9.59 136.03 50.34
CA PRO J 84 -11.05 136.06 50.50
C PRO J 84 -11.55 136.55 51.85
N MET J 85 -12.57 137.41 51.83
CA MET J 85 -13.33 137.74 53.02
C MET J 85 -14.71 137.11 52.89
N ILE J 86 -15.22 136.59 54.00
CA ILE J 86 -16.46 135.83 54.00
C ILE J 86 -17.35 136.32 55.12
N ALA J 87 -18.66 136.41 54.84
CA ALA J 87 -19.67 136.66 55.85
C ALA J 87 -20.84 135.69 55.64
N ARG J 88 -21.11 134.85 56.66
CA ARG J 88 -22.11 133.79 56.62
C ARG J 88 -23.21 134.01 57.63
N ILE J 89 -24.43 133.71 57.21
CA ILE J 89 -25.56 133.48 58.08
C ILE J 89 -25.82 131.98 58.05
N GLU J 90 -25.90 131.36 59.22
CA GLU J 90 -26.23 129.93 59.31
C GLU J 90 -27.35 129.78 60.33
N THR J 91 -28.39 129.02 59.97
CA THR J 91 -29.59 128.96 60.79
C THR J 91 -30.18 127.56 60.80
N SER J 92 -30.32 126.99 62.01
CA SER J 92 -30.99 125.71 62.20
C SER J 92 -32.29 125.91 62.98
N VAL J 93 -33.42 125.59 62.35
CA VAL J 93 -34.74 125.77 62.94
C VAL J 93 -35.41 124.42 63.01
N PRO J 94 -35.74 123.91 64.20
CA PRO J 94 -36.57 122.71 64.28
C PRO J 94 -37.99 122.98 63.81
N VAL J 95 -38.72 121.90 63.52
CA VAL J 95 -40.01 122.04 62.86
C VAL J 95 -41.03 122.75 63.75
N GLY J 96 -41.10 122.36 65.02
CA GLY J 96 -42.09 122.89 65.95
C GLY J 96 -42.02 124.39 66.20
N VAL J 97 -41.02 125.08 65.66
CA VAL J 97 -40.80 126.48 65.97
C VAL J 97 -41.91 127.37 65.38
N SER J 98 -42.26 128.42 66.11
CA SER J 98 -43.19 129.44 65.62
C SER J 98 -42.45 130.51 64.83
N GLN J 99 -43.02 130.87 63.68
CA GLN J 99 -42.42 131.90 62.84
C GLN J 99 -42.26 133.21 63.60
N ASP J 100 -43.14 133.49 64.56
CA ASP J 100 -43.02 134.67 65.39
C ASP J 100 -41.73 134.66 66.20
N ASP J 101 -41.53 133.59 66.98
CA ASP J 101 -40.33 133.43 67.79
C ASP J 101 -39.08 133.55 66.92
N PHE J 102 -39.09 132.88 65.78
CA PHE J 102 -37.86 132.84 64.99
C PHE J 102 -37.59 134.17 64.29
N LYS J 103 -38.63 134.86 63.81
CA LYS J 103 -38.37 136.17 63.23
C LYS J 103 -37.88 137.14 64.30
N ALA J 104 -38.30 136.95 65.55
CA ALA J 104 -37.74 137.74 66.65
C ALA J 104 -36.24 137.51 66.76
N MET J 105 -35.81 136.24 66.81
CA MET J 105 -34.37 135.98 66.84
C MET J 105 -33.66 136.58 65.65
N ILE J 106 -34.27 136.52 64.46
CA ILE J 106 -33.60 137.04 63.26
C ILE J 106 -33.42 138.53 63.37
N GLU J 107 -34.49 139.25 63.74
CA GLU J 107 -34.41 140.70 63.89
C GLU J 107 -33.33 141.08 64.89
N GLY J 108 -33.23 140.33 65.98
CA GLY J 108 -32.11 140.55 66.90
C GLY J 108 -30.76 140.35 66.24
N LEU J 109 -30.61 139.23 65.55
CA LEU J 109 -29.32 138.87 64.93
C LEU J 109 -28.88 139.89 63.90
N ALA J 110 -29.84 140.57 63.26
CA ALA J 110 -29.48 141.53 62.22
C ALA J 110 -28.81 142.77 62.79
N CYS J 111 -29.09 143.09 64.07
CA CYS J 111 -28.64 144.34 64.66
C CYS J 111 -27.14 144.58 64.59
N PRO J 112 -26.26 143.63 64.98
CA PRO J 112 -24.82 143.92 64.91
C PRO J 112 -24.29 144.15 63.51
N LEU J 113 -24.97 143.61 62.49
CA LEU J 113 -24.51 143.83 61.13
C LEU J 113 -24.63 145.30 60.73
N LEU J 114 -25.69 145.96 61.17
CA LEU J 114 -25.97 147.32 60.73
C LEU J 114 -25.45 148.32 61.76
N LEU J 115 -24.13 148.43 61.82
CA LEU J 115 -23.46 149.33 62.75
C LEU J 115 -22.50 150.25 62.02
N ASP J 116 -22.06 151.30 62.72
CA ASP J 116 -21.17 152.29 62.15
C ASP J 116 -19.76 151.74 61.95
N GLU J 117 -18.99 152.45 61.13
CA GLU J 117 -17.65 151.98 60.76
C GLU J 117 -16.76 151.79 61.99
N ILE J 118 -16.94 152.64 63.00
CA ILE J 118 -16.07 152.55 64.18
C ILE J 118 -16.26 151.21 64.87
N HIS J 119 -17.51 150.86 65.20
CA HIS J 119 -17.77 149.60 65.86
C HIS J 119 -17.44 148.42 64.96
N VAL J 120 -17.72 148.54 63.66
CA VAL J 120 -17.47 147.42 62.76
C VAL J 120 -15.99 147.11 62.68
N ASN J 121 -15.16 148.15 62.56
CA ASN J 121 -13.72 147.95 62.51
C ASN J 121 -13.19 147.46 63.87
N ASP J 122 -13.78 147.94 64.97
CA ASP J 122 -13.31 147.49 66.28
C ASP J 122 -13.62 146.02 66.52
N LEU J 123 -14.77 145.54 66.05
CA LEU J 123 -15.19 144.17 66.34
C LEU J 123 -14.77 143.17 65.28
N PHE J 124 -15.15 143.39 64.02
CA PHE J 124 -15.00 142.36 62.99
C PHE J 124 -13.61 142.30 62.39
N LEU J 125 -12.86 143.40 62.45
CA LEU J 125 -11.51 143.47 61.87
C LEU J 125 -10.42 143.51 62.92
N SER J 126 -10.50 144.42 63.89
CA SER J 126 -9.47 144.51 64.92
C SER J 126 -9.59 143.35 65.91
N GLY J 127 -10.82 142.91 66.17
CA GLY J 127 -11.04 141.79 67.06
C GLY J 127 -11.29 142.16 68.50
N LEU J 128 -11.64 143.42 68.77
CA LEU J 128 -11.89 143.88 70.13
C LEU J 128 -13.12 143.21 70.71
N PRO J 129 -13.29 143.23 72.03
CA PRO J 129 -14.51 142.67 72.62
C PRO J 129 -15.69 143.57 72.33
N ILE J 130 -16.89 143.02 72.49
CA ILE J 130 -18.11 143.78 72.21
C ILE J 130 -18.19 144.98 73.13
N ALA J 131 -18.50 146.15 72.56
CA ALA J 131 -18.65 147.37 73.34
C ALA J 131 -20.01 147.38 74.01
N THR J 132 -20.04 147.15 75.32
CA THR J 132 -21.29 147.14 76.08
C THR J 132 -21.63 148.55 76.55
N THR J 133 -22.91 148.89 76.50
CA THR J 133 -23.35 150.24 76.88
C THR J 133 -24.45 150.12 77.93
N ASP J 134 -24.23 150.72 79.09
CA ASP J 134 -25.26 150.69 80.13
C ASP J 134 -26.54 151.35 79.63
N VAL J 135 -27.65 150.63 79.75
CA VAL J 135 -28.94 151.17 79.34
C VAL J 135 -29.36 152.24 80.35
N PRO J 136 -29.72 153.44 79.92
CA PRO J 136 -30.16 154.46 80.89
C PRO J 136 -31.46 154.00 81.55
N ASP J 137 -31.39 153.82 82.87
CA ASP J 137 -32.61 153.51 83.62
C ASP J 137 -33.66 154.58 83.41
N ASN J 138 -33.22 155.80 83.11
CA ASN J 138 -34.14 156.90 82.89
C ASN J 138 -34.95 156.69 81.61
N GLU J 139 -34.30 156.14 80.58
CA GLU J 139 -34.85 155.98 79.25
C GLU J 139 -35.76 154.74 79.16
N PRO J 140 -36.55 154.61 78.10
CA PRO J 140 -37.49 153.47 78.02
C PRO J 140 -36.74 152.17 77.86
N LEU J 141 -37.35 151.10 78.37
CA LEU J 141 -36.73 149.79 78.22
C LEU J 141 -36.75 149.39 76.74
N PRO J 142 -35.63 148.89 76.21
CA PRO J 142 -35.56 148.53 74.79
C PRO J 142 -36.45 147.35 74.48
N PRO J 143 -36.65 147.04 73.19
CA PRO J 143 -37.58 145.96 72.83
C PRO J 143 -37.12 144.62 73.38
N ALA J 144 -38.09 143.80 73.80
CA ALA J 144 -37.79 142.60 74.55
C ALA J 144 -37.04 141.56 73.72
N LEU J 145 -37.13 141.60 72.39
CA LEU J 145 -36.52 140.62 71.49
C LEU J 145 -37.26 139.28 71.51
N LEU J 146 -38.55 139.32 71.85
CA LEU J 146 -39.42 138.15 72.03
C LEU J 146 -38.66 136.89 72.42
N SER K 1 -0.15 138.45 -3.14
CA SER K 1 -0.34 139.58 -2.25
C SER K 1 -1.08 139.17 -0.99
N ILE K 2 -2.05 140.00 -0.58
CA ILE K 2 -2.91 139.72 0.56
C ILE K 2 -4.30 139.43 0.03
N LYS K 3 -4.95 138.40 0.55
CA LYS K 3 -6.18 137.90 -0.01
C LYS K 3 -7.33 137.90 1.00
N TYR K 4 -8.49 138.35 0.54
CA TYR K 4 -9.75 138.06 1.21
C TYR K 4 -9.89 136.55 1.34
N ILE K 5 -10.03 136.10 2.58
CA ILE K 5 -10.49 134.75 2.89
C ILE K 5 -12.01 134.71 2.88
N PHE K 6 -12.63 135.67 3.56
CA PHE K 6 -14.08 135.81 3.59
C PHE K 6 -14.42 137.29 3.48
N LYS K 7 -15.05 137.67 2.37
CA LYS K 7 -15.49 139.05 2.20
C LYS K 7 -16.75 139.27 3.01
N LYS K 8 -16.77 140.36 3.79
CA LYS K 8 -17.93 140.69 4.61
C LYS K 8 -19.14 141.05 3.74
N THR K 9 -20.29 140.51 4.11
CA THR K 9 -21.53 140.81 3.42
C THR K 9 -22.48 141.57 4.35
N ASP K 10 -23.27 142.46 3.76
CA ASP K 10 -24.21 143.26 4.52
C ASP K 10 -25.49 142.46 4.79
N THR K 11 -25.31 141.34 5.47
CA THR K 11 -26.39 140.42 5.82
C THR K 11 -26.43 140.34 7.34
N LEU K 12 -27.43 140.96 7.96
CA LEU K 12 -27.53 141.00 9.41
C LEU K 12 -27.86 139.61 9.95
N PRO K 13 -27.34 139.26 11.13
CA PRO K 13 -27.66 137.95 11.69
C PRO K 13 -29.07 137.91 12.25
N ARG K 14 -29.73 136.77 12.05
CA ARG K 14 -31.05 136.57 12.64
C ARG K 14 -30.93 136.50 14.16
N SER K 15 -31.76 137.29 14.84
CA SER K 15 -31.85 137.15 16.29
C SER K 15 -32.30 135.74 16.65
N VAL K 16 -31.90 135.28 17.84
CA VAL K 16 -32.13 133.91 18.27
C VAL K 16 -33.17 133.92 19.38
N ILE K 17 -34.34 133.37 19.08
CA ILE K 17 -35.46 133.35 20.01
C ILE K 17 -35.75 131.91 20.36
N GLY K 18 -36.07 131.65 21.63
CA GLY K 18 -36.31 130.29 22.06
C GLY K 18 -36.99 130.24 23.41
N ASN K 19 -37.02 129.05 23.98
CA ASN K 19 -37.51 128.87 25.33
C ASN K 19 -36.75 127.73 25.99
N VAL K 20 -36.41 127.91 27.27
CA VAL K 20 -35.58 126.92 27.95
C VAL K 20 -36.33 125.60 28.05
N LEU K 21 -35.69 124.52 27.58
CA LEU K 21 -36.31 123.20 27.59
C LEU K 21 -35.92 122.36 28.80
N ARG K 22 -34.63 122.02 28.93
CA ARG K 22 -34.19 121.23 30.07
C ARG K 22 -32.75 121.54 30.38
N THR K 23 -32.43 121.48 31.67
CA THR K 23 -31.09 121.71 32.18
C THR K 23 -30.50 120.33 32.45
N THR K 24 -29.67 119.86 31.52
CA THR K 24 -29.08 118.53 31.64
C THR K 24 -28.14 118.46 32.85
N GLY K 25 -27.11 119.30 32.87
CA GLY K 25 -26.18 119.34 33.96
C GLY K 25 -26.06 120.74 34.54
N PRO K 26 -25.21 120.91 35.55
CA PRO K 26 -25.04 122.26 36.11
C PRO K 26 -24.41 123.22 35.11
N ASP K 27 -23.51 122.71 34.26
CA ASP K 27 -22.87 123.49 33.23
C ASP K 27 -23.54 123.36 31.86
N THR K 28 -24.63 122.61 31.76
CA THR K 28 -25.24 122.29 30.47
C THR K 28 -26.73 122.61 30.51
N THR K 29 -27.18 123.50 29.63
CA THR K 29 -28.59 123.82 29.50
C THR K 29 -29.01 123.70 28.05
N VAL K 30 -30.24 123.25 27.82
CA VAL K 30 -30.72 122.98 26.47
C VAL K 30 -32.01 123.74 26.22
N TYR K 31 -32.04 124.50 25.14
CA TYR K 31 -33.15 125.37 24.77
C TYR K 31 -33.85 124.77 23.56
N SER K 32 -35.19 124.81 23.58
CA SER K 32 -36.01 124.44 22.44
C SER K 32 -36.33 125.68 21.63
N LEU K 33 -36.05 125.62 20.35
CA LEU K 33 -36.22 126.72 19.40
C LEU K 33 -37.54 126.55 18.66
N PRO K 34 -37.95 127.56 17.89
CA PRO K 34 -39.19 127.42 17.12
C PRO K 34 -39.07 126.30 16.09
N GLY K 35 -40.21 125.70 15.77
CA GLY K 35 -40.24 124.58 14.86
C GLY K 35 -39.75 123.28 15.45
N HIS K 36 -39.52 123.23 16.75
CA HIS K 36 -39.15 122.00 17.45
C HIS K 36 -40.40 121.15 17.64
N THR K 37 -40.66 120.30 16.67
CA THR K 37 -41.64 119.25 16.88
C THR K 37 -40.97 118.07 17.56
N PRO K 38 -41.74 117.19 18.21
CA PRO K 38 -41.16 115.93 18.68
C PRO K 38 -40.64 115.09 17.53
N VAL K 39 -41.26 115.21 16.35
CA VAL K 39 -40.81 114.47 15.17
C VAL K 39 -39.47 115.02 14.68
N ASN K 40 -39.37 116.35 14.58
CA ASN K 40 -38.21 117.01 13.97
C ASN K 40 -37.64 117.99 14.98
N PRO K 41 -36.89 117.52 15.96
CA PRO K 41 -36.43 118.40 17.04
C PRO K 41 -35.46 119.47 16.55
N PHE K 42 -35.54 120.64 17.18
CA PHE K 42 -34.68 121.78 16.92
C PHE K 42 -34.19 122.26 18.28
N THR K 43 -32.89 122.16 18.57
CA THR K 43 -32.45 122.60 19.90
C THR K 43 -31.09 123.27 19.85
N LEU K 44 -30.95 124.29 20.70
CA LEU K 44 -29.67 124.89 21.02
C LEU K 44 -29.19 124.38 22.37
N THR K 45 -28.03 123.72 22.38
CA THR K 45 -27.43 123.27 23.62
C THR K 45 -26.23 124.16 23.96
N ALA K 46 -26.17 124.59 25.21
CA ALA K 46 -25.14 125.51 25.68
C ALA K 46 -24.41 124.87 26.85
N VAL K 47 -23.09 124.77 26.74
CA VAL K 47 -22.24 124.17 27.75
C VAL K 47 -21.13 125.15 28.07
N SER K 48 -21.20 125.78 29.24
CA SER K 48 -20.25 126.81 29.64
C SER K 48 -19.48 126.28 30.85
N ARG K 49 -18.23 125.87 30.63
CA ARG K 49 -17.40 125.29 31.67
C ARG K 49 -16.49 126.35 32.25
N LEU K 50 -16.68 126.60 33.55
CA LEU K 50 -16.03 127.68 34.26
C LEU K 50 -14.55 127.36 34.47
N PRO K 51 -13.73 128.38 34.70
CA PRO K 51 -12.29 128.14 34.80
C PRO K 51 -11.87 127.77 36.21
N VAL K 52 -11.13 126.69 36.37
CA VAL K 52 -10.60 126.27 37.66
C VAL K 52 -9.15 126.75 37.75
N PRO K 53 -8.81 127.63 38.68
CA PRO K 53 -7.43 128.14 38.77
C PRO K 53 -6.57 127.18 39.56
N ARG K 54 -5.55 126.61 38.92
CA ARG K 54 -4.51 125.87 39.61
C ARG K 54 -3.47 126.84 40.15
N LYS K 55 -2.70 126.40 41.14
CA LYS K 55 -1.75 127.30 41.77
C LYS K 55 -0.73 127.76 40.74
N GLY K 56 -0.62 129.08 40.57
CA GLY K 56 0.26 129.65 39.57
C GLY K 56 -0.32 129.71 38.17
N ASN K 57 -1.58 129.34 37.98
CA ASN K 57 -2.23 129.37 36.67
C ASN K 57 -3.62 129.96 36.80
N ALA K 58 -3.92 130.95 35.98
CA ALA K 58 -5.30 131.39 35.85
C ALA K 58 -6.10 130.33 35.09
N GLY K 59 -7.40 130.32 35.32
CA GLY K 59 -8.24 129.36 34.64
C GLY K 59 -8.29 129.60 33.14
N THR K 60 -9.01 128.72 32.45
CA THR K 60 -9.37 128.90 31.04
C THR K 60 -10.84 128.54 30.87
N THR K 61 -11.66 129.50 30.44
CA THR K 61 -13.10 129.30 30.31
C THR K 61 -13.44 128.69 28.94
N LYS K 62 -14.21 127.59 28.96
CA LYS K 62 -14.64 126.98 27.70
C LYS K 62 -16.14 127.21 27.53
N THR K 63 -16.56 127.47 26.29
CA THR K 63 -17.96 127.79 25.99
C THR K 63 -18.33 127.12 24.69
N THR K 64 -19.45 126.39 24.68
CA THR K 64 -19.84 125.61 23.51
C THR K 64 -21.32 125.81 23.25
N LEU K 65 -21.66 126.23 22.04
CA LEU K 65 -23.03 126.52 21.62
C LEU K 65 -23.32 125.71 20.37
N SER K 66 -24.28 124.79 20.44
CA SER K 66 -24.57 123.87 19.34
C SER K 66 -26.03 124.00 18.93
N LEU K 67 -26.28 124.33 17.66
CA LEU K 67 -27.61 124.23 17.08
C LEU K 67 -27.72 122.90 16.33
N ARG K 68 -28.69 122.08 16.71
CA ARG K 68 -28.94 120.80 16.07
C ARG K 68 -30.40 120.73 15.64
N ARG K 69 -30.63 120.53 14.34
CA ARG K 69 -31.99 120.36 13.86
C ARG K 69 -32.06 119.20 12.89
N GLU K 70 -32.97 118.26 13.14
CA GLU K 70 -33.07 117.01 12.37
C GLU K 70 -34.12 117.17 11.28
N VAL K 71 -33.67 117.37 10.04
CA VAL K 71 -34.57 117.64 8.93
C VAL K 71 -35.07 116.34 8.34
N THR K 72 -36.35 116.32 7.95
CA THR K 72 -36.86 115.29 7.05
C THR K 72 -36.32 115.62 5.65
N ILE K 73 -35.27 114.90 5.26
CA ILE K 73 -34.68 115.02 3.94
C ILE K 73 -35.45 114.16 2.95
N ASN K 74 -35.62 114.73 1.75
CA ASN K 74 -36.33 114.18 0.59
C ASN K 74 -37.65 113.50 1.00
N LYS K 75 -38.51 114.30 1.64
CA LYS K 75 -39.80 113.83 2.13
C LYS K 75 -40.66 113.26 1.00
N GLY K 76 -40.85 114.02 -0.07
CA GLY K 76 -41.69 113.53 -1.16
C GLY K 76 -41.29 112.16 -1.67
N THR K 77 -39.98 111.96 -1.84
CA THR K 77 -39.46 110.71 -2.37
C THR K 77 -39.55 109.60 -1.32
N ASP K 78 -39.68 108.36 -1.80
CA ASP K 78 -39.66 107.23 -0.89
C ASP K 78 -38.28 107.06 -0.28
N GLN K 79 -38.23 106.30 0.82
CA GLN K 79 -37.04 106.21 1.67
C GLN K 79 -36.62 107.60 2.14
N GLU K 80 -37.61 108.42 2.49
CA GLU K 80 -37.36 109.72 3.09
C GLU K 80 -36.78 109.51 4.48
N LYS K 81 -35.88 110.40 4.91
CA LYS K 81 -35.23 110.10 6.19
C LYS K 81 -35.11 111.35 7.05
N ILE K 82 -34.97 111.16 8.37
CA ILE K 82 -34.74 112.25 9.29
C ILE K 82 -33.25 112.25 9.65
N VAL K 83 -32.57 113.36 9.35
CA VAL K 83 -31.11 113.40 9.51
C VAL K 83 -30.73 114.72 10.17
N PRO K 84 -29.81 114.72 11.14
CA PRO K 84 -29.50 115.95 11.89
C PRO K 84 -28.40 116.82 11.28
N MET K 85 -28.67 118.10 11.07
CA MET K 85 -27.62 119.05 10.73
C MET K 85 -27.24 119.83 11.97
N ILE K 86 -25.94 120.09 12.13
CA ILE K 86 -25.41 120.68 13.35
C ILE K 86 -24.42 121.78 13.00
N ALA K 87 -24.53 122.91 13.70
CA ALA K 87 -23.56 123.99 13.62
C ALA K 87 -23.20 124.45 15.03
N ARG K 88 -21.90 124.43 15.35
CA ARG K 88 -21.36 124.70 16.68
C ARG K 88 -20.39 125.87 16.65
N ILE K 89 -20.46 126.65 17.71
CA ILE K 89 -19.43 127.60 18.09
C ILE K 89 -18.77 127.04 19.34
N GLU K 90 -17.45 126.86 19.30
CA GLU K 90 -16.69 126.38 20.46
C GLU K 90 -15.57 127.36 20.73
N THR K 91 -15.41 127.79 21.98
CA THR K 91 -14.51 128.88 22.30
C THR K 91 -13.79 128.64 23.62
N SER K 92 -12.45 128.67 23.56
CA SER K 92 -11.62 128.54 24.76
C SER K 92 -10.86 129.84 24.97
N VAL K 93 -11.18 130.55 26.05
CA VAL K 93 -10.59 131.83 26.38
C VAL K 93 -9.89 131.72 27.73
N PRO K 94 -8.56 131.81 27.78
CA PRO K 94 -7.88 131.88 29.08
C PRO K 94 -8.24 133.16 29.83
N VAL K 95 -7.98 133.14 31.14
CA VAL K 95 -8.44 134.23 31.99
C VAL K 95 -7.81 135.56 31.57
N GLY K 96 -6.48 135.62 31.49
CA GLY K 96 -5.78 136.85 31.18
C GLY K 96 -6.18 137.59 29.91
N VAL K 97 -6.99 136.96 29.06
CA VAL K 97 -7.34 137.53 27.77
C VAL K 97 -8.11 138.84 27.94
N SER K 98 -7.88 139.78 27.01
CA SER K 98 -8.57 141.05 27.00
C SER K 98 -9.87 140.98 26.20
N GLN K 99 -10.94 141.54 26.78
CA GLN K 99 -12.24 141.51 26.14
C GLN K 99 -12.22 142.19 24.78
N ASP K 100 -11.41 143.24 24.63
CA ASP K 100 -11.28 143.92 23.34
C ASP K 100 -10.74 142.97 22.27
N ASP K 101 -9.60 142.32 22.57
CA ASP K 101 -8.97 141.43 21.60
C ASP K 101 -9.91 140.29 21.23
N PHE K 102 -10.53 139.67 22.23
CA PHE K 102 -11.36 138.52 21.90
C PHE K 102 -12.64 138.92 21.19
N LYS K 103 -13.20 140.10 21.50
CA LYS K 103 -14.40 140.54 20.79
C LYS K 103 -14.08 140.84 19.33
N ALA K 104 -12.88 141.36 19.05
CA ALA K 104 -12.49 141.56 17.65
C ALA K 104 -12.32 140.24 16.92
N MET K 105 -11.67 139.28 17.56
CA MET K 105 -11.53 137.95 16.96
C MET K 105 -12.89 137.30 16.70
N ILE K 106 -13.85 137.47 17.63
CA ILE K 106 -15.20 136.96 17.42
C ILE K 106 -15.85 137.62 16.22
N GLU K 107 -15.77 138.95 16.15
CA GLU K 107 -16.32 139.68 15.02
C GLU K 107 -15.76 139.13 13.70
N GLY K 108 -14.46 138.83 13.69
CA GLY K 108 -13.88 138.22 12.51
C GLY K 108 -14.48 136.85 12.22
N LEU K 109 -14.59 136.02 13.25
CA LEU K 109 -15.09 134.66 13.06
C LEU K 109 -16.53 134.64 12.56
N ALA K 110 -17.31 135.68 12.88
CA ALA K 110 -18.70 135.68 12.45
C ALA K 110 -18.85 135.90 10.94
N CYS K 111 -17.78 136.35 10.26
CA CYS K 111 -17.90 136.74 8.85
C CYS K 111 -18.27 135.59 7.92
N PRO K 112 -17.63 134.42 7.98
CA PRO K 112 -18.01 133.33 7.05
C PRO K 112 -19.43 132.83 7.26
N LEU K 113 -20.01 133.05 8.44
CA LEU K 113 -21.38 132.61 8.66
C LEU K 113 -22.36 133.42 7.82
N LEU K 114 -22.14 134.72 7.71
CA LEU K 114 -23.10 135.61 7.06
C LEU K 114 -22.68 135.83 5.61
N LEU K 115 -22.81 134.77 4.81
CA LEU K 115 -22.48 134.79 3.39
C LEU K 115 -23.67 134.39 2.55
N ASP K 116 -23.55 134.66 1.24
CA ASP K 116 -24.62 134.37 0.29
C ASP K 116 -24.74 132.87 0.02
N GLU K 117 -25.91 132.50 -0.52
CA GLU K 117 -26.20 131.08 -0.73
C GLU K 117 -25.16 130.41 -1.60
N ILE K 118 -24.62 131.13 -2.58
CA ILE K 118 -23.64 130.53 -3.48
C ILE K 118 -22.42 130.06 -2.70
N HIS K 119 -21.79 130.98 -1.95
CA HIS K 119 -20.61 130.59 -1.17
C HIS K 119 -20.96 129.56 -0.11
N VAL K 120 -22.13 129.69 0.52
CA VAL K 120 -22.45 128.77 1.61
C VAL K 120 -22.62 127.34 1.09
N ASN K 121 -23.29 127.19 -0.05
CA ASN K 121 -23.42 125.86 -0.67
C ASN K 121 -22.08 125.36 -1.16
N ASP K 122 -21.23 126.25 -1.69
CA ASP K 122 -19.94 125.79 -2.18
C ASP K 122 -19.04 125.30 -1.05
N LEU K 123 -19.11 125.92 0.14
CA LEU K 123 -18.20 125.57 1.21
C LEU K 123 -18.76 124.55 2.21
N PHE K 124 -19.95 124.82 2.78
CA PHE K 124 -20.40 124.04 3.92
C PHE K 124 -21.11 122.75 3.52
N LEU K 125 -21.75 122.72 2.36
CA LEU K 125 -22.45 121.53 1.89
C LEU K 125 -21.63 120.75 0.87
N SER K 126 -21.19 121.42 -0.20
CA SER K 126 -20.48 120.73 -1.27
C SER K 126 -19.07 120.34 -0.84
N GLY K 127 -18.44 121.15 0.02
CA GLY K 127 -17.08 120.88 0.43
C GLY K 127 -16.04 121.41 -0.52
N LEU K 128 -16.43 122.23 -1.50
CA LEU K 128 -15.47 122.81 -2.43
C LEU K 128 -14.45 123.66 -1.67
N PRO K 129 -13.23 123.82 -2.21
CA PRO K 129 -12.22 124.60 -1.49
C PRO K 129 -12.56 126.07 -1.44
N ILE K 130 -11.99 126.76 -0.45
CA ILE K 130 -12.23 128.19 -0.29
C ILE K 130 -11.55 128.96 -1.42
N ALA K 131 -12.29 129.88 -2.03
CA ALA K 131 -11.77 130.70 -3.13
C ALA K 131 -11.23 132.01 -2.56
N THR K 132 -9.91 132.15 -2.61
CA THR K 132 -9.26 133.36 -2.14
C THR K 132 -9.43 134.49 -3.16
N THR K 133 -9.71 135.70 -2.68
CA THR K 133 -9.94 136.83 -3.57
C THR K 133 -8.87 137.89 -3.36
N ASP K 134 -8.20 138.29 -4.44
CA ASP K 134 -7.20 139.34 -4.31
C ASP K 134 -7.84 140.64 -3.86
N VAL K 135 -7.29 141.22 -2.81
CA VAL K 135 -7.73 142.55 -2.35
C VAL K 135 -7.23 143.60 -3.33
N PRO K 136 -8.06 144.50 -3.83
CA PRO K 136 -7.57 145.51 -4.77
C PRO K 136 -6.58 146.43 -4.08
N ASP K 137 -5.35 146.46 -4.59
CA ASP K 137 -4.35 147.38 -4.06
C ASP K 137 -4.83 148.82 -4.15
N ASN K 138 -5.67 149.12 -5.15
CA ASN K 138 -6.21 150.47 -5.30
C ASN K 138 -7.17 150.82 -4.17
N GLU K 139 -7.96 149.84 -3.72
CA GLU K 139 -8.98 150.06 -2.71
C GLU K 139 -8.36 150.14 -1.31
N PRO K 140 -9.09 150.70 -0.33
CA PRO K 140 -8.51 150.84 1.01
C PRO K 140 -8.34 149.48 1.69
N LEU K 141 -7.32 149.40 2.54
CA LEU K 141 -7.04 148.13 3.21
C LEU K 141 -8.18 147.77 4.14
N PRO K 142 -8.59 146.50 4.19
CA PRO K 142 -9.70 146.09 5.05
C PRO K 142 -9.32 146.16 6.52
N PRO K 143 -10.30 146.06 7.43
CA PRO K 143 -9.98 146.20 8.86
C PRO K 143 -8.99 145.13 9.33
N ALA K 144 -8.13 145.53 10.27
CA ALA K 144 -7.01 144.70 10.67
C ALA K 144 -7.41 143.45 11.44
N LEU K 145 -8.63 143.42 12.01
CA LEU K 145 -9.14 142.31 12.81
C LEU K 145 -8.49 142.23 14.19
N LEU K 146 -7.87 143.33 14.64
CA LEU K 146 -7.10 143.41 15.88
C LEU K 146 -6.35 142.13 16.22
N SER L 1 -75.59 93.84 25.85
CA SER L 1 -75.50 94.99 24.97
C SER L 1 -74.21 95.78 25.19
N ILE L 2 -74.33 97.09 25.20
CA ILE L 2 -73.20 97.99 25.45
C ILE L 2 -73.40 98.60 26.82
N LYS L 3 -72.34 98.63 27.63
CA LYS L 3 -72.45 99.03 29.02
C LYS L 3 -71.60 100.26 29.30
N TYR L 4 -72.18 101.20 30.05
CA TYR L 4 -71.41 102.19 30.79
C TYR L 4 -70.39 101.46 31.66
N ILE L 5 -69.11 101.76 31.41
CA ILE L 5 -68.05 101.41 32.34
C ILE L 5 -67.99 102.44 33.46
N PHE L 6 -67.92 103.72 33.08
CA PHE L 6 -67.94 104.83 34.03
C PHE L 6 -68.88 105.89 33.48
N LYS L 7 -69.99 106.12 34.19
CA LYS L 7 -70.94 107.17 33.81
C LYS L 7 -70.39 108.51 34.23
N LYS L 8 -70.36 109.46 33.30
CA LYS L 8 -69.84 110.79 33.57
C LYS L 8 -70.70 111.53 34.59
N THR L 9 -70.04 112.18 35.55
CA THR L 9 -70.70 112.96 36.57
C THR L 9 -70.36 114.44 36.40
N ASP L 10 -71.33 115.30 36.73
CA ASP L 10 -71.14 116.73 36.60
C ASP L 10 -70.42 117.28 37.84
N THR L 11 -69.21 116.79 38.04
CA THR L 11 -68.36 117.17 39.16
C THR L 11 -67.06 117.72 38.59
N LEU L 12 -66.88 119.03 38.69
CA LEU L 12 -65.71 119.68 38.10
C LEU L 12 -64.45 119.31 38.87
N PRO L 13 -63.31 119.20 38.19
CA PRO L 13 -62.07 118.86 38.88
C PRO L 13 -61.54 120.05 39.68
N ARG L 14 -61.05 119.77 40.87
CA ARG L 14 -60.39 120.80 41.67
C ARG L 14 -59.11 121.25 40.97
N SER L 15 -58.97 122.56 40.81
CA SER L 15 -57.72 123.11 40.30
C SER L 15 -56.59 122.76 41.25
N VAL L 16 -55.38 122.61 40.72
CA VAL L 16 -54.22 122.14 41.47
C VAL L 16 -53.29 123.31 41.75
N ILE L 17 -53.15 123.66 43.02
CA ILE L 17 -52.36 124.82 43.43
C ILE L 17 -51.22 124.32 44.31
N GLY L 18 -50.03 124.90 44.13
CA GLY L 18 -48.89 124.42 44.86
C GLY L 18 -47.73 125.39 44.79
N ASN L 19 -46.55 124.90 45.16
CA ASN L 19 -45.32 125.66 45.00
C ASN L 19 -44.15 124.70 44.83
N VAL L 20 -43.20 125.07 43.96
CA VAL L 20 -42.09 124.16 43.65
C VAL L 20 -41.18 124.00 44.86
N LEU L 21 -40.98 122.74 45.29
CA LEU L 21 -40.18 122.44 46.48
C LEU L 21 -38.72 122.14 46.15
N ARG L 22 -38.47 121.13 45.33
CA ARG L 22 -37.12 120.79 44.92
C ARG L 22 -37.18 120.19 43.53
N THR L 23 -36.03 120.22 42.85
CA THR L 23 -35.85 119.60 41.55
C THR L 23 -34.83 118.48 41.74
N THR L 24 -35.34 117.25 41.89
CA THR L 24 -34.48 116.11 42.17
C THR L 24 -33.48 115.89 41.03
N GLY L 25 -33.99 115.73 39.81
CA GLY L 25 -33.16 115.51 38.65
C GLY L 25 -33.54 116.42 37.51
N PRO L 26 -32.89 116.24 36.35
CA PRO L 26 -33.19 117.12 35.21
C PRO L 26 -34.56 116.86 34.61
N ASP L 27 -35.09 115.65 34.78
CA ASP L 27 -36.42 115.31 34.31
C ASP L 27 -37.44 115.20 35.44
N THR L 28 -37.03 115.38 36.68
CA THR L 28 -37.88 115.12 37.84
C THR L 28 -37.96 116.38 38.71
N THR L 29 -39.17 116.89 38.92
CA THR L 29 -39.38 118.05 39.77
C THR L 29 -40.51 117.76 40.76
N VAL L 30 -40.33 118.21 42.00
CA VAL L 30 -41.24 117.89 43.09
C VAL L 30 -41.84 119.16 43.64
N TYR L 31 -43.18 119.19 43.74
CA TYR L 31 -43.93 120.34 44.19
C TYR L 31 -44.55 120.02 45.55
N SER L 32 -44.47 120.97 46.47
CA SER L 32 -45.17 120.87 47.75
C SER L 32 -46.54 121.52 47.59
N LEU L 33 -47.57 120.80 48.01
CA LEU L 33 -48.96 121.21 47.92
C LEU L 33 -49.43 121.72 49.27
N PRO L 34 -50.62 122.31 49.34
CA PRO L 34 -51.10 122.82 50.63
C PRO L 34 -51.27 121.70 51.64
N GLY L 35 -51.07 122.04 52.91
CA GLY L 35 -51.18 121.05 53.97
C GLY L 35 -49.99 120.13 54.09
N HIS L 36 -48.84 120.54 53.57
CA HIS L 36 -47.63 119.72 53.58
C HIS L 36 -46.80 120.06 54.81
N THR L 37 -47.04 119.33 55.90
CA THR L 37 -46.11 119.39 57.00
C THR L 37 -45.00 118.37 56.79
N PRO L 38 -43.83 118.57 57.41
CA PRO L 38 -42.77 117.56 57.28
C PRO L 38 -43.19 116.23 57.87
N VAL L 39 -44.00 116.25 58.93
CA VAL L 39 -44.46 115.01 59.55
C VAL L 39 -45.44 114.29 58.62
N ASN L 40 -46.36 115.04 58.00
CA ASN L 40 -47.40 114.48 57.15
C ASN L 40 -47.28 115.08 55.75
N PRO L 41 -46.28 114.68 54.98
CA PRO L 41 -46.01 115.34 53.70
C PRO L 41 -47.08 115.06 52.66
N PHE L 42 -47.27 116.03 51.77
CA PHE L 42 -48.24 115.93 50.68
C PHE L 42 -47.66 116.66 49.48
N THR L 43 -47.33 115.91 48.42
CA THR L 43 -46.50 116.42 47.33
C THR L 43 -46.89 115.80 45.99
N LEU L 44 -46.75 116.62 44.95
CA LEU L 44 -46.87 116.19 43.56
C LEU L 44 -45.49 116.07 42.95
N THR L 45 -45.11 114.86 42.58
CA THR L 45 -43.87 114.62 41.84
C THR L 45 -44.20 114.50 40.36
N ALA L 46 -43.39 115.14 39.52
CA ALA L 46 -43.61 115.16 38.07
C ALA L 46 -42.33 114.72 37.38
N VAL L 47 -42.42 113.63 36.62
CA VAL L 47 -41.29 113.06 35.91
C VAL L 47 -41.66 113.00 34.43
N SER L 48 -41.06 113.87 33.61
CA SER L 48 -41.32 113.91 32.17
C SER L 48 -40.04 113.48 31.45
N ARG L 49 -40.08 112.32 30.81
CA ARG L 49 -38.93 111.77 30.13
C ARG L 49 -39.10 111.91 28.62
N LEU L 50 -38.15 112.59 27.99
CA LEU L 50 -38.19 112.88 26.56
C LEU L 50 -38.02 111.60 25.75
N PRO L 51 -38.43 111.64 24.48
CA PRO L 51 -38.21 110.48 23.62
C PRO L 51 -36.76 110.41 23.17
N VAL L 52 -36.22 109.20 23.20
CA VAL L 52 -34.88 108.93 22.69
C VAL L 52 -35.03 108.15 21.38
N PRO L 53 -34.65 108.72 20.24
CA PRO L 53 -34.79 108.01 18.98
C PRO L 53 -33.90 106.78 18.97
N ARG L 54 -34.41 105.72 18.34
CA ARG L 54 -33.67 104.48 18.16
C ARG L 54 -33.58 104.23 16.66
N LYS L 55 -32.56 103.49 16.24
CA LYS L 55 -32.31 103.34 14.81
C LYS L 55 -33.48 102.58 14.20
N GLY L 56 -34.27 103.28 13.37
CA GLY L 56 -35.47 102.74 12.79
C GLY L 56 -36.72 102.89 13.63
N ASN L 57 -36.61 103.48 14.82
CA ASN L 57 -37.74 103.62 15.73
C ASN L 57 -37.84 105.06 16.20
N ALA L 58 -39.03 105.64 16.09
CA ALA L 58 -39.24 106.96 16.69
C ALA L 58 -39.30 106.85 18.20
N GLY L 59 -39.00 107.96 18.86
CA GLY L 59 -39.05 107.97 20.31
C GLY L 59 -40.45 107.83 20.86
N THR L 60 -40.55 107.69 22.18
CA THR L 60 -41.81 107.75 22.90
C THR L 60 -41.64 108.61 24.15
N THR L 61 -42.52 109.59 24.33
CA THR L 61 -42.48 110.47 25.48
C THR L 61 -43.22 109.82 26.65
N LYS L 62 -42.56 109.71 27.80
CA LYS L 62 -43.21 109.22 29.00
C LYS L 62 -43.43 110.38 29.96
N THR L 63 -44.55 110.35 30.67
CA THR L 63 -44.94 111.43 31.57
C THR L 63 -45.60 110.81 32.79
N THR L 64 -45.15 111.16 33.98
CA THR L 64 -45.66 110.55 35.21
C THR L 64 -45.91 111.64 36.23
N LEU L 65 -47.12 111.67 36.77
CA LEU L 65 -47.54 112.66 37.77
C LEU L 65 -48.10 111.90 38.96
N SER L 66 -47.44 112.03 40.13
CA SER L 66 -47.79 111.27 41.32
C SER L 66 -48.14 112.22 42.46
N LEU L 67 -49.34 112.08 43.01
CA LEU L 67 -49.68 112.74 44.25
C LEU L 67 -49.50 111.75 45.40
N ARG L 68 -48.80 112.17 46.45
CA ARG L 68 -48.55 111.32 47.61
C ARG L 68 -48.80 112.11 48.89
N ARG L 69 -49.68 111.59 49.74
CA ARG L 69 -50.04 112.29 50.98
C ARG L 69 -50.12 111.27 52.11
N GLU L 70 -49.34 111.49 53.17
CA GLU L 70 -49.21 110.52 54.26
C GLU L 70 -50.17 110.93 55.39
N VAL L 71 -51.31 110.25 55.47
CA VAL L 71 -52.35 110.60 56.42
C VAL L 71 -52.07 109.94 57.76
N THR L 72 -52.38 110.65 58.84
CA THR L 72 -52.49 110.01 60.14
C THR L 72 -53.81 109.27 60.19
N ILE L 73 -53.74 107.96 60.45
CA ILE L 73 -54.89 107.09 60.49
C ILE L 73 -55.23 106.81 61.94
N ASN L 74 -56.53 106.87 62.25
CA ASN L 74 -57.16 106.59 63.54
C ASN L 74 -56.33 107.15 64.70
N LYS L 75 -56.20 108.48 64.68
CA LYS L 75 -55.39 109.19 65.67
C LYS L 75 -55.90 108.97 67.09
N GLY L 76 -57.19 109.21 67.32
CA GLY L 76 -57.73 109.04 68.66
C GLY L 76 -57.53 107.64 69.20
N THR L 77 -57.67 106.65 68.32
CA THR L 77 -57.56 105.25 68.71
C THR L 77 -56.09 104.86 68.87
N ASP L 78 -55.85 103.73 69.52
CA ASP L 78 -54.51 103.16 69.56
C ASP L 78 -54.09 102.70 68.18
N GLN L 79 -52.78 102.52 68.01
CA GLN L 79 -52.18 102.21 66.72
C GLN L 79 -52.46 103.29 65.67
N GLU L 80 -52.50 104.55 66.11
CA GLU L 80 -52.40 105.69 65.22
C GLU L 80 -51.18 105.54 64.33
N LYS L 81 -51.36 105.62 63.00
CA LYS L 81 -50.20 105.42 62.13
C LYS L 81 -50.21 106.39 60.95
N ILE L 82 -49.02 106.90 60.61
CA ILE L 82 -48.89 107.74 59.42
C ILE L 82 -48.63 106.83 58.21
N VAL L 83 -49.54 106.87 57.25
CA VAL L 83 -49.52 105.90 56.15
C VAL L 83 -49.80 106.66 54.85
N PRO L 84 -49.05 106.39 53.77
CA PRO L 84 -49.20 107.18 52.55
C PRO L 84 -50.26 106.68 51.57
N MET L 85 -51.11 107.57 51.07
CA MET L 85 -51.97 107.27 49.93
C MET L 85 -51.37 107.92 48.69
N ILE L 86 -51.47 107.22 47.56
CA ILE L 86 -50.83 107.66 46.33
C ILE L 86 -51.81 107.52 45.17
N ALA L 87 -51.86 108.53 44.31
CA ALA L 87 -52.62 108.50 43.07
C ALA L 87 -51.75 109.04 41.93
N ARG L 88 -51.51 108.20 40.92
CA ARG L 88 -50.60 108.47 39.81
C ARG L 88 -51.32 108.45 38.48
N ILE L 89 -50.88 109.35 37.61
CA ILE L 89 -51.17 109.31 36.19
C ILE L 89 -49.87 108.98 35.49
N GLU L 90 -49.86 107.93 34.68
CA GLU L 90 -48.66 107.57 33.91
C GLU L 90 -49.05 107.44 32.45
N THR L 91 -48.29 108.07 31.56
CA THR L 91 -48.69 108.21 30.16
C THR L 91 -47.51 108.04 29.22
N SER L 92 -47.62 107.07 28.31
CA SER L 92 -46.60 106.85 27.29
C SER L 92 -47.20 107.16 25.93
N VAL L 93 -46.75 108.24 25.31
CA VAL L 93 -47.23 108.73 24.02
C VAL L 93 -46.09 108.62 23.02
N PRO L 94 -46.18 107.73 22.04
CA PRO L 94 -45.18 107.71 20.97
C PRO L 94 -45.24 108.99 20.13
N VAL L 95 -44.17 109.23 19.39
CA VAL L 95 -43.95 110.55 18.78
C VAL L 95 -45.07 110.90 17.81
N GLY L 96 -45.35 110.02 16.86
CA GLY L 96 -46.30 110.30 15.78
C GLY L 96 -47.73 110.52 16.22
N VAL L 97 -48.05 110.28 17.49
CA VAL L 97 -49.43 110.36 17.97
C VAL L 97 -50.01 111.75 17.74
N SER L 98 -51.30 111.80 17.40
CA SER L 98 -52.00 113.05 17.17
C SER L 98 -52.60 113.60 18.47
N GLN L 99 -52.43 114.92 18.66
CA GLN L 99 -52.92 115.56 19.87
C GLN L 99 -54.42 115.37 20.03
N ASP L 100 -55.16 115.32 18.91
CA ASP L 100 -56.60 115.12 18.97
C ASP L 100 -56.94 113.77 19.61
N ASP L 101 -56.38 112.70 19.05
CA ASP L 101 -56.67 111.37 19.55
C ASP L 101 -56.27 111.23 21.00
N PHE L 102 -55.10 111.76 21.35
CA PHE L 102 -54.64 111.55 22.72
C PHE L 102 -55.44 112.38 23.72
N LYS L 103 -55.85 113.60 23.37
CA LYS L 103 -56.73 114.36 24.24
C LYS L 103 -58.06 113.64 24.43
N ALA L 104 -58.53 112.95 23.39
CA ALA L 104 -59.74 112.14 23.54
C ALA L 104 -59.56 111.05 24.59
N MET L 105 -58.47 110.28 24.47
CA MET L 105 -58.21 109.27 25.50
C MET L 105 -58.08 109.88 26.89
N ILE L 106 -57.44 111.05 27.00
CA ILE L 106 -57.26 111.69 28.30
C ILE L 106 -58.62 112.04 28.90
N GLU L 107 -59.46 112.69 28.11
CA GLU L 107 -60.80 113.08 28.58
C GLU L 107 -61.57 111.86 29.04
N GLY L 108 -61.46 110.76 28.31
CA GLY L 108 -62.08 109.52 28.77
C GLY L 108 -61.51 109.04 30.08
N LEU L 109 -60.18 109.05 30.21
CA LEU L 109 -59.52 108.55 31.41
C LEU L 109 -59.89 109.37 32.65
N ALA L 110 -60.17 110.65 32.47
CA ALA L 110 -60.51 111.49 33.61
C ALA L 110 -61.86 111.13 34.22
N CYS L 111 -62.68 110.36 33.49
CA CYS L 111 -64.06 110.11 33.94
C CYS L 111 -64.15 109.33 35.25
N PRO L 112 -63.46 108.20 35.43
CA PRO L 112 -63.60 107.48 36.72
C PRO L 112 -63.10 108.27 37.91
N LEU L 113 -62.21 109.24 37.70
CA LEU L 113 -61.73 110.03 38.83
C LEU L 113 -62.84 110.89 39.42
N LEU L 114 -63.67 111.48 38.58
CA LEU L 114 -64.68 112.43 39.05
C LEU L 114 -66.01 111.70 39.28
N LEU L 115 -66.01 110.84 40.29
CA LEU L 115 -67.20 110.06 40.66
C LEU L 115 -67.62 110.36 42.08
N ASP L 116 -68.84 109.92 42.40
CA ASP L 116 -69.41 110.14 43.73
C ASP L 116 -68.77 109.24 44.78
N GLU L 117 -68.94 109.63 46.04
CA GLU L 117 -68.28 108.92 47.13
C GLU L 117 -68.65 107.45 47.16
N ILE L 118 -69.88 107.12 46.78
CA ILE L 118 -70.32 105.73 46.82
C ILE L 118 -69.46 104.88 45.89
N HIS L 119 -69.38 105.27 44.61
CA HIS L 119 -68.59 104.50 43.66
C HIS L 119 -67.10 104.55 44.01
N VAL L 120 -66.61 105.69 44.50
CA VAL L 120 -65.18 105.79 44.77
C VAL L 120 -64.78 104.89 45.93
N ASN L 121 -65.59 104.84 46.99
CA ASN L 121 -65.31 103.92 48.09
C ASN L 121 -65.49 102.47 47.64
N ASP L 122 -66.48 102.20 46.80
CA ASP L 122 -66.67 100.83 46.34
C ASP L 122 -65.49 100.33 45.50
N LEU L 123 -64.88 101.21 44.69
CA LEU L 123 -63.83 100.79 43.77
C LEU L 123 -62.41 100.98 44.30
N PHE L 124 -62.07 102.20 44.73
CA PHE L 124 -60.67 102.50 45.02
C PHE L 124 -60.23 102.10 46.42
N LEU L 125 -61.15 102.06 47.38
CA LEU L 125 -60.83 101.66 48.74
C LEU L 125 -61.22 100.22 49.02
N SER L 126 -62.49 99.87 48.82
CA SER L 126 -62.95 98.53 49.14
C SER L 126 -62.38 97.50 48.17
N GLY L 127 -62.23 97.87 46.90
CA GLY L 127 -61.65 96.99 45.91
C GLY L 127 -62.65 96.20 45.09
N LEU L 128 -63.92 96.57 45.10
CA LEU L 128 -64.93 95.84 44.35
C LEU L 128 -64.66 95.95 42.85
N PRO L 129 -65.31 95.12 42.03
CA PRO L 129 -65.20 95.31 40.58
C PRO L 129 -65.97 96.54 40.12
N ILE L 130 -65.71 96.94 38.87
CA ILE L 130 -66.35 98.13 38.32
C ILE L 130 -67.85 97.90 38.21
N ALA L 131 -68.63 98.90 38.63
CA ALA L 131 -70.08 98.85 38.51
C ALA L 131 -70.49 99.17 37.08
N THR L 132 -70.97 98.16 36.35
CA THR L 132 -71.37 98.33 34.95
C THR L 132 -72.86 98.68 34.88
N THR L 133 -73.21 99.60 33.98
CA THR L 133 -74.60 100.04 33.86
C THR L 133 -75.06 99.90 32.42
N ASP L 134 -76.11 99.12 32.18
CA ASP L 134 -76.63 98.97 30.83
C ASP L 134 -77.06 100.33 30.27
N VAL L 135 -76.53 100.68 29.11
CA VAL L 135 -76.90 101.92 28.44
C VAL L 135 -78.34 101.80 27.94
N PRO L 136 -79.22 102.74 28.26
CA PRO L 136 -80.60 102.64 27.72
C PRO L 136 -80.58 102.76 26.21
N ASP L 137 -81.04 101.69 25.54
CA ASP L 137 -81.14 101.74 24.09
C ASP L 137 -82.02 102.90 23.63
N ASN L 138 -83.01 103.28 24.44
CA ASN L 138 -83.87 104.39 24.08
C ASN L 138 -83.11 105.71 24.11
N GLU L 139 -82.22 105.90 25.09
CA GLU L 139 -81.49 107.14 25.22
C GLU L 139 -80.43 107.26 24.13
N PRO L 140 -79.98 108.47 23.82
CA PRO L 140 -78.99 108.62 22.75
C PRO L 140 -77.67 107.97 23.10
N LEU L 141 -76.95 107.56 22.07
CA LEU L 141 -75.69 106.87 22.30
C LEU L 141 -74.65 107.84 22.88
N PRO L 142 -73.90 107.42 23.89
CA PRO L 142 -72.92 108.31 24.53
C PRO L 142 -71.77 108.64 23.60
N PRO L 143 -70.93 109.63 23.94
CA PRO L 143 -69.86 110.02 23.02
C PRO L 143 -68.89 108.88 22.75
N ALA L 144 -68.38 108.85 21.52
CA ALA L 144 -67.61 107.72 21.02
C ALA L 144 -66.21 107.62 21.66
N LEU L 145 -65.73 108.67 22.30
CA LEU L 145 -64.41 108.69 22.95
C LEU L 145 -63.26 108.70 21.94
N LEU L 146 -63.57 109.03 20.68
CA LEU L 146 -62.62 109.03 19.56
C LEU L 146 -61.62 107.88 19.63
N SER M 1 80.71 113.78 -33.54
CA SER M 1 79.89 113.74 -34.76
C SER M 1 79.42 112.33 -35.08
N ILE M 2 79.50 111.97 -36.36
CA ILE M 2 79.14 110.64 -36.84
C ILE M 2 80.42 109.95 -37.28
N LYS M 3 80.58 108.70 -36.87
CA LYS M 3 81.83 107.99 -37.09
C LYS M 3 81.62 106.76 -37.96
N TYR M 4 82.55 106.56 -38.90
CA TYR M 4 82.78 105.26 -39.49
C TYR M 4 83.05 104.25 -38.38
N ILE M 5 82.21 103.22 -38.33
CA ILE M 5 82.51 102.02 -37.57
C ILE M 5 83.41 101.09 -38.38
N PHE M 6 83.03 100.86 -39.63
CA PHE M 6 83.82 100.06 -40.55
C PHE M 6 83.82 100.74 -41.92
N LYS M 7 84.98 101.23 -42.34
CA LYS M 7 85.12 101.82 -43.66
C LYS M 7 85.19 100.71 -44.70
N LYS M 8 84.40 100.85 -45.75
CA LYS M 8 84.37 99.86 -46.82
C LYS M 8 85.68 99.84 -47.60
N THR M 9 86.14 98.64 -47.91
CA THR M 9 87.37 98.44 -48.69
C THR M 9 87.02 97.79 -50.02
N ASP M 10 87.78 98.16 -51.06
CA ASP M 10 87.62 97.54 -52.38
C ASP M 10 88.33 96.19 -52.40
N THR M 11 87.85 95.29 -51.55
CA THR M 11 88.39 93.93 -51.43
C THR M 11 87.24 92.96 -51.71
N LEU M 12 87.21 92.39 -52.90
CA LEU M 12 86.13 91.49 -53.28
C LEU M 12 86.17 90.23 -52.41
N PRO M 13 85.01 89.66 -52.08
CA PRO M 13 85.01 88.40 -51.33
C PRO M 13 85.39 87.24 -52.23
N ARG M 14 86.16 86.30 -51.66
CA ARG M 14 86.46 85.07 -52.37
C ARG M 14 85.18 84.27 -52.54
N SER M 15 84.91 83.84 -53.77
CA SER M 15 83.85 82.86 -53.98
C SER M 15 84.14 81.61 -53.16
N VAL M 16 83.08 80.89 -52.78
CA VAL M 16 83.18 79.74 -51.90
C VAL M 16 82.95 78.48 -52.73
N ILE M 17 83.95 77.61 -52.77
CA ILE M 17 83.91 76.42 -53.60
C ILE M 17 84.07 75.21 -52.70
N GLY M 18 83.35 74.15 -53.00
CA GLY M 18 83.40 72.99 -52.13
C GLY M 18 82.75 71.78 -52.74
N ASN M 19 82.52 70.79 -51.89
CA ASN M 19 81.77 69.60 -52.28
C ASN M 19 81.02 69.07 -51.07
N VAL M 20 79.75 68.71 -51.28
CA VAL M 20 78.92 68.23 -50.18
C VAL M 20 79.54 66.98 -49.56
N LEU M 21 79.69 66.98 -48.24
CA LEU M 21 80.29 65.87 -47.51
C LEU M 21 79.27 64.95 -46.88
N ARG M 22 78.45 65.46 -45.97
CA ARG M 22 77.46 64.64 -45.29
C ARG M 22 76.28 65.51 -44.94
N THR M 23 75.12 64.89 -44.86
CA THR M 23 73.88 65.55 -44.46
C THR M 23 73.51 64.99 -43.09
N THR M 24 73.91 65.71 -42.04
CA THR M 24 73.69 65.24 -40.67
C THR M 24 72.21 65.06 -40.38
N GLY M 25 71.42 66.12 -40.61
CA GLY M 25 70.00 66.08 -40.39
C GLY M 25 69.23 66.62 -41.56
N PRO M 26 67.90 66.69 -41.43
CA PRO M 26 67.09 67.23 -42.52
C PRO M 26 67.34 68.71 -42.75
N ASP M 27 67.62 69.46 -41.69
CA ASP M 27 67.90 70.89 -41.78
C ASP M 27 69.39 71.21 -41.78
N THR M 28 70.26 70.22 -41.59
CA THR M 28 71.68 70.43 -41.40
C THR M 28 72.47 69.67 -42.45
N THR M 29 73.30 70.38 -43.23
CA THR M 29 74.15 69.75 -44.23
C THR M 29 75.57 70.28 -44.08
N VAL M 30 76.55 69.40 -44.26
CA VAL M 30 77.96 69.72 -44.00
C VAL M 30 78.77 69.51 -45.27
N TYR M 31 79.45 70.55 -45.71
CA TYR M 31 80.24 70.56 -46.93
C TYR M 31 81.71 70.51 -46.55
N SER M 32 82.47 69.73 -47.32
CA SER M 32 83.92 69.70 -47.22
C SER M 32 84.52 70.66 -48.23
N LEU M 33 85.41 71.52 -47.77
CA LEU M 33 86.04 72.58 -48.54
C LEU M 33 87.42 72.14 -48.98
N PRO M 34 88.08 72.92 -49.85
CA PRO M 34 89.42 72.53 -50.28
C PRO M 34 90.41 72.56 -49.13
N GLY M 35 91.39 71.66 -49.18
CA GLY M 35 92.37 71.56 -48.11
C GLY M 35 91.90 70.78 -46.90
N HIS M 36 90.73 70.17 -46.98
CA HIS M 36 90.20 69.31 -45.91
C HIS M 36 90.95 67.99 -45.90
N THR M 37 91.97 67.90 -45.07
CA THR M 37 92.56 66.60 -44.80
C THR M 37 91.84 65.95 -43.63
N PRO M 38 91.96 64.63 -43.46
CA PRO M 38 91.45 64.02 -42.23
C PRO M 38 92.14 64.57 -40.99
N VAL M 39 93.44 64.86 -41.10
CA VAL M 39 94.19 65.39 -39.96
C VAL M 39 93.74 66.81 -39.65
N ASN M 40 93.57 67.65 -40.68
CA ASN M 40 93.26 69.06 -40.53
C ASN M 40 91.93 69.34 -41.23
N PRO M 41 90.81 69.00 -40.59
CA PRO M 41 89.52 69.15 -41.27
C PRO M 41 89.19 70.60 -41.53
N PHE M 42 88.41 70.83 -42.59
CA PHE M 42 88.02 72.18 -43.01
C PHE M 42 86.66 72.09 -43.65
N THR M 43 85.64 72.65 -42.99
CA THR M 43 84.26 72.37 -43.36
C THR M 43 83.35 73.59 -43.17
N LEU M 44 82.38 73.70 -44.06
CA LEU M 44 81.26 74.62 -43.91
C LEU M 44 80.04 73.83 -43.49
N THR M 45 79.48 74.16 -42.33
CA THR M 45 78.24 73.56 -41.87
C THR M 45 77.11 74.57 -42.04
N ALA M 46 75.99 74.12 -42.59
CA ALA M 46 74.84 74.98 -42.88
C ALA M 46 73.61 74.40 -42.20
N VAL M 47 72.97 75.19 -41.36
CA VAL M 47 71.79 74.79 -40.61
C VAL M 47 70.71 75.82 -40.88
N SER M 48 69.70 75.44 -41.66
CA SER M 48 68.61 76.33 -42.03
C SER M 48 67.32 75.81 -41.40
N ARG M 49 66.80 76.52 -40.42
CA ARG M 49 65.62 76.11 -39.68
C ARG M 49 64.42 76.94 -40.12
N LEU M 50 63.40 76.24 -40.63
CA LEU M 50 62.22 76.85 -41.19
C LEU M 50 61.38 77.50 -40.09
N PRO M 51 60.52 78.45 -40.45
CA PRO M 51 59.68 79.09 -39.43
C PRO M 51 58.52 78.18 -39.05
N VAL M 52 58.28 78.07 -37.75
CA VAL M 52 57.12 77.36 -37.23
C VAL M 52 56.11 78.39 -36.76
N PRO M 53 54.93 78.45 -37.37
CA PRO M 53 53.93 79.44 -36.95
C PRO M 53 53.37 79.09 -35.59
N ARG M 54 53.15 80.13 -34.80
CA ARG M 54 52.60 80.01 -33.47
C ARG M 54 51.24 80.71 -33.49
N LYS M 55 50.40 80.38 -32.52
CA LYS M 55 49.04 80.93 -32.52
C LYS M 55 49.09 82.43 -32.23
N GLY M 56 48.83 83.24 -33.26
CA GLY M 56 48.96 84.68 -33.14
C GLY M 56 50.34 85.22 -33.44
N ASN M 57 51.31 84.35 -33.75
CA ASN M 57 52.68 84.77 -34.05
C ASN M 57 53.12 84.13 -35.34
N ALA M 58 53.60 84.96 -36.27
CA ALA M 58 54.25 84.39 -37.45
C ALA M 58 55.53 83.67 -37.06
N GLY M 59 55.99 82.80 -37.95
CA GLY M 59 57.26 82.14 -37.73
C GLY M 59 58.44 83.07 -37.93
N THR M 60 59.63 82.57 -37.57
CA THR M 60 60.88 83.24 -37.85
C THR M 60 61.87 82.22 -38.39
N THR M 61 62.50 82.53 -39.53
CA THR M 61 63.47 81.66 -40.16
C THR M 61 64.86 81.90 -39.57
N LYS M 62 65.52 80.83 -39.13
CA LYS M 62 66.89 80.95 -38.64
C LYS M 62 67.82 80.27 -39.64
N THR M 63 69.02 80.84 -39.80
CA THR M 63 69.99 80.36 -40.78
C THR M 63 71.37 80.51 -40.18
N THR M 64 72.18 79.45 -40.24
CA THR M 64 73.48 79.47 -39.58
C THR M 64 74.52 78.82 -40.49
N LEU M 65 75.57 79.57 -40.81
CA LEU M 65 76.65 79.12 -41.69
C LEU M 65 77.97 79.23 -40.92
N SER M 66 78.65 78.10 -40.70
CA SER M 66 79.87 78.06 -39.91
C SER M 66 81.03 77.50 -40.72
N LEU M 67 82.11 78.25 -40.84
CA LEU M 67 83.36 77.76 -41.40
C LEU M 67 84.28 77.38 -40.24
N ARG M 68 84.68 76.11 -40.20
CA ARG M 68 85.57 75.59 -39.16
C ARG M 68 86.80 74.97 -39.80
N ARG M 69 87.97 75.51 -39.46
CA ARG M 69 89.24 74.96 -39.91
C ARG M 69 90.14 74.66 -38.72
N GLU M 70 90.59 73.42 -38.59
CA GLU M 70 91.50 73.04 -37.51
C GLU M 70 92.92 73.12 -38.05
N VAL M 71 93.65 74.15 -37.62
CA VAL M 71 94.96 74.45 -38.16
C VAL M 71 96.02 73.96 -37.19
N THR M 72 97.15 73.50 -37.73
CA THR M 72 98.30 73.17 -36.91
C THR M 72 98.99 74.47 -36.47
N ILE M 73 99.20 74.61 -35.17
CA ILE M 73 99.83 75.78 -34.58
C ILE M 73 101.25 75.42 -34.20
N ASN M 74 102.18 76.34 -34.49
CA ASN M 74 103.61 76.29 -34.23
C ASN M 74 104.19 74.89 -34.48
N LYS M 75 104.09 74.49 -35.75
CA LYS M 75 104.57 73.19 -36.18
C LYS M 75 106.06 73.01 -35.89
N GLY M 76 106.88 73.98 -36.29
CA GLY M 76 108.31 73.85 -36.09
C GLY M 76 108.68 73.76 -34.62
N THR M 77 108.00 74.54 -33.78
CA THR M 77 108.28 74.56 -32.36
C THR M 77 107.73 73.29 -31.71
N ASP M 78 108.24 72.98 -30.53
CA ASP M 78 107.69 71.92 -29.72
C ASP M 78 106.27 72.27 -29.28
N GLN M 79 105.50 71.23 -28.95
CA GLN M 79 104.10 71.37 -28.53
C GLN M 79 103.22 71.92 -29.66
N GLU M 80 103.46 71.46 -30.88
CA GLU M 80 102.59 71.85 -31.98
C GLU M 80 101.21 71.26 -31.75
N LYS M 81 100.16 72.02 -32.04
CA LYS M 81 98.82 71.52 -31.71
C LYS M 81 97.81 71.91 -32.77
N ILE M 82 96.91 70.98 -33.09
CA ILE M 82 95.83 71.26 -34.03
C ILE M 82 94.68 71.90 -33.27
N VAL M 83 94.40 73.16 -33.59
CA VAL M 83 93.42 73.93 -32.84
C VAL M 83 92.42 74.51 -33.83
N PRO M 84 91.12 74.53 -33.52
CA PRO M 84 90.15 75.04 -34.49
C PRO M 84 89.92 76.55 -34.45
N MET M 85 89.87 77.18 -35.63
CA MET M 85 89.36 78.53 -35.77
C MET M 85 88.02 78.47 -36.48
N ILE M 86 87.08 79.30 -36.03
CA ILE M 86 85.71 79.27 -36.52
C ILE M 86 85.26 80.67 -36.87
N ALA M 87 84.51 80.78 -37.96
CA ALA M 87 83.82 82.02 -38.34
C ALA M 87 82.39 81.68 -38.75
N ARG M 88 81.41 82.23 -38.02
CA ARG M 88 79.99 81.96 -38.21
C ARG M 88 79.23 83.20 -38.61
N ILE M 89 78.27 83.00 -39.52
CA ILE M 89 77.19 83.92 -39.79
C ILE M 89 75.94 83.28 -39.21
N GLU M 90 75.20 84.01 -38.37
CA GLU M 90 73.95 83.52 -37.83
C GLU M 90 72.89 84.59 -38.06
N THR M 91 71.72 84.20 -38.56
CA THR M 91 70.72 85.17 -38.99
C THR M 91 69.31 84.69 -38.68
N SER M 92 68.57 85.48 -37.91
CA SER M 92 67.17 85.22 -37.62
C SER M 92 66.31 86.31 -38.27
N VAL M 93 65.45 85.90 -39.21
CA VAL M 93 64.59 86.82 -39.96
C VAL M 93 63.15 86.43 -39.70
N PRO M 94 62.33 87.29 -39.10
CA PRO M 94 60.90 87.02 -39.02
C PRO M 94 60.25 87.09 -40.39
N VAL M 95 59.03 86.53 -40.49
CA VAL M 95 58.41 86.34 -41.79
C VAL M 95 58.08 87.67 -42.45
N GLY M 96 57.50 88.60 -41.68
CA GLY M 96 57.04 89.88 -42.23
C GLY M 96 58.13 90.76 -42.84
N VAL M 97 59.39 90.36 -42.75
CA VAL M 97 60.50 91.22 -43.16
C VAL M 97 60.52 91.38 -44.68
N SER M 98 60.90 92.58 -45.14
CA SER M 98 61.12 92.85 -46.55
C SER M 98 62.53 92.48 -46.96
N GLN M 99 62.65 91.80 -48.10
CA GLN M 99 63.95 91.41 -48.62
C GLN M 99 64.86 92.62 -48.82
N ASP M 100 64.28 93.78 -49.13
CA ASP M 100 65.07 95.00 -49.25
C ASP M 100 65.75 95.37 -47.95
N ASP M 101 64.94 95.51 -46.87
CA ASP M 101 65.47 95.82 -45.56
C ASP M 101 66.56 94.83 -45.15
N PHE M 102 66.30 93.55 -45.36
CA PHE M 102 67.23 92.56 -44.85
C PHE M 102 68.50 92.50 -45.68
N LYS M 103 68.42 92.66 -47.00
CA LYS M 103 69.65 92.70 -47.78
C LYS M 103 70.46 93.94 -47.43
N ALA M 104 69.80 95.02 -47.02
CA ALA M 104 70.53 96.17 -46.50
C ALA M 104 71.34 95.80 -45.26
N MET M 105 70.69 95.16 -44.29
CA MET M 105 71.44 94.71 -43.12
C MET M 105 72.59 93.79 -43.50
N ILE M 106 72.38 92.90 -44.46
CA ILE M 106 73.42 91.94 -44.83
C ILE M 106 74.61 92.68 -45.43
N GLU M 107 74.34 93.58 -46.38
CA GLU M 107 75.42 94.36 -47.01
C GLU M 107 76.21 95.12 -45.96
N GLY M 108 75.52 95.68 -44.97
CA GLY M 108 76.24 96.30 -43.87
C GLY M 108 77.12 95.32 -43.12
N LEU M 109 76.54 94.16 -42.76
CA LEU M 109 77.25 93.17 -41.96
C LEU M 109 78.49 92.64 -42.68
N ALA M 110 78.47 92.64 -44.01
CA ALA M 110 79.61 92.09 -44.75
C ALA M 110 80.84 92.99 -44.64
N CYS M 111 80.63 94.29 -44.39
CA CYS M 111 81.72 95.26 -44.44
C CYS M 111 82.90 94.93 -43.53
N PRO M 112 82.72 94.62 -42.24
CA PRO M 112 83.90 94.34 -41.39
C PRO M 112 84.68 93.12 -41.82
N LEU M 113 84.04 92.17 -42.51
CA LEU M 113 84.78 90.99 -42.95
C LEU M 113 85.83 91.34 -43.99
N LEU M 114 85.52 92.28 -44.87
CA LEU M 114 86.41 92.59 -45.99
C LEU M 114 87.27 93.81 -45.64
N LEU M 115 88.22 93.59 -44.73
CA LEU M 115 89.13 94.63 -44.27
C LEU M 115 90.58 94.19 -44.43
N ASP M 116 91.49 95.16 -44.33
CA ASP M 116 92.91 94.90 -44.49
C ASP M 116 93.48 94.14 -43.29
N GLU M 117 94.67 93.56 -43.51
CA GLU M 117 95.29 92.70 -42.49
C GLU M 117 95.50 93.45 -41.18
N ILE M 118 95.80 94.74 -41.26
CA ILE M 118 96.08 95.51 -40.05
C ILE M 118 94.84 95.52 -39.14
N HIS M 119 93.71 95.96 -39.69
CA HIS M 119 92.49 96.01 -38.90
C HIS M 119 92.03 94.62 -38.48
N VAL M 120 92.18 93.64 -39.38
CA VAL M 120 91.70 92.29 -39.05
C VAL M 120 92.50 91.72 -37.87
N ASN M 121 93.82 91.89 -37.89
CA ASN M 121 94.63 91.40 -36.78
C ASN M 121 94.37 92.20 -35.50
N ASP M 122 94.11 93.51 -35.64
CA ASP M 122 93.84 94.31 -34.45
C ASP M 122 92.52 93.92 -33.79
N LEU M 123 91.50 93.59 -34.58
CA LEU M 123 90.17 93.32 -34.03
C LEU M 123 89.94 91.84 -33.71
N PHE M 124 90.09 90.96 -34.71
CA PHE M 124 89.65 89.58 -34.56
C PHE M 124 90.64 88.69 -33.83
N LEU M 125 91.92 89.05 -33.84
CA LEU M 125 92.98 88.26 -33.21
C LEU M 125 93.54 88.91 -31.95
N SER M 126 93.95 90.18 -32.01
CA SER M 126 94.48 90.85 -30.83
C SER M 126 93.38 91.18 -29.85
N GLY M 127 92.20 91.52 -30.35
CA GLY M 127 91.07 91.83 -29.51
C GLY M 127 90.89 93.30 -29.19
N LEU M 128 91.51 94.18 -29.96
CA LEU M 128 91.41 95.60 -29.72
C LEU M 128 89.99 96.11 -29.98
N PRO M 129 89.65 97.28 -29.47
CA PRO M 129 88.31 97.83 -29.75
C PRO M 129 88.24 98.29 -31.20
N ILE M 130 87.01 98.46 -31.69
CA ILE M 130 86.81 98.87 -33.07
C ILE M 130 87.45 100.23 -33.31
N ALA M 131 88.20 100.35 -34.41
CA ALA M 131 88.84 101.62 -34.78
C ALA M 131 87.81 102.52 -35.43
N THR M 132 87.37 103.55 -34.70
CA THR M 132 86.37 104.49 -35.21
C THR M 132 87.08 105.62 -35.96
N THR M 133 86.49 106.05 -37.07
CA THR M 133 87.10 107.10 -37.89
C THR M 133 86.08 108.21 -38.11
N ASP M 134 86.43 109.43 -37.71
CA ASP M 134 85.52 110.56 -37.92
C ASP M 134 85.25 110.74 -39.41
N VAL M 135 83.97 110.78 -39.76
CA VAL M 135 83.58 111.01 -41.16
C VAL M 135 83.89 112.46 -41.53
N PRO M 136 84.61 112.73 -42.61
CA PRO M 136 84.85 114.12 -42.99
C PRO M 136 83.54 114.79 -43.34
N ASP M 137 83.19 115.83 -42.57
CA ASP M 137 82.01 116.63 -42.90
C ASP M 137 82.13 117.20 -44.31
N ASN M 138 83.37 117.39 -44.77
CA ASN M 138 83.60 117.92 -46.11
C ASN M 138 83.16 116.93 -47.18
N GLU M 139 83.39 115.65 -46.93
CA GLU M 139 83.17 114.56 -47.87
C GLU M 139 81.70 114.15 -47.91
N PRO M 140 81.28 113.38 -48.93
CA PRO M 140 79.86 113.03 -49.02
C PRO M 140 79.44 112.11 -47.89
N LEU M 141 78.16 112.21 -47.53
CA LEU M 141 77.65 111.32 -46.49
C LEU M 141 77.64 109.88 -47.00
N PRO M 142 78.12 108.93 -46.22
CA PRO M 142 78.20 107.53 -46.66
C PRO M 142 76.81 106.95 -46.83
N PRO M 143 76.70 105.74 -47.43
CA PRO M 143 75.37 105.18 -47.69
C PRO M 143 74.59 104.93 -46.41
N ALA M 144 73.28 105.15 -46.47
CA ALA M 144 72.47 105.17 -45.27
C ALA M 144 72.38 103.80 -44.60
N LEU M 145 72.61 102.71 -45.32
CA LEU M 145 72.48 101.34 -44.81
C LEU M 145 71.01 100.93 -44.64
N LEU M 146 70.12 101.55 -45.42
CA LEU M 146 68.66 101.39 -45.33
C LEU M 146 68.18 100.96 -43.95
N SER N 1 109.58 27.57 -53.75
CA SER N 1 110.10 28.91 -54.04
C SER N 1 109.06 29.98 -53.75
N ILE N 2 108.94 30.94 -54.67
CA ILE N 2 107.95 32.00 -54.58
C ILE N 2 106.92 31.75 -55.68
N LYS N 3 105.64 31.90 -55.35
CA LYS N 3 104.57 31.48 -56.23
C LYS N 3 103.61 32.62 -56.55
N TYR N 4 103.27 32.73 -57.83
CA TYR N 4 102.08 33.47 -58.25
C TYR N 4 100.87 32.94 -57.50
N ILE N 5 100.22 33.83 -56.76
CA ILE N 5 98.88 33.58 -56.25
C ILE N 5 97.84 33.93 -57.32
N PHE N 6 97.98 35.11 -57.93
CA PHE N 6 97.13 35.55 -59.01
C PHE N 6 98.00 36.21 -60.07
N LYS N 7 98.08 35.59 -61.25
CA LYS N 7 98.81 36.18 -62.35
C LYS N 7 97.98 37.30 -62.98
N LYS N 8 98.59 38.45 -63.17
CA LYS N 8 97.91 39.59 -63.77
C LYS N 8 97.54 39.31 -65.23
N THR N 9 96.31 39.67 -65.59
CA THR N 9 95.83 39.52 -66.95
C THR N 9 95.58 40.88 -67.57
N ASP N 10 95.81 40.99 -68.88
CA ASP N 10 95.61 42.24 -69.60
C ASP N 10 94.14 42.41 -69.96
N THR N 11 93.32 42.44 -68.92
CA THR N 11 91.87 42.59 -69.04
C THR N 11 91.49 43.87 -68.28
N LEU N 12 91.16 44.92 -69.04
CA LEU N 12 90.83 46.20 -68.42
C LEU N 12 89.51 46.11 -67.68
N PRO N 13 89.37 46.82 -66.56
CA PRO N 13 88.10 46.79 -65.83
C PRO N 13 87.03 47.60 -66.55
N ARG N 14 85.80 47.07 -66.53
CA ARG N 14 84.67 47.80 -67.07
C ARG N 14 84.40 49.04 -66.23
N SER N 15 84.29 50.19 -66.89
CA SER N 15 83.84 51.39 -66.19
C SER N 15 82.46 51.16 -65.60
N VAL N 16 82.16 51.87 -64.51
CA VAL N 16 80.93 51.67 -63.76
C VAL N 16 80.03 52.87 -63.96
N ILE N 17 78.91 52.66 -64.65
CA ILE N 17 77.98 53.73 -64.99
C ILE N 17 76.67 53.44 -64.27
N GLY N 18 76.03 54.49 -63.76
CA GLY N 18 74.81 54.29 -63.02
C GLY N 18 74.06 55.59 -62.84
N ASN N 19 73.05 55.54 -61.96
CA ASN N 19 72.34 56.74 -61.57
C ASN N 19 71.89 56.60 -60.12
N VAL N 20 72.00 57.68 -59.35
CA VAL N 20 71.69 57.62 -57.92
C VAL N 20 70.22 57.29 -57.72
N LEU N 21 69.96 56.23 -56.95
CA LEU N 21 68.59 55.79 -56.69
C LEU N 21 68.01 56.35 -55.40
N ARG N 22 68.58 55.98 -54.26
CA ARG N 22 68.09 56.49 -52.98
C ARG N 22 69.21 56.54 -51.97
N THR N 23 69.12 57.54 -51.10
CA THR N 23 70.08 57.76 -50.02
C THR N 23 69.41 57.22 -48.76
N THR N 24 69.80 56.00 -48.38
CA THR N 24 69.22 55.35 -47.20
C THR N 24 69.55 56.12 -45.93
N GLY N 25 70.84 56.27 -45.63
CA GLY N 25 71.27 56.99 -44.46
C GLY N 25 72.24 58.09 -44.83
N PRO N 26 72.73 58.83 -43.83
CA PRO N 26 73.72 59.88 -44.14
C PRO N 26 75.01 59.31 -44.68
N ASP N 27 75.41 58.14 -44.17
CA ASP N 27 76.61 57.45 -44.63
C ASP N 27 76.33 56.38 -45.69
N THR N 28 75.08 56.22 -46.12
CA THR N 28 74.70 55.12 -47.01
C THR N 28 73.93 55.67 -48.20
N THR N 29 74.46 55.43 -49.41
CA THR N 29 73.78 55.82 -50.64
C THR N 29 73.70 54.62 -51.56
N VAL N 30 72.61 54.52 -52.32
CA VAL N 30 72.35 53.35 -53.16
C VAL N 30 72.10 53.81 -54.58
N TYR N 31 72.83 53.23 -55.52
CA TYR N 31 72.80 53.59 -56.92
C TYR N 31 72.14 52.45 -57.70
N SER N 32 71.28 52.82 -58.66
CA SER N 32 70.69 51.88 -59.59
C SER N 32 71.55 51.83 -60.85
N LEU N 33 71.94 50.63 -61.24
CA LEU N 33 72.79 50.37 -62.39
C LEU N 33 71.95 49.99 -63.59
N PRO N 34 72.56 49.89 -64.76
CA PRO N 34 71.79 49.45 -65.94
C PRO N 34 71.25 48.05 -65.77
N GLY N 35 70.12 47.78 -66.41
CA GLY N 35 69.47 46.49 -66.29
C GLY N 35 68.73 46.28 -65.00
N HIS N 36 68.60 47.32 -64.18
CA HIS N 36 67.82 47.27 -62.94
C HIS N 36 66.35 47.35 -63.28
N THR N 37 65.74 46.19 -63.50
CA THR N 37 64.29 46.14 -63.55
C THR N 37 63.75 46.01 -62.14
N PRO N 38 62.48 46.36 -61.93
CA PRO N 38 61.87 46.04 -60.63
C PRO N 38 61.82 44.55 -60.38
N VAL N 39 61.73 43.75 -61.45
CA VAL N 39 61.72 42.30 -61.30
C VAL N 39 63.10 41.79 -60.88
N ASN N 40 64.15 42.29 -61.54
CA ASN N 40 65.52 41.79 -61.36
C ASN N 40 66.41 42.95 -60.98
N PRO N 41 66.37 43.39 -59.72
CA PRO N 41 67.10 44.60 -59.35
C PRO N 41 68.62 44.43 -59.44
N PHE N 42 69.28 45.52 -59.82
CA PHE N 42 70.73 45.61 -59.92
C PHE N 42 71.13 46.87 -59.18
N THR N 43 71.86 46.76 -58.06
CA THR N 43 72.21 47.99 -57.34
C THR N 43 73.61 47.92 -56.75
N LEU N 44 74.28 49.07 -56.77
CA LEU N 44 75.51 49.31 -56.02
C LEU N 44 75.18 50.11 -54.77
N THR N 45 75.47 49.54 -53.60
CA THR N 45 75.30 50.24 -52.33
C THR N 45 76.67 50.65 -51.80
N ALA N 46 76.78 51.90 -51.37
CA ALA N 46 78.04 52.46 -50.89
C ALA N 46 77.83 53.00 -49.49
N VAL N 47 78.65 52.53 -48.55
CA VAL N 47 78.57 52.91 -47.15
C VAL N 47 79.97 53.36 -46.72
N SER N 48 80.15 54.66 -46.54
CA SER N 48 81.44 55.24 -46.20
C SER N 48 81.33 55.85 -44.81
N ARG N 49 81.90 55.17 -43.82
CA ARG N 49 81.83 55.59 -42.43
C ARG N 49 83.09 56.35 -42.05
N LEU N 50 82.89 57.62 -41.69
CA LEU N 50 83.96 58.55 -41.45
C LEU N 50 84.67 58.22 -40.14
N PRO N 51 85.90 58.68 -39.98
CA PRO N 51 86.67 58.31 -38.79
C PRO N 51 86.40 59.25 -37.63
N VAL N 52 86.08 58.70 -36.46
CA VAL N 52 85.88 59.48 -35.26
C VAL N 52 87.17 59.43 -34.44
N PRO N 53 87.84 60.55 -34.20
CA PRO N 53 89.11 60.51 -33.44
C PRO N 53 88.82 60.53 -31.96
N ARG N 54 89.21 59.48 -31.25
CA ARG N 54 89.24 59.48 -29.80
C ARG N 54 90.53 60.12 -29.31
N LYS N 55 90.51 60.58 -28.06
CA LYS N 55 91.68 61.30 -27.55
C LYS N 55 92.90 60.38 -27.56
N GLY N 56 93.95 60.80 -28.25
CA GLY N 56 95.13 60.00 -28.41
C GLY N 56 95.07 58.97 -29.52
N ASN N 57 94.01 58.95 -30.31
CA ASN N 57 93.86 58.00 -31.41
C ASN N 57 93.33 58.73 -32.64
N ALA N 58 94.02 58.55 -33.77
CA ALA N 58 93.44 58.97 -35.02
C ALA N 58 92.29 58.03 -35.40
N GLY N 59 91.38 58.55 -36.20
CA GLY N 59 90.27 57.73 -36.64
C GLY N 59 90.70 56.57 -37.52
N THR N 60 89.72 55.75 -37.91
CA THR N 60 89.89 54.72 -38.93
C THR N 60 88.69 54.77 -39.85
N THR N 61 88.92 55.04 -41.14
CA THR N 61 87.85 55.19 -42.12
C THR N 61 87.44 53.83 -42.69
N LYS N 62 86.15 53.53 -42.67
CA LYS N 62 85.66 52.30 -43.26
C LYS N 62 84.87 52.62 -44.53
N THR N 63 85.01 51.78 -45.55
CA THR N 63 84.39 52.01 -46.84
C THR N 63 83.90 50.68 -47.39
N THR N 64 82.64 50.61 -47.80
CA THR N 64 82.04 49.35 -48.24
C THR N 64 81.25 49.59 -49.52
N LEU N 65 81.57 48.82 -50.56
CA LEU N 65 80.95 48.94 -51.88
C LEU N 65 80.42 47.56 -52.27
N SER N 66 79.10 47.44 -52.42
CA SER N 66 78.47 46.15 -52.69
C SER N 66 77.67 46.22 -53.98
N LEU N 67 77.99 45.35 -54.93
CA LEU N 67 77.15 45.13 -56.11
C LEU N 67 76.27 43.92 -55.86
N ARG N 68 74.96 44.10 -55.94
CA ARG N 68 74.00 43.03 -55.76
C ARG N 68 73.06 42.99 -56.96
N ARG N 69 73.01 41.84 -57.64
CA ARG N 69 72.08 41.68 -58.75
C ARG N 69 71.39 40.33 -58.66
N GLU N 70 70.05 40.35 -58.70
CA GLU N 70 69.25 39.16 -58.48
C GLU N 70 68.88 38.55 -59.84
N VAL N 71 69.56 37.47 -60.22
CA VAL N 71 69.37 36.87 -61.53
C VAL N 71 68.21 35.88 -61.49
N THR N 72 67.42 35.86 -62.57
CA THR N 72 66.53 34.74 -62.83
C THR N 72 67.38 33.58 -63.29
N ILE N 73 67.65 32.65 -62.37
CA ILE N 73 68.37 31.42 -62.64
C ILE N 73 67.43 30.38 -63.22
N ASN N 74 67.97 29.65 -64.20
CA ASN N 74 67.32 28.59 -64.99
C ASN N 74 65.89 28.95 -65.36
N LYS N 75 65.77 30.07 -66.09
CA LYS N 75 64.49 30.59 -66.52
C LYS N 75 63.72 29.57 -67.37
N GLY N 76 64.36 29.05 -68.41
CA GLY N 76 63.65 28.12 -69.28
C GLY N 76 63.03 26.96 -68.52
N THR N 77 63.78 26.39 -67.57
CA THR N 77 63.32 25.23 -66.81
C THR N 77 62.26 25.65 -65.81
N ASP N 78 61.37 24.72 -65.48
CA ASP N 78 60.39 24.96 -64.45
C ASP N 78 61.06 25.07 -63.08
N GLN N 79 60.32 25.65 -62.13
CA GLN N 79 60.88 26.05 -60.84
C GLN N 79 62.09 26.97 -61.04
N GLU N 80 61.94 27.90 -61.98
CA GLU N 80 62.94 28.94 -62.20
C GLU N 80 62.90 29.89 -61.02
N LYS N 81 64.05 30.45 -60.63
CA LYS N 81 64.02 31.25 -59.40
C LYS N 81 64.83 32.52 -59.55
N ILE N 82 64.52 33.52 -58.71
CA ILE N 82 65.30 34.76 -58.68
C ILE N 82 66.21 34.70 -57.45
N VAL N 83 67.52 34.78 -57.69
CA VAL N 83 68.48 34.58 -56.60
C VAL N 83 69.56 35.65 -56.70
N PRO N 84 69.97 36.26 -55.58
CA PRO N 84 70.93 37.37 -55.65
C PRO N 84 72.39 36.98 -55.61
N MET N 85 73.19 37.46 -56.57
CA MET N 85 74.64 37.33 -56.47
C MET N 85 75.22 38.66 -56.00
N ILE N 86 76.24 38.59 -55.15
CA ILE N 86 76.77 39.78 -54.50
C ILE N 86 78.29 39.74 -54.54
N ALA N 87 78.90 40.89 -54.86
CA ALA N 87 80.34 41.06 -54.78
C ALA N 87 80.64 42.40 -54.09
N ARG N 88 81.42 42.34 -53.00
CA ARG N 88 81.71 43.47 -52.13
C ARG N 88 83.20 43.74 -52.05
N ILE N 89 83.51 45.03 -52.00
CA ILE N 89 84.81 45.52 -51.59
C ILE N 89 84.60 46.17 -50.22
N GLU N 90 85.35 45.73 -49.21
CA GLU N 90 85.28 46.32 -47.87
C GLU N 90 86.68 46.73 -47.46
N THR N 91 86.85 47.95 -46.98
CA THR N 91 88.17 48.50 -46.74
C THR N 91 88.22 49.34 -45.47
N SER N 92 89.14 48.98 -44.57
CA SER N 92 89.35 49.74 -43.34
C SER N 92 90.76 50.33 -43.37
N VAL N 93 90.85 51.66 -43.45
CA VAL N 93 92.12 52.37 -43.54
C VAL N 93 92.23 53.30 -42.34
N PRO N 94 93.16 53.07 -41.42
CA PRO N 94 93.41 54.03 -40.35
C PRO N 94 93.95 55.35 -40.91
N VAL N 95 93.86 56.39 -40.09
CA VAL N 95 94.17 57.74 -40.59
C VAL N 95 95.62 57.83 -41.02
N GLY N 96 96.56 57.46 -40.15
CA GLY N 96 97.99 57.59 -40.44
C GLY N 96 98.50 56.94 -41.72
N VAL N 97 97.67 56.11 -42.36
CA VAL N 97 98.11 55.36 -43.54
C VAL N 97 98.51 56.29 -44.68
N SER N 98 99.53 55.87 -45.44
CA SER N 98 99.99 56.62 -46.60
C SER N 98 99.23 56.21 -47.86
N GLN N 99 98.82 57.23 -48.63
CA GLN N 99 98.06 56.98 -49.84
C GLN N 99 98.84 56.12 -50.83
N ASP N 100 100.16 56.28 -50.88
CA ASP N 100 100.98 55.45 -51.76
C ASP N 100 100.87 53.97 -51.40
N ASP N 101 101.09 53.66 -50.12
CA ASP N 101 101.05 52.27 -49.66
C ASP N 101 99.68 51.66 -49.93
N PHE N 102 98.63 52.38 -49.56
CA PHE N 102 97.31 51.79 -49.70
C PHE N 102 96.89 51.68 -51.16
N LYS N 103 97.32 52.61 -52.02
CA LYS N 103 96.99 52.51 -53.43
C LYS N 103 97.68 51.31 -54.07
N ALA N 104 98.91 51.01 -53.62
CA ALA N 104 99.59 49.81 -54.12
C ALA N 104 98.89 48.54 -53.67
N MET N 105 98.50 48.49 -52.40
CA MET N 105 97.75 47.34 -51.90
C MET N 105 96.43 47.16 -52.65
N ILE N 106 95.74 48.25 -52.96
CA ILE N 106 94.51 48.18 -53.75
C ILE N 106 94.80 47.61 -55.14
N GLU N 107 95.82 48.14 -55.81
CA GLU N 107 96.21 47.63 -57.11
C GLU N 107 96.44 46.14 -57.07
N GLY N 108 97.09 45.66 -56.00
CA GLY N 108 97.25 44.23 -55.84
C GLY N 108 95.93 43.50 -55.69
N LEU N 109 95.05 44.03 -54.85
CA LEU N 109 93.77 43.37 -54.58
C LEU N 109 92.90 43.30 -55.83
N ALA N 110 93.07 44.23 -56.77
CA ALA N 110 92.25 44.20 -57.96
C ALA N 110 92.60 43.05 -58.90
N CYS N 111 93.76 42.41 -58.71
CA CYS N 111 94.24 41.42 -59.67
C CYS N 111 93.34 40.19 -59.78
N PRO N 112 92.90 39.54 -58.69
CA PRO N 112 92.05 38.35 -58.85
C PRO N 112 90.71 38.64 -59.49
N LEU N 113 90.26 39.88 -59.44
CA LEU N 113 88.99 40.21 -60.08
C LEU N 113 89.09 40.12 -61.60
N LEU N 114 90.20 40.56 -62.17
CA LEU N 114 90.33 40.64 -63.62
C LEU N 114 91.05 39.39 -64.15
N LEU N 115 90.34 38.26 -64.06
CA LEU N 115 90.86 36.98 -64.51
C LEU N 115 89.95 36.37 -65.56
N ASP N 116 90.48 35.34 -66.23
CA ASP N 116 89.75 34.66 -67.30
C ASP N 116 88.63 33.78 -66.74
N GLU N 117 87.70 33.42 -67.63
CA GLU N 117 86.52 32.67 -67.21
C GLU N 117 86.90 31.36 -66.53
N ILE N 118 87.97 30.73 -67.00
CA ILE N 118 88.35 29.43 -66.43
C ILE N 118 88.67 29.59 -64.95
N HIS N 119 89.60 30.50 -64.62
CA HIS N 119 89.96 30.70 -63.21
C HIS N 119 88.77 31.23 -62.41
N VAL N 120 87.96 32.10 -63.00
CA VAL N 120 86.87 32.71 -62.24
C VAL N 120 85.84 31.65 -61.87
N ASN N 121 85.50 30.77 -62.81
CA ASN N 121 84.58 29.67 -62.51
C ASN N 121 85.19 28.69 -61.53
N ASP N 122 86.51 28.43 -61.64
CA ASP N 122 87.13 27.49 -60.72
C ASP N 122 87.15 28.01 -59.29
N LEU N 123 87.31 29.32 -59.09
CA LEU N 123 87.45 29.85 -57.75
C LEU N 123 86.16 30.39 -57.14
N PHE N 124 85.45 31.28 -57.84
CA PHE N 124 84.36 32.02 -57.21
C PHE N 124 83.03 31.26 -57.24
N LEU N 125 82.81 30.41 -58.24
CA LEU N 125 81.58 29.64 -58.34
C LEU N 125 81.76 28.21 -57.86
N SER N 126 82.74 27.49 -58.40
CA SER N 126 82.93 26.09 -58.05
C SER N 126 83.49 25.93 -56.64
N GLY N 127 84.32 26.88 -56.21
CA GLY N 127 84.96 26.77 -54.91
C GLY N 127 86.22 25.95 -54.90
N LEU N 128 86.75 25.57 -56.07
CA LEU N 128 87.99 24.81 -56.15
C LEU N 128 89.13 25.60 -55.49
N PRO N 129 90.14 24.92 -54.97
CA PRO N 129 91.25 25.63 -54.31
C PRO N 129 92.07 26.43 -55.30
N ILE N 130 92.76 27.46 -54.77
CA ILE N 130 93.60 28.30 -55.61
C ILE N 130 94.82 27.53 -56.07
N ALA N 131 95.12 27.60 -57.37
CA ALA N 131 96.27 26.91 -57.95
C ALA N 131 97.46 27.85 -57.97
N THR N 132 98.46 27.56 -57.13
CA THR N 132 99.68 28.36 -57.08
C THR N 132 100.56 28.03 -58.27
N THR N 133 101.16 29.06 -58.86
CA THR N 133 102.00 28.87 -60.05
C THR N 133 103.44 29.28 -59.74
N ASP N 134 104.38 28.37 -59.98
CA ASP N 134 105.78 28.71 -59.76
C ASP N 134 106.21 29.85 -60.67
N VAL N 135 106.79 30.88 -60.08
CA VAL N 135 107.36 31.98 -60.86
C VAL N 135 108.65 31.50 -61.52
N PRO N 136 108.84 31.69 -62.81
CA PRO N 136 110.08 31.23 -63.45
C PRO N 136 111.28 32.00 -62.89
N ASP N 137 112.21 31.27 -62.27
CA ASP N 137 113.43 31.89 -61.79
C ASP N 137 114.18 32.58 -62.92
N ASN N 138 114.02 32.09 -64.15
CA ASN N 138 114.68 32.70 -65.30
C ASN N 138 114.07 34.05 -65.62
N GLU N 139 112.76 34.19 -65.46
CA GLU N 139 112.03 35.41 -65.81
C GLU N 139 112.24 36.49 -64.74
N PRO N 140 111.97 37.75 -65.07
CA PRO N 140 112.19 38.82 -64.09
C PRO N 140 111.19 38.75 -62.95
N LEU N 141 111.64 39.18 -61.78
CA LEU N 141 110.78 39.11 -60.60
C LEU N 141 109.57 40.03 -60.77
N PRO N 142 108.38 39.59 -60.39
CA PRO N 142 107.18 40.41 -60.55
C PRO N 142 107.19 41.60 -59.60
N PRO N 143 106.29 42.58 -59.80
CA PRO N 143 106.32 43.78 -58.96
C PRO N 143 106.13 43.45 -57.49
N ALA N 144 106.79 44.24 -56.63
CA ALA N 144 106.85 43.92 -55.21
C ALA N 144 105.53 44.11 -54.49
N LEU N 145 104.60 44.89 -55.05
CA LEU N 145 103.30 45.18 -54.45
C LEU N 145 103.41 46.18 -53.29
N LEU N 146 104.52 46.91 -53.22
CA LEU N 146 104.84 47.83 -52.12
C LEU N 146 104.36 47.33 -50.77
N SER O 1 21.68 50.56 -70.11
CA SER O 1 22.75 50.31 -71.06
C SER O 1 24.12 50.53 -70.44
N ILE O 2 24.99 51.17 -71.21
CA ILE O 2 26.34 51.52 -70.76
C ILE O 2 26.38 53.03 -70.56
N LYS O 3 26.94 53.46 -69.43
CA LYS O 3 26.90 54.87 -69.05
C LYS O 3 28.29 55.46 -68.95
N TYR O 4 28.45 56.67 -69.49
CA TYR O 4 29.52 57.56 -69.10
C TYR O 4 29.50 57.73 -67.59
N ILE O 5 30.61 57.34 -66.96
CA ILE O 5 30.89 57.71 -65.57
C ILE O 5 31.44 59.12 -65.54
N PHE O 6 32.49 59.37 -66.33
CA PHE O 6 33.09 60.69 -66.46
C PHE O 6 33.35 60.94 -67.94
N LYS O 7 32.64 61.92 -68.50
CA LYS O 7 32.85 62.30 -69.90
C LYS O 7 34.11 63.14 -70.01
N LYS O 8 34.99 62.77 -70.93
CA LYS O 8 36.24 63.48 -71.12
C LYS O 8 36.00 64.91 -71.62
N THR O 9 36.72 65.85 -71.02
CA THR O 9 36.65 67.25 -71.42
C THR O 9 37.97 67.69 -72.03
N ASP O 10 37.89 68.61 -72.98
CA ASP O 10 39.08 69.11 -73.67
C ASP O 10 39.72 70.24 -72.86
N THR O 11 40.12 69.88 -71.64
CA THR O 11 40.75 70.81 -70.70
C THR O 11 42.11 70.25 -70.34
N LEU O 12 43.17 70.89 -70.84
CA LEU O 12 44.52 70.39 -70.63
C LEU O 12 44.93 70.57 -69.18
N PRO O 13 45.74 69.65 -68.64
CA PRO O 13 46.20 69.80 -67.26
C PRO O 13 47.24 70.89 -67.12
N ARG O 14 47.13 71.66 -66.04
CA ARG O 14 48.15 72.65 -65.73
C ARG O 14 49.46 71.95 -65.40
N SER O 15 50.54 72.37 -66.07
CA SER O 15 51.85 71.87 -65.70
C SER O 15 52.18 72.26 -64.26
N VAL O 16 52.97 71.43 -63.58
CA VAL O 16 53.25 71.57 -62.16
C VAL O 16 54.66 72.12 -61.97
N ILE O 17 54.75 73.33 -61.45
CA ILE O 17 56.04 74.01 -61.28
C ILE O 17 56.26 74.26 -59.80
N GLY O 18 57.50 74.08 -59.36
CA GLY O 18 57.77 74.20 -57.94
C GLY O 18 59.25 74.32 -57.66
N ASN O 19 59.60 74.10 -56.39
CA ASN O 19 61.01 74.03 -55.99
C ASN O 19 61.12 73.15 -54.75
N VAL O 20 62.18 72.34 -54.68
CA VAL O 20 62.33 71.39 -53.58
C VAL O 20 62.57 72.13 -52.26
N LEU O 21 61.71 71.87 -51.27
CA LEU O 21 61.78 72.55 -49.97
C LEU O 21 62.60 71.78 -48.94
N ARG O 22 62.20 70.55 -48.64
CA ARG O 22 62.92 69.71 -47.69
C ARG O 22 62.73 68.26 -48.10
N THR O 23 63.64 67.42 -47.63
CA THR O 23 63.56 65.97 -47.80
C THR O 23 63.39 65.37 -46.41
N THR O 24 62.14 65.07 -46.05
CA THR O 24 61.83 64.57 -44.72
C THR O 24 62.55 63.25 -44.45
N GLY O 25 62.34 62.26 -45.31
CA GLY O 25 62.96 60.96 -45.16
C GLY O 25 63.58 60.50 -46.46
N PRO O 26 64.12 59.28 -46.46
CA PRO O 26 64.77 58.75 -47.67
C PRO O 26 63.80 58.47 -48.79
N ASP O 27 62.53 58.20 -48.46
CA ASP O 27 61.50 57.96 -49.46
C ASP O 27 60.51 59.13 -49.58
N THR O 28 60.68 60.18 -48.79
CA THR O 28 59.70 61.26 -48.69
C THR O 28 60.40 62.59 -48.99
N THR O 29 59.92 63.30 -50.01
CA THR O 29 60.45 64.62 -50.35
C THR O 29 59.31 65.61 -50.53
N VAL O 30 59.50 66.83 -50.04
CA VAL O 30 58.46 67.84 -49.99
C VAL O 30 58.87 69.04 -50.82
N TYR O 31 57.99 69.46 -51.72
CA TYR O 31 58.23 70.56 -52.64
C TYR O 31 57.33 71.72 -52.26
N SER O 32 57.89 72.93 -52.25
CA SER O 32 57.10 74.14 -52.09
C SER O 32 56.69 74.64 -53.47
N LEU O 33 55.41 74.92 -53.62
CA LEU O 33 54.80 75.38 -54.86
C LEU O 33 54.59 76.88 -54.81
N PRO O 34 54.23 77.51 -55.93
CA PRO O 34 54.02 78.95 -55.91
C PRO O 34 52.90 79.35 -54.96
N GLY O 35 53.02 80.55 -54.39
CA GLY O 35 52.03 81.03 -53.44
C GLY O 35 52.13 80.42 -52.06
N HIS O 36 53.28 79.87 -51.71
CA HIS O 36 53.50 79.21 -50.43
C HIS O 36 54.06 80.22 -49.44
N THR O 37 53.16 80.87 -48.71
CA THR O 37 53.59 81.62 -47.54
C THR O 37 53.63 80.70 -46.32
N PRO O 38 54.43 81.03 -45.31
CA PRO O 38 54.42 80.19 -44.10
C PRO O 38 53.07 80.20 -43.42
N VAL O 39 52.35 81.32 -43.49
CA VAL O 39 51.03 81.40 -42.89
C VAL O 39 50.05 80.51 -43.65
N ASN O 40 50.10 80.55 -44.98
CA ASN O 40 49.16 79.82 -45.85
C ASN O 40 49.95 78.87 -46.74
N PRO O 41 50.47 77.78 -46.19
CA PRO O 41 51.38 76.93 -46.96
C PRO O 41 50.67 76.18 -48.07
N PHE O 42 51.43 75.90 -49.13
CA PHE O 42 50.93 75.15 -50.28
C PHE O 42 52.07 74.33 -50.84
N THR O 43 51.95 72.99 -50.71
CA THR O 43 53.08 72.08 -50.92
C THR O 43 52.64 70.76 -51.52
N LEU O 44 53.52 70.20 -52.35
CA LEU O 44 53.40 68.84 -52.88
C LEU O 44 54.36 67.93 -52.12
N THR O 45 53.81 66.96 -51.40
CA THR O 45 54.60 65.93 -50.76
C THR O 45 54.57 64.68 -51.64
N ALA O 46 55.74 64.05 -51.80
CA ALA O 46 55.89 62.89 -52.66
C ALA O 46 56.56 61.78 -51.85
N VAL O 47 55.87 60.65 -51.72
CA VAL O 47 56.33 59.50 -50.96
C VAL O 47 56.33 58.31 -51.91
N SER O 48 57.52 57.86 -52.33
CA SER O 48 57.65 56.70 -53.22
C SER O 48 58.34 55.58 -52.43
N ARG O 49 57.60 54.50 -52.17
CA ARG O 49 58.10 53.38 -51.39
C ARG O 49 58.37 52.20 -52.32
N LEU O 50 59.63 51.75 -52.30
CA LEU O 50 60.09 50.67 -53.16
C LEU O 50 59.43 49.35 -52.77
N PRO O 51 59.43 48.37 -53.69
CA PRO O 51 58.91 47.06 -53.34
C PRO O 51 59.90 46.28 -52.49
N VAL O 52 59.39 45.62 -51.47
CA VAL O 52 60.17 44.73 -50.63
C VAL O 52 59.78 43.31 -50.96
N PRO O 53 60.66 42.50 -51.53
CA PRO O 53 60.29 41.12 -51.87
C PRO O 53 60.00 40.33 -50.61
N ARG O 54 59.02 39.44 -50.72
CA ARG O 54 58.64 38.54 -49.65
C ARG O 54 58.82 37.12 -50.16
N LYS O 55 59.05 36.18 -49.26
CA LYS O 55 59.37 34.82 -49.68
C LYS O 55 58.17 34.23 -50.42
N GLY O 56 58.32 34.04 -51.73
CA GLY O 56 57.23 33.59 -52.58
C GLY O 56 56.36 34.69 -53.15
N ASN O 57 56.62 35.95 -52.80
CA ASN O 57 55.79 37.07 -53.24
C ASN O 57 56.68 38.15 -53.83
N ALA O 58 56.34 38.61 -55.03
CA ALA O 58 57.03 39.77 -55.57
C ALA O 58 56.62 41.04 -54.83
N GLY O 59 57.49 42.04 -54.88
CA GLY O 59 57.19 43.28 -54.22
C GLY O 59 56.04 44.05 -54.89
N THR O 60 55.63 45.13 -54.24
CA THR O 60 54.69 46.08 -54.83
C THR O 60 55.18 47.49 -54.54
N THR O 61 55.27 48.31 -55.59
CA THR O 61 55.70 49.70 -55.47
C THR O 61 54.52 50.58 -55.10
N LYS O 62 54.66 51.35 -54.02
CA LYS O 62 53.63 52.32 -53.65
C LYS O 62 54.14 53.72 -53.95
N THR O 63 53.23 54.59 -54.37
CA THR O 63 53.59 55.94 -54.79
C THR O 63 52.46 56.87 -54.35
N THR O 64 52.78 57.94 -53.63
CA THR O 64 51.76 58.83 -53.10
C THR O 64 52.19 60.27 -53.35
N LEU O 65 51.31 61.05 -53.96
CA LEU O 65 51.54 62.45 -54.30
C LEU O 65 50.39 63.27 -53.72
N SER O 66 50.69 64.15 -52.76
CA SER O 66 49.67 64.91 -52.04
C SER O 66 49.91 66.41 -52.25
N LEU O 67 48.91 67.11 -52.75
CA LEU O 67 48.92 68.56 -52.73
C LEU O 67 48.09 69.04 -51.55
N ARG O 68 48.66 69.96 -50.77
CA ARG O 68 47.98 70.51 -49.59
C ARG O 68 48.14 72.02 -49.56
N ARG O 69 47.01 72.73 -49.51
CA ARG O 69 47.03 74.19 -49.53
C ARG O 69 46.03 74.71 -48.52
N GLU O 70 46.49 75.53 -47.57
CA GLU O 70 45.67 75.99 -46.45
C GLU O 70 45.11 77.37 -46.80
N VAL O 71 43.85 77.41 -47.22
CA VAL O 71 43.22 78.64 -47.68
C VAL O 71 42.67 79.41 -46.50
N THR O 72 42.77 80.75 -46.57
CA THR O 72 41.98 81.60 -45.69
C THR O 72 40.56 81.63 -46.21
N ILE O 73 39.61 81.23 -45.36
CA ILE O 73 38.20 81.15 -45.70
C ILE O 73 37.49 82.34 -45.10
N ASN O 74 36.62 82.95 -45.91
CA ASN O 74 35.75 84.09 -45.59
C ASN O 74 36.47 85.13 -44.73
N LYS O 75 37.52 85.70 -45.34
CA LYS O 75 38.38 86.66 -44.66
C LYS O 75 37.60 87.90 -44.22
N GLY O 76 36.88 88.52 -45.16
CA GLY O 76 36.15 89.73 -44.81
C GLY O 76 35.16 89.49 -43.69
N THR O 77 34.51 88.33 -43.68
CA THR O 77 33.50 88.00 -42.71
C THR O 77 34.17 87.58 -41.38
N ASP O 78 33.38 87.57 -40.31
CA ASP O 78 33.84 87.02 -39.04
C ASP O 78 34.05 85.52 -39.17
N GLN O 79 34.83 84.98 -38.24
CA GLN O 79 35.25 83.58 -38.27
C GLN O 79 36.05 83.26 -39.53
N GLU O 80 36.85 84.21 -40.00
CA GLU O 80 37.92 83.94 -40.95
C GLU O 80 38.79 82.81 -40.44
N LYS O 81 38.99 81.76 -41.24
CA LYS O 81 39.78 80.64 -40.73
C LYS O 81 40.71 80.07 -41.81
N ILE O 82 41.94 79.72 -41.41
CA ILE O 82 42.86 79.05 -42.31
C ILE O 82 42.62 77.55 -42.23
N VAL O 83 42.21 76.96 -43.35
CA VAL O 83 41.75 75.57 -43.38
C VAL O 83 42.37 74.88 -44.58
N PRO O 84 42.88 73.65 -44.43
CA PRO O 84 43.59 72.99 -45.54
C PRO O 84 42.71 72.19 -46.49
N MET O 85 42.90 72.38 -47.80
CA MET O 85 42.34 71.49 -48.80
C MET O 85 43.44 70.57 -49.30
N ILE O 86 43.09 69.31 -49.54
CA ILE O 86 44.07 68.30 -49.93
C ILE O 86 43.54 67.48 -51.10
N ALA O 87 44.43 67.22 -52.07
CA ALA O 87 44.14 66.33 -53.18
C ALA O 87 45.32 65.40 -53.40
N ARG O 88 45.07 64.08 -53.28
CA ARG O 88 46.10 63.03 -53.31
C ARG O 88 45.86 62.06 -54.45
N ILE O 89 46.97 61.63 -55.01
CA ILE O 89 47.03 60.47 -55.89
C ILE O 89 47.79 59.40 -55.13
N GLU O 90 47.19 58.22 -54.95
CA GLU O 90 47.87 57.10 -54.30
C GLU O 90 47.80 55.89 -55.21
N THR O 91 48.94 55.22 -55.42
CA THR O 91 49.05 54.19 -56.44
C THR O 91 49.88 53.02 -55.97
N SER O 92 49.30 51.83 -55.98
CA SER O 92 50.01 50.59 -55.64
C SER O 92 50.10 49.72 -56.88
N VAL O 93 51.31 49.58 -57.41
CA VAL O 93 51.59 48.82 -58.64
C VAL O 93 52.46 47.63 -58.25
N PRO O 94 51.95 46.41 -58.32
CA PRO O 94 52.80 45.24 -58.12
C PRO O 94 53.86 45.13 -59.21
N VAL O 95 54.89 44.33 -58.94
CA VAL O 95 56.10 44.37 -59.76
C VAL O 95 55.81 43.97 -61.21
N GLY O 96 55.16 42.82 -61.40
CA GLY O 96 54.96 42.26 -62.73
C GLY O 96 54.08 43.09 -63.66
N VAL O 97 53.44 44.14 -63.15
CA VAL O 97 52.50 44.93 -63.93
C VAL O 97 53.17 45.51 -65.18
N SER O 98 52.40 45.56 -66.27
CA SER O 98 52.91 46.10 -67.53
C SER O 98 52.65 47.60 -67.62
N GLN O 99 53.67 48.33 -68.09
CA GLN O 99 53.57 49.78 -68.19
C GLN O 99 52.41 50.20 -69.07
N ASP O 100 52.11 49.41 -70.11
CA ASP O 100 50.99 49.72 -71.00
C ASP O 100 49.68 49.72 -70.24
N ASP O 101 49.38 48.63 -69.55
CA ASP O 101 48.12 48.50 -68.82
C ASP O 101 48.01 49.60 -67.77
N PHE O 102 49.10 49.85 -67.05
CA PHE O 102 48.97 50.82 -65.96
C PHE O 102 48.86 52.24 -66.48
N LYS O 103 49.54 52.60 -67.56
CA LYS O 103 49.33 53.91 -68.16
C LYS O 103 47.89 54.07 -68.64
N ALA O 104 47.27 52.98 -69.11
CA ALA O 104 45.87 53.04 -69.49
C ALA O 104 45.00 53.39 -68.29
N MET O 105 45.18 52.67 -67.18
CA MET O 105 44.42 53.03 -65.97
C MET O 105 44.68 54.47 -65.53
N ILE O 106 45.92 54.93 -65.63
CA ILE O 106 46.25 56.30 -65.21
C ILE O 106 45.49 57.30 -66.06
N GLU O 107 45.55 57.13 -67.38
CA GLU O 107 44.86 58.04 -68.29
C GLU O 107 43.37 58.07 -67.99
N GLY O 108 42.80 56.90 -67.69
CA GLY O 108 41.40 56.89 -67.27
C GLY O 108 41.16 57.65 -65.98
N LEU O 109 42.04 57.44 -64.99
CA LEU O 109 41.87 58.08 -63.69
C LEU O 109 41.98 59.59 -63.78
N ALA O 110 42.76 60.10 -64.73
CA ALA O 110 42.92 61.55 -64.85
C ALA O 110 41.64 62.23 -65.35
N CYS O 111 40.68 61.47 -65.87
CA CYS O 111 39.50 62.06 -66.50
C CYS O 111 38.63 62.85 -65.53
N PRO O 112 38.23 62.32 -64.36
CA PRO O 112 37.36 63.14 -63.47
C PRO O 112 38.04 64.39 -62.96
N LEU O 113 39.36 64.43 -62.94
CA LEU O 113 40.04 65.63 -62.47
C LEU O 113 39.80 66.82 -63.40
N LEU O 114 39.84 66.56 -64.70
CA LEU O 114 39.77 67.64 -65.68
C LEU O 114 38.32 67.84 -66.15
N LEU O 115 37.50 68.31 -65.21
CA LEU O 115 36.09 68.56 -65.47
C LEU O 115 35.74 70.03 -65.25
N ASP O 116 34.54 70.40 -65.72
CA ASP O 116 34.07 71.77 -65.61
C ASP O 116 33.64 72.10 -64.18
N GLU O 117 33.56 73.39 -63.90
CA GLU O 117 33.28 73.86 -62.54
C GLU O 117 31.96 73.29 -62.03
N ILE O 118 30.98 73.12 -62.92
CA ILE O 118 29.68 72.62 -62.48
C ILE O 118 29.81 71.22 -61.88
N HIS O 119 30.39 70.29 -62.64
CA HIS O 119 30.56 68.93 -62.14
C HIS O 119 31.50 68.89 -60.94
N VAL O 120 32.55 69.71 -60.95
CA VAL O 120 33.53 69.64 -59.86
C VAL O 120 32.91 70.12 -58.55
N ASN O 121 32.12 71.20 -58.59
CA ASN O 121 31.43 71.66 -57.39
C ASN O 121 30.36 70.65 -56.97
N ASP O 122 29.66 70.05 -57.94
CA ASP O 122 28.64 69.09 -57.58
C ASP O 122 29.23 67.85 -56.89
N LEU O 123 30.43 67.41 -57.30
CA LEU O 123 30.99 66.17 -56.79
C LEU O 123 31.96 66.36 -55.62
N PHE O 124 32.99 67.20 -55.80
CA PHE O 124 34.09 67.24 -54.84
C PHE O 124 33.80 68.15 -53.65
N LEU O 125 32.98 69.17 -53.82
CA LEU O 125 32.65 70.08 -52.73
C LEU O 125 31.28 69.76 -52.12
N SER O 126 30.23 69.74 -52.94
CA SER O 126 28.89 69.51 -52.42
C SER O 126 28.72 68.08 -51.94
N GLY O 127 29.33 67.12 -52.63
CA GLY O 127 29.28 65.73 -52.25
C GLY O 127 28.20 64.91 -52.94
N LEU O 128 27.62 65.41 -54.03
CA LEU O 128 26.57 64.68 -54.72
C LEU O 128 27.12 63.38 -55.31
N PRO O 129 26.26 62.46 -55.72
CA PRO O 129 26.75 61.28 -56.45
C PRO O 129 27.21 61.64 -57.85
N ILE O 130 27.92 60.69 -58.47
CA ILE O 130 28.46 60.91 -59.80
C ILE O 130 27.33 61.08 -60.80
N ALA O 131 27.46 62.09 -61.67
CA ALA O 131 26.47 62.32 -62.73
C ALA O 131 26.72 61.34 -63.87
N THR O 132 25.82 60.38 -64.04
CA THR O 132 25.94 59.36 -65.08
C THR O 132 25.23 59.83 -66.34
N THR O 133 25.83 59.55 -67.50
CA THR O 133 25.25 59.99 -68.77
C THR O 133 25.13 58.81 -69.72
N ASP O 134 23.92 58.51 -70.17
CA ASP O 134 23.73 57.42 -71.11
C ASP O 134 24.53 57.67 -72.39
N VAL O 135 25.37 56.70 -72.74
CA VAL O 135 26.15 56.79 -73.98
C VAL O 135 25.21 56.66 -75.17
N PRO O 136 25.24 57.57 -76.14
CA PRO O 136 24.36 57.41 -77.31
C PRO O 136 24.75 56.16 -78.08
N ASP O 137 23.81 55.22 -78.18
CA ASP O 137 24.06 54.02 -78.97
C ASP O 137 24.41 54.37 -80.41
N ASN O 138 23.88 55.48 -80.92
CA ASN O 138 24.18 55.90 -82.28
C ASN O 138 25.63 56.33 -82.42
N GLU O 139 26.16 57.04 -81.42
CA GLU O 139 27.51 57.54 -81.48
C GLU O 139 28.51 56.40 -81.31
N PRO O 140 29.75 56.57 -81.76
CA PRO O 140 30.74 55.49 -81.67
C PRO O 140 31.05 55.16 -80.22
N LEU O 141 31.45 53.92 -79.99
CA LEU O 141 31.73 53.48 -78.63
C LEU O 141 33.01 54.17 -78.12
N PRO O 142 33.00 54.66 -76.89
CA PRO O 142 34.18 55.37 -76.35
C PRO O 142 35.36 54.44 -76.16
N PRO O 143 36.56 54.98 -75.91
CA PRO O 143 37.74 54.11 -75.79
C PRO O 143 37.60 53.12 -74.64
N ALA O 144 38.16 51.93 -74.86
CA ALA O 144 37.96 50.81 -73.96
C ALA O 144 38.67 50.95 -72.63
N LEU O 145 39.63 51.87 -72.51
CA LEU O 145 40.39 52.10 -71.28
C LEU O 145 41.36 50.97 -70.96
N LEU O 146 41.64 50.12 -71.95
CA LEU O 146 42.49 48.93 -71.81
C LEU O 146 42.31 48.21 -70.48
N SER P 1 -94.44 0.47 81.97
CA SER P 1 -94.88 -0.89 81.64
C SER P 1 -94.12 -1.46 80.45
N ILE P 2 -94.86 -2.11 79.55
CA ILE P 2 -94.29 -2.67 78.34
C ILE P 2 -94.81 -1.86 77.16
N LYS P 3 -93.93 -1.49 76.25
CA LYS P 3 -94.27 -0.58 75.18
C LYS P 3 -94.11 -1.24 73.81
N TYR P 4 -95.09 -0.98 72.94
CA TYR P 4 -94.90 -1.13 71.51
C TYR P 4 -93.70 -0.28 71.09
N ILE P 5 -92.71 -0.95 70.51
CA ILE P 5 -91.65 -0.28 69.75
C ILE P 5 -92.13 0.00 68.34
N PHE P 6 -92.71 -0.99 67.68
CA PHE P 6 -93.28 -0.85 66.35
C PHE P 6 -94.60 -1.61 66.32
N LYS P 7 -95.71 -0.87 66.17
CA LYS P 7 -97.01 -1.48 66.03
C LYS P 7 -97.18 -2.00 64.60
N LYS P 8 -97.61 -3.25 64.49
CA LYS P 8 -97.80 -3.87 63.17
C LYS P 8 -98.94 -3.21 62.41
N THR P 9 -98.72 -2.99 61.12
CA THR P 9 -99.72 -2.41 60.23
C THR P 9 -100.14 -3.44 59.19
N ASP P 10 -101.41 -3.38 58.80
CA ASP P 10 -101.91 -4.25 57.73
C ASP P 10 -101.52 -3.66 56.37
N THR P 11 -100.22 -3.60 56.15
CA THR P 11 -99.65 -3.08 54.91
C THR P 11 -98.78 -4.20 54.32
N LEU P 12 -99.29 -4.88 53.30
CA LEU P 12 -98.55 -5.98 52.70
C LEU P 12 -97.28 -5.48 52.03
N PRO P 13 -96.21 -6.26 52.05
CA PRO P 13 -95.00 -5.85 51.34
C PRO P 13 -95.16 -6.03 49.84
N ARG P 14 -94.61 -5.08 49.08
CA ARG P 14 -94.57 -5.22 47.64
C ARG P 14 -93.66 -6.37 47.27
N SER P 15 -94.15 -7.28 46.44
CA SER P 15 -93.27 -8.28 45.85
C SER P 15 -92.15 -7.60 45.08
N VAL P 16 -91.01 -8.27 44.98
CA VAL P 16 -89.81 -7.71 44.38
C VAL P 16 -89.59 -8.35 43.03
N ILE P 17 -89.62 -7.55 41.97
CA ILE P 17 -89.53 -8.04 40.61
C ILE P 17 -88.31 -7.41 39.96
N GLY P 18 -87.60 -8.17 39.14
CA GLY P 18 -86.39 -7.64 38.55
C GLY P 18 -85.86 -8.53 37.45
N ASN P 19 -84.61 -8.26 37.08
CA ASN P 19 -83.89 -9.10 36.14
C ASN P 19 -82.40 -9.06 36.48
N VAL P 20 -81.77 -10.23 36.45
CA VAL P 20 -80.35 -10.30 36.81
C VAL P 20 -79.54 -9.45 35.86
N LEU P 21 -78.66 -8.60 36.41
CA LEU P 21 -77.83 -7.69 35.63
C LEU P 21 -76.42 -8.20 35.44
N ARG P 22 -75.68 -8.37 36.54
CA ARG P 22 -74.31 -8.83 36.45
C ARG P 22 -73.98 -9.61 37.72
N THR P 23 -73.04 -10.53 37.58
CA THR P 23 -72.56 -11.34 38.69
C THR P 23 -71.13 -10.89 38.96
N THR P 24 -70.97 -9.98 39.91
CA THR P 24 -69.66 -9.40 40.21
C THR P 24 -68.68 -10.47 40.64
N GLY P 25 -69.04 -11.25 41.65
CA GLY P 25 -68.20 -12.32 42.15
C GLY P 25 -68.97 -13.61 42.32
N PRO P 26 -68.29 -14.63 42.84
CA PRO P 26 -68.98 -15.92 43.04
C PRO P 26 -70.06 -15.84 44.10
N ASP P 27 -69.86 -15.02 45.13
CA ASP P 27 -70.83 -14.82 46.20
C ASP P 27 -71.70 -13.59 46.01
N THR P 28 -71.42 -12.76 44.99
CA THR P 28 -72.07 -11.46 44.84
C THR P 28 -72.76 -11.40 43.47
N THR P 29 -74.06 -11.14 43.47
CA THR P 29 -74.82 -10.98 42.24
C THR P 29 -75.67 -9.71 42.31
N VAL P 30 -75.76 -9.00 41.19
CA VAL P 30 -76.41 -7.70 41.16
C VAL P 30 -77.55 -7.71 40.15
N TYR P 31 -78.74 -7.39 40.63
CA TYR P 31 -79.96 -7.41 39.85
C TYR P 31 -80.37 -5.97 39.52
N SER P 32 -80.83 -5.77 38.28
CA SER P 32 -81.41 -4.49 37.86
C SER P 32 -82.92 -4.57 38.03
N LEU P 33 -83.47 -3.57 38.69
CA LEU P 33 -84.88 -3.47 39.04
C LEU P 33 -85.59 -2.56 38.05
N PRO P 34 -86.92 -2.50 38.10
CA PRO P 34 -87.64 -1.62 37.18
C PRO P 34 -87.31 -0.16 37.43
N GLY P 35 -87.31 0.63 36.36
CA GLY P 35 -86.96 2.04 36.46
C GLY P 35 -85.48 2.31 36.51
N HIS P 36 -84.65 1.30 36.30
CA HIS P 36 -83.20 1.46 36.23
C HIS P 36 -82.81 2.07 34.90
N THR P 37 -82.65 3.38 34.89
CA THR P 37 -82.02 4.02 33.75
C THR P 37 -80.51 4.07 33.94
N PRO P 38 -79.74 4.27 32.88
CA PRO P 38 -78.30 4.52 33.09
C PRO P 38 -78.07 5.78 33.90
N VAL P 39 -78.90 6.81 33.70
CA VAL P 39 -78.75 8.05 34.43
C VAL P 39 -79.10 7.86 35.90
N ASN P 40 -80.19 7.15 36.18
CA ASN P 40 -80.71 6.98 37.53
C ASN P 40 -80.74 5.48 37.85
N PRO P 41 -79.59 4.91 38.19
CA PRO P 41 -79.54 3.46 38.41
C PRO P 41 -80.37 3.03 39.61
N PHE P 42 -80.86 1.80 39.56
CA PHE P 42 -81.72 1.26 40.61
C PHE P 42 -81.49 -0.25 40.66
N THR P 43 -80.87 -0.73 41.74
CA THR P 43 -80.32 -2.08 41.75
C THR P 43 -80.44 -2.72 43.13
N LEU P 44 -80.68 -4.03 43.11
CA LEU P 44 -80.55 -4.87 44.30
C LEU P 44 -79.25 -5.67 44.20
N THR P 45 -78.37 -5.49 45.17
CA THR P 45 -77.14 -6.27 45.25
C THR P 45 -77.30 -7.29 46.37
N ALA P 46 -76.91 -8.54 46.08
CA ALA P 46 -77.05 -9.65 47.01
C ALA P 46 -75.69 -10.29 47.21
N VAL P 47 -75.25 -10.36 48.45
CA VAL P 47 -73.94 -10.92 48.81
C VAL P 47 -74.20 -11.98 49.88
N SER P 48 -74.07 -13.25 49.51
CA SER P 48 -74.31 -14.37 50.43
C SER P 48 -72.99 -15.09 50.65
N ARG P 49 -72.44 -14.98 51.86
CA ARG P 49 -71.16 -15.56 52.21
C ARG P 49 -71.36 -16.80 53.07
N LEU P 50 -70.86 -17.93 52.56
CA LEU P 50 -71.04 -19.22 53.18
C LEU P 50 -70.24 -19.30 54.47
N PRO P 51 -70.61 -20.22 55.37
CA PRO P 51 -69.86 -20.36 56.62
C PRO P 51 -68.56 -21.11 56.38
N VAL P 52 -67.49 -20.59 56.96
CA VAL P 52 -66.19 -21.26 56.95
C VAL P 52 -65.96 -21.85 58.33
N PRO P 53 -65.87 -23.17 58.46
CA PRO P 53 -65.66 -23.77 59.78
C PRO P 53 -64.25 -23.50 60.29
N ARG P 54 -64.18 -23.22 61.58
CA ARG P 54 -62.92 -22.94 62.26
C ARG P 54 -62.68 -24.08 63.23
N LYS P 55 -61.44 -24.25 63.66
CA LYS P 55 -61.11 -25.38 64.53
C LYS P 55 -61.76 -25.17 65.90
N GLY P 56 -62.79 -25.96 66.19
CA GLY P 56 -63.56 -25.78 67.41
C GLY P 56 -64.70 -24.80 67.30
N ASN P 57 -64.88 -24.17 66.15
CA ASN P 57 -65.95 -23.20 65.95
C ASN P 57 -66.72 -23.54 64.69
N ALA P 58 -68.04 -23.66 64.82
CA ALA P 58 -68.86 -23.78 63.62
C ALA P 58 -68.79 -22.49 62.80
N GLY P 59 -69.15 -22.60 61.53
CA GLY P 59 -69.21 -21.43 60.68
C GLY P 59 -70.41 -20.55 61.01
N THR P 60 -70.44 -19.37 60.40
CA THR P 60 -71.59 -18.47 60.45
C THR P 60 -71.86 -17.95 59.05
N THR P 61 -73.11 -18.07 58.61
CA THR P 61 -73.53 -17.60 57.30
C THR P 61 -73.89 -16.12 57.34
N LYS P 62 -73.31 -15.32 56.45
CA LYS P 62 -73.66 -13.92 56.35
C LYS P 62 -74.43 -13.69 55.05
N THR P 63 -75.40 -12.78 55.08
CA THR P 63 -76.27 -12.52 53.95
C THR P 63 -76.57 -11.04 53.92
N THR P 64 -76.41 -10.40 52.76
CA THR P 64 -76.57 -8.95 52.68
C THR P 64 -77.33 -8.59 51.41
N LEU P 65 -78.45 -7.89 51.57
CA LEU P 65 -79.32 -7.48 50.48
C LEU P 65 -79.45 -5.96 50.52
N SER P 66 -79.00 -5.27 49.46
CA SER P 66 -78.99 -3.81 49.43
C SER P 66 -79.78 -3.30 48.23
N LEU P 67 -80.78 -2.46 48.49
CA LEU P 67 -81.48 -1.74 47.43
C LEU P 67 -80.90 -0.33 47.36
N ARG P 68 -80.36 0.03 46.19
CA ARG P 68 -79.76 1.34 45.96
C ARG P 68 -80.43 2.01 44.78
N ARG P 69 -81.03 3.18 45.02
CA ARG P 69 -81.64 3.99 43.97
C ARG P 69 -81.06 5.39 44.00
N GLU P 70 -80.50 5.84 42.87
CA GLU P 70 -79.97 7.18 42.77
C GLU P 70 -81.05 8.08 42.16
N VAL P 71 -81.65 8.91 43.00
CA VAL P 71 -82.79 9.72 42.62
C VAL P 71 -82.34 11.13 42.32
N THR P 72 -82.99 11.77 41.34
CA THR P 72 -82.77 13.19 41.09
C THR P 72 -83.49 14.00 42.16
N ILE P 73 -82.76 14.90 42.81
CA ILE P 73 -83.28 15.75 43.87
C ILE P 73 -83.47 17.16 43.31
N ASN P 74 -84.61 17.76 43.67
CA ASN P 74 -85.06 19.10 43.30
C ASN P 74 -84.75 19.44 41.85
N LYS P 75 -85.36 18.64 40.97
CA LYS P 75 -85.18 18.81 39.53
C LYS P 75 -85.56 20.21 39.07
N GLY P 76 -86.75 20.67 39.45
CA GLY P 76 -87.20 21.97 39.00
C GLY P 76 -86.30 23.09 39.47
N THR P 77 -85.83 22.99 40.71
CA THR P 77 -84.98 24.02 41.29
C THR P 77 -83.58 23.91 40.69
N ASP P 78 -82.82 25.00 40.81
CA ASP P 78 -81.42 24.99 40.46
C ASP P 78 -80.65 24.04 41.39
N GLN P 79 -79.50 23.58 40.89
CA GLN P 79 -78.63 22.64 41.63
C GLN P 79 -79.31 21.30 41.84
N GLU P 80 -80.02 20.82 40.82
CA GLU P 80 -80.60 19.48 40.91
C GLU P 80 -79.46 18.47 40.94
N LYS P 81 -79.61 17.43 41.77
CA LYS P 81 -78.48 16.50 41.91
C LYS P 81 -78.97 15.06 42.06
N ILE P 82 -78.26 14.14 41.40
CA ILE P 82 -78.57 12.72 41.54
C ILE P 82 -77.86 12.19 42.78
N VAL P 83 -78.64 11.78 43.77
CA VAL P 83 -78.08 11.38 45.05
C VAL P 83 -78.63 10.00 45.39
N PRO P 84 -77.82 9.09 45.94
CA PRO P 84 -78.32 7.74 46.23
C PRO P 84 -79.01 7.57 47.58
N MET P 85 -80.15 6.88 47.58
CA MET P 85 -80.75 6.38 48.81
C MET P 85 -80.60 4.87 48.84
N ILE P 86 -80.31 4.34 50.03
CA ILE P 86 -79.98 2.93 50.19
C ILE P 86 -80.79 2.36 51.35
N ALA P 87 -81.27 1.13 51.18
CA ALA P 87 -81.88 0.36 52.25
C ALA P 87 -81.32 -1.06 52.21
N ARG P 88 -80.67 -1.48 53.30
CA ARG P 88 -79.99 -2.76 53.42
C ARG P 88 -80.59 -3.63 54.51
N ILE P 89 -80.67 -4.92 54.21
CA ILE P 89 -80.86 -5.97 55.20
C ILE P 89 -79.52 -6.69 55.30
N GLU P 90 -79.00 -6.84 56.51
CA GLU P 90 -77.76 -7.58 56.74
C GLU P 90 -78.03 -8.59 57.85
N THR P 91 -77.63 -9.85 57.64
CA THR P 91 -77.99 -10.91 58.56
C THR P 91 -76.85 -11.90 58.73
N SER P 92 -76.41 -12.10 59.97
CA SER P 92 -75.42 -13.11 60.31
C SER P 92 -76.06 -14.19 61.19
N VAL P 93 -76.10 -15.42 60.68
CA VAL P 93 -76.72 -16.55 61.37
C VAL P 93 -75.66 -17.61 61.60
N PRO P 94 -75.33 -17.95 62.83
CA PRO P 94 -74.46 -19.10 63.08
C PRO P 94 -75.15 -20.41 62.72
N VAL P 95 -74.35 -21.47 62.56
CA VAL P 95 -74.88 -22.72 62.01
C VAL P 95 -75.92 -23.35 62.93
N GLY P 96 -75.61 -23.40 64.23
CA GLY P 96 -76.48 -24.08 65.19
C GLY P 96 -77.89 -23.52 65.33
N VAL P 97 -78.20 -22.42 64.65
CA VAL P 97 -79.47 -21.73 64.84
C VAL P 97 -80.62 -22.54 64.28
N SER P 98 -81.78 -22.48 64.97
CA SER P 98 -83.01 -23.09 64.48
C SER P 98 -83.75 -22.13 63.56
N GLN P 99 -84.23 -22.68 62.44
CA GLN P 99 -84.98 -21.87 61.49
C GLN P 99 -86.20 -21.22 62.13
N ASP P 100 -86.78 -21.87 63.14
CA ASP P 100 -87.90 -21.29 63.86
C ASP P 100 -87.50 -20.00 64.56
N ASP P 101 -86.46 -20.08 65.39
CA ASP P 101 -85.96 -18.90 66.11
C ASP P 101 -85.63 -17.77 65.13
N PHE P 102 -84.96 -18.12 64.03
CA PHE P 102 -84.50 -17.05 63.16
C PHE P 102 -85.64 -16.45 62.34
N LYS P 103 -86.60 -17.26 61.90
CA LYS P 103 -87.74 -16.66 61.21
C LYS P 103 -88.55 -15.78 62.16
N ALA P 104 -88.55 -16.11 63.46
CA ALA P 104 -89.15 -15.21 64.44
C ALA P 104 -88.46 -13.86 64.44
N MET P 105 -87.13 -13.86 64.55
CA MET P 105 -86.41 -12.59 64.47
C MET P 105 -86.71 -11.84 63.18
N ILE P 106 -86.80 -12.56 62.06
CA ILE P 106 -87.02 -11.89 60.78
C ILE P 106 -88.38 -11.23 60.76
N GLU P 107 -89.42 -11.98 61.16
CA GLU P 107 -90.78 -11.43 61.19
C GLU P 107 -90.83 -10.19 62.07
N GLY P 108 -90.13 -10.20 63.20
CA GLY P 108 -90.04 -9.00 64.01
C GLY P 108 -89.37 -7.86 63.24
N LEU P 109 -88.22 -8.14 62.62
CA LEU P 109 -87.46 -7.11 61.93
C LEU P 109 -88.23 -6.47 60.80
N ALA P 110 -89.16 -7.22 60.19
CA ALA P 110 -89.91 -6.69 59.05
C ALA P 110 -90.89 -5.61 59.49
N CYS P 111 -91.33 -5.65 60.75
CA CYS P 111 -92.40 -4.75 61.21
C CYS P 111 -92.13 -3.27 60.99
N PRO P 112 -90.98 -2.71 61.36
CA PRO P 112 -90.79 -1.25 61.16
C PRO P 112 -90.77 -0.84 59.70
N LEU P 113 -90.44 -1.75 58.79
CA LEU P 113 -90.44 -1.39 57.38
C LEU P 113 -91.86 -1.08 56.89
N LEU P 114 -92.84 -1.83 57.36
CA LEU P 114 -94.20 -1.72 56.85
C LEU P 114 -95.03 -0.80 57.77
N LEU P 115 -94.70 0.49 57.70
CA LEU P 115 -95.38 1.50 58.50
C LEU P 115 -95.92 2.62 57.63
N ASP P 116 -96.79 3.44 58.21
CA ASP P 116 -97.43 4.53 57.49
C ASP P 116 -96.43 5.67 57.23
N GLU P 117 -96.82 6.54 56.29
CA GLU P 117 -95.93 7.60 55.83
C GLU P 117 -95.52 8.51 56.99
N ILE P 118 -96.43 8.73 57.95
CA ILE P 118 -96.12 9.63 59.06
C ILE P 118 -94.93 9.11 59.86
N HIS P 119 -95.02 7.86 60.32
CA HIS P 119 -93.93 7.27 61.08
C HIS P 119 -92.67 7.13 60.24
N VAL P 120 -92.82 6.75 58.97
CA VAL P 120 -91.65 6.54 58.13
C VAL P 120 -90.88 7.84 57.96
N ASN P 121 -91.60 8.94 57.69
CA ASN P 121 -90.93 10.23 57.53
C ASN P 121 -90.35 10.71 58.86
N ASP P 122 -91.04 10.43 59.98
CA ASP P 122 -90.53 10.87 61.27
C ASP P 122 -89.24 10.13 61.65
N LEU P 123 -89.13 8.84 61.32
CA LEU P 123 -87.99 8.05 61.74
C LEU P 123 -86.86 8.02 60.72
N PHE P 124 -87.15 7.60 59.49
CA PHE P 124 -86.08 7.31 58.53
C PHE P 124 -85.54 8.54 57.81
N LEU P 125 -86.34 9.59 57.72
CA LEU P 125 -85.96 10.82 57.04
C LEU P 125 -85.69 11.99 57.98
N SER P 126 -86.62 12.30 58.88
CA SER P 126 -86.41 13.39 59.81
C SER P 126 -85.39 13.02 60.89
N GLY P 127 -85.38 11.76 61.30
CA GLY P 127 -84.43 11.29 62.28
C GLY P 127 -84.93 11.32 63.70
N LEU P 128 -86.24 11.41 63.91
CA LEU P 128 -86.81 11.47 65.24
C LEU P 128 -86.60 10.14 65.97
N PRO P 129 -86.72 10.14 67.30
CA PRO P 129 -86.61 8.87 68.03
C PRO P 129 -87.83 8.01 67.77
N ILE P 130 -87.70 6.72 68.08
CA ILE P 130 -88.80 5.79 67.84
C ILE P 130 -90.00 6.19 68.69
N ALA P 131 -91.19 6.20 68.06
CA ALA P 131 -92.42 6.53 68.75
C ALA P 131 -92.90 5.31 69.54
N THR P 132 -92.74 5.35 70.86
CA THR P 132 -93.16 4.25 71.72
C THR P 132 -94.63 4.42 72.12
N THR P 133 -95.36 3.31 72.15
CA THR P 133 -96.79 3.36 72.47
C THR P 133 -97.07 2.40 73.62
N ASP P 134 -97.62 2.91 74.70
CA ASP P 134 -97.96 2.05 75.83
C ASP P 134 -98.98 0.99 75.39
N VAL P 135 -98.65 -0.26 75.66
CA VAL P 135 -99.57 -1.36 75.33
C VAL P 135 -100.75 -1.31 76.29
N PRO P 136 -102.00 -1.31 75.79
CA PRO P 136 -103.14 -1.32 76.72
C PRO P 136 -103.14 -2.60 77.52
N ASP P 137 -103.01 -2.47 78.85
CA ASP P 137 -103.13 -3.63 79.72
C ASP P 137 -104.48 -4.30 79.52
N ASN P 138 -105.48 -3.54 79.10
CA ASN P 138 -106.81 -4.08 78.87
C ASN P 138 -106.81 -5.05 77.69
N GLU P 139 -106.04 -4.72 76.66
CA GLU P 139 -106.00 -5.43 75.38
C GLU P 139 -105.13 -6.68 75.48
N PRO P 140 -105.21 -7.58 74.49
CA PRO P 140 -104.43 -8.82 74.58
C PRO P 140 -102.95 -8.55 74.45
N LEU P 141 -102.15 -9.41 75.08
CA LEU P 141 -100.72 -9.26 74.97
C LEU P 141 -100.28 -9.56 73.53
N PRO P 142 -99.43 -8.71 72.95
CA PRO P 142 -99.01 -8.90 71.56
C PRO P 142 -98.17 -10.15 71.40
N PRO P 143 -97.88 -10.58 70.16
CA PRO P 143 -97.14 -11.84 69.97
C PRO P 143 -95.75 -11.76 70.58
N ALA P 144 -95.30 -12.89 71.14
CA ALA P 144 -94.09 -12.91 71.94
C ALA P 144 -92.84 -12.61 71.12
N LEU P 145 -92.86 -12.82 69.81
CA LEU P 145 -91.69 -12.66 68.94
C LEU P 145 -90.67 -13.78 69.11
N LEU P 146 -91.13 -14.95 69.55
CA LEU P 146 -90.31 -16.12 69.91
C LEU P 146 -88.89 -15.75 70.32
N SER Q 1 -74.86 13.18 -8.18
CA SER Q 1 -76.03 13.45 -7.35
C SER Q 1 -75.93 12.76 -6.01
N ILE Q 2 -77.03 12.15 -5.58
CA ILE Q 2 -77.09 11.37 -4.35
C ILE Q 2 -77.25 9.90 -4.75
N LYS Q 3 -76.50 9.03 -4.08
CA LYS Q 3 -76.40 7.65 -4.51
C LYS Q 3 -76.81 6.68 -3.41
N TYR Q 4 -77.59 5.67 -3.80
CA TYR Q 4 -77.75 4.47 -3.00
C TYR Q 4 -76.37 3.87 -2.74
N ILE Q 5 -76.03 3.73 -1.46
CA ILE Q 5 -74.93 2.89 -1.02
C ILE Q 5 -75.37 1.44 -0.90
N PHE Q 6 -76.51 1.23 -0.25
CA PHE Q 6 -77.11 -0.09 -0.10
C PHE Q 6 -78.61 0.05 -0.29
N LYS Q 7 -79.14 -0.54 -1.37
CA LYS Q 7 -80.57 -0.54 -1.60
C LYS Q 7 -81.22 -1.58 -0.70
N LYS Q 8 -82.29 -1.17 0.00
CA LYS Q 8 -83.01 -2.08 0.88
C LYS Q 8 -83.70 -3.18 0.10
N THR Q 9 -83.57 -4.41 0.60
CA THR Q 9 -84.22 -5.56 0.01
C THR Q 9 -85.28 -6.11 0.95
N ASP Q 10 -86.35 -6.64 0.37
CA ASP Q 10 -87.46 -7.20 1.15
C ASP Q 10 -87.12 -8.63 1.58
N THR Q 11 -86.02 -8.74 2.33
CA THR Q 11 -85.52 -10.01 2.84
C THR Q 11 -85.51 -9.91 4.36
N LEU Q 12 -86.45 -10.59 5.00
CA LEU Q 12 -86.57 -10.53 6.45
C LEU Q 12 -85.40 -11.22 7.12
N PRO Q 13 -84.95 -10.71 8.27
CA PRO Q 13 -83.83 -11.37 8.96
C PRO Q 13 -84.27 -12.66 9.64
N ARG Q 14 -83.40 -13.66 9.58
CA ARG Q 14 -83.64 -14.91 10.28
C ARG Q 14 -83.62 -14.66 11.78
N SER Q 15 -84.65 -15.12 12.48
CA SER Q 15 -84.61 -15.10 13.94
C SER Q 15 -83.44 -15.93 14.44
N VAL Q 16 -82.93 -15.57 15.61
CA VAL Q 16 -81.73 -16.18 16.17
C VAL Q 16 -82.10 -17.05 17.36
N ILE Q 17 -81.94 -18.35 17.20
CA ILE Q 17 -82.33 -19.32 18.22
C ILE Q 17 -81.07 -20.01 18.70
N GLY Q 18 -80.99 -20.26 20.01
CA GLY Q 18 -79.80 -20.87 20.55
C GLY Q 18 -80.02 -21.39 21.95
N ASN Q 19 -78.92 -21.73 22.62
CA ASN Q 19 -78.97 -22.11 24.01
C ASN Q 19 -77.68 -21.69 24.69
N VAL Q 20 -77.78 -21.17 25.91
CA VAL Q 20 -76.61 -20.64 26.60
C VAL Q 20 -75.60 -21.75 26.86
N LEU Q 21 -74.37 -21.54 26.41
CA LEU Q 21 -73.31 -22.53 26.56
C LEU Q 21 -72.45 -22.29 27.79
N ARG Q 22 -71.72 -21.18 27.84
CA ARG Q 22 -70.87 -20.90 28.99
C ARG Q 22 -70.72 -19.40 29.15
N THR Q 23 -70.62 -18.99 30.41
CA THR Q 23 -70.42 -17.60 30.79
C THR Q 23 -68.94 -17.46 31.11
N THR Q 24 -68.19 -16.91 30.15
CA THR Q 24 -66.75 -16.76 30.31
C THR Q 24 -66.43 -15.77 31.44
N GLY Q 25 -66.89 -14.53 31.31
CA GLY Q 25 -66.67 -13.52 32.31
C GLY Q 25 -67.99 -12.92 32.77
N PRO Q 26 -67.93 -11.96 33.69
CA PRO Q 26 -69.16 -11.31 34.13
C PRO Q 26 -69.83 -10.52 33.02
N ASP Q 27 -69.03 -9.92 32.14
CA ASP Q 27 -69.51 -9.17 30.99
C ASP Q 27 -69.54 -9.99 29.71
N THR Q 28 -69.19 -11.27 29.76
CA THR Q 28 -69.02 -12.08 28.54
C THR Q 28 -69.80 -13.38 28.69
N THR Q 29 -70.76 -13.61 27.79
CA THR Q 29 -71.51 -14.86 27.76
C THR Q 29 -71.47 -15.44 26.36
N VAL Q 30 -71.43 -16.77 26.26
CA VAL Q 30 -71.27 -17.45 24.99
C VAL Q 30 -72.39 -18.45 24.80
N TYR Q 31 -73.07 -18.36 23.66
CA TYR Q 31 -74.23 -19.16 23.33
C TYR Q 31 -73.85 -20.14 22.23
N SER Q 32 -74.32 -21.38 22.37
CA SER Q 32 -74.17 -22.39 21.33
C SER Q 32 -75.43 -22.38 20.47
N LEU Q 33 -75.22 -22.27 19.16
CA LEU Q 33 -76.28 -22.19 18.17
C LEU Q 33 -76.51 -23.56 17.56
N PRO Q 34 -77.57 -23.72 16.75
CA PRO Q 34 -77.80 -25.01 16.10
C PRO Q 34 -76.66 -25.35 15.15
N GLY Q 35 -76.44 -26.66 14.98
CA GLY Q 35 -75.35 -27.12 14.15
C GLY Q 35 -73.99 -27.03 14.79
N HIS Q 36 -73.93 -26.69 16.06
CA HIS Q 36 -72.67 -26.65 16.82
C HIS Q 36 -72.28 -28.06 17.18
N THR Q 37 -71.52 -28.68 16.30
CA THR Q 37 -70.85 -29.92 16.67
C THR Q 37 -69.53 -29.59 17.37
N PRO Q 38 -68.98 -30.52 18.15
CA PRO Q 38 -67.63 -30.32 18.65
C PRO Q 38 -66.62 -30.22 17.53
N VAL Q 39 -66.87 -30.89 16.40
CA VAL Q 39 -65.99 -30.82 15.25
C VAL Q 39 -66.06 -29.45 14.61
N ASN Q 40 -67.27 -28.93 14.40
CA ASN Q 40 -67.50 -27.70 13.65
C ASN Q 40 -68.29 -26.74 14.53
N PRO Q 41 -67.64 -26.08 15.48
CA PRO Q 41 -68.37 -25.26 16.44
C PRO Q 41 -69.05 -24.05 15.80
N PHE Q 42 -70.22 -23.71 16.34
CA PHE Q 42 -71.00 -22.55 15.92
C PHE Q 42 -71.36 -21.80 17.20
N THR Q 43 -70.86 -20.58 17.39
CA THR Q 43 -71.18 -19.89 18.63
C THR Q 43 -71.38 -18.39 18.43
N LEU Q 44 -72.34 -17.85 19.18
CA LEU Q 44 -72.52 -16.41 19.33
C LEU Q 44 -71.93 -15.99 20.68
N THR Q 45 -70.94 -15.10 20.64
CA THR Q 45 -70.36 -14.54 21.85
C THR Q 45 -70.84 -13.11 22.03
N ALA Q 46 -71.27 -12.77 23.24
CA ALA Q 46 -71.83 -11.46 23.54
C ALA Q 46 -71.04 -10.85 24.69
N VAL Q 47 -70.52 -9.65 24.47
CA VAL Q 47 -69.72 -8.94 25.45
C VAL Q 47 -70.30 -7.54 25.60
N SER Q 48 -70.98 -7.28 26.72
CA SER Q 48 -71.66 -6.03 26.96
C SER Q 48 -70.96 -5.35 28.14
N ARG Q 49 -70.17 -4.32 27.84
CA ARG Q 49 -69.39 -3.62 28.85
C ARG Q 49 -70.13 -2.36 29.27
N LEU Q 50 -70.48 -2.31 30.56
CA LEU Q 50 -71.31 -1.29 31.14
C LEU Q 50 -70.54 0.03 31.24
N PRO Q 51 -71.26 1.14 31.32
CA PRO Q 51 -70.58 2.44 31.32
C PRO Q 51 -70.16 2.86 32.71
N VAL Q 52 -68.89 3.24 32.88
CA VAL Q 52 -68.38 3.75 34.15
C VAL Q 52 -68.38 5.27 34.07
N PRO Q 53 -69.14 5.96 34.92
CA PRO Q 53 -69.17 7.43 34.85
C PRO Q 53 -68.02 8.02 35.63
N ARG Q 54 -67.13 8.74 34.94
CA ARG Q 54 -66.12 9.56 35.60
C ARG Q 54 -66.73 10.91 35.97
N LYS Q 55 -66.11 11.59 36.93
CA LYS Q 55 -66.68 12.84 37.40
C LYS Q 55 -66.76 13.84 36.26
N GLY Q 56 -67.96 14.34 35.99
CA GLY Q 56 -68.18 15.24 34.86
C GLY Q 56 -68.36 14.57 33.53
N ASN Q 57 -68.41 13.25 33.48
CA ASN Q 57 -68.59 12.52 32.22
C ASN Q 57 -69.60 11.40 32.43
N ALA Q 58 -70.60 11.34 31.56
CA ALA Q 58 -71.45 10.16 31.52
C ALA Q 58 -70.67 8.99 30.92
N GLY Q 59 -71.08 7.79 31.26
CA GLY Q 59 -70.42 6.62 30.72
C GLY Q 59 -70.61 6.49 29.21
N THR Q 60 -69.98 5.46 28.65
CA THR Q 60 -70.21 5.03 27.27
C THR Q 60 -70.33 3.52 27.25
N THR Q 61 -71.47 3.00 26.82
CA THR Q 61 -71.74 1.58 26.83
C THR Q 61 -71.21 0.92 25.56
N LYS Q 62 -70.44 -0.15 25.71
CA LYS Q 62 -69.95 -0.89 24.56
C LYS Q 62 -70.64 -2.25 24.49
N THR Q 63 -70.96 -2.69 23.27
CA THR Q 63 -71.70 -3.93 23.07
C THR Q 63 -71.13 -4.64 21.87
N THR Q 64 -70.79 -5.92 22.01
CA THR Q 64 -70.14 -6.66 20.92
C THR Q 64 -70.79 -8.03 20.78
N LEU Q 65 -71.25 -8.34 19.57
CA LEU Q 65 -71.94 -9.58 19.25
C LEU Q 65 -71.22 -10.24 18.09
N SER Q 66 -70.65 -11.43 18.32
CA SER Q 66 -69.84 -12.11 17.31
C SER Q 66 -70.41 -13.48 17.02
N LEU Q 67 -70.75 -13.74 15.76
CA LEU Q 67 -71.06 -15.10 15.30
C LEU Q 67 -69.81 -15.69 14.66
N ARG Q 68 -69.36 -16.83 15.18
CA ARG Q 68 -68.20 -17.54 14.66
C ARG Q 68 -68.58 -18.98 14.36
N ARG Q 69 -68.41 -19.39 13.11
CA ARG Q 69 -68.68 -20.78 12.76
C ARG Q 69 -67.55 -21.31 11.88
N GLU Q 70 -66.97 -22.45 12.28
CA GLU Q 70 -65.79 -23.01 11.61
C GLU Q 70 -66.24 -24.07 10.60
N VAL Q 71 -66.22 -23.71 9.32
CA VAL Q 71 -66.72 -24.59 8.28
C VAL Q 71 -65.63 -25.53 7.83
N THR Q 72 -66.00 -26.79 7.56
CA THR Q 72 -65.15 -27.68 6.77
C THR Q 72 -65.24 -27.22 5.32
N ILE Q 73 -64.22 -26.50 4.89
CA ILE Q 73 -64.07 -26.04 3.51
C ILE Q 73 -63.46 -27.15 2.66
N ASN Q 74 -64.00 -27.24 1.45
CA ASN Q 74 -63.67 -28.23 0.40
C ASN Q 74 -63.46 -29.62 0.97
N LYS Q 75 -64.52 -30.12 1.61
CA LYS Q 75 -64.52 -31.43 2.23
C LYS Q 75 -64.20 -32.54 1.24
N GLY Q 76 -64.94 -32.58 0.13
CA GLY Q 76 -64.71 -33.65 -0.84
C GLY Q 76 -63.26 -33.76 -1.27
N THR Q 77 -62.63 -32.61 -1.54
CA THR Q 77 -61.26 -32.56 -2.04
C THR Q 77 -60.29 -32.90 -0.91
N ASP Q 78 -59.13 -33.45 -1.27
CA ASP Q 78 -58.09 -33.70 -0.29
C ASP Q 78 -57.52 -32.38 0.21
N GLN Q 79 -56.83 -32.47 1.36
CA GLN Q 79 -56.40 -31.29 2.11
C GLN Q 79 -57.60 -30.40 2.43
N GLU Q 80 -58.70 -31.04 2.81
CA GLU Q 80 -59.88 -30.34 3.28
C GLU Q 80 -59.56 -29.71 4.63
N LYS Q 81 -60.12 -28.53 4.93
CA LYS Q 81 -59.69 -27.87 6.17
C LYS Q 81 -60.87 -27.28 6.92
N ILE Q 82 -60.69 -27.06 8.23
CA ILE Q 82 -61.69 -26.40 9.04
C ILE Q 82 -61.23 -24.97 9.27
N VAL Q 83 -62.05 -24.01 8.84
CA VAL Q 83 -61.62 -22.61 8.88
C VAL Q 83 -62.77 -21.76 9.40
N PRO Q 84 -62.52 -20.79 10.29
CA PRO Q 84 -63.62 -20.04 10.90
C PRO Q 84 -64.06 -18.79 10.14
N MET Q 85 -65.36 -18.66 9.87
CA MET Q 85 -65.89 -17.40 9.37
C MET Q 85 -66.56 -16.67 10.52
N ILE Q 86 -66.40 -15.34 10.54
CA ILE Q 86 -66.84 -14.53 11.67
C ILE Q 86 -67.56 -13.29 11.15
N ALA Q 87 -68.68 -12.97 11.78
CA ALA Q 87 -69.39 -11.71 11.54
C ALA Q 87 -69.77 -11.08 12.87
N ARG Q 88 -69.34 -9.83 13.08
CA ARG Q 88 -69.49 -9.10 14.34
C ARG Q 88 -70.27 -7.81 14.14
N ILE Q 89 -71.08 -7.53 15.14
CA ILE Q 89 -71.66 -6.22 15.36
C ILE Q 89 -70.97 -5.63 16.59
N GLU Q 90 -70.37 -4.45 16.44
CA GLU Q 90 -69.73 -3.78 17.57
C GLU Q 90 -70.31 -2.37 17.68
N THR Q 91 -70.71 -1.96 18.87
CA THR Q 91 -71.47 -0.73 19.04
C THR Q 91 -71.07 0.02 20.29
N SER Q 92 -70.67 1.28 20.13
CA SER Q 92 -70.32 2.14 21.26
C SER Q 92 -71.31 3.30 21.31
N VAL Q 93 -72.13 3.33 22.36
CA VAL Q 93 -73.17 4.33 22.54
C VAL Q 93 -72.90 5.09 23.82
N PRO Q 94 -72.56 6.37 23.76
CA PRO Q 94 -72.45 7.18 24.98
C PRO Q 94 -73.80 7.32 25.67
N VAL Q 95 -73.77 7.70 26.94
CA VAL Q 95 -74.99 7.69 27.74
C VAL Q 95 -76.03 8.66 27.18
N GLY Q 96 -75.65 9.93 26.98
CA GLY Q 96 -76.58 10.94 26.53
C GLY Q 96 -77.36 10.66 25.25
N VAL Q 97 -76.97 9.61 24.51
CA VAL Q 97 -77.58 9.33 23.22
C VAL Q 97 -79.07 9.03 23.36
N SER Q 98 -79.84 9.46 22.35
CA SER Q 98 -81.28 9.20 22.31
C SER Q 98 -81.58 7.87 21.63
N GLN Q 99 -82.48 7.10 22.25
CA GLN Q 99 -82.85 5.79 21.73
C GLN Q 99 -83.42 5.90 20.33
N ASP Q 100 -84.16 6.97 20.04
CA ASP Q 100 -84.70 7.17 18.69
C ASP Q 100 -83.58 7.27 17.65
N ASP Q 101 -82.63 8.17 17.90
CA ASP Q 101 -81.53 8.38 16.95
C ASP Q 101 -80.75 7.10 16.74
N PHE Q 102 -80.39 6.42 17.84
CA PHE Q 102 -79.56 5.24 17.67
C PHE Q 102 -80.33 4.09 17.03
N LYS Q 103 -81.63 3.96 17.30
CA LYS Q 103 -82.41 2.90 16.67
C LYS Q 103 -82.52 3.14 15.17
N ALA Q 104 -82.62 4.40 14.74
CA ALA Q 104 -82.63 4.69 13.31
C ALA Q 104 -81.29 4.36 12.67
N MET Q 105 -80.20 4.74 13.32
CA MET Q 105 -78.88 4.39 12.81
C MET Q 105 -78.68 2.87 12.72
N ILE Q 106 -79.19 2.13 13.71
CA ILE Q 106 -79.12 0.66 13.66
C ILE Q 106 -79.91 0.14 12.47
N GLU Q 107 -81.15 0.62 12.30
CA GLU Q 107 -81.96 0.21 11.16
C GLU Q 107 -81.21 0.43 9.85
N GLY Q 108 -80.52 1.57 9.74
CA GLY Q 108 -79.69 1.79 8.56
C GLY Q 108 -78.58 0.77 8.43
N LEU Q 109 -77.87 0.51 9.53
CA LEU Q 109 -76.74 -0.42 9.48
C LEU Q 109 -77.16 -1.83 9.11
N ALA Q 110 -78.40 -2.20 9.41
CA ALA Q 110 -78.84 -3.56 9.10
C ALA Q 110 -79.03 -3.79 7.60
N CYS Q 111 -79.08 -2.71 6.81
CA CYS Q 111 -79.44 -2.84 5.39
C CYS Q 111 -78.43 -3.65 4.58
N PRO Q 112 -77.11 -3.42 4.67
CA PRO Q 112 -76.17 -4.22 3.85
C PRO Q 112 -76.17 -5.69 4.21
N LEU Q 113 -76.59 -6.04 5.42
CA LEU Q 113 -76.63 -7.45 5.78
C LEU Q 113 -77.69 -8.21 5.00
N LEU Q 114 -78.84 -7.60 4.76
CA LEU Q 114 -79.96 -8.29 4.13
C LEU Q 114 -79.98 -7.99 2.62
N LEU Q 115 -78.98 -8.53 1.93
CA LEU Q 115 -78.83 -8.34 0.50
C LEU Q 115 -78.81 -9.69 -0.22
N ASP Q 116 -78.95 -9.63 -1.54
CA ASP Q 116 -78.99 -10.83 -2.37
C ASP Q 116 -77.60 -11.44 -2.52
N GLU Q 117 -77.59 -12.71 -2.94
CA GLU Q 117 -76.34 -13.47 -3.01
C GLU Q 117 -75.33 -12.78 -3.92
N ILE Q 118 -75.80 -12.15 -5.00
CA ILE Q 118 -74.89 -11.50 -5.93
C ILE Q 118 -74.08 -10.42 -5.22
N HIS Q 119 -74.77 -9.47 -4.60
CA HIS Q 119 -74.08 -8.39 -3.90
C HIS Q 119 -73.26 -8.93 -2.73
N VAL Q 120 -73.77 -9.94 -2.02
CA VAL Q 120 -73.06 -10.41 -0.84
C VAL Q 120 -71.74 -11.07 -1.24
N ASN Q 121 -71.76 -11.87 -2.31
CA ASN Q 121 -70.53 -12.48 -2.80
C ASN Q 121 -69.59 -11.42 -3.38
N ASP Q 122 -70.13 -10.40 -4.04
CA ASP Q 122 -69.26 -9.37 -4.60
C ASP Q 122 -68.56 -8.56 -3.52
N LEU Q 123 -69.22 -8.32 -2.38
CA LEU Q 123 -68.64 -7.45 -1.36
C LEU Q 123 -67.90 -8.19 -0.25
N PHE Q 124 -68.56 -9.17 0.39
CA PHE Q 124 -68.02 -9.73 1.63
C PHE Q 124 -67.00 -10.85 1.39
N LEU Q 125 -67.14 -11.58 0.29
CA LEU Q 125 -66.22 -12.66 -0.03
C LEU Q 125 -65.18 -12.25 -1.07
N SER Q 126 -65.62 -11.73 -2.21
CA SER Q 126 -64.69 -11.39 -3.28
C SER Q 126 -63.90 -10.14 -2.95
N GLY Q 127 -64.49 -9.21 -2.22
CA GLY Q 127 -63.82 -7.97 -1.91
C GLY Q 127 -63.94 -6.91 -2.98
N LEU Q 128 -64.80 -7.11 -3.98
CA LEU Q 128 -65.01 -6.13 -5.02
C LEU Q 128 -65.51 -4.81 -4.41
N PRO Q 129 -65.25 -3.68 -5.06
CA PRO Q 129 -65.69 -2.40 -4.50
C PRO Q 129 -67.20 -2.25 -4.53
N ILE Q 130 -67.70 -1.39 -3.65
CA ILE Q 130 -69.15 -1.15 -3.57
C ILE Q 130 -69.61 -0.38 -4.80
N ALA Q 131 -70.69 -0.86 -5.42
CA ALA Q 131 -71.25 -0.23 -6.60
C ALA Q 131 -72.33 0.76 -6.18
N THR Q 132 -72.05 2.05 -6.35
CA THR Q 132 -73.01 3.09 -6.03
C THR Q 132 -74.08 3.17 -7.11
N THR Q 133 -75.34 3.35 -6.69
CA THR Q 133 -76.44 3.39 -7.64
C THR Q 133 -77.11 4.75 -7.61
N ASP Q 134 -77.23 5.41 -8.76
CA ASP Q 134 -77.90 6.70 -8.80
C ASP Q 134 -79.36 6.54 -8.38
N VAL Q 135 -79.79 7.37 -7.43
CA VAL Q 135 -81.19 7.41 -7.03
C VAL Q 135 -81.99 8.12 -8.13
N PRO Q 136 -83.09 7.55 -8.61
CA PRO Q 136 -83.85 8.24 -9.67
C PRO Q 136 -84.43 9.54 -9.14
N ASP Q 137 -84.04 10.65 -9.75
CA ASP Q 137 -84.61 11.94 -9.38
C ASP Q 137 -86.13 11.94 -9.54
N ASN Q 138 -86.64 11.13 -10.47
CA ASN Q 138 -88.08 11.03 -10.68
C ASN Q 138 -88.76 10.35 -9.49
N GLU Q 139 -88.11 9.35 -8.91
CA GLU Q 139 -88.68 8.56 -7.83
C GLU Q 139 -88.63 9.32 -6.50
N PRO Q 140 -89.43 8.91 -5.51
CA PRO Q 140 -89.43 9.64 -4.24
C PRO Q 140 -88.12 9.45 -3.48
N LEU Q 141 -87.74 10.46 -2.71
CA LEU Q 141 -86.49 10.40 -1.99
C LEU Q 141 -86.56 9.30 -0.93
N PRO Q 142 -85.49 8.53 -0.75
CA PRO Q 142 -85.49 7.44 0.23
C PRO Q 142 -85.49 7.97 1.64
N PRO Q 143 -85.75 7.12 2.65
CA PRO Q 143 -85.83 7.60 4.03
C PRO Q 143 -84.54 8.26 4.48
N ALA Q 144 -84.68 9.29 5.33
CA ALA Q 144 -83.54 10.13 5.68
C ALA Q 144 -82.52 9.43 6.58
N LEU Q 145 -82.91 8.34 7.25
CA LEU Q 145 -82.05 7.59 8.16
C LEU Q 145 -81.82 8.33 9.49
N LEU Q 146 -82.70 9.29 9.80
CA LEU Q 146 -82.57 10.17 10.97
C LEU Q 146 -81.13 10.52 11.33
N SER R 1 -58.08 -69.02 30.33
CA SER R 1 -59.11 -68.67 29.36
C SER R 1 -59.44 -67.18 29.42
N ILE R 2 -60.73 -66.88 29.34
CA ILE R 2 -61.22 -65.51 29.42
C ILE R 2 -61.92 -65.36 30.76
N LYS R 3 -61.64 -64.27 31.47
CA LYS R 3 -62.12 -64.09 32.83
C LYS R 3 -63.02 -62.87 32.95
N TYR R 4 -64.12 -63.05 33.68
CA TYR R 4 -64.84 -61.93 34.28
C TYR R 4 -63.86 -61.12 35.11
N ILE R 5 -63.72 -59.84 34.72
CA ILE R 5 -63.10 -58.85 35.58
C ILE R 5 -64.10 -58.35 36.61
N PHE R 6 -65.27 -57.93 36.14
CA PHE R 6 -66.36 -57.49 37.00
C PHE R 6 -67.65 -58.10 36.46
N LYS R 7 -68.25 -59.00 37.25
CA LYS R 7 -69.52 -59.60 36.87
C LYS R 7 -70.64 -58.61 37.15
N LYS R 8 -71.49 -58.39 36.14
CA LYS R 8 -72.60 -57.45 36.28
C LYS R 8 -73.61 -57.92 37.32
N THR R 9 -74.04 -56.98 38.16
CA THR R 9 -75.05 -57.26 39.17
C THR R 9 -76.33 -56.50 38.87
N ASP R 10 -77.46 -57.10 39.22
CA ASP R 10 -78.76 -56.48 38.97
C ASP R 10 -79.09 -55.50 40.10
N THR R 11 -78.24 -54.49 40.23
CA THR R 11 -78.39 -53.46 41.24
C THR R 11 -78.46 -52.11 40.53
N LEU R 12 -79.65 -51.51 40.51
CA LEU R 12 -79.86 -50.28 39.78
C LEU R 12 -79.13 -49.12 40.46
N PRO R 13 -78.64 -48.16 39.69
CA PRO R 13 -77.95 -47.02 40.31
C PRO R 13 -78.95 -46.07 40.96
N ARG R 14 -78.56 -45.56 42.13
CA ARG R 14 -79.37 -44.53 42.79
C ARG R 14 -79.35 -43.26 41.95
N SER R 15 -80.54 -42.73 41.67
CA SER R 15 -80.63 -41.43 41.03
C SER R 15 -79.98 -40.37 41.91
N VAL R 16 -79.43 -39.34 41.28
CA VAL R 16 -78.65 -38.32 41.96
C VAL R 16 -79.46 -37.04 42.08
N ILE R 17 -79.80 -36.66 43.30
CA ILE R 17 -80.65 -35.50 43.56
C ILE R 17 -79.86 -34.50 44.36
N GLY R 18 -80.01 -33.21 44.04
CA GLY R 18 -79.23 -32.21 44.71
C GLY R 18 -79.78 -30.82 44.48
N ASN R 19 -78.94 -29.83 44.77
CA ASN R 19 -79.26 -28.44 44.46
C ASN R 19 -77.97 -27.65 44.26
N VAL R 20 -77.97 -26.73 43.28
CA VAL R 20 -76.76 -26.00 42.94
C VAL R 20 -76.36 -25.07 44.09
N LEU R 21 -75.12 -25.23 44.59
CA LEU R 21 -74.62 -24.45 45.72
C LEU R 21 -73.87 -23.20 45.28
N ARG R 22 -72.79 -23.37 44.53
CA ARG R 22 -72.02 -22.25 44.03
C ARG R 22 -71.41 -22.64 42.69
N THR R 23 -71.04 -21.62 41.92
CA THR R 23 -70.34 -21.77 40.66
C THR R 23 -68.96 -21.15 40.84
N THR R 24 -67.98 -22.00 41.12
CA THR R 24 -66.62 -21.51 41.40
C THR R 24 -66.05 -20.76 40.21
N GLY R 25 -66.01 -21.42 39.05
CA GLY R 25 -65.49 -20.83 37.84
C GLY R 25 -66.42 -21.03 36.68
N PRO R 26 -66.01 -20.58 35.48
CA PRO R 26 -66.88 -20.71 34.30
C PRO R 26 -67.05 -22.15 33.86
N ASP R 27 -66.08 -23.01 34.15
CA ASP R 27 -66.16 -24.42 33.82
C ASP R 27 -66.43 -25.31 35.04
N THR R 28 -66.54 -24.73 36.23
CA THR R 28 -66.60 -25.49 37.47
C THR R 28 -67.85 -25.08 38.25
N THR R 29 -68.74 -26.04 38.51
CA THR R 29 -69.94 -25.78 39.31
C THR R 29 -70.07 -26.83 40.40
N VAL R 30 -70.49 -26.39 41.59
CA VAL R 30 -70.52 -27.25 42.77
C VAL R 30 -71.95 -27.35 43.29
N TYR R 31 -72.40 -28.58 43.49
CA TYR R 31 -73.76 -28.89 43.92
C TYR R 31 -73.70 -29.43 45.34
N SER R 32 -74.61 -28.96 46.19
CA SER R 32 -74.80 -29.52 47.52
C SER R 32 -75.85 -30.62 47.44
N LEU R 33 -75.51 -31.78 47.99
CA LEU R 33 -76.34 -32.97 47.99
C LEU R 33 -77.03 -33.11 49.34
N PRO R 34 -77.98 -34.04 49.46
CA PRO R 34 -78.67 -34.20 50.75
C PRO R 34 -77.71 -34.60 51.86
N GLY R 35 -78.01 -34.17 53.08
CA GLY R 35 -77.15 -34.48 54.21
C GLY R 35 -75.91 -33.64 54.29
N HIS R 36 -75.90 -32.48 53.64
CA HIS R 36 -74.74 -31.59 53.60
C HIS R 36 -74.86 -30.58 54.74
N THR R 37 -74.29 -30.92 55.88
CA THR R 37 -74.08 -29.91 56.91
C THR R 37 -72.76 -29.20 56.68
N PRO R 38 -72.59 -27.98 57.17
CA PRO R 38 -71.29 -27.31 57.03
C PRO R 38 -70.19 -28.06 57.74
N VAL R 39 -70.51 -28.70 58.87
CA VAL R 39 -69.51 -29.47 59.61
C VAL R 39 -69.12 -30.72 58.82
N ASN R 40 -70.09 -31.41 58.23
CA ASN R 40 -69.86 -32.67 57.52
C ASN R 40 -70.33 -32.51 56.07
N PRO R 41 -69.59 -31.76 55.26
CA PRO R 41 -70.08 -31.44 53.92
C PRO R 41 -70.12 -32.64 53.00
N PHE R 42 -71.06 -32.61 52.05
CA PHE R 42 -71.23 -33.66 51.06
C PHE R 42 -71.69 -33.02 49.76
N THR R 43 -70.83 -33.05 48.74
CA THR R 43 -70.99 -32.22 47.55
C THR R 43 -70.48 -32.93 46.30
N LEU R 44 -71.17 -32.65 45.18
CA LEU R 44 -70.74 -33.05 43.85
C LEU R 44 -70.16 -31.84 43.13
N THR R 45 -68.87 -31.90 42.81
CA THR R 45 -68.22 -30.88 42.00
C THR R 45 -68.16 -31.38 40.56
N ALA R 46 -68.47 -30.51 39.61
CA ALA R 46 -68.48 -30.86 38.19
C ALA R 46 -67.64 -29.87 37.43
N VAL R 47 -66.61 -30.37 36.75
CA VAL R 47 -65.66 -29.56 35.99
C VAL R 47 -65.67 -30.09 34.56
N SER R 48 -66.26 -29.32 33.64
CA SER R 48 -66.32 -29.71 32.22
C SER R 48 -65.48 -28.72 31.43
N ARG R 49 -64.36 -29.18 30.87
CA ARG R 49 -63.45 -28.34 30.13
C ARG R 49 -63.57 -28.62 28.64
N LEU R 50 -63.89 -27.56 27.88
CA LEU R 50 -64.11 -27.66 26.45
C LEU R 50 -62.82 -27.99 25.72
N PRO R 51 -62.93 -28.50 24.49
CA PRO R 51 -61.72 -28.75 23.71
C PRO R 51 -61.18 -27.46 23.15
N VAL R 52 -59.86 -27.32 23.22
CA VAL R 52 -59.16 -26.20 22.61
C VAL R 52 -58.42 -26.72 21.38
N PRO R 53 -58.79 -26.29 20.17
CA PRO R 53 -58.10 -26.79 18.97
C PRO R 53 -56.65 -26.33 18.98
N ARG R 54 -55.78 -27.22 18.48
CA ARG R 54 -54.37 -26.94 18.33
C ARG R 54 -54.04 -27.08 16.85
N LYS R 55 -52.99 -26.39 16.41
CA LYS R 55 -52.71 -26.36 14.97
C LYS R 55 -52.34 -27.76 14.50
N GLY R 56 -53.23 -28.37 13.71
CA GLY R 56 -53.07 -29.74 13.27
C GLY R 56 -53.66 -30.77 14.20
N ASN R 57 -54.23 -30.37 15.34
CA ASN R 57 -54.76 -31.29 16.32
C ASN R 57 -56.17 -30.88 16.69
N ALA R 58 -57.10 -31.83 16.65
CA ALA R 58 -58.43 -31.57 17.16
C ALA R 58 -58.41 -31.49 18.68
N GLY R 59 -59.39 -30.79 19.24
CA GLY R 59 -59.48 -30.68 20.68
C GLY R 59 -59.83 -31.99 21.35
N THR R 60 -59.79 -31.97 22.68
CA THR R 60 -60.27 -33.09 23.50
C THR R 60 -61.07 -32.52 24.66
N THR R 61 -62.29 -33.03 24.84
CA THR R 61 -63.16 -32.60 25.93
C THR R 61 -62.85 -33.38 27.20
N LYS R 62 -62.57 -32.66 28.28
CA LYS R 62 -62.36 -33.30 29.57
C LYS R 62 -63.58 -33.05 30.46
N THR R 63 -63.94 -34.04 31.27
CA THR R 63 -65.12 -33.97 32.12
C THR R 63 -64.80 -34.67 33.43
N THR R 64 -65.02 -34.00 34.55
CA THR R 64 -64.67 -34.54 35.85
C THR R 64 -65.82 -34.33 36.81
N LEU R 65 -66.27 -35.41 37.45
CA LEU R 65 -67.38 -35.39 38.40
C LEU R 65 -66.88 -36.03 39.70
N SER R 66 -66.84 -35.24 40.78
CA SER R 66 -66.28 -35.69 42.06
C SER R 66 -67.35 -35.60 43.14
N LEU R 67 -67.62 -36.72 43.81
CA LEU R 67 -68.41 -36.70 45.03
C LEU R 67 -67.46 -36.73 46.22
N ARG R 68 -67.68 -35.82 47.18
CA ARG R 68 -66.84 -35.74 48.37
C ARG R 68 -67.72 -35.58 49.60
N ARG R 69 -67.55 -36.49 50.57
CA ARG R 69 -68.38 -36.49 51.77
C ARG R 69 -67.49 -36.76 52.98
N GLU R 70 -67.49 -35.85 53.95
CA GLU R 70 -66.57 -35.92 55.10
C GLU R 70 -67.31 -36.57 56.26
N VAL R 71 -67.04 -37.85 56.49
CA VAL R 71 -67.75 -38.63 57.50
C VAL R 71 -67.09 -38.43 58.85
N THR R 72 -67.91 -38.38 59.90
CA THR R 72 -67.40 -38.56 61.25
C THR R 72 -67.12 -40.04 61.47
N ILE R 73 -65.86 -40.35 61.82
CA ILE R 73 -65.40 -41.71 62.01
C ILE R 73 -65.31 -41.97 63.51
N ASN R 74 -65.81 -43.14 63.91
CA ASN R 74 -65.80 -43.68 65.28
C ASN R 74 -66.10 -42.61 66.33
N LYS R 75 -67.32 -42.06 66.20
CA LYS R 75 -67.77 -40.98 67.05
C LYS R 75 -67.79 -41.38 68.53
N GLY R 76 -68.44 -42.49 68.84
CA GLY R 76 -68.51 -42.92 70.24
C GLY R 76 -67.14 -43.12 70.86
N THR R 77 -66.21 -43.65 70.08
CA THR R 77 -64.88 -43.95 70.55
C THR R 77 -64.03 -42.67 70.60
N ASP R 78 -62.91 -42.74 71.32
CA ASP R 78 -61.95 -41.64 71.29
C ASP R 78 -61.31 -41.54 69.90
N GLN R 79 -60.73 -40.37 69.64
CA GLN R 79 -60.18 -40.05 68.32
C GLN R 79 -61.25 -40.07 67.23
N GLU R 80 -62.48 -39.67 67.59
CA GLU R 80 -63.49 -39.30 66.60
C GLU R 80 -62.92 -38.30 65.62
N LYS R 81 -62.99 -38.57 64.32
CA LYS R 81 -62.39 -37.64 63.36
C LYS R 81 -63.27 -37.46 62.13
N ILE R 82 -63.36 -36.22 61.64
CA ILE R 82 -64.05 -35.95 60.38
C ILE R 82 -63.06 -36.12 59.24
N VAL R 83 -63.35 -37.07 58.36
CA VAL R 83 -62.39 -37.48 57.33
C VAL R 83 -63.14 -37.63 56.01
N PRO R 84 -62.59 -37.12 54.90
CA PRO R 84 -63.34 -37.14 53.63
C PRO R 84 -63.15 -38.40 52.79
N MET R 85 -64.26 -38.97 52.29
CA MET R 85 -64.21 -39.99 51.26
C MET R 85 -64.57 -39.36 49.93
N ILE R 86 -63.89 -39.78 48.87
CA ILE R 86 -64.07 -39.18 47.55
C ILE R 86 -64.19 -40.27 46.50
N ALA R 87 -65.14 -40.08 45.57
CA ALA R 87 -65.29 -40.94 44.40
C ALA R 87 -65.48 -40.07 43.17
N ARG R 88 -64.57 -40.21 42.19
CA ARG R 88 -64.48 -39.38 40.99
C ARG R 88 -64.64 -40.21 39.73
N ILE R 89 -65.31 -39.60 38.77
CA ILE R 89 -65.31 -40.04 37.39
C ILE R 89 -64.55 -38.98 36.61
N GLU R 90 -63.51 -39.38 35.88
CA GLU R 90 -62.76 -38.45 35.03
C GLU R 90 -62.71 -39.02 33.62
N THR R 91 -63.02 -38.19 32.63
CA THR R 91 -63.21 -38.67 31.27
C THR R 91 -62.63 -37.71 30.25
N SER R 92 -61.72 -38.21 29.41
CA SER R 92 -61.14 -37.43 28.32
C SER R 92 -61.57 -38.04 27.01
N VAL R 93 -62.42 -37.33 26.28
CA VAL R 93 -62.99 -37.77 25.00
C VAL R 93 -62.47 -36.83 23.92
N PRO R 94 -61.61 -37.30 23.02
CA PRO R 94 -61.24 -36.48 21.86
C PRO R 94 -62.42 -36.22 20.95
N VAL R 95 -62.28 -35.20 20.10
CA VAL R 95 -63.44 -34.65 19.39
C VAL R 95 -64.09 -35.69 18.49
N GLY R 96 -63.29 -36.33 17.63
CA GLY R 96 -63.83 -37.25 16.62
C GLY R 96 -64.52 -38.49 17.16
N VAL R 97 -64.45 -38.73 18.47
CA VAL R 97 -64.98 -39.96 19.06
C VAL R 97 -66.47 -40.09 18.78
N SER R 98 -66.91 -41.33 18.55
CA SER R 98 -68.33 -41.62 18.29
C SER R 98 -69.09 -41.87 19.59
N GLN R 99 -70.28 -41.27 19.67
CA GLN R 99 -71.10 -41.42 20.87
C GLN R 99 -71.41 -42.88 21.16
N ASP R 100 -71.55 -43.70 20.13
CA ASP R 100 -71.84 -45.12 20.32
C ASP R 100 -70.70 -45.79 21.08
N ASP R 101 -69.48 -45.66 20.55
CA ASP R 101 -68.32 -46.30 21.16
C ASP R 101 -68.13 -45.81 22.59
N PHE R 102 -68.26 -44.51 22.80
CA PHE R 102 -67.98 -44.00 24.14
C PHE R 102 -69.07 -44.40 25.14
N LYS R 103 -70.34 -44.42 24.73
CA LYS R 103 -71.37 -44.93 25.63
C LYS R 103 -71.12 -46.39 25.97
N ALA R 104 -70.57 -47.16 25.04
CA ALA R 104 -70.21 -48.55 25.34
C ALA R 104 -69.17 -48.60 26.45
N MET R 105 -68.08 -47.83 26.30
CA MET R 105 -67.08 -47.80 27.38
C MET R 105 -67.68 -47.34 28.70
N ILE R 106 -68.58 -46.36 28.67
CA ILE R 106 -69.19 -45.85 29.91
C ILE R 106 -69.97 -46.96 30.59
N GLU R 107 -70.84 -47.64 29.83
CA GLU R 107 -71.65 -48.71 30.38
C GLU R 107 -70.76 -49.79 30.99
N GLY R 108 -69.65 -50.09 30.33
CA GLY R 108 -68.70 -51.03 30.93
C GLY R 108 -68.10 -50.51 32.23
N LEU R 109 -67.71 -49.24 32.24
CA LEU R 109 -67.07 -48.64 33.41
C LEU R 109 -68.02 -48.61 34.61
N ALA R 110 -69.31 -48.49 34.36
CA ALA R 110 -70.26 -48.42 35.47
C ALA R 110 -70.38 -49.75 36.21
N CYS R 111 -69.88 -50.85 35.62
CA CYS R 111 -70.11 -52.17 36.19
C CYS R 111 -69.46 -52.37 37.56
N PRO R 112 -68.17 -52.05 37.78
CA PRO R 112 -67.59 -52.27 39.11
C PRO R 112 -68.22 -51.43 40.19
N LEU R 113 -68.85 -50.31 39.84
CA LEU R 113 -69.49 -49.49 40.85
C LEU R 113 -70.68 -50.20 41.49
N LEU R 114 -71.47 -50.90 40.68
CA LEU R 114 -72.71 -51.49 41.16
C LEU R 114 -72.47 -52.95 41.55
N LEU R 115 -71.69 -53.13 42.63
CA LEU R 115 -71.35 -54.44 43.14
C LEU R 115 -71.84 -54.61 44.57
N ASP R 116 -71.81 -55.86 45.04
CA ASP R 116 -72.26 -56.20 46.38
C ASP R 116 -71.24 -55.76 47.43
N GLU R 117 -71.72 -55.67 48.68
CA GLU R 117 -70.90 -55.14 49.75
C GLU R 117 -69.62 -55.96 49.92
N ILE R 118 -69.69 -57.27 49.67
CA ILE R 118 -68.51 -58.11 49.85
C ILE R 118 -67.39 -57.67 48.90
N HIS R 119 -67.69 -57.61 47.60
CA HIS R 119 -66.67 -57.20 46.65
C HIS R 119 -66.24 -55.75 46.87
N VAL R 120 -67.18 -54.87 47.23
CA VAL R 120 -66.84 -53.46 47.37
C VAL R 120 -65.90 -53.26 48.56
N ASN R 121 -66.15 -53.92 49.69
CA ASN R 121 -65.24 -53.83 50.81
C ASN R 121 -63.91 -54.49 50.50
N ASP R 122 -63.93 -55.61 49.76
CA ASP R 122 -62.68 -56.27 49.42
C ASP R 122 -61.80 -55.40 48.52
N LEU R 123 -62.40 -54.63 47.60
CA LEU R 123 -61.63 -53.87 46.62
C LEU R 123 -61.38 -52.42 47.02
N PHE R 124 -62.43 -51.66 47.33
CA PHE R 124 -62.29 -50.22 47.47
C PHE R 124 -61.82 -49.79 48.86
N LEU R 125 -62.11 -50.57 49.88
CA LEU R 125 -61.69 -50.24 51.24
C LEU R 125 -60.47 -51.04 51.66
N SER R 126 -60.54 -52.37 51.59
CA SER R 126 -59.42 -53.19 52.05
C SER R 126 -58.23 -53.08 51.11
N GLY R 127 -58.48 -52.95 49.81
CA GLY R 127 -57.42 -52.79 48.84
C GLY R 127 -56.95 -54.06 48.17
N LEU R 128 -57.71 -55.15 48.27
CA LEU R 128 -57.32 -56.41 47.66
C LEU R 128 -57.27 -56.28 46.14
N PRO R 129 -56.66 -57.23 45.44
CA PRO R 129 -56.74 -57.23 43.97
C PRO R 129 -58.14 -57.61 43.49
N ILE R 130 -58.38 -57.37 42.20
CA ILE R 130 -59.69 -57.65 41.62
C ILE R 130 -59.95 -59.15 41.66
N ALA R 131 -61.16 -59.53 42.07
CA ALA R 131 -61.58 -60.93 42.08
C ALA R 131 -61.95 -61.36 40.66
N THR R 132 -61.12 -62.21 40.05
CA THR R 132 -61.36 -62.68 38.69
C THR R 132 -62.16 -63.97 38.73
N THR R 133 -63.10 -64.11 37.79
CA THR R 133 -63.96 -65.30 37.75
C THR R 133 -63.91 -65.92 36.37
N ASP R 134 -63.51 -67.18 36.28
CA ASP R 134 -63.48 -67.87 35.00
C ASP R 134 -64.87 -67.91 34.38
N VAL R 135 -64.98 -67.41 33.16
CA VAL R 135 -66.25 -67.44 32.43
C VAL R 135 -66.58 -68.89 32.07
N PRO R 136 -67.77 -69.40 32.39
CA PRO R 136 -68.09 -70.77 31.98
C PRO R 136 -68.13 -70.88 30.47
N ASP R 137 -67.25 -71.72 29.91
CA ASP R 137 -67.27 -71.96 28.48
C ASP R 137 -68.62 -72.45 28.01
N ASN R 138 -69.33 -73.18 28.88
CA ASN R 138 -70.65 -73.69 28.52
C ASN R 138 -71.66 -72.55 28.39
N GLU R 139 -71.59 -71.56 29.26
CA GLU R 139 -72.54 -70.45 29.25
C GLU R 139 -72.26 -69.53 28.06
N PRO R 140 -73.24 -68.75 27.63
CA PRO R 140 -73.03 -67.89 26.46
C PRO R 140 -72.00 -66.82 26.75
N LEU R 141 -71.33 -66.37 25.69
CA LEU R 141 -70.28 -65.37 25.85
C LEU R 141 -70.89 -64.04 26.27
N PRO R 142 -70.31 -63.35 27.25
CA PRO R 142 -70.86 -62.07 27.74
C PRO R 142 -70.76 -60.99 26.69
N PRO R 143 -71.44 -59.86 26.88
CA PRO R 143 -71.43 -58.80 25.86
C PRO R 143 -70.02 -58.28 25.58
N ALA R 144 -69.79 -57.94 24.31
CA ALA R 144 -68.45 -57.61 23.85
C ALA R 144 -67.93 -56.28 24.36
N LEU R 145 -68.80 -55.41 24.89
CA LEU R 145 -68.42 -54.10 25.41
C LEU R 145 -68.02 -53.11 24.31
N LEU R 146 -68.38 -53.43 23.07
CA LEU R 146 -68.03 -52.64 21.87
C LEU R 146 -66.62 -52.07 21.93
N SER S 1 58.47 -27.77 -60.29
CA SER S 1 57.92 -29.11 -60.50
C SER S 1 58.10 -29.99 -59.27
N ILE S 2 58.49 -31.24 -59.50
CA ILE S 2 58.76 -32.19 -58.44
C ILE S 2 60.25 -32.46 -58.42
N LYS S 3 60.85 -32.44 -57.23
CA LYS S 3 62.28 -32.51 -57.09
C LYS S 3 62.71 -33.75 -56.32
N TYR S 4 63.77 -34.41 -56.83
CA TYR S 4 64.57 -35.30 -56.01
C TYR S 4 65.06 -34.53 -54.79
N ILE S 5 64.69 -35.05 -53.61
CA ILE S 5 65.34 -34.66 -52.36
C ILE S 5 66.63 -35.44 -52.17
N PHE S 6 66.56 -36.76 -52.36
CA PHE S 6 67.74 -37.62 -52.29
C PHE S 6 67.65 -38.64 -53.43
N LYS S 7 68.58 -38.53 -54.38
CA LYS S 7 68.65 -39.50 -55.47
C LYS S 7 69.31 -40.78 -54.96
N LYS S 8 68.67 -41.92 -55.25
CA LYS S 8 69.20 -43.20 -54.81
C LYS S 8 70.51 -43.55 -55.52
N THR S 9 71.45 -44.08 -54.75
CA THR S 9 72.74 -44.50 -55.29
C THR S 9 72.89 -46.01 -55.15
N ASP S 10 73.58 -46.62 -56.12
CA ASP S 10 73.86 -48.05 -56.07
C ASP S 10 75.05 -48.31 -55.14
N THR S 11 74.85 -47.96 -53.87
CA THR S 11 75.85 -48.13 -52.83
C THR S 11 75.23 -49.02 -51.75
N LEU S 12 75.61 -50.29 -51.72
CA LEU S 12 75.04 -51.22 -50.76
C LEU S 12 75.45 -50.83 -49.34
N PRO S 13 74.58 -51.05 -48.36
CA PRO S 13 74.96 -50.78 -46.97
C PRO S 13 75.90 -51.85 -46.44
N ARG S 14 76.89 -51.42 -45.66
CA ARG S 14 77.75 -52.36 -44.98
C ARG S 14 76.94 -53.14 -43.95
N SER S 15 77.03 -54.46 -44.00
CA SER S 15 76.48 -55.26 -42.92
C SER S 15 77.13 -54.84 -41.58
N VAL S 16 76.39 -55.03 -40.49
CA VAL S 16 76.83 -54.58 -39.17
C VAL S 16 77.22 -55.79 -38.35
N ILE S 17 78.48 -55.82 -37.94
CA ILE S 17 79.04 -56.97 -37.24
C ILE S 17 79.54 -56.49 -35.88
N GLY S 18 79.34 -57.32 -34.86
CA GLY S 18 79.73 -56.88 -33.53
C GLY S 18 79.71 -58.01 -32.53
N ASN S 19 79.77 -57.63 -31.26
CA ASN S 19 79.61 -58.57 -30.17
C ASN S 19 78.97 -57.86 -28.98
N VAL S 20 77.99 -58.52 -28.36
CA VAL S 20 77.27 -57.90 -27.25
C VAL S 20 78.24 -57.58 -26.12
N LEU S 21 78.18 -56.34 -25.63
CA LEU S 21 79.07 -55.87 -24.58
C LEU S 21 78.42 -55.88 -23.20
N ARG S 22 77.34 -55.12 -23.02
CA ARG S 22 76.67 -55.06 -21.74
C ARG S 22 75.19 -54.79 -21.97
N THR S 23 74.39 -55.25 -21.04
CA THR S 23 72.95 -55.02 -21.05
C THR S 23 72.63 -54.07 -19.91
N THR S 24 72.55 -52.77 -20.23
CA THR S 24 72.35 -51.75 -19.22
C THR S 24 71.04 -51.96 -18.49
N GLY S 25 69.94 -52.06 -19.23
CA GLY S 25 68.64 -52.27 -18.66
C GLY S 25 67.88 -53.37 -19.37
N PRO S 26 66.63 -53.60 -18.95
CA PRO S 26 65.84 -54.65 -19.61
C PRO S 26 65.50 -54.31 -21.06
N ASP S 27 65.32 -53.04 -21.36
CA ASP S 27 65.02 -52.57 -22.71
C ASP S 27 66.24 -52.06 -23.45
N THR S 28 67.40 -51.96 -22.79
CA THR S 28 68.58 -51.31 -23.35
C THR S 28 69.75 -52.29 -23.36
N THR S 29 70.32 -52.52 -24.53
CA THR S 29 71.49 -53.39 -24.67
C THR S 29 72.55 -52.69 -25.52
N VAL S 30 73.82 -52.85 -25.14
CA VAL S 30 74.92 -52.12 -25.74
C VAL S 30 75.92 -53.11 -26.32
N TYR S 31 76.19 -52.97 -27.62
CA TYR S 31 77.07 -53.84 -28.36
C TYR S 31 78.38 -53.11 -28.63
N SER S 32 79.49 -53.84 -28.50
CA SER S 32 80.80 -53.34 -28.89
C SER S 32 81.10 -53.79 -30.31
N LEU S 33 81.50 -52.85 -31.14
CA LEU S 33 81.77 -53.03 -32.55
C LEU S 33 83.26 -53.18 -32.79
N PRO S 34 83.67 -53.53 -34.01
CA PRO S 34 85.10 -53.66 -34.28
C PRO S 34 85.83 -52.33 -34.15
N GLY S 35 87.08 -52.38 -33.70
CA GLY S 35 87.86 -51.18 -33.48
C GLY S 35 87.55 -50.46 -32.19
N HIS S 36 86.76 -51.06 -31.31
CA HIS S 36 86.46 -50.51 -29.99
C HIS S 36 87.66 -50.73 -29.09
N THR S 37 88.50 -49.71 -28.98
CA THR S 37 89.52 -49.71 -27.94
C THR S 37 88.95 -49.07 -26.68
N PRO S 38 89.57 -49.30 -25.51
CA PRO S 38 89.16 -48.53 -24.34
C PRO S 38 89.40 -47.05 -24.53
N VAL S 39 90.48 -46.68 -25.23
CA VAL S 39 90.79 -45.28 -25.46
C VAL S 39 89.77 -44.66 -26.42
N ASN S 40 89.43 -45.37 -27.49
CA ASN S 40 88.57 -44.86 -28.56
C ASN S 40 87.36 -45.79 -28.67
N PRO S 41 86.39 -45.64 -27.77
CA PRO S 41 85.25 -46.57 -27.77
C PRO S 41 84.40 -46.43 -29.02
N PHE S 42 83.75 -47.54 -29.39
CA PHE S 42 82.94 -47.59 -30.61
C PHE S 42 81.82 -48.58 -30.37
N THR S 43 80.58 -48.10 -30.26
CA THR S 43 79.50 -48.91 -29.73
C THR S 43 78.18 -48.60 -30.42
N LEU S 44 77.37 -49.65 -30.57
CA LEU S 44 75.97 -49.53 -30.95
C LEU S 44 75.10 -49.75 -29.72
N THR S 45 74.31 -48.76 -29.37
CA THR S 45 73.35 -48.88 -28.28
C THR S 45 71.95 -49.03 -28.87
N ALA S 46 71.19 -49.99 -28.35
CA ALA S 46 69.86 -50.30 -28.85
C ALA S 46 68.88 -50.21 -27.68
N VAL S 47 67.85 -49.39 -27.83
CA VAL S 47 66.84 -49.16 -26.81
C VAL S 47 65.49 -49.39 -27.47
N SER S 48 64.83 -50.50 -27.14
CA SER S 48 63.54 -50.86 -27.73
C SER S 48 62.50 -50.82 -26.61
N ARG S 49 61.60 -49.84 -26.67
CA ARG S 49 60.59 -49.66 -25.64
C ARG S 49 59.23 -50.13 -26.16
N LEU S 50 58.65 -51.10 -25.44
CA LEU S 50 57.42 -51.73 -25.82
C LEU S 50 56.25 -50.77 -25.68
N PRO S 51 55.14 -51.03 -26.37
CA PRO S 51 53.98 -50.15 -26.26
C PRO S 51 53.24 -50.42 -24.95
N VAL S 52 52.87 -49.35 -24.26
CA VAL S 52 52.03 -49.43 -23.07
C VAL S 52 50.64 -48.97 -23.46
N PRO S 53 49.63 -49.83 -23.39
CA PRO S 53 48.28 -49.42 -23.75
C PRO S 53 47.70 -48.46 -22.73
N ARG S 54 46.99 -47.47 -23.25
CA ARG S 54 46.34 -46.46 -22.43
C ARG S 54 44.84 -46.64 -22.61
N LYS S 55 44.05 -46.10 -21.67
CA LYS S 55 42.61 -46.32 -21.73
C LYS S 55 42.04 -45.55 -22.92
N GLY S 56 41.62 -46.29 -23.94
CA GLY S 56 41.16 -45.70 -25.18
C GLY S 56 42.23 -45.40 -26.20
N ASN S 57 43.49 -45.69 -25.88
CA ASN S 57 44.61 -45.44 -26.78
C ASN S 57 45.46 -46.69 -26.89
N ALA S 58 45.70 -47.13 -28.12
CA ALA S 58 46.67 -48.19 -28.32
C ALA S 58 48.06 -47.70 -27.95
N GLY S 59 48.95 -48.66 -27.70
CA GLY S 59 50.33 -48.32 -27.44
C GLY S 59 51.07 -47.87 -28.68
N THR S 60 52.29 -47.36 -28.48
CA THR S 60 53.21 -47.05 -29.57
C THR S 60 54.58 -47.59 -29.21
N THR S 61 55.18 -48.34 -30.13
CA THR S 61 56.51 -48.91 -29.94
C THR S 61 57.59 -47.92 -30.35
N LYS S 62 58.54 -47.66 -29.46
CA LYS S 62 59.67 -46.81 -29.79
C LYS S 62 60.93 -47.66 -29.90
N THR S 63 61.81 -47.28 -30.82
CA THR S 63 63.02 -48.06 -31.11
C THR S 63 64.13 -47.07 -31.42
N THR S 64 65.29 -47.24 -30.79
CA THR S 64 66.38 -46.26 -30.94
C THR S 64 67.71 -47.00 -31.08
N LEU S 65 68.41 -46.75 -32.18
CA LEU S 65 69.69 -47.38 -32.49
C LEU S 65 70.72 -46.28 -32.68
N SER S 66 71.76 -46.25 -31.84
CA SER S 66 72.77 -45.20 -31.87
C SER S 66 74.16 -45.79 -32.07
N LEU S 67 74.86 -45.35 -33.11
CA LEU S 67 76.26 -45.67 -33.30
C LEU S 67 77.09 -44.49 -32.80
N ARG S 68 77.96 -44.74 -31.81
CA ARG S 68 78.80 -43.71 -31.23
C ARG S 68 80.26 -44.14 -31.33
N ARG S 69 81.07 -43.32 -32.02
CA ARG S 69 82.50 -43.56 -32.13
C ARG S 69 83.25 -42.31 -31.68
N GLU S 70 84.14 -42.47 -30.69
CA GLU S 70 84.96 -41.36 -30.22
C GLU S 70 86.30 -41.42 -30.95
N VAL S 71 86.49 -40.50 -31.88
CA VAL S 71 87.64 -40.51 -32.78
C VAL S 71 88.65 -39.50 -32.30
N THR S 72 89.93 -39.82 -32.47
CA THR S 72 91.00 -38.85 -32.21
C THR S 72 91.04 -37.85 -33.37
N ILE S 73 90.98 -36.57 -33.04
CA ILE S 73 91.01 -35.48 -34.00
C ILE S 73 92.40 -34.85 -33.98
N ASN S 74 92.91 -34.56 -35.18
CA ASN S 74 94.21 -33.93 -35.48
C ASN S 74 95.30 -34.44 -34.56
N LYS S 75 95.55 -35.75 -34.69
CA LYS S 75 96.57 -36.42 -33.90
C LYS S 75 97.94 -35.79 -34.10
N GLY S 76 98.36 -35.62 -35.34
CA GLY S 76 99.68 -35.07 -35.59
C GLY S 76 99.85 -33.66 -35.04
N THR S 77 98.80 -32.85 -35.17
CA THR S 77 98.84 -31.48 -34.69
C THR S 77 98.76 -31.46 -33.16
N ASP S 78 99.17 -30.34 -32.59
CA ASP S 78 98.98 -30.10 -31.18
C ASP S 78 97.48 -29.99 -30.86
N GLN S 79 97.15 -30.25 -29.59
CA GLN S 79 95.77 -30.22 -29.10
C GLN S 79 94.92 -31.32 -29.75
N GLU S 80 95.49 -32.50 -29.94
CA GLU S 80 94.71 -33.62 -30.44
C GLU S 80 93.66 -33.98 -29.40
N LYS S 81 92.44 -34.31 -29.84
CA LYS S 81 91.37 -34.54 -28.86
C LYS S 81 90.46 -35.66 -29.31
N ILE S 82 90.05 -36.50 -28.35
CA ILE S 82 89.10 -37.56 -28.63
C ILE S 82 87.70 -37.00 -28.52
N VAL S 83 86.99 -36.96 -29.64
CA VAL S 83 85.69 -36.31 -29.71
C VAL S 83 84.70 -37.30 -30.29
N PRO S 84 83.46 -37.38 -29.78
CA PRO S 84 82.50 -38.37 -30.31
C PRO S 84 81.69 -37.92 -31.51
N MET S 85 81.57 -38.79 -32.50
CA MET S 85 80.59 -38.63 -33.57
C MET S 85 79.50 -39.68 -33.39
N ILE S 86 78.27 -39.27 -33.63
CA ILE S 86 77.10 -40.10 -33.35
C ILE S 86 76.19 -40.10 -34.57
N ALA S 87 75.62 -41.26 -34.88
CA ALA S 87 74.56 -41.40 -35.87
C ALA S 87 73.46 -42.28 -35.30
N ARG S 88 72.25 -41.73 -35.18
CA ARG S 88 71.09 -42.38 -34.58
C ARG S 88 69.95 -42.57 -35.57
N ILE S 89 69.31 -43.72 -35.46
CA ILE S 89 68.00 -43.97 -36.03
C ILE S 89 67.04 -44.01 -34.85
N GLU S 90 65.96 -43.23 -34.91
CA GLU S 90 64.94 -43.24 -33.87
C GLU S 90 63.58 -43.41 -34.56
N THR S 91 62.75 -44.33 -34.07
CA THR S 91 61.52 -44.69 -34.76
C THR S 91 60.39 -44.95 -33.78
N SER S 92 59.30 -44.21 -33.93
CA SER S 92 58.08 -44.43 -33.15
C SER S 92 56.97 -44.91 -34.07
N VAL S 93 56.48 -46.13 -33.83
CA VAL S 93 55.45 -46.75 -34.65
C VAL S 93 54.26 -47.06 -33.75
N PRO S 94 53.10 -46.46 -33.99
CA PRO S 94 51.89 -46.89 -33.28
C PRO S 94 51.46 -48.29 -33.70
N VAL S 95 50.61 -48.90 -32.87
CA VAL S 95 50.29 -50.32 -33.05
C VAL S 95 49.56 -50.57 -34.35
N GLY S 96 48.56 -49.75 -34.67
CA GLY S 96 47.72 -49.96 -35.84
C GLY S 96 48.43 -49.92 -37.18
N VAL S 97 49.72 -49.61 -37.19
CA VAL S 97 50.45 -49.41 -38.45
C VAL S 97 50.62 -50.72 -39.20
N SER S 98 50.56 -50.64 -40.54
CA SER S 98 50.85 -51.77 -41.41
C SER S 98 52.34 -51.85 -41.71
N GLN S 99 52.87 -53.08 -41.61
CA GLN S 99 54.28 -53.30 -41.89
C GLN S 99 54.66 -52.83 -43.30
N ASP S 100 53.71 -52.90 -44.23
CA ASP S 100 53.96 -52.41 -45.58
C ASP S 100 54.24 -50.91 -45.59
N ASP S 101 53.31 -50.13 -45.02
CA ASP S 101 53.49 -48.68 -44.92
C ASP S 101 54.80 -48.33 -44.24
N PHE S 102 55.10 -49.01 -43.15
CA PHE S 102 56.27 -48.60 -42.39
C PHE S 102 57.57 -49.00 -43.07
N LYS S 103 57.61 -50.18 -43.70
CA LYS S 103 58.82 -50.52 -44.44
C LYS S 103 59.02 -49.58 -45.61
N ALA S 104 57.94 -49.04 -46.18
CA ALA S 104 58.06 -47.99 -47.19
C ALA S 104 58.77 -46.77 -46.63
N MET S 105 58.29 -46.28 -45.48
CA MET S 105 58.99 -45.15 -44.86
C MET S 105 60.45 -45.47 -44.57
N ILE S 106 60.75 -46.69 -44.13
CA ILE S 106 62.12 -47.03 -43.79
C ILE S 106 62.99 -47.00 -45.03
N GLU S 107 62.53 -47.65 -46.10
CA GLU S 107 63.29 -47.67 -47.35
C GLU S 107 63.56 -46.24 -47.84
N GLY S 108 62.57 -45.37 -47.72
CA GLY S 108 62.82 -43.96 -48.03
C GLY S 108 63.90 -43.36 -47.15
N LEU S 109 63.77 -43.56 -45.83
CA LEU S 109 64.71 -42.96 -44.87
C LEU S 109 66.14 -43.42 -45.09
N ALA S 110 66.31 -44.64 -45.62
CA ALA S 110 67.66 -45.16 -45.80
C ALA S 110 68.41 -44.43 -46.92
N CYS S 111 67.67 -43.85 -47.87
CA CYS S 111 68.29 -43.27 -49.07
C CYS S 111 69.35 -42.21 -48.79
N PRO S 112 69.13 -41.21 -47.94
CA PRO S 112 70.18 -40.19 -47.74
C PRO S 112 71.44 -40.75 -47.10
N LEU S 113 71.34 -41.85 -46.35
CA LEU S 113 72.53 -42.42 -45.74
C LEU S 113 73.50 -42.95 -46.80
N LEU S 114 72.97 -43.54 -47.87
CA LEU S 114 73.80 -44.20 -48.87
C LEU S 114 74.06 -43.25 -50.05
N LEU S 115 74.88 -42.24 -49.78
CA LEU S 115 75.22 -41.23 -50.78
C LEU S 115 76.74 -41.10 -50.91
N ASP S 116 77.16 -40.44 -51.99
CA ASP S 116 78.58 -40.27 -52.27
C ASP S 116 79.23 -39.26 -51.32
N GLU S 117 80.57 -39.31 -51.28
CA GLU S 117 81.31 -38.50 -50.32
C GLU S 117 81.03 -37.02 -50.51
N ILE S 118 80.80 -36.58 -51.75
CA ILE S 118 80.58 -35.16 -51.99
C ILE S 118 79.33 -34.69 -51.26
N HIS S 119 78.20 -35.36 -51.50
CA HIS S 119 76.95 -34.98 -50.85
C HIS S 119 77.04 -35.17 -49.34
N VAL S 120 77.68 -36.26 -48.90
CA VAL S 120 77.75 -36.53 -47.46
C VAL S 120 78.52 -35.42 -46.74
N ASN S 121 79.65 -35.01 -47.31
CA ASN S 121 80.42 -33.93 -46.70
C ASN S 121 79.68 -32.60 -46.79
N ASP S 122 78.95 -32.38 -47.88
CA ASP S 122 78.22 -31.12 -48.01
C ASP S 122 77.09 -31.02 -47.01
N LEU S 123 76.39 -32.13 -46.72
CA LEU S 123 75.23 -32.09 -45.85
C LEU S 123 75.56 -32.35 -44.38
N PHE S 124 76.19 -33.48 -44.07
CA PHE S 124 76.31 -33.92 -42.68
C PHE S 124 77.46 -33.26 -41.93
N LEU S 125 78.48 -32.80 -42.65
CA LEU S 125 79.66 -32.18 -42.05
C LEU S 125 79.72 -30.67 -42.27
N SER S 126 79.60 -30.21 -43.51
CA SER S 126 79.66 -28.78 -43.78
C SER S 126 78.38 -28.09 -43.34
N GLY S 127 77.25 -28.77 -43.45
CA GLY S 127 75.98 -28.23 -43.03
C GLY S 127 75.19 -27.53 -44.10
N LEU S 128 75.52 -27.76 -45.37
CA LEU S 128 74.83 -27.11 -46.47
C LEU S 128 73.38 -27.58 -46.55
N PRO S 129 72.52 -26.84 -47.26
CA PRO S 129 71.15 -27.30 -47.42
C PRO S 129 71.11 -28.49 -48.38
N ILE S 130 69.99 -29.22 -48.34
CA ILE S 130 69.85 -30.40 -49.19
C ILE S 130 69.92 -30.00 -50.65
N ALA S 131 70.70 -30.74 -51.44
CA ALA S 131 70.84 -30.48 -52.87
C ALA S 131 69.64 -31.08 -53.60
N THR S 132 68.72 -30.21 -54.04
CA THR S 132 67.53 -30.65 -54.76
C THR S 132 67.83 -30.77 -56.25
N THR S 133 67.28 -31.80 -56.88
CA THR S 133 67.53 -32.03 -58.31
C THR S 133 66.20 -32.16 -59.02
N ASP S 134 65.97 -31.31 -60.02
CA ASP S 134 64.74 -31.40 -60.79
C ASP S 134 64.63 -32.76 -61.47
N VAL S 135 63.50 -33.43 -61.25
CA VAL S 135 63.26 -34.73 -61.89
C VAL S 135 63.01 -34.50 -63.37
N PRO S 136 63.72 -35.20 -64.26
CA PRO S 136 63.44 -35.02 -65.68
C PRO S 136 62.03 -35.50 -66.00
N ASP S 137 61.19 -34.58 -66.47
CA ASP S 137 59.86 -34.95 -66.94
C ASP S 137 59.94 -36.00 -68.03
N ASN S 138 61.05 -36.01 -68.77
CA ASN S 138 61.24 -36.98 -69.83
C ASN S 138 61.39 -38.40 -69.27
N GLU S 139 62.07 -38.52 -68.13
CA GLU S 139 62.43 -39.78 -67.52
C GLU S 139 61.26 -40.37 -66.72
N PRO S 140 61.34 -41.65 -66.33
CA PRO S 140 60.20 -42.25 -65.62
C PRO S 140 60.03 -41.64 -64.24
N LEU S 141 58.78 -41.64 -63.77
CA LEU S 141 58.51 -41.12 -62.44
C LEU S 141 59.15 -42.06 -61.40
N PRO S 142 59.86 -41.51 -60.42
CA PRO S 142 60.53 -42.34 -59.43
C PRO S 142 59.54 -43.07 -58.55
N PRO S 143 60.00 -44.03 -57.73
CA PRO S 143 59.06 -44.82 -56.93
C PRO S 143 58.27 -43.96 -55.95
N ALA S 144 56.99 -44.32 -55.76
CA ALA S 144 56.08 -43.45 -55.03
C ALA S 144 56.44 -43.31 -53.56
N LEU S 145 57.19 -44.25 -52.98
CA LEU S 145 57.54 -44.27 -51.56
C LEU S 145 56.35 -44.66 -50.68
N LEU S 146 55.41 -45.42 -51.24
CA LEU S 146 54.13 -45.80 -50.62
C LEU S 146 53.67 -44.82 -49.55
N SER T 1 121.70 -65.51 -3.29
CA SER T 1 121.69 -65.20 -4.71
C SER T 1 120.28 -64.88 -5.20
N ILE T 2 119.92 -65.44 -6.34
CA ILE T 2 118.59 -65.31 -6.92
C ILE T 2 117.91 -66.67 -6.82
N LYS T 3 116.64 -66.67 -6.42
CA LYS T 3 115.97 -67.92 -6.08
C LYS T 3 114.69 -68.10 -6.89
N TYR T 4 114.51 -69.33 -7.39
CA TYR T 4 113.21 -69.79 -7.83
C TYR T 4 112.21 -69.64 -6.68
N ILE T 5 111.15 -68.88 -6.96
CA ILE T 5 109.97 -68.87 -6.13
C ILE T 5 109.04 -70.01 -6.52
N PHE T 6 108.79 -70.15 -7.82
CA PHE T 6 108.00 -71.23 -8.37
C PHE T 6 108.67 -71.72 -9.64
N LYS T 7 109.15 -72.96 -9.61
CA LYS T 7 109.75 -73.57 -10.79
C LYS T 7 108.64 -74.02 -11.74
N LYS T 8 108.77 -73.65 -13.01
CA LYS T 8 107.79 -74.02 -14.02
C LYS T 8 107.77 -75.53 -14.24
N THR T 9 106.57 -76.08 -14.31
CA THR T 9 106.38 -77.50 -14.58
C THR T 9 105.71 -77.69 -15.92
N ASP T 10 106.06 -78.78 -16.60
CA ASP T 10 105.49 -79.08 -17.92
C ASP T 10 104.14 -79.78 -17.75
N THR T 11 103.23 -79.05 -17.10
CA THR T 11 101.87 -79.52 -16.83
C THR T 11 100.92 -78.54 -17.50
N LEU T 12 100.31 -78.97 -18.61
CA LEU T 12 99.42 -78.10 -19.35
C LEU T 12 98.14 -77.83 -18.57
N PRO T 13 97.57 -76.64 -18.69
CA PRO T 13 96.33 -76.34 -17.97
C PRO T 13 95.13 -77.03 -18.62
N ARG T 14 94.23 -77.53 -17.77
CA ARG T 14 92.99 -78.10 -18.26
C ARG T 14 92.15 -77.02 -18.91
N SER T 15 91.67 -77.29 -20.13
CA SER T 15 90.69 -76.40 -20.74
C SER T 15 89.45 -76.32 -19.88
N VAL T 16 88.74 -75.19 -19.95
CA VAL T 16 87.60 -74.92 -19.10
C VAL T 16 86.32 -74.98 -19.94
N ILE T 17 85.50 -75.99 -19.67
CA ILE T 17 84.28 -76.22 -20.43
C ILE T 17 83.11 -76.03 -19.49
N GLY T 18 82.04 -75.41 -19.99
CA GLY T 18 80.90 -75.14 -19.14
C GLY T 18 79.67 -74.78 -19.95
N ASN T 19 78.66 -74.28 -19.24
CA ASN T 19 77.49 -73.75 -19.89
C ASN T 19 76.92 -72.61 -19.04
N VAL T 20 76.48 -71.54 -19.70
CA VAL T 20 76.03 -70.36 -18.97
C VAL T 20 74.79 -70.69 -18.15
N LEU T 21 74.87 -70.41 -16.84
CA LEU T 21 73.76 -70.70 -15.94
C LEU T 21 72.84 -69.51 -15.72
N ARG T 22 73.34 -68.43 -15.12
CA ARG T 22 72.50 -67.26 -14.89
C ARG T 22 73.35 -66.01 -14.87
N THR T 23 72.75 -64.93 -15.35
CA THR T 23 73.38 -63.62 -15.41
C THR T 23 72.81 -62.83 -14.23
N THR T 24 73.59 -62.77 -13.15
CA THR T 24 73.15 -62.09 -11.94
C THR T 24 72.96 -60.59 -12.19
N GLY T 25 74.03 -59.91 -12.60
CA GLY T 25 73.97 -58.49 -12.88
C GLY T 25 74.46 -58.20 -14.29
N PRO T 26 74.48 -56.93 -14.67
CA PRO T 26 75.00 -56.59 -16.01
C PRO T 26 76.47 -56.90 -16.14
N ASP T 27 77.23 -56.71 -15.05
CA ASP T 27 78.65 -57.00 -15.01
C ASP T 27 78.97 -58.38 -14.43
N THR T 28 77.97 -59.17 -14.08
CA THR T 28 78.19 -60.43 -13.37
C THR T 28 77.44 -61.56 -14.08
N THR T 29 78.19 -62.58 -14.52
CA THR T 29 77.60 -63.75 -15.15
C THR T 29 78.13 -65.00 -14.46
N VAL T 30 77.28 -66.02 -14.34
CA VAL T 30 77.64 -67.23 -13.59
C VAL T 30 77.43 -68.44 -14.48
N TYR T 31 78.46 -69.26 -14.59
CA TYR T 31 78.49 -70.43 -15.46
C TYR T 31 78.45 -71.68 -14.59
N SER T 32 77.66 -72.67 -15.02
CA SER T 32 77.63 -73.98 -14.39
C SER T 32 78.61 -74.90 -15.13
N LEU T 33 79.49 -75.52 -14.38
CA LEU T 33 80.53 -76.40 -14.88
C LEU T 33 80.09 -77.84 -14.77
N PRO T 34 80.86 -78.78 -15.35
CA PRO T 34 80.49 -80.19 -15.21
C PRO T 34 80.55 -80.64 -13.76
N GLY T 35 79.71 -81.63 -13.44
CA GLY T 35 79.62 -82.11 -12.08
C GLY T 35 78.85 -81.21 -11.14
N HIS T 36 78.20 -80.19 -11.67
CA HIS T 36 77.35 -79.30 -10.88
C HIS T 36 76.02 -80.00 -10.63
N THR T 37 75.96 -80.74 -9.54
CA THR T 37 74.68 -81.21 -9.06
C THR T 37 74.03 -80.12 -8.20
N PRO T 38 72.70 -80.17 -8.02
CA PRO T 38 72.09 -79.28 -7.03
C PRO T 38 72.61 -79.55 -5.63
N VAL T 39 72.99 -80.79 -5.34
CA VAL T 39 73.54 -81.14 -4.04
C VAL T 39 74.93 -80.53 -3.87
N ASN T 40 75.77 -80.67 -4.88
CA ASN T 40 77.19 -80.28 -4.80
C ASN T 40 77.48 -79.31 -5.93
N PRO T 41 77.09 -78.04 -5.80
CA PRO T 41 77.23 -77.11 -6.92
C PRO T 41 78.68 -76.83 -7.28
N PHE T 42 78.90 -76.62 -8.58
CA PHE T 42 80.20 -76.28 -9.15
C PHE T 42 79.95 -75.08 -10.05
N THR T 43 80.50 -73.91 -9.74
CA THR T 43 80.23 -72.76 -10.62
C THR T 43 81.44 -71.85 -10.75
N LEU T 44 81.60 -71.32 -11.97
CA LEU T 44 82.51 -70.22 -12.24
C LEU T 44 81.71 -68.92 -12.33
N THR T 45 82.04 -67.97 -11.47
CA THR T 45 81.43 -66.65 -11.51
C THR T 45 82.43 -65.65 -12.07
N ALA T 46 81.97 -64.82 -13.01
CA ALA T 46 82.82 -63.85 -13.69
C ALA T 46 82.22 -62.48 -13.53
N VAL T 47 83.01 -61.55 -13.01
CA VAL T 47 82.59 -60.18 -12.74
C VAL T 47 83.62 -59.26 -13.39
N SER T 48 83.24 -58.62 -14.50
CA SER T 48 84.14 -57.77 -15.26
C SER T 48 83.59 -56.34 -15.18
N ARG T 49 84.25 -55.51 -14.38
CA ARG T 49 83.81 -54.13 -14.16
C ARG T 49 84.60 -53.19 -15.06
N LEU T 50 83.87 -52.52 -15.95
CA LEU T 50 84.43 -51.69 -16.99
C LEU T 50 85.02 -50.42 -16.39
N PRO T 51 85.93 -49.78 -17.11
CA PRO T 51 86.60 -48.60 -16.55
C PRO T 51 85.82 -47.33 -16.80
N VAL T 52 85.58 -46.54 -15.76
CA VAL T 52 84.92 -45.25 -15.90
C VAL T 52 85.99 -44.16 -15.92
N PRO T 53 86.13 -43.40 -16.98
CA PRO T 53 87.17 -42.38 -17.05
C PRO T 53 86.70 -41.11 -16.39
N ARG T 54 87.37 -40.69 -15.32
CA ARG T 54 87.18 -39.38 -14.73
C ARG T 54 88.03 -38.35 -15.49
N LYS T 55 87.65 -37.08 -15.38
CA LYS T 55 88.35 -36.06 -16.16
C LYS T 55 89.82 -36.03 -15.75
N GLY T 56 90.71 -36.22 -16.73
CA GLY T 56 92.13 -36.28 -16.46
C GLY T 56 92.64 -37.64 -16.01
N ASN T 57 91.80 -38.66 -15.99
CA ASN T 57 92.20 -39.99 -15.56
C ASN T 57 91.60 -41.03 -16.51
N ALA T 58 92.46 -41.91 -17.03
CA ALA T 58 91.94 -43.08 -17.71
C ALA T 58 91.33 -44.04 -16.70
N GLY T 59 90.41 -44.86 -17.19
CA GLY T 59 89.78 -45.82 -16.31
C GLY T 59 90.75 -46.87 -15.80
N THR T 60 90.26 -47.76 -14.95
CA THR T 60 90.96 -48.97 -14.53
C THR T 60 89.98 -50.14 -14.56
N THR T 61 90.27 -51.14 -15.38
CA THR T 61 89.39 -52.28 -15.57
C THR T 61 89.64 -53.34 -14.51
N LYS T 62 88.58 -53.79 -13.83
CA LYS T 62 88.70 -54.86 -12.86
C LYS T 62 88.04 -56.12 -13.40
N THR T 63 88.66 -57.27 -13.13
CA THR T 63 88.18 -58.54 -13.66
C THR T 63 88.34 -59.60 -12.58
N THR T 64 87.28 -60.35 -12.29
CA THR T 64 87.30 -61.32 -11.21
C THR T 64 86.67 -62.63 -11.67
N LEU T 65 87.42 -63.73 -11.53
CA LEU T 65 87.00 -65.05 -11.97
C LEU T 65 87.13 -66.00 -10.78
N SER T 66 86.00 -66.55 -10.32
CA SER T 66 85.97 -67.38 -9.11
C SER T 66 85.40 -68.75 -9.45
N LEU T 67 86.18 -69.81 -9.18
CA LEU T 67 85.67 -71.17 -9.21
C LEU T 67 85.31 -71.58 -7.78
N ARG T 68 84.06 -71.96 -7.57
CA ARG T 68 83.59 -72.42 -6.27
C ARG T 68 82.93 -73.78 -6.42
N ARG T 69 83.43 -74.77 -5.70
CA ARG T 69 82.81 -76.10 -5.73
C ARG T 69 82.71 -76.64 -4.30
N GLU T 70 81.50 -77.05 -3.92
CA GLU T 70 81.20 -77.47 -2.55
C GLU T 70 81.30 -78.99 -2.47
N VAL T 71 82.40 -79.48 -1.89
CA VAL T 71 82.67 -80.92 -1.85
C VAL T 71 81.99 -81.53 -0.63
N THR T 72 81.44 -82.73 -0.79
CA THR T 72 81.11 -83.58 0.34
C THR T 72 82.41 -84.13 0.90
N ILE T 73 82.89 -83.52 1.98
CA ILE T 73 84.08 -83.96 2.70
C ILE T 73 83.71 -85.07 3.66
N ASN T 74 84.63 -86.04 3.73
CA ASN T 74 84.57 -87.27 4.52
C ASN T 74 83.18 -87.91 4.51
N LYS T 75 82.74 -88.23 3.29
CA LYS T 75 81.43 -88.83 3.08
C LYS T 75 81.26 -90.13 3.85
N GLY T 76 82.19 -91.06 3.68
CA GLY T 76 82.05 -92.35 4.35
C GLY T 76 81.84 -92.21 5.85
N THR T 77 82.61 -91.32 6.48
CA THR T 77 82.54 -91.13 7.92
C THR T 77 81.26 -90.39 8.30
N ASP T 78 80.79 -90.64 9.52
CA ASP T 78 79.65 -89.91 10.03
C ASP T 78 80.02 -88.45 10.27
N GLN T 79 78.99 -87.61 10.39
CA GLN T 79 79.14 -86.16 10.39
C GLN T 79 79.89 -85.69 9.14
N GLU T 80 79.54 -86.30 8.01
CA GLU T 80 80.06 -85.88 6.72
C GLU T 80 79.47 -84.52 6.38
N LYS T 81 80.25 -83.67 5.70
CA LYS T 81 79.72 -82.31 5.52
C LYS T 81 79.97 -81.81 4.10
N ILE T 82 79.19 -80.82 3.68
CA ILE T 82 79.40 -80.16 2.39
C ILE T 82 80.07 -78.83 2.64
N VAL T 83 81.26 -78.63 2.08
CA VAL T 83 82.05 -77.45 2.38
C VAL T 83 82.62 -76.89 1.09
N PRO T 84 82.60 -75.56 0.89
CA PRO T 84 83.03 -75.01 -0.40
C PRO T 84 84.51 -74.67 -0.51
N MET T 85 85.18 -75.16 -1.56
CA MET T 85 86.53 -74.71 -1.86
C MET T 85 86.45 -73.70 -2.99
N ILE T 86 87.29 -72.66 -2.91
CA ILE T 86 87.22 -71.54 -3.84
C ILE T 86 88.61 -71.17 -4.29
N ALA T 87 88.76 -70.92 -5.60
CA ALA T 87 89.98 -70.37 -6.17
C ALA T 87 89.62 -69.23 -7.13
N ARG T 88 90.20 -68.04 -6.89
CA ARG T 88 89.89 -66.82 -7.60
C ARG T 88 91.12 -66.24 -8.26
N ILE T 89 90.89 -65.70 -9.45
CA ILE T 89 91.81 -64.80 -10.11
C ILE T 89 91.17 -63.41 -10.06
N GLU T 90 91.88 -62.43 -9.51
CA GLU T 90 91.38 -61.05 -9.45
C GLU T 90 92.44 -60.15 -10.07
N THR T 91 92.04 -59.27 -10.99
CA THR T 91 92.99 -58.51 -11.78
C THR T 91 92.52 -57.08 -12.00
N SER T 92 93.36 -56.12 -11.62
CA SER T 92 93.09 -54.71 -11.85
C SER T 92 94.13 -54.15 -12.80
N VAL T 93 93.70 -53.77 -14.00
CA VAL T 93 94.57 -53.27 -15.05
C VAL T 93 94.14 -51.85 -15.41
N PRO T 94 94.94 -50.83 -15.13
CA PRO T 94 94.64 -49.48 -15.60
C PRO T 94 94.68 -49.41 -17.13
N VAL T 95 94.06 -48.36 -17.67
CA VAL T 95 93.89 -48.29 -19.12
C VAL T 95 95.24 -48.24 -19.84
N GLY T 96 96.10 -47.31 -19.46
CA GLY T 96 97.39 -47.13 -20.13
C GLY T 96 98.30 -48.34 -20.25
N VAL T 97 97.96 -49.44 -19.54
CA VAL T 97 98.82 -50.61 -19.49
C VAL T 97 98.99 -51.23 -20.88
N SER T 98 100.18 -51.76 -21.15
CA SER T 98 100.47 -52.45 -22.40
C SER T 98 100.12 -53.92 -22.32
N GLN T 99 99.45 -54.42 -23.37
CA GLN T 99 99.03 -55.81 -23.42
C GLN T 99 100.22 -56.75 -23.32
N ASP T 100 101.38 -56.37 -23.88
CA ASP T 100 102.57 -57.20 -23.78
C ASP T 100 103.00 -57.38 -22.33
N ASP T 101 103.15 -56.27 -21.61
CA ASP T 101 103.59 -56.31 -20.23
C ASP T 101 102.63 -57.13 -19.38
N PHE T 102 101.33 -56.86 -19.52
CA PHE T 102 100.40 -57.56 -18.65
C PHE T 102 100.27 -59.03 -19.01
N LYS T 103 100.40 -59.39 -20.30
CA LYS T 103 100.35 -60.79 -20.67
C LYS T 103 101.55 -61.54 -20.11
N ALA T 104 102.72 -60.90 -20.06
CA ALA T 104 103.88 -61.53 -19.45
C ALA T 104 103.69 -61.73 -17.95
N MET T 105 103.17 -60.71 -17.27
CA MET T 105 102.87 -60.85 -15.86
C MET T 105 101.86 -61.95 -15.58
N ILE T 106 100.83 -62.08 -16.44
CA ILE T 106 99.86 -63.17 -16.31
C ILE T 106 100.54 -64.52 -16.46
N GLU T 107 101.37 -64.66 -17.51
CA GLU T 107 102.11 -65.90 -17.72
C GLU T 107 102.90 -66.27 -16.48
N GLY T 108 103.53 -65.28 -15.85
CA GLY T 108 104.22 -65.54 -14.60
C GLY T 108 103.29 -66.01 -13.50
N LEU T 109 102.16 -65.32 -13.35
CA LEU T 109 101.22 -65.66 -12.28
C LEU T 109 100.64 -67.06 -12.43
N ALA T 110 100.57 -67.56 -13.67
CA ALA T 110 99.99 -68.89 -13.87
C ALA T 110 100.90 -70.00 -13.37
N CYS T 111 102.18 -69.70 -13.11
CA CYS T 111 103.14 -70.75 -12.78
C CYS T 111 102.84 -71.50 -11.49
N PRO T 112 102.53 -70.85 -10.36
CA PRO T 112 102.26 -71.61 -9.13
C PRO T 112 101.02 -72.48 -9.23
N LEU T 113 100.11 -72.17 -10.14
CA LEU T 113 98.92 -73.00 -10.27
C LEU T 113 99.26 -74.37 -10.84
N LEU T 114 100.18 -74.42 -11.79
CA LEU T 114 100.48 -75.68 -12.48
C LEU T 114 101.69 -76.35 -11.85
N LEU T 115 101.49 -76.84 -10.63
CA LEU T 115 102.53 -77.51 -9.86
C LEU T 115 102.10 -78.91 -9.47
N ASP T 116 103.08 -79.70 -9.03
CA ASP T 116 102.84 -81.09 -8.64
C ASP T 116 102.10 -81.18 -7.31
N GLU T 117 101.52 -82.36 -7.07
CA GLU T 117 100.68 -82.55 -5.88
C GLU T 117 101.45 -82.26 -4.60
N ILE T 118 102.74 -82.58 -4.57
CA ILE T 118 103.52 -82.37 -3.36
C ILE T 118 103.54 -80.89 -3.00
N HIS T 119 103.98 -80.04 -3.93
CA HIS T 119 104.01 -78.60 -3.65
C HIS T 119 102.62 -78.04 -3.42
N VAL T 120 101.62 -78.52 -4.15
CA VAL T 120 100.28 -77.95 -4.02
C VAL T 120 99.71 -78.24 -2.64
N ASN T 121 99.89 -79.47 -2.15
CA ASN T 121 99.44 -79.82 -0.80
C ASN T 121 100.25 -79.07 0.25
N ASP T 122 101.56 -78.88 0.01
CA ASP T 122 102.37 -78.19 1.01
C ASP T 122 101.97 -76.71 1.12
N LEU T 123 101.57 -76.07 0.02
CA LEU T 123 101.29 -74.63 0.05
C LEU T 123 99.82 -74.29 0.25
N PHE T 124 98.93 -74.84 -0.58
CA PHE T 124 97.56 -74.34 -0.62
C PHE T 124 96.66 -74.98 0.43
N LEU T 125 96.94 -76.21 0.83
CA LEU T 125 96.15 -76.91 1.83
C LEU T 125 96.81 -76.87 3.21
N SER T 126 98.06 -77.31 3.29
CA SER T 126 98.73 -77.40 4.58
C SER T 126 99.10 -76.01 5.11
N GLY T 127 99.41 -75.09 4.21
CA GLY T 127 99.85 -73.78 4.63
C GLY T 127 101.32 -73.67 4.95
N LEU T 128 102.11 -74.69 4.64
CA LEU T 128 103.54 -74.65 4.88
C LEU T 128 104.17 -73.48 4.11
N PRO T 129 105.30 -72.95 4.59
CA PRO T 129 105.92 -71.82 3.90
C PRO T 129 106.50 -72.22 2.54
N ILE T 130 106.64 -71.22 1.66
CA ILE T 130 107.19 -71.47 0.33
C ILE T 130 108.67 -71.78 0.43
N ALA T 131 109.09 -72.85 -0.24
CA ALA T 131 110.49 -73.27 -0.24
C ALA T 131 111.20 -72.64 -1.44
N THR T 132 112.09 -71.71 -1.16
CA THR T 132 112.88 -71.06 -2.19
C THR T 132 113.99 -71.99 -2.68
N THR T 133 114.21 -72.02 -3.99
CA THR T 133 115.21 -72.92 -4.56
C THR T 133 116.31 -72.11 -5.24
N ASP T 134 117.56 -72.35 -4.85
CA ASP T 134 118.67 -71.65 -5.50
C ASP T 134 118.72 -71.98 -6.97
N VAL T 135 118.76 -70.95 -7.80
CA VAL T 135 118.96 -71.14 -9.25
C VAL T 135 120.41 -71.52 -9.50
N PRO T 136 120.69 -72.59 -10.25
CA PRO T 136 122.10 -72.96 -10.49
C PRO T 136 122.79 -71.88 -11.30
N ASP T 137 123.84 -71.29 -10.72
CA ASP T 137 124.64 -70.31 -11.44
C ASP T 137 125.20 -70.90 -12.72
N ASN T 138 125.44 -72.21 -12.74
CA ASN T 138 125.95 -72.87 -13.93
C ASN T 138 124.90 -72.90 -15.04
N GLU T 139 123.64 -73.07 -14.68
CA GLU T 139 122.55 -73.20 -15.65
C GLU T 139 122.15 -71.84 -16.20
N PRO T 140 121.45 -71.81 -17.35
CA PRO T 140 121.08 -70.52 -17.95
C PRO T 140 120.04 -69.79 -17.11
N LEU T 141 120.11 -68.46 -17.15
CA LEU T 141 119.20 -67.67 -16.34
C LEU T 141 117.76 -67.87 -16.83
N PRO T 142 116.79 -67.99 -15.92
CA PRO T 142 115.40 -68.21 -16.31
C PRO T 142 114.81 -66.98 -16.97
N PRO T 143 113.64 -67.10 -17.60
CA PRO T 143 113.06 -65.94 -18.32
C PRO T 143 112.80 -64.77 -17.38
N ALA T 144 112.97 -63.56 -17.91
CA ALA T 144 112.96 -62.36 -17.09
C ALA T 144 111.58 -62.02 -16.55
N LEU T 145 110.50 -62.55 -17.15
CA LEU T 145 109.12 -62.27 -16.76
C LEU T 145 108.66 -60.88 -17.17
N LEU T 146 109.38 -60.26 -18.12
CA LEU T 146 109.15 -58.88 -18.57
C LEU T 146 108.69 -57.95 -17.45
N SER U 1 35.21 -97.76 -2.18
CA SER U 1 36.42 -98.40 -2.68
C SER U 1 37.48 -97.38 -3.05
N ILE U 2 38.13 -97.62 -4.19
CA ILE U 2 39.15 -96.73 -4.72
C ILE U 2 38.56 -96.04 -5.95
N LYS U 3 38.74 -94.73 -6.05
CA LYS U 3 38.08 -93.96 -7.08
C LYS U 3 39.10 -93.28 -8.00
N TYR U 4 38.83 -93.34 -9.31
CA TYR U 4 39.40 -92.39 -10.25
C TYR U 4 39.10 -90.97 -9.77
N ILE U 5 40.17 -90.23 -9.53
CA ILE U 5 40.07 -88.77 -9.39
C ILE U 5 40.02 -88.12 -10.76
N PHE U 6 40.99 -88.46 -11.62
CA PHE U 6 41.02 -87.99 -12.99
C PHE U 6 41.37 -89.18 -13.89
N LYS U 7 40.42 -89.58 -14.73
CA LYS U 7 40.65 -90.65 -15.69
C LYS U 7 41.48 -90.12 -16.85
N LYS U 8 42.55 -90.84 -17.17
CA LYS U 8 43.44 -90.42 -18.26
C LYS U 8 42.73 -90.49 -19.61
N THR U 9 42.93 -89.44 -20.41
CA THR U 9 42.36 -89.37 -21.74
C THR U 9 43.47 -89.39 -22.79
N ASP U 10 43.17 -90.00 -23.93
CA ASP U 10 44.15 -90.12 -25.01
C ASP U 10 44.16 -88.84 -25.85
N THR U 11 44.50 -87.74 -25.18
CA THR U 11 44.56 -86.42 -25.80
C THR U 11 45.97 -85.88 -25.60
N LEU U 12 46.74 -85.84 -26.68
CA LEU U 12 48.14 -85.42 -26.59
C LEU U 12 48.23 -83.93 -26.29
N PRO U 13 49.25 -83.52 -25.54
CA PRO U 13 49.40 -82.09 -25.24
C PRO U 13 49.91 -81.33 -26.45
N ARG U 14 49.35 -80.14 -26.66
CA ARG U 14 49.83 -79.25 -27.70
C ARG U 14 51.26 -78.81 -27.37
N SER U 15 52.16 -78.97 -28.33
CA SER U 15 53.50 -78.42 -28.18
C SER U 15 53.43 -76.90 -28.03
N VAL U 16 54.38 -76.34 -27.29
CA VAL U 16 54.38 -74.92 -26.93
C VAL U 16 55.41 -74.18 -27.76
N ILE U 17 54.95 -73.29 -28.63
CA ILE U 17 55.81 -72.56 -29.55
C ILE U 17 55.71 -71.09 -29.23
N GLY U 18 56.83 -70.38 -29.28
CA GLY U 18 56.83 -68.98 -28.91
C GLY U 18 58.09 -68.28 -29.35
N ASN U 19 58.31 -67.11 -28.76
CA ASN U 19 59.55 -66.37 -28.97
C ASN U 19 59.84 -65.49 -27.76
N VAL U 20 61.10 -65.39 -27.36
CA VAL U 20 61.45 -64.66 -26.15
C VAL U 20 61.19 -63.16 -26.33
N LEU U 21 60.38 -62.59 -25.44
CA LEU U 21 59.98 -61.18 -25.53
C LEU U 21 60.89 -60.26 -24.70
N ARG U 22 60.96 -60.50 -23.40
CA ARG U 22 61.82 -59.71 -22.52
C ARG U 22 62.27 -60.59 -21.37
N THR U 23 63.37 -60.18 -20.75
CA THR U 23 63.90 -60.82 -19.55
C THR U 23 63.78 -59.80 -18.42
N THR U 24 62.72 -59.94 -17.62
CA THR U 24 62.44 -58.98 -16.56
C THR U 24 63.58 -58.95 -15.55
N GLY U 25 63.90 -60.10 -14.97
CA GLY U 25 64.95 -60.22 -13.99
C GLY U 25 65.89 -61.36 -14.31
N PRO U 26 66.86 -61.60 -13.42
CA PRO U 26 67.83 -62.67 -13.67
C PRO U 26 67.22 -64.05 -13.57
N ASP U 27 66.14 -64.20 -12.80
CA ASP U 27 65.43 -65.46 -12.68
C ASP U 27 64.10 -65.48 -13.42
N THR U 28 63.72 -64.38 -14.06
CA THR U 28 62.39 -64.23 -14.65
C THR U 28 62.54 -63.87 -16.13
N THR U 29 61.96 -64.71 -17.00
CA THR U 29 61.98 -64.44 -18.44
C THR U 29 60.57 -64.61 -19.00
N VAL U 30 60.20 -63.71 -19.92
CA VAL U 30 58.84 -63.65 -20.43
C VAL U 30 58.85 -63.89 -21.94
N TYR U 31 58.02 -64.83 -22.39
CA TYR U 31 57.94 -65.23 -23.78
C TYR U 31 56.60 -64.76 -24.34
N SER U 32 56.63 -64.22 -25.55
CA SER U 32 55.41 -63.90 -26.28
C SER U 32 55.04 -65.11 -27.14
N LEU U 33 53.79 -65.52 -27.05
CA LEU U 33 53.23 -66.66 -27.74
C LEU U 33 52.44 -66.20 -28.96
N PRO U 34 52.01 -67.12 -29.83
CA PRO U 34 51.25 -66.70 -31.00
C PRO U 34 49.95 -66.02 -30.61
N GLY U 35 49.51 -65.08 -31.46
CA GLY U 35 48.28 -64.35 -31.17
C GLY U 35 48.41 -63.28 -30.12
N HIS U 36 49.63 -62.81 -29.87
CA HIS U 36 49.91 -61.80 -28.85
C HIS U 36 49.86 -60.42 -29.49
N THR U 37 48.69 -59.80 -29.48
CA THR U 37 48.62 -58.39 -29.79
C THR U 37 48.85 -57.57 -28.53
N PRO U 38 49.30 -56.32 -28.65
CA PRO U 38 49.44 -55.50 -27.44
C PRO U 38 48.13 -55.26 -26.75
N VAL U 39 47.03 -55.17 -27.52
CA VAL U 39 45.71 -54.98 -26.92
C VAL U 39 45.28 -56.23 -26.17
N ASN U 40 45.50 -57.41 -26.75
CA ASN U 40 45.07 -58.69 -26.18
C ASN U 40 46.29 -59.58 -25.96
N PRO U 41 47.12 -59.27 -24.97
CA PRO U 41 48.39 -59.98 -24.82
C PRO U 41 48.20 -61.43 -24.41
N PHE U 42 49.15 -62.27 -24.84
CA PHE U 42 49.16 -63.69 -24.50
C PHE U 42 50.60 -64.14 -24.36
N THR U 43 51.00 -64.49 -23.13
CA THR U 43 52.42 -64.64 -22.79
C THR U 43 52.63 -65.74 -21.75
N LEU U 44 53.77 -66.41 -21.88
CA LEU U 44 54.26 -67.36 -20.89
C LEU U 44 55.39 -66.70 -20.10
N THR U 45 55.17 -66.52 -18.80
CA THR U 45 56.21 -66.04 -17.90
C THR U 45 56.81 -67.25 -17.18
N ALA U 46 58.14 -67.26 -17.07
CA ALA U 46 58.85 -68.37 -16.45
C ALA U 46 59.79 -67.81 -15.38
N VAL U 47 59.58 -68.25 -14.14
CA VAL U 47 60.36 -67.80 -12.99
C VAL U 47 60.96 -69.03 -12.35
N SER U 48 62.28 -69.22 -12.50
CA SER U 48 62.99 -70.36 -11.90
C SER U 48 63.93 -69.82 -10.84
N ARG U 49 63.65 -70.13 -9.58
CA ARG U 49 64.45 -69.64 -8.45
C ARG U 49 65.30 -70.78 -7.90
N LEU U 50 66.61 -70.57 -7.89
CA LEU U 50 67.57 -71.55 -7.45
C LEU U 50 67.44 -71.81 -5.95
N PRO U 51 67.97 -72.95 -5.49
CA PRO U 51 67.96 -73.20 -4.05
C PRO U 51 69.05 -72.41 -3.35
N VAL U 52 68.70 -71.84 -2.21
CA VAL U 52 69.65 -71.14 -1.36
C VAL U 52 69.89 -72.01 -0.14
N PRO U 53 71.10 -72.54 0.05
CA PRO U 53 71.36 -73.39 1.22
C PRO U 53 71.23 -72.58 2.50
N ARG U 54 70.70 -73.24 3.53
CA ARG U 54 70.57 -72.66 4.85
C ARG U 54 71.37 -73.55 5.81
N LYS U 55 71.82 -72.96 6.92
CA LYS U 55 72.71 -73.69 7.80
C LYS U 55 71.96 -74.89 8.39
N GLY U 56 72.36 -76.09 7.98
CA GLY U 56 71.67 -77.31 8.37
C GLY U 56 70.53 -77.72 7.46
N ASN U 57 70.21 -76.93 6.44
CA ASN U 57 69.08 -77.19 5.56
C ASN U 57 69.54 -77.13 4.11
N ALA U 58 69.22 -78.16 3.34
CA ALA U 58 69.46 -78.09 1.91
C ALA U 58 68.49 -77.13 1.25
N GLY U 59 68.88 -76.61 0.10
CA GLY U 59 68.03 -75.70 -0.62
C GLY U 59 66.78 -76.37 -1.18
N THR U 60 65.88 -75.56 -1.73
CA THR U 60 64.74 -76.05 -2.49
C THR U 60 64.57 -75.21 -3.74
N THR U 61 64.49 -75.86 -4.90
CA THR U 61 64.31 -75.20 -6.18
C THR U 61 62.83 -74.90 -6.43
N LYS U 62 62.51 -73.65 -6.70
CA LYS U 62 61.14 -73.28 -7.05
C LYS U 62 61.08 -72.97 -8.54
N THR U 63 59.98 -73.33 -9.18
CA THR U 63 59.82 -73.17 -10.62
C THR U 63 58.37 -72.80 -10.88
N THR U 64 58.14 -71.71 -11.61
CA THR U 64 56.78 -71.23 -11.84
C THR U 64 56.63 -70.88 -13.31
N LEU U 65 55.61 -71.43 -13.96
CA LEU U 65 55.31 -71.22 -15.37
C LEU U 65 53.87 -70.76 -15.49
N SER U 66 53.65 -69.53 -15.95
CA SER U 66 52.33 -68.92 -16.00
C SER U 66 51.98 -68.55 -17.44
N LEU U 67 50.86 -69.07 -17.94
CA LEU U 67 50.29 -68.59 -19.19
C LEU U 67 49.18 -67.60 -18.86
N ARG U 68 49.22 -66.43 -19.51
CA ARG U 68 48.23 -65.38 -19.29
C ARG U 68 47.77 -64.83 -20.63
N ARG U 69 46.45 -64.88 -20.88
CA ARG U 69 45.90 -64.43 -22.15
C ARG U 69 44.63 -63.62 -21.88
N GLU U 70 44.59 -62.37 -22.35
CA GLU U 70 43.50 -61.45 -22.03
C GLU U 70 42.49 -61.47 -23.18
N VAL U 71 41.41 -62.19 -22.99
CA VAL U 71 40.41 -62.40 -24.04
C VAL U 71 39.44 -61.23 -24.06
N THR U 72 39.01 -60.85 -25.27
CA THR U 72 37.83 -60.00 -25.40
C THR U 72 36.60 -60.87 -25.19
N ILE U 73 35.78 -60.49 -24.22
CA ILE U 73 34.58 -61.23 -23.83
C ILE U 73 33.37 -60.50 -24.41
N ASN U 74 32.47 -61.28 -24.98
CA ASN U 74 31.18 -60.87 -25.55
C ASN U 74 31.30 -59.57 -26.33
N LYS U 75 32.12 -59.63 -27.39
CA LYS U 75 32.41 -58.47 -28.21
C LYS U 75 31.16 -57.90 -28.86
N GLY U 76 30.38 -58.75 -29.55
CA GLY U 76 29.19 -58.25 -30.22
C GLY U 76 28.22 -57.59 -29.25
N THR U 77 28.10 -58.13 -28.05
CA THR U 77 27.17 -57.64 -27.05
C THR U 77 27.75 -56.40 -26.37
N ASP U 78 26.89 -55.65 -25.69
CA ASP U 78 27.35 -54.56 -24.85
C ASP U 78 28.16 -55.09 -23.68
N GLN U 79 28.94 -54.20 -23.08
CA GLN U 79 29.88 -54.55 -22.01
C GLN U 79 30.92 -55.58 -22.49
N GLU U 80 31.33 -55.47 -23.76
CA GLU U 80 32.55 -56.11 -24.24
C GLU U 80 33.71 -55.76 -23.34
N LYS U 81 34.42 -56.77 -22.82
CA LYS U 81 35.51 -56.45 -21.89
C LYS U 81 36.73 -57.33 -22.13
N ILE U 82 37.91 -56.74 -22.04
CA ILE U 82 39.16 -57.51 -22.12
C ILE U 82 39.52 -58.00 -20.72
N VAL U 83 39.54 -59.31 -20.54
CA VAL U 83 39.67 -59.90 -19.21
C VAL U 83 40.69 -61.04 -19.29
N PRO U 84 41.62 -61.15 -18.33
CA PRO U 84 42.68 -62.16 -18.44
C PRO U 84 42.34 -63.54 -17.86
N MET U 85 42.61 -64.60 -18.60
CA MET U 85 42.60 -65.96 -18.06
C MET U 85 44.04 -66.39 -17.82
N ILE U 86 44.25 -67.11 -16.72
CA ILE U 86 45.60 -67.50 -16.31
C ILE U 86 45.61 -68.97 -15.93
N ALA U 87 46.66 -69.69 -16.36
CA ALA U 87 46.91 -71.07 -15.95
C ALA U 87 48.38 -71.22 -15.61
N ARG U 88 48.67 -71.61 -14.34
CA ARG U 88 50.00 -71.68 -13.78
C ARG U 88 50.34 -73.08 -13.32
N ILE U 89 51.61 -73.42 -13.52
CA ILE U 89 52.23 -74.57 -12.90
C ILE U 89 53.24 -74.00 -11.91
N GLU U 90 53.14 -74.40 -10.64
CA GLU U 90 54.11 -73.97 -9.63
C GLU U 90 54.66 -75.20 -8.93
N THR U 91 55.98 -75.29 -8.80
CA THR U 91 56.64 -76.51 -8.36
C THR U 91 57.79 -76.22 -7.42
N SER U 92 57.73 -76.78 -6.22
CA SER U 92 58.81 -76.67 -5.24
C SER U 92 59.43 -78.04 -5.01
N VAL U 93 60.66 -78.22 -5.48
CA VAL U 93 61.39 -79.49 -5.41
C VAL U 93 62.59 -79.27 -4.50
N PRO U 94 62.62 -79.88 -3.31
CA PRO U 94 63.83 -79.83 -2.50
C PRO U 94 64.99 -80.56 -3.17
N VAL U 95 66.20 -80.29 -2.70
CA VAL U 95 67.40 -80.67 -3.44
C VAL U 95 67.50 -82.19 -3.59
N GLY U 96 67.40 -82.91 -2.48
CA GLY U 96 67.62 -84.36 -2.46
C GLY U 96 66.63 -85.17 -3.28
N VAL U 97 65.56 -84.55 -3.78
CA VAL U 97 64.51 -85.28 -4.48
C VAL U 97 65.06 -86.03 -5.68
N SER U 98 64.51 -87.22 -5.93
CA SER U 98 64.92 -88.03 -7.06
C SER U 98 64.11 -87.70 -8.31
N GLN U 99 64.81 -87.61 -9.45
CA GLN U 99 64.17 -87.27 -10.71
C GLN U 99 63.07 -88.26 -11.05
N ASP U 100 63.26 -89.53 -10.69
CA ASP U 100 62.25 -90.55 -10.97
C ASP U 100 60.94 -90.24 -10.27
N ASP U 101 61.02 -90.05 -8.94
CA ASP U 101 59.82 -89.79 -8.16
C ASP U 101 59.14 -88.52 -8.64
N PHE U 102 59.92 -87.47 -8.90
CA PHE U 102 59.27 -86.22 -9.26
C PHE U 102 58.66 -86.27 -10.66
N LYS U 103 59.30 -86.94 -11.62
CA LYS U 103 58.67 -87.12 -12.92
C LYS U 103 57.38 -87.91 -12.79
N ALA U 104 57.32 -88.85 -11.86
CA ALA U 104 56.07 -89.57 -11.62
C ALA U 104 54.97 -88.62 -11.16
N MET U 105 55.26 -87.79 -10.16
CA MET U 105 54.27 -86.80 -9.75
C MET U 105 53.86 -85.88 -10.88
N ILE U 106 54.82 -85.46 -11.71
CA ILE U 106 54.52 -84.56 -12.83
C ILE U 106 53.54 -85.21 -13.79
N GLU U 107 53.86 -86.45 -14.20
CA GLU U 107 53.01 -87.18 -15.13
C GLU U 107 51.61 -87.31 -14.57
N GLY U 108 51.50 -87.58 -13.26
CA GLY U 108 50.18 -87.60 -12.64
C GLY U 108 49.48 -86.25 -12.71
N LEU U 109 50.21 -85.18 -12.41
CA LEU U 109 49.63 -83.85 -12.38
C LEU U 109 49.13 -83.41 -13.75
N ALA U 110 49.77 -83.90 -14.81
CA ALA U 110 49.36 -83.49 -16.15
C ALA U 110 48.01 -84.07 -16.54
N CYS U 111 47.51 -85.07 -15.80
CA CYS U 111 46.29 -85.77 -16.19
C CYS U 111 45.06 -84.90 -16.21
N PRO U 112 44.72 -84.12 -15.16
CA PRO U 112 43.50 -83.30 -15.23
C PRO U 112 43.54 -82.25 -16.31
N LEU U 113 44.73 -81.84 -16.76
CA LEU U 113 44.79 -80.83 -17.81
C LEU U 113 44.25 -81.37 -19.13
N LEU U 114 44.56 -82.62 -19.45
CA LEU U 114 44.21 -83.18 -20.76
C LEU U 114 42.89 -83.94 -20.66
N LEU U 115 41.82 -83.17 -20.43
CA LEU U 115 40.47 -83.73 -20.30
C LEU U 115 39.55 -83.16 -21.36
N ASP U 116 38.39 -83.80 -21.50
CA ASP U 116 37.39 -83.40 -22.49
C ASP U 116 36.68 -82.13 -22.06
N GLU U 117 36.04 -81.47 -23.04
CA GLU U 117 35.41 -80.18 -22.80
C GLU U 117 34.37 -80.27 -21.70
N ILE U 118 33.67 -81.40 -21.60
CA ILE U 118 32.62 -81.54 -20.59
C ILE U 118 33.22 -81.40 -19.19
N HIS U 119 34.22 -82.23 -18.87
CA HIS U 119 34.83 -82.15 -17.55
C HIS U 119 35.53 -80.82 -17.33
N VAL U 120 36.16 -80.27 -18.37
CA VAL U 120 36.92 -79.03 -18.17
C VAL U 120 35.98 -77.87 -17.87
N ASN U 121 34.85 -77.79 -18.57
CA ASN U 121 33.87 -76.75 -18.26
C ASN U 121 33.23 -76.99 -16.89
N ASP U 122 32.98 -78.26 -16.54
CA ASP U 122 32.39 -78.54 -15.25
C ASP U 122 33.31 -78.14 -14.10
N LEU U 123 34.63 -78.31 -14.26
CA LEU U 123 35.56 -78.09 -13.15
C LEU U 123 36.20 -76.69 -13.16
N PHE U 124 36.83 -76.30 -14.27
CA PHE U 124 37.67 -75.10 -14.27
C PHE U 124 36.88 -73.81 -14.47
N LEU U 125 35.75 -73.88 -15.16
CA LEU U 125 34.94 -72.69 -15.41
C LEU U 125 33.74 -72.63 -14.46
N SER U 126 32.91 -73.68 -14.45
CA SER U 126 31.71 -73.66 -13.62
C SER U 126 32.06 -73.73 -12.13
N GLY U 127 33.08 -74.49 -11.79
CA GLY U 127 33.52 -74.61 -10.41
C GLY U 127 32.98 -75.79 -9.65
N LEU U 128 32.41 -76.78 -10.33
CA LEU U 128 31.85 -77.94 -9.66
C LEU U 128 32.95 -78.73 -8.95
N PRO U 129 32.59 -79.65 -8.05
CA PRO U 129 33.60 -80.54 -7.48
C PRO U 129 34.09 -81.56 -8.50
N ILE U 130 35.19 -82.22 -8.15
CA ILE U 130 35.78 -83.21 -9.06
C ILE U 130 34.83 -84.38 -9.26
N ALA U 131 34.67 -84.81 -10.51
CA ALA U 131 33.84 -85.97 -10.83
C ALA U 131 34.61 -87.24 -10.52
N THR U 132 34.20 -87.96 -9.47
CA THR U 132 34.87 -89.19 -9.06
C THR U 132 34.21 -90.37 -9.75
N THR U 133 35.03 -91.35 -10.17
CA THR U 133 34.52 -92.52 -10.86
C THR U 133 35.02 -93.79 -10.19
N ASP U 134 34.09 -94.63 -9.75
CA ASP U 134 34.49 -95.89 -9.13
C ASP U 134 35.30 -96.73 -10.10
N VAL U 135 36.50 -97.13 -9.67
CA VAL U 135 37.34 -98.01 -10.49
C VAL U 135 36.71 -99.39 -10.56
N PRO U 136 36.51 -99.96 -11.75
CA PRO U 136 35.96 -101.32 -11.80
C PRO U 136 36.91 -102.31 -11.17
N ASP U 137 36.45 -102.96 -10.10
CA ASP U 137 37.27 -104.00 -9.47
C ASP U 137 37.65 -105.09 -10.46
N ASN U 138 36.79 -105.33 -11.45
CA ASN U 138 37.09 -106.35 -12.46
C ASN U 138 38.26 -105.93 -13.34
N GLU U 139 38.31 -104.64 -13.70
CA GLU U 139 39.36 -104.16 -14.58
C GLU U 139 40.69 -104.09 -13.84
N PRO U 140 41.81 -104.09 -14.56
CA PRO U 140 43.11 -104.07 -13.89
C PRO U 140 43.33 -102.78 -13.14
N LEU U 141 44.14 -102.86 -12.09
CA LEU U 141 44.39 -101.69 -11.27
C LEU U 141 45.19 -100.65 -12.05
N PRO U 142 44.83 -99.38 -11.98
CA PRO U 142 45.53 -98.34 -12.73
C PRO U 142 46.94 -98.13 -12.22
N PRO U 143 47.78 -97.39 -12.96
CA PRO U 143 49.17 -97.23 -12.54
C PRO U 143 49.28 -96.55 -11.18
N ALA U 144 50.29 -96.96 -10.42
CA ALA U 144 50.43 -96.57 -9.02
C ALA U 144 50.82 -95.12 -8.84
N LEU U 145 51.31 -94.44 -9.89
CA LEU U 145 51.73 -93.05 -9.83
C LEU U 145 53.02 -92.84 -9.01
N LEU U 146 53.75 -93.93 -8.78
CA LEU U 146 54.98 -93.94 -7.96
C LEU U 146 54.90 -93.02 -6.76
N SER V 1 -70.13 59.38 -9.09
CA SER V 1 -71.32 58.58 -8.85
C SER V 1 -70.97 57.12 -8.59
N ILE V 2 -71.74 56.22 -9.20
CA ILE V 2 -71.51 54.78 -9.10
C ILE V 2 -71.05 54.30 -10.46
N LYS V 3 -70.00 53.48 -10.46
CA LYS V 3 -69.36 53.07 -11.70
C LYS V 3 -69.44 51.56 -11.90
N TYR V 4 -69.75 51.17 -13.14
CA TYR V 4 -69.44 49.84 -13.61
C TYR V 4 -67.94 49.59 -13.42
N ILE V 5 -67.63 48.54 -12.65
CA ILE V 5 -66.29 47.96 -12.62
C ILE V 5 -66.12 47.01 -13.80
N PHE V 6 -67.09 46.12 -13.98
CA PHE V 6 -67.11 45.19 -15.10
C PHE V 6 -68.52 45.10 -15.65
N LYS V 7 -68.71 45.59 -16.87
CA LYS V 7 -70.00 45.49 -17.54
C LYS V 7 -70.20 44.06 -18.06
N LYS V 8 -71.35 43.49 -17.77
CA LYS V 8 -71.65 42.12 -18.20
C LYS V 8 -71.79 42.05 -19.72
N THR V 9 -71.23 40.99 -20.30
CA THR V 9 -71.31 40.75 -21.73
C THR V 9 -72.10 39.47 -22.00
N ASP V 10 -72.83 39.46 -23.09
CA ASP V 10 -73.58 38.27 -23.51
C ASP V 10 -72.63 37.29 -24.20
N THR V 11 -71.65 36.82 -23.42
CA THR V 11 -70.65 35.87 -23.89
C THR V 11 -70.73 34.64 -22.98
N LEU V 12 -71.35 33.58 -23.47
CA LEU V 12 -71.52 32.38 -22.65
C LEU V 12 -70.17 31.74 -22.35
N PRO V 13 -70.00 31.15 -21.18
CA PRO V 13 -68.76 30.44 -20.88
C PRO V 13 -68.69 29.12 -21.63
N ARG V 14 -67.49 28.79 -22.11
CA ARG V 14 -67.27 27.48 -22.70
C ARG V 14 -67.40 26.42 -21.63
N SER V 15 -68.21 25.40 -21.89
CA SER V 15 -68.21 24.23 -21.04
C SER V 15 -66.81 23.63 -20.99
N VAL V 16 -66.50 22.96 -19.88
CA VAL V 16 -65.17 22.43 -19.62
C VAL V 16 -65.20 20.92 -19.78
N ILE V 17 -64.43 20.40 -20.72
CA ILE V 17 -64.44 18.99 -21.06
C ILE V 17 -63.04 18.45 -20.85
N GLY V 18 -62.95 17.22 -20.34
CA GLY V 18 -61.64 16.68 -20.06
C GLY V 18 -61.68 15.21 -19.75
N ASN V 19 -60.58 14.72 -19.20
CA ASN V 19 -60.50 13.36 -18.69
C ASN V 19 -59.54 13.32 -17.52
N VAL V 20 -59.93 12.61 -16.45
CA VAL V 20 -59.10 12.54 -15.26
C VAL V 20 -57.75 11.93 -15.60
N LEU V 21 -56.68 12.60 -15.17
CA LEU V 21 -55.31 12.17 -15.44
C LEU V 21 -54.68 11.44 -14.26
N ARG V 22 -54.53 12.12 -13.14
CA ARG V 22 -53.91 11.51 -11.97
C ARG V 22 -54.51 12.14 -10.73
N THR V 23 -54.50 11.38 -9.64
CA THR V 23 -54.97 11.83 -8.35
C THR V 23 -53.74 11.93 -7.45
N THR V 24 -53.19 13.14 -7.37
CA THR V 24 -51.95 13.35 -6.61
C THR V 24 -52.14 12.99 -5.14
N GLY V 25 -53.15 13.58 -4.51
CA GLY V 25 -53.44 13.32 -3.11
C GLY V 25 -54.90 13.03 -2.89
N PRO V 26 -55.28 12.83 -1.63
CA PRO V 26 -56.70 12.57 -1.33
C PRO V 26 -57.59 13.77 -1.62
N ASP V 27 -57.07 14.99 -1.42
CA ASP V 27 -57.82 16.21 -1.69
C ASP V 27 -57.48 16.83 -3.04
N THR V 28 -56.51 16.29 -3.77
CA THR V 28 -55.99 16.91 -4.98
C THR V 28 -56.12 15.93 -6.16
N THR V 29 -56.81 16.36 -7.21
CA THR V 29 -56.96 15.56 -8.41
C THR V 29 -56.65 16.42 -9.64
N VAL V 30 -55.98 15.81 -10.62
CA VAL V 30 -55.47 16.54 -11.79
C VAL V 30 -56.05 15.94 -13.05
N TYR V 31 -56.73 16.78 -13.83
CA TYR V 31 -57.40 16.39 -15.06
C TYR V 31 -56.58 16.88 -16.25
N SER V 32 -56.50 16.03 -17.27
CA SER V 32 -55.90 16.39 -18.55
C SER V 32 -57.00 16.86 -19.49
N LEU V 33 -56.80 18.02 -20.09
CA LEU V 33 -57.75 18.69 -20.97
C LEU V 33 -57.38 18.44 -22.41
N PRO V 34 -58.25 18.83 -23.36
CA PRO V 34 -57.92 18.61 -24.77
C PRO V 34 -56.70 19.44 -25.19
N GLY V 35 -55.93 18.88 -26.11
CA GLY V 35 -54.71 19.55 -26.56
C GLY V 35 -53.53 19.37 -25.65
N HIS V 36 -53.65 18.53 -24.63
CA HIS V 36 -52.55 18.20 -23.72
C HIS V 36 -51.59 17.26 -24.43
N THR V 37 -50.53 17.83 -25.01
CA THR V 37 -49.43 17.00 -25.45
C THR V 37 -48.42 16.85 -24.32
N PRO V 38 -47.54 15.84 -24.40
CA PRO V 38 -46.43 15.80 -23.42
C PRO V 38 -45.54 17.03 -23.53
N VAL V 39 -45.34 17.52 -24.75
CA VAL V 39 -44.49 18.69 -24.95
C VAL V 39 -45.16 19.94 -24.39
N ASN V 40 -46.47 20.11 -24.64
CA ASN V 40 -47.21 21.31 -24.27
C ASN V 40 -48.35 20.89 -23.35
N PRO V 41 -48.07 20.65 -22.07
CA PRO V 41 -49.11 20.13 -21.18
C PRO V 41 -50.21 21.15 -20.95
N PHE V 42 -51.41 20.65 -20.67
CA PHE V 42 -52.59 21.49 -20.48
C PHE V 42 -53.51 20.79 -19.50
N THR V 43 -53.64 21.33 -18.30
CA THR V 43 -54.25 20.59 -17.20
C THR V 43 -55.06 21.48 -16.28
N LEU V 44 -56.14 20.92 -15.76
CA LEU V 44 -56.90 21.50 -14.66
C LEU V 44 -56.56 20.75 -13.38
N THR V 45 -56.04 21.45 -12.39
CA THR V 45 -55.79 20.87 -11.08
C THR V 45 -56.85 21.38 -10.10
N ALA V 46 -57.41 20.47 -9.33
CA ALA V 46 -58.49 20.78 -8.39
C ALA V 46 -58.07 20.32 -7.01
N VAL V 47 -58.08 21.24 -6.05
CA VAL V 47 -57.67 20.99 -4.67
C VAL V 47 -58.81 21.47 -3.78
N SER V 48 -59.55 20.53 -3.20
CA SER V 48 -60.70 20.85 -2.33
C SER V 48 -60.36 20.40 -0.93
N ARG V 49 -60.16 21.35 -0.02
CA ARG V 49 -59.77 21.07 1.35
C ARG V 49 -60.97 21.27 2.28
N LEU V 50 -61.33 20.20 2.98
CA LEU V 50 -62.50 20.16 3.83
C LEU V 50 -62.28 21.04 5.06
N PRO V 51 -63.36 21.46 5.72
CA PRO V 51 -63.21 22.30 6.92
C PRO V 51 -62.82 21.43 8.11
N VAL V 52 -61.85 21.91 8.87
CA VAL V 52 -61.45 21.28 10.12
C VAL V 52 -62.00 22.14 11.25
N PRO V 53 -62.90 21.61 12.08
CA PRO V 53 -63.44 22.41 13.17
C PRO V 53 -62.41 22.64 14.26
N ARG V 54 -62.43 23.84 14.79
CA ARG V 54 -61.53 24.26 15.85
C ARG V 54 -62.37 24.51 17.10
N LYS V 55 -61.74 24.50 18.26
CA LYS V 55 -62.50 24.64 19.50
C LYS V 55 -63.06 26.05 19.60
N GLY V 56 -64.38 26.19 19.43
CA GLY V 56 -65.02 27.48 19.38
C GLY V 56 -65.07 28.13 18.01
N ASN V 57 -64.51 27.48 16.99
CA ASN V 57 -64.49 28.01 15.63
C ASN V 57 -65.01 26.95 14.67
N ALA V 58 -65.99 27.31 13.86
CA ALA V 58 -66.38 26.42 12.78
C ALA V 58 -65.26 26.32 11.76
N GLY V 59 -65.32 25.26 10.95
CA GLY V 59 -64.37 25.11 9.89
C GLY V 59 -64.62 26.08 8.75
N THR V 60 -63.66 26.12 7.81
CA THR V 60 -63.81 26.84 6.55
C THR V 60 -63.34 25.96 5.41
N THR V 61 -64.17 25.82 4.38
CA THR V 61 -63.86 25.01 3.21
C THR V 61 -63.06 25.83 2.20
N LYS V 62 -61.92 25.30 1.76
CA LYS V 62 -61.14 25.96 0.72
C LYS V 62 -61.23 25.12 -0.55
N THR V 63 -61.25 25.81 -1.69
CA THR V 63 -61.42 25.16 -2.99
C THR V 63 -60.56 25.91 -4.01
N THR V 64 -59.77 25.18 -4.78
CA THR V 64 -58.82 25.82 -5.69
C THR V 64 -58.82 25.09 -7.02
N LEU V 65 -59.11 25.82 -8.10
CA LEU V 65 -59.18 25.27 -9.46
C LEU V 65 -58.20 26.05 -10.33
N SER V 66 -57.19 25.36 -10.88
CA SER V 66 -56.13 26.01 -11.67
C SER V 66 -56.07 25.41 -13.06
N LEU V 67 -56.20 26.26 -14.09
CA LEU V 67 -55.93 25.86 -15.46
C LEU V 67 -54.53 26.32 -15.83
N ARG V 68 -53.68 25.36 -16.20
CA ARG V 68 -52.29 25.64 -16.57
C ARG V 68 -52.03 25.11 -17.97
N ARG V 69 -51.66 26.00 -18.90
CA ARG V 69 -51.28 25.62 -20.25
C ARG V 69 -49.89 26.16 -20.56
N GLU V 70 -48.97 25.28 -20.95
CA GLU V 70 -47.62 25.69 -21.34
C GLU V 70 -47.60 25.83 -22.86
N VAL V 71 -47.57 27.08 -23.32
CA VAL V 71 -47.70 27.41 -24.73
C VAL V 71 -46.32 27.71 -25.30
N THR V 72 -46.12 27.32 -26.56
CA THR V 72 -44.91 27.72 -27.27
C THR V 72 -45.03 29.18 -27.69
N ILE V 73 -44.03 29.98 -27.33
CA ILE V 73 -44.00 31.40 -27.65
C ILE V 73 -43.02 31.62 -28.78
N ASN V 74 -43.43 32.47 -29.73
CA ASN V 74 -42.71 32.90 -30.93
C ASN V 74 -41.95 31.74 -31.59
N LYS V 75 -42.75 30.76 -32.02
CA LYS V 75 -42.22 29.57 -32.67
C LYS V 75 -41.40 29.92 -33.90
N GLY V 76 -41.94 30.74 -34.80
CA GLY V 76 -41.22 31.06 -36.01
C GLY V 76 -39.92 31.78 -35.75
N THR V 77 -39.93 32.69 -34.77
CA THR V 77 -38.74 33.45 -34.43
C THR V 77 -37.75 32.56 -33.68
N ASP V 78 -36.50 33.00 -33.66
CA ASP V 78 -35.49 32.36 -32.84
C ASP V 78 -35.82 32.53 -31.36
N GLN V 79 -35.28 31.63 -30.54
CA GLN V 79 -35.51 31.62 -29.09
C GLN V 79 -36.97 31.32 -28.76
N GLU V 80 -37.58 30.41 -29.49
CA GLU V 80 -38.94 29.99 -29.16
C GLU V 80 -38.90 29.27 -27.81
N LYS V 81 -39.91 29.53 -26.96
CA LYS V 81 -39.84 28.96 -25.62
C LYS V 81 -41.21 28.53 -25.12
N ILE V 82 -41.27 27.37 -24.46
CA ILE V 82 -42.50 26.90 -23.87
C ILE V 82 -42.65 27.53 -22.49
N VAL V 83 -43.68 28.37 -22.34
CA VAL V 83 -43.84 29.15 -21.13
C VAL V 83 -45.26 28.93 -20.62
N PRO V 84 -45.48 28.79 -19.32
CA PRO V 84 -46.83 28.52 -18.81
C PRO V 84 -47.69 29.75 -18.55
N MET V 85 -48.95 29.70 -18.99
CA MET V 85 -49.96 30.66 -18.55
C MET V 85 -50.93 29.94 -17.64
N ILE V 86 -51.36 30.64 -16.59
CA ILE V 86 -52.18 30.04 -15.54
C ILE V 86 -53.35 30.96 -15.25
N ALA V 87 -54.52 30.35 -15.03
CA ALA V 87 -55.70 31.04 -14.53
C ALA V 87 -56.33 30.21 -13.40
N ARG V 88 -56.40 30.79 -12.20
CA ARG V 88 -56.88 30.14 -10.99
C ARG V 88 -58.12 30.81 -10.43
N ILE V 89 -59.03 29.98 -9.95
CA ILE V 89 -60.11 30.37 -9.07
C ILE V 89 -59.74 29.80 -7.70
N GLU V 90 -59.74 30.64 -6.67
CA GLU V 90 -59.49 30.20 -5.30
C GLU V 90 -60.60 30.74 -4.42
N THR V 91 -61.18 29.88 -3.58
CA THR V 91 -62.37 30.26 -2.83
C THR V 91 -62.35 29.67 -1.43
N SER V 92 -62.44 30.54 -0.42
CA SER V 92 -62.56 30.13 0.97
C SER V 92 -63.93 30.52 1.51
N VAL V 93 -64.73 29.53 1.90
CA VAL V 93 -66.09 29.72 2.38
C VAL V 93 -66.17 29.18 3.80
N PRO V 94 -66.45 30.00 4.80
CA PRO V 94 -66.74 29.47 6.14
C PRO V 94 -68.06 28.71 6.16
N VAL V 95 -68.23 27.90 7.20
CA VAL V 95 -69.35 26.97 7.23
C VAL V 95 -70.70 27.70 7.28
N GLY V 96 -70.81 28.70 8.15
CA GLY V 96 -72.06 29.42 8.36
C GLY V 96 -72.64 30.13 7.14
N VAL V 97 -71.93 30.14 6.02
CA VAL V 97 -72.33 30.92 4.86
C VAL V 97 -73.59 30.33 4.21
N SER V 98 -74.45 31.21 3.70
CA SER V 98 -75.61 30.82 2.92
C SER V 98 -75.24 30.65 1.44
N GLN V 99 -75.72 29.55 0.86
CA GLN V 99 -75.46 29.28 -0.55
C GLN V 99 -75.95 30.42 -1.43
N ASP V 100 -77.02 31.11 -1.01
CA ASP V 100 -77.51 32.26 -1.76
C ASP V 100 -76.46 33.36 -1.82
N ASP V 101 -75.97 33.80 -0.65
CA ASP V 101 -74.94 34.84 -0.58
C ASP V 101 -73.73 34.45 -1.41
N PHE V 102 -73.29 33.20 -1.29
CA PHE V 102 -72.05 32.84 -1.94
C PHE V 102 -72.22 32.70 -3.45
N LYS V 103 -73.35 32.17 -3.91
CA LYS V 103 -73.56 32.12 -5.35
C LYS V 103 -73.68 33.53 -5.93
N ALA V 104 -74.17 34.48 -5.13
CA ALA V 104 -74.14 35.88 -5.56
C ALA V 104 -72.71 36.35 -5.79
N MET V 105 -71.83 36.13 -4.80
CA MET V 105 -70.43 36.49 -5.01
C MET V 105 -69.84 35.81 -6.23
N ILE V 106 -70.18 34.54 -6.45
CA ILE V 106 -69.59 33.81 -7.57
C ILE V 106 -70.05 34.42 -8.90
N GLU V 107 -71.35 34.66 -9.03
CA GLU V 107 -71.89 35.26 -10.25
C GLU V 107 -71.21 36.60 -10.52
N GLY V 108 -70.99 37.39 -9.48
CA GLY V 108 -70.23 38.61 -9.66
C GLY V 108 -68.82 38.35 -10.17
N LEU V 109 -68.12 37.42 -9.51
CA LEU V 109 -66.73 37.13 -9.84
C LEU V 109 -66.57 36.64 -11.28
N ALA V 110 -67.60 35.99 -11.82
CA ALA V 110 -67.50 35.44 -13.16
C ALA V 110 -67.48 36.54 -14.22
N CYS V 111 -68.06 37.71 -13.90
CA CYS V 111 -68.24 38.76 -14.90
C CYS V 111 -66.95 39.21 -15.59
N PRO V 112 -65.85 39.52 -14.91
CA PRO V 112 -64.65 39.98 -15.63
C PRO V 112 -64.06 38.92 -16.55
N LEU V 113 -64.29 37.65 -16.27
CA LEU V 113 -63.74 36.61 -17.14
C LEU V 113 -64.38 36.66 -18.53
N LEU V 114 -65.67 36.96 -18.59
CA LEU V 114 -66.41 36.89 -19.85
C LEU V 114 -66.49 38.28 -20.47
N LEU V 115 -65.35 38.76 -20.96
CA LEU V 115 -65.25 40.08 -21.58
C LEU V 115 -64.64 39.98 -22.97
N ASP V 116 -64.77 41.07 -23.73
CA ASP V 116 -64.27 41.10 -25.11
C ASP V 116 -62.74 41.17 -25.13
N GLU V 117 -62.19 40.86 -26.32
CA GLU V 117 -60.74 40.78 -26.47
C GLU V 117 -60.06 42.09 -26.11
N ILE V 118 -60.71 43.22 -26.39
CA ILE V 118 -60.08 44.52 -26.12
C ILE V 118 -59.82 44.67 -24.63
N HIS V 119 -60.86 44.50 -23.81
CA HIS V 119 -60.69 44.64 -22.36
C HIS V 119 -59.78 43.55 -21.81
N VAL V 120 -59.90 42.33 -22.33
CA VAL V 120 -59.08 41.23 -21.80
C VAL V 120 -57.60 41.50 -22.03
N ASN V 121 -57.25 41.96 -23.25
CA ASN V 121 -55.86 42.28 -23.53
C ASN V 121 -55.39 43.50 -22.73
N ASP V 122 -56.28 44.48 -22.53
CA ASP V 122 -55.89 45.66 -21.78
C ASP V 122 -55.62 45.34 -20.32
N LEU V 123 -56.40 44.44 -19.72
CA LEU V 123 -56.28 44.15 -18.29
C LEU V 123 -55.32 43.01 -17.97
N PHE V 124 -55.56 41.82 -18.55
CA PHE V 124 -54.86 40.62 -18.11
C PHE V 124 -53.48 40.46 -18.73
N LEU V 125 -53.25 41.07 -19.89
CA LEU V 125 -51.98 40.95 -20.60
C LEU V 125 -51.16 42.25 -20.56
N SER V 126 -51.76 43.38 -20.95
CA SER V 126 -51.02 44.64 -20.93
C SER V 126 -50.82 45.14 -19.50
N GLY V 127 -51.79 44.90 -18.64
CA GLY V 127 -51.69 45.29 -17.25
C GLY V 127 -52.29 46.63 -16.93
N LEU V 128 -53.15 47.16 -17.80
CA LEU V 128 -53.76 48.46 -17.59
C LEU V 128 -54.71 48.42 -16.39
N PRO V 129 -55.08 49.57 -15.84
CA PRO V 129 -56.04 49.58 -14.74
C PRO V 129 -57.43 49.25 -15.26
N ILE V 130 -58.32 48.87 -14.34
CA ILE V 130 -59.67 48.49 -14.74
C ILE V 130 -60.37 49.68 -15.39
N ALA V 131 -61.03 49.44 -16.53
CA ALA V 131 -61.78 50.47 -17.23
C ALA V 131 -63.11 50.68 -16.55
N THR V 132 -63.25 51.80 -15.82
CA THR V 132 -64.50 52.11 -15.12
C THR V 132 -65.43 52.86 -16.05
N THR V 133 -66.73 52.56 -15.97
CA THR V 133 -67.71 53.19 -16.83
C THR V 133 -68.82 53.78 -15.98
N ASP V 134 -69.05 55.08 -16.10
CA ASP V 134 -70.13 55.71 -15.35
C ASP V 134 -71.47 55.09 -15.72
N VAL V 135 -72.20 54.65 -14.70
CA VAL V 135 -73.53 54.08 -14.92
C VAL V 135 -74.49 55.19 -15.32
N PRO V 136 -75.22 55.07 -16.43
CA PRO V 136 -76.17 56.12 -16.78
C PRO V 136 -77.26 56.21 -15.72
N ASP V 137 -77.34 57.36 -15.05
CA ASP V 137 -78.43 57.60 -14.11
C ASP V 137 -79.79 57.43 -14.79
N ASN V 138 -79.82 57.67 -16.11
CA ASN V 138 -81.06 57.53 -16.86
C ASN V 138 -81.50 56.07 -16.93
N GLU V 139 -80.54 55.16 -17.05
CA GLU V 139 -80.76 53.74 -17.27
C GLU V 139 -81.08 53.02 -15.95
N PRO V 140 -81.58 51.78 -16.01
CA PRO V 140 -81.96 51.10 -14.76
C PRO V 140 -80.73 50.77 -13.93
N LEU V 141 -80.94 50.72 -12.62
CA LEU V 141 -79.84 50.36 -11.73
C LEU V 141 -79.46 48.89 -11.97
N PRO V 142 -78.18 48.59 -12.10
CA PRO V 142 -77.75 47.21 -12.38
C PRO V 142 -78.03 46.29 -11.19
N PRO V 143 -77.89 44.98 -11.36
CA PRO V 143 -78.24 44.05 -10.28
C PRO V 143 -77.38 44.27 -9.05
N ALA V 144 -78.00 44.12 -7.88
CA ALA V 144 -77.35 44.51 -6.63
C ALA V 144 -76.14 43.66 -6.29
N LEU V 145 -76.03 42.45 -6.84
CA LEU V 145 -74.95 41.51 -6.54
C LEU V 145 -75.09 40.90 -5.13
N LEU V 146 -76.32 40.83 -4.63
CA LEU V 146 -76.68 40.39 -3.27
C LEU V 146 -75.54 40.59 -2.27
N SER W 1 -29.57 -16.17 -45.41
CA SER W 1 -30.33 -15.06 -45.98
C SER W 1 -31.04 -14.26 -44.89
N ILE W 2 -32.30 -13.93 -45.15
CA ILE W 2 -33.14 -13.22 -44.18
C ILE W 2 -34.20 -14.20 -43.71
N LYS W 3 -34.46 -14.22 -42.41
CA LYS W 3 -35.29 -15.26 -41.81
C LYS W 3 -36.47 -14.67 -41.05
N TYR W 4 -37.64 -15.29 -41.26
CA TYR W 4 -38.76 -15.14 -40.36
C TYR W 4 -38.31 -15.52 -38.94
N ILE W 5 -38.45 -14.57 -38.03
CA ILE W 5 -38.38 -14.86 -36.60
C ILE W 5 -39.74 -15.31 -36.10
N PHE W 6 -40.78 -14.58 -36.46
CA PHE W 6 -42.16 -14.94 -36.12
C PHE W 6 -43.03 -14.68 -37.34
N LYS W 7 -43.58 -15.75 -37.91
CA LYS W 7 -44.50 -15.61 -39.02
C LYS W 7 -45.86 -15.17 -38.50
N LYS W 8 -46.43 -14.14 -39.13
CA LYS W 8 -47.74 -13.64 -38.73
C LYS W 8 -48.83 -14.66 -39.01
N THR W 9 -49.72 -14.84 -38.03
CA THR W 9 -50.86 -15.73 -38.17
C THR W 9 -52.15 -14.93 -38.16
N ASP W 10 -53.14 -15.42 -38.91
CA ASP W 10 -54.43 -14.76 -39.01
C ASP W 10 -55.31 -15.14 -37.82
N THR W 11 -54.80 -14.81 -36.64
CA THR W 11 -55.47 -15.09 -35.37
C THR W 11 -55.71 -13.73 -34.69
N LEU W 12 -56.95 -13.29 -34.68
CA LEU W 12 -57.29 -12.00 -34.11
C LEU W 12 -57.12 -12.02 -32.59
N PRO W 13 -56.69 -10.91 -31.98
CA PRO W 13 -56.53 -10.89 -30.52
C PRO W 13 -57.89 -10.82 -29.83
N ARG W 14 -58.01 -11.54 -28.72
CA ARG W 14 -59.20 -11.46 -27.89
C ARG W 14 -59.31 -10.07 -27.29
N SER W 15 -60.48 -9.44 -27.43
CA SER W 15 -60.74 -8.21 -26.72
C SER W 15 -60.64 -8.44 -25.22
N VAL W 16 -60.27 -7.38 -24.48
CA VAL W 16 -60.01 -7.49 -23.05
C VAL W 16 -61.12 -6.79 -22.29
N ILE W 17 -61.91 -7.56 -21.57
CA ILE W 17 -63.06 -7.06 -20.83
C ILE W 17 -62.80 -7.26 -19.36
N GLY W 18 -63.18 -6.29 -18.55
CA GLY W 18 -62.93 -6.38 -17.12
C GLY W 18 -63.74 -5.38 -16.34
N ASN W 19 -63.38 -5.24 -15.07
CA ASN W 19 -63.97 -4.21 -14.23
C ASN W 19 -62.92 -3.73 -13.22
N VAL W 20 -62.88 -2.43 -12.97
CA VAL W 20 -61.85 -1.87 -12.11
C VAL W 20 -62.01 -2.39 -10.69
N LEU W 21 -60.94 -2.98 -10.15
CA LEU W 21 -60.97 -3.55 -8.81
C LEU W 21 -60.47 -2.59 -7.73
N ARG W 22 -59.20 -2.20 -7.79
CA ARG W 22 -58.66 -1.29 -6.79
C ARG W 22 -57.52 -0.49 -7.40
N THR W 23 -57.42 0.75 -6.94
CA THR W 23 -56.37 1.68 -7.35
C THR W 23 -55.34 1.67 -6.24
N THR W 24 -54.25 0.93 -6.45
CA THR W 24 -53.21 0.81 -5.46
C THR W 24 -52.52 2.14 -5.21
N GLY W 25 -51.93 2.72 -6.25
CA GLY W 25 -51.26 4.00 -6.14
C GLY W 25 -51.81 4.98 -7.15
N PRO W 26 -51.27 6.20 -7.18
CA PRO W 26 -51.73 7.17 -8.17
C PRO W 26 -51.40 6.74 -9.59
N ASP W 27 -50.25 6.08 -9.77
CA ASP W 27 -49.81 5.57 -11.06
C ASP W 27 -50.16 4.10 -11.27
N THR W 28 -50.83 3.45 -10.32
CA THR W 28 -51.06 2.01 -10.36
C THR W 28 -52.53 1.71 -10.15
N THR W 29 -53.15 1.05 -11.13
CA THR W 29 -54.54 0.63 -11.02
C THR W 29 -54.65 -0.85 -11.35
N VAL W 30 -55.54 -1.56 -10.67
CA VAL W 30 -55.65 -3.00 -10.81
C VAL W 30 -57.09 -3.36 -11.16
N TYR W 31 -57.25 -4.13 -12.24
CA TYR W 31 -58.54 -4.51 -12.78
C TYR W 31 -58.75 -6.00 -12.53
N SER W 32 -59.97 -6.36 -12.14
CA SER W 32 -60.39 -7.75 -12.01
C SER W 32 -61.05 -8.19 -13.31
N LEU W 33 -60.57 -9.29 -13.85
CA LEU W 33 -61.02 -9.86 -15.11
C LEU W 33 -62.03 -10.97 -14.84
N PRO W 34 -62.68 -11.47 -15.89
CA PRO W 34 -63.62 -12.58 -15.69
C PRO W 34 -62.92 -13.82 -15.15
N GLY W 35 -63.65 -14.62 -14.40
CA GLY W 35 -63.09 -15.81 -13.79
C GLY W 35 -62.22 -15.53 -12.58
N HIS W 36 -62.19 -14.30 -12.10
CA HIS W 36 -61.47 -13.93 -10.88
C HIS W 36 -62.29 -14.39 -9.68
N THR W 37 -62.05 -15.60 -9.24
CA THR W 37 -62.55 -16.02 -7.95
C THR W 37 -61.57 -15.57 -6.87
N PRO W 38 -62.03 -15.47 -5.62
CA PRO W 38 -61.07 -15.26 -4.52
C PRO W 38 -60.09 -16.42 -4.41
N VAL W 39 -60.51 -17.63 -4.78
CA VAL W 39 -59.63 -18.78 -4.74
C VAL W 39 -58.56 -18.67 -5.83
N ASN W 40 -58.97 -18.33 -7.05
CA ASN W 40 -58.10 -18.34 -8.22
C ASN W 40 -58.14 -16.96 -8.86
N PRO W 41 -57.41 -16.00 -8.29
CA PRO W 41 -57.52 -14.62 -8.79
C PRO W 41 -56.99 -14.45 -10.20
N PHE W 42 -57.63 -13.54 -10.93
CA PHE W 42 -57.26 -13.18 -12.30
C PHE W 42 -57.23 -11.65 -12.32
N THR W 43 -56.06 -11.05 -12.53
CA THR W 43 -56.04 -9.58 -12.53
C THR W 43 -55.08 -9.01 -13.55
N LEU W 44 -55.49 -7.90 -14.15
CA LEU W 44 -54.61 -7.04 -14.94
C LEU W 44 -54.18 -5.84 -14.11
N THR W 45 -52.89 -5.69 -13.91
CA THR W 45 -52.34 -4.53 -13.21
C THR W 45 -51.69 -3.61 -14.22
N ALA W 46 -51.98 -2.31 -14.12
CA ALA W 46 -51.49 -1.31 -15.07
C ALA W 46 -50.77 -0.23 -14.28
N VAL W 47 -49.51 0.02 -14.65
CA VAL W 47 -48.66 0.99 -13.99
C VAL W 47 -48.09 1.91 -15.06
N SER W 48 -48.59 3.14 -15.13
CA SER W 48 -48.20 4.11 -16.16
C SER W 48 -47.50 5.26 -15.45
N ARG W 49 -46.17 5.30 -15.58
CA ARG W 49 -45.34 6.30 -14.92
C ARG W 49 -45.03 7.43 -15.90
N LEU W 50 -45.51 8.62 -15.55
CA LEU W 50 -45.46 9.79 -16.41
C LEU W 50 -44.02 10.30 -16.51
N PRO W 51 -43.73 11.07 -17.56
CA PRO W 51 -42.35 11.51 -17.76
C PRO W 51 -42.05 12.79 -17.02
N VAL W 52 -40.96 12.82 -16.25
CA VAL W 52 -40.52 14.02 -15.55
C VAL W 52 -39.42 14.66 -16.39
N PRO W 53 -39.60 15.88 -16.88
CA PRO W 53 -38.57 16.51 -17.71
C PRO W 53 -37.54 17.18 -16.84
N ARG W 54 -36.30 16.74 -16.93
CA ARG W 54 -35.16 17.44 -16.33
C ARG W 54 -34.68 18.53 -17.30
N LYS W 55 -33.98 19.51 -16.76
CA LYS W 55 -33.58 20.63 -17.59
C LYS W 55 -32.67 20.14 -18.72
N GLY W 56 -33.08 20.42 -19.96
CA GLY W 56 -32.35 19.95 -21.11
C GLY W 56 -32.69 18.53 -21.54
N ASN W 57 -33.65 17.88 -20.90
CA ASN W 57 -34.03 16.51 -21.24
C ASN W 57 -35.56 16.40 -21.26
N ALA W 58 -36.09 15.88 -22.35
CA ALA W 58 -37.48 15.49 -22.34
C ALA W 58 -37.67 14.25 -21.48
N GLY W 59 -38.87 14.07 -20.97
CA GLY W 59 -39.15 12.92 -20.14
C GLY W 59 -39.06 11.61 -20.93
N THR W 60 -39.25 10.51 -20.21
CA THR W 60 -39.43 9.18 -20.82
C THR W 60 -40.59 8.49 -20.11
N THR W 61 -41.64 8.15 -20.85
CA THR W 61 -42.84 7.55 -20.28
C THR W 61 -42.68 6.04 -20.18
N LYS W 62 -42.95 5.48 -18.99
CA LYS W 62 -42.91 4.04 -18.82
C LYS W 62 -44.33 3.51 -18.62
N THR W 63 -44.62 2.35 -19.20
CA THR W 63 -45.96 1.77 -19.15
C THR W 63 -45.83 0.27 -18.97
N THR W 64 -46.55 -0.29 -17.99
CA THR W 64 -46.41 -1.70 -17.66
C THR W 64 -47.79 -2.31 -17.46
N LEU W 65 -48.07 -3.38 -18.20
CA LEU W 65 -49.36 -4.07 -18.19
C LEU W 65 -49.10 -5.54 -17.90
N SER W 66 -49.61 -6.03 -16.76
CA SER W 66 -49.34 -7.40 -16.32
C SER W 66 -50.65 -8.15 -16.12
N LEU W 67 -50.80 -9.27 -16.83
CA LEU W 67 -51.88 -10.21 -16.56
C LEU W 67 -51.33 -11.33 -15.68
N ARG W 68 -51.95 -11.52 -14.52
CA ARG W 68 -51.56 -12.57 -13.58
C ARG W 68 -52.78 -13.40 -13.24
N ARG W 69 -52.70 -14.72 -13.50
CA ARG W 69 -53.79 -15.60 -13.12
C ARG W 69 -53.23 -16.86 -12.47
N GLU W 70 -53.73 -17.19 -11.28
CA GLU W 70 -53.20 -18.29 -10.48
C GLU W 70 -54.05 -19.54 -10.71
N VAL W 71 -53.52 -20.47 -11.51
CA VAL W 71 -54.28 -21.65 -11.90
C VAL W 71 -54.11 -22.73 -10.85
N THR W 72 -55.20 -23.46 -10.58
CA THR W 72 -55.11 -24.74 -9.89
C THR W 72 -54.54 -25.75 -10.89
N ILE W 73 -53.25 -26.02 -10.77
CA ILE W 73 -52.55 -27.01 -11.57
C ILE W 73 -52.75 -28.40 -10.97
N ASN W 74 -52.94 -29.36 -11.88
CA ASN W 74 -53.20 -30.78 -11.63
C ASN W 74 -54.17 -31.00 -10.47
N LYS W 75 -55.37 -30.43 -10.65
CA LYS W 75 -56.42 -30.52 -9.65
C LYS W 75 -56.80 -31.96 -9.33
N GLY W 76 -57.10 -32.75 -10.34
CA GLY W 76 -57.51 -34.13 -10.09
C GLY W 76 -56.50 -34.88 -9.23
N THR W 77 -55.22 -34.73 -9.53
CA THR W 77 -54.17 -35.44 -8.83
C THR W 77 -53.98 -34.87 -7.42
N ASP W 78 -53.52 -35.71 -6.50
CA ASP W 78 -53.20 -35.23 -5.17
C ASP W 78 -51.97 -34.32 -5.22
N GLN W 79 -51.81 -33.55 -4.14
CA GLN W 79 -50.83 -32.46 -4.09
C GLN W 79 -51.06 -31.49 -5.26
N GLU W 80 -52.34 -31.20 -5.51
CA GLU W 80 -52.73 -30.20 -6.48
C GLU W 80 -52.34 -28.83 -5.93
N LYS W 81 -51.95 -27.90 -6.81
CA LYS W 81 -51.44 -26.64 -6.26
C LYS W 81 -51.97 -25.44 -7.03
N ILE W 82 -51.96 -24.28 -6.39
CA ILE W 82 -52.33 -23.02 -7.05
C ILE W 82 -51.05 -22.26 -7.37
N VAL W 83 -50.82 -22.00 -8.65
CA VAL W 83 -49.55 -21.42 -9.08
C VAL W 83 -49.83 -20.30 -10.09
N PRO W 84 -49.16 -19.16 -9.99
CA PRO W 84 -49.48 -18.03 -10.86
C PRO W 84 -48.74 -17.99 -12.19
N MET W 85 -49.46 -17.85 -13.31
CA MET W 85 -48.83 -17.57 -14.59
C MET W 85 -48.99 -16.08 -14.88
N ILE W 86 -47.94 -15.49 -15.46
CA ILE W 86 -47.90 -14.04 -15.65
C ILE W 86 -47.39 -13.74 -17.06
N ALA W 87 -48.04 -12.79 -17.71
CA ALA W 87 -47.58 -12.24 -18.99
C ALA W 87 -47.66 -10.72 -18.95
N ARG W 88 -46.52 -10.06 -19.21
CA ARG W 88 -46.36 -8.61 -19.08
C ARG W 88 -45.94 -8.00 -20.40
N ILE W 89 -46.48 -6.82 -20.64
CA ILE W 89 -45.99 -5.88 -21.64
C ILE W 89 -45.35 -4.73 -20.87
N GLU W 90 -44.08 -4.43 -21.14
CA GLU W 90 -43.40 -3.31 -20.50
C GLU W 90 -42.81 -2.44 -21.60
N THR W 91 -43.04 -1.13 -21.53
CA THR W 91 -42.70 -0.24 -22.63
C THR W 91 -42.16 1.09 -22.12
N SER W 92 -40.96 1.45 -22.59
CA SER W 92 -40.34 2.73 -22.27
C SER W 92 -40.20 3.54 -23.54
N VAL W 93 -40.94 4.64 -23.63
CA VAL W 93 -40.97 5.50 -24.80
C VAL W 93 -40.50 6.90 -24.39
N PRO W 94 -39.35 7.36 -24.86
CA PRO W 94 -38.96 8.76 -24.63
C PRO W 94 -39.90 9.72 -25.32
N VAL W 95 -39.87 10.98 -24.88
CA VAL W 95 -40.86 11.95 -25.34
C VAL W 95 -40.76 12.16 -26.85
N GLY W 96 -39.57 12.49 -27.35
CA GLY W 96 -39.37 12.79 -28.75
C GLY W 96 -39.83 11.76 -29.77
N VAL W 97 -40.18 10.56 -29.29
CA VAL W 97 -40.53 9.45 -30.19
C VAL W 97 -41.76 9.78 -31.02
N SER W 98 -41.78 9.31 -32.26
CA SER W 98 -42.92 9.48 -33.15
C SER W 98 -43.93 8.35 -33.00
N GLN W 99 -45.21 8.75 -32.92
CA GLN W 99 -46.28 7.77 -32.73
C GLN W 99 -46.32 6.76 -33.87
N ASP W 100 -45.98 7.18 -35.09
CA ASP W 100 -45.94 6.26 -36.22
C ASP W 100 -44.90 5.16 -36.00
N ASP W 101 -43.67 5.56 -35.68
CA ASP W 101 -42.59 4.60 -35.48
C ASP W 101 -42.92 3.63 -34.36
N PHE W 102 -43.39 4.17 -33.23
CA PHE W 102 -43.63 3.28 -32.11
C PHE W 102 -44.85 2.38 -32.33
N LYS W 103 -45.86 2.86 -33.05
CA LYS W 103 -47.01 2.01 -33.34
C LYS W 103 -46.62 0.86 -34.27
N ALA W 104 -45.69 1.11 -35.20
CA ALA W 104 -45.20 0.03 -36.06
C ALA W 104 -44.41 -0.99 -35.25
N MET W 105 -43.53 -0.51 -34.37
CA MET W 105 -42.79 -1.42 -33.50
C MET W 105 -43.72 -2.25 -32.62
N ILE W 106 -44.79 -1.64 -32.09
CA ILE W 106 -45.78 -2.38 -31.31
C ILE W 106 -46.44 -3.46 -32.15
N GLU W 107 -46.89 -3.08 -33.35
CA GLU W 107 -47.50 -4.05 -34.26
C GLU W 107 -46.57 -5.24 -34.48
N GLY W 108 -45.27 -4.97 -34.64
CA GLY W 108 -44.32 -6.07 -34.76
C GLY W 108 -44.27 -6.92 -33.50
N LEU W 109 -44.21 -6.27 -32.33
CA LEU W 109 -44.08 -7.00 -31.08
C LEU W 109 -45.31 -7.88 -30.80
N ALA W 110 -46.46 -7.51 -31.34
CA ALA W 110 -47.66 -8.30 -31.08
C ALA W 110 -47.65 -9.64 -31.81
N CYS W 111 -46.76 -9.81 -32.80
CA CYS W 111 -46.79 -10.99 -33.65
C CYS W 111 -46.53 -12.30 -32.90
N PRO W 112 -45.49 -12.42 -32.06
CA PRO W 112 -45.27 -13.72 -31.38
C PRO W 112 -46.38 -14.09 -30.43
N LEU W 113 -47.17 -13.12 -29.96
CA LEU W 113 -48.26 -13.46 -29.07
C LEU W 113 -49.35 -14.25 -29.79
N LEU W 114 -49.65 -13.89 -31.04
CA LEU W 114 -50.77 -14.48 -31.77
C LEU W 114 -50.25 -15.62 -32.65
N LEU W 115 -49.82 -16.70 -32.00
CA LEU W 115 -49.30 -17.88 -32.69
C LEU W 115 -50.10 -19.11 -32.30
N ASP W 116 -49.88 -20.18 -33.08
CA ASP W 116 -50.59 -21.44 -32.87
C ASP W 116 -50.06 -22.18 -31.64
N GLU W 117 -50.88 -23.13 -31.17
CA GLU W 117 -50.55 -23.84 -29.93
C GLU W 117 -49.21 -24.53 -30.02
N ILE W 118 -48.86 -25.04 -31.20
CA ILE W 118 -47.59 -25.76 -31.34
C ILE W 118 -46.41 -24.84 -31.01
N HIS W 119 -46.33 -23.69 -31.70
CA HIS W 119 -45.24 -22.75 -31.44
C HIS W 119 -45.30 -22.21 -30.02
N VAL W 120 -46.51 -21.94 -29.51
CA VAL W 120 -46.61 -21.33 -28.19
C VAL W 120 -46.12 -22.29 -27.11
N ASN W 121 -46.48 -23.58 -27.22
CA ASN W 121 -45.98 -24.57 -26.27
C ASN W 121 -44.48 -24.78 -26.44
N ASP W 122 -43.99 -24.74 -27.69
CA ASP W 122 -42.56 -24.95 -27.89
C ASP W 122 -41.72 -23.81 -27.30
N LEU W 123 -42.22 -22.58 -27.35
CA LEU W 123 -41.43 -21.44 -26.90
C LEU W 123 -41.69 -21.00 -25.46
N PHE W 124 -42.95 -20.76 -25.10
CA PHE W 124 -43.23 -20.09 -23.83
C PHE W 124 -43.30 -21.05 -22.64
N LEU W 125 -43.69 -22.31 -22.88
CA LEU W 125 -43.77 -23.30 -21.82
C LEU W 125 -42.56 -24.23 -21.81
N SER W 126 -42.26 -24.86 -22.95
CA SER W 126 -41.18 -25.83 -23.00
C SER W 126 -39.82 -25.15 -22.92
N GLY W 127 -39.71 -23.95 -23.48
CA GLY W 127 -38.43 -23.27 -23.52
C GLY W 127 -37.55 -23.65 -24.68
N LEU W 128 -38.07 -24.41 -25.65
CA LEU W 128 -37.29 -24.78 -26.82
C LEU W 128 -36.82 -23.54 -27.57
N PRO W 129 -35.71 -23.62 -28.30
CA PRO W 129 -35.21 -22.44 -29.01
C PRO W 129 -36.11 -22.05 -30.16
N ILE W 130 -36.03 -20.77 -30.54
CA ILE W 130 -36.84 -20.26 -31.64
C ILE W 130 -36.36 -20.84 -32.96
N ALA W 131 -37.30 -21.34 -33.76
CA ALA W 131 -36.99 -21.93 -35.06
C ALA W 131 -37.10 -20.85 -36.13
N THR W 132 -35.96 -20.45 -36.70
CA THR W 132 -35.93 -19.47 -37.76
C THR W 132 -36.38 -20.10 -39.08
N THR W 133 -37.17 -19.37 -39.85
CA THR W 133 -37.70 -19.90 -41.11
C THR W 133 -37.19 -19.08 -42.28
N ASP W 134 -36.57 -19.74 -43.26
CA ASP W 134 -36.11 -19.00 -44.43
C ASP W 134 -37.27 -18.38 -45.17
N VAL W 135 -37.17 -17.08 -45.43
CA VAL W 135 -38.17 -16.39 -46.27
C VAL W 135 -37.98 -16.81 -47.71
N PRO W 136 -39.03 -17.23 -48.42
CA PRO W 136 -38.83 -17.64 -49.82
C PRO W 136 -38.41 -16.44 -50.66
N ASP W 137 -37.23 -16.54 -51.27
CA ASP W 137 -36.77 -15.48 -52.18
C ASP W 137 -37.76 -15.27 -53.31
N ASN W 138 -38.49 -16.32 -53.69
CA ASN W 138 -39.49 -16.20 -54.75
C ASN W 138 -40.67 -15.35 -54.30
N GLU W 139 -41.07 -15.47 -53.03
CA GLU W 139 -42.23 -14.79 -52.50
C GLU W 139 -41.92 -13.31 -52.22
N PRO W 140 -42.95 -12.47 -52.10
CA PRO W 140 -42.70 -11.04 -51.86
C PRO W 140 -42.11 -10.78 -50.48
N LEU W 141 -41.29 -9.75 -50.38
CA LEU W 141 -40.63 -9.46 -49.12
C LEU W 141 -41.68 -9.05 -48.09
N PRO W 142 -41.54 -9.51 -46.85
CA PRO W 142 -42.53 -9.18 -45.80
C PRO W 142 -42.43 -7.72 -45.40
N PRO W 143 -43.42 -7.21 -44.65
CA PRO W 143 -43.40 -5.78 -44.30
C PRO W 143 -42.15 -5.39 -43.51
N ALA W 144 -41.69 -4.17 -43.75
CA ALA W 144 -40.40 -3.74 -43.23
C ALA W 144 -40.40 -3.54 -41.72
N LEU W 145 -41.56 -3.37 -41.09
CA LEU W 145 -41.71 -3.14 -39.65
C LEU W 145 -41.31 -1.73 -39.24
N LEU W 146 -41.26 -0.81 -40.21
CA LEU W 146 -40.80 0.58 -40.03
C LEU W 146 -39.66 0.70 -39.03
N SER X 1 -84.52 -25.59 28.17
CA SER X 1 -84.75 -26.01 26.79
C SER X 1 -83.93 -25.19 25.81
N ILE X 2 -84.57 -24.82 24.70
CA ILE X 2 -83.95 -23.98 23.68
C ILE X 2 -84.58 -22.61 23.75
N LYS X 3 -83.76 -21.57 23.72
CA LYS X 3 -84.23 -20.22 23.94
C LYS X 3 -84.00 -19.33 22.72
N TYR X 4 -85.02 -18.53 22.40
CA TYR X 4 -84.83 -17.33 21.59
C TYR X 4 -83.76 -16.47 22.25
N ILE X 5 -82.68 -16.24 21.49
CA ILE X 5 -81.73 -15.19 21.81
C ILE X 5 -82.26 -13.85 21.35
N PHE X 6 -82.64 -13.77 20.08
CA PHE X 6 -83.26 -12.57 19.50
C PHE X 6 -84.44 -13.02 18.66
N LYS X 7 -85.64 -12.63 19.08
CA LYS X 7 -86.85 -12.94 18.33
C LYS X 7 -86.96 -11.97 17.15
N LYS X 8 -87.18 -12.53 15.96
CA LYS X 8 -87.28 -11.72 14.75
C LYS X 8 -88.50 -10.81 14.79
N THR X 9 -88.30 -9.56 14.40
CA THR X 9 -89.38 -8.59 14.34
C THR X 9 -89.64 -8.19 12.89
N ASP X 10 -90.90 -7.90 12.58
CA ASP X 10 -91.29 -7.52 11.22
C ASP X 10 -91.05 -6.02 11.01
N THR X 11 -89.78 -5.65 11.13
CA THR X 11 -89.35 -4.26 10.98
C THR X 11 -88.29 -4.23 9.87
N LEU X 12 -88.67 -3.69 8.72
CA LEU X 12 -87.79 -3.68 7.56
C LEU X 12 -86.61 -2.73 7.80
N PRO X 13 -85.43 -3.05 7.27
CA PRO X 13 -84.29 -2.16 7.44
C PRO X 13 -84.41 -0.93 6.56
N ARG X 14 -84.04 0.22 7.12
CA ARG X 14 -83.97 1.45 6.34
C ARG X 14 -82.90 1.33 5.27
N SER X 15 -83.26 1.61 4.03
CA SER X 15 -82.27 1.70 2.97
C SER X 15 -81.26 2.79 3.29
N VAL X 16 -80.02 2.60 2.82
CA VAL X 16 -78.90 3.48 3.17
C VAL X 16 -78.57 4.35 1.98
N ILE X 17 -78.78 5.66 2.13
CA ILE X 17 -78.59 6.62 1.05
C ILE X 17 -77.50 7.59 1.46
N GLY X 18 -76.64 7.95 0.52
CA GLY X 18 -75.51 8.81 0.86
C GLY X 18 -74.85 9.37 -0.37
N ASN X 19 -73.64 9.89 -0.16
CA ASN X 19 -72.81 10.36 -1.27
C ASN X 19 -71.34 10.25 -0.87
N VAL X 20 -70.49 9.84 -1.83
CA VAL X 20 -69.08 9.62 -1.52
C VAL X 20 -68.38 10.93 -1.18
N LEU X 21 -67.77 10.99 0.01
CA LEU X 21 -67.12 12.21 0.49
C LEU X 21 -65.63 12.23 0.16
N ARG X 22 -64.87 11.26 0.64
CA ARG X 22 -63.45 11.17 0.35
C ARG X 22 -63.04 9.71 0.34
N THR X 23 -61.92 9.45 -0.32
CA THR X 23 -61.30 8.13 -0.35
C THR X 23 -59.97 8.25 0.37
N THR X 24 -59.96 7.87 1.65
CA THR X 24 -58.76 8.01 2.47
C THR X 24 -57.60 7.20 1.91
N GLY X 25 -57.80 5.90 1.73
CA GLY X 25 -56.79 5.02 1.20
C GLY X 25 -57.32 4.16 0.09
N PRO X 26 -56.47 3.26 -0.43
CA PRO X 26 -56.91 2.39 -1.54
C PRO X 26 -57.96 1.38 -1.12
N ASP X 27 -57.98 1.00 0.17
CA ASP X 27 -58.98 0.08 0.70
C ASP X 27 -60.03 0.77 1.55
N THR X 28 -59.93 2.08 1.75
CA THR X 28 -60.77 2.81 2.70
C THR X 28 -61.47 3.95 1.98
N THR X 29 -62.81 3.94 1.99
CA THR X 29 -63.60 5.01 1.39
C THR X 29 -64.65 5.49 2.38
N VAL X 30 -64.86 6.81 2.43
CA VAL X 30 -65.73 7.42 3.43
C VAL X 30 -66.87 8.15 2.73
N TYR X 31 -68.10 7.85 3.15
CA TYR X 31 -69.32 8.40 2.57
C TYR X 31 -69.95 9.34 3.58
N SER X 32 -70.40 10.50 3.10
CA SER X 32 -71.20 11.41 3.90
C SER X 32 -72.68 11.07 3.71
N LEU X 33 -73.37 10.92 4.82
CA LEU X 33 -74.78 10.57 4.87
C LEU X 33 -75.62 11.82 5.11
N PRO X 34 -76.95 11.71 4.99
CA PRO X 34 -77.79 12.89 5.21
C PRO X 34 -77.65 13.42 6.64
N GLY X 35 -77.80 14.74 6.77
CA GLY X 35 -77.67 15.36 8.08
C GLY X 35 -76.25 15.52 8.56
N HIS X 36 -75.29 15.51 7.64
CA HIS X 36 -73.86 15.63 7.96
C HIS X 36 -73.45 17.09 7.89
N THR X 37 -73.54 17.77 9.02
CA THR X 37 -72.90 19.07 9.13
C THR X 37 -71.46 18.89 9.57
N PRO X 38 -70.58 19.85 9.28
CA PRO X 38 -69.20 19.73 9.77
C PRO X 38 -69.13 19.74 11.29
N VAL X 39 -70.04 20.47 11.94
CA VAL X 39 -70.07 20.51 13.39
C VAL X 39 -70.52 19.17 13.96
N ASN X 40 -71.55 18.57 13.36
CA ASN X 40 -72.14 17.32 13.82
C ASN X 40 -72.06 16.27 12.72
N PRO X 41 -70.85 15.74 12.46
CA PRO X 41 -70.68 14.87 11.30
C PRO X 41 -71.39 13.53 11.46
N PHE X 42 -71.80 12.96 10.33
CA PHE X 42 -72.45 11.66 10.29
C PHE X 42 -72.05 10.96 9.01
N THR X 43 -71.27 9.87 9.14
CA THR X 43 -70.56 9.28 8.00
C THR X 43 -70.46 7.77 8.13
N LEU X 44 -70.50 7.11 6.97
CA LEU X 44 -70.22 5.69 6.85
C LEU X 44 -68.82 5.50 6.27
N THR X 45 -67.94 4.90 7.05
CA THR X 45 -66.61 4.53 6.57
C THR X 45 -66.63 3.05 6.20
N ALA X 46 -66.03 2.72 5.06
CA ALA X 46 -66.00 1.36 4.55
C ALA X 46 -64.56 0.96 4.26
N VAL X 47 -64.09 -0.08 4.92
CA VAL X 47 -62.72 -0.58 4.79
C VAL X 47 -62.82 -2.04 4.37
N SER X 48 -62.48 -2.33 3.11
CA SER X 48 -62.51 -3.71 2.59
C SER X 48 -61.08 -4.12 2.28
N ARG X 49 -60.54 -5.07 3.04
CA ARG X 49 -59.18 -5.52 2.89
C ARG X 49 -59.15 -6.90 2.23
N LEU X 50 -58.47 -6.98 1.08
CA LEU X 50 -58.39 -8.19 0.29
C LEU X 50 -57.62 -9.28 1.03
N PRO X 51 -57.79 -10.53 0.62
CA PRO X 51 -57.00 -11.60 1.22
C PRO X 51 -55.60 -11.62 0.65
N VAL X 52 -54.63 -11.79 1.53
CA VAL X 52 -53.23 -11.96 1.15
C VAL X 52 -52.85 -13.42 1.34
N PRO X 53 -52.56 -14.17 0.28
CA PRO X 53 -52.20 -15.57 0.45
C PRO X 53 -50.91 -15.69 1.23
N ARG X 54 -50.85 -16.73 2.05
CA ARG X 54 -49.66 -17.07 2.82
C ARG X 54 -49.24 -18.47 2.42
N LYS X 55 -47.96 -18.78 2.57
CA LYS X 55 -47.45 -20.06 2.07
C LYS X 55 -48.11 -21.19 2.85
N GLY X 56 -48.98 -21.95 2.17
CA GLY X 56 -49.75 -22.99 2.79
C GLY X 56 -51.08 -22.55 3.37
N ASN X 57 -51.39 -21.25 3.31
CA ASN X 57 -52.61 -20.72 3.89
C ASN X 57 -53.36 -19.88 2.86
N ALA X 58 -54.64 -20.15 2.69
CA ALA X 58 -55.45 -19.27 1.85
C ALA X 58 -55.70 -17.95 2.56
N GLY X 59 -55.97 -16.92 1.77
CA GLY X 59 -56.25 -15.61 2.34
C GLY X 59 -57.55 -15.57 3.12
N THR X 60 -57.78 -14.44 3.78
CA THR X 60 -59.06 -14.14 4.42
C THR X 60 -59.44 -12.70 4.12
N THR X 61 -60.65 -12.49 3.61
CA THR X 61 -61.16 -11.17 3.30
C THR X 61 -61.75 -10.52 4.54
N LYS X 62 -61.29 -9.32 4.88
CA LYS X 62 -61.86 -8.57 5.99
C LYS X 62 -62.67 -7.41 5.43
N THR X 63 -63.79 -7.10 6.09
CA THR X 63 -64.70 -6.07 5.63
C THR X 63 -65.25 -5.35 6.85
N THR X 64 -65.16 -4.03 6.87
CA THR X 64 -65.57 -3.26 8.04
C THR X 64 -66.39 -2.06 7.58
N LEU X 65 -67.58 -1.92 8.14
CA LEU X 65 -68.51 -0.84 7.82
C LEU X 65 -68.90 -0.15 9.12
N SER X 66 -68.54 1.13 9.26
CA SER X 66 -68.74 1.88 10.49
C SER X 66 -69.61 3.10 10.23
N LEU X 67 -70.73 3.21 10.94
CA LEU X 67 -71.50 4.44 10.97
C LEU X 67 -71.12 5.22 12.22
N ARG X 68 -70.81 6.51 12.05
CA ARG X 68 -70.42 7.37 13.17
C ARG X 68 -71.16 8.70 13.06
N ARG X 69 -71.89 9.06 14.12
CA ARG X 69 -72.69 10.28 14.12
C ARG X 69 -72.53 10.97 15.47
N GLU X 70 -72.08 12.24 15.45
CA GLU X 70 -71.75 12.96 16.69
C GLU X 70 -72.94 13.83 17.07
N VAL X 71 -73.72 13.35 18.04
CA VAL X 71 -74.95 14.02 18.44
C VAL X 71 -74.64 15.11 19.45
N THR X 72 -75.37 16.22 19.35
CA THR X 72 -75.42 17.17 20.46
C THR X 72 -76.33 16.61 21.54
N ILE X 73 -75.78 16.46 22.74
CA ILE X 73 -76.49 15.89 23.88
C ILE X 73 -76.90 17.03 24.80
N ASN X 74 -78.16 16.94 25.27
CA ASN X 74 -78.81 17.84 26.21
C ASN X 74 -78.47 19.31 25.93
N LYS X 75 -78.88 19.74 24.73
CA LYS X 75 -78.58 21.08 24.26
C LYS X 75 -79.17 22.15 25.17
N GLY X 76 -80.47 22.06 25.45
CA GLY X 76 -81.10 23.07 26.29
C GLY X 76 -80.45 23.18 27.65
N THR X 77 -80.04 22.05 28.21
CA THR X 77 -79.45 22.00 29.53
C THR X 77 -77.99 22.44 29.47
N ASP X 78 -77.42 22.76 30.64
CA ASP X 78 -75.99 23.01 30.73
C ASP X 78 -75.21 21.74 30.45
N GLN X 79 -73.93 21.92 30.12
CA GLN X 79 -73.06 20.83 29.70
C GLN X 79 -73.58 20.13 28.44
N GLU X 80 -74.19 20.91 27.54
CA GLU X 80 -74.41 20.47 26.16
C GLU X 80 -73.11 19.97 25.56
N LYS X 81 -73.10 18.74 25.03
CA LYS X 81 -71.83 18.23 24.49
C LYS X 81 -72.04 17.47 23.20
N ILE X 82 -71.13 17.65 22.24
CA ILE X 82 -71.15 16.87 21.01
C ILE X 82 -70.36 15.58 21.24
N VAL X 83 -71.06 14.45 21.12
CA VAL X 83 -70.49 13.16 21.50
C VAL X 83 -70.83 12.14 20.43
N PRO X 84 -69.88 11.30 20.01
CA PRO X 84 -70.14 10.38 18.89
C PRO X 84 -70.74 9.03 19.27
N MET X 85 -71.79 8.60 18.57
CA MET X 85 -72.27 7.23 18.65
C MET X 85 -71.79 6.49 17.41
N ILE X 86 -71.42 5.22 17.61
CA ILE X 86 -70.83 4.42 16.54
C ILE X 86 -71.49 3.05 16.52
N ALA X 87 -71.79 2.56 15.31
CA ALA X 87 -72.28 1.20 15.08
C ALA X 87 -71.53 0.59 13.90
N ARG X 88 -70.81 -0.52 14.15
CA ARG X 88 -69.92 -1.16 13.19
C ARG X 88 -70.36 -2.59 12.92
N ILE X 89 -70.19 -2.97 11.65
CA ILE X 89 -70.22 -4.36 11.23
C ILE X 89 -68.80 -4.71 10.83
N GLU X 90 -68.24 -5.77 11.41
CA GLU X 90 -66.90 -6.22 11.05
C GLU X 90 -66.97 -7.70 10.71
N THR X 91 -66.39 -8.09 9.57
CA THR X 91 -66.59 -9.42 9.03
C THR X 91 -65.31 -9.98 8.44
N SER X 92 -64.89 -11.14 8.94
CA SER X 92 -63.72 -11.84 8.42
C SER X 92 -64.18 -13.17 7.81
N VAL X 93 -64.09 -13.25 6.49
CA VAL X 93 -64.52 -14.41 5.70
C VAL X 93 -63.29 -15.03 5.05
N PRO X 94 -62.86 -16.21 5.47
CA PRO X 94 -61.79 -16.89 4.75
C PRO X 94 -62.23 -17.27 3.33
N VAL X 95 -61.23 -17.56 2.49
CA VAL X 95 -61.46 -17.63 1.05
C VAL X 95 -62.46 -18.74 0.70
N GLY X 96 -62.22 -19.96 1.19
CA GLY X 96 -63.01 -21.12 0.81
C GLY X 96 -64.47 -21.07 1.24
N VAL X 97 -64.86 -20.08 2.05
CA VAL X 97 -66.22 -20.04 2.60
C VAL X 97 -67.26 -19.98 1.49
N SER X 98 -68.39 -20.65 1.73
CA SER X 98 -69.49 -20.68 0.76
C SER X 98 -70.45 -19.51 0.98
N GLN X 99 -70.85 -18.89 -0.13
CA GLN X 99 -71.75 -17.74 -0.05
C GLN X 99 -73.05 -18.08 0.64
N ASP X 100 -73.52 -19.32 0.48
CA ASP X 100 -74.75 -19.75 1.13
C ASP X 100 -74.62 -19.69 2.64
N ASP X 101 -73.60 -20.36 3.17
CA ASP X 101 -73.40 -20.41 4.61
C ASP X 101 -73.21 -19.01 5.18
N PHE X 102 -72.42 -18.19 4.49
CA PHE X 102 -72.14 -16.88 5.07
C PHE X 102 -73.36 -15.96 5.00
N LYS X 103 -74.15 -16.02 3.93
CA LYS X 103 -75.38 -15.24 3.90
C LYS X 103 -76.32 -15.69 5.01
N ALA X 104 -76.32 -16.98 5.34
CA ALA X 104 -77.12 -17.44 6.48
C ALA X 104 -76.68 -16.78 7.78
N MET X 105 -75.38 -16.81 8.06
CA MET X 105 -74.89 -16.10 9.26
C MET X 105 -75.24 -14.62 9.23
N ILE X 106 -75.14 -13.97 8.07
CA ILE X 106 -75.44 -12.54 7.97
C ILE X 106 -76.90 -12.29 8.34
N GLU X 107 -77.80 -13.05 7.72
CA GLU X 107 -79.22 -12.90 7.99
C GLU X 107 -79.52 -13.08 9.47
N GLY X 108 -78.86 -14.06 10.10
CA GLY X 108 -79.00 -14.20 11.54
C GLY X 108 -78.49 -12.99 12.30
N LEU X 109 -77.32 -12.48 11.91
CA LEU X 109 -76.72 -11.35 12.62
C LEU X 109 -77.56 -10.09 12.51
N ALA X 110 -78.31 -9.94 11.42
CA ALA X 110 -79.12 -8.74 11.26
C ALA X 110 -80.29 -8.71 12.22
N CYS X 111 -80.63 -9.83 12.87
CA CYS X 111 -81.83 -9.91 13.68
C CYS X 111 -81.81 -8.99 14.90
N PRO X 112 -80.76 -8.96 15.73
CA PRO X 112 -80.80 -8.06 16.90
C PRO X 112 -80.85 -6.59 16.53
N LEU X 113 -80.41 -6.23 15.33
CA LEU X 113 -80.45 -4.83 14.95
C LEU X 113 -81.89 -4.34 14.79
N LEU X 114 -82.75 -5.17 14.21
CA LEU X 114 -84.11 -4.75 13.88
C LEU X 114 -85.06 -5.15 15.02
N LEU X 115 -84.88 -4.50 16.16
CA LEU X 115 -85.69 -4.75 17.35
C LEU X 115 -86.42 -3.49 17.78
N ASP X 116 -87.40 -3.68 18.68
CA ASP X 116 -88.21 -2.60 19.18
C ASP X 116 -87.43 -1.73 20.17
N GLU X 117 -87.94 -0.52 20.39
CA GLU X 117 -87.24 0.45 21.22
C GLU X 117 -86.99 -0.09 22.62
N ILE X 118 -87.91 -0.90 23.14
CA ILE X 118 -87.76 -1.42 24.50
C ILE X 118 -86.49 -2.26 24.59
N HIS X 119 -86.38 -3.29 23.73
CA HIS X 119 -85.21 -4.15 23.76
C HIS X 119 -83.94 -3.38 23.41
N VAL X 120 -84.03 -2.44 22.46
CA VAL X 120 -82.82 -1.75 22.03
C VAL X 120 -82.27 -0.86 23.14
N ASN X 121 -83.16 -0.15 23.86
CA ASN X 121 -82.71 0.65 25.00
C ASN X 121 -82.22 -0.25 26.12
N ASP X 122 -82.87 -1.39 26.35
CA ASP X 122 -82.43 -2.28 27.41
C ASP X 122 -81.04 -2.85 27.13
N LEU X 123 -80.71 -3.13 25.86
CA LEU X 123 -79.45 -3.80 25.53
C LEU X 123 -78.32 -2.84 25.14
N PHE X 124 -78.56 -1.97 24.15
CA PHE X 124 -77.47 -1.21 23.55
C PHE X 124 -77.12 0.05 24.32
N LEU X 125 -78.10 0.64 25.03
CA LEU X 125 -77.86 1.85 25.80
C LEU X 125 -77.68 1.55 27.28
N SER X 126 -78.66 0.89 27.90
CA SER X 126 -78.59 0.62 29.33
C SER X 126 -77.51 -0.40 29.65
N GLY X 127 -77.33 -1.39 28.79
CA GLY X 127 -76.30 -2.39 28.98
C GLY X 127 -76.75 -3.66 29.65
N LEU X 128 -78.06 -3.91 29.74
CA LEU X 128 -78.56 -5.11 30.39
C LEU X 128 -78.13 -6.36 29.62
N PRO X 129 -78.25 -7.54 30.22
CA PRO X 129 -78.01 -8.76 29.45
C PRO X 129 -79.12 -9.03 28.45
N ILE X 130 -78.85 -9.97 27.53
CA ILE X 130 -79.81 -10.28 26.48
C ILE X 130 -81.06 -10.90 27.10
N ALA X 131 -82.23 -10.44 26.65
CA ALA X 131 -83.50 -10.98 27.10
C ALA X 131 -83.78 -12.29 26.39
N THR X 132 -83.70 -13.41 27.12
CA THR X 132 -83.91 -14.74 26.55
C THR X 132 -85.38 -15.12 26.69
N THR X 133 -85.92 -15.77 25.65
CA THR X 133 -87.34 -16.14 25.66
C THR X 133 -87.47 -17.62 25.35
N ASP X 134 -88.07 -18.38 26.26
CA ASP X 134 -88.28 -19.81 26.01
C ASP X 134 -89.12 -20.02 24.77
N VAL X 135 -88.59 -20.81 23.84
CA VAL X 135 -89.33 -21.14 22.62
C VAL X 135 -90.49 -22.06 22.98
N PRO X 136 -91.72 -21.75 22.56
CA PRO X 136 -92.83 -22.66 22.86
C PRO X 136 -92.62 -23.98 22.17
N ASP X 137 -92.52 -25.06 22.97
CA ASP X 137 -92.40 -26.39 22.39
C ASP X 137 -93.58 -26.70 21.48
N ASN X 138 -94.75 -26.13 21.78
CA ASN X 138 -95.92 -26.36 20.94
C ASN X 138 -95.77 -25.72 19.57
N GLU X 139 -95.19 -24.51 19.52
CA GLU X 139 -95.05 -23.80 18.27
C GLU X 139 -93.96 -24.45 17.41
N PRO X 140 -93.98 -24.21 16.10
CA PRO X 140 -92.99 -24.85 15.23
C PRO X 140 -91.59 -24.35 15.52
N LEU X 141 -90.61 -25.20 15.25
CA LEU X 141 -89.23 -24.85 15.54
C LEU X 141 -88.77 -23.71 14.61
N PRO X 142 -88.09 -22.71 15.13
CA PRO X 142 -87.66 -21.57 14.30
C PRO X 142 -86.61 -21.98 13.30
N PRO X 143 -86.30 -21.12 12.32
CA PRO X 143 -85.33 -21.51 11.27
C PRO X 143 -83.96 -21.83 11.86
N ALA X 144 -83.30 -22.81 11.23
CA ALA X 144 -82.07 -23.38 11.77
C ALA X 144 -80.87 -22.43 11.68
N LEU X 145 -80.95 -21.37 10.87
CA LEU X 145 -79.87 -20.40 10.69
C LEU X 145 -78.68 -20.97 9.93
N LEU X 146 -78.89 -22.10 9.24
CA LEU X 146 -77.85 -22.84 8.50
C LEU X 146 -76.50 -22.84 9.21
N SER Y 1 30.26 -89.49 -9.84
CA SER Y 1 29.46 -89.36 -11.05
C SER Y 1 28.25 -88.46 -10.85
N ILE Y 2 27.11 -88.88 -11.39
CA ILE Y 2 25.85 -88.17 -11.25
C ILE Y 2 24.95 -88.99 -10.35
N LYS Y 3 24.31 -88.34 -9.39
CA LYS Y 3 23.55 -89.04 -8.36
C LYS Y 3 22.07 -88.65 -8.41
N TYR Y 4 21.22 -89.67 -8.28
CA TYR Y 4 19.85 -89.46 -7.85
C TYR Y 4 19.87 -88.71 -6.53
N ILE Y 5 19.23 -87.54 -6.53
CA ILE Y 5 18.85 -86.86 -5.30
C ILE Y 5 17.56 -87.43 -4.75
N PHE Y 6 16.55 -87.57 -5.61
CA PHE Y 6 15.27 -88.17 -5.26
C PHE Y 6 14.84 -89.09 -6.40
N LYS Y 7 14.80 -90.39 -6.13
CA LYS Y 7 14.32 -91.35 -7.12
C LYS Y 7 12.80 -91.31 -7.15
N LYS Y 8 12.24 -91.21 -8.35
CA LYS Y 8 10.79 -91.16 -8.52
C LYS Y 8 10.14 -92.49 -8.12
N THR Y 9 9.02 -92.39 -7.42
CA THR Y 9 8.25 -93.56 -7.00
C THR Y 9 6.89 -93.55 -7.68
N ASP Y 10 6.38 -94.74 -7.99
CA ASP Y 10 5.05 -94.88 -8.58
C ASP Y 10 3.99 -94.78 -7.47
N THR Y 11 3.97 -93.61 -6.83
CA THR Y 11 3.02 -93.31 -5.76
C THR Y 11 2.23 -92.08 -6.18
N LEU Y 12 0.99 -92.29 -6.62
CA LEU Y 12 0.17 -91.19 -7.10
C LEU Y 12 -0.16 -90.23 -5.95
N PRO Y 13 -0.25 -88.94 -6.22
CA PRO Y 13 -0.64 -88.00 -5.16
C PRO Y 13 -2.13 -88.10 -4.87
N ARG Y 14 -2.47 -88.00 -3.59
CA ARG Y 14 -3.88 -87.93 -3.21
C ARG Y 14 -4.47 -86.64 -3.73
N SER Y 15 -5.61 -86.75 -4.42
CA SER Y 15 -6.37 -85.55 -4.75
C SER Y 15 -6.75 -84.81 -3.47
N VAL Y 16 -6.92 -83.49 -3.58
CA VAL Y 16 -7.16 -82.64 -2.42
C VAL Y 16 -8.62 -82.20 -2.45
N ILE Y 17 -9.35 -82.56 -1.41
CA ILE Y 17 -10.79 -82.31 -1.34
C ILE Y 17 -11.05 -81.46 -0.11
N GLY Y 18 -11.97 -80.51 -0.23
CA GLY Y 18 -12.22 -79.63 0.89
C GLY Y 18 -13.48 -78.80 0.71
N ASN Y 19 -13.59 -77.77 1.54
CA ASN Y 19 -14.65 -76.80 1.41
C ASN Y 19 -14.14 -75.44 1.90
N VAL Y 20 -14.45 -74.39 1.15
CA VAL Y 20 -13.97 -73.06 1.50
C VAL Y 20 -14.50 -72.67 2.87
N LEU Y 21 -13.61 -72.21 3.75
CA LEU Y 21 -13.96 -71.82 5.11
C LEU Y 21 -14.12 -70.31 5.28
N ARG Y 22 -13.05 -69.56 5.04
CA ARG Y 22 -13.11 -68.12 5.20
C ARG Y 22 -12.13 -67.49 4.22
N THR Y 23 -12.45 -66.26 3.83
CA THR Y 23 -11.60 -65.46 2.95
C THR Y 23 -11.03 -64.32 3.80
N THR Y 24 -9.83 -64.54 4.32
CA THR Y 24 -9.21 -63.57 5.21
C THR Y 24 -9.02 -62.22 4.52
N GLY Y 25 -8.36 -62.23 3.37
CA GLY Y 25 -8.11 -61.02 2.61
C GLY Y 25 -8.46 -61.20 1.15
N PRO Y 26 -8.22 -60.17 0.34
CA PRO Y 26 -8.51 -60.28 -1.09
C PRO Y 26 -7.62 -61.28 -1.79
N ASP Y 27 -6.36 -61.41 -1.35
CA ASP Y 27 -5.42 -62.36 -1.92
C ASP Y 27 -5.31 -63.66 -1.11
N THR Y 28 -5.97 -63.76 0.03
CA THR Y 28 -5.80 -64.87 0.96
C THR Y 28 -7.13 -65.54 1.22
N THR Y 29 -7.21 -66.84 0.94
CA THR Y 29 -8.42 -67.62 1.21
C THR Y 29 -8.04 -68.91 1.94
N VAL Y 30 -8.89 -69.29 2.90
CA VAL Y 30 -8.58 -70.42 3.79
C VAL Y 30 -9.67 -71.47 3.67
N TYR Y 31 -9.26 -72.69 3.33
CA TYR Y 31 -10.16 -73.81 3.11
C TYR Y 31 -10.05 -74.76 4.30
N SER Y 32 -11.21 -75.28 4.73
CA SER Y 32 -11.28 -76.33 5.73
C SER Y 32 -11.32 -77.68 5.04
N LEU Y 33 -10.45 -78.58 5.47
CA LEU Y 33 -10.26 -79.90 4.90
C LEU Y 33 -10.99 -80.94 5.73
N PRO Y 34 -11.08 -82.18 5.27
CA PRO Y 34 -11.76 -83.21 6.06
C PRO Y 34 -11.02 -83.48 7.36
N GLY Y 35 -11.79 -83.81 8.40
CA GLY Y 35 -11.20 -84.05 9.71
C GLY Y 35 -10.89 -82.81 10.50
N HIS Y 36 -11.30 -81.64 10.02
CA HIS Y 36 -11.15 -80.37 10.72
C HIS Y 36 -12.16 -80.30 11.84
N THR Y 37 -11.73 -80.68 13.04
CA THR Y 37 -12.54 -80.38 14.22
C THR Y 37 -12.15 -79.01 14.77
N PRO Y 38 -13.00 -78.39 15.60
CA PRO Y 38 -12.56 -77.18 16.29
C PRO Y 38 -11.37 -77.45 17.19
N VAL Y 39 -11.34 -78.63 17.82
CA VAL Y 39 -10.23 -78.98 18.71
C VAL Y 39 -8.95 -79.19 17.92
N ASN Y 40 -9.04 -79.91 16.79
CA ASN Y 40 -7.88 -80.29 15.99
C ASN Y 40 -8.06 -79.71 14.59
N PRO Y 41 -7.79 -78.42 14.41
CA PRO Y 41 -8.03 -77.80 13.11
C PRO Y 41 -7.13 -78.36 12.03
N PHE Y 42 -7.63 -78.32 10.79
CA PHE Y 42 -6.91 -78.87 9.64
C PHE Y 42 -7.31 -78.06 8.42
N THR Y 43 -6.37 -77.28 7.88
CA THR Y 43 -6.72 -76.24 6.92
C THR Y 43 -5.64 -76.06 5.86
N LEU Y 44 -6.10 -75.75 4.65
CA LEU Y 44 -5.24 -75.29 3.57
C LEU Y 44 -5.42 -73.78 3.42
N THR Y 45 -4.35 -73.02 3.59
CA THR Y 45 -4.36 -71.60 3.35
C THR Y 45 -3.65 -71.29 2.04
N ALA Y 46 -4.28 -70.45 1.21
CA ALA Y 46 -3.77 -70.12 -0.11
C ALA Y 46 -3.63 -68.61 -0.21
N VAL Y 47 -2.42 -68.15 -0.53
CA VAL Y 47 -2.11 -66.73 -0.64
C VAL Y 47 -1.45 -66.52 -2.00
N SER Y 48 -2.19 -65.90 -2.92
CA SER Y 48 -1.71 -65.66 -4.28
C SER Y 48 -1.56 -64.15 -4.48
N ARG Y 49 -0.32 -63.69 -4.58
CA ARG Y 49 -0.03 -62.26 -4.70
C ARG Y 49 0.36 -61.94 -6.13
N LEU Y 50 -0.41 -61.04 -6.74
CA LEU Y 50 -0.25 -60.68 -8.13
C LEU Y 50 1.03 -59.88 -8.34
N PRO Y 51 1.54 -59.83 -9.56
CA PRO Y 51 2.77 -59.08 -9.82
C PRO Y 51 2.47 -57.59 -9.88
N VAL Y 52 3.29 -56.80 -9.23
CA VAL Y 52 3.23 -55.35 -9.30
C VAL Y 52 4.37 -54.88 -10.19
N PRO Y 53 4.10 -54.27 -11.33
CA PRO Y 53 5.17 -53.81 -12.21
C PRO Y 53 5.89 -52.63 -11.61
N ARG Y 54 7.21 -52.63 -11.77
CA ARG Y 54 8.09 -51.59 -11.30
C ARG Y 54 8.68 -50.89 -12.51
N LYS Y 55 9.18 -49.67 -12.32
CA LYS Y 55 9.68 -48.91 -13.46
C LYS Y 55 10.95 -49.57 -13.99
N GLY Y 56 10.87 -50.19 -15.16
CA GLY Y 56 11.97 -50.95 -15.72
C GLY Y 56 12.05 -52.39 -15.27
N ASN Y 57 11.14 -52.83 -14.41
CA ASN Y 57 11.12 -54.20 -13.91
C ASN Y 57 9.73 -54.79 -14.08
N ALA Y 58 9.66 -55.95 -14.72
CA ALA Y 58 8.39 -56.67 -14.73
C ALA Y 58 8.04 -57.14 -13.32
N GLY Y 59 6.77 -57.44 -13.13
CA GLY Y 59 6.33 -57.99 -11.86
C GLY Y 59 6.77 -59.43 -11.68
N THR Y 60 6.57 -59.94 -10.46
CA THR Y 60 6.77 -61.35 -10.15
C THR Y 60 5.57 -61.83 -9.33
N THR Y 61 4.97 -62.95 -9.75
CA THR Y 61 3.83 -63.53 -9.07
C THR Y 61 4.30 -64.46 -7.96
N LYS Y 62 3.78 -64.26 -6.75
CA LYS Y 62 4.09 -65.15 -5.64
C LYS Y 62 2.84 -65.96 -5.30
N THR Y 63 3.05 -67.21 -4.89
CA THR Y 63 1.95 -68.13 -4.62
C THR Y 63 2.35 -69.01 -3.45
N THR Y 64 1.49 -69.14 -2.45
CA THR Y 64 1.85 -69.86 -1.23
C THR Y 64 0.68 -70.72 -0.79
N LEU Y 65 0.92 -72.02 -0.67
CA LEU Y 65 -0.10 -73.00 -0.27
C LEU Y 65 0.41 -73.73 0.96
N SER Y 66 -0.31 -73.62 2.08
CA SER Y 66 0.11 -74.19 3.36
C SER Y 66 -0.95 -75.14 3.89
N LEU Y 67 -0.56 -76.39 4.15
CA LEU Y 67 -1.41 -77.34 4.87
C LEU Y 67 -0.96 -77.37 6.33
N ARG Y 68 -1.88 -77.03 7.23
CA ARG Y 68 -1.61 -77.02 8.66
C ARG Y 68 -2.60 -77.93 9.38
N ARG Y 69 -2.07 -78.94 10.07
CA ARG Y 69 -2.88 -79.83 10.89
C ARG Y 69 -2.35 -79.86 12.31
N GLU Y 70 -3.19 -79.55 13.28
CA GLU Y 70 -2.80 -79.60 14.69
C GLU Y 70 -3.22 -80.95 15.25
N VAL Y 71 -2.24 -81.82 15.46
CA VAL Y 71 -2.49 -83.21 15.84
C VAL Y 71 -2.27 -83.36 17.34
N THR Y 72 -3.06 -84.23 17.96
CA THR Y 72 -2.83 -84.60 19.34
C THR Y 72 -1.65 -85.57 19.41
N ILE Y 73 -0.66 -85.23 20.24
CA ILE Y 73 0.54 -86.05 20.42
C ILE Y 73 0.43 -86.79 21.74
N ASN Y 74 0.82 -88.06 21.70
CA ASN Y 74 0.84 -89.03 22.81
C ASN Y 74 -0.38 -88.89 23.72
N LYS Y 75 -1.53 -89.16 23.10
CA LYS Y 75 -2.81 -89.08 23.79
C LYS Y 75 -2.85 -90.00 25.00
N GLY Y 76 -2.49 -91.27 24.82
CA GLY Y 76 -2.56 -92.22 25.92
C GLY Y 76 -1.64 -91.83 27.07
N THR Y 77 -0.46 -91.33 26.74
CA THR Y 77 0.51 -90.94 27.75
C THR Y 77 0.08 -89.63 28.40
N ASP Y 78 0.63 -89.38 29.58
CA ASP Y 78 0.46 -88.08 30.23
C ASP Y 78 1.13 -86.99 29.40
N GLN Y 79 0.66 -85.76 29.61
CA GLN Y 79 1.16 -84.58 28.89
C GLN Y 79 0.85 -84.65 27.40
N GLU Y 80 -0.34 -85.14 27.05
CA GLU Y 80 -0.75 -85.13 25.65
C GLU Y 80 -0.90 -83.69 25.20
N LYS Y 81 -0.47 -83.38 23.97
CA LYS Y 81 -0.50 -81.98 23.56
C LYS Y 81 -0.86 -81.84 22.09
N ILE Y 82 -1.69 -80.84 21.78
CA ILE Y 82 -2.04 -80.55 20.40
C ILE Y 82 -0.97 -79.66 19.80
N VAL Y 83 -0.26 -80.20 18.81
CA VAL Y 83 0.90 -79.51 18.24
C VAL Y 83 0.72 -79.45 16.74
N PRO Y 84 1.04 -78.34 16.08
CA PRO Y 84 0.83 -78.25 14.63
C PRO Y 84 1.96 -78.79 13.76
N MET Y 85 1.62 -79.56 12.73
CA MET Y 85 2.54 -79.89 11.65
C MET Y 85 2.11 -79.14 10.40
N ILE Y 86 3.10 -78.65 9.67
CA ILE Y 86 2.84 -77.78 8.52
C ILE Y 86 3.66 -78.28 7.34
N ALA Y 87 3.05 -78.22 6.15
CA ALA Y 87 3.74 -78.46 4.88
C ALA Y 87 3.32 -77.38 3.88
N ARG Y 88 4.30 -76.59 3.41
CA ARG Y 88 4.09 -75.45 2.52
C ARG Y 88 4.77 -75.64 1.19
N ILE Y 89 4.07 -75.20 0.14
CA ILE Y 89 4.65 -74.94 -1.16
C ILE Y 89 4.67 -73.42 -1.30
N GLU Y 90 5.83 -72.87 -1.63
CA GLU Y 90 5.96 -71.44 -1.89
C GLU Y 90 6.64 -71.25 -3.23
N THR Y 91 6.11 -70.38 -4.08
CA THR Y 91 6.59 -70.27 -5.46
C THR Y 91 6.58 -68.83 -5.93
N SER Y 92 7.74 -68.33 -6.34
CA SER Y 92 7.86 -67.01 -6.96
C SER Y 92 8.26 -67.15 -8.42
N VAL Y 93 7.40 -66.70 -9.32
CA VAL Y 93 7.61 -66.81 -10.76
C VAL Y 93 7.62 -65.40 -11.34
N PRO Y 94 8.72 -64.95 -11.93
CA PRO Y 94 8.69 -63.68 -12.67
C PRO Y 94 7.85 -63.81 -13.94
N VAL Y 95 7.47 -62.65 -14.50
CA VAL Y 95 6.49 -62.64 -15.57
C VAL Y 95 7.04 -63.32 -16.82
N GLY Y 96 8.28 -63.00 -17.20
CA GLY Y 96 8.87 -63.51 -18.44
C GLY Y 96 9.01 -65.02 -18.55
N VAL Y 97 8.68 -65.76 -17.48
CA VAL Y 97 8.93 -67.19 -17.43
C VAL Y 97 8.00 -67.93 -18.40
N SER Y 98 8.53 -69.00 -19.01
CA SER Y 98 7.74 -69.90 -19.84
C SER Y 98 7.07 -70.98 -18.99
N GLN Y 99 5.79 -71.22 -19.27
CA GLN Y 99 5.05 -72.24 -18.53
C GLN Y 99 5.72 -73.61 -18.66
N ASP Y 100 6.40 -73.86 -19.78
CA ASP Y 100 7.13 -75.11 -19.96
C ASP Y 100 8.24 -75.25 -18.93
N ASP Y 101 9.13 -74.24 -18.87
CA ASP Y 101 10.22 -74.25 -17.91
C ASP Y 101 9.70 -74.42 -16.49
N PHE Y 102 8.64 -73.68 -16.16
CA PHE Y 102 8.20 -73.69 -14.77
C PHE Y 102 7.50 -74.99 -14.41
N LYS Y 103 6.71 -75.57 -15.32
CA LYS Y 103 6.12 -76.86 -15.01
C LYS Y 103 7.19 -77.94 -14.89
N ALA Y 104 8.30 -77.78 -15.61
CA ALA Y 104 9.44 -78.67 -15.40
C ALA Y 104 9.94 -78.59 -13.96
N MET Y 105 10.20 -77.36 -13.50
CA MET Y 105 10.63 -77.22 -12.09
C MET Y 105 9.60 -77.81 -11.14
N ILE Y 106 8.31 -77.62 -11.40
CA ILE Y 106 7.29 -78.12 -10.49
C ILE Y 106 7.31 -79.64 -10.43
N GLU Y 107 7.33 -80.28 -11.61
CA GLU Y 107 7.38 -81.73 -11.67
C GLU Y 107 8.59 -82.27 -10.92
N GLY Y 108 9.74 -81.61 -11.05
CA GLY Y 108 10.88 -81.98 -10.24
C GLY Y 108 10.61 -81.85 -8.75
N LEU Y 109 10.07 -80.69 -8.34
CA LEU Y 109 9.84 -80.41 -6.93
C LEU Y 109 8.87 -81.40 -6.29
N ALA Y 110 7.96 -81.95 -7.09
CA ALA Y 110 6.96 -82.87 -6.53
C ALA Y 110 7.59 -84.19 -6.12
N CYS Y 111 8.72 -84.56 -6.75
CA CYS Y 111 9.30 -85.89 -6.56
C CYS Y 111 9.60 -86.25 -5.10
N PRO Y 112 10.26 -85.41 -4.30
CA PRO Y 112 10.55 -85.82 -2.90
C PRO Y 112 9.31 -86.00 -2.06
N LEU Y 113 8.21 -85.34 -2.40
CA LEU Y 113 6.99 -85.51 -1.62
C LEU Y 113 6.45 -86.94 -1.72
N LEU Y 114 6.56 -87.53 -2.91
CA LEU Y 114 5.95 -88.84 -3.16
C LEU Y 114 7.00 -89.94 -2.99
N LEU Y 115 7.38 -90.16 -1.74
CA LEU Y 115 8.38 -91.17 -1.39
C LEU Y 115 7.84 -92.13 -0.34
N ASP Y 116 8.54 -93.25 -0.17
CA ASP Y 116 8.13 -94.28 0.77
C ASP Y 116 8.35 -93.83 2.22
N GLU Y 117 7.70 -94.55 3.14
CA GLU Y 117 7.72 -94.17 4.55
C GLU Y 117 9.14 -94.14 5.10
N ILE Y 118 10.00 -95.04 4.61
CA ILE Y 118 11.36 -95.09 5.14
C ILE Y 118 12.10 -93.78 4.87
N HIS Y 119 12.13 -93.36 3.60
CA HIS Y 119 12.80 -92.11 3.26
C HIS Y 119 12.11 -90.92 3.90
N VAL Y 120 10.78 -90.92 3.94
CA VAL Y 120 10.06 -89.78 4.49
C VAL Y 120 10.39 -89.60 5.97
N ASN Y 121 10.40 -90.69 6.73
CA ASN Y 121 10.74 -90.60 8.14
C ASN Y 121 12.21 -90.25 8.33
N ASP Y 122 13.09 -90.74 7.45
CA ASP Y 122 14.51 -90.42 7.59
C ASP Y 122 14.79 -88.95 7.32
N LEU Y 123 14.08 -88.34 6.36
CA LEU Y 123 14.37 -86.97 5.97
C LEU Y 123 13.53 -85.93 6.73
N PHE Y 124 12.20 -86.05 6.67
CA PHE Y 124 11.33 -84.97 7.14
C PHE Y 124 11.12 -84.99 8.65
N LEU Y 125 11.27 -86.14 9.29
CA LEU Y 125 11.06 -86.30 10.73
C LEU Y 125 12.34 -86.50 11.50
N SER Y 126 13.18 -87.46 11.11
CA SER Y 126 14.43 -87.69 11.84
C SER Y 126 15.45 -86.59 11.54
N GLY Y 127 15.44 -86.07 10.32
CA GLY Y 127 16.32 -85.00 9.94
C GLY Y 127 17.61 -85.44 9.30
N LEU Y 128 17.67 -86.67 8.80
CA LEU Y 128 18.88 -87.20 8.19
C LEU Y 128 19.18 -86.45 6.88
N PRO Y 129 20.41 -86.55 6.38
CA PRO Y 129 20.71 -85.92 5.09
C PRO Y 129 20.05 -86.70 3.97
N ILE Y 130 19.95 -86.05 2.80
CA ILE Y 130 19.30 -86.70 1.67
C ILE Y 130 20.08 -87.94 1.26
N ALA Y 131 19.35 -89.04 1.03
CA ALA Y 131 19.96 -90.30 0.61
C ALA Y 131 20.25 -90.23 -0.88
N THR Y 132 21.54 -90.08 -1.23
CA THR Y 132 21.95 -90.00 -2.64
C THR Y 132 22.20 -91.41 -3.17
N THR Y 133 21.79 -91.65 -4.42
CA THR Y 133 21.94 -92.97 -5.03
C THR Y 133 22.68 -92.83 -6.35
N ASP Y 134 23.80 -93.51 -6.50
CA ASP Y 134 24.54 -93.46 -7.75
C ASP Y 134 23.68 -93.97 -8.90
N VAL Y 135 23.57 -93.16 -9.95
CA VAL Y 135 22.81 -93.58 -11.13
C VAL Y 135 23.58 -94.67 -11.85
N PRO Y 136 22.98 -95.81 -12.17
CA PRO Y 136 23.71 -96.83 -12.91
C PRO Y 136 24.06 -96.32 -14.30
N ASP Y 137 25.36 -96.22 -14.58
CA ASP Y 137 25.80 -95.86 -15.92
C ASP Y 137 25.24 -96.82 -16.95
N ASN Y 138 24.97 -98.05 -16.53
CA ASN Y 138 24.42 -99.06 -17.42
C ASN Y 138 23.00 -98.70 -17.85
N GLU Y 139 22.22 -98.14 -16.94
CA GLU Y 139 20.81 -97.85 -17.11
C GLU Y 139 20.60 -96.54 -17.87
N PRO Y 140 19.38 -96.28 -18.36
CA PRO Y 140 19.16 -95.06 -19.15
C PRO Y 140 19.30 -93.82 -18.30
N LEU Y 141 19.73 -92.73 -18.96
CA LEU Y 141 19.85 -91.47 -18.24
C LEU Y 141 18.45 -90.98 -17.85
N PRO Y 142 18.27 -90.55 -16.59
CA PRO Y 142 16.95 -90.12 -16.14
C PRO Y 142 16.51 -88.84 -16.83
N PRO Y 143 15.25 -88.43 -16.67
CA PRO Y 143 14.75 -87.26 -17.41
C PRO Y 143 15.51 -86.00 -17.01
N ALA Y 144 15.73 -85.13 -18.01
CA ALA Y 144 16.64 -84.00 -17.82
C ALA Y 144 16.11 -82.97 -16.82
N LEU Y 145 14.80 -82.94 -16.56
CA LEU Y 145 14.17 -81.95 -15.68
C LEU Y 145 14.11 -80.56 -16.32
N LEU Y 146 14.10 -80.51 -17.65
CA LEU Y 146 14.16 -79.28 -18.46
C LEU Y 146 14.83 -78.13 -17.74
N SER Z 1 -48.26 -78.20 38.96
CA SER Z 1 -47.54 -79.37 38.47
C SER Z 1 -46.48 -78.98 37.45
N ILE Z 2 -46.40 -79.73 36.36
CA ILE Z 2 -45.50 -79.46 35.25
C ILE Z 2 -46.35 -79.02 34.07
N LYS Z 3 -45.92 -77.98 33.38
CA LYS Z 3 -46.74 -77.33 32.37
C LYS Z 3 -46.05 -77.30 31.00
N TYR Z 4 -46.83 -77.63 29.98
CA TYR Z 4 -46.48 -77.27 28.61
C TYR Z 4 -46.27 -75.76 28.53
N ILE Z 5 -45.06 -75.38 28.11
CA ILE Z 5 -44.79 -74.03 27.67
C ILE Z 5 -45.18 -73.85 26.21
N PHE Z 6 -44.76 -74.80 25.37
CA PHE Z 6 -45.11 -74.82 23.96
C PHE Z 6 -45.43 -76.25 23.57
N LYS Z 7 -46.69 -76.52 23.22
CA LYS Z 7 -47.08 -77.84 22.76
C LYS Z 7 -46.64 -78.00 21.30
N LYS Z 8 -45.98 -79.12 21.02
CA LYS Z 8 -45.52 -79.41 19.67
C LYS Z 8 -46.69 -79.61 18.71
N THR Z 9 -46.58 -79.00 17.54
CA THR Z 9 -47.59 -79.15 16.50
C THR Z 9 -47.00 -79.88 15.30
N ASP Z 10 -47.84 -80.65 14.63
CA ASP Z 10 -47.41 -81.43 13.47
C ASP Z 10 -47.42 -80.54 12.22
N THR Z 11 -46.62 -79.48 12.29
CA THR Z 11 -46.48 -78.50 11.21
C THR Z 11 -45.01 -78.51 10.79
N LEU Z 12 -44.73 -79.09 9.63
CA LEU Z 12 -43.37 -79.20 9.15
C LEU Z 12 -42.81 -77.83 8.78
N PRO Z 13 -41.52 -77.60 9.00
CA PRO Z 13 -40.94 -76.30 8.64
C PRO Z 13 -40.77 -76.18 7.13
N ARG Z 14 -41.03 -74.98 6.61
CA ARG Z 14 -40.79 -74.70 5.20
C ARG Z 14 -39.29 -74.74 4.93
N SER Z 15 -38.91 -75.49 3.91
CA SER Z 15 -37.53 -75.44 3.44
C SER Z 15 -37.18 -74.03 3.01
N VAL Z 16 -35.89 -73.68 3.12
CA VAL Z 16 -35.42 -72.32 2.87
C VAL Z 16 -34.62 -72.30 1.58
N ILE Z 17 -35.16 -71.64 0.56
CA ILE Z 17 -34.55 -71.59 -0.75
C ILE Z 17 -34.16 -70.15 -1.03
N GLY Z 18 -33.00 -69.95 -1.65
CA GLY Z 18 -32.55 -68.61 -1.90
C GLY Z 18 -31.42 -68.58 -2.91
N ASN Z 19 -30.77 -67.42 -3.01
CA ASN Z 19 -29.58 -67.30 -3.84
C ASN Z 19 -28.66 -66.26 -3.19
N VAL Z 20 -27.35 -66.55 -3.21
CA VAL Z 20 -26.40 -65.68 -2.52
C VAL Z 20 -26.38 -64.31 -3.19
N LEU Z 21 -26.59 -63.26 -2.38
CA LEU Z 21 -26.63 -61.90 -2.89
C LEU Z 21 -25.29 -61.17 -2.77
N ARG Z 22 -24.81 -60.95 -1.54
CA ARG Z 22 -23.54 -60.27 -1.36
C ARG Z 22 -22.90 -60.72 -0.07
N THR Z 23 -21.57 -60.77 -0.10
CA THR Z 23 -20.75 -61.14 1.05
C THR Z 23 -20.22 -59.84 1.62
N THR Z 24 -20.86 -59.39 2.70
CA THR Z 24 -20.49 -58.13 3.34
C THR Z 24 -19.09 -58.20 3.92
N GLY Z 25 -18.87 -59.14 4.85
CA GLY Z 25 -17.58 -59.32 5.47
C GLY Z 25 -17.12 -60.75 5.33
N PRO Z 26 -15.94 -61.06 5.87
CA PRO Z 26 -15.47 -62.46 5.81
C PRO Z 26 -16.35 -63.40 6.61
N ASP Z 27 -16.89 -62.91 7.72
CA ASP Z 27 -17.79 -63.69 8.57
C ASP Z 27 -19.27 -63.41 8.29
N THR Z 28 -19.58 -62.56 7.31
CA THR Z 28 -20.96 -62.11 7.09
C THR Z 28 -21.33 -62.30 5.61
N THR Z 29 -22.36 -63.10 5.36
CA THR Z 29 -22.87 -63.30 4.01
C THR Z 29 -24.37 -63.05 3.99
N VAL Z 30 -24.87 -62.48 2.90
CA VAL Z 30 -26.27 -62.08 2.81
C VAL Z 30 -26.89 -62.71 1.58
N TYR Z 31 -28.01 -63.39 1.78
CA TYR Z 31 -28.71 -64.14 0.75
C TYR Z 31 -30.02 -63.42 0.43
N SER Z 32 -30.34 -63.35 -0.86
CA SER Z 32 -31.62 -62.83 -1.33
C SER Z 32 -32.57 -64.00 -1.51
N LEU Z 33 -33.74 -63.88 -0.90
CA LEU Z 33 -34.78 -64.90 -0.90
C LEU Z 33 -35.83 -64.57 -1.96
N PRO Z 34 -36.75 -65.49 -2.22
CA PRO Z 34 -37.80 -65.20 -3.21
C PRO Z 34 -38.67 -64.03 -2.76
N GLY Z 35 -39.21 -63.31 -3.73
CA GLY Z 35 -40.01 -62.14 -3.43
C GLY Z 35 -39.22 -60.92 -3.04
N HIS Z 36 -37.89 -60.97 -3.16
CA HIS Z 36 -37.03 -59.84 -2.89
C HIS Z 36 -37.08 -58.89 -4.08
N THR Z 37 -38.02 -57.96 -4.04
CA THR Z 37 -37.99 -56.85 -4.96
C THR Z 37 -37.06 -55.77 -4.42
N PRO Z 38 -36.56 -54.88 -5.28
CA PRO Z 38 -35.85 -53.71 -4.75
C PRO Z 38 -36.76 -52.84 -3.91
N VAL Z 39 -38.06 -52.83 -4.20
CA VAL Z 39 -39.01 -52.06 -3.40
C VAL Z 39 -39.20 -52.68 -2.04
N ASN Z 40 -39.38 -54.01 -1.99
CA ASN Z 40 -39.72 -54.72 -0.76
C ASN Z 40 -38.68 -55.82 -0.54
N PRO Z 41 -37.50 -55.47 -0.03
CA PRO Z 41 -36.43 -56.46 0.07
C PRO Z 41 -36.74 -57.57 1.06
N PHE Z 42 -36.25 -58.76 0.73
CA PHE Z 42 -36.38 -59.96 1.56
C PHE Z 42 -34.98 -60.55 1.65
N THR Z 43 -34.36 -60.59 2.83
CA THR Z 43 -33.01 -61.14 2.88
C THR Z 43 -32.76 -61.92 4.16
N LEU Z 44 -31.99 -63.01 4.00
CA LEU Z 44 -31.40 -63.74 5.13
C LEU Z 44 -29.94 -63.34 5.26
N THR Z 45 -29.57 -62.80 6.41
CA THR Z 45 -28.19 -62.47 6.71
C THR Z 45 -27.64 -63.48 7.70
N ALA Z 46 -26.44 -63.99 7.42
CA ALA Z 46 -25.80 -65.02 8.23
C ALA Z 46 -24.44 -64.53 8.66
N VAL Z 47 -24.20 -64.53 9.96
CA VAL Z 47 -22.95 -64.05 10.56
C VAL Z 47 -22.45 -65.15 11.49
N SER Z 48 -21.39 -65.85 11.07
CA SER Z 48 -20.85 -66.97 11.82
C SER Z 48 -19.45 -66.58 12.27
N ARG Z 49 -19.31 -66.28 13.56
CA ARG Z 49 -18.04 -65.83 14.12
C ARG Z 49 -17.33 -67.00 14.78
N LEU Z 50 -16.15 -67.32 14.25
CA LEU Z 50 -15.39 -68.49 14.63
C LEU Z 50 -14.79 -68.31 16.01
N PRO Z 51 -14.44 -69.40 16.67
CA PRO Z 51 -13.96 -69.29 18.05
C PRO Z 51 -12.46 -69.05 18.11
N VAL Z 52 -12.03 -68.04 18.85
CA VAL Z 52 -10.62 -67.76 19.05
C VAL Z 52 -10.20 -68.36 20.39
N PRO Z 53 -9.29 -69.32 20.41
CA PRO Z 53 -8.89 -69.94 21.69
C PRO Z 53 -7.82 -69.11 22.38
N ARG Z 54 -8.14 -68.60 23.57
CA ARG Z 54 -7.15 -67.99 24.44
C ARG Z 54 -6.45 -69.08 25.24
N LYS Z 55 -5.25 -68.76 25.74
CA LYS Z 55 -4.48 -69.78 26.44
C LYS Z 55 -5.25 -70.27 27.66
N GLY Z 56 -5.50 -71.58 27.72
CA GLY Z 56 -6.29 -72.15 28.79
C GLY Z 56 -7.79 -72.08 28.59
N ASN Z 57 -8.26 -71.60 27.45
CA ASN Z 57 -9.68 -71.49 27.18
C ASN Z 57 -9.96 -71.96 25.76
N ALA Z 58 -10.91 -72.88 25.61
CA ALA Z 58 -11.43 -73.18 24.29
C ALA Z 58 -12.27 -72.01 23.80
N GLY Z 59 -12.39 -71.90 22.48
CA GLY Z 59 -13.18 -70.84 21.91
C GLY Z 59 -14.66 -70.98 22.24
N THR Z 60 -15.44 -70.00 21.78
CA THR Z 60 -16.90 -70.07 21.79
C THR Z 60 -17.41 -69.56 20.44
N THR Z 61 -18.11 -70.42 19.71
CA THR Z 61 -18.59 -70.09 18.37
C THR Z 61 -19.93 -69.37 18.44
N LYS Z 62 -20.03 -68.23 17.76
CA LYS Z 62 -21.29 -67.50 17.70
C LYS Z 62 -21.87 -67.59 16.29
N THR Z 63 -23.18 -67.74 16.20
CA THR Z 63 -23.85 -67.92 14.91
C THR Z 63 -25.15 -67.13 14.93
N THR Z 64 -25.39 -66.31 13.91
CA THR Z 64 -26.55 -65.44 13.89
C THR Z 64 -27.20 -65.49 12.51
N LEU Z 65 -28.49 -65.80 12.47
CA LEU Z 65 -29.26 -65.94 11.25
C LEU Z 65 -30.49 -65.05 11.34
N SER Z 66 -30.58 -64.04 10.47
CA SER Z 66 -31.64 -63.04 10.53
C SER Z 66 -32.41 -63.02 9.22
N LEU Z 67 -33.73 -63.24 9.30
CA LEU Z 67 -34.61 -63.00 8.17
C LEU Z 67 -35.25 -61.62 8.35
N ARG Z 68 -35.07 -60.75 7.37
CA ARG Z 68 -35.65 -59.41 7.38
C ARG Z 68 -36.43 -59.20 6.09
N ARG Z 69 -37.72 -58.89 6.21
CA ARG Z 69 -38.52 -58.59 5.04
C ARG Z 69 -39.38 -57.36 5.32
N GLU Z 70 -39.29 -56.36 4.43
CA GLU Z 70 -39.95 -55.06 4.61
C GLU Z 70 -41.29 -55.08 3.88
N VAL Z 71 -42.38 -55.22 4.62
CA VAL Z 71 -43.71 -55.35 4.02
C VAL Z 71 -44.30 -53.97 3.78
N THR Z 72 -44.99 -53.82 2.65
CA THR Z 72 -45.91 -52.70 2.47
C THR Z 72 -47.14 -52.99 3.32
N ILE Z 73 -47.19 -52.34 4.48
CA ILE Z 73 -48.32 -52.42 5.39
C ILE Z 73 -49.41 -51.44 4.96
N ASN Z 74 -50.65 -51.91 5.08
CA ASN Z 74 -51.90 -51.23 4.72
C ASN Z 74 -51.78 -50.47 3.40
N LYS Z 75 -51.46 -51.24 2.35
CA LYS Z 75 -51.28 -50.69 1.01
C LYS Z 75 -52.53 -49.98 0.52
N GLY Z 76 -53.68 -50.65 0.57
CA GLY Z 76 -54.90 -50.03 0.06
C GLY Z 76 -55.17 -48.67 0.68
N THR Z 77 -54.99 -48.57 1.99
CA THR Z 77 -55.27 -47.33 2.72
C THR Z 77 -54.19 -46.29 2.43
N ASP Z 78 -54.58 -45.02 2.50
CA ASP Z 78 -53.61 -43.95 2.37
C ASP Z 78 -52.64 -43.94 3.55
N GLN Z 79 -51.52 -43.25 3.36
CA GLN Z 79 -50.39 -43.32 4.27
C GLN Z 79 -49.95 -44.76 4.47
N GLU Z 80 -49.92 -45.51 3.38
CA GLU Z 80 -49.40 -46.87 3.38
C GLU Z 80 -47.89 -46.80 3.58
N LYS Z 81 -47.31 -47.79 4.28
CA LYS Z 81 -45.89 -47.63 4.59
C LYS Z 81 -45.13 -48.93 4.40
N ILE Z 82 -43.82 -48.83 4.22
CA ILE Z 82 -42.94 -50.01 4.12
C ILE Z 82 -42.23 -50.15 5.45
N VAL Z 83 -42.43 -51.29 6.13
CA VAL Z 83 -41.91 -51.47 7.47
C VAL Z 83 -41.28 -52.85 7.59
N PRO Z 84 -40.12 -52.98 8.22
CA PRO Z 84 -39.43 -54.28 8.24
C PRO Z 84 -39.80 -55.20 9.40
N MET Z 85 -40.17 -56.45 9.12
CA MET Z 85 -40.32 -57.44 10.16
C MET Z 85 -39.08 -58.33 10.15
N ILE Z 86 -38.62 -58.71 11.34
CA ILE Z 86 -37.36 -59.42 11.49
C ILE Z 86 -37.54 -60.58 12.46
N ALA Z 87 -36.97 -61.74 12.10
CA ALA Z 87 -36.90 -62.89 12.99
C ALA Z 87 -35.49 -63.47 12.94
N ARG Z 88 -34.84 -63.57 14.10
CA ARG Z 88 -33.45 -63.98 14.26
C ARG Z 88 -33.32 -65.21 15.13
N ILE Z 89 -32.38 -66.05 14.73
CA ILE Z 89 -31.84 -67.11 15.56
C ILE Z 89 -30.42 -66.68 15.91
N GLU Z 90 -30.10 -66.61 17.21
CA GLU Z 90 -28.76 -66.27 17.66
C GLU Z 90 -28.29 -67.36 18.61
N THR Z 91 -27.07 -67.87 18.40
CA THR Z 91 -26.62 -69.06 19.13
C THR Z 91 -25.16 -68.97 19.49
N SER Z 92 -24.86 -69.10 20.79
CA SER Z 92 -23.49 -69.12 21.28
C SER Z 92 -23.20 -70.49 21.88
N VAL Z 93 -22.30 -71.23 21.23
CA VAL Z 93 -21.94 -72.58 21.64
C VAL Z 93 -20.44 -72.61 21.97
N PRO Z 94 -20.07 -72.82 23.23
CA PRO Z 94 -18.65 -73.02 23.54
C PRO Z 94 -18.12 -74.31 22.92
N VAL Z 95 -16.79 -74.40 22.83
CA VAL Z 95 -16.19 -75.50 22.08
C VAL Z 95 -16.54 -76.85 22.71
N GLY Z 96 -16.28 -77.01 24.01
CA GLY Z 96 -16.50 -78.28 24.68
C GLY Z 96 -17.89 -78.90 24.59
N VAL Z 97 -18.86 -78.15 24.07
CA VAL Z 97 -20.24 -78.61 24.03
C VAL Z 97 -20.39 -79.85 23.16
N SER Z 98 -21.29 -80.75 23.56
CA SER Z 98 -21.58 -81.96 22.81
C SER Z 98 -22.68 -81.72 21.78
N GLN Z 99 -22.44 -82.23 20.57
CA GLN Z 99 -23.39 -82.05 19.47
C GLN Z 99 -24.75 -82.64 19.81
N ASP Z 100 -24.77 -83.75 20.56
CA ASP Z 100 -26.04 -84.35 20.97
C ASP Z 100 -26.85 -83.39 21.84
N ASP Z 101 -26.22 -82.86 22.90
CA ASP Z 101 -26.91 -81.96 23.81
C ASP Z 101 -27.42 -80.73 23.08
N PHE Z 102 -26.57 -80.12 22.26
CA PHE Z 102 -26.99 -78.89 21.63
C PHE Z 102 -28.04 -79.13 20.54
N LYS Z 103 -27.99 -80.28 19.86
CA LYS Z 103 -29.01 -80.58 18.86
C LYS Z 103 -30.36 -80.80 19.52
N ALA Z 104 -30.37 -81.40 20.72
CA ALA Z 104 -31.64 -81.55 21.45
C ALA Z 104 -32.19 -80.20 21.89
N MET Z 105 -31.32 -79.35 22.41
CA MET Z 105 -31.75 -78.00 22.79
C MET Z 105 -32.30 -77.23 21.59
N ILE Z 106 -31.66 -77.36 20.42
CA ILE Z 106 -32.17 -76.72 19.20
C ILE Z 106 -33.54 -77.25 18.85
N GLU Z 107 -33.70 -78.58 18.85
CA GLU Z 107 -35.00 -79.19 18.57
C GLU Z 107 -36.06 -78.60 19.48
N GLY Z 108 -35.74 -78.42 20.76
CA GLY Z 108 -36.67 -77.78 21.67
C GLY Z 108 -36.99 -76.36 21.26
N LEU Z 109 -35.95 -75.59 20.93
CA LEU Z 109 -36.14 -74.18 20.59
C LEU Z 109 -37.00 -74.00 19.34
N ALA Z 110 -36.97 -74.99 18.44
CA ALA Z 110 -37.75 -74.85 17.22
C ALA Z 110 -39.26 -74.97 17.45
N CYS Z 111 -39.67 -75.46 18.62
CA CYS Z 111 -41.08 -75.74 18.85
C CYS Z 111 -41.99 -74.51 18.81
N PRO Z 112 -41.67 -73.40 19.49
CA PRO Z 112 -42.58 -72.23 19.42
C PRO Z 112 -42.70 -71.63 18.05
N LEU Z 113 -41.73 -71.87 17.17
CA LEU Z 113 -41.83 -71.33 15.82
C LEU Z 113 -42.94 -72.01 15.03
N LEU Z 114 -43.11 -73.31 15.20
CA LEU Z 114 -44.05 -74.08 14.39
C LEU Z 114 -45.38 -74.24 15.15
N LEU Z 115 -46.08 -73.12 15.29
CA LEU Z 115 -47.36 -73.08 15.99
C LEU Z 115 -48.45 -72.52 15.09
N ASP Z 116 -49.70 -72.71 15.52
CA ASP Z 116 -50.86 -72.28 14.76
C ASP Z 116 -51.02 -70.77 14.82
N GLU Z 117 -51.82 -70.26 13.86
CA GLU Z 117 -51.97 -68.82 13.71
C GLU Z 117 -52.49 -68.18 15.00
N ILE Z 118 -53.36 -68.88 15.73
CA ILE Z 118 -53.94 -68.31 16.94
C ILE Z 118 -52.83 -68.00 17.95
N HIS Z 119 -52.02 -69.01 18.30
CA HIS Z 119 -50.94 -68.78 19.25
C HIS Z 119 -49.92 -67.79 18.71
N VAL Z 120 -49.62 -67.85 17.41
CA VAL Z 120 -48.57 -66.98 16.87
C VAL Z 120 -49.01 -65.52 16.94
N ASN Z 121 -50.27 -65.23 16.61
CA ASN Z 121 -50.78 -63.87 16.72
C ASN Z 121 -50.87 -63.44 18.19
N ASP Z 122 -51.23 -64.37 19.08
CA ASP Z 122 -51.34 -63.99 20.49
C ASP Z 122 -49.98 -63.65 21.09
N LEU Z 123 -48.91 -64.33 20.66
CA LEU Z 123 -47.60 -64.13 21.29
C LEU Z 123 -46.71 -63.15 20.55
N PHE Z 124 -46.49 -63.34 19.25
CA PHE Z 124 -45.43 -62.60 18.55
C PHE Z 124 -45.89 -61.23 18.06
N LEU Z 125 -47.18 -61.07 17.76
CA LEU Z 125 -47.71 -59.81 17.28
C LEU Z 125 -48.42 -59.04 18.39
N SER Z 126 -49.40 -59.67 19.04
CA SER Z 126 -50.18 -58.98 20.05
C SER Z 126 -49.38 -58.74 21.32
N GLY Z 127 -48.47 -59.64 21.65
CA GLY Z 127 -47.70 -59.52 22.87
C GLY Z 127 -48.39 -60.08 24.09
N LEU Z 128 -49.50 -60.79 23.93
CA LEU Z 128 -50.20 -61.39 25.05
C LEU Z 128 -49.27 -62.37 25.77
N PRO Z 129 -49.49 -62.60 27.07
CA PRO Z 129 -48.61 -63.51 27.82
C PRO Z 129 -48.77 -64.95 27.38
N ILE Z 130 -47.72 -65.74 27.63
CA ILE Z 130 -47.75 -67.15 27.25
C ILE Z 130 -48.73 -67.90 28.15
N ALA Z 131 -49.59 -68.72 27.54
CA ALA Z 131 -50.58 -69.51 28.27
C ALA Z 131 -49.98 -70.88 28.56
N THR Z 132 -49.71 -71.14 29.83
CA THR Z 132 -49.19 -72.43 30.26
C THR Z 132 -50.32 -73.46 30.28
N THR Z 133 -50.02 -74.67 29.82
CA THR Z 133 -51.03 -75.73 29.75
C THR Z 133 -50.65 -76.89 30.65
N ASP Z 134 -51.55 -77.28 31.56
CA ASP Z 134 -51.25 -78.41 32.42
C ASP Z 134 -51.09 -79.68 31.59
N VAL Z 135 -49.98 -80.37 31.82
CA VAL Z 135 -49.76 -81.68 31.18
C VAL Z 135 -50.67 -82.71 31.86
N PRO Z 136 -51.44 -83.50 31.11
CA PRO Z 136 -52.30 -84.49 31.77
C PRO Z 136 -51.46 -85.53 32.49
N ASP Z 137 -51.64 -85.63 33.81
CA ASP Z 137 -50.95 -86.67 34.57
C ASP Z 137 -51.29 -88.05 34.05
N ASN Z 138 -52.48 -88.22 33.46
CA ASN Z 138 -52.87 -89.49 32.91
C ASN Z 138 -52.06 -89.84 31.66
N GLU Z 139 -51.75 -88.82 30.85
CA GLU Z 139 -51.05 -89.01 29.58
C GLU Z 139 -49.56 -89.24 29.81
N PRO Z 140 -48.85 -89.80 28.82
CA PRO Z 140 -47.42 -90.07 29.02
C PRO Z 140 -46.61 -88.78 29.09
N LEU Z 141 -45.52 -88.83 29.86
CA LEU Z 141 -44.70 -87.64 30.04
C LEU Z 141 -44.06 -87.24 28.71
N PRO Z 142 -44.01 -85.95 28.39
CA PRO Z 142 -43.43 -85.51 27.12
C PRO Z 142 -41.93 -85.69 27.10
N PRO Z 143 -41.29 -85.57 25.93
CA PRO Z 143 -39.84 -85.82 25.86
C PRO Z 143 -39.06 -84.88 26.76
N ALA Z 144 -37.95 -85.40 27.31
CA ALA Z 144 -37.21 -84.69 28.35
C ALA Z 144 -36.48 -83.47 27.84
N LEU Z 145 -36.24 -83.37 26.53
CA LEU Z 145 -35.50 -82.27 25.90
C LEU Z 145 -34.00 -82.34 26.16
N LEU Z 146 -33.51 -83.51 26.56
CA LEU Z 146 -32.11 -83.74 26.98
C LEU Z 146 -31.50 -82.55 27.70
N SER AA 1 -35.91 -29.27 -38.35
CA SER AA 1 -36.84 -30.38 -38.10
C SER AA 1 -36.36 -31.26 -36.97
N ILE AA 2 -36.49 -32.58 -37.17
CA ILE AA 2 -36.04 -33.58 -36.21
C ILE AA 2 -34.81 -34.25 -36.80
N LYS AA 3 -33.77 -34.42 -35.99
CA LYS AA 3 -32.50 -34.90 -36.49
C LYS AA 3 -32.10 -36.22 -35.81
N TYR AA 4 -31.60 -37.14 -36.64
CA TYR AA 4 -30.77 -38.23 -36.15
C TYR AA 4 -29.61 -37.66 -35.35
N ILE AA 5 -29.56 -38.04 -34.08
CA ILE AA 5 -28.36 -37.85 -33.27
C ILE AA 5 -27.36 -38.95 -33.58
N PHE AA 6 -27.80 -40.20 -33.49
CA PHE AA 6 -26.98 -41.36 -33.83
C PHE AA 6 -27.84 -42.30 -34.66
N LYS AA 7 -27.46 -42.48 -35.93
CA LYS AA 7 -28.16 -43.41 -36.80
C LYS AA 7 -27.72 -44.82 -36.47
N LYS AA 8 -28.69 -45.72 -36.27
CA LYS AA 8 -28.42 -47.10 -35.92
C LYS AA 8 -27.70 -47.83 -37.07
N THR AA 9 -26.66 -48.58 -36.72
CA THR AA 9 -25.92 -49.37 -37.68
C THR AA 9 -26.11 -50.86 -37.41
N ASP AA 10 -26.11 -51.65 -38.48
CA ASP AA 10 -26.31 -53.09 -38.36
C ASP AA 10 -24.98 -53.78 -38.03
N THR AA 11 -24.44 -53.39 -36.87
CA THR AA 11 -23.17 -53.92 -36.38
C THR AA 11 -23.43 -54.54 -35.01
N LEU AA 12 -23.40 -55.86 -34.95
CA LEU AA 12 -23.72 -56.57 -33.72
C LEU AA 12 -22.62 -56.35 -32.67
N PRO AA 13 -22.98 -56.29 -31.39
CA PRO AA 13 -21.97 -56.11 -30.35
C PRO AA 13 -21.17 -57.40 -30.14
N ARG AA 14 -19.87 -57.23 -29.95
CA ARG AA 14 -19.01 -58.35 -29.60
C ARG AA 14 -19.40 -58.87 -28.21
N SER AA 15 -19.64 -60.18 -28.12
CA SER AA 15 -19.84 -60.79 -26.82
C SER AA 15 -18.60 -60.61 -25.95
N VAL AA 16 -18.80 -60.52 -24.63
CA VAL AA 16 -17.75 -60.20 -23.69
C VAL AA 16 -17.34 -61.46 -22.94
N ILE AA 17 -16.10 -61.90 -23.16
CA ILE AA 17 -15.60 -63.14 -22.58
C ILE AA 17 -14.43 -62.80 -21.68
N GLY AA 18 -14.35 -63.46 -20.53
CA GLY AA 18 -13.30 -63.13 -19.58
C GLY AA 18 -13.16 -64.19 -18.51
N ASN AA 19 -12.46 -63.81 -17.44
CA ASN AA 19 -12.35 -64.68 -16.27
C ASN AA 19 -12.14 -63.81 -15.03
N VAL AA 20 -12.77 -64.20 -13.91
CA VAL AA 20 -12.71 -63.38 -12.71
C VAL AA 20 -11.30 -63.36 -12.13
N LEU AA 21 -10.73 -62.16 -11.97
CA LEU AA 21 -9.35 -61.99 -11.49
C LEU AA 21 -9.28 -61.81 -9.98
N ARG AA 22 -9.92 -60.77 -9.46
CA ARG AA 22 -9.94 -60.51 -8.03
C ARG AA 22 -11.25 -59.82 -7.67
N THR AA 23 -11.60 -59.92 -6.41
CA THR AA 23 -12.76 -59.23 -5.84
C THR AA 23 -12.23 -58.22 -4.85
N THR AA 24 -12.12 -56.96 -5.29
CA THR AA 24 -11.54 -55.92 -4.46
C THR AA 24 -12.36 -55.71 -3.18
N GLY AA 25 -13.65 -55.43 -3.34
CA GLY AA 25 -14.54 -55.21 -2.23
C GLY AA 25 -15.81 -56.01 -2.37
N PRO AA 26 -16.74 -55.82 -1.42
CA PRO AA 26 -18.00 -56.58 -1.47
C PRO AA 26 -18.90 -56.18 -2.61
N ASP AA 27 -18.77 -54.94 -3.09
CA ASP AA 27 -19.53 -54.45 -4.22
C ASP AA 27 -18.70 -54.33 -5.51
N THR AA 28 -17.41 -54.64 -5.44
CA THR AA 28 -16.48 -54.37 -6.54
C THR AA 28 -15.77 -55.67 -6.93
N THR AA 29 -15.94 -56.09 -8.18
CA THR AA 29 -15.26 -57.28 -8.69
C THR AA 29 -14.57 -56.97 -10.01
N VAL AA 30 -13.36 -57.50 -10.19
CA VAL AA 30 -12.52 -57.16 -11.33
C VAL AA 30 -12.24 -58.42 -12.14
N TYR AA 31 -12.49 -58.34 -13.44
CA TYR AA 31 -12.34 -59.46 -14.38
C TYR AA 31 -11.17 -59.16 -15.29
N SER AA 32 -10.34 -60.18 -15.52
CA SER AA 32 -9.28 -60.09 -16.53
C SER AA 32 -9.83 -60.62 -17.84
N LEU AA 33 -9.64 -59.84 -18.89
CA LEU AA 33 -10.11 -60.11 -20.24
C LEU AA 33 -8.97 -60.68 -21.08
N PRO AA 34 -9.26 -61.16 -22.29
CA PRO AA 34 -8.18 -61.71 -23.12
C PRO AA 34 -7.15 -60.65 -23.46
N GLY AA 35 -5.90 -61.08 -23.64
CA GLY AA 35 -4.84 -60.15 -23.95
C GLY AA 35 -4.34 -59.35 -22.77
N HIS AA 36 -4.58 -59.81 -21.55
CA HIS AA 36 -4.19 -59.11 -20.34
C HIS AA 36 -2.83 -59.60 -19.89
N THR AA 37 -1.79 -58.92 -20.35
CA THR AA 37 -0.47 -59.12 -19.75
C THR AA 37 -0.32 -58.19 -18.55
N PRO AA 38 0.56 -58.53 -17.61
CA PRO AA 38 0.79 -57.60 -16.49
C PRO AA 38 1.36 -56.28 -16.96
N VAL AA 39 2.17 -56.30 -18.01
CA VAL AA 39 2.75 -55.07 -18.53
C VAL AA 39 1.67 -54.22 -19.19
N ASN AA 40 0.78 -54.83 -19.97
CA ASN AA 40 -0.27 -54.14 -20.72
C ASN AA 40 -1.64 -54.66 -20.27
N PRO AA 41 -2.08 -54.30 -19.08
CA PRO AA 41 -3.30 -54.90 -18.52
C PRO AA 41 -4.55 -54.47 -19.28
N PHE AA 42 -5.54 -55.36 -19.27
CA PHE AA 42 -6.84 -55.10 -19.92
C PHE AA 42 -7.90 -55.81 -19.10
N THR AA 43 -8.77 -55.02 -18.46
CA THR AA 43 -9.65 -55.52 -17.41
C THR AA 43 -11.00 -54.80 -17.40
N LEU AA 44 -12.03 -55.55 -17.04
CA LEU AA 44 -13.37 -55.03 -16.77
C LEU AA 44 -13.58 -54.99 -15.26
N THR AA 45 -13.75 -53.80 -14.72
CA THR AA 45 -14.13 -53.63 -13.32
C THR AA 45 -15.62 -53.38 -13.24
N ALA AA 46 -16.28 -54.04 -12.29
CA ALA AA 46 -17.73 -53.94 -12.12
C ALA AA 46 -18.04 -53.57 -10.69
N VAL AA 47 -18.70 -52.44 -10.50
CA VAL AA 47 -19.05 -51.91 -9.18
C VAL AA 47 -20.57 -51.74 -9.16
N SER AA 48 -21.27 -52.59 -8.41
CA SER AA 48 -22.73 -52.52 -8.30
C SER AA 48 -23.06 -52.16 -6.85
N ARG AA 49 -23.59 -50.96 -6.64
CA ARG AA 49 -23.91 -50.46 -5.31
C ARG AA 49 -25.42 -50.50 -5.10
N LEU AA 50 -25.84 -51.23 -4.06
CA LEU AA 50 -27.24 -51.41 -3.75
C LEU AA 50 -27.88 -50.10 -3.30
N PRO AA 51 -29.21 -50.02 -3.36
CA PRO AA 51 -29.89 -48.83 -2.84
C PRO AA 51 -29.95 -48.86 -1.33
N VAL AA 52 -29.68 -47.70 -0.73
CA VAL AA 52 -29.82 -47.52 0.70
C VAL AA 52 -31.05 -46.66 0.95
N PRO AA 53 -32.09 -47.19 1.58
CA PRO AA 53 -33.28 -46.38 1.82
C PRO AA 53 -32.97 -45.24 2.76
N ARG AA 54 -33.61 -44.11 2.50
CA ARG AA 54 -33.50 -42.92 3.34
C ARG AA 54 -34.89 -42.58 3.84
N LYS AA 55 -34.98 -41.91 4.99
CA LYS AA 55 -36.28 -41.68 5.60
C LYS AA 55 -37.12 -40.80 4.69
N GLY AA 56 -38.17 -41.37 4.10
CA GLY AA 56 -38.98 -40.68 3.12
C GLY AA 56 -38.51 -40.80 1.69
N ASN AA 57 -37.38 -41.46 1.45
CA ASN AA 57 -36.81 -41.56 0.11
C ASN AA 57 -36.50 -43.02 -0.20
N ALA AA 58 -36.95 -43.49 -1.35
CA ALA AA 58 -36.54 -44.81 -1.80
C ALA AA 58 -35.09 -44.79 -2.24
N GLY AA 59 -34.47 -45.96 -2.20
CA GLY AA 59 -33.09 -46.07 -2.62
C GLY AA 59 -32.91 -45.85 -4.12
N THR AA 60 -31.64 -45.78 -4.54
CA THR AA 60 -31.28 -45.78 -5.95
C THR AA 60 -30.11 -46.71 -6.17
N THR AA 61 -30.24 -47.63 -7.12
CA THR AA 61 -29.19 -48.59 -7.46
C THR AA 61 -28.19 -47.95 -8.43
N LYS AA 62 -26.92 -47.97 -8.07
CA LYS AA 62 -25.88 -47.49 -8.98
C LYS AA 62 -25.11 -48.70 -9.52
N THR AA 63 -24.69 -48.61 -10.79
CA THR AA 63 -24.03 -49.71 -11.47
C THR AA 63 -22.97 -49.12 -12.38
N THR AA 64 -21.74 -49.58 -12.27
CA THR AA 64 -20.64 -49.00 -13.05
C THR AA 64 -19.81 -50.14 -13.63
N LEU AA 65 -19.60 -50.10 -14.95
CA LEU AA 65 -18.83 -51.11 -15.67
C LEU AA 65 -17.75 -50.38 -16.47
N SER AA 66 -16.47 -50.63 -16.14
CA SER AA 66 -15.34 -49.92 -16.75
C SER AA 66 -14.42 -50.91 -17.44
N LEU AA 67 -14.19 -50.70 -18.73
CA LEU AA 67 -13.12 -51.42 -19.43
C LEU AA 67 -11.90 -50.51 -19.50
N ARG AA 68 -10.74 -51.05 -19.11
CA ARG AA 68 -9.49 -50.30 -19.12
C ARG AA 68 -8.39 -51.15 -19.73
N ARG AA 69 -7.74 -50.62 -20.78
CA ARG AA 69 -6.70 -51.35 -21.50
C ARG AA 69 -5.55 -50.40 -21.80
N GLU AA 70 -4.35 -50.75 -21.35
CA GLU AA 70 -3.19 -49.87 -21.44
C GLU AA 70 -2.38 -50.27 -22.68
N VAL AA 71 -2.53 -49.50 -23.75
CA VAL AA 71 -1.91 -49.81 -25.02
C VAL AA 71 -0.50 -49.27 -25.06
N THR AA 72 0.40 -50.02 -25.69
CA THR AA 72 1.68 -49.46 -26.09
C THR AA 72 1.46 -48.61 -27.34
N ILE AA 73 1.84 -47.33 -27.24
CA ILE AA 73 1.64 -46.36 -28.31
C ILE AA 73 2.98 -46.15 -28.99
N ASN AA 74 2.94 -46.12 -30.33
CA ASN AA 74 4.05 -45.87 -31.25
C ASN AA 74 5.33 -46.56 -30.81
N LYS AA 75 5.24 -47.90 -30.76
CA LYS AA 75 6.34 -48.73 -30.28
C LYS AA 75 7.60 -48.56 -31.12
N GLY AA 76 7.47 -48.71 -32.44
CA GLY AA 76 8.63 -48.59 -33.30
C GLY AA 76 9.32 -47.24 -33.16
N THR AA 77 8.53 -46.18 -33.00
CA THR AA 77 9.03 -44.83 -32.91
C THR AA 77 9.59 -44.57 -31.50
N ASP AA 78 10.37 -43.51 -31.37
CA ASP AA 78 10.81 -43.06 -30.06
C ASP AA 78 9.62 -42.55 -29.26
N GLN AA 79 9.80 -42.47 -27.93
CA GLN AA 79 8.74 -42.13 -27.00
C GLN AA 79 7.57 -43.12 -27.07
N GLU AA 80 7.89 -44.40 -27.31
CA GLU AA 80 6.95 -45.48 -27.05
C GLU AA 80 6.42 -45.38 -25.63
N LYS AA 81 5.09 -45.37 -25.46
CA LYS AA 81 4.56 -45.21 -24.11
C LYS AA 81 3.35 -46.10 -23.87
N ILE AA 82 3.27 -46.69 -22.67
CA ILE AA 82 2.09 -47.46 -22.29
C ILE AA 82 1.08 -46.50 -21.67
N VAL AA 83 -0.09 -46.39 -22.29
CA VAL AA 83 -1.07 -45.38 -21.93
C VAL AA 83 -2.45 -46.02 -21.90
N PRO AA 84 -3.27 -45.75 -20.89
CA PRO AA 84 -4.56 -46.44 -20.76
C PRO AA 84 -5.72 -45.79 -21.50
N MET AA 85 -6.50 -46.57 -22.24
CA MET AA 85 -7.79 -46.14 -22.76
C MET AA 85 -8.89 -46.75 -21.90
N ILE AA 86 -9.94 -45.97 -21.65
CA ILE AA 86 -11.00 -46.40 -20.75
C ILE AA 86 -12.36 -46.09 -21.38
N ALA AA 87 -13.28 -47.05 -21.26
CA ALA AA 87 -14.68 -46.87 -21.67
C ALA AA 87 -15.59 -47.41 -20.57
N ARG AA 88 -16.45 -46.53 -20.01
CA ARG AA 88 -17.30 -46.82 -18.86
C ARG AA 88 -18.76 -46.64 -19.22
N ILE AA 89 -19.56 -47.52 -18.62
CA ILE AA 89 -20.99 -47.37 -18.54
C ILE AA 89 -21.31 -47.11 -17.07
N GLU AA 90 -22.00 -46.01 -16.78
CA GLU AA 90 -22.41 -45.71 -15.41
C GLU AA 90 -23.91 -45.46 -15.40
N THR AA 91 -24.62 -46.09 -14.47
CA THR AA 91 -26.07 -46.10 -14.50
C THR AA 91 -26.66 -45.98 -13.10
N SER AA 92 -27.50 -44.95 -12.91
CA SER AA 92 -28.20 -44.75 -11.65
C SER AA 92 -29.70 -44.92 -11.90
N VAL AA 93 -30.26 -46.00 -11.36
CA VAL AA 93 -31.66 -46.37 -11.53
C VAL AA 93 -32.33 -46.29 -10.16
N PRO AA 94 -33.22 -45.33 -9.94
CA PRO AA 94 -34.00 -45.33 -8.69
C PRO AA 94 -34.91 -46.54 -8.61
N VAL AA 95 -35.39 -46.83 -7.39
CA VAL AA 95 -36.02 -48.12 -7.12
C VAL AA 95 -37.27 -48.32 -7.97
N GLY AA 96 -38.19 -47.35 -7.93
CA GLY AA 96 -39.49 -47.48 -8.57
C GLY AA 96 -39.46 -47.62 -10.10
N VAL AA 97 -38.29 -47.43 -10.71
CA VAL AA 97 -38.19 -47.41 -12.17
C VAL AA 97 -38.68 -48.73 -12.76
N SER AA 98 -39.33 -48.65 -13.91
CA SER AA 98 -39.84 -49.83 -14.62
C SER AA 98 -38.78 -50.40 -15.56
N GLN AA 99 -38.67 -51.74 -15.54
CA GLN AA 99 -37.68 -52.41 -16.37
C GLN AA 99 -37.89 -52.11 -17.85
N ASP AA 100 -39.15 -51.93 -18.26
CA ASP AA 100 -39.44 -51.61 -19.65
C ASP AA 100 -38.82 -50.28 -20.06
N ASP AA 101 -39.12 -49.23 -19.30
CA ASP AA 101 -38.60 -47.90 -19.61
C ASP AA 101 -37.09 -47.90 -19.60
N PHE AA 102 -36.49 -48.54 -18.60
CA PHE AA 102 -35.04 -48.46 -18.51
C PHE AA 102 -34.35 -49.28 -19.60
N LYS AA 103 -34.89 -50.44 -19.97
CA LYS AA 103 -34.33 -51.17 -21.11
C LYS AA 103 -34.44 -50.35 -22.38
N ALA AA 104 -35.51 -49.56 -22.52
CA ALA AA 104 -35.60 -48.67 -23.67
C ALA AA 104 -34.45 -47.66 -23.70
N MET AA 105 -34.22 -46.98 -22.58
CA MET AA 105 -33.08 -46.07 -22.52
C MET AA 105 -31.77 -46.77 -22.80
N ILE AA 106 -31.60 -47.99 -22.28
CA ILE AA 106 -30.35 -48.73 -22.50
C ILE AA 106 -30.13 -49.00 -23.98
N GLU AA 107 -31.17 -49.52 -24.64
CA GLU AA 107 -31.09 -49.83 -26.07
C GLU AA 107 -30.74 -48.57 -26.86
N GLY AA 108 -31.33 -47.44 -26.48
CA GLY AA 108 -30.95 -46.19 -27.11
C GLY AA 108 -29.50 -45.83 -26.88
N LEU AA 109 -29.04 -45.97 -25.63
CA LEU AA 109 -27.67 -45.61 -25.28
C LEU AA 109 -26.64 -46.46 -26.01
N ALA AA 110 -26.99 -47.70 -26.32
CA ALA AA 110 -26.04 -48.58 -27.00
C ALA AA 110 -25.78 -48.15 -28.44
N CYS AA 111 -26.62 -47.27 -28.99
CA CYS AA 111 -26.52 -46.93 -30.41
C CYS AA 111 -25.22 -46.23 -30.79
N PRO AA 112 -24.76 -45.18 -30.10
CA PRO AA 112 -23.51 -44.53 -30.52
C PRO AA 112 -22.30 -45.43 -30.39
N LEU AA 113 -22.36 -46.46 -29.56
CA LEU AA 113 -21.21 -47.36 -29.43
C LEU AA 113 -20.99 -48.15 -30.71
N LEU AA 114 -22.06 -48.61 -31.34
CA LEU AA 114 -21.95 -49.50 -32.49
C LEU AA 114 -22.01 -48.68 -33.79
N LEU AA 115 -20.96 -47.89 -34.00
CA LEU AA 115 -20.85 -47.04 -35.17
C LEU AA 115 -19.61 -47.40 -35.98
N ASP AA 116 -19.57 -46.87 -37.21
CA ASP AA 116 -18.47 -47.12 -38.12
C ASP AA 116 -17.22 -46.35 -37.71
N GLU AA 117 -16.07 -46.80 -38.24
CA GLU AA 117 -14.78 -46.23 -37.85
C GLU AA 117 -14.74 -44.73 -38.11
N ILE AA 118 -15.39 -44.27 -39.18
CA ILE AA 118 -15.35 -42.85 -39.51
C ILE AA 118 -15.96 -42.03 -38.39
N HIS AA 119 -17.20 -42.33 -38.00
CA HIS AA 119 -17.86 -41.58 -36.94
C HIS AA 119 -17.14 -41.78 -35.61
N VAL AA 120 -16.63 -42.98 -35.34
CA VAL AA 120 -16.02 -43.23 -34.03
C VAL AA 120 -14.72 -42.43 -33.89
N ASN AA 121 -13.90 -42.38 -34.94
CA ASN AA 121 -12.70 -41.55 -34.90
C ASN AA 121 -13.05 -40.07 -34.86
N ASP AA 122 -14.09 -39.66 -35.58
CA ASP AA 122 -14.47 -38.25 -35.55
C ASP AA 122 -14.94 -37.82 -34.17
N LEU AA 123 -15.63 -38.68 -33.43
CA LEU AA 123 -16.22 -38.30 -32.14
C LEU AA 123 -15.37 -38.64 -30.93
N PHE AA 124 -14.96 -39.90 -30.79
CA PHE AA 124 -14.36 -40.35 -29.53
C PHE AA 124 -12.86 -40.07 -29.46
N LEU AA 125 -12.17 -40.01 -30.59
CA LEU AA 125 -10.74 -39.73 -30.61
C LEU AA 125 -10.44 -38.28 -30.96
N SER AA 126 -10.94 -37.81 -32.11
CA SER AA 126 -10.65 -36.46 -32.55
C SER AA 126 -11.34 -35.42 -31.68
N GLY AA 127 -12.56 -35.73 -31.22
CA GLY AA 127 -13.29 -34.85 -30.36
C GLY AA 127 -14.27 -33.91 -31.05
N LEU AA 128 -14.62 -34.18 -32.31
CA LEU AA 128 -15.54 -33.32 -33.04
C LEU AA 128 -16.92 -33.36 -32.39
N PRO AA 129 -17.81 -32.43 -32.74
CA PRO AA 129 -19.20 -32.53 -32.27
C PRO AA 129 -19.94 -33.66 -32.97
N ILE AA 130 -21.11 -34.01 -32.42
CA ILE AA 130 -21.90 -35.10 -32.97
C ILE AA 130 -22.37 -34.74 -34.37
N ALA AA 131 -22.25 -35.70 -35.30
CA ALA AA 131 -22.72 -35.51 -36.67
C ALA AA 131 -24.24 -35.72 -36.71
N THR AA 132 -24.98 -34.62 -36.92
CA THR AA 132 -26.44 -34.66 -36.95
C THR AA 132 -26.90 -34.89 -38.38
N THR AA 133 -27.95 -35.70 -38.54
CA THR AA 133 -28.46 -36.02 -39.88
C THR AA 133 -29.95 -35.75 -39.93
N ASP AA 134 -30.38 -34.87 -40.84
CA ASP AA 134 -31.81 -34.61 -40.98
C ASP AA 134 -32.56 -35.86 -41.34
N VAL AA 135 -33.58 -36.19 -40.55
CA VAL AA 135 -34.42 -37.36 -40.81
C VAL AA 135 -35.26 -37.08 -42.05
N PRO AA 136 -35.26 -37.95 -43.06
CA PRO AA 136 -36.11 -37.72 -44.22
C PRO AA 136 -37.58 -37.74 -43.82
N ASP AA 137 -38.25 -36.60 -44.03
CA ASP AA 137 -39.68 -36.54 -43.74
C ASP AA 137 -40.44 -37.60 -44.54
N ASN AA 138 -39.95 -37.94 -45.73
CA ASN AA 138 -40.60 -38.96 -46.55
C ASN AA 138 -40.49 -40.34 -45.90
N GLU AA 139 -39.34 -40.66 -45.32
CA GLU AA 139 -39.12 -41.96 -44.73
C GLU AA 139 -39.92 -42.10 -43.43
N PRO AA 140 -40.19 -43.32 -42.99
CA PRO AA 140 -40.99 -43.49 -41.77
C PRO AA 140 -40.26 -42.97 -40.55
N LEU AA 141 -41.03 -42.56 -39.56
CA LEU AA 141 -40.43 -41.99 -38.36
C LEU AA 141 -39.69 -43.08 -37.58
N PRO AA 142 -38.49 -42.79 -37.09
CA PRO AA 142 -37.70 -43.81 -36.38
C PRO AA 142 -38.34 -44.17 -35.04
N PRO AA 143 -37.87 -45.25 -34.39
CA PRO AA 143 -38.51 -45.68 -33.14
C PRO AA 143 -38.43 -44.60 -32.06
N ALA AA 144 -39.49 -44.53 -31.25
CA ALA AA 144 -39.68 -43.45 -30.30
C ALA AA 144 -38.70 -43.50 -29.12
N LEU AA 145 -38.03 -44.64 -28.89
CA LEU AA 145 -37.08 -44.80 -27.80
C LEU AA 145 -37.76 -44.85 -26.43
N LEU AA 146 -39.07 -45.07 -26.41
CA LEU AA 146 -39.90 -45.08 -25.20
C LEU AA 146 -39.49 -44.03 -24.18
N SER BA 1 21.65 -110.54 95.25
CA SER BA 1 22.82 -111.41 95.05
C SER BA 1 23.65 -110.98 93.86
N ILE BA 2 24.09 -111.96 93.07
CA ILE BA 2 24.85 -111.71 91.85
C ILE BA 2 23.97 -112.06 90.67
N LYS BA 3 23.95 -111.19 89.67
CA LYS BA 3 23.02 -111.34 88.56
C LYS BA 3 23.76 -111.52 87.24
N TYR BA 4 23.26 -112.45 86.42
CA TYR BA 4 23.53 -112.44 85.00
C TYR BA 4 23.12 -111.10 84.43
N ILE BA 5 24.10 -110.41 83.83
CA ILE BA 5 23.82 -109.29 82.95
C ILE BA 5 23.47 -109.78 81.56
N PHE BA 6 24.27 -110.69 81.02
CA PHE BA 6 24.03 -111.32 79.74
C PHE BA 6 24.33 -112.80 79.85
N LYS BA 7 23.30 -113.63 79.73
CA LYS BA 7 23.48 -115.07 79.73
C LYS BA 7 23.99 -115.52 78.37
N LYS BA 8 25.05 -116.33 78.37
CA LYS BA 8 25.64 -116.82 77.14
C LYS BA 8 24.69 -117.77 76.41
N THR BA 9 24.62 -117.61 75.09
CA THR BA 9 23.80 -118.47 74.25
C THR BA 9 24.69 -119.27 73.31
N ASP BA 10 24.27 -120.50 73.00
CA ASP BA 10 24.98 -121.34 72.05
C ASP BA 10 24.62 -120.92 70.62
N THR BA 11 24.97 -119.68 70.30
CA THR BA 11 24.73 -119.11 68.99
C THR BA 11 26.08 -118.67 68.42
N LEU BA 12 26.62 -119.46 67.50
CA LEU BA 12 27.93 -119.16 66.93
C LEU BA 12 27.88 -117.87 66.13
N PRO BA 13 28.95 -117.08 66.14
CA PRO BA 13 28.98 -115.88 65.31
C PRO BA 13 29.17 -116.22 63.84
N ARG BA 14 28.47 -115.49 62.98
CA ARG BA 14 28.69 -115.63 61.54
C ARG BA 14 30.09 -115.15 61.20
N SER BA 15 30.83 -115.97 60.48
CA SER BA 15 32.09 -115.50 59.91
C SER BA 15 31.82 -114.30 59.01
N VAL BA 16 32.82 -113.44 58.87
CA VAL BA 16 32.68 -112.18 58.14
C VAL BA 16 33.44 -112.30 56.83
N ILE BA 17 32.72 -112.18 55.72
CA ILE BA 17 33.28 -112.37 54.40
C ILE BA 17 33.09 -111.09 53.62
N GLY BA 18 34.08 -110.72 52.81
CA GLY BA 18 33.98 -109.46 52.09
C GLY BA 18 35.04 -109.34 51.02
N ASN BA 19 35.19 -108.11 50.54
CA ASN BA 19 36.27 -107.77 49.61
C ASN BA 19 36.66 -106.32 49.83
N VAL BA 20 37.98 -106.07 49.86
CA VAL BA 20 38.47 -104.72 50.12
C VAL BA 20 37.96 -103.78 49.04
N LEU BA 21 37.40 -102.65 49.46
CA LEU BA 21 36.83 -101.65 48.55
C LEU BA 21 37.76 -100.47 48.30
N ARG BA 22 38.10 -99.73 49.36
CA ARG BA 22 38.97 -98.58 49.21
C ARG BA 22 39.76 -98.39 50.49
N THR BA 23 40.92 -97.80 50.36
CA THR BA 23 41.79 -97.48 51.48
C THR BA 23 41.80 -95.96 51.60
N THR BA 24 40.92 -95.44 52.48
CA THR BA 24 40.77 -94.00 52.63
C THR BA 24 42.07 -93.35 53.08
N GLY BA 25 42.66 -93.84 54.16
CA GLY BA 25 43.90 -93.33 54.68
C GLY BA 25 44.88 -94.43 55.00
N PRO BA 26 46.04 -94.06 55.54
CA PRO BA 26 47.04 -95.09 55.89
C PRO BA 26 46.57 -95.98 57.03
N ASP BA 27 45.80 -95.44 57.97
CA ASP BA 27 45.26 -96.20 59.08
C ASP BA 27 43.82 -96.67 58.87
N THR BA 28 43.18 -96.25 57.78
CA THR BA 28 41.75 -96.48 57.57
C THR BA 28 41.55 -97.24 56.26
N THR BA 29 40.89 -98.40 56.34
CA THR BA 29 40.57 -99.18 55.15
C THR BA 29 39.10 -99.59 55.19
N VAL BA 30 38.44 -99.56 54.03
CA VAL BA 30 37.00 -99.78 53.94
C VAL BA 30 36.72 -100.97 53.03
N TYR BA 31 36.01 -101.95 53.57
CA TYR BA 31 35.69 -103.19 52.89
C TYR BA 31 34.22 -103.16 52.48
N SER BA 32 33.95 -103.65 51.28
CA SER BA 32 32.58 -103.85 50.80
C SER BA 32 32.17 -105.29 51.09
N LEU BA 33 31.01 -105.45 51.71
CA LEU BA 33 30.47 -106.71 52.14
C LEU BA 33 29.43 -107.20 51.15
N PRO BA 34 28.96 -108.44 51.30
CA PRO BA 34 27.94 -108.94 50.36
C PRO BA 34 26.65 -108.16 50.48
N GLY BA 35 25.95 -108.01 49.34
CA GLY BA 35 24.72 -107.24 49.32
C GLY BA 35 24.92 -105.74 49.24
N HIS BA 36 26.14 -105.29 49.04
CA HIS BA 36 26.45 -103.87 48.87
C HIS BA 36 26.05 -103.45 47.46
N THR BA 37 24.86 -102.90 47.34
CA THR BA 37 24.51 -102.21 46.11
C THR BA 37 24.92 -100.75 46.20
N PRO BA 38 25.02 -100.05 45.06
CA PRO BA 38 25.22 -98.60 45.14
C PRO BA 38 24.06 -97.91 45.83
N VAL BA 39 22.84 -98.40 45.62
CA VAL BA 39 21.67 -97.81 46.24
C VAL BA 39 21.66 -98.06 47.75
N ASN BA 40 21.98 -99.29 48.16
CA ASN BA 40 21.91 -99.71 49.56
C ASN BA 40 23.31 -100.16 49.98
N PRO BA 41 24.21 -99.22 50.29
CA PRO BA 41 25.59 -99.60 50.60
C PRO BA 41 25.67 -100.40 51.89
N PHE BA 42 26.69 -101.25 51.97
CA PHE BA 42 26.89 -102.13 53.12
C PHE BA 42 28.38 -102.36 53.27
N THR BA 43 28.98 -101.82 54.33
CA THR BA 43 30.43 -101.72 54.41
C THR BA 43 30.94 -101.89 55.83
N LEU BA 44 32.11 -102.52 55.93
CA LEU BA 44 32.89 -102.55 57.16
C LEU BA 44 34.04 -101.57 57.03
N THR BA 45 34.10 -100.59 57.91
CA THR BA 45 35.22 -99.66 57.97
C THR BA 45 36.09 -100.01 59.16
N ALA BA 46 37.41 -100.06 58.95
CA ALA BA 46 38.38 -100.44 59.97
C ALA BA 46 39.40 -99.33 60.10
N VAL BA 47 39.55 -98.81 61.32
CA VAL BA 47 40.46 -97.73 61.62
C VAL BA 47 41.34 -98.18 62.78
N SER BA 48 42.60 -98.48 62.51
CA SER BA 48 43.54 -98.97 63.52
C SER BA 48 44.62 -97.92 63.70
N ARG BA 49 44.63 -97.26 64.85
CA ARG BA 49 45.56 -96.18 65.14
C ARG BA 49 46.64 -96.67 66.11
N LEU BA 50 47.89 -96.60 65.65
CA LEU BA 50 49.03 -97.10 66.38
C LEU BA 50 49.29 -96.25 67.61
N PRO BA 51 50.01 -96.79 68.60
CA PRO BA 51 50.30 -96.01 69.80
C PRO BA 51 51.44 -95.02 69.53
N VAL BA 52 51.26 -93.79 69.97
CA VAL BA 52 52.29 -92.77 69.92
C VAL BA 52 52.85 -92.60 71.32
N PRO BA 53 54.13 -92.91 71.55
CA PRO BA 53 54.70 -92.77 72.89
C PRO BA 53 54.85 -91.30 73.26
N ARG BA 54 54.55 -91.03 74.53
CA ARG BA 54 54.65 -89.70 75.09
C ARG BA 54 55.76 -89.72 76.13
N LYS BA 55 56.29 -88.56 76.47
CA LYS BA 55 57.42 -88.51 77.40
C LYS BA 55 56.94 -88.93 78.79
N GLY BA 56 57.35 -90.12 79.22
CA GLY BA 56 56.89 -90.69 80.47
C GLY BA 56 55.61 -91.48 80.38
N ASN BA 57 55.00 -91.57 79.20
CA ASN BA 57 53.76 -92.30 79.00
C ASN BA 57 53.91 -93.25 77.83
N ALA BA 58 53.60 -94.52 78.06
CA ALA BA 58 53.52 -95.44 76.94
C ALA BA 58 52.36 -95.06 76.02
N GLY BA 59 52.42 -95.55 74.79
CA GLY BA 59 51.32 -95.34 73.87
C GLY BA 59 50.11 -96.17 74.22
N THR BA 60 49.00 -95.89 73.53
CA THR BA 60 47.80 -96.70 73.59
C THR BA 60 47.28 -96.94 72.19
N THR BA 61 47.01 -98.20 71.84
CA THR BA 61 46.52 -98.58 70.53
C THR BA 61 44.99 -98.47 70.50
N LYS BA 62 44.47 -97.75 69.50
CA LYS BA 62 43.03 -97.66 69.32
C LYS BA 62 42.64 -98.44 68.08
N THR BA 63 41.46 -99.08 68.11
CA THR BA 63 41.01 -99.93 67.02
C THR BA 63 39.50 -99.77 66.90
N THR BA 64 39.00 -99.53 65.69
CA THR BA 64 37.59 -99.23 65.51
C THR BA 64 37.07 -99.97 64.28
N LEU BA 65 36.05 -100.79 64.47
CA LEU BA 65 35.43 -101.60 63.42
C LEU BA 65 33.96 -101.26 63.35
N SER BA 66 33.49 -100.72 62.21
CA SER BA 66 32.11 -100.26 62.06
C SER BA 66 31.44 -100.97 60.89
N LEU BA 67 30.32 -101.64 61.16
CA LEU BA 67 29.46 -102.17 60.11
C LEU BA 67 28.31 -101.20 59.89
N ARG BA 68 28.20 -100.69 58.66
CA ARG BA 68 27.15 -99.74 58.30
C ARG BA 68 26.36 -100.29 57.11
N ARG BA 69 25.06 -100.48 57.32
CA ARG BA 69 24.16 -100.91 56.25
C ARG BA 69 23.00 -99.92 56.13
N GLU BA 70 22.81 -99.37 54.93
CA GLU BA 70 21.70 -98.45 54.69
C GLU BA 70 20.55 -99.25 54.09
N VAL BA 71 19.52 -99.49 54.90
CA VAL BA 71 18.41 -100.37 54.55
C VAL BA 71 17.23 -99.53 54.11
N THR BA 72 16.48 -100.05 53.15
CA THR BA 72 15.21 -99.43 52.78
C THR BA 72 14.16 -99.75 53.83
N ILE BA 73 13.51 -98.73 54.36
CA ILE BA 73 12.48 -98.86 55.38
C ILE BA 73 11.13 -98.67 54.73
N ASN BA 74 10.18 -99.52 55.13
CA ASN BA 74 8.78 -99.59 54.70
C ASN BA 74 8.63 -99.31 53.20
N LYS BA 75 9.23 -100.23 52.43
CA LYS BA 75 9.21 -100.13 50.97
C LYS BA 75 7.78 -100.11 50.44
N GLY BA 76 6.95 -101.07 50.87
CA GLY BA 76 5.60 -101.13 50.35
C GLY BA 76 4.79 -99.90 50.68
N THR BA 77 4.96 -99.36 51.89
CA THR BA 77 4.24 -98.19 52.32
C THR BA 77 4.81 -96.95 51.62
N ASP BA 78 4.01 -95.89 51.61
CA ASP BA 78 4.47 -94.59 51.15
C ASP BA 78 5.56 -94.07 52.09
N GLN BA 79 6.38 -93.16 51.55
CA GLN BA 79 7.49 -92.56 52.28
C GLN BA 79 8.56 -93.59 52.65
N GLU BA 80 8.84 -94.51 51.73
CA GLU BA 80 9.92 -95.46 51.95
C GLU BA 80 11.24 -94.70 51.98
N LYS BA 81 12.14 -95.07 52.89
CA LYS BA 81 13.37 -94.28 53.02
C LYS BA 81 14.57 -95.15 53.31
N ILE BA 82 15.70 -94.83 52.68
CA ILE BA 82 16.95 -95.55 52.95
C ILE BA 82 17.61 -94.92 54.16
N VAL BA 83 17.71 -95.70 55.24
CA VAL BA 83 18.20 -95.16 56.51
C VAL BA 83 19.32 -96.08 56.98
N PRO BA 84 20.41 -95.54 57.55
CA PRO BA 84 21.52 -96.40 57.98
C PRO BA 84 21.40 -96.98 59.38
N MET BA 85 21.69 -98.27 59.52
CA MET BA 85 21.93 -98.87 60.82
C MET BA 85 23.40 -99.19 60.95
N ILE BA 86 23.94 -98.97 62.15
CA ILE BA 86 25.37 -99.07 62.40
C ILE BA 86 25.60 -99.90 63.65
N ALA BA 87 26.62 -100.75 63.60
CA ALA BA 87 27.12 -101.47 64.77
C ALA BA 87 28.64 -101.38 64.80
N ARG BA 88 29.19 -100.78 65.87
CA ARG BA 88 30.61 -100.51 66.04
C ARG BA 88 31.19 -101.25 67.23
N ILE BA 89 32.41 -101.75 67.04
CA ILE BA 89 33.29 -102.16 68.10
C ILE BA 89 34.39 -101.11 68.16
N GLU BA 90 34.63 -100.54 69.34
CA GLU BA 90 35.71 -99.58 69.54
C GLU BA 90 36.54 -100.03 70.72
N THR BA 91 37.86 -100.05 70.59
CA THR BA 91 38.72 -100.64 71.61
C THR BA 91 40.01 -99.85 71.78
N SER BA 92 40.27 -99.38 72.99
CA SER BA 92 41.52 -98.71 73.33
C SER BA 92 42.29 -99.56 74.33
N VAL BA 93 43.47 -100.03 73.93
CA VAL BA 93 44.33 -100.90 74.74
C VAL BA 93 45.65 -100.19 74.97
N PRO BA 94 46.01 -99.87 76.20
CA PRO BA 94 47.37 -99.38 76.47
C PRO BA 94 48.41 -100.47 76.26
N VAL BA 95 49.66 -100.05 76.13
CA VAL BA 95 50.71 -100.98 75.71
C VAL BA 95 50.95 -102.06 76.74
N GLY BA 96 51.04 -101.68 78.02
CA GLY BA 96 51.36 -102.61 79.10
C GLY BA 96 50.38 -103.76 79.29
N VAL BA 97 49.27 -103.78 78.56
CA VAL BA 97 48.22 -104.76 78.78
C VAL BA 97 48.66 -106.16 78.38
N SER BA 98 48.20 -107.16 79.14
CA SER BA 98 48.42 -108.56 78.79
C SER BA 98 47.32 -109.06 77.87
N GLN BA 99 47.75 -109.78 76.83
CA GLN BA 99 46.79 -110.34 75.86
C GLN BA 99 45.77 -111.24 76.55
N ASP BA 100 46.17 -111.89 77.65
CA ASP BA 100 45.22 -112.71 78.40
C ASP BA 100 44.09 -111.86 78.97
N ASP BA 101 44.44 -110.82 79.73
CA ASP BA 101 43.44 -109.91 80.30
C ASP BA 101 42.53 -109.36 79.23
N PHE BA 102 43.12 -108.93 78.12
CA PHE BA 102 42.30 -108.25 77.14
C PHE BA 102 41.40 -109.22 76.36
N LYS BA 103 41.89 -110.42 76.05
CA LYS BA 103 41.00 -111.38 75.41
C LYS BA 103 39.88 -111.79 76.34
N ALA BA 104 40.13 -111.76 77.66
CA ALA BA 104 39.03 -111.98 78.61
C ALA BA 104 37.96 -110.91 78.46
N MET BA 105 38.37 -109.63 78.46
CA MET BA 105 37.39 -108.57 78.24
C MET BA 105 36.65 -108.75 76.92
N ILE BA 106 37.36 -109.15 75.87
CA ILE BA 106 36.72 -109.28 74.56
C ILE BA 106 35.67 -110.38 74.58
N GLU BA 107 36.04 -111.55 75.12
CA GLU BA 107 35.10 -112.66 75.22
C GLU BA 107 33.86 -112.25 76.00
N GLY BA 108 34.05 -111.49 77.07
CA GLY BA 108 32.88 -110.95 77.77
C GLY BA 108 32.05 -110.05 76.89
N LEU BA 109 32.70 -109.11 76.21
CA LEU BA 109 32.00 -108.13 75.38
C LEU BA 109 31.21 -108.78 74.26
N ALA BA 110 31.66 -109.94 73.78
CA ALA BA 110 30.97 -110.59 72.67
C ALA BA 110 29.62 -111.14 73.08
N CYS BA 111 29.46 -111.46 74.38
CA CYS BA 111 28.26 -112.16 74.85
C CYS BA 111 26.94 -111.47 74.50
N PRO BA 112 26.75 -110.16 74.74
CA PRO BA 112 25.44 -109.56 74.42
C PRO BA 112 25.12 -109.56 72.93
N LEU BA 113 26.14 -109.60 72.07
CA LEU BA 113 25.86 -109.63 70.64
C LEU BA 113 25.16 -110.92 70.24
N LEU BA 114 25.54 -112.04 70.84
CA LEU BA 114 25.03 -113.34 70.42
C LEU BA 114 23.86 -113.75 71.32
N LEU BA 115 22.73 -113.07 71.13
CA LEU BA 115 21.53 -113.32 71.91
C LEU BA 115 20.34 -113.56 70.99
N ASP BA 116 19.27 -114.09 71.57
CA ASP BA 116 18.06 -114.42 70.82
C ASP BA 116 17.31 -113.16 70.39
N GLU BA 117 16.41 -113.35 69.42
CA GLU BA 117 15.69 -112.23 68.83
C GLU BA 117 14.91 -111.45 69.88
N ILE BA 118 14.37 -112.15 70.88
CA ILE BA 118 13.56 -111.48 71.89
C ILE BA 118 14.38 -110.44 72.63
N HIS BA 119 15.52 -110.87 73.20
CA HIS BA 119 16.37 -109.94 73.93
C HIS BA 119 16.94 -108.87 73.01
N VAL BA 120 17.32 -109.25 71.78
CA VAL BA 120 17.93 -108.28 70.88
C VAL BA 120 16.93 -107.17 70.54
N ASN BA 121 15.69 -107.53 70.24
CA ASN BA 121 14.68 -106.52 69.95
C ASN BA 121 14.33 -105.71 71.20
N ASP BA 122 14.34 -106.33 72.37
CA ASP BA 122 14.02 -105.60 73.59
C ASP BA 122 15.09 -104.56 73.92
N LEU BA 123 16.36 -104.89 73.69
CA LEU BA 123 17.46 -104.01 74.09
C LEU BA 123 17.88 -103.04 72.98
N PHE BA 124 18.25 -103.56 71.81
CA PHE BA 124 18.92 -102.72 70.80
C PHE BA 124 17.95 -101.91 69.96
N LEU BA 125 16.69 -102.35 69.84
CA LEU BA 125 15.68 -101.68 69.04
C LEU BA 125 14.61 -100.98 69.87
N SER BA 126 13.99 -101.69 70.82
CA SER BA 126 12.96 -101.06 71.64
C SER BA 126 13.58 -100.11 72.66
N GLY BA 127 14.76 -100.44 73.17
CA GLY BA 127 15.46 -99.60 74.11
C GLY BA 127 15.20 -99.93 75.56
N LEU BA 128 14.70 -101.12 75.85
CA LEU BA 128 14.41 -101.52 77.21
C LEU BA 128 15.69 -101.66 78.02
N PRO BA 129 15.59 -101.65 79.35
CA PRO BA 129 16.79 -101.87 80.17
C PRO BA 129 17.25 -103.31 80.07
N ILE BA 130 18.50 -103.54 80.46
CA ILE BA 130 19.05 -104.89 80.38
C ILE BA 130 18.26 -105.84 81.28
N ALA BA 131 17.90 -107.01 80.74
CA ALA BA 131 17.17 -108.02 81.50
C ALA BA 131 18.14 -108.77 82.40
N THR BA 132 18.09 -108.49 83.71
CA THR BA 132 18.96 -109.15 84.68
C THR BA 132 18.32 -110.43 85.16
N THR BA 133 19.14 -111.47 85.33
CA THR BA 133 18.64 -112.77 85.76
C THR BA 133 19.40 -113.24 86.98
N ASP BA 134 18.69 -113.49 88.07
CA ASP BA 134 19.36 -113.99 89.28
C ASP BA 134 20.06 -115.30 89.00
N VAL BA 135 21.35 -115.35 89.34
CA VAL BA 135 22.12 -116.59 89.16
C VAL BA 135 21.65 -117.61 90.19
N PRO BA 136 21.28 -118.83 89.80
CA PRO BA 136 20.90 -119.82 90.81
C PRO BA 136 22.07 -120.15 91.70
N ASP BA 137 21.92 -119.85 93.00
CA ASP BA 137 22.95 -120.24 93.96
C ASP BA 137 23.18 -121.75 93.92
N ASN BA 138 22.16 -122.50 93.51
CA ASN BA 138 22.27 -123.95 93.43
C ASN BA 138 23.23 -124.36 92.32
N GLU BA 139 23.22 -123.63 91.21
CA GLU BA 139 23.97 -123.93 90.00
C GLU BA 139 25.42 -123.47 90.12
N PRO BA 140 26.30 -123.92 89.22
CA PRO BA 140 27.72 -123.55 89.34
C PRO BA 140 27.92 -122.07 89.08
N LEU BA 141 28.96 -121.52 89.72
CA LEU BA 141 29.27 -120.12 89.48
C LEU BA 141 29.75 -119.93 88.05
N PRO BA 142 29.25 -118.93 87.34
CA PRO BA 142 29.63 -118.73 85.94
C PRO BA 142 31.08 -118.31 85.82
N PRO BA 143 31.64 -118.29 84.60
CA PRO BA 143 33.07 -118.00 84.45
C PRO BA 143 33.41 -116.60 84.94
N ALA BA 144 34.59 -116.47 85.55
CA ALA BA 144 34.94 -115.25 86.25
C ALA BA 144 35.10 -114.05 85.34
N LEU BA 145 35.35 -114.25 84.04
CA LEU BA 145 35.59 -113.18 83.08
C LEU BA 145 36.96 -112.54 83.26
N LEU BA 146 37.91 -113.29 83.82
CA LEU BA 146 39.26 -112.84 84.20
C LEU BA 146 39.33 -111.35 84.47
N SER CA 1 20.10 -96.55 3.20
CA SER CA 1 19.44 -97.49 4.08
C SER CA 1 20.06 -97.49 5.47
N ILE CA 2 20.28 -98.68 6.01
CA ILE CA 2 20.94 -98.86 7.29
C ILE CA 2 22.29 -99.50 7.03
N LYS CA 3 23.33 -98.99 7.71
CA LYS CA 3 24.70 -99.36 7.37
C LYS CA 3 25.43 -99.94 8.57
N TYR CA 4 26.16 -101.02 8.33
CA TYR CA 4 27.23 -101.46 9.22
C TYR CA 4 28.20 -100.32 9.41
N ILE CA 5 28.38 -99.93 10.68
CA ILE CA 5 29.49 -99.09 11.09
C ILE CA 5 30.72 -99.94 11.35
N PHE CA 6 30.54 -101.03 12.11
CA PHE CA 6 31.60 -101.99 12.40
C PHE CA 6 31.01 -103.38 12.31
N LYS CA 7 31.45 -104.17 11.32
CA LYS CA 7 31.02 -105.55 11.20
C LYS CA 7 31.76 -106.40 12.23
N LYS CA 8 31.00 -107.21 12.96
CA LYS CA 8 31.59 -108.09 13.96
C LYS CA 8 32.48 -109.15 13.31
N THR CA 9 33.65 -109.36 13.90
CA THR CA 9 34.57 -110.38 13.44
C THR CA 9 34.71 -111.47 14.51
N ASP CA 10 34.91 -112.70 14.04
CA ASP CA 10 35.06 -113.84 14.95
C ASP CA 10 36.51 -113.92 15.46
N THR CA 11 36.91 -112.85 16.13
CA THR CA 11 38.25 -112.71 16.69
C THR CA 11 38.08 -112.53 18.20
N LEU CA 12 38.40 -113.57 18.96
CA LEU CA 12 38.23 -113.54 20.40
C LEU CA 12 39.23 -112.57 21.04
N PRO CA 13 38.83 -111.88 22.10
CA PRO CA 13 39.77 -110.95 22.75
C PRO CA 13 40.81 -111.69 23.56
N ARG CA 14 42.05 -111.19 23.51
CA ARG CA 14 43.12 -111.74 24.32
C ARG CA 14 42.81 -111.49 25.80
N SER CA 15 42.90 -112.54 26.60
CA SER CA 15 42.82 -112.37 28.05
C SER CA 15 43.95 -111.46 28.52
N VAL CA 16 43.70 -110.76 29.63
CA VAL CA 16 44.64 -109.75 30.13
C VAL CA 16 45.28 -110.27 31.40
N ILE CA 17 46.57 -110.53 31.34
CA ILE CA 17 47.32 -111.09 32.46
C ILE CA 17 48.35 -110.06 32.89
N GLY CA 18 48.54 -109.94 34.20
CA GLY CA 18 49.46 -108.95 34.70
C GLY CA 18 49.82 -109.20 36.15
N ASN CA 19 50.46 -108.19 36.75
CA ASN CA 19 50.74 -108.23 38.18
C ASN CA 19 50.70 -106.81 38.72
N VAL CA 20 50.12 -106.64 39.90
CA VAL CA 20 49.93 -105.30 40.46
C VAL CA 20 51.30 -104.66 40.74
N LEU CA 21 51.50 -103.46 40.18
CA LEU CA 21 52.77 -102.75 40.33
C LEU CA 21 52.75 -101.75 41.48
N ARG CA 22 51.92 -100.71 41.38
CA ARG CA 22 51.86 -99.72 42.44
C ARG CA 22 50.48 -99.10 42.47
N THR CA 23 50.06 -98.75 43.69
CA THR CA 23 48.78 -98.11 43.95
C THR CA 23 49.09 -96.63 44.14
N THR CA 24 48.85 -95.85 43.09
CA THR CA 24 49.15 -94.42 43.14
C THR CA 24 48.26 -93.70 44.15
N GLY CA 25 46.94 -93.78 43.97
CA GLY CA 25 46.00 -93.17 44.88
C GLY CA 25 45.00 -94.19 45.39
N PRO CA 26 44.06 -93.74 46.21
CA PRO CA 26 43.03 -94.69 46.70
C PRO CA 26 42.14 -95.17 45.58
N ASP CA 27 41.86 -94.31 44.60
CA ASP CA 27 41.06 -94.66 43.44
C ASP CA 27 41.88 -95.06 42.23
N THR CA 28 43.21 -95.10 42.34
CA THR CA 28 44.09 -95.31 41.20
C THR CA 28 45.08 -96.44 41.49
N THR CA 29 45.04 -97.49 40.69
CA THR CA 29 45.99 -98.59 40.81
C THR CA 29 46.62 -98.86 39.46
N VAL CA 30 47.90 -99.23 39.46
CA VAL CA 30 48.65 -99.41 38.23
C VAL CA 30 49.27 -100.80 38.20
N TYR CA 31 49.02 -101.51 37.11
CA TYR CA 31 49.44 -102.89 36.93
C TYR CA 31 50.54 -102.94 35.89
N SER CA 32 51.57 -103.75 36.15
CA SER CA 32 52.62 -104.02 35.18
C SER CA 32 52.27 -105.28 34.41
N LEU CA 33 52.29 -105.18 33.10
CA LEU CA 33 51.94 -106.24 32.18
C LEU CA 33 53.19 -106.95 31.69
N PRO CA 34 53.05 -108.07 30.98
CA PRO CA 34 54.24 -108.74 30.44
C PRO CA 34 54.96 -107.86 29.44
N GLY CA 35 56.28 -108.06 29.35
CA GLY CA 35 57.10 -107.25 28.48
C GLY CA 35 57.40 -105.87 29.01
N HIS CA 36 57.03 -105.59 30.25
CA HIS CA 36 57.35 -104.31 30.90
C HIS CA 36 58.80 -104.35 31.34
N THR CA 37 59.68 -103.90 30.45
CA THR CA 37 61.03 -103.61 30.86
C THR CA 37 61.10 -102.20 31.44
N PRO CA 38 62.11 -101.90 32.25
CA PRO CA 38 62.32 -100.49 32.63
C PRO CA 38 62.60 -99.60 31.43
N VAL CA 39 63.20 -100.17 30.38
CA VAL CA 39 63.47 -99.41 29.16
C VAL CA 39 62.18 -99.11 28.42
N ASN CA 40 61.33 -100.12 28.27
CA ASN CA 40 60.11 -100.04 27.45
C ASN CA 40 58.91 -100.41 28.31
N PRO CA 41 58.44 -99.50 29.15
CA PRO CA 41 57.39 -99.86 30.10
C PRO CA 41 56.07 -100.19 29.42
N PHE CA 42 55.35 -101.14 30.02
CA PHE CA 42 54.03 -101.57 29.58
C PHE CA 42 53.15 -101.55 30.82
N THR CA 43 52.13 -100.69 30.88
CA THR CA 43 51.31 -100.67 32.08
C THR CA 43 49.84 -100.43 31.78
N LEU CA 44 48.99 -101.10 32.56
CA LEU CA 44 47.56 -100.80 32.62
C LEU CA 44 47.28 -99.99 33.88
N THR CA 45 46.74 -98.79 33.71
CA THR CA 45 46.33 -97.96 34.83
C THR CA 45 44.82 -97.95 34.92
N ALA CA 46 44.30 -98.15 36.14
CA ALA CA 46 42.87 -98.25 36.38
C ALA CA 46 42.49 -97.22 37.42
N VAL CA 47 41.52 -96.36 37.07
CA VAL CA 47 41.04 -95.30 37.94
C VAL CA 47 39.53 -95.40 38.01
N SER CA 48 39.02 -95.86 39.16
CA SER CA 48 37.60 -96.10 39.36
C SER CA 48 37.12 -95.12 40.43
N ARG CA 49 36.40 -94.08 39.99
CA ARG CA 49 35.92 -93.04 40.89
C ARG CA 49 34.48 -93.32 41.27
N LEU CA 50 34.27 -93.51 42.57
CA LEU CA 50 33.00 -93.93 43.12
C LEU CA 50 31.99 -92.80 43.06
N PRO CA 51 30.70 -93.12 43.12
CA PRO CA 51 29.69 -92.08 42.97
C PRO CA 51 29.35 -91.42 44.29
N VAL CA 52 29.37 -90.09 44.34
CA VAL CA 52 28.99 -89.34 45.52
C VAL CA 52 27.56 -88.87 45.34
N PRO CA 53 26.62 -89.30 46.17
CA PRO CA 53 25.22 -88.89 45.99
C PRO CA 53 24.98 -87.55 46.65
N ARG CA 54 24.60 -86.56 45.84
CA ARG CA 54 24.11 -85.29 46.36
C ARG CA 54 22.62 -85.41 46.66
N LYS CA 55 22.12 -84.52 47.52
CA LYS CA 55 20.73 -84.64 47.94
C LYS CA 55 19.81 -84.51 46.73
N GLY CA 56 18.98 -85.52 46.51
CA GLY CA 56 18.11 -85.55 45.36
C GLY CA 56 18.76 -86.07 44.08
N ASN CA 57 20.01 -86.52 44.13
CA ASN CA 57 20.70 -87.03 42.97
C ASN CA 57 21.44 -88.31 43.33
N ALA CA 58 21.22 -89.36 42.54
CA ALA CA 58 22.08 -90.52 42.66
C ALA CA 58 23.46 -90.19 42.08
N GLY CA 59 24.46 -90.93 42.54
CA GLY CA 59 25.80 -90.71 42.05
C GLY CA 59 25.93 -91.07 40.57
N THR CA 60 27.14 -90.83 40.05
CA THR CA 60 27.53 -91.32 38.72
C THR CA 60 28.94 -91.89 38.82
N THR CA 61 29.09 -93.18 38.52
CA THR CA 61 30.37 -93.87 38.66
C THR CA 61 31.22 -93.69 37.40
N LYS CA 62 32.47 -93.25 37.58
CA LYS CA 62 33.38 -93.13 36.45
C LYS CA 62 34.46 -94.21 36.54
N THR CA 63 34.83 -94.76 35.39
CA THR CA 63 35.79 -95.86 35.33
C THR CA 63 36.70 -95.65 34.13
N THR CA 64 38.01 -95.71 34.35
CA THR CA 64 38.97 -95.42 33.29
C THR CA 64 40.07 -96.48 33.30
N LEU CA 65 40.29 -97.11 32.15
CA LEU CA 65 41.26 -98.18 31.98
C LEU CA 65 42.17 -97.81 30.82
N SER CA 66 43.46 -97.61 31.09
CA SER CA 66 44.41 -97.14 30.08
C SER CA 66 45.56 -98.12 29.94
N LEU CA 67 45.76 -98.65 28.73
CA LEU CA 67 46.96 -99.40 28.40
C LEU CA 67 47.95 -98.46 27.72
N ARG CA 68 49.15 -98.33 28.30
CA ARG CA 68 50.20 -97.50 27.73
C ARG CA 68 51.46 -98.33 27.58
N ARG CA 69 51.98 -98.41 26.36
CA ARG CA 69 53.23 -99.12 26.13
C ARG CA 69 54.13 -98.29 25.21
N GLU CA 70 55.37 -98.06 25.64
CA GLU CA 70 56.29 -97.17 24.95
C GLU CA 70 57.21 -98.02 24.06
N VAL CA 71 56.94 -98.01 22.75
CA VAL CA 71 57.67 -98.85 21.82
C VAL CA 71 58.93 -98.14 21.36
N THR CA 72 60.01 -98.91 21.21
CA THR CA 72 61.17 -98.46 20.43
C THR CA 72 60.77 -98.53 18.96
N ILE CA 73 60.42 -97.38 18.40
CA ILE CA 73 60.10 -97.23 16.99
C ILE CA 73 61.38 -97.07 16.18
N ASN CA 74 61.37 -97.73 15.02
CA ASN CA 74 62.46 -97.81 14.02
C ASN CA 74 63.82 -97.99 14.69
N LYS CA 75 63.93 -99.09 15.43
CA LYS CA 75 65.14 -99.42 16.17
C LYS CA 75 66.35 -99.56 15.23
N GLY CA 76 66.22 -100.37 14.19
CA GLY CA 76 67.35 -100.57 13.29
C GLY CA 76 67.91 -99.26 12.76
N THR CA 77 67.03 -98.35 12.35
CA THR CA 77 67.44 -97.08 11.76
C THR CA 77 68.01 -96.16 12.84
N ASP CA 78 68.91 -95.28 12.43
CA ASP CA 78 69.42 -94.27 13.35
C ASP CA 78 68.33 -93.28 13.70
N GLN CA 79 68.56 -92.54 14.79
CA GLN CA 79 67.54 -91.70 15.43
C GLN CA 79 66.31 -92.53 15.76
N GLU CA 80 66.55 -93.73 16.28
CA GLU CA 80 65.49 -94.59 16.78
C GLU CA 80 64.93 -93.98 18.05
N LYS CA 81 63.63 -94.12 18.29
CA LYS CA 81 63.08 -93.39 19.44
C LYS CA 81 62.11 -94.26 20.23
N ILE CA 82 61.91 -93.90 21.51
CA ILE CA 82 60.92 -94.57 22.35
C ILE CA 82 59.69 -93.68 22.43
N VAL CA 83 58.55 -94.19 21.98
CA VAL CA 83 57.35 -93.37 21.88
C VAL CA 83 56.15 -94.14 22.43
N PRO CA 84 55.27 -93.52 23.21
CA PRO CA 84 54.19 -94.28 23.85
C PRO CA 84 52.91 -94.38 23.03
N MET CA 85 52.38 -95.60 22.85
CA MET CA 85 51.05 -95.76 22.29
C MET CA 85 50.09 -96.06 23.44
N ILE CA 86 48.89 -95.50 23.34
CA ILE CA 86 47.92 -95.57 24.43
C ILE CA 86 46.55 -95.92 23.87
N ALA CA 87 45.86 -96.82 24.56
CA ALA CA 87 44.46 -97.14 24.28
C ALA CA 87 43.68 -97.18 25.58
N ARG CA 88 42.61 -96.37 25.67
CA ARG CA 88 41.81 -96.16 26.88
C ARG CA 88 40.36 -96.53 26.64
N ILE CA 89 39.78 -97.12 27.67
CA ILE CA 89 38.35 -97.25 27.83
C ILE CA 89 37.95 -96.30 28.95
N GLU CA 90 37.02 -95.39 28.69
CA GLU CA 90 36.53 -94.47 29.70
C GLU CA 90 35.00 -94.57 29.74
N THR CA 91 34.43 -94.72 30.93
CA THR CA 91 33.02 -95.04 31.05
C THR CA 91 32.38 -94.32 32.22
N SER CA 92 31.31 -93.56 31.94
CA SER CA 92 30.54 -92.87 32.96
C SER CA 92 29.14 -93.45 32.99
N VAL CA 93 28.80 -94.12 34.10
CA VAL CA 93 27.52 -94.79 34.28
C VAL CA 93 26.81 -94.17 35.48
N PRO CA 94 25.70 -93.46 35.30
CA PRO CA 94 24.91 -93.00 36.45
C PRO CA 94 24.33 -94.18 37.21
N VAL CA 95 23.92 -93.90 38.46
CA VAL CA 95 23.50 -94.99 39.34
C VAL CA 95 22.29 -95.72 38.79
N GLY CA 96 21.23 -95.00 38.47
CA GLY CA 96 19.98 -95.62 38.01
C GLY CA 96 20.07 -96.56 36.81
N VAL CA 97 21.22 -96.59 36.13
CA VAL CA 97 21.37 -97.37 34.91
C VAL CA 97 21.17 -98.86 35.17
N SER CA 98 20.58 -99.55 34.21
CA SER CA 98 20.38 -101.00 34.29
C SER CA 98 21.58 -101.75 33.73
N GLN CA 99 22.00 -102.78 34.48
CA GLN CA 99 23.16 -103.58 34.08
C GLN CA 99 22.95 -104.22 32.72
N ASP CA 100 21.71 -104.61 32.41
CA ASP CA 100 21.42 -105.20 31.10
C ASP CA 100 21.73 -104.21 29.97
N ASP CA 101 21.16 -103.00 30.08
CA ASP CA 101 21.35 -101.99 29.04
C ASP CA 101 22.81 -101.66 28.87
N PHE CA 102 23.52 -101.43 29.98
CA PHE CA 102 24.90 -101.02 29.84
C PHE CA 102 25.79 -102.15 29.37
N LYS CA 103 25.49 -103.40 29.73
CA LYS CA 103 26.28 -104.52 29.24
C LYS CA 103 26.10 -104.69 27.74
N ALA CA 104 24.89 -104.44 27.23
CA ALA CA 104 24.68 -104.49 25.78
C ALA CA 104 25.45 -103.38 25.07
N MET CA 105 25.40 -102.18 25.60
CA MET CA 105 26.16 -101.08 25.03
C MET CA 105 27.66 -101.37 25.04
N ILE CA 106 28.18 -101.98 26.12
CA ILE CA 106 29.58 -102.38 26.17
C ILE CA 106 29.90 -103.39 25.09
N GLU CA 107 29.06 -104.42 24.97
CA GLU CA 107 29.25 -105.43 23.94
C GLU CA 107 29.34 -104.78 22.56
N GLY CA 108 28.49 -103.78 22.31
CA GLY CA 108 28.58 -103.05 21.07
C GLY CA 108 29.90 -102.32 20.92
N LEU CA 109 30.32 -101.62 21.98
CA LEU CA 109 31.55 -100.84 21.92
C LEU CA 109 32.79 -101.70 21.69
N ALA CA 110 32.73 -102.96 22.11
CA ALA CA 110 33.90 -103.82 21.94
C ALA CA 110 34.13 -104.22 20.47
N CYS CA 111 33.13 -104.01 19.61
CA CYS CA 111 33.23 -104.52 18.24
C CYS CA 111 34.34 -103.88 17.42
N PRO CA 112 34.53 -102.56 17.38
CA PRO CA 112 35.61 -101.99 16.57
C PRO CA 112 36.99 -102.40 17.04
N LEU CA 113 37.13 -102.80 18.30
CA LEU CA 113 38.44 -103.23 18.77
C LEU CA 113 38.88 -104.54 18.12
N LEU CA 114 37.94 -105.47 17.93
CA LEU CA 114 38.28 -106.80 17.43
C LEU CA 114 38.06 -106.86 15.92
N LEU CA 115 38.92 -106.15 15.20
CA LEU CA 115 38.87 -106.08 13.74
C LEU CA 115 40.19 -106.54 13.13
N ASP CA 116 40.15 -106.79 11.82
CA ASP CA 116 41.31 -107.27 11.09
C ASP CA 116 42.33 -106.16 10.89
N GLU CA 117 43.56 -106.57 10.57
CA GLU CA 117 44.68 -105.62 10.46
C GLU CA 117 44.38 -104.54 9.43
N ILE CA 118 43.68 -104.90 8.34
CA ILE CA 118 43.41 -103.92 7.30
C ILE CA 118 42.59 -102.76 7.86
N HIS CA 119 41.44 -103.06 8.46
CA HIS CA 119 40.60 -102.01 9.03
C HIS CA 119 41.32 -101.28 10.17
N VAL CA 120 42.07 -102.01 10.99
CA VAL CA 120 42.70 -101.37 12.14
C VAL CA 120 43.75 -100.36 11.69
N ASN CA 121 44.56 -100.73 10.69
CA ASN CA 121 45.54 -99.79 10.16
C ASN CA 121 44.85 -98.64 9.44
N ASP CA 122 43.75 -98.90 8.75
CA ASP CA 122 43.08 -97.81 8.05
C ASP CA 122 42.46 -96.80 9.01
N LEU CA 123 41.97 -97.23 10.16
CA LEU CA 123 41.28 -96.33 11.07
C LEU CA 123 42.16 -95.76 12.18
N PHE CA 124 42.85 -96.62 12.95
CA PHE CA 124 43.49 -96.16 14.18
C PHE CA 124 44.88 -95.56 13.95
N LEU CA 125 45.59 -96.01 12.92
CA LEU CA 125 46.92 -95.51 12.61
C LEU CA 125 46.89 -94.49 11.48
N SER CA 126 46.33 -94.86 10.33
CA SER CA 126 46.34 -93.98 9.17
C SER CA 126 45.39 -92.81 9.35
N GLY CA 127 44.28 -93.02 10.05
CA GLY CA 127 43.29 -91.97 10.22
C GLY CA 127 42.30 -91.86 9.08
N LEU CA 128 42.29 -92.83 8.16
CA LEU CA 128 41.34 -92.83 7.07
C LEU CA 128 39.90 -92.84 7.61
N PRO CA 129 38.94 -92.31 6.86
CA PRO CA 129 37.56 -92.28 7.35
C PRO CA 129 36.95 -93.67 7.43
N ILE CA 130 35.93 -93.81 8.29
CA ILE CA 130 35.26 -95.09 8.44
C ILE CA 130 34.44 -95.40 7.20
N ALA CA 131 34.58 -96.64 6.70
CA ALA CA 131 33.87 -97.08 5.51
C ALA CA 131 32.57 -97.77 5.94
N THR CA 132 31.44 -97.12 5.65
CA THR CA 132 30.14 -97.68 5.96
C THR CA 132 29.78 -98.77 4.96
N THR CA 133 29.21 -99.87 5.45
CA THR CA 133 28.87 -101.00 4.58
C THR CA 133 27.37 -101.22 4.56
N ASP CA 134 26.77 -101.23 3.37
CA ASP CA 134 25.33 -101.48 3.30
C ASP CA 134 25.00 -102.87 3.82
N VAL CA 135 24.05 -102.93 4.75
CA VAL CA 135 23.54 -104.22 5.24
C VAL CA 135 22.69 -104.84 4.16
N PRO CA 136 22.90 -106.11 3.80
CA PRO CA 136 22.07 -106.72 2.76
C PRO CA 136 20.62 -106.82 3.23
N ASP CA 137 19.71 -106.17 2.50
CA ASP CA 137 18.29 -106.29 2.81
C ASP CA 137 17.84 -107.73 2.77
N ASN CA 138 18.49 -108.55 1.94
CA ASN CA 138 18.14 -109.96 1.85
C ASN CA 138 18.52 -110.71 3.12
N GLU CA 139 19.64 -110.34 3.73
CA GLU CA 139 20.16 -111.03 4.91
C GLU CA 139 19.39 -110.62 6.17
N PRO CA 140 19.49 -111.40 7.24
CA PRO CA 140 18.73 -111.07 8.46
C PRO CA 140 19.29 -109.82 9.13
N LEU CA 141 18.39 -109.07 9.79
CA LEU CA 141 18.81 -107.83 10.42
C LEU CA 141 19.78 -108.13 11.56
N PRO CA 142 20.84 -107.35 11.71
CA PRO CA 142 21.82 -107.60 12.78
C PRO CA 142 21.25 -107.30 14.15
N PRO CA 143 21.93 -107.71 15.22
CA PRO CA 143 21.37 -107.51 16.56
C PRO CA 143 21.14 -106.03 16.87
N ALA CA 144 20.08 -105.77 17.64
CA ALA CA 144 19.61 -104.41 17.85
C ALA CA 144 20.55 -103.57 18.72
N LEU CA 145 21.43 -104.21 19.50
CA LEU CA 145 22.36 -103.54 20.40
C LEU CA 145 21.68 -102.98 21.65
N LEU CA 146 20.47 -103.47 21.94
CA LEU CA 146 19.61 -102.99 23.04
C LEU CA 146 19.72 -101.48 23.25
N SER DA 1 101.45 -102.20 46.46
CA SER DA 1 100.84 -103.15 45.54
C SER DA 1 99.32 -103.00 45.51
N ILE DA 2 98.63 -104.13 45.51
CA ILE DA 2 97.18 -104.18 45.52
C ILE DA 2 96.75 -104.67 46.91
N LYS DA 3 95.77 -104.00 47.50
CA LYS DA 3 95.39 -104.28 48.87
C LYS DA 3 93.94 -104.75 48.97
N TYR DA 4 93.73 -105.78 49.79
CA TYR DA 4 92.42 -106.06 50.35
C TYR DA 4 91.90 -104.80 51.04
N ILE DA 5 90.77 -104.32 50.55
CA ILE DA 5 89.97 -103.34 51.29
C ILE DA 5 89.14 -104.04 52.35
N PHE DA 6 88.38 -105.07 51.94
CA PHE DA 6 87.60 -105.89 52.85
C PHE DA 6 87.81 -107.34 52.45
N LYS DA 7 88.43 -108.12 53.34
CA LYS DA 7 88.62 -109.54 53.09
C LYS DA 7 87.32 -110.26 53.38
N LYS DA 8 86.90 -111.10 52.44
CA LYS DA 8 85.65 -111.85 52.57
C LYS DA 8 85.73 -112.87 53.72
N THR DA 9 84.67 -112.90 54.52
CA THR DA 9 84.58 -113.84 55.63
C THR DA 9 83.46 -114.85 55.36
N ASP DA 10 83.66 -116.08 55.84
CA ASP DA 10 82.69 -117.14 55.64
C ASP DA 10 81.59 -117.05 56.71
N THR DA 11 80.90 -115.92 56.69
CA THR DA 11 79.82 -115.65 57.63
C THR DA 11 78.55 -115.37 56.83
N LEU DA 12 77.62 -116.32 56.85
CA LEU DA 12 76.42 -116.21 56.06
C LEU DA 12 75.51 -115.10 56.59
N PRO DA 13 74.78 -114.41 55.72
CA PRO DA 13 73.88 -113.36 56.19
C PRO DA 13 72.65 -113.95 56.84
N ARG DA 14 72.23 -113.32 57.94
CA ARG DA 14 70.97 -113.69 58.58
C ARG DA 14 69.80 -113.38 57.65
N SER DA 15 68.95 -114.36 57.42
CA SER DA 15 67.71 -114.12 56.68
C SER DA 15 66.87 -113.09 57.43
N VAL DA 16 66.08 -112.31 56.69
CA VAL DA 16 65.33 -111.19 57.23
C VAL DA 16 63.86 -111.56 57.30
N ILE DA 17 63.33 -111.65 58.52
CA ILE DA 17 61.96 -112.09 58.75
C ILE DA 17 61.21 -110.95 59.41
N GLY DA 18 59.96 -110.74 59.02
CA GLY DA 18 59.22 -109.62 59.54
C GLY DA 18 57.74 -109.74 59.24
N ASN DA 19 57.04 -108.61 59.39
CA ASN DA 19 55.64 -108.53 59.01
C ASN DA 19 55.31 -107.08 58.66
N VAL DA 20 54.48 -106.89 57.62
CA VAL DA 20 54.18 -105.54 57.14
C VAL DA 20 53.37 -104.77 58.18
N LEU DA 21 53.88 -103.61 58.58
CA LEU DA 21 53.25 -102.79 59.62
C LEU DA 21 52.32 -101.73 59.04
N ARG DA 22 52.85 -100.83 58.22
CA ARG DA 22 52.05 -99.80 57.58
C ARG DA 22 52.67 -99.46 56.24
N THR DA 23 51.85 -98.89 55.37
CA THR DA 23 52.28 -98.39 54.07
C THR DA 23 52.11 -96.88 54.10
N THR DA 24 53.21 -96.17 54.37
CA THR DA 24 53.16 -94.71 54.51
C THR DA 24 52.68 -94.07 53.23
N GLY DA 25 53.38 -94.32 52.12
CA GLY DA 25 53.03 -93.76 50.84
C GLY DA 25 52.99 -94.82 49.76
N PRO DA 26 52.75 -94.40 48.52
CA PRO DA 26 52.67 -95.37 47.41
C PRO DA 26 53.99 -96.01 47.09
N ASP DA 27 55.10 -95.34 47.37
CA ASP DA 27 56.44 -95.88 47.16
C ASP DA 27 57.14 -96.29 48.46
N THR DA 28 56.49 -96.10 49.61
CA THR DA 28 57.13 -96.28 50.91
C THR DA 28 56.32 -97.26 51.74
N THR DA 29 56.94 -98.38 52.14
CA THR DA 29 56.29 -99.36 53.00
C THR DA 29 57.18 -99.71 54.17
N VAL DA 30 56.57 -99.86 55.36
CA VAL DA 30 57.32 -100.03 56.60
C VAL DA 30 56.95 -101.37 57.22
N TYR DA 31 57.96 -102.15 57.55
CA TYR DA 31 57.81 -103.50 58.10
C TYR DA 31 58.27 -103.47 59.55
N SER DA 32 57.50 -104.12 60.43
CA SER DA 32 57.91 -104.34 61.81
C SER DA 32 58.64 -105.68 61.88
N LEU DA 33 59.81 -105.66 62.49
CA LEU DA 33 60.69 -106.81 62.65
C LEU DA 33 60.53 -107.39 64.05
N PRO DA 34 61.11 -108.55 64.32
CA PRO DA 34 61.00 -109.13 65.66
C PRO DA 34 61.62 -108.24 66.72
N GLY DA 35 61.06 -108.29 67.93
CA GLY DA 35 61.55 -107.46 69.00
C GLY DA 35 61.14 -106.01 68.93
N HIS DA 36 60.08 -105.71 68.20
CA HIS DA 36 59.59 -104.35 68.01
C HIS DA 36 58.54 -104.04 69.07
N THR DA 37 58.99 -103.49 70.19
CA THR DA 37 58.04 -102.90 71.12
C THR DA 37 57.80 -101.45 70.74
N PRO DA 38 56.65 -100.88 71.13
CA PRO DA 38 56.44 -99.45 70.84
C PRO DA 38 57.46 -98.57 71.52
N VAL DA 39 57.91 -98.96 72.72
CA VAL DA 39 58.91 -98.19 73.44
C VAL DA 39 60.26 -98.26 72.72
N ASN DA 40 60.65 -99.45 72.26
CA ASN DA 40 61.94 -99.69 71.62
C ASN DA 40 61.72 -100.22 70.20
N PRO DA 41 61.28 -99.37 69.28
CA PRO DA 41 60.88 -99.86 67.96
C PRO DA 41 62.07 -100.35 67.14
N PHE DA 42 61.78 -101.32 66.27
CA PHE DA 42 62.78 -101.89 65.37
C PHE DA 42 62.09 -102.26 64.07
N THR DA 43 62.44 -101.54 62.99
CA THR DA 43 61.66 -101.56 61.76
C THR DA 43 62.54 -101.41 60.53
N LEU DA 44 62.12 -102.08 59.45
CA LEU DA 44 62.70 -101.91 58.12
C LEU DA 44 61.77 -101.06 57.28
N THR DA 45 62.24 -99.89 56.87
CA THR DA 45 61.52 -99.04 55.94
C THR DA 45 62.09 -99.26 54.54
N ALA DA 46 61.21 -99.37 53.55
CA ALA DA 46 61.60 -99.64 52.16
C ALA DA 46 60.96 -98.59 51.27
N VAL DA 47 61.80 -97.84 50.55
CA VAL DA 47 61.35 -96.77 49.67
C VAL DA 47 61.93 -97.08 48.29
N SER DA 48 61.07 -97.49 47.35
CA SER DA 48 61.48 -97.79 45.99
C SER DA 48 60.84 -96.77 45.06
N ARG DA 49 61.66 -95.91 44.46
CA ARG DA 49 61.18 -94.84 43.59
C ARG DA 49 61.47 -95.19 42.14
N LEU DA 50 60.42 -95.24 41.33
CA LEU DA 50 60.51 -95.62 39.93
C LEU DA 50 61.26 -94.56 39.14
N PRO DA 51 61.77 -94.93 37.96
CA PRO DA 51 62.42 -93.94 37.10
C PRO DA 51 61.38 -93.08 36.40
N VAL DA 52 61.67 -91.79 36.37
CA VAL DA 52 60.86 -90.83 35.62
C VAL DA 52 61.63 -90.41 34.40
N PRO DA 53 61.18 -90.74 33.19
CA PRO DA 53 61.91 -90.35 31.99
C PRO DA 53 61.93 -88.84 31.84
N ARG DA 54 63.06 -88.34 31.36
CA ARG DA 54 63.24 -86.92 31.07
C ARG DA 54 63.56 -86.79 29.59
N LYS DA 55 63.25 -85.64 29.02
CA LYS DA 55 63.38 -85.49 27.57
C LYS DA 55 64.85 -85.61 27.19
N GLY DA 56 65.19 -86.71 26.50
CA GLY DA 56 66.57 -87.02 26.17
C GLY DA 56 67.32 -87.81 27.21
N ASN DA 57 66.71 -88.12 28.35
CA ASN DA 57 67.37 -88.82 29.44
C ASN DA 57 66.52 -89.99 29.88
N ALA DA 58 67.13 -91.16 29.98
CA ALA DA 58 66.43 -92.30 30.56
C ALA DA 58 66.30 -92.12 32.06
N GLY DA 59 65.30 -92.78 32.63
CA GLY DA 59 65.09 -92.69 34.07
C GLY DA 59 66.21 -93.37 34.86
N THR DA 60 66.13 -93.20 36.18
CA THR DA 60 67.00 -93.91 37.11
C THR DA 60 66.15 -94.40 38.29
N THR DA 61 66.24 -95.68 38.60
CA THR DA 61 65.51 -96.28 39.70
C THR DA 61 66.29 -96.10 41.00
N LYS DA 62 65.63 -95.52 42.01
CA LYS DA 62 66.25 -95.39 43.33
C LYS DA 62 65.59 -96.38 44.28
N THR DA 63 66.37 -96.95 45.19
CA THR DA 63 65.91 -97.97 46.11
C THR DA 63 66.60 -97.75 47.44
N THR DA 64 65.84 -97.66 48.52
CA THR DA 64 66.41 -97.37 49.83
C THR DA 64 65.79 -98.31 50.86
N LEU DA 65 66.65 -99.00 51.61
CA LEU DA 65 66.24 -99.96 52.64
C LEU DA 65 66.93 -99.56 53.94
N SER DA 66 66.16 -99.18 54.95
CA SER DA 66 66.69 -98.68 56.22
C SER DA 66 66.22 -99.55 57.37
N LEU DA 67 67.16 -100.09 58.13
CA LEU DA 67 66.83 -100.72 59.40
C LEU DA 67 67.11 -99.71 60.51
N ARG DA 68 66.13 -99.55 61.42
CA ARG DA 68 66.24 -98.62 62.53
C ARG DA 68 65.77 -99.29 63.81
N ARG DA 69 66.64 -99.32 64.83
CA ARG DA 69 66.32 -99.98 66.09
C ARG DA 69 66.79 -99.11 67.23
N GLU DA 70 65.87 -98.74 68.14
CA GLU DA 70 66.17 -97.80 69.21
C GLU DA 70 66.51 -98.58 70.48
N VAL DA 71 67.79 -98.69 70.78
CA VAL DA 71 68.26 -99.51 71.90
C VAL DA 71 68.21 -98.70 73.18
N THR DA 72 67.86 -99.36 74.28
CA THR DA 72 68.12 -98.81 75.59
C THR DA 72 69.59 -98.97 75.91
N ILE DA 73 70.26 -97.85 76.19
CA ILE DA 73 71.69 -97.82 76.45
C ILE DA 73 71.89 -97.66 77.95
N ASN DA 74 72.83 -98.45 78.47
CA ASN DA 74 73.28 -98.48 79.86
C ASN DA 74 72.12 -98.34 80.86
N LYS DA 75 71.23 -99.35 80.78
CA LYS DA 75 70.01 -99.36 81.58
C LYS DA 75 70.32 -99.35 83.07
N GLY DA 76 71.16 -100.29 83.52
CA GLY DA 76 71.47 -100.36 84.95
C GLY DA 76 72.05 -99.05 85.47
N THR DA 77 72.89 -98.41 84.66
CA THR DA 77 73.57 -97.19 85.07
C THR DA 77 72.61 -96.00 84.96
N ASP DA 78 72.98 -94.89 85.59
CA ASP DA 78 72.26 -93.65 85.41
C ASP DA 78 72.41 -93.14 83.98
N GLN DA 79 71.51 -92.25 83.58
CA GLN DA 79 71.43 -91.76 82.21
C GLN DA 79 71.17 -92.89 81.21
N GLU DA 80 70.40 -93.89 81.62
CA GLU DA 80 69.79 -94.83 80.68
C GLU DA 80 69.05 -94.07 79.60
N LYS DA 81 69.35 -94.35 78.32
CA LYS DA 81 68.70 -93.58 77.26
C LYS DA 81 68.32 -94.47 76.08
N ILE DA 82 67.14 -94.22 75.51
CA ILE DA 82 66.72 -94.93 74.29
C ILE DA 82 67.25 -94.15 73.09
N VAL DA 83 68.11 -94.78 72.31
CA VAL DA 83 68.84 -94.10 71.25
C VAL DA 83 68.81 -94.97 70.00
N PRO DA 84 68.56 -94.40 68.82
CA PRO DA 84 68.42 -95.24 67.62
C PRO DA 84 69.70 -95.53 66.86
N MET DA 85 69.93 -96.80 66.49
CA MET DA 85 70.97 -97.15 65.54
C MET DA 85 70.31 -97.43 64.20
N ILE DA 86 70.98 -97.02 63.12
CA ILE DA 86 70.42 -97.12 61.78
C ILE DA 86 71.46 -97.67 60.82
N ALA DA 87 71.04 -98.58 59.96
CA ALA DA 87 71.86 -99.12 58.87
C ALA DA 87 71.03 -99.14 57.58
N ARG DA 88 71.50 -98.40 56.56
CA ARG DA 88 70.80 -98.19 55.30
C ARG DA 88 71.60 -98.71 54.13
N ILE DA 89 70.86 -99.25 53.17
CA ILE DA 89 71.34 -99.52 51.83
C ILE DA 89 70.62 -98.54 50.91
N GLU DA 90 71.36 -97.75 50.14
CA GLU DA 90 70.74 -96.83 49.19
C GLU DA 90 71.37 -97.09 47.82
N THR DA 91 70.54 -97.22 46.79
CA THR DA 91 71.00 -97.68 45.48
C THR DA 91 70.32 -96.94 44.36
N SER DA 92 71.11 -96.30 43.50
CA SER DA 92 70.61 -95.61 42.32
C SER DA 92 71.12 -96.33 41.07
N VAL DA 93 70.22 -96.99 40.36
CA VAL DA 93 70.52 -97.78 39.17
C VAL DA 93 69.85 -97.11 37.98
N PRO DA 94 70.61 -96.52 37.06
CA PRO DA 94 70.00 -96.02 35.82
C PRO DA 94 69.41 -97.15 34.98
N VAL DA 95 68.54 -96.78 34.04
CA VAL DA 95 67.69 -97.77 33.38
C VAL DA 95 68.52 -98.80 32.61
N GLY DA 96 69.43 -98.33 31.75
CA GLY DA 96 70.18 -99.20 30.86
C GLY DA 96 71.12 -100.19 31.54
N VAL DA 97 71.30 -100.07 32.86
CA VAL DA 97 72.27 -100.89 33.57
C VAL DA 97 71.95 -102.37 33.41
N SER DA 98 72.99 -103.19 33.31
CA SER DA 98 72.84 -104.64 33.18
C SER DA 98 72.78 -105.32 34.53
N GLN DA 99 71.85 -106.27 34.67
CA GLN DA 99 71.66 -106.98 35.93
C GLN DA 99 72.93 -107.68 36.36
N ASP DA 100 73.72 -108.16 35.40
CA ASP DA 100 74.97 -108.85 35.72
C ASP DA 100 75.93 -107.91 36.44
N ASP DA 101 76.21 -106.76 35.82
CA ASP DA 101 77.15 -105.80 36.39
C ASP DA 101 76.68 -105.33 37.76
N PHE DA 102 75.38 -105.05 37.88
CA PHE DA 102 74.92 -104.50 39.14
C PHE DA 102 74.91 -105.54 40.25
N LYS DA 103 74.56 -106.80 39.95
CA LYS DA 103 74.68 -107.85 40.95
C LYS DA 103 76.12 -108.03 41.39
N ALA DA 104 77.07 -107.83 40.47
CA ALA DA 104 78.48 -107.89 40.86
C ALA DA 104 78.81 -106.82 41.88
N MET DA 105 78.42 -105.56 41.60
CA MET DA 105 78.64 -104.51 42.58
C MET DA 105 77.97 -104.81 43.91
N ILE DA 106 76.75 -105.36 43.87
CA ILE DA 106 76.02 -105.67 45.11
C ILE DA 106 76.79 -106.69 45.94
N GLU DA 107 77.21 -107.78 45.29
CA GLU DA 107 77.95 -108.83 45.98
C GLU DA 107 79.22 -108.26 46.61
N GLY DA 108 79.90 -107.36 45.89
CA GLY DA 108 81.04 -106.69 46.48
C GLY DA 108 80.66 -105.84 47.69
N LEU DA 109 79.58 -105.08 47.58
CA LEU DA 109 79.15 -104.19 48.65
C LEU DA 109 78.78 -104.96 49.91
N ALA DA 110 78.27 -106.18 49.76
CA ALA DA 110 77.85 -106.94 50.91
C ALA DA 110 79.05 -107.40 51.76
N CYS DA 111 80.26 -107.32 51.23
CA CYS DA 111 81.43 -107.88 51.92
C CYS DA 111 81.74 -107.20 53.24
N PRO DA 112 81.84 -105.86 53.33
CA PRO DA 112 82.16 -105.25 54.63
C PRO DA 112 81.11 -105.50 55.70
N LEU DA 113 79.87 -105.78 55.29
CA LEU DA 113 78.84 -106.04 56.30
C LEU DA 113 79.12 -107.33 57.06
N LEU DA 114 79.57 -108.37 56.38
CA LEU DA 114 79.72 -109.68 56.99
C LEU DA 114 81.16 -109.86 57.47
N LEU DA 115 81.52 -109.08 58.49
CA LEU DA 115 82.86 -109.10 59.08
C LEU DA 115 82.79 -109.48 60.56
N ASP DA 116 83.95 -109.80 61.11
CA ASP DA 116 84.07 -110.21 62.50
C ASP DA 116 83.93 -109.00 63.44
N GLU DA 117 83.63 -109.32 64.70
CA GLU DA 117 83.34 -108.27 65.69
C GLU DA 117 84.50 -107.29 65.80
N ILE DA 118 85.73 -107.78 65.67
CA ILE DA 118 86.89 -106.91 65.82
C ILE DA 118 86.86 -105.80 64.77
N HIS DA 119 86.78 -106.18 63.49
CA HIS DA 119 86.75 -105.17 62.43
C HIS DA 119 85.50 -104.31 62.52
N VAL DA 120 84.36 -104.90 62.87
CA VAL DA 120 83.12 -104.13 62.88
C VAL DA 120 83.15 -103.07 63.97
N ASN DA 121 83.66 -103.42 65.16
CA ASN DA 121 83.80 -102.41 66.21
C ASN DA 121 84.85 -101.38 65.85
N ASP DA 122 85.95 -101.81 65.20
CA ASP DA 122 86.97 -100.86 64.82
C ASP DA 122 86.47 -99.85 63.80
N LEU DA 123 85.60 -100.26 62.87
CA LEU DA 123 85.17 -99.39 61.78
C LEU DA 123 83.85 -98.67 62.05
N PHE DA 124 82.79 -99.41 62.38
CA PHE DA 124 81.45 -98.82 62.40
C PHE DA 124 81.12 -98.12 63.71
N LEU DA 125 81.72 -98.54 64.81
CA LEU DA 125 81.47 -97.92 66.11
C LEU DA 125 82.59 -96.95 66.50
N SER DA 126 83.83 -97.44 66.54
CA SER DA 126 84.95 -96.59 66.96
C SER DA 126 85.25 -95.51 65.94
N GLY DA 127 85.11 -95.83 64.65
CA GLY DA 127 85.35 -94.87 63.60
C GLY DA 127 86.73 -94.87 62.99
N LEU DA 128 87.52 -95.92 63.22
CA LEU DA 128 88.86 -96.00 62.69
C LEU DA 128 88.83 -96.05 61.16
N PRO DA 129 89.96 -95.83 60.49
CA PRO DA 129 90.00 -96.04 59.04
C PRO DA 129 89.95 -97.53 58.69
N ILE DA 130 89.71 -97.80 57.41
CA ILE DA 130 89.60 -99.19 56.95
C ILE DA 130 90.94 -99.89 57.12
N ALA DA 131 90.90 -101.11 57.64
CA ALA DA 131 92.11 -101.93 57.79
C ALA DA 131 92.46 -102.55 56.45
N THR DA 132 93.55 -102.09 55.84
CA THR DA 132 94.00 -102.57 54.54
C THR DA 132 94.97 -103.72 54.73
N THR DA 133 94.86 -104.75 53.89
CA THR DA 133 95.72 -105.92 54.00
C THR DA 133 96.39 -106.20 52.66
N ASP DA 134 97.72 -106.21 52.65
CA ASP DA 134 98.44 -106.51 51.42
C ASP DA 134 98.08 -107.91 50.91
N VAL DA 135 97.63 -107.97 49.66
CA VAL DA 135 97.30 -109.26 49.03
C VAL DA 135 98.59 -110.04 48.81
N PRO DA 136 98.69 -111.29 49.26
CA PRO DA 136 99.92 -112.06 48.97
C PRO DA 136 100.08 -112.27 47.49
N ASP DA 137 101.18 -111.74 46.93
CA ASP DA 137 101.46 -111.96 45.53
C ASP DA 137 101.54 -113.45 45.20
N ASN DA 138 101.97 -114.27 46.17
CA ASN DA 138 102.05 -115.70 45.95
C ASN DA 138 100.67 -116.32 45.79
N GLU DA 139 99.70 -115.86 46.60
CA GLU DA 139 98.36 -116.42 46.56
C GLU DA 139 97.64 -115.99 45.29
N PRO DA 140 96.60 -116.73 44.88
CA PRO DA 140 95.91 -116.38 43.64
C PRO DA 140 95.20 -115.04 43.76
N LEU DA 141 95.03 -114.37 42.63
CA LEU DA 141 94.40 -113.06 42.64
C LEU DA 141 92.92 -113.19 43.00
N PRO DA 142 92.41 -112.33 43.88
CA PRO DA 142 91.01 -112.42 44.31
C PRO DA 142 90.06 -112.09 43.16
N PRO DA 143 88.75 -112.36 43.33
CA PRO DA 143 87.81 -112.13 42.23
C PRO DA 143 87.77 -110.67 41.82
N ALA DA 144 87.58 -110.45 40.51
CA ALA DA 144 87.71 -109.14 39.92
C ALA DA 144 86.57 -108.19 40.29
N LEU DA 145 85.46 -108.70 40.81
CA LEU DA 145 84.31 -107.89 41.20
C LEU DA 145 83.55 -107.31 40.02
N LEU DA 146 83.80 -107.86 38.82
CA LEU DA 146 83.22 -107.40 37.55
C LEU DA 146 83.10 -105.88 37.47
N SER EA 1 -61.13 -66.43 42.43
CA SER EA 1 -61.93 -66.82 43.59
C SER EA 1 -61.08 -66.94 44.85
N ILE EA 2 -61.33 -68.00 45.63
CA ILE EA 2 -60.58 -68.29 46.83
C ILE EA 2 -59.74 -69.53 46.57
N LYS EA 3 -58.48 -69.48 46.96
CA LYS EA 3 -57.53 -70.54 46.62
C LYS EA 3 -56.99 -71.21 47.87
N TYR EA 4 -56.91 -72.55 47.81
CA TYR EA 4 -56.03 -73.30 48.68
C TYR EA 4 -54.61 -72.76 48.52
N ILE EA 5 -54.05 -72.30 49.63
CA ILE EA 5 -52.61 -72.07 49.73
C ILE EA 5 -51.89 -73.37 50.04
N PHE EA 6 -52.38 -74.10 51.03
CA PHE EA 6 -51.85 -75.41 51.40
C PHE EA 6 -53.01 -76.35 51.68
N LYS EA 7 -53.18 -77.36 50.83
CA LYS EA 7 -54.20 -78.38 51.04
C LYS EA 7 -53.73 -79.35 52.11
N LYS EA 8 -54.60 -79.61 53.09
CA LYS EA 8 -54.26 -80.52 54.17
C LYS EA 8 -54.12 -81.96 53.67
N THR EA 9 -53.10 -82.64 54.19
CA THR EA 9 -52.85 -84.03 53.85
C THR EA 9 -53.02 -84.90 55.09
N ASP EA 10 -53.51 -86.12 54.88
CA ASP EA 10 -53.64 -87.08 55.97
C ASP EA 10 -52.28 -87.74 56.26
N THR EA 11 -51.35 -86.89 56.67
CA THR EA 11 -49.99 -87.32 57.01
C THR EA 11 -49.73 -86.90 58.46
N LEU EA 12 -49.80 -87.86 59.38
CA LEU EA 12 -49.62 -87.56 60.78
C LEU EA 12 -48.19 -87.09 61.05
N PRO EA 13 -48.00 -86.16 61.99
CA PRO EA 13 -46.64 -85.74 62.33
C PRO EA 13 -45.93 -86.81 63.16
N ARG EA 14 -44.65 -86.99 62.89
CA ARG EA 14 -43.84 -87.86 63.71
C ARG EA 14 -43.71 -87.28 65.10
N SER EA 15 -44.00 -88.07 66.12
CA SER EA 15 -43.68 -87.67 67.48
C SER EA 15 -42.18 -87.39 67.59
N VAL EA 16 -41.82 -86.51 68.52
CA VAL EA 16 -40.44 -86.06 68.67
C VAL EA 16 -39.86 -86.68 69.93
N ILE EA 17 -38.81 -87.46 69.76
CA ILE EA 17 -38.21 -88.22 70.86
C ILE EA 17 -36.77 -87.79 70.98
N GLY EA 18 -36.28 -87.68 72.21
CA GLY EA 18 -34.93 -87.20 72.40
C GLY EA 18 -34.44 -87.40 73.82
N ASN EA 19 -33.34 -86.72 74.12
CA ASN EA 19 -32.81 -86.68 75.48
C ASN EA 19 -32.10 -85.35 75.69
N VAL EA 20 -32.36 -84.73 76.85
CA VAL EA 20 -31.78 -83.43 77.13
C VAL EA 20 -30.26 -83.52 77.11
N LEU EA 21 -29.62 -82.61 76.38
CA LEU EA 21 -28.17 -82.59 76.24
C LEU EA 21 -27.50 -81.56 77.14
N ARG EA 22 -27.81 -80.28 76.97
CA ARG EA 22 -27.20 -79.24 77.77
C ARG EA 22 -28.19 -78.10 77.90
N THR EA 23 -28.06 -77.37 79.00
CA THR EA 23 -28.87 -76.19 79.26
C THR EA 23 -27.94 -74.98 79.16
N THR EA 24 -27.92 -74.36 77.98
CA THR EA 24 -27.02 -73.24 77.73
C THR EA 24 -27.28 -72.09 78.68
N GLY EA 25 -28.52 -71.63 78.74
CA GLY EA 25 -28.91 -70.55 79.61
C GLY EA 25 -30.16 -70.87 80.39
N PRO EA 26 -30.63 -69.91 81.19
CA PRO EA 26 -31.87 -70.15 81.96
C PRO EA 26 -33.09 -70.29 81.08
N ASP EA 27 -33.13 -69.57 79.95
CA ASP EA 27 -34.24 -69.65 79.00
C ASP EA 27 -33.95 -70.58 77.83
N THR EA 28 -32.74 -71.11 77.71
CA THR EA 28 -32.32 -71.87 76.53
C THR EA 28 -31.88 -73.26 76.94
N THR EA 29 -32.51 -74.29 76.36
CA THR EA 29 -32.12 -75.67 76.62
C THR EA 29 -31.97 -76.42 75.29
N VAL EA 30 -30.98 -77.29 75.21
CA VAL EA 30 -30.62 -77.96 73.97
C VAL EA 30 -30.71 -79.46 74.15
N TYR EA 31 -31.52 -80.10 73.32
CA TYR EA 31 -31.78 -81.53 73.37
C TYR EA 31 -31.04 -82.21 72.23
N SER EA 32 -30.46 -83.38 72.52
CA SER EA 32 -29.86 -84.24 71.51
C SER EA 32 -30.89 -85.27 71.07
N LEU EA 33 -31.06 -85.38 69.76
CA LEU EA 33 -32.04 -86.25 69.13
C LEU EA 33 -31.38 -87.52 68.65
N PRO EA 34 -32.17 -88.51 68.20
CA PRO EA 34 -31.56 -89.75 67.72
C PRO EA 34 -30.70 -89.50 66.48
N GLY EA 35 -29.64 -90.29 66.35
CA GLY EA 35 -28.72 -90.13 65.22
C GLY EA 35 -27.73 -89.00 65.38
N HIS EA 36 -27.68 -88.38 66.56
CA HIS EA 36 -26.70 -87.34 66.86
C HIS EA 36 -25.34 -87.99 67.11
N THR EA 37 -24.52 -88.02 66.07
CA THR EA 37 -23.13 -88.36 66.26
C THR EA 37 -22.34 -87.09 66.55
N PRO EA 38 -21.13 -87.21 67.12
CA PRO EA 38 -20.27 -86.02 67.20
C PRO EA 38 -19.92 -85.47 65.83
N VAL EA 39 -19.74 -86.35 64.85
CA VAL EA 39 -19.40 -85.91 63.51
C VAL EA 39 -20.59 -85.21 62.86
N ASN EA 40 -21.79 -85.77 63.00
CA ASN EA 40 -23.00 -85.28 62.34
C ASN EA 40 -24.01 -84.92 63.42
N PRO EA 41 -23.86 -83.76 64.06
CA PRO EA 41 -24.75 -83.43 65.17
C PRO EA 41 -26.18 -83.22 64.71
N PHE EA 42 -27.12 -83.49 65.62
CA PHE EA 42 -28.54 -83.39 65.32
C PHE EA 42 -29.26 -83.02 66.61
N THR EA 43 -29.79 -81.78 66.67
CA THR EA 43 -30.22 -81.22 67.93
C THR EA 43 -31.46 -80.33 67.76
N LEU EA 44 -32.30 -80.37 68.80
CA LEU EA 44 -33.40 -79.42 68.96
C LEU EA 44 -33.00 -78.41 70.03
N THR EA 45 -32.96 -77.14 69.65
CA THR EA 45 -32.72 -76.06 70.60
C THR EA 45 -34.03 -75.33 70.88
N ALA EA 46 -34.32 -75.08 72.15
CA ALA EA 46 -35.56 -74.46 72.58
C ALA EA 46 -35.22 -73.23 73.40
N VAL EA 47 -35.75 -72.08 72.99
CA VAL EA 47 -35.51 -70.81 73.64
C VAL EA 47 -36.86 -70.18 73.92
N SER EA 48 -37.27 -70.17 75.19
CA SER EA 48 -38.56 -69.63 75.60
C SER EA 48 -38.31 -68.39 76.46
N ARG EA 49 -38.65 -67.23 75.93
CA ARG EA 49 -38.41 -65.96 76.61
C ARG EA 49 -39.72 -65.42 77.18
N LEU EA 50 -39.74 -65.23 78.49
CA LEU EA 50 -40.93 -64.81 79.21
C LEU EA 50 -41.27 -63.37 78.88
N PRO EA 51 -42.52 -62.96 79.11
CA PRO EA 51 -42.90 -61.58 78.82
C PRO EA 51 -42.40 -60.65 79.92
N VAL EA 52 -41.82 -59.53 79.52
CA VAL EA 52 -41.42 -58.48 80.44
C VAL EA 52 -42.44 -57.35 80.32
N PRO EA 53 -43.17 -57.04 81.38
CA PRO EA 53 -44.16 -55.96 81.30
C PRO EA 53 -43.49 -54.61 81.22
N ARG EA 54 -44.07 -53.75 80.39
CA ARG EA 54 -43.58 -52.40 80.19
C ARG EA 54 -44.64 -51.46 80.72
N LYS EA 55 -44.26 -50.21 81.01
CA LYS EA 55 -45.20 -49.27 81.61
C LYS EA 55 -46.28 -48.91 80.60
N GLY EA 56 -47.50 -49.41 80.82
CA GLY EA 56 -48.58 -49.24 79.87
C GLY EA 56 -48.65 -50.29 78.79
N ASN EA 57 -47.73 -51.25 78.77
CA ASN EA 57 -47.70 -52.30 77.75
C ASN EA 57 -47.60 -53.65 78.44
N ALA EA 58 -48.50 -54.56 78.11
CA ALA EA 58 -48.34 -55.93 78.56
C ALA EA 58 -47.11 -56.55 77.90
N GLY EA 59 -46.62 -57.63 78.51
CA GLY EA 59 -45.52 -58.36 77.93
C GLY EA 59 -45.95 -59.16 76.71
N THR EA 60 -44.95 -59.71 76.01
CA THR EA 60 -45.17 -60.66 74.93
C THR EA 60 -44.21 -61.83 75.09
N THR EA 61 -44.75 -63.04 75.05
CA THR EA 61 -43.95 -64.26 75.19
C THR EA 61 -43.40 -64.68 73.83
N LYS EA 62 -42.08 -64.90 73.77
CA LYS EA 62 -41.46 -65.40 72.55
C LYS EA 62 -41.01 -66.84 72.78
N THR EA 63 -41.11 -67.66 71.74
CA THR EA 63 -40.80 -69.08 71.83
C THR EA 63 -40.15 -69.51 70.52
N THR EA 64 -39.02 -70.20 70.60
CA THR EA 64 -38.27 -70.54 69.39
C THR EA 64 -37.77 -71.98 69.49
N LEU EA 65 -38.14 -72.81 68.53
CA LEU EA 65 -37.78 -74.22 68.47
C LEU EA 65 -37.05 -74.47 67.14
N SER EA 66 -35.78 -74.88 67.22
CA SER EA 66 -34.95 -75.08 66.03
C SER EA 66 -34.43 -76.50 65.97
N LEU EA 67 -34.72 -77.20 64.86
CA LEU EA 67 -34.09 -78.48 64.57
C LEU EA 67 -32.95 -78.26 63.61
N ARG EA 68 -31.73 -78.64 64.03
CA ARG EA 68 -30.54 -78.49 63.22
C ARG EA 68 -29.86 -79.84 63.04
N ARG EA 69 -29.73 -80.27 61.78
CA ARG EA 69 -29.01 -81.50 61.46
C ARG EA 69 -27.92 -81.21 60.45
N GLU EA 70 -26.68 -81.57 60.77
CA GLU EA 70 -25.56 -81.38 59.85
C GLU EA 70 -25.35 -82.70 59.11
N VAL EA 71 -25.74 -82.72 57.84
CA VAL EA 71 -25.76 -83.93 57.03
C VAL EA 71 -24.53 -83.95 56.13
N THR EA 72 -24.00 -85.14 55.89
CA THR EA 72 -22.94 -85.30 54.90
C THR EA 72 -23.56 -85.25 53.50
N ILE EA 73 -23.03 -84.38 52.65
CA ILE EA 73 -23.50 -84.21 51.28
C ILE EA 73 -22.50 -84.88 50.35
N ASN EA 74 -23.06 -85.59 49.36
CA ASN EA 74 -22.38 -86.33 48.29
C ASN EA 74 -21.14 -87.05 48.79
N LYS EA 75 -21.41 -87.98 49.70
CA LYS EA 75 -20.36 -88.79 50.31
C LYS EA 75 -19.55 -89.55 49.27
N GLY EA 76 -20.23 -90.26 48.38
CA GLY EA 76 -19.51 -91.04 47.39
C GLY EA 76 -18.65 -90.18 46.48
N THR EA 77 -19.16 -89.03 46.09
CA THR EA 77 -18.45 -88.13 45.21
C THR EA 77 -17.32 -87.44 45.98
N ASP EA 78 -16.36 -86.92 45.23
CA ASP EA 78 -15.33 -86.07 45.80
C ASP EA 78 -15.94 -84.78 46.35
N GLN EA 79 -15.22 -84.17 47.29
CA GLN EA 79 -15.66 -82.93 47.95
C GLN EA 79 -16.92 -83.15 48.78
N GLU EA 80 -17.00 -84.29 49.46
CA GLU EA 80 -18.12 -84.51 50.37
C GLU EA 80 -18.02 -83.52 51.51
N LYS EA 81 -19.17 -82.97 51.94
CA LYS EA 81 -19.09 -81.91 52.96
C LYS EA 81 -20.25 -82.01 53.95
N ILE EA 82 -19.95 -81.79 55.23
CA ILE EA 82 -20.99 -81.77 56.25
C ILE EA 82 -21.60 -80.37 56.28
N VAL EA 83 -22.87 -80.28 55.93
CA VAL EA 83 -23.52 -78.98 55.79
C VAL EA 83 -24.80 -79.03 56.62
N PRO EA 84 -25.16 -77.95 57.33
CA PRO EA 84 -26.36 -77.98 58.17
C PRO EA 84 -27.65 -77.61 57.47
N MET EA 85 -28.72 -78.40 57.73
CA MET EA 85 -30.07 -78.01 57.37
C MET EA 85 -30.82 -77.70 58.66
N ILE EA 86 -31.64 -76.66 58.61
CA ILE EA 86 -32.32 -76.14 59.78
C ILE EA 86 -33.79 -75.94 59.48
N ALA EA 87 -34.65 -76.27 60.44
CA ALA EA 87 -36.07 -75.96 60.40
C ALA EA 87 -36.50 -75.38 61.75
N ARG EA 88 -36.99 -74.14 61.76
CA ARG EA 88 -37.36 -73.39 62.96
C ARG EA 88 -38.83 -73.05 62.97
N ILE EA 89 -39.41 -73.14 64.16
CA ILE EA 89 -40.67 -72.54 64.50
C ILE EA 89 -40.35 -71.37 65.43
N GLU EA 90 -40.84 -70.19 65.11
CA GLU EA 90 -40.65 -69.01 65.96
C GLU EA 90 -42.02 -68.38 66.19
N THR EA 91 -42.35 -68.06 67.44
CA THR EA 91 -43.69 -67.62 67.78
C THR EA 91 -43.67 -66.53 68.84
N SER EA 92 -44.25 -65.38 68.52
CA SER EA 92 -44.42 -64.29 69.48
C SER EA 92 -45.90 -64.09 69.77
N VAL EA 93 -46.30 -64.29 71.02
CA VAL EA 93 -47.69 -64.19 71.46
C VAL EA 93 -47.78 -63.12 72.52
N PRO EA 94 -48.51 -62.03 72.29
CA PRO EA 94 -48.77 -61.08 73.38
C PRO EA 94 -49.68 -61.68 74.44
N VAL EA 95 -49.69 -61.05 75.61
CA VAL EA 95 -50.35 -61.65 76.77
C VAL EA 95 -51.85 -61.77 76.56
N GLY EA 96 -52.48 -60.71 76.07
CA GLY EA 96 -53.94 -60.66 75.92
C GLY EA 96 -54.55 -61.71 74.99
N VAL EA 97 -53.72 -62.51 74.32
CA VAL EA 97 -54.20 -63.44 73.30
C VAL EA 97 -55.00 -64.58 73.93
N SER EA 98 -56.06 -65.01 73.22
CA SER EA 98 -56.82 -66.19 73.62
C SER EA 98 -56.18 -67.46 73.06
N GLN EA 99 -56.09 -68.47 73.92
CA GLN EA 99 -55.53 -69.75 73.51
C GLN EA 99 -56.28 -70.34 72.32
N ASP EA 100 -57.58 -70.05 72.20
CA ASP EA 100 -58.35 -70.51 71.06
C ASP EA 100 -57.82 -69.91 69.76
N ASP EA 101 -57.75 -68.57 69.71
CA ASP EA 101 -57.23 -67.89 68.54
C ASP EA 101 -55.85 -68.39 68.16
N PHE EA 102 -54.99 -68.55 69.17
CA PHE EA 102 -53.61 -68.88 68.84
C PHE EA 102 -53.46 -70.33 68.41
N LYS EA 103 -54.21 -71.25 69.03
CA LYS EA 103 -54.15 -72.63 68.54
C LYS EA 103 -54.72 -72.74 67.14
N ALA EA 104 -55.66 -71.86 66.78
CA ALA EA 104 -56.11 -71.81 65.40
C ALA EA 104 -54.96 -71.44 64.46
N MET EA 105 -54.25 -70.37 64.78
CA MET EA 105 -53.09 -70.02 63.95
C MET EA 105 -52.08 -71.17 63.88
N ILE EA 106 -51.86 -71.86 64.99
CA ILE EA 106 -50.86 -72.93 65.00
C ILE EA 106 -51.29 -74.06 64.08
N GLU EA 107 -52.55 -74.50 64.22
CA GLU EA 107 -53.08 -75.57 63.37
C GLU EA 107 -52.95 -75.20 61.90
N GLY EA 108 -53.22 -73.93 61.56
CA GLY EA 108 -52.98 -73.49 60.20
C GLY EA 108 -51.52 -73.61 59.81
N LEU EA 109 -50.62 -73.10 60.66
CA LEU EA 109 -49.20 -73.09 60.35
C LEU EA 109 -48.64 -74.49 60.16
N ALA EA 110 -49.23 -75.48 60.82
CA ALA EA 110 -48.70 -76.83 60.71
C ALA EA 110 -48.95 -77.44 59.33
N CYS EA 111 -49.97 -76.96 58.63
CA CYS EA 111 -50.39 -77.58 57.37
C CYS EA 111 -49.30 -77.70 56.32
N PRO EA 112 -48.53 -76.64 56.00
CA PRO EA 112 -47.51 -76.80 54.94
C PRO EA 112 -46.40 -77.78 55.31
N LEU EA 113 -46.16 -77.99 56.60
CA LEU EA 113 -45.12 -78.95 56.98
C LEU EA 113 -45.49 -80.37 56.57
N LEU EA 114 -46.76 -80.72 56.68
CA LEU EA 114 -47.20 -82.10 56.45
C LEU EA 114 -47.73 -82.24 55.03
N LEU EA 115 -46.80 -82.19 54.07
CA LEU EA 115 -47.13 -82.31 52.66
C LEU EA 115 -46.31 -83.42 52.00
N ASP EA 116 -46.73 -83.80 50.80
CA ASP EA 116 -46.07 -84.88 50.07
C ASP EA 116 -44.70 -84.43 49.52
N GLU EA 117 -43.90 -85.42 49.15
CA GLU EA 117 -42.53 -85.17 48.72
C GLU EA 117 -42.48 -84.22 47.54
N ILE EA 118 -43.46 -84.32 46.64
CA ILE EA 118 -43.45 -83.48 45.44
C ILE EA 118 -43.52 -82.01 45.82
N HIS EA 119 -44.53 -81.63 46.60
CA HIS EA 119 -44.66 -80.24 47.02
C HIS EA 119 -43.50 -79.82 47.91
N VAL EA 120 -43.03 -80.70 48.79
CA VAL EA 120 -41.95 -80.32 49.69
C VAL EA 120 -40.69 -80.01 48.92
N ASN EA 121 -40.35 -80.85 47.94
CA ASN EA 121 -39.16 -80.60 47.13
C ASN EA 121 -39.35 -79.36 46.24
N ASP EA 122 -40.57 -79.14 45.75
CA ASP EA 122 -40.80 -77.97 44.90
C ASP EA 122 -40.68 -76.66 45.70
N LEU EA 123 -41.12 -76.65 46.95
CA LEU EA 123 -41.13 -75.41 47.72
C LEU EA 123 -39.86 -75.21 48.56
N PHE EA 124 -39.53 -76.16 49.42
CA PHE EA 124 -38.49 -75.93 50.44
C PHE EA 124 -37.08 -76.13 49.89
N LEU EA 125 -36.91 -76.91 48.84
CA LEU EA 125 -35.61 -77.22 48.26
C LEU EA 125 -35.38 -76.55 46.91
N SER EA 126 -36.30 -76.71 45.96
CA SER EA 126 -36.13 -76.08 44.66
C SER EA 126 -36.37 -74.58 44.73
N GLY EA 127 -37.30 -74.15 45.59
CA GLY EA 127 -37.59 -72.75 45.77
C GLY EA 127 -38.71 -72.21 44.92
N LEU EA 128 -39.55 -73.09 44.38
CA LEU EA 128 -40.65 -72.68 43.52
C LEU EA 128 -41.68 -71.89 44.33
N PRO EA 129 -42.56 -71.14 43.66
CA PRO EA 129 -43.62 -70.43 44.38
C PRO EA 129 -44.66 -71.42 44.88
N ILE EA 130 -45.46 -70.97 45.85
CA ILE EA 130 -46.48 -71.84 46.42
C ILE EA 130 -47.46 -72.26 45.35
N ALA EA 131 -47.78 -73.56 45.31
CA ALA EA 131 -48.75 -74.10 44.36
C ALA EA 131 -50.16 -73.81 44.85
N THR EA 132 -50.84 -72.85 44.23
CA THR EA 132 -52.20 -72.48 44.61
C THR EA 132 -53.19 -73.36 43.86
N THR EA 133 -54.26 -73.77 44.56
CA THR EA 133 -55.26 -74.65 43.96
C THR EA 133 -56.63 -74.02 44.13
N ASP EA 134 -57.33 -73.79 43.02
CA ASP EA 134 -58.68 -73.24 43.11
C ASP EA 134 -59.59 -74.15 43.91
N VAL EA 135 -60.24 -73.59 44.92
CA VAL EA 135 -61.18 -74.37 45.72
C VAL EA 135 -62.42 -74.67 44.89
N PRO EA 136 -62.86 -75.91 44.78
CA PRO EA 136 -64.09 -76.18 44.02
C PRO EA 136 -65.27 -75.52 44.70
N ASP EA 137 -65.91 -74.59 43.99
CA ASP EA 137 -67.14 -73.99 44.49
C ASP EA 137 -68.18 -75.06 44.78
N ASN EA 138 -68.10 -76.17 44.06
CA ASN EA 138 -69.04 -77.26 44.25
C ASN EA 138 -68.86 -77.91 45.62
N GLU EA 139 -67.62 -78.03 46.07
CA GLU EA 139 -67.23 -78.74 47.27
C GLU EA 139 -67.44 -77.87 48.52
N PRO EA 140 -67.40 -78.45 49.72
CA PRO EA 140 -67.68 -77.66 50.92
C PRO EA 140 -66.57 -76.64 51.17
N LEU EA 141 -66.95 -75.53 51.80
CA LEU EA 141 -65.95 -74.53 52.14
C LEU EA 141 -65.00 -75.09 53.19
N PRO EA 142 -63.69 -74.92 53.02
CA PRO EA 142 -62.73 -75.47 53.96
C PRO EA 142 -62.81 -74.78 55.31
N PRO EA 143 -62.14 -75.30 56.33
CA PRO EA 143 -62.28 -74.72 57.68
C PRO EA 143 -61.78 -73.29 57.72
N ALA EA 144 -62.47 -72.46 58.51
CA ALA EA 144 -62.24 -71.02 58.47
C ALA EA 144 -60.85 -70.62 58.97
N LEU EA 145 -60.19 -71.46 59.78
CA LEU EA 145 -58.90 -71.16 60.39
C LEU EA 145 -59.01 -70.13 61.51
N LEU EA 146 -60.19 -70.07 62.14
CA LEU EA 146 -60.54 -69.08 63.18
C LEU EA 146 -59.75 -67.78 63.06
N SER FA 1 11.09 -110.88 80.94
CA SER FA 1 10.06 -111.26 79.99
C SER FA 1 8.93 -110.25 79.94
N ILE FA 2 7.70 -110.74 79.94
CA ILE FA 2 6.50 -109.91 79.98
C ILE FA 2 5.85 -110.10 81.33
N LYS FA 3 5.41 -109.01 81.94
CA LYS FA 3 4.97 -109.04 83.33
C LYS FA 3 3.55 -108.53 83.48
N TYR FA 4 2.77 -109.25 84.29
CA TYR FA 4 1.54 -108.71 84.86
C TYR FA 4 1.88 -107.44 85.62
N ILE FA 5 1.23 -106.35 85.21
CA ILE FA 5 1.17 -105.12 86.00
C ILE FA 5 0.04 -105.21 87.02
N PHE FA 6 -1.13 -105.63 86.55
CA PHE FA 6 -2.29 -105.84 87.41
C PHE FA 6 -2.99 -107.11 86.97
N LYS FA 7 -2.98 -108.13 87.83
CA LYS FA 7 -3.68 -109.37 87.55
C LYS FA 7 -5.17 -109.16 87.79
N LYS FA 8 -5.99 -109.57 86.82
CA LYS FA 8 -7.43 -109.45 86.94
C LYS FA 8 -7.98 -110.34 88.05
N THR FA 9 -8.87 -109.77 88.85
CA THR FA 9 -9.53 -110.51 89.92
C THR FA 9 -11.02 -110.64 89.62
N ASP FA 10 -11.59 -111.77 90.05
CA ASP FA 10 -13.02 -112.03 89.81
C ASP FA 10 -13.85 -111.34 90.89
N THR FA 11 -13.71 -110.01 90.92
CA THR FA 11 -14.42 -109.15 91.88
C THR FA 11 -15.26 -108.19 91.06
N LEU FA 12 -16.58 -108.40 91.05
CA LEU FA 12 -17.47 -107.58 90.25
C LEU FA 12 -17.56 -106.17 90.84
N PRO FA 13 -17.70 -105.16 90.00
CA PRO FA 13 -17.81 -103.79 90.52
C PRO FA 13 -19.18 -103.53 91.14
N ARG FA 14 -19.17 -102.79 92.23
CA ARG FA 14 -20.43 -102.38 92.86
C ARG FA 14 -21.16 -101.42 91.94
N SER FA 15 -22.43 -101.71 91.69
CA SER FA 15 -23.28 -100.75 90.98
C SER FA 15 -23.34 -99.44 91.76
N VAL FA 16 -23.53 -98.34 91.03
CA VAL FA 16 -23.49 -97.00 91.61
C VAL FA 16 -24.89 -96.43 91.65
N ILE FA 17 -25.42 -96.25 92.85
CA ILE FA 17 -26.78 -95.77 93.05
C ILE FA 17 -26.70 -94.43 93.73
N GLY FA 18 -27.56 -93.50 93.34
CA GLY FA 18 -27.53 -92.17 93.91
C GLY FA 18 -28.77 -91.39 93.60
N ASN FA 19 -28.71 -90.09 93.88
CA ASN FA 19 -29.79 -89.19 93.51
C ASN FA 19 -29.19 -87.82 93.19
N VAL FA 20 -29.70 -87.18 92.14
CA VAL FA 20 -29.12 -85.91 91.69
C VAL FA 20 -29.29 -84.84 92.76
N LEU FA 21 -28.18 -84.23 93.15
CA LEU FA 21 -28.20 -83.21 94.20
C LEU FA 21 -28.30 -81.79 93.65
N ARG FA 22 -27.28 -81.34 92.91
CA ARG FA 22 -27.32 -80.00 92.35
C ARG FA 22 -26.50 -79.95 91.07
N THR FA 23 -26.97 -79.12 90.16
CA THR FA 23 -26.31 -78.88 88.87
C THR FA 23 -25.56 -77.58 89.00
N THR FA 24 -24.25 -77.69 89.23
CA THR FA 24 -23.41 -76.51 89.42
C THR FA 24 -23.36 -75.66 88.16
N GLY FA 25 -22.88 -76.25 87.06
CA GLY FA 25 -22.80 -75.56 85.79
C GLY FA 25 -23.52 -76.33 84.71
N PRO FA 26 -23.50 -75.80 83.48
CA PRO FA 26 -24.14 -76.54 82.38
C PRO FA 26 -23.44 -77.85 82.09
N ASP FA 27 -22.12 -77.87 82.24
CA ASP FA 27 -21.31 -79.07 82.03
C ASP FA 27 -21.01 -79.82 83.33
N THR FA 28 -21.52 -79.37 84.47
CA THR FA 28 -21.15 -79.92 85.76
C THR FA 28 -22.41 -80.27 86.56
N THR FA 29 -22.55 -81.54 86.92
CA THR FA 29 -23.66 -81.98 87.75
C THR FA 29 -23.12 -82.78 88.93
N VAL FA 30 -23.76 -82.65 90.08
CA VAL FA 30 -23.28 -83.27 91.31
C VAL FA 30 -24.38 -84.12 91.93
N TYR FA 31 -24.05 -85.38 92.20
CA TYR FA 31 -24.97 -86.37 92.71
C TYR FA 31 -24.63 -86.68 94.16
N SER FA 32 -25.66 -86.80 94.99
CA SER FA 32 -25.52 -87.23 96.38
C SER FA 32 -25.72 -88.74 96.43
N LEU FA 33 -24.77 -89.43 97.03
CA LEU FA 33 -24.75 -90.88 97.15
C LEU FA 33 -25.28 -91.29 98.51
N PRO FA 34 -25.50 -92.58 98.73
CA PRO FA 34 -25.95 -93.02 100.06
C PRO FA 34 -24.91 -92.73 101.13
N GLY FA 35 -25.39 -92.52 102.36
CA GLY FA 35 -24.51 -92.16 103.44
C GLY FA 35 -24.02 -90.74 103.43
N HIS FA 36 -24.57 -89.91 102.54
CA HIS FA 36 -24.26 -88.48 102.50
C HIS FA 36 -25.01 -87.78 103.61
N THR FA 37 -24.38 -87.70 104.77
CA THR FA 37 -24.88 -86.81 105.80
C THR FA 37 -24.34 -85.40 105.55
N PRO FA 38 -24.99 -84.38 106.10
CA PRO FA 38 -24.39 -83.04 106.08
C PRO FA 38 -23.07 -83.01 106.82
N VAL FA 39 -22.91 -83.85 107.85
CA VAL FA 39 -21.66 -83.92 108.60
C VAL FA 39 -20.57 -84.55 107.74
N ASN FA 40 -20.88 -85.67 107.08
CA ASN FA 40 -19.90 -86.47 106.35
C ASN FA 40 -20.36 -86.61 104.92
N PRO FA 41 -20.18 -85.59 104.09
CA PRO FA 41 -20.74 -85.64 102.74
C PRO FA 41 -20.09 -86.70 101.87
N PHE FA 42 -20.92 -87.27 100.98
CA PHE FA 42 -20.51 -88.28 100.00
C PHE FA 42 -21.06 -87.81 98.67
N THR FA 43 -20.22 -87.46 97.70
CA THR FA 43 -20.77 -86.98 96.43
C THR FA 43 -19.95 -87.45 95.23
N LEU FA 44 -20.67 -87.76 94.16
CA LEU FA 44 -20.08 -87.96 92.83
C LEU FA 44 -20.30 -86.70 92.00
N THR FA 45 -19.22 -86.08 91.56
CA THR FA 45 -19.29 -84.93 90.68
C THR FA 45 -18.90 -85.35 89.26
N ALA FA 46 -19.69 -84.95 88.28
CA ALA FA 46 -19.49 -85.33 86.88
C ALA FA 46 -19.37 -84.07 86.05
N VAL FA 47 -18.28 -83.96 85.30
CA VAL FA 47 -18.00 -82.79 84.47
C VAL FA 47 -17.68 -83.32 83.07
N SER FA 48 -18.60 -83.14 82.13
CA SER FA 48 -18.46 -83.65 80.76
C SER FA 48 -18.38 -82.44 79.84
N ARG FA 49 -17.18 -82.15 79.35
CA ARG FA 49 -16.93 -81.01 78.49
C ARG FA 49 -16.93 -81.44 77.04
N LEU FA 50 -17.87 -80.89 76.29
CA LEU FA 50 -18.15 -81.28 74.92
C LEU FA 50 -17.05 -80.79 73.99
N PRO FA 51 -16.90 -81.40 72.83
CA PRO FA 51 -15.79 -81.04 71.95
C PRO FA 51 -16.15 -79.88 71.04
N VAL FA 52 -15.30 -78.86 71.00
CA VAL FA 52 -15.48 -77.73 70.11
C VAL FA 52 -14.60 -77.94 68.88
N PRO FA 53 -15.17 -78.06 67.68
CA PRO FA 53 -14.35 -78.31 66.49
C PRO FA 53 -13.81 -77.00 65.95
N ARG FA 54 -12.50 -76.86 65.93
CA ARG FA 54 -11.84 -75.77 65.22
C ARG FA 54 -11.68 -76.15 63.74
N LYS FA 55 -11.52 -75.14 62.89
CA LYS FA 55 -11.45 -75.43 61.47
C LYS FA 55 -10.26 -76.33 61.17
N GLY FA 56 -10.54 -77.47 60.55
CA GLY FA 56 -9.51 -78.46 60.28
C GLY FA 56 -9.19 -79.38 61.43
N ASN FA 57 -9.91 -79.30 62.54
CA ASN FA 57 -9.67 -80.15 63.71
C ASN FA 57 -11.00 -80.65 64.25
N ALA FA 58 -11.10 -81.96 64.43
CA ALA FA 58 -12.22 -82.48 65.20
C ALA FA 58 -12.03 -82.14 66.68
N GLY FA 59 -13.14 -82.10 67.39
CA GLY FA 59 -13.07 -81.80 68.81
C GLY FA 59 -12.35 -82.89 69.59
N THR FA 60 -12.21 -82.66 70.89
CA THR FA 60 -11.75 -83.66 71.85
C THR FA 60 -12.63 -83.58 73.09
N THR FA 61 -13.34 -84.67 73.40
CA THR FA 61 -14.28 -84.70 74.52
C THR FA 61 -13.57 -85.04 75.81
N LYS FA 62 -13.78 -84.22 76.84
CA LYS FA 62 -13.21 -84.50 78.16
C LYS FA 62 -14.32 -84.91 79.12
N THR FA 63 -14.02 -85.88 79.99
CA THR FA 63 -15.02 -86.43 80.90
C THR FA 63 -14.34 -86.68 82.24
N THR FA 64 -14.93 -86.19 83.32
CA THR FA 64 -14.31 -86.29 84.64
C THR FA 64 -15.35 -86.72 85.67
N LEU FA 65 -15.07 -87.81 86.39
CA LEU FA 65 -15.97 -88.39 87.37
C LEU FA 65 -15.21 -88.51 88.68
N SER FA 66 -15.66 -87.79 89.72
CA SER FA 66 -14.94 -87.73 90.99
C SER FA 66 -15.86 -88.19 92.12
N LEU FA 67 -15.45 -89.23 92.86
CA LEU FA 67 -16.11 -89.59 94.11
C LEU FA 67 -15.31 -88.99 95.25
N ARG FA 68 -15.98 -88.18 96.07
CA ARG FA 68 -15.36 -87.55 97.24
C ARG FA 68 -16.20 -87.87 98.47
N ARG FA 69 -15.58 -88.49 99.47
CA ARG FA 69 -16.29 -88.74 100.72
C ARG FA 69 -15.39 -88.39 101.90
N GLU FA 70 -15.90 -87.57 102.81
CA GLU FA 70 -15.11 -87.03 103.92
C GLU FA 70 -15.35 -87.89 105.16
N VAL FA 71 -14.39 -88.74 105.49
CA VAL FA 71 -14.54 -89.69 106.59
C VAL FA 71 -14.14 -89.03 107.90
N THR FA 72 -14.88 -89.34 108.96
CA THR FA 72 -14.41 -89.10 110.32
C THR FA 72 -13.33 -90.14 110.62
N ILE FA 73 -12.08 -89.73 110.50
CA ILE FA 73 -10.93 -90.56 110.84
C ILE FA 73 -10.67 -90.51 112.33
N ASN FA 74 -10.31 -91.69 112.86
CA ASN FA 74 -10.02 -91.99 114.26
C ASN FA 74 -11.00 -91.30 115.22
N LYS FA 75 -12.29 -91.64 115.01
CA LYS FA 75 -13.37 -91.07 115.80
C LYS FA 75 -13.20 -91.34 117.28
N GLY FA 76 -12.99 -92.61 117.67
CA GLY FA 76 -12.86 -92.92 119.08
C GLY FA 76 -11.81 -92.09 119.77
N THR FA 77 -10.65 -91.94 119.13
CA THR FA 77 -9.52 -91.21 119.71
C THR FA 77 -9.81 -89.70 119.72
N ASP FA 78 -9.22 -89.00 120.67
CA ASP FA 78 -9.32 -87.56 120.70
C ASP FA 78 -8.57 -86.95 119.52
N GLN FA 79 -8.88 -85.69 119.23
CA GLN FA 79 -8.44 -85.02 118.01
C GLN FA 79 -8.85 -85.83 116.79
N GLU FA 80 -10.07 -86.35 116.82
CA GLU FA 80 -10.67 -87.02 115.67
C GLU FA 80 -10.94 -85.98 114.60
N LYS FA 81 -10.80 -86.36 113.33
CA LYS FA 81 -10.93 -85.32 112.30
C LYS FA 81 -11.75 -85.80 111.11
N ILE FA 82 -12.30 -84.85 110.35
CA ILE FA 82 -13.03 -85.16 109.12
C ILE FA 82 -12.11 -84.84 107.95
N VAL FA 83 -11.80 -85.85 107.14
CA VAL FA 83 -10.81 -85.67 106.08
C VAL FA 83 -11.34 -86.31 104.80
N PRO FA 84 -11.19 -85.66 103.65
CA PRO FA 84 -11.79 -86.19 102.41
C PRO FA 84 -10.92 -87.16 101.63
N MET FA 85 -11.44 -88.34 101.28
CA MET FA 85 -10.77 -89.21 100.33
C MET FA 85 -11.45 -89.07 98.98
N ILE FA 86 -10.65 -89.09 97.91
CA ILE FA 86 -11.14 -88.80 96.58
C ILE FA 86 -10.57 -89.81 95.60
N ALA FA 87 -11.43 -90.30 94.70
CA ALA FA 87 -11.02 -91.15 93.59
C ALA FA 87 -11.70 -90.65 92.31
N ARG FA 88 -10.89 -90.34 91.28
CA ARG FA 88 -11.33 -89.74 90.03
C ARG FA 88 -10.98 -90.60 88.85
N ILE FA 89 -11.90 -90.61 87.89
CA ILE FA 89 -11.64 -91.07 86.54
C ILE FA 89 -11.65 -89.83 85.66
N GLU FA 90 -10.57 -89.60 84.91
CA GLU FA 90 -10.49 -88.48 83.98
C GLU FA 90 -10.13 -89.02 82.62
N THR FA 91 -10.85 -88.61 81.58
CA THR FA 91 -10.73 -89.22 80.27
C THR FA 91 -10.83 -88.19 79.16
N SER FA 92 -9.81 -88.14 78.30
CA SER FA 92 -9.80 -87.26 77.13
C SER FA 92 -9.79 -88.12 75.87
N VAL FA 93 -10.88 -88.07 75.11
CA VAL FA 93 -11.06 -88.86 73.90
C VAL FA 93 -11.24 -87.92 72.72
N PRO FA 94 -10.31 -87.86 71.78
CA PRO FA 94 -10.54 -87.09 70.55
C PRO FA 94 -11.67 -87.69 69.73
N VAL FA 95 -12.19 -86.90 68.81
CA VAL FA 95 -13.40 -87.30 68.08
C VAL FA 95 -13.15 -88.56 67.26
N GLY FA 96 -12.12 -88.55 66.42
CA GLY FA 96 -11.84 -89.67 65.53
C GLY FA 96 -11.68 -91.05 66.16
N VAL FA 97 -11.59 -91.11 67.49
CA VAL FA 97 -11.34 -92.36 68.20
C VAL FA 97 -12.46 -93.36 67.95
N SER FA 98 -12.08 -94.65 67.88
CA SER FA 98 -13.04 -95.73 67.71
C SER FA 98 -13.54 -96.24 69.05
N GLN FA 99 -14.85 -96.43 69.14
CA GLN FA 99 -15.47 -96.89 70.38
C GLN FA 99 -14.93 -98.24 70.81
N ASP FA 100 -14.59 -99.11 69.85
CA ASP FA 100 -14.01 -100.40 70.19
C ASP FA 100 -12.68 -100.24 70.91
N ASP FA 101 -11.77 -99.46 70.32
CA ASP FA 101 -10.44 -99.26 70.90
C ASP FA 101 -10.56 -98.65 72.30
N PHE FA 102 -11.37 -97.61 72.42
CA PHE FA 102 -11.43 -96.94 73.72
C PHE FA 102 -12.13 -97.78 74.77
N LYS FA 103 -13.12 -98.59 74.37
CA LYS FA 103 -13.78 -99.45 75.34
C LYS FA 103 -12.83 -100.53 75.84
N ALA FA 104 -11.94 -101.02 74.97
CA ALA FA 104 -10.93 -101.99 75.42
C ALA FA 104 -9.94 -101.34 76.38
N MET FA 105 -9.48 -100.15 76.06
CA MET FA 105 -8.59 -99.43 76.96
C MET FA 105 -9.25 -99.16 78.31
N ILE FA 106 -10.55 -98.82 78.32
CA ILE FA 106 -11.27 -98.63 79.58
C ILE FA 106 -11.31 -99.93 80.37
N GLU FA 107 -11.68 -101.03 79.70
CA GLU FA 107 -11.70 -102.34 80.36
C GLU FA 107 -10.37 -102.63 81.03
N GLY FA 108 -9.27 -102.30 80.33
CA GLY FA 108 -7.96 -102.46 80.95
C GLY FA 108 -7.78 -101.58 82.17
N LEU FA 109 -8.16 -100.31 82.05
CA LEU FA 109 -7.97 -99.37 83.15
C LEU FA 109 -8.77 -99.76 84.39
N ALA FA 110 -9.88 -100.46 84.21
CA ALA FA 110 -10.69 -100.84 85.36
C ALA FA 110 -10.03 -101.92 86.22
N CYS FA 111 -9.01 -102.60 85.70
CA CYS FA 111 -8.44 -103.75 86.40
C CYS FA 111 -7.81 -103.40 87.75
N PRO FA 112 -6.95 -102.38 87.87
CA PRO FA 112 -6.36 -102.10 89.20
C PRO FA 112 -7.37 -101.69 90.24
N LEU FA 113 -8.53 -101.20 89.82
CA LEU FA 113 -9.53 -100.83 90.81
C LEU FA 113 -10.11 -102.04 91.53
N LEU FA 114 -10.31 -103.15 90.81
CA LEU FA 114 -10.97 -104.32 91.37
C LEU FA 114 -9.92 -105.32 91.85
N LEU FA 115 -9.21 -104.95 92.90
CA LEU FA 115 -8.17 -105.78 93.50
C LEU FA 115 -8.46 -106.06 94.96
N ASP FA 116 -7.73 -107.03 95.51
CA ASP FA 116 -7.91 -107.45 96.90
C ASP FA 116 -7.34 -106.42 97.87
N GLU FA 117 -7.78 -106.52 99.12
CA GLU FA 117 -7.41 -105.53 100.14
C GLU FA 117 -5.90 -105.43 100.28
N ILE FA 118 -5.18 -106.56 100.14
CA ILE FA 118 -3.75 -106.54 100.33
C ILE FA 118 -3.09 -105.60 99.31
N HIS FA 119 -3.36 -105.83 98.02
CA HIS FA 119 -2.78 -104.98 96.98
C HIS FA 119 -3.28 -103.55 97.09
N VAL FA 120 -4.55 -103.36 97.44
CA VAL FA 120 -5.10 -102.01 97.47
C VAL FA 120 -4.45 -101.20 98.58
N ASN FA 121 -4.26 -101.80 99.75
CA ASN FA 121 -3.57 -101.10 100.84
C ASN FA 121 -2.09 -100.89 100.51
N ASP FA 122 -1.47 -101.85 99.81
CA ASP FA 122 -0.06 -101.68 99.49
C ASP FA 122 0.15 -100.55 98.48
N LEU FA 123 -0.77 -100.34 97.55
CA LEU FA 123 -0.57 -99.34 96.50
C LEU FA 123 -1.21 -97.99 96.77
N PHE FA 124 -2.51 -97.96 97.09
CA PHE FA 124 -3.23 -96.70 97.12
C PHE FA 124 -3.10 -95.94 98.44
N LEU FA 125 -2.92 -96.66 99.55
CA LEU FA 125 -2.79 -96.04 100.86
C LEU FA 125 -1.32 -95.97 101.30
N SER FA 126 -0.62 -97.10 101.30
CA SER FA 126 0.75 -97.13 101.79
C SER FA 126 1.70 -96.44 100.82
N GLY FA 127 1.42 -96.53 99.52
CA GLY FA 127 2.32 -95.99 98.52
C GLY FA 127 3.46 -96.89 98.13
N LEU FA 128 3.43 -98.15 98.55
CA LEU FA 128 4.47 -99.10 98.18
C LEU FA 128 4.53 -99.25 96.65
N PRO FA 129 5.70 -99.59 96.11
CA PRO FA 129 5.80 -99.72 94.65
C PRO FA 129 5.00 -100.90 94.11
N ILE FA 130 4.64 -100.82 92.83
CA ILE FA 130 3.88 -101.90 92.20
C ILE FA 130 4.76 -103.12 92.03
N ALA FA 131 4.23 -104.29 92.41
CA ALA FA 131 4.96 -105.55 92.31
C ALA FA 131 4.60 -106.21 90.98
N THR FA 132 5.58 -106.26 90.07
CA THR FA 132 5.40 -106.90 88.78
C THR FA 132 5.45 -108.41 88.94
N THR FA 133 4.55 -109.12 88.25
CA THR FA 133 4.49 -110.58 88.37
C THR FA 133 4.81 -111.23 87.02
N ASP FA 134 5.80 -112.12 87.01
CA ASP FA 134 6.12 -112.82 85.76
C ASP FA 134 4.93 -113.64 85.29
N VAL FA 135 4.56 -113.44 84.03
CA VAL FA 135 3.52 -114.27 83.41
C VAL FA 135 4.09 -115.66 83.13
N PRO FA 136 3.42 -116.73 83.53
CA PRO FA 136 3.98 -118.07 83.25
C PRO FA 136 4.03 -118.33 81.75
N ASP FA 137 5.24 -118.55 81.23
CA ASP FA 137 5.38 -118.90 79.82
C ASP FA 137 4.58 -120.14 79.49
N ASN FA 138 4.39 -121.04 80.46
CA ASN FA 138 3.62 -122.25 80.23
C ASN FA 138 2.14 -121.93 80.04
N GLU FA 139 1.63 -120.95 80.77
CA GLU FA 139 0.22 -120.60 80.75
C GLU FA 139 -0.12 -119.79 79.50
N PRO FA 140 -1.41 -119.72 79.12
CA PRO FA 140 -1.78 -118.98 77.90
C PRO FA 140 -1.56 -117.49 78.06
N LEU FA 141 -1.24 -116.83 76.96
CA LEU FA 141 -0.96 -115.39 77.00
C LEU FA 141 -2.24 -114.64 77.38
N PRO FA 142 -2.14 -113.63 78.24
CA PRO FA 142 -3.32 -112.88 78.67
C PRO FA 142 -3.88 -112.03 77.54
N PRO FA 143 -5.09 -111.49 77.70
CA PRO FA 143 -5.70 -110.71 76.59
C PRO FA 143 -4.85 -109.51 76.20
N ALA FA 144 -4.87 -109.21 74.90
CA ALA FA 144 -3.95 -108.22 74.34
C ALA FA 144 -4.26 -106.79 74.78
N LEU FA 145 -5.49 -106.52 75.25
CA LEU FA 145 -5.94 -105.20 75.66
C LEU FA 145 -6.21 -104.26 74.48
N LEU FA 146 -6.36 -104.83 73.28
CA LEU FA 146 -6.51 -104.10 72.02
C LEU FA 146 -5.69 -102.82 71.97
N SER GA 1 -46.84 -63.74 135.20
CA SER GA 1 -46.67 -65.19 135.09
C SER GA 1 -46.09 -65.57 133.74
N ILE GA 2 -46.63 -66.63 133.16
CA ILE GA 2 -46.23 -67.12 131.85
C ILE GA 2 -47.36 -66.80 130.87
N LYS GA 3 -47.02 -66.27 129.71
CA LYS GA 3 -48.01 -65.78 128.78
C LYS GA 3 -47.96 -66.53 127.45
N TYR GA 4 -49.14 -66.88 126.93
CA TYR GA 4 -49.30 -67.17 125.52
C TYR GA 4 -48.77 -65.99 124.71
N ILE GA 5 -47.77 -66.28 123.88
CA ILE GA 5 -47.36 -65.38 122.81
C ILE GA 5 -48.31 -65.53 121.62
N PHE GA 6 -48.48 -66.77 121.17
CA PHE GA 6 -49.40 -67.10 120.10
C PHE GA 6 -50.17 -68.35 120.50
N LYS GA 7 -51.49 -68.20 120.70
CA LYS GA 7 -52.33 -69.34 121.02
C LYS GA 7 -52.61 -70.13 119.76
N LYS GA 8 -52.40 -71.43 119.83
CA LYS GA 8 -52.62 -72.30 118.67
C LYS GA 8 -54.09 -72.34 118.27
N THR GA 9 -54.34 -72.24 116.97
CA THR GA 9 -55.69 -72.32 116.43
C THR GA 9 -55.84 -73.58 115.58
N ASP GA 10 -57.04 -74.15 115.59
CA ASP GA 10 -57.33 -75.36 114.85
C ASP GA 10 -57.66 -75.02 113.39
N THR GA 11 -56.68 -74.41 112.73
CA THR GA 11 -56.81 -73.99 111.34
C THR GA 11 -55.69 -74.66 110.55
N LEU GA 12 -56.06 -75.65 109.73
CA LEU GA 12 -55.07 -76.41 108.99
C LEU GA 12 -54.42 -75.56 107.91
N PRO GA 13 -53.14 -75.80 107.62
CA PRO GA 13 -52.48 -75.02 106.57
C PRO GA 13 -52.94 -75.46 105.18
N ARG GA 14 -53.14 -74.48 104.30
CA ARG GA 14 -53.44 -74.79 102.92
C ARG GA 14 -52.24 -75.47 102.27
N SER GA 15 -52.48 -76.61 101.63
CA SER GA 15 -51.44 -77.25 100.84
C SER GA 15 -51.01 -76.31 99.71
N VAL GA 16 -49.74 -76.43 99.31
CA VAL GA 16 -49.12 -75.51 98.35
C VAL GA 16 -48.98 -76.21 97.02
N ILE GA 17 -49.71 -75.73 96.01
CA ILE GA 17 -49.73 -76.34 94.69
C ILE GA 17 -49.19 -75.34 93.69
N GLY GA 18 -48.40 -75.82 92.74
CA GLY GA 18 -47.77 -74.91 91.80
C GLY GA 18 -47.20 -75.65 90.61
N ASN GA 19 -46.34 -74.94 89.88
CA ASN GA 19 -45.59 -75.55 88.78
C ASN GA 19 -44.28 -74.79 88.58
N VAL GA 20 -43.20 -75.53 88.30
CA VAL GA 20 -41.89 -74.91 88.19
C VAL GA 20 -41.82 -73.98 86.98
N LEU GA 21 -41.48 -72.71 87.22
CA LEU GA 21 -41.44 -71.69 86.16
C LEU GA 21 -40.05 -71.55 85.55
N ARG GA 22 -39.06 -71.19 86.35
CA ARG GA 22 -37.69 -71.06 85.88
C ARG GA 22 -36.75 -71.40 87.01
N THR GA 23 -35.52 -71.75 86.64
CA THR GA 23 -34.43 -72.01 87.58
C THR GA 23 -33.40 -70.92 87.36
N THR GA 24 -33.45 -69.89 88.21
CA THR GA 24 -32.55 -68.74 88.05
C THR GA 24 -31.09 -69.16 88.16
N GLY GA 25 -30.73 -69.80 89.28
CA GLY GA 25 -29.39 -70.24 89.52
C GLY GA 25 -29.35 -71.68 89.99
N PRO GA 26 -28.15 -72.18 90.31
CA PRO GA 26 -28.03 -73.58 90.74
C PRO GA 26 -28.64 -73.83 92.11
N ASP GA 27 -28.72 -72.80 92.95
CA ASP GA 27 -29.35 -72.91 94.26
C ASP GA 27 -30.72 -72.23 94.33
N THR GA 28 -31.17 -71.61 93.24
CA THR GA 28 -32.37 -70.77 93.24
C THR GA 28 -33.33 -71.27 92.19
N THR GA 29 -34.54 -71.66 92.61
CA THR GA 29 -35.58 -72.09 91.68
C THR GA 29 -36.89 -71.37 91.98
N VAL GA 30 -37.60 -70.97 90.93
CA VAL GA 30 -38.79 -70.14 91.05
C VAL GA 30 -39.99 -70.88 90.49
N TYR GA 31 -41.06 -70.94 91.29
CA TYR GA 31 -42.27 -71.67 90.95
C TYR GA 31 -43.38 -70.64 90.74
N SER GA 32 -44.17 -70.85 89.67
CA SER GA 32 -45.38 -70.07 89.45
C SER GA 32 -46.55 -70.79 90.11
N LEU GA 33 -47.30 -70.06 90.90
CA LEU GA 33 -48.45 -70.53 91.65
C LEU GA 33 -49.74 -70.18 90.93
N PRO GA 34 -50.87 -70.70 91.38
CA PRO GA 34 -52.14 -70.38 90.69
C PRO GA 34 -52.45 -68.89 90.75
N GLY GA 35 -53.13 -68.40 89.73
CA GLY GA 35 -53.46 -66.99 89.67
C GLY GA 35 -52.31 -66.08 89.28
N HIS GA 36 -51.30 -66.63 88.64
CA HIS GA 36 -50.10 -65.88 88.23
C HIS GA 36 -50.29 -65.37 86.82
N THR GA 37 -50.82 -64.15 86.71
CA THR GA 37 -50.77 -63.47 85.43
C THR GA 37 -49.46 -62.68 85.33
N PRO GA 38 -49.00 -62.39 84.12
CA PRO GA 38 -47.77 -61.58 84.00
C PRO GA 38 -47.96 -60.20 84.58
N VAL GA 39 -49.17 -59.65 84.48
CA VAL GA 39 -49.45 -58.33 85.04
C VAL GA 39 -49.42 -58.38 86.56
N ASN GA 40 -50.02 -59.41 87.15
CA ASN GA 40 -50.15 -59.55 88.60
C ASN GA 40 -49.48 -60.85 89.04
N PRO GA 41 -48.15 -60.90 89.02
CA PRO GA 41 -47.46 -62.18 89.26
C PRO GA 41 -47.59 -62.65 90.70
N PHE GA 42 -47.56 -63.97 90.86
CA PHE GA 42 -47.64 -64.61 92.17
C PHE GA 42 -46.80 -65.87 92.14
N THR GA 43 -45.69 -65.87 92.90
CA THR GA 43 -44.63 -66.85 92.74
C THR GA 43 -43.96 -67.18 94.07
N LEU GA 44 -43.55 -68.45 94.19
CA LEU GA 44 -42.72 -68.93 95.29
C LEU GA 44 -41.29 -69.10 94.79
N THR GA 45 -40.38 -68.31 95.35
CA THR GA 45 -38.95 -68.47 95.08
C THR GA 45 -38.33 -69.28 96.22
N ALA GA 46 -37.47 -70.22 95.86
CA ALA GA 46 -36.83 -71.11 96.83
C ALA GA 46 -35.33 -71.06 96.61
N VAL GA 47 -34.60 -70.67 97.65
CA VAL GA 47 -33.15 -70.53 97.60
C VAL GA 47 -32.59 -71.39 98.73
N SER GA 48 -31.97 -72.52 98.38
CA SER GA 48 -31.37 -73.42 99.37
C SER GA 48 -29.86 -73.42 99.17
N ARG GA 49 -29.12 -72.87 100.14
CA ARG GA 49 -27.68 -72.75 100.04
C ARG GA 49 -27.02 -73.76 100.96
N LEU GA 50 -26.18 -74.62 100.36
CA LEU GA 50 -25.51 -75.69 101.07
C LEU GA 50 -24.50 -75.14 102.07
N PRO GA 51 -24.10 -75.94 103.05
CA PRO GA 51 -23.07 -75.51 103.97
C PRO GA 51 -21.69 -75.61 103.32
N VAL GA 52 -20.88 -74.58 103.54
CA VAL GA 52 -19.50 -74.57 103.11
C VAL GA 52 -18.61 -74.74 104.34
N PRO GA 53 -17.89 -75.84 104.47
CA PRO GA 53 -17.03 -76.03 105.65
C PRO GA 53 -15.94 -74.98 105.68
N ARG GA 54 -15.61 -74.54 106.88
CA ARG GA 54 -14.53 -73.60 107.13
C ARG GA 54 -13.53 -74.28 108.04
N LYS GA 55 -12.28 -73.86 107.98
CA LYS GA 55 -11.24 -74.56 108.73
C LYS GA 55 -11.52 -74.41 110.22
N GLY GA 56 -11.89 -75.52 110.87
CA GLY GA 56 -12.28 -75.52 112.26
C GLY GA 56 -13.76 -75.25 112.51
N ASN GA 57 -14.54 -74.99 111.46
CA ASN GA 57 -15.95 -74.66 111.60
C ASN GA 57 -16.77 -75.55 110.68
N ALA GA 58 -17.82 -76.17 111.23
CA ALA GA 58 -18.75 -76.88 110.39
C ALA GA 58 -19.61 -75.90 109.60
N GLY GA 59 -20.14 -76.37 108.48
CA GLY GA 59 -20.99 -75.53 107.66
C GLY GA 59 -22.32 -75.21 108.33
N THR GA 60 -23.07 -74.31 107.69
CA THR GA 60 -24.44 -74.03 108.08
C THR GA 60 -25.31 -73.96 106.82
N THR GA 61 -26.40 -74.71 106.81
CA THR GA 61 -27.33 -74.73 105.69
C THR GA 61 -28.33 -73.58 105.81
N LYS GA 62 -28.43 -72.76 104.77
CA LYS GA 62 -29.42 -71.70 104.74
C LYS GA 62 -30.53 -72.08 103.75
N THR GA 63 -31.76 -71.71 104.09
CA THR GA 63 -32.92 -72.08 103.29
C THR GA 63 -33.90 -70.91 103.33
N THR GA 64 -34.33 -70.44 102.17
CA THR GA 64 -35.19 -69.28 102.09
C THR GA 64 -36.33 -69.56 101.12
N LEU GA 65 -37.57 -69.36 101.58
CA LEU GA 65 -38.77 -69.59 100.80
C LEU GA 65 -39.61 -68.31 100.84
N SER GA 66 -39.80 -67.68 99.67
CA SER GA 66 -40.48 -66.39 99.59
C SER GA 66 -41.70 -66.51 98.69
N LEU GA 67 -42.87 -66.16 99.21
CA LEU GA 67 -44.05 -65.98 98.40
C LEU GA 67 -44.22 -64.49 98.11
N ARG GA 68 -44.42 -64.15 96.84
CA ARG GA 68 -44.58 -62.76 96.41
C ARG GA 68 -45.76 -62.66 95.45
N ARG GA 69 -46.73 -61.80 95.78
CA ARG GA 69 -47.93 -61.66 94.97
C ARG GA 69 -48.27 -60.18 94.86
N GLU GA 70 -48.36 -59.66 93.63
CA GLU GA 70 -48.54 -58.23 93.39
C GLU GA 70 -50.03 -57.95 93.16
N VAL GA 71 -50.70 -57.45 94.19
CA VAL GA 71 -52.14 -57.26 94.15
C VAL GA 71 -52.45 -55.90 93.51
N THR GA 72 -53.54 -55.86 92.74
CA THR GA 72 -54.13 -54.59 92.37
C THR GA 72 -54.91 -54.06 93.57
N ILE GA 73 -54.55 -52.85 94.01
CA ILE GA 73 -55.14 -52.22 95.17
C ILE GA 73 -56.12 -51.16 94.68
N ASN GA 74 -57.29 -51.14 95.33
CA ASN GA 74 -58.39 -50.18 95.12
C ASN GA 74 -58.61 -49.88 93.65
N LYS GA 75 -58.96 -50.95 92.92
CA LYS GA 75 -59.14 -50.86 91.47
C LYS GA 75 -60.24 -49.88 91.09
N GLY GA 76 -61.42 -50.05 91.68
CA GLY GA 76 -62.53 -49.16 91.33
C GLY GA 76 -62.20 -47.71 91.58
N THR GA 77 -61.48 -47.43 92.66
CA THR GA 77 -61.13 -46.07 93.06
C THR GA 77 -59.97 -45.56 92.20
N ASP GA 78 -59.77 -44.25 92.22
CA ASP GA 78 -58.59 -43.65 91.61
C ASP GA 78 -57.34 -44.07 92.36
N GLN GA 79 -56.20 -43.93 91.68
CA GLN GA 79 -54.91 -44.41 92.20
C GLN GA 79 -54.91 -45.91 92.45
N GLU GA 80 -55.62 -46.66 91.60
CA GLU GA 80 -55.42 -48.10 91.50
C GLU GA 80 -53.96 -48.42 91.28
N LYS GA 81 -53.38 -49.28 92.13
CA LYS GA 81 -51.94 -49.54 91.98
C LYS GA 81 -51.63 -51.03 92.19
N ILE GA 82 -50.72 -51.55 91.37
CA ILE GA 82 -50.23 -52.92 91.56
C ILE GA 82 -49.05 -52.89 92.53
N VAL GA 83 -49.22 -53.54 93.67
CA VAL GA 83 -48.26 -53.43 94.77
C VAL GA 83 -47.99 -54.83 95.32
N PRO GA 84 -46.73 -55.18 95.59
CA PRO GA 84 -46.43 -56.56 96.02
C PRO GA 84 -46.51 -56.81 97.52
N MET GA 85 -47.18 -57.90 97.93
CA MET GA 85 -47.08 -58.40 99.29
C MET GA 85 -46.16 -59.61 99.30
N ILE GA 86 -45.36 -59.72 100.35
CA ILE GA 86 -44.35 -60.77 100.44
C ILE GA 86 -44.39 -61.41 101.82
N ALA GA 87 -44.28 -62.74 101.84
CA ALA GA 87 -44.15 -63.51 103.08
C ALA GA 87 -43.05 -64.55 102.90
N ARG GA 88 -42.01 -64.46 103.75
CA ARG GA 88 -40.79 -65.26 103.66
C ARG GA 88 -40.58 -66.09 104.92
N ILE GA 89 -40.08 -67.29 104.69
CA ILE GA 89 -39.49 -68.13 105.72
C ILE GA 89 -38.00 -68.17 105.44
N GLU GA 90 -37.17 -67.81 106.41
CA GLU GA 90 -35.72 -67.89 106.25
C GLU GA 90 -35.16 -68.68 107.42
N THR GA 91 -34.29 -69.65 107.12
CA THR GA 91 -33.86 -70.62 108.13
C THR GA 91 -32.38 -70.95 107.98
N SER GA 92 -31.63 -70.73 109.06
CA SER GA 92 -30.21 -71.07 109.10
C SER GA 92 -30.00 -72.18 110.13
N VAL GA 93 -29.68 -73.38 109.66
CA VAL GA 93 -29.50 -74.57 110.48
C VAL GA 93 -28.04 -74.98 110.37
N PRO GA 94 -27.26 -74.86 111.43
CA PRO GA 94 -25.89 -75.41 111.41
C PRO GA 94 -25.91 -76.93 111.30
N VAL GA 95 -24.76 -77.48 110.91
CA VAL GA 95 -24.72 -78.88 110.48
C VAL GA 95 -25.13 -79.83 111.59
N GLY GA 96 -24.51 -79.70 112.76
CA GLY GA 96 -24.72 -80.65 113.86
C GLY GA 96 -26.13 -80.68 114.44
N VAL GA 97 -26.99 -79.75 114.03
CA VAL GA 97 -28.33 -79.63 114.62
C VAL GA 97 -29.11 -80.93 114.44
N SER GA 98 -29.91 -81.26 115.45
CA SER GA 98 -30.74 -82.47 115.42
C SER GA 98 -32.10 -82.18 114.80
N GLN GA 99 -32.54 -83.11 113.93
CA GLN GA 99 -33.81 -82.95 113.24
C GLN GA 99 -34.97 -82.81 114.21
N ASP GA 100 -34.88 -83.49 115.36
CA ASP GA 100 -35.93 -83.41 116.37
C ASP GA 100 -36.08 -81.98 116.88
N ASP GA 101 -34.97 -81.41 117.37
CA ASP GA 101 -35.01 -80.06 117.92
C ASP GA 101 -35.48 -79.07 116.88
N PHE GA 102 -34.97 -79.18 115.66
CA PHE GA 102 -35.33 -78.17 114.68
C PHE GA 102 -36.77 -78.30 114.21
N LYS GA 103 -37.30 -79.53 114.07
CA LYS GA 103 -38.72 -79.68 113.77
C LYS GA 103 -39.58 -79.10 114.89
N ALA GA 104 -39.11 -79.19 116.13
CA ALA GA 104 -39.84 -78.56 117.23
C ALA GA 104 -39.91 -77.05 117.04
N MET GA 105 -38.77 -76.41 116.78
CA MET GA 105 -38.80 -74.97 116.51
C MET GA 105 -39.69 -74.62 115.32
N ILE GA 106 -39.66 -75.44 114.27
CA ILE GA 106 -40.48 -75.17 113.08
C ILE GA 106 -41.96 -75.20 113.44
N GLU GA 107 -42.38 -76.27 114.14
CA GLU GA 107 -43.78 -76.40 114.54
C GLU GA 107 -44.20 -75.20 115.38
N GLY GA 108 -43.33 -74.74 116.28
CA GLY GA 108 -43.63 -73.54 117.02
C GLY GA 108 -43.77 -72.31 116.12
N LEU GA 109 -42.85 -72.16 115.18
CA LEU GA 109 -42.85 -70.99 114.30
C LEU GA 109 -44.10 -70.94 113.42
N ALA GA 110 -44.66 -72.09 113.08
CA ALA GA 110 -45.83 -72.11 112.23
C ALA GA 110 -47.07 -71.58 112.94
N CYS GA 111 -47.03 -71.45 114.26
CA CYS GA 111 -48.23 -71.09 115.03
C CYS GA 111 -48.76 -69.69 114.71
N PRO GA 112 -47.95 -68.62 114.71
CA PRO GA 112 -48.53 -67.30 114.40
C PRO GA 112 -49.10 -67.19 113.00
N LEU GA 113 -48.64 -68.03 112.08
CA LEU GA 113 -49.18 -67.95 110.72
C LEU GA 113 -50.64 -68.36 110.67
N LEU GA 114 -51.00 -69.40 111.41
CA LEU GA 114 -52.35 -69.96 111.34
C LEU GA 114 -53.23 -69.36 112.42
N LEU GA 115 -53.51 -68.06 112.27
CA LEU GA 115 -54.33 -67.31 113.21
C LEU GA 115 -55.56 -66.74 112.51
N ASP GA 116 -56.51 -66.29 113.33
CA ASP GA 116 -57.76 -65.72 112.83
C ASP GA 116 -57.55 -64.33 112.25
N GLU GA 117 -58.53 -63.90 111.44
CA GLU GA 117 -58.40 -62.64 110.72
C GLU GA 117 -58.18 -61.47 111.67
N ILE GA 118 -58.80 -61.53 112.86
CA ILE GA 118 -58.66 -60.42 113.80
C ILE GA 118 -57.21 -60.23 114.19
N HIS GA 119 -56.56 -61.29 114.70
CA HIS GA 119 -55.17 -61.19 115.10
C HIS GA 119 -54.26 -60.89 113.91
N VAL GA 120 -54.55 -61.48 112.75
CA VAL GA 120 -53.66 -61.29 111.61
C VAL GA 120 -53.70 -59.85 111.12
N ASN GA 121 -54.89 -59.24 111.06
CA ASN GA 121 -54.98 -57.83 110.70
C ASN GA 121 -54.36 -56.95 111.77
N ASP GA 122 -54.55 -57.30 113.04
CA ASP GA 122 -53.96 -56.49 114.11
C ASP GA 122 -52.44 -56.51 114.07
N LEU GA 123 -51.82 -57.64 113.70
CA LEU GA 123 -50.37 -57.77 113.76
C LEU GA 123 -49.66 -57.50 112.44
N PHE GA 124 -50.06 -58.19 111.36
CA PHE GA 124 -49.28 -58.17 110.13
C PHE GA 124 -49.58 -56.97 109.24
N LEU GA 125 -50.80 -56.44 109.31
CA LEU GA 125 -51.19 -55.29 108.49
C LEU GA 125 -51.15 -54.00 109.30
N SER GA 126 -51.88 -53.94 110.42
CA SER GA 126 -51.94 -52.71 111.19
C SER GA 126 -50.61 -52.42 111.88
N GLY GA 127 -49.92 -53.45 112.33
CA GLY GA 127 -48.62 -53.29 112.97
C GLY GA 127 -48.65 -53.21 114.48
N LEU GA 128 -49.74 -53.60 115.12
CA LEU GA 128 -49.84 -53.55 116.57
C LEU GA 128 -48.83 -54.50 117.21
N PRO GA 129 -48.58 -54.37 118.51
CA PRO GA 129 -47.75 -55.38 119.19
C PRO GA 129 -48.49 -56.69 119.36
N ILE GA 130 -47.73 -57.73 119.70
CA ILE GA 130 -48.31 -59.06 119.86
C ILE GA 130 -49.30 -59.06 121.01
N ALA GA 131 -50.47 -59.68 120.79
CA ALA GA 131 -51.48 -59.81 121.83
C ALA GA 131 -51.10 -60.96 122.76
N THR GA 132 -50.71 -60.62 123.99
CA THR GA 132 -50.29 -61.61 124.98
C THR GA 132 -51.49 -62.05 125.80
N THR GA 133 -51.56 -63.34 126.12
CA THR GA 133 -52.69 -63.88 126.88
C THR GA 133 -52.18 -64.65 128.08
N ASP GA 134 -52.58 -64.25 129.28
CA ASP GA 134 -52.17 -64.98 130.47
C ASP GA 134 -52.65 -66.41 130.42
N VAL GA 135 -51.71 -67.35 130.57
CA VAL GA 135 -52.05 -68.77 130.59
C VAL GA 135 -52.80 -69.09 131.88
N PRO GA 136 -53.97 -69.71 131.82
CA PRO GA 136 -54.68 -70.07 133.06
C PRO GA 136 -53.85 -71.05 133.87
N ASP GA 137 -53.47 -70.63 135.08
CA ASP GA 137 -52.74 -71.54 135.97
C ASP GA 137 -53.54 -72.81 136.23
N ASN GA 138 -54.87 -72.71 136.21
CA ASN GA 138 -55.71 -73.87 136.43
C ASN GA 138 -55.59 -74.87 135.28
N GLU GA 139 -55.54 -74.36 134.05
CA GLU GA 139 -55.49 -75.23 132.88
C GLU GA 139 -54.11 -75.88 132.77
N PRO GA 140 -54.01 -77.00 132.05
CA PRO GA 140 -52.72 -77.69 131.96
C PRO GA 140 -51.70 -76.84 131.21
N LEU GA 141 -50.43 -77.07 131.53
CA LEU GA 141 -49.37 -76.30 130.93
C LEU GA 141 -49.25 -76.65 129.44
N PRO GA 142 -49.10 -75.65 128.57
CA PRO GA 142 -49.03 -75.91 127.13
C PRO GA 142 -47.75 -76.64 126.76
N PRO GA 143 -47.65 -77.16 125.53
CA PRO GA 143 -46.45 -77.93 125.16
C PRO GA 143 -45.19 -77.11 125.25
N ALA GA 144 -44.10 -77.78 125.65
CA ALA GA 144 -42.85 -77.11 125.97
C ALA GA 144 -42.13 -76.55 124.76
N LEU GA 145 -42.48 -76.96 123.54
CA LEU GA 145 -41.85 -76.50 122.31
C LEU GA 145 -40.42 -77.01 122.14
N LEU GA 146 -40.06 -78.05 122.90
CA LEU GA 146 -38.71 -78.64 122.93
C LEU GA 146 -37.61 -77.60 122.81
N SER HA 1 7.47 3.59 -65.81
CA SER HA 1 6.05 3.70 -66.13
C SER HA 1 5.16 3.15 -65.01
N ILE HA 2 4.14 2.41 -65.41
CA ILE HA 2 3.23 1.77 -64.46
C ILE HA 2 3.46 0.27 -64.53
N LYS HA 3 3.56 -0.37 -63.37
CA LYS HA 3 3.95 -1.77 -63.30
C LYS HA 3 2.85 -2.63 -62.70
N TYR HA 4 2.63 -3.78 -63.31
CA TYR HA 4 1.97 -4.89 -62.62
C TYR HA 4 2.74 -5.20 -61.34
N ILE HA 5 2.02 -5.11 -60.23
CA ILE HA 5 2.48 -5.68 -58.96
C ILE HA 5 2.14 -7.17 -58.92
N PHE HA 6 0.90 -7.51 -59.25
CA PHE HA 6 0.46 -8.89 -59.32
C PHE HA 6 -0.42 -9.06 -60.55
N LYS HA 7 0.07 -9.83 -61.53
CA LYS HA 7 -0.72 -10.13 -62.72
C LYS HA 7 -1.75 -11.19 -62.38
N LYS HA 8 -3.00 -10.94 -62.77
CA LYS HA 8 -4.08 -11.87 -62.50
C LYS HA 8 -3.92 -13.17 -63.29
N THR HA 9 -4.18 -14.29 -62.63
CA THR HA 9 -4.11 -15.60 -63.26
C THR HA 9 -5.50 -16.22 -63.30
N ASP HA 10 -5.76 -16.99 -64.35
CA ASP HA 10 -7.03 -17.72 -64.47
C ASP HA 10 -6.96 -19.00 -63.63
N THR HA 11 -6.81 -18.79 -62.32
CA THR HA 11 -6.75 -19.87 -61.34
C THR HA 11 -7.88 -19.65 -60.35
N LEU HA 12 -8.96 -20.42 -60.48
CA LEU HA 12 -10.10 -20.24 -59.60
C LEU HA 12 -9.75 -20.61 -58.17
N PRO HA 13 -10.32 -19.93 -57.18
CA PRO HA 13 -10.06 -20.31 -55.79
C PRO HA 13 -10.82 -21.57 -55.42
N ARG HA 14 -10.17 -22.43 -54.63
CA ARG HA 14 -10.84 -23.60 -54.10
C ARG HA 14 -11.92 -23.15 -53.14
N SER HA 15 -13.13 -23.66 -53.32
CA SER HA 15 -14.16 -23.48 -52.32
C SER HA 15 -13.68 -24.05 -50.98
N VAL HA 16 -14.20 -23.49 -49.88
CA VAL HA 16 -13.76 -23.85 -48.54
C VAL HA 16 -14.84 -24.68 -47.88
N ILE HA 17 -14.51 -25.90 -47.52
CA ILE HA 17 -15.46 -26.86 -46.97
C ILE HA 17 -14.99 -27.27 -45.59
N GLY HA 18 -15.91 -27.43 -44.66
CA GLY HA 18 -15.50 -27.75 -43.31
C GLY HA 18 -16.66 -28.17 -42.44
N ASN HA 19 -16.40 -28.19 -41.13
CA ASN HA 19 -17.44 -28.42 -40.14
C ASN HA 19 -17.08 -27.68 -38.87
N VAL HA 20 -18.09 -27.01 -38.28
CA VAL HA 20 -17.83 -26.22 -37.09
C VAL HA 20 -17.31 -27.11 -35.97
N LEU HA 21 -16.22 -26.70 -35.35
CA LEU HA 21 -15.58 -27.46 -34.27
C LEU HA 21 -15.93 -26.95 -32.88
N ARG HA 22 -15.58 -25.71 -32.58
CA ARG HA 22 -15.86 -25.15 -31.27
C ARG HA 22 -16.07 -23.66 -31.42
N THR HA 23 -16.84 -23.11 -30.51
CA THR HA 23 -17.09 -21.67 -30.44
C THR HA 23 -16.40 -21.16 -29.19
N THR HA 24 -15.18 -20.65 -29.36
CA THR HA 24 -14.37 -20.21 -28.23
C THR HA 24 -15.07 -19.08 -27.47
N GLY HA 25 -15.44 -18.02 -28.18
CA GLY HA 25 -16.12 -16.89 -27.58
C GLY HA 25 -17.33 -16.48 -28.38
N PRO HA 26 -18.00 -15.41 -27.94
CA PRO HA 26 -19.18 -14.95 -28.68
C PRO HA 26 -18.84 -14.41 -30.06
N ASP HA 27 -17.66 -13.80 -30.21
CA ASP HA 27 -17.20 -13.28 -31.49
C ASP HA 27 -16.25 -14.22 -32.23
N THR HA 28 -15.85 -15.33 -31.60
CA THR HA 28 -14.81 -16.19 -32.13
C THR HA 28 -15.35 -17.61 -32.29
N THR HA 29 -15.27 -18.14 -33.51
CA THR HA 29 -15.70 -19.50 -33.79
C THR HA 29 -14.61 -20.22 -34.59
N VAL HA 30 -14.39 -21.49 -34.28
CA VAL HA 30 -13.29 -22.27 -34.85
C VAL HA 30 -13.84 -23.48 -35.57
N TYR HA 31 -13.51 -23.59 -36.86
CA TYR HA 31 -13.98 -24.66 -37.74
C TYR HA 31 -12.84 -25.64 -37.97
N SER HA 32 -13.18 -26.93 -37.97
CA SER HA 32 -12.26 -27.99 -38.34
C SER HA 32 -12.44 -28.30 -39.82
N LEU HA 33 -11.34 -28.32 -40.55
CA LEU HA 33 -11.30 -28.52 -41.99
C LEU HA 33 -10.93 -29.96 -42.30
N PRO HA 34 -11.02 -30.37 -43.56
CA PRO HA 34 -10.66 -31.76 -43.90
C PRO HA 34 -9.18 -32.02 -43.65
N GLY HA 35 -8.87 -33.25 -43.27
CA GLY HA 35 -7.50 -33.62 -42.95
C GLY HA 35 -7.04 -33.21 -41.58
N HIS HA 36 -7.94 -32.70 -40.74
CA HIS HA 36 -7.65 -32.35 -39.36
C HIS HA 36 -7.54 -33.62 -38.53
N THR HA 37 -6.32 -34.10 -38.35
CA THR HA 37 -6.10 -35.13 -37.35
C THR HA 37 -5.79 -34.49 -36.01
N PRO HA 38 -5.91 -35.23 -34.92
CA PRO HA 38 -5.42 -34.69 -33.64
C PRO HA 38 -3.92 -34.42 -33.67
N VAL HA 39 -3.17 -35.27 -34.36
CA VAL HA 39 -1.72 -35.10 -34.46
C VAL HA 39 -1.39 -33.88 -35.29
N ASN HA 40 -2.07 -33.70 -36.43
CA ASN HA 40 -1.78 -32.64 -37.39
C ASN HA 40 -3.03 -31.79 -37.56
N PRO HA 41 -3.29 -30.88 -36.61
CA PRO HA 41 -4.52 -30.10 -36.66
C PRO HA 41 -4.55 -29.17 -37.86
N PHE HA 42 -5.77 -28.89 -38.33
CA PHE HA 42 -5.97 -28.04 -39.50
C PHE HA 42 -7.30 -27.32 -39.33
N THR HA 43 -7.25 -26.00 -39.11
CA THR HA 43 -8.41 -25.28 -38.64
C THR HA 43 -8.49 -23.87 -39.24
N LEU HA 44 -9.73 -23.44 -39.48
CA LEU HA 44 -10.04 -22.05 -39.78
C LEU HA 44 -10.64 -21.39 -38.54
N THR HA 45 -9.99 -20.35 -38.05
CA THR HA 45 -10.52 -19.56 -36.95
C THR HA 45 -11.05 -18.25 -37.49
N ALA HA 46 -12.26 -17.87 -37.05
CA ALA HA 46 -12.93 -16.67 -37.52
C ALA HA 46 -13.28 -15.81 -36.33
N VAL HA 47 -12.82 -14.57 -36.35
CA VAL HA 47 -13.03 -13.61 -35.27
C VAL HA 47 -13.62 -12.35 -35.89
N SER HA 48 -14.91 -12.11 -35.65
CA SER HA 48 -15.61 -10.97 -36.22
C SER HA 48 -16.02 -10.05 -35.07
N ARG HA 49 -15.39 -8.88 -34.98
CA ARG HA 49 -15.63 -7.94 -33.90
C ARG HA 49 -16.46 -6.77 -34.42
N LEU HA 50 -17.63 -6.59 -33.79
CA LEU HA 50 -18.60 -5.59 -34.18
C LEU HA 50 -18.08 -4.20 -33.89
N PRO HA 51 -18.63 -3.18 -34.55
CA PRO HA 51 -18.18 -1.81 -34.30
C PRO HA 51 -18.80 -1.29 -33.01
N VAL HA 52 -17.97 -0.66 -32.18
CA VAL HA 52 -18.43 0.02 -30.98
C VAL HA 52 -18.40 1.52 -31.26
N PRO HA 53 -19.55 2.19 -31.24
CA PRO HA 53 -19.58 3.62 -31.51
C PRO HA 53 -18.95 4.40 -30.36
N ARG HA 54 -18.20 5.43 -30.73
CA ARG HA 54 -17.54 6.31 -29.79
C ARG HA 54 -18.18 7.68 -29.92
N LYS HA 55 -18.02 8.51 -28.91
CA LYS HA 55 -18.67 9.82 -28.92
C LYS HA 55 -18.03 10.70 -29.99
N GLY HA 56 -18.77 10.93 -31.08
CA GLY HA 56 -18.25 11.65 -32.22
C GLY HA 56 -17.54 10.80 -33.24
N ASN HA 57 -17.41 9.49 -33.00
CA ASN HA 57 -16.73 8.59 -33.92
C ASN HA 57 -17.63 7.40 -34.20
N ALA HA 58 -17.85 7.12 -35.48
CA ALA HA 58 -18.51 5.88 -35.84
C ALA HA 58 -17.64 4.68 -35.47
N GLY HA 59 -18.28 3.52 -35.36
CA GLY HA 59 -17.54 2.30 -35.12
C GLY HA 59 -16.75 1.85 -36.34
N THR HA 60 -15.90 0.85 -36.14
CA THR HA 60 -15.21 0.16 -37.22
C THR HA 60 -15.30 -1.35 -36.97
N THR HA 61 -15.73 -2.08 -38.00
CA THR HA 61 -15.85 -3.53 -37.92
C THR HA 61 -14.53 -4.20 -38.26
N LYS HA 62 -14.07 -5.10 -37.39
CA LYS HA 62 -12.87 -5.86 -37.67
C LYS HA 62 -13.24 -7.32 -37.92
N THR HA 63 -12.52 -7.96 -38.82
CA THR HA 63 -12.83 -9.32 -39.25
C THR HA 63 -11.51 -10.04 -39.50
N THR HA 64 -11.35 -11.24 -38.93
CA THR HA 64 -10.07 -11.94 -39.02
C THR HA 64 -10.32 -13.42 -39.30
N LEU HA 65 -9.76 -13.92 -40.39
CA LEU HA 65 -9.91 -15.31 -40.82
C LEU HA 65 -8.52 -15.93 -40.93
N SER HA 66 -8.23 -16.95 -40.13
CA SER HA 66 -6.91 -17.58 -40.08
C SER HA 66 -7.00 -19.06 -40.40
N LEU HA 67 -6.26 -19.50 -41.41
CA LEU HA 67 -6.08 -20.92 -41.69
C LEU HA 67 -4.75 -21.36 -41.10
N ARG HA 68 -4.80 -22.33 -40.18
CA ARG HA 68 -3.61 -22.85 -39.52
C ARG HA 68 -3.54 -24.36 -39.74
N ARG HA 69 -2.44 -24.81 -40.36
CA ARG HA 69 -2.18 -26.23 -40.55
C ARG HA 69 -0.81 -26.58 -39.99
N GLU HA 70 -0.76 -27.55 -39.07
CA GLU HA 70 0.50 -28.00 -38.51
C GLU HA 70 0.95 -29.23 -39.29
N VAL HA 71 1.96 -29.05 -40.13
CA VAL HA 71 2.41 -30.07 -41.07
C VAL HA 71 3.66 -30.74 -40.52
N THR HA 72 3.78 -32.04 -40.78
CA THR HA 72 5.01 -32.75 -40.46
C THR HA 72 6.07 -32.39 -41.49
N ILE HA 73 7.23 -31.95 -41.02
CA ILE HA 73 8.35 -31.57 -41.87
C ILE HA 73 9.39 -32.68 -41.82
N ASN HA 74 9.94 -32.98 -43.00
CA ASN HA 74 10.98 -33.97 -43.28
C ASN HA 74 10.77 -35.25 -42.47
N LYS HA 75 9.63 -35.89 -42.76
CA LYS HA 75 9.26 -37.12 -42.09
C LYS HA 75 10.31 -38.20 -42.26
N GLY HA 76 10.73 -38.46 -43.50
CA GLY HA 76 11.71 -39.51 -43.75
C GLY HA 76 13.02 -39.26 -43.05
N THR HA 77 13.46 -38.00 -43.04
CA THR HA 77 14.72 -37.64 -42.42
C THR HA 77 14.58 -37.66 -40.90
N ASP HA 78 15.72 -37.75 -40.22
CA ASP HA 78 15.74 -37.59 -38.77
C ASP HA 78 15.33 -36.16 -38.39
N GLN HA 79 14.86 -36.03 -37.16
CA GLN HA 79 14.40 -34.75 -36.61
C GLN HA 79 13.15 -34.24 -37.34
N GLU HA 80 12.24 -35.15 -37.67
CA GLU HA 80 10.97 -34.73 -38.26
C GLU HA 80 10.20 -33.93 -37.22
N LYS HA 81 9.54 -32.85 -37.66
CA LYS HA 81 8.89 -32.00 -36.67
C LYS HA 81 7.57 -31.44 -37.20
N ILE HA 82 6.56 -31.40 -36.32
CA ILE HA 82 5.27 -30.82 -36.68
C ILE HA 82 5.35 -29.31 -36.46
N VAL HA 83 5.25 -28.56 -37.54
CA VAL HA 83 5.45 -27.11 -37.47
C VAL HA 83 4.25 -26.45 -38.13
N PRO HA 84 3.72 -25.35 -37.58
CA PRO HA 84 2.54 -24.72 -38.16
C PRO HA 84 2.81 -23.72 -39.28
N MET HA 85 2.03 -23.81 -40.37
CA MET HA 85 1.97 -22.75 -41.36
C MET HA 85 0.62 -22.07 -41.25
N ILE HA 86 0.62 -20.75 -41.40
CA ILE HA 86 -0.57 -19.94 -41.17
C ILE HA 86 -0.75 -18.98 -42.34
N ALA HA 87 -2.00 -18.80 -42.76
CA ALA HA 87 -2.38 -17.76 -43.72
C ALA HA 87 -3.63 -17.05 -43.20
N ARG HA 88 -3.51 -15.73 -42.97
CA ARG HA 88 -4.56 -14.89 -42.39
C ARG HA 88 -5.00 -13.80 -43.35
N ILE HA 89 -6.31 -13.57 -43.34
CA ILE HA 89 -6.92 -12.37 -43.88
C ILE HA 89 -7.38 -11.56 -42.68
N GLU HA 90 -6.99 -10.29 -42.61
CA GLU HA 90 -7.43 -9.40 -41.54
C GLU HA 90 -7.96 -8.13 -42.19
N THR HA 91 -9.14 -7.67 -41.76
CA THR HA 91 -9.81 -6.57 -42.44
C THR HA 91 -10.52 -5.66 -41.45
N SER HA 92 -10.16 -4.37 -41.47
CA SER HA 92 -10.84 -3.36 -40.68
C SER HA 92 -11.57 -2.39 -41.60
N VAL HA 93 -12.89 -2.33 -41.48
CA VAL HA 93 -13.74 -1.50 -42.31
C VAL HA 93 -14.49 -0.53 -41.41
N PRO HA 94 -14.29 0.77 -41.54
CA PRO HA 94 -15.14 1.73 -40.83
C PRO HA 94 -16.57 1.72 -41.38
N VAL HA 95 -17.50 2.27 -40.59
CA VAL HA 95 -18.91 2.12 -40.91
C VAL HA 95 -19.28 2.83 -42.21
N GLY HA 96 -18.80 4.06 -42.38
CA GLY HA 96 -19.16 4.88 -43.54
C GLY HA 96 -18.76 4.32 -44.91
N VAL HA 97 -18.05 3.20 -44.94
CA VAL HA 97 -17.50 2.67 -46.18
C VAL HA 97 -18.62 2.13 -47.08
N SER HA 98 -18.44 2.32 -48.40
CA SER HA 98 -19.33 1.76 -49.40
C SER HA 98 -18.90 0.34 -49.77
N GLN HA 99 -19.89 -0.56 -49.82
CA GLN HA 99 -19.61 -1.95 -50.18
C GLN HA 99 -18.93 -2.05 -51.54
N ASP HA 100 -19.21 -1.11 -52.45
CA ASP HA 100 -18.54 -1.09 -53.74
C ASP HA 100 -17.04 -0.88 -53.58
N ASP HA 101 -16.66 0.21 -52.90
CA ASP HA 101 -15.25 0.51 -52.65
C ASP HA 101 -14.55 -0.68 -51.99
N PHE HA 102 -15.20 -1.26 -50.98
CA PHE HA 102 -14.50 -2.28 -50.24
C PHE HA 102 -14.40 -3.60 -51.01
N LYS HA 103 -15.43 -3.96 -51.78
CA LYS HA 103 -15.28 -5.16 -52.60
C LYS HA 103 -14.23 -4.96 -53.67
N ALA HA 104 -14.03 -3.71 -54.12
CA ALA HA 104 -12.91 -3.44 -55.01
C ALA HA 104 -11.57 -3.75 -54.35
N MET HA 105 -11.37 -3.23 -53.13
CA MET HA 105 -10.14 -3.57 -52.42
C MET HA 105 -9.99 -5.08 -52.24
N ILE HA 106 -11.08 -5.78 -51.94
CA ILE HA 106 -11.00 -7.21 -51.69
C ILE HA 106 -10.57 -7.94 -52.95
N GLU HA 107 -11.23 -7.64 -54.08
CA GLU HA 107 -10.89 -8.26 -55.35
C GLU HA 107 -9.42 -8.03 -55.69
N GLY HA 108 -8.92 -6.82 -55.42
CA GLY HA 108 -7.49 -6.59 -55.58
C GLY HA 108 -6.66 -7.48 -54.69
N LEU HA 109 -7.00 -7.52 -53.40
CA LEU HA 109 -6.23 -8.28 -52.43
C LEU HA 109 -6.18 -9.76 -52.75
N ALA HA 110 -7.21 -10.27 -53.41
CA ALA HA 110 -7.25 -11.71 -53.71
C ALA HA 110 -6.22 -12.09 -54.76
N CYS HA 111 -5.83 -11.14 -55.62
CA CYS HA 111 -4.97 -11.45 -56.77
C CYS HA 111 -3.66 -12.15 -56.42
N PRO HA 112 -2.85 -11.68 -55.45
CA PRO HA 112 -1.58 -12.37 -55.18
C PRO HA 112 -1.76 -13.79 -54.66
N LEU HA 113 -2.89 -14.09 -54.03
CA LEU HA 113 -3.10 -15.45 -53.54
C LEU HA 113 -3.19 -16.44 -54.69
N LEU HA 114 -3.81 -16.05 -55.80
CA LEU HA 114 -4.07 -16.98 -56.89
C LEU HA 114 -2.99 -16.84 -57.96
N LEU HA 115 -1.79 -17.31 -57.62
CA LEU HA 115 -0.63 -17.24 -58.52
C LEU HA 115 -0.02 -18.61 -58.70
N ASP HA 116 0.84 -18.73 -59.71
CA ASP HA 116 1.49 -19.99 -60.04
C ASP HA 116 2.55 -20.35 -59.00
N GLU HA 117 2.95 -21.63 -59.02
CA GLU HA 117 3.86 -22.16 -58.02
C GLU HA 117 5.18 -21.40 -58.02
N ILE HA 118 5.63 -20.94 -59.19
CA ILE HA 118 6.93 -20.27 -59.27
C ILE HA 118 6.89 -18.99 -58.45
N HIS HA 119 5.91 -18.12 -58.71
CA HIS HA 119 5.81 -16.87 -57.97
C HIS HA 119 5.52 -17.13 -56.49
N VAL HA 120 4.66 -18.11 -56.20
CA VAL HA 120 4.30 -18.37 -54.82
C VAL HA 120 5.52 -18.80 -54.00
N ASN HA 121 6.34 -19.70 -54.56
CA ASN HA 121 7.54 -20.12 -53.87
C ASN HA 121 8.56 -19.00 -53.79
N ASP HA 122 8.63 -18.15 -54.82
CA ASP HA 122 9.59 -17.05 -54.78
C ASP HA 122 9.23 -16.02 -53.72
N LEU HA 123 7.93 -15.75 -53.53
CA LEU HA 123 7.51 -14.69 -52.61
C LEU HA 123 7.24 -15.19 -51.19
N PHE HA 124 6.35 -16.18 -51.04
CA PHE HA 124 5.85 -16.52 -49.71
C PHE HA 124 6.77 -17.46 -48.95
N LEU HA 125 7.61 -18.22 -49.64
CA LEU HA 125 8.51 -19.19 -49.03
C LEU HA 125 9.98 -18.75 -49.09
N SER HA 126 10.48 -18.40 -50.27
CA SER HA 126 11.88 -17.98 -50.37
C SER HA 126 12.08 -16.58 -49.80
N GLY HA 127 11.07 -15.72 -49.95
CA GLY HA 127 11.14 -14.39 -49.41
C GLY HA 127 11.64 -13.33 -50.37
N LEU HA 128 11.63 -13.62 -51.67
CA LEU HA 128 12.13 -12.69 -52.66
C LEU HA 128 11.22 -11.46 -52.74
N PRO HA 129 11.70 -10.36 -53.33
CA PRO HA 129 10.84 -9.19 -53.49
C PRO HA 129 9.80 -9.46 -54.56
N ILE HA 130 8.74 -8.64 -54.56
CA ILE HA 130 7.67 -8.82 -55.52
C ILE HA 130 8.21 -8.65 -56.93
N ALA HA 131 7.83 -9.57 -57.83
CA ALA HA 131 8.24 -9.51 -59.23
C ALA HA 131 7.36 -8.51 -59.97
N THR HA 132 7.92 -7.34 -60.28
CA THR HA 132 7.18 -6.30 -60.99
C THR HA 132 7.32 -6.51 -62.50
N THR HA 133 6.22 -6.28 -63.21
CA THR HA 133 6.21 -6.47 -64.67
C THR HA 133 5.72 -5.21 -65.35
N ASP HA 134 6.54 -4.65 -66.23
CA ASP HA 134 6.14 -3.46 -66.96
C ASP HA 134 4.88 -3.74 -67.77
N VAL HA 135 3.86 -2.89 -67.58
CA VAL HA 135 2.63 -3.04 -68.35
C VAL HA 135 2.88 -2.62 -69.79
N PRO HA 136 2.54 -3.44 -70.78
CA PRO HA 136 2.75 -3.02 -72.16
C PRO HA 136 1.87 -1.82 -72.47
N ASP HA 137 2.52 -0.70 -72.80
CA ASP HA 137 1.76 0.48 -73.24
C ASP HA 137 0.91 0.15 -74.45
N ASN HA 138 1.32 -0.85 -75.23
CA ASN HA 138 0.57 -1.26 -76.41
C ASN HA 138 -0.76 -1.89 -76.02
N GLU HA 139 -0.76 -2.66 -74.93
CA GLU HA 139 -1.89 -3.45 -74.47
C GLU HA 139 -2.90 -2.59 -73.69
N PRO HA 140 -4.10 -3.10 -73.44
CA PRO HA 140 -5.11 -2.27 -72.76
C PRO HA 140 -4.72 -2.01 -71.32
N LEU HA 141 -5.16 -0.86 -70.81
CA LEU HA 141 -4.89 -0.55 -69.41
C LEU HA 141 -5.65 -1.52 -68.51
N PRO HA 142 -5.00 -2.08 -67.50
CA PRO HA 142 -5.65 -3.07 -66.64
C PRO HA 142 -6.75 -2.42 -65.80
N PRO HA 143 -7.58 -3.22 -65.12
CA PRO HA 143 -8.71 -2.64 -64.38
C PRO HA 143 -8.24 -1.70 -63.28
N ALA HA 144 -9.01 -0.62 -63.08
CA ALA HA 144 -8.56 0.46 -62.22
C ALA HA 144 -8.44 0.06 -60.75
N LEU HA 145 -9.13 -0.99 -60.32
CA LEU HA 145 -9.17 -1.43 -58.93
C LEU HA 145 -10.00 -0.50 -58.04
N LEU HA 146 -10.97 0.20 -58.64
CA LEU HA 146 -11.80 1.23 -58.02
C LEU HA 146 -11.13 1.90 -56.82
N SER IA 1 -12.79 -72.40 -15.92
CA SER IA 1 -12.36 -72.18 -17.30
C SER IA 1 -12.48 -70.71 -17.68
N ILE IA 2 -13.02 -70.47 -18.88
CA ILE IA 2 -13.27 -69.12 -19.38
C ILE IA 2 -14.77 -68.92 -19.41
N LYS IA 3 -15.23 -67.75 -18.96
CA LYS IA 3 -16.65 -67.54 -18.73
C LYS IA 3 -17.17 -66.33 -19.52
N TYR IA 4 -18.34 -66.51 -20.13
CA TYR IA 4 -19.16 -65.40 -20.56
C TYR IA 4 -19.43 -64.50 -19.37
N ILE IA 5 -19.04 -63.24 -19.51
CA ILE IA 5 -19.50 -62.17 -18.64
C ILE IA 5 -20.83 -61.63 -19.13
N PHE IA 6 -20.92 -61.35 -20.42
CA PHE IA 6 -22.15 -60.89 -21.06
C PHE IA 6 -22.27 -61.60 -22.40
N LYS IA 7 -23.29 -62.45 -22.52
CA LYS IA 7 -23.56 -63.11 -23.79
C LYS IA 7 -24.24 -62.13 -24.73
N LYS IA 8 -23.74 -62.05 -25.95
CA LYS IA 8 -24.32 -61.16 -26.95
C LYS IA 8 -25.73 -61.62 -27.34
N THR IA 9 -26.64 -60.65 -27.43
CA THR IA 9 -28.00 -60.91 -27.85
C THR IA 9 -28.28 -60.22 -29.18
N ASP IA 10 -29.13 -60.85 -29.99
CA ASP IA 10 -29.47 -60.31 -31.30
C ASP IA 10 -30.59 -59.27 -31.16
N THR IA 11 -30.26 -58.22 -30.40
CA THR IA 11 -31.17 -57.12 -30.12
C THR IA 11 -30.49 -55.85 -30.65
N LEU IA 12 -30.99 -55.34 -31.76
CA LEU IA 12 -30.39 -54.16 -32.38
C LEU IA 12 -30.62 -52.93 -31.51
N PRO IA 13 -29.67 -51.99 -31.48
CA PRO IA 13 -29.87 -50.78 -30.69
C PRO IA 13 -30.84 -49.83 -31.36
N ARG IA 14 -31.68 -49.19 -30.54
CA ARG IA 14 -32.58 -48.17 -31.03
C ARG IA 14 -31.77 -46.97 -31.52
N SER IA 15 -32.07 -46.53 -32.74
CA SER IA 15 -31.49 -45.28 -33.21
C SER IA 15 -31.90 -44.13 -32.30
N VAL IA 16 -31.06 -43.11 -32.22
CA VAL IA 16 -31.26 -41.99 -31.29
C VAL IA 16 -31.64 -40.75 -32.07
N ILE IA 17 -32.88 -40.32 -31.90
CA ILE IA 17 -33.43 -39.18 -32.62
C ILE IA 17 -33.72 -38.07 -31.62
N GLY IA 18 -33.44 -36.83 -32.01
CA GLY IA 18 -33.63 -35.73 -31.08
C GLY IA 18 -33.61 -34.40 -31.79
N ASN IA 19 -33.54 -33.34 -30.99
CA ASN IA 19 -33.36 -32.00 -31.54
C ASN IA 19 -32.56 -31.18 -30.55
N VAL IA 20 -31.62 -30.37 -31.07
CA VAL IA 20 -30.72 -29.62 -30.19
C VAL IA 20 -31.51 -28.62 -29.36
N LEU IA 21 -31.34 -28.70 -28.04
CA LEU IA 21 -32.06 -27.81 -27.13
C LEU IA 21 -31.26 -26.56 -26.74
N ARG IA 22 -30.14 -26.75 -26.04
CA ARG IA 22 -29.33 -25.60 -25.65
C ARG IA 22 -27.88 -26.01 -25.54
N THR IA 23 -27.01 -25.06 -25.87
CA THR IA 23 -25.56 -25.23 -25.79
C THR IA 23 -25.12 -24.54 -24.52
N THR IA 24 -24.90 -25.33 -23.47
CA THR IA 24 -24.52 -24.79 -22.18
C THR IA 24 -23.16 -24.11 -22.25
N GLY IA 25 -22.12 -24.87 -22.63
CA GLY IA 25 -20.78 -24.34 -22.76
C GLY IA 25 -20.22 -24.62 -24.14
N PRO IA 26 -18.99 -24.20 -24.38
CA PRO IA 26 -18.38 -24.48 -25.68
C PRO IA 26 -18.17 -25.96 -25.90
N ASP IA 27 -17.84 -26.70 -24.84
CA ASP IA 27 -17.66 -28.15 -24.88
C ASP IA 27 -18.91 -28.92 -24.48
N THR IA 28 -20.01 -28.25 -24.18
CA THR IA 28 -21.20 -28.91 -23.62
C THR IA 28 -22.43 -28.53 -24.42
N THR IA 29 -23.11 -29.51 -25.00
CA THR IA 29 -24.35 -29.27 -25.72
C THR IA 29 -25.41 -30.23 -25.21
N VAL IA 30 -26.66 -29.77 -25.16
CA VAL IA 30 -27.74 -30.54 -24.57
C VAL IA 30 -28.88 -30.66 -25.58
N TYR IA 31 -29.30 -31.89 -25.82
CA TYR IA 31 -30.32 -32.23 -26.81
C TYR IA 31 -31.59 -32.65 -26.09
N SER IA 32 -32.74 -32.19 -26.59
CA SER IA 32 -34.04 -32.63 -26.11
C SER IA 32 -34.52 -33.78 -26.98
N LEU IA 33 -34.88 -34.88 -26.34
CA LEU IA 33 -35.32 -36.11 -26.98
C LEU IA 33 -36.84 -36.16 -27.01
N PRO IA 34 -37.42 -37.13 -27.72
CA PRO IA 34 -38.88 -37.24 -27.74
C PRO IA 34 -39.42 -37.55 -26.34
N GLY IA 35 -40.65 -37.10 -26.10
CA GLY IA 35 -41.26 -37.26 -24.80
C GLY IA 35 -40.75 -36.32 -23.73
N HIS IA 36 -39.94 -35.34 -24.12
CA HIS IA 36 -39.46 -34.31 -23.20
C HIS IA 36 -40.57 -33.30 -22.98
N THR IA 37 -41.38 -33.55 -21.97
CA THR IA 37 -42.30 -32.53 -21.49
C THR IA 37 -41.55 -31.64 -20.51
N PRO IA 38 -42.04 -30.41 -20.27
CA PRO IA 38 -41.50 -29.62 -19.17
C PRO IA 38 -41.71 -30.30 -17.83
N VAL IA 39 -42.79 -31.08 -17.69
CA VAL IA 39 -43.05 -31.80 -16.45
C VAL IA 39 -42.04 -32.94 -16.28
N ASN IA 40 -41.81 -33.71 -17.33
CA ASN IA 40 -40.99 -34.92 -17.27
C ASN IA 40 -39.88 -34.81 -18.30
N PRO IA 41 -38.83 -34.05 -18.01
CA PRO IA 41 -37.79 -33.79 -19.02
C PRO IA 41 -37.02 -35.04 -19.41
N PHE IA 42 -36.64 -35.10 -20.68
CA PHE IA 42 -35.85 -36.17 -21.26
C PHE IA 42 -34.72 -35.49 -22.02
N THR IA 43 -33.46 -35.66 -21.61
CA THR IA 43 -32.39 -34.98 -22.33
C THR IA 43 -31.13 -35.82 -22.42
N LEU IA 44 -30.47 -35.70 -23.57
CA LEU IA 44 -29.11 -36.20 -23.76
C LEU IA 44 -28.14 -35.03 -23.67
N THR IA 45 -27.22 -35.09 -22.72
CA THR IA 45 -26.16 -34.10 -22.59
C THR IA 45 -24.84 -34.68 -23.08
N ALA IA 46 -24.13 -33.91 -23.90
CA ALA IA 46 -22.88 -34.36 -24.50
C ALA IA 46 -21.79 -33.36 -24.16
N VAL IA 47 -20.71 -33.86 -23.57
CA VAL IA 47 -19.59 -33.04 -23.15
C VAL IA 47 -18.32 -33.67 -23.73
N SER IA 48 -17.75 -33.03 -24.74
CA SER IA 48 -16.58 -33.56 -25.44
C SER IA 48 -15.42 -32.59 -25.19
N ARG IA 49 -14.50 -32.99 -24.33
CA ARG IA 49 -13.37 -32.17 -23.93
C ARG IA 49 -12.14 -32.54 -24.75
N LEU IA 50 -11.67 -31.57 -25.52
CA LEU IA 50 -10.61 -31.77 -26.49
C LEU IA 50 -9.27 -31.96 -25.79
N PRO IA 51 -8.30 -32.56 -26.47
CA PRO IA 51 -7.03 -32.86 -25.80
C PRO IA 51 -6.06 -31.71 -25.88
N VAL IA 52 -5.49 -31.30 -24.75
CA VAL IA 52 -4.49 -30.25 -24.71
C VAL IA 52 -3.11 -30.92 -24.65
N PRO IA 53 -2.26 -30.72 -25.65
CA PRO IA 53 -0.94 -31.38 -25.64
C PRO IA 53 0.04 -30.58 -24.82
N ARG IA 54 0.55 -31.16 -23.74
CA ARG IA 54 1.68 -30.61 -23.00
C ARG IA 54 2.98 -31.03 -23.68
N LYS IA 55 4.04 -30.28 -23.42
CA LYS IA 55 5.29 -30.56 -24.10
C LYS IA 55 5.77 -31.97 -23.75
N GLY IA 56 5.97 -32.79 -24.78
CA GLY IA 56 6.35 -34.17 -24.58
C GLY IA 56 5.20 -35.12 -24.29
N ASN IA 57 3.96 -34.65 -24.35
CA ASN IA 57 2.79 -35.48 -24.09
C ASN IA 57 1.72 -35.19 -25.13
N ALA IA 58 1.22 -36.23 -25.77
CA ALA IA 58 0.00 -36.07 -26.57
C ALA IA 58 -1.19 -35.86 -25.65
N GLY IA 59 -2.21 -35.23 -26.17
CA GLY IA 59 -3.40 -35.00 -25.38
C GLY IA 59 -4.13 -36.30 -25.04
N THR IA 60 -5.20 -36.16 -24.27
CA THR IA 60 -6.15 -37.25 -24.02
C THR IA 60 -7.56 -36.70 -24.14
N THR IA 61 -8.35 -37.23 -25.08
CA THR IA 61 -9.68 -36.74 -25.35
C THR IA 61 -10.70 -37.40 -24.43
N LYS IA 62 -11.53 -36.58 -23.77
CA LYS IA 62 -12.58 -37.12 -22.92
C LYS IA 62 -13.94 -36.85 -23.57
N THR IA 63 -14.84 -37.82 -23.45
CA THR IA 63 -16.15 -37.74 -24.10
C THR IA 63 -17.19 -38.30 -23.15
N THR IA 64 -18.27 -37.57 -22.91
CA THR IA 64 -19.27 -37.97 -21.93
C THR IA 64 -20.66 -37.76 -22.51
N LEU IA 65 -21.47 -38.83 -22.53
CA LEU IA 65 -22.81 -38.82 -23.09
C LEU IA 65 -23.77 -39.32 -22.01
N SER IA 66 -24.70 -38.47 -21.57
CA SER IA 66 -25.61 -38.79 -20.48
C SER IA 66 -27.05 -38.68 -20.94
N LEU IA 67 -27.81 -39.76 -20.82
CA LEU IA 67 -29.26 -39.71 -20.98
C LEU IA 67 -29.89 -39.61 -19.59
N ARG IA 68 -30.68 -38.56 -19.37
CA ARG IA 68 -31.38 -38.35 -18.11
C ARG IA 68 -32.86 -38.16 -18.39
N ARG IA 69 -33.70 -39.00 -17.81
CA ARG IA 69 -35.14 -38.84 -17.95
C ARG IA 69 -35.82 -39.02 -16.60
N GLU IA 70 -36.64 -38.04 -16.21
CA GLU IA 70 -37.24 -37.99 -14.88
C GLU IA 70 -38.65 -38.57 -14.97
N VAL IA 71 -38.81 -39.81 -14.50
CA VAL IA 71 -40.09 -40.51 -14.63
C VAL IA 71 -40.99 -40.17 -13.45
N THR IA 72 -42.29 -40.02 -13.74
CA THR IA 72 -43.30 -40.06 -12.69
C THR IA 72 -43.44 -41.51 -12.25
N ILE IA 73 -42.81 -41.84 -11.12
CA ILE IA 73 -42.90 -43.15 -10.51
C ILE IA 73 -44.16 -43.24 -9.66
N ASN IA 74 -44.79 -44.43 -9.74
CA ASN IA 74 -46.03 -44.82 -9.08
C ASN IA 74 -47.07 -43.70 -9.10
N LYS IA 75 -47.42 -43.31 -10.33
CA LYS IA 75 -48.38 -42.23 -10.56
C LYS IA 75 -49.73 -42.54 -9.94
N GLY IA 76 -50.30 -43.71 -10.25
CA GLY IA 76 -51.61 -44.03 -9.71
C GLY IA 76 -51.69 -43.89 -8.20
N THR IA 77 -50.66 -44.40 -7.51
CA THR IA 77 -50.64 -44.38 -6.05
C THR IA 77 -50.39 -42.96 -5.53
N ASP IA 78 -50.89 -42.68 -4.34
CA ASP IA 78 -50.62 -41.40 -3.70
C ASP IA 78 -49.15 -41.31 -3.32
N GLN IA 79 -48.70 -40.08 -3.07
CA GLN IA 79 -47.28 -39.76 -2.91
C GLN IA 79 -46.50 -40.24 -4.13
N GLU IA 80 -47.07 -40.01 -5.30
CA GLU IA 80 -46.39 -40.28 -6.56
C GLU IA 80 -45.26 -39.27 -6.73
N LYS IA 81 -44.15 -39.66 -7.34
CA LYS IA 81 -43.02 -38.73 -7.35
C LYS IA 81 -42.34 -38.70 -8.71
N ILE IA 82 -41.62 -37.61 -8.98
CA ILE IA 82 -40.83 -37.50 -10.20
C ILE IA 82 -39.36 -37.73 -9.83
N VAL IA 83 -38.75 -38.75 -10.42
CA VAL IA 83 -37.41 -39.14 -10.02
C VAL IA 83 -36.58 -39.41 -11.26
N PRO IA 84 -35.32 -38.96 -11.31
CA PRO IA 84 -34.54 -39.08 -12.55
C PRO IA 84 -33.74 -40.38 -12.68
N MET IA 85 -33.88 -41.09 -13.80
CA MET IA 85 -32.98 -42.20 -14.11
C MET IA 85 -31.95 -41.72 -15.12
N ILE IA 86 -30.72 -42.18 -14.96
CA ILE IA 86 -29.60 -41.69 -15.75
C ILE IA 86 -28.75 -42.86 -16.21
N ALA IA 87 -28.35 -42.82 -17.49
CA ALA IA 87 -27.38 -43.76 -18.04
C ALA IA 87 -26.35 -42.98 -18.86
N ARG IA 88 -25.06 -43.17 -18.51
CA ARG IA 88 -23.93 -42.43 -19.07
C ARG IA 88 -22.94 -43.37 -19.71
N ILE IA 89 -22.39 -42.89 -20.82
CA ILE IA 89 -21.18 -43.41 -21.42
C ILE IA 89 -20.10 -42.38 -21.19
N GLU IA 90 -18.98 -42.78 -20.56
CA GLU IA 90 -17.86 -41.87 -20.33
C GLU IA 90 -16.61 -42.54 -20.89
N THR IA 91 -15.82 -41.81 -21.68
CA THR IA 91 -14.73 -42.41 -22.43
C THR IA 91 -13.51 -41.50 -22.47
N SER IA 92 -12.37 -42.01 -22.02
CA SER IA 92 -11.10 -41.28 -22.07
C SER IA 92 -10.16 -42.03 -23.00
N VAL IA 93 -9.83 -41.40 -24.14
CA VAL IA 93 -8.97 -41.99 -25.15
C VAL IA 93 -7.75 -41.10 -25.33
N PRO IA 94 -6.56 -41.56 -24.98
CA PRO IA 94 -5.35 -40.80 -25.29
C PRO IA 94 -5.13 -40.71 -26.79
N VAL IA 95 -4.28 -39.75 -27.19
CA VAL IA 95 -4.14 -39.46 -28.61
C VAL IA 95 -3.59 -40.66 -29.38
N GLY IA 96 -2.47 -41.22 -28.93
CA GLY IA 96 -1.83 -42.32 -29.63
C GLY IA 96 -2.66 -43.56 -29.92
N VAL IA 97 -3.86 -43.64 -29.33
CA VAL IA 97 -4.69 -44.83 -29.45
C VAL IA 97 -5.09 -45.08 -30.89
N SER IA 98 -5.19 -46.36 -31.26
CA SER IA 98 -5.62 -46.76 -32.60
C SER IA 98 -7.13 -46.91 -32.67
N GLN IA 99 -7.71 -46.35 -33.74
CA GLN IA 99 -9.16 -46.40 -33.92
C GLN IA 99 -9.67 -47.83 -33.97
N ASP IA 100 -8.88 -48.75 -34.54
CA ASP IA 100 -9.29 -50.15 -34.59
C ASP IA 100 -9.44 -50.73 -33.18
N ASP IA 101 -8.41 -50.57 -32.35
CA ASP IA 101 -8.44 -51.11 -31.00
C ASP IA 101 -9.60 -50.52 -30.20
N PHE IA 102 -9.76 -49.20 -30.27
CA PHE IA 102 -10.80 -48.60 -29.44
C PHE IA 102 -12.19 -48.92 -29.96
N LYS IA 103 -12.36 -49.06 -31.28
CA LYS IA 103 -13.68 -49.43 -31.80
C LYS IA 103 -14.05 -50.85 -31.38
N ALA IA 104 -13.06 -51.75 -31.30
CA ALA IA 104 -13.34 -53.10 -30.81
C ALA IA 104 -13.73 -53.08 -29.34
N MET IA 105 -12.99 -52.32 -28.54
CA MET IA 105 -13.35 -52.19 -27.12
C MET IA 105 -14.74 -51.60 -26.94
N ILE IA 106 -15.12 -50.61 -27.77
CA ILE IA 106 -16.46 -50.05 -27.71
C ILE IA 106 -17.50 -51.11 -28.04
N GLU IA 107 -17.28 -51.85 -29.14
CA GLU IA 107 -18.18 -52.93 -29.51
C GLU IA 107 -18.39 -53.89 -28.35
N GLY IA 108 -17.31 -54.22 -27.64
CA GLY IA 108 -17.45 -55.06 -26.46
C GLY IA 108 -18.29 -54.40 -25.38
N LEU IA 109 -18.02 -53.12 -25.11
CA LEU IA 109 -18.74 -52.43 -24.04
C LEU IA 109 -20.24 -52.32 -24.33
N ALA IA 110 -20.62 -52.30 -25.60
CA ALA IA 110 -22.03 -52.17 -25.93
C ALA IA 110 -22.83 -53.43 -25.60
N CYS IA 111 -22.16 -54.56 -25.35
CA CYS IA 111 -22.86 -55.83 -25.19
C CYS IA 111 -23.79 -55.87 -23.98
N PRO IA 112 -23.38 -55.47 -22.77
CA PRO IA 112 -24.31 -55.54 -21.61
C PRO IA 112 -25.52 -54.64 -21.76
N LEU IA 113 -25.43 -53.60 -22.59
CA LEU IA 113 -26.58 -52.74 -22.77
C LEU IA 113 -27.72 -53.45 -23.49
N LEU IA 114 -27.38 -54.27 -24.49
CA LEU IA 114 -28.40 -54.90 -25.33
C LEU IA 114 -28.70 -56.31 -24.82
N LEU IA 115 -29.33 -56.36 -23.64
CA LEU IA 115 -29.70 -57.62 -23.01
C LEU IA 115 -31.20 -57.69 -22.76
N ASP IA 116 -31.66 -58.89 -22.44
CA ASP IA 116 -33.08 -59.14 -22.20
C ASP IA 116 -33.53 -58.57 -20.87
N GLU IA 117 -34.84 -58.41 -20.73
CA GLU IA 117 -35.41 -57.77 -19.54
C GLU IA 117 -35.00 -58.49 -18.27
N ILE IA 118 -34.89 -59.82 -18.33
CA ILE IA 118 -34.54 -60.59 -17.13
C ILE IA 118 -33.18 -60.15 -16.60
N HIS IA 119 -32.15 -60.22 -17.46
CA HIS IA 119 -30.81 -59.82 -17.02
C HIS IA 119 -30.76 -58.35 -16.66
N VAL IA 120 -31.47 -57.50 -17.42
CA VAL IA 120 -31.37 -56.06 -17.17
C VAL IA 120 -31.97 -55.72 -15.80
N ASN IA 121 -33.11 -56.32 -15.46
CA ASN IA 121 -33.69 -56.10 -14.14
C ASN IA 121 -32.83 -56.71 -13.04
N ASP IA 122 -32.21 -57.86 -13.32
CA ASP IA 122 -31.38 -58.48 -12.29
C ASP IA 122 -30.13 -57.66 -11.99
N LEU IA 123 -29.56 -56.98 -13.00
CA LEU IA 123 -28.31 -56.27 -12.79
C LEU IA 123 -28.47 -54.78 -12.51
N PHE IA 124 -29.20 -54.05 -13.35
CA PHE IA 124 -29.17 -52.59 -13.28
C PHE IA 124 -30.16 -52.02 -12.27
N LEU IA 125 -31.27 -52.71 -12.02
CA LEU IA 125 -32.27 -52.25 -11.07
C LEU IA 125 -32.15 -52.97 -9.72
N SER IA 126 -32.17 -54.30 -9.74
CA SER IA 126 -32.15 -55.05 -8.49
C SER IA 126 -30.78 -55.01 -7.84
N GLY IA 127 -29.72 -54.94 -8.64
CA GLY IA 127 -28.38 -54.96 -8.10
C GLY IA 127 -27.83 -56.35 -7.82
N LEU IA 128 -28.51 -57.40 -8.28
CA LEU IA 128 -28.03 -58.75 -8.10
C LEU IA 128 -26.66 -58.92 -8.76
N PRO IA 129 -25.84 -59.85 -8.27
CA PRO IA 129 -24.50 -60.03 -8.86
C PRO IA 129 -24.57 -60.60 -10.26
N ILE IA 130 -23.50 -60.35 -11.03
CA ILE IA 130 -23.44 -60.84 -12.40
C ILE IA 130 -23.26 -62.36 -12.39
N ALA IA 131 -24.07 -63.05 -13.21
CA ALA IA 131 -24.02 -64.50 -13.31
C ALA IA 131 -23.08 -64.88 -14.45
N THR IA 132 -21.93 -65.45 -14.10
CA THR IA 132 -20.97 -65.91 -15.10
C THR IA 132 -21.44 -67.21 -15.73
N THR IA 133 -21.29 -67.34 -17.04
CA THR IA 133 -21.75 -68.53 -17.76
C THR IA 133 -20.57 -69.26 -18.38
N ASP IA 134 -20.42 -70.55 -18.06
CA ASP IA 134 -19.34 -71.32 -18.68
C ASP IA 134 -19.51 -71.37 -20.18
N VAL IA 135 -18.45 -71.03 -20.90
CA VAL IA 135 -18.43 -71.15 -22.36
C VAL IA 135 -18.30 -72.63 -22.71
N PRO IA 136 -19.15 -73.18 -23.58
CA PRO IA 136 -19.01 -74.60 -23.91
C PRO IA 136 -17.70 -74.87 -24.63
N ASP IA 137 -16.85 -75.71 -24.02
CA ASP IA 137 -15.60 -76.09 -24.67
C ASP IA 137 -15.85 -76.72 -26.03
N ASN IA 138 -17.02 -77.36 -26.20
CA ASN IA 138 -17.36 -77.96 -27.48
C ASN IA 138 -17.62 -76.90 -28.55
N GLU IA 139 -18.24 -75.79 -28.16
CA GLU IA 139 -18.62 -74.74 -29.08
C GLU IA 139 -17.41 -73.87 -29.47
N PRO IA 140 -17.51 -73.13 -30.58
CA PRO IA 140 -16.35 -72.33 -31.01
C PRO IA 140 -16.08 -71.17 -30.05
N LEU IA 141 -14.81 -70.81 -29.95
CA LEU IA 141 -14.43 -69.75 -29.02
C LEU IA 141 -15.03 -68.42 -29.47
N PRO IA 142 -15.55 -67.62 -28.54
CA PRO IA 142 -16.18 -66.34 -28.91
C PRO IA 142 -15.14 -65.34 -29.39
N PRO IA 143 -15.58 -64.23 -29.99
CA PRO IA 143 -14.61 -63.26 -30.55
C PRO IA 143 -13.68 -62.72 -29.47
N ALA IA 144 -12.43 -62.45 -29.88
CA ALA IA 144 -11.38 -62.11 -28.93
C ALA IA 144 -11.57 -60.74 -28.30
N LEU IA 145 -12.35 -59.86 -28.91
CA LEU IA 145 -12.58 -58.49 -28.43
C LEU IA 145 -11.38 -57.57 -28.67
N LEU IA 146 -10.48 -57.98 -29.57
CA LEU IA 146 -9.21 -57.29 -29.86
C LEU IA 146 -8.58 -56.66 -28.62
N SER JA 1 -71.30 -1.00 -14.91
CA SER JA 1 -71.47 -2.32 -15.52
C SER JA 1 -70.13 -2.97 -15.83
N ILE JA 2 -70.03 -3.57 -17.01
CA ILE JA 2 -68.82 -4.21 -17.48
C ILE JA 2 -68.26 -3.35 -18.59
N LYS JA 3 -66.95 -3.09 -18.55
CA LYS JA 3 -66.34 -2.15 -19.47
C LYS JA 3 -65.29 -2.82 -20.35
N TYR JA 4 -65.31 -2.49 -21.63
CA TYR JA 4 -64.15 -2.66 -22.50
C TYR JA 4 -62.96 -1.96 -21.85
N ILE JA 5 -61.92 -2.75 -21.57
CA ILE JA 5 -60.60 -2.22 -21.27
C ILE JA 5 -59.88 -1.85 -22.55
N PHE JA 6 -59.81 -2.81 -23.48
CA PHE JA 6 -59.24 -2.59 -24.80
C PHE JA 6 -60.15 -3.23 -25.83
N LYS JA 7 -60.76 -2.39 -26.68
CA LYS JA 7 -61.61 -2.90 -27.74
C LYS JA 7 -60.74 -3.42 -28.87
N LYS JA 8 -61.02 -4.63 -29.32
CA LYS JA 8 -60.26 -5.26 -30.39
C LYS JA 8 -60.42 -4.51 -31.71
N THR JA 9 -59.29 -4.30 -32.40
CA THR JA 9 -59.28 -3.65 -33.69
C THR JA 9 -58.86 -4.63 -34.78
N ASP JA 10 -59.42 -4.45 -35.97
CA ASP JA 10 -59.11 -5.34 -37.09
C ASP JA 10 -57.83 -4.87 -37.78
N THR JA 11 -56.75 -4.90 -37.01
CA THR JA 11 -55.43 -4.48 -37.48
C THR JA 11 -54.48 -5.67 -37.28
N LEU JA 12 -54.09 -6.30 -38.38
CA LEU JA 12 -53.26 -7.49 -38.31
C LEU JA 12 -51.85 -7.13 -37.84
N PRO JA 13 -51.19 -8.02 -37.09
CA PRO JA 13 -49.83 -7.73 -36.64
C PRO JA 13 -48.84 -7.87 -37.78
N ARG JA 14 -47.87 -6.95 -37.83
CA ARG JA 14 -46.79 -7.05 -38.79
C ARG JA 14 -45.94 -8.28 -38.47
N SER JA 15 -45.71 -9.11 -39.48
CA SER JA 15 -44.77 -10.22 -39.32
C SER JA 15 -43.38 -9.68 -38.99
N VAL JA 16 -42.61 -10.45 -38.24
CA VAL JA 16 -41.31 -10.02 -37.72
C VAL JA 16 -40.21 -10.70 -38.51
N ILE JA 17 -39.43 -9.92 -39.25
CA ILE JA 17 -38.39 -10.44 -40.12
C ILE JA 17 -37.06 -9.89 -39.64
N GLY JA 18 -36.03 -10.72 -39.66
CA GLY JA 18 -34.75 -10.30 -39.13
C GLY JA 18 -33.63 -11.24 -39.54
N ASN JA 19 -32.51 -11.12 -38.84
CA ASN JA 19 -31.40 -12.05 -39.02
C ASN JA 19 -30.59 -12.12 -37.73
N VAL JA 20 -30.12 -13.32 -37.37
CA VAL JA 20 -29.43 -13.50 -36.10
C VAL JA 20 -28.08 -12.77 -36.11
N LEU JA 21 -27.89 -11.87 -35.13
CA LEU JA 21 -26.69 -11.05 -35.04
C LEU JA 21 -25.61 -11.67 -34.16
N ARG JA 22 -25.92 -11.91 -32.89
CA ARG JA 22 -24.99 -12.53 -31.97
C ARG JA 22 -25.77 -13.33 -30.94
N THR JA 23 -25.08 -14.29 -30.33
CA THR JA 23 -25.63 -15.07 -29.23
C THR JA 23 -24.82 -14.72 -27.98
N THR JA 24 -25.35 -13.82 -27.16
CA THR JA 24 -24.64 -13.33 -26.00
C THR JA 24 -24.33 -14.48 -25.03
N GLY JA 25 -25.37 -15.19 -24.59
CA GLY JA 25 -25.22 -16.29 -23.67
C GLY JA 25 -25.97 -17.52 -24.15
N PRO JA 26 -25.95 -18.58 -23.34
CA PRO JA 26 -26.64 -19.82 -23.75
C PRO JA 26 -28.15 -19.69 -23.77
N ASP JA 27 -28.70 -18.77 -22.99
CA ASP JA 27 -30.13 -18.51 -22.97
C ASP JA 27 -30.51 -17.20 -23.66
N THR JA 28 -29.54 -16.44 -24.16
CA THR JA 28 -29.77 -15.10 -24.67
C THR JA 28 -29.26 -15.01 -26.10
N THR JA 29 -30.15 -14.68 -27.04
CA THR JA 29 -29.76 -14.50 -28.44
C THR JA 29 -30.32 -13.18 -28.96
N VAL JA 30 -29.52 -12.47 -29.76
CA VAL JA 30 -29.85 -11.13 -30.21
C VAL JA 30 -29.93 -11.10 -31.72
N TYR JA 31 -31.04 -10.59 -32.25
CA TYR JA 31 -31.32 -10.54 -33.67
C TYR JA 31 -31.27 -9.09 -34.12
N SER JA 32 -30.63 -8.85 -35.26
CA SER JA 32 -30.66 -7.54 -35.91
C SER JA 32 -31.83 -7.51 -36.89
N LEU JA 33 -32.64 -6.47 -36.77
CA LEU JA 33 -33.84 -6.25 -37.57
C LEU JA 33 -33.54 -5.27 -38.69
N PRO JA 34 -34.46 -5.09 -39.64
CA PRO JA 34 -34.20 -4.14 -40.74
C PRO JA 34 -34.02 -2.73 -40.22
N GLY JA 35 -33.21 -1.95 -40.93
CA GLY JA 35 -32.95 -0.58 -40.52
C GLY JA 35 -31.99 -0.45 -39.37
N HIS JA 36 -31.17 -1.46 -39.12
CA HIS JA 36 -30.23 -1.47 -38.01
C HIS JA 36 -28.89 -0.94 -38.49
N THR JA 37 -28.69 0.36 -38.36
CA THR JA 37 -27.34 0.90 -38.51
C THR JA 37 -26.63 0.85 -37.17
N PRO JA 38 -25.29 0.83 -37.17
CA PRO JA 38 -24.58 0.86 -35.89
C PRO JA 38 -24.85 2.14 -35.11
N VAL JA 39 -25.05 3.25 -35.82
CA VAL JA 39 -25.35 4.51 -35.16
C VAL JA 39 -26.73 4.47 -34.53
N ASN JA 40 -27.72 3.93 -35.25
CA ASN JA 40 -29.11 3.89 -34.80
C ASN JA 40 -29.58 2.44 -34.74
N PRO JA 41 -29.11 1.68 -33.76
CA PRO JA 41 -29.39 0.24 -33.74
C PRO JA 41 -30.85 -0.08 -33.48
N PHE JA 42 -31.29 -1.21 -34.03
CA PHE JA 42 -32.66 -1.69 -33.86
C PHE JA 42 -32.63 -3.21 -33.83
N THR JA 43 -32.93 -3.79 -32.67
CA THR JA 43 -32.65 -5.20 -32.39
C THR JA 43 -33.70 -5.82 -31.50
N LEU JA 44 -33.96 -7.11 -31.74
CA LEU JA 44 -34.79 -7.96 -30.89
C LEU JA 44 -33.87 -8.87 -30.07
N THR JA 45 -33.89 -8.69 -28.76
CA THR JA 45 -33.18 -9.60 -27.85
C THR JA 45 -34.19 -10.60 -27.29
N ALA JA 46 -33.79 -11.87 -27.23
CA ALA JA 46 -34.65 -12.94 -26.77
C ALA JA 46 -33.93 -13.72 -25.68
N VAL JA 47 -34.52 -13.76 -24.50
CA VAL JA 47 -33.95 -14.44 -23.34
C VAL JA 47 -34.98 -15.45 -22.86
N SER JA 48 -34.70 -16.74 -23.08
CA SER JA 48 -35.60 -17.81 -22.65
C SER JA 48 -34.89 -18.63 -21.57
N ARG JA 49 -35.39 -18.54 -20.34
CA ARG JA 49 -34.78 -19.22 -19.20
C ARG JA 49 -35.62 -20.43 -18.81
N LEU JA 50 -34.98 -21.60 -18.83
CA LEU JA 50 -35.65 -22.87 -18.54
C LEU JA 50 -36.07 -22.94 -17.08
N PRO JA 51 -37.01 -23.82 -16.76
CA PRO JA 51 -37.39 -24.00 -15.36
C PRO JA 51 -36.35 -24.83 -14.64
N VAL JA 52 -36.04 -24.40 -13.42
CA VAL JA 52 -35.16 -25.14 -12.54
C VAL JA 52 -36.00 -25.74 -11.42
N PRO JA 53 -36.12 -27.07 -11.34
CA PRO JA 53 -36.94 -27.67 -10.29
C PRO JA 53 -36.35 -27.38 -8.93
N ARG JA 54 -37.23 -27.17 -7.96
CA ARG JA 54 -36.86 -26.96 -6.57
C ARG JA 54 -37.51 -28.06 -5.76
N LYS JA 55 -36.91 -28.38 -4.61
CA LYS JA 55 -37.40 -29.52 -3.84
C LYS JA 55 -38.82 -29.24 -3.36
N GLY JA 56 -39.79 -29.97 -3.92
CA GLY JA 56 -41.19 -29.74 -3.64
C GLY JA 56 -41.86 -28.71 -4.54
N ASN JA 57 -41.12 -28.10 -5.45
CA ASN JA 57 -41.66 -27.05 -6.31
C ASN JA 57 -41.33 -27.35 -7.76
N ALA JA 58 -42.33 -27.32 -8.63
CA ALA JA 58 -42.05 -27.42 -10.05
C ALA JA 58 -41.40 -26.14 -10.56
N GLY JA 59 -40.67 -26.27 -11.65
CA GLY JA 59 -40.03 -25.10 -12.24
C GLY JA 59 -41.02 -24.11 -12.82
N THR JA 60 -40.50 -22.97 -13.24
CA THR JA 60 -41.26 -21.98 -14.00
C THR JA 60 -40.40 -21.46 -15.15
N THR JA 61 -40.94 -21.50 -16.36
CA THR JA 61 -40.25 -21.03 -17.55
C THR JA 61 -40.44 -19.53 -17.70
N LYS JA 62 -39.33 -18.80 -17.82
CA LYS JA 62 -39.41 -17.36 -18.07
C LYS JA 62 -38.98 -17.10 -19.52
N THR JA 63 -39.63 -16.13 -20.15
CA THR JA 63 -39.39 -15.81 -21.55
C THR JA 63 -39.50 -14.31 -21.72
N THR JA 64 -38.48 -13.69 -22.31
CA THR JA 64 -38.44 -12.24 -22.44
C THR JA 64 -38.02 -11.87 -23.85
N LEU JA 65 -38.82 -11.04 -24.51
CA LEU JA 65 -38.59 -10.59 -25.88
C LEU JA 65 -38.62 -9.06 -25.88
N SER JA 66 -37.48 -8.43 -26.20
CA SER JA 66 -37.33 -6.98 -26.13
C SER JA 66 -36.97 -6.43 -27.51
N LEU JA 67 -37.77 -5.51 -28.01
CA LEU JA 67 -37.39 -4.72 -29.18
C LEU JA 67 -36.85 -3.38 -28.70
N ARG JA 68 -35.67 -2.99 -29.21
CA ARG JA 68 -35.02 -1.74 -28.85
C ARG JA 68 -34.54 -1.03 -30.09
N ARG JA 69 -34.98 0.22 -30.29
CA ARG JA 69 -34.61 0.98 -31.48
C ARG JA 69 -34.30 2.41 -31.07
N GLU JA 70 -33.09 2.88 -31.39
CA GLU JA 70 -32.61 4.19 -30.94
C GLU JA 70 -32.84 5.21 -32.04
N VAL JA 71 -33.90 6.00 -31.88
CA VAL JA 71 -34.32 6.95 -32.92
C VAL JA 71 -33.54 8.25 -32.76
N THR JA 72 -33.20 8.85 -33.90
CA THR JA 72 -32.78 10.24 -33.88
C THR JA 72 -34.01 11.12 -33.73
N ILE JA 73 -34.01 11.95 -32.68
CA ILE JA 73 -35.13 12.81 -32.34
C ILE JA 73 -34.78 14.23 -32.78
N ASN JA 74 -35.76 14.89 -33.40
CA ASN JA 74 -35.74 16.27 -33.87
C ASN JA 74 -34.40 16.64 -34.50
N LYS JA 75 -34.10 15.92 -35.59
CA LYS JA 75 -32.83 16.07 -36.30
C LYS JA 75 -32.64 17.49 -36.83
N GLY JA 76 -33.62 17.99 -37.57
CA GLY JA 76 -33.48 19.34 -38.13
C GLY JA 76 -33.27 20.39 -37.06
N THR JA 77 -33.93 20.23 -35.92
CA THR JA 77 -33.85 21.19 -34.84
C THR JA 77 -32.56 21.00 -34.05
N ASP JA 78 -32.20 22.00 -33.24
CA ASP JA 78 -31.10 21.85 -32.31
C ASP JA 78 -31.45 20.83 -31.24
N GLN JA 79 -30.41 20.33 -30.57
CA GLN JA 79 -30.53 19.24 -29.60
C GLN JA 79 -31.11 17.97 -30.23
N GLU JA 80 -30.77 17.72 -31.49
CA GLU JA 80 -30.93 16.41 -32.09
C GLU JA 80 -30.30 15.35 -31.21
N LYS JA 81 -31.07 14.31 -30.83
CA LYS JA 81 -30.50 13.32 -29.92
C LYS JA 81 -30.91 11.90 -30.30
N ILE JA 82 -29.98 10.97 -30.20
CA ILE JA 82 -30.30 9.55 -30.41
C ILE JA 82 -30.77 8.95 -29.09
N VAL JA 83 -32.02 8.50 -29.06
CA VAL JA 83 -32.66 8.08 -27.81
C VAL JA 83 -33.39 6.77 -28.05
N PRO JA 84 -33.28 5.78 -27.15
CA PRO JA 84 -33.88 4.47 -27.41
C PRO JA 84 -35.32 4.31 -26.97
N MET JA 85 -36.17 3.77 -27.84
CA MET JA 85 -37.51 3.30 -27.45
C MET JA 85 -37.47 1.80 -27.32
N ILE JA 86 -38.18 1.27 -26.32
CA ILE JA 86 -38.15 -0.15 -26.01
C ILE JA 86 -39.57 -0.66 -25.78
N ALA JA 87 -39.86 -1.84 -26.34
CA ALA JA 87 -41.11 -2.54 -26.10
C ALA JA 87 -40.82 -4.02 -25.83
N ARG JA 88 -41.20 -4.50 -24.63
CA ARG JA 88 -40.88 -5.83 -24.13
C ARG JA 88 -42.14 -6.62 -23.85
N ILE JA 89 -42.04 -7.91 -24.14
CA ILE JA 89 -42.96 -8.93 -23.66
C ILE JA 89 -42.20 -9.77 -22.66
N GLU JA 90 -42.72 -9.90 -21.45
CA GLU JA 90 -42.09 -10.74 -20.43
C GLU JA 90 -43.14 -11.70 -19.90
N THR JA 91 -42.79 -12.99 -19.83
CA THR JA 91 -43.78 -14.03 -19.55
C THR JA 91 -43.21 -15.11 -18.64
N SER JA 92 -43.87 -15.32 -17.50
CA SER JA 92 -43.50 -16.38 -16.56
C SER JA 92 -44.63 -17.40 -16.51
N VAL JA 93 -44.36 -18.59 -17.05
CA VAL JA 93 -45.32 -19.69 -17.15
C VAL JA 93 -44.81 -20.82 -16.27
N PRO JA 94 -45.48 -21.13 -15.16
CA PRO JA 94 -45.12 -22.33 -14.40
C PRO JA 94 -45.36 -23.60 -15.18
N VAL JA 95 -44.74 -24.69 -14.74
CA VAL JA 95 -44.65 -25.89 -15.56
C VAL JA 95 -46.03 -26.46 -15.88
N GLY JA 96 -46.86 -26.67 -14.85
CA GLY JA 96 -48.14 -27.35 -15.01
C GLY JA 96 -49.15 -26.61 -15.87
N VAL JA 97 -48.87 -25.37 -16.26
CA VAL JA 97 -49.84 -24.55 -16.98
C VAL JA 97 -50.25 -25.22 -18.29
N SER JA 98 -51.53 -25.06 -18.64
CA SER JA 98 -52.07 -25.63 -19.88
C SER JA 98 -51.90 -24.67 -21.05
N GLN JA 99 -51.49 -25.22 -22.19
CA GLN JA 99 -51.25 -24.41 -23.38
C GLN JA 99 -52.52 -23.66 -23.79
N ASP JA 100 -53.68 -24.27 -23.58
CA ASP JA 100 -54.93 -23.62 -23.93
C ASP JA 100 -55.12 -22.33 -23.14
N ASP JA 101 -55.06 -22.45 -21.81
CA ASP JA 101 -55.27 -21.28 -20.95
C ASP JA 101 -54.24 -20.19 -21.26
N PHE JA 102 -52.99 -20.59 -21.44
CA PHE JA 102 -51.98 -19.55 -21.63
C PHE JA 102 -52.09 -18.89 -23.00
N LYS JA 103 -52.43 -19.64 -24.05
CA LYS JA 103 -52.69 -19.00 -25.34
C LYS JA 103 -53.86 -18.04 -25.25
N ALA JA 104 -54.85 -18.36 -24.42
CA ALA JA 104 -55.96 -17.43 -24.22
C ALA JA 104 -55.47 -16.11 -23.61
N MET JA 105 -54.68 -16.20 -22.54
CA MET JA 105 -54.11 -14.97 -21.97
C MET JA 105 -53.26 -14.21 -22.99
N ILE JA 106 -52.49 -14.93 -23.80
CA ILE JA 106 -51.63 -14.26 -24.79
C ILE JA 106 -52.47 -13.48 -25.79
N GLU JA 107 -53.49 -14.15 -26.34
CA GLU JA 107 -54.38 -13.51 -27.31
C GLU JA 107 -55.02 -12.26 -26.71
N GLY JA 108 -55.42 -12.34 -25.44
CA GLY JA 108 -55.92 -11.15 -24.77
C GLY JA 108 -54.88 -10.05 -24.66
N LEU JA 109 -53.65 -10.42 -24.27
CA LEU JA 109 -52.59 -9.45 -24.07
C LEU JA 109 -52.21 -8.74 -25.37
N ALA JA 110 -52.36 -9.42 -26.50
CA ALA JA 110 -51.99 -8.81 -27.77
C ALA JA 110 -52.94 -7.68 -28.17
N CYS JA 111 -54.11 -7.59 -27.52
CA CYS JA 111 -55.14 -6.64 -27.95
C CYS JA 111 -54.71 -5.18 -27.80
N PRO JA 112 -54.18 -4.71 -26.67
CA PRO JA 112 -53.81 -3.28 -26.60
C PRO JA 112 -52.70 -2.90 -27.56
N LEU JA 113 -51.89 -3.86 -28.01
CA LEU JA 113 -50.83 -3.51 -28.94
C LEU JA 113 -51.39 -3.08 -30.29
N LEU JA 114 -52.43 -3.75 -30.76
CA LEU JA 114 -52.95 -3.50 -32.10
C LEU JA 114 -54.11 -2.50 -32.02
N LEU JA 115 -53.76 -1.27 -31.68
CA LEU JA 115 -54.73 -0.18 -31.56
C LEU JA 115 -54.39 0.95 -32.51
N ASP JA 116 -55.35 1.86 -32.68
CA ASP JA 116 -55.21 3.00 -33.57
C ASP JA 116 -54.28 4.06 -32.97
N GLU JA 117 -53.79 4.93 -33.85
CA GLU JA 117 -52.80 5.92 -33.45
C GLU JA 117 -53.32 6.80 -32.31
N ILE JA 118 -54.62 7.09 -32.32
CA ILE JA 118 -55.18 7.96 -31.29
C ILE JA 118 -54.99 7.34 -29.91
N HIS JA 119 -55.46 6.10 -29.72
CA HIS JA 119 -55.33 5.45 -28.42
C HIS JA 119 -53.86 5.19 -28.09
N VAL JA 120 -53.04 4.85 -29.08
CA VAL JA 120 -51.65 4.52 -28.78
C VAL JA 120 -50.89 5.75 -28.31
N ASN JA 121 -51.11 6.90 -28.96
CA ASN JA 121 -50.47 8.13 -28.49
C ASN JA 121 -51.04 8.56 -27.14
N ASP JA 122 -52.34 8.37 -26.92
CA ASP JA 122 -52.92 8.75 -25.63
C ASP JA 122 -52.35 7.91 -24.49
N LEU JA 123 -52.08 6.63 -24.72
CA LEU JA 123 -51.66 5.73 -23.65
C LEU JA 123 -50.15 5.57 -23.52
N PHE JA 124 -49.47 5.19 -24.60
CA PHE JA 124 -48.07 4.78 -24.50
C PHE JA 124 -47.09 5.95 -24.53
N LEU JA 125 -47.45 7.05 -25.18
CA LEU JA 125 -46.58 8.22 -25.26
C LEU JA 125 -46.99 9.29 -24.26
N SER JA 126 -48.25 9.74 -24.33
CA SER JA 126 -48.70 10.82 -23.46
C SER JA 126 -48.79 10.35 -22.00
N GLY JA 127 -49.20 9.11 -21.78
CA GLY JA 127 -49.30 8.57 -20.45
C GLY JA 127 -50.65 8.65 -19.80
N LEU JA 128 -51.71 8.92 -20.57
CA LEU JA 128 -53.05 9.03 -20.01
C LEU JA 128 -53.50 7.69 -19.43
N PRO JA 129 -54.56 7.67 -18.63
CA PRO JA 129 -55.13 6.38 -18.20
C PRO JA 129 -55.83 5.68 -19.34
N ILE JA 130 -56.14 4.40 -19.12
CA ILE JA 130 -56.78 3.59 -20.15
C ILE JA 130 -58.18 4.13 -20.43
N ALA JA 131 -58.53 4.24 -21.72
CA ALA JA 131 -59.85 4.68 -22.13
C ALA JA 131 -60.83 3.52 -22.00
N THR JA 132 -61.74 3.60 -21.02
CA THR JA 132 -62.71 2.55 -20.77
C THR JA 132 -63.99 2.84 -21.57
N THR JA 133 -64.59 1.79 -22.11
CA THR JA 133 -65.80 1.96 -22.93
C THR JA 133 -66.89 1.03 -22.42
N ASP JA 134 -68.03 1.60 -22.03
CA ASP JA 134 -69.14 0.78 -21.57
C ASP JA 134 -69.58 -0.18 -22.67
N VAL JA 135 -69.61 -1.47 -22.33
CA VAL JA 135 -70.08 -2.49 -23.27
C VAL JA 135 -71.58 -2.33 -23.47
N PRO JA 136 -72.07 -2.24 -24.70
CA PRO JA 136 -73.53 -2.14 -24.89
C PRO JA 136 -74.21 -3.41 -24.40
N ASP JA 137 -75.08 -3.25 -23.40
CA ASP JA 137 -75.84 -4.39 -22.92
C ASP JA 137 -76.65 -5.03 -24.04
N ASN JA 138 -77.07 -4.23 -25.01
CA ASN JA 138 -77.84 -4.77 -26.14
C ASN JA 138 -76.98 -5.67 -27.02
N GLU JA 139 -75.72 -5.29 -27.24
CA GLU JA 139 -74.85 -6.05 -28.10
C GLU JA 139 -74.42 -7.35 -27.41
N PRO JA 140 -73.98 -8.35 -28.17
CA PRO JA 140 -73.61 -9.63 -27.56
C PRO JA 140 -72.39 -9.47 -26.68
N LEU JA 141 -72.30 -10.34 -25.67
CA LEU JA 141 -71.19 -10.26 -24.74
C LEU JA 141 -69.88 -10.63 -25.43
N PRO JA 142 -68.81 -9.89 -25.20
CA PRO JA 142 -67.53 -10.15 -25.87
C PRO JA 142 -66.92 -11.46 -25.39
N PRO JA 143 -65.89 -11.97 -26.08
CA PRO JA 143 -65.32 -13.26 -25.70
C PRO JA 143 -64.77 -13.25 -24.28
N ALA JA 144 -64.91 -14.39 -23.61
CA ALA JA 144 -64.62 -14.51 -22.18
C ALA JA 144 -63.14 -14.43 -21.86
N LEU JA 145 -62.25 -14.60 -22.84
CA LEU JA 145 -60.80 -14.56 -22.65
C LEU JA 145 -60.27 -15.77 -21.87
N LEU JA 146 -61.08 -16.82 -21.79
CA LEU JA 146 -60.77 -18.04 -21.03
C LEU JA 146 -60.04 -17.77 -19.72
N SER KA 1 -24.55 78.51 -43.12
CA SER KA 1 -24.70 77.61 -44.25
C SER KA 1 -23.49 76.71 -44.44
N ILE KA 2 -23.08 76.55 -45.69
CA ILE KA 2 -21.91 75.75 -46.03
C ILE KA 2 -20.83 76.71 -46.52
N LYS KA 3 -19.61 76.53 -46.04
CA LYS KA 3 -18.54 77.46 -46.29
C LYS KA 3 -17.39 76.80 -47.06
N TYR KA 4 -16.88 77.53 -48.05
CA TYR KA 4 -15.54 77.28 -48.57
C TYR KA 4 -14.56 77.35 -47.40
N ILE KA 5 -13.85 76.24 -47.21
CA ILE KA 5 -12.64 76.23 -46.39
C ILE KA 5 -11.45 76.71 -47.20
N PHE KA 6 -11.29 76.16 -48.40
CA PHE KA 6 -10.23 76.57 -49.32
C PHE KA 6 -10.82 76.65 -50.73
N LYS KA 7 -10.90 77.86 -51.28
CA LYS KA 7 -11.36 78.04 -52.64
C LYS KA 7 -10.24 77.67 -53.60
N LYS KA 8 -10.58 76.85 -54.59
CA LYS KA 8 -9.59 76.42 -55.58
C LYS KA 8 -9.13 77.58 -56.45
N THR KA 9 -7.82 77.62 -56.71
CA THR KA 9 -7.23 78.64 -57.57
C THR KA 9 -6.65 77.99 -58.82
N ASP KA 10 -6.71 78.71 -59.94
CA ASP KA 10 -6.13 78.24 -61.19
C ASP KA 10 -4.62 78.50 -61.17
N THR KA 11 -3.96 77.85 -60.22
CA THR KA 11 -2.51 77.96 -60.04
C THR KA 11 -1.93 76.55 -60.15
N LEU KA 12 -1.34 76.23 -61.30
CA LEU KA 12 -0.80 74.89 -61.52
C LEU KA 12 0.36 74.63 -60.57
N PRO KA 13 0.53 73.39 -60.11
CA PRO KA 13 1.68 73.07 -59.28
C PRO KA 13 2.95 72.99 -60.10
N ARG KA 14 4.05 73.47 -59.54
CA ARG KA 14 5.35 73.32 -60.17
C ARG KA 14 5.72 71.85 -60.18
N SER KA 15 6.10 71.35 -61.35
CA SER KA 15 6.70 70.02 -61.40
C SER KA 15 7.94 69.99 -60.52
N VAL KA 16 8.27 68.79 -60.02
CA VAL KA 16 9.36 68.63 -59.06
C VAL KA 16 10.51 67.94 -59.77
N ILE KA 17 11.65 68.62 -59.83
CA ILE KA 17 12.80 68.13 -60.57
C ILE KA 17 13.97 68.01 -59.59
N GLY KA 18 14.77 66.96 -59.75
CA GLY KA 18 15.85 66.75 -58.81
C GLY KA 18 16.83 65.70 -59.29
N ASN KA 19 17.66 65.25 -58.34
CA ASN KA 19 18.56 64.14 -58.58
C ASN KA 19 18.77 63.38 -57.28
N VAL KA 20 18.73 62.05 -57.36
CA VAL KA 20 18.87 61.24 -56.16
C VAL KA 20 20.22 61.50 -55.51
N LEU KA 21 20.21 61.76 -54.21
CA LEU KA 21 21.42 62.06 -53.45
C LEU KA 21 21.96 60.87 -52.67
N ARG KA 22 21.16 60.34 -51.74
CA ARG KA 22 21.60 59.22 -50.94
C ARG KA 22 20.38 58.40 -50.55
N THR KA 23 20.62 57.12 -50.33
CA THR KA 23 19.59 56.19 -49.89
C THR KA 23 19.94 55.80 -48.45
N THR KA 24 19.33 56.50 -47.50
CA THR KA 24 19.64 56.29 -46.09
C THR KA 24 19.33 54.86 -45.67
N GLY KA 25 18.11 54.41 -45.91
CA GLY KA 25 17.70 53.07 -45.57
C GLY KA 25 16.98 52.40 -46.72
N PRO KA 26 16.50 51.17 -46.48
CA PRO KA 26 15.77 50.47 -47.55
C PRO KA 26 14.46 51.13 -47.91
N ASP KA 27 13.79 51.74 -46.93
CA ASP KA 27 12.53 52.43 -47.14
C ASP KA 27 12.69 53.94 -47.29
N THR KA 28 13.90 54.47 -47.10
CA THR KA 28 14.13 55.91 -47.03
C THR KA 28 15.15 56.31 -48.09
N THR KA 29 14.76 57.24 -48.96
CA THR KA 29 15.67 57.76 -49.98
C THR KA 29 15.60 59.29 -49.99
N VAL KA 30 16.75 59.92 -50.18
CA VAL KA 30 16.88 61.38 -50.06
C VAL KA 30 17.39 61.95 -51.37
N TYR KA 31 16.63 62.88 -51.93
CA TYR KA 31 16.91 63.51 -53.21
C TYR KA 31 17.41 64.92 -52.95
N SER KA 32 18.42 65.33 -53.72
CA SER KA 32 18.91 66.71 -53.73
C SER KA 32 18.22 67.46 -54.86
N LEU KA 33 17.66 68.61 -54.52
CA LEU KA 33 16.89 69.46 -55.42
C LEU KA 33 17.76 70.60 -55.94
N PRO KA 34 17.27 71.37 -56.91
CA PRO KA 34 18.08 72.48 -57.42
C PRO KA 34 18.30 73.54 -56.34
N GLY KA 35 19.47 74.19 -56.41
CA GLY KA 35 19.82 75.19 -55.41
C GLY KA 35 20.34 74.62 -54.11
N HIS KA 36 20.57 73.32 -54.05
CA HIS KA 36 21.16 72.66 -52.89
C HIS KA 36 22.66 72.96 -52.85
N THR KA 37 23.03 73.98 -52.08
CA THR KA 37 24.43 74.16 -51.77
C THR KA 37 24.77 73.39 -50.50
N PRO KA 38 26.06 73.13 -50.24
CA PRO KA 38 26.42 72.58 -48.94
C PRO KA 38 26.06 73.52 -47.81
N VAL KA 39 26.20 74.83 -48.03
CA VAL KA 39 25.88 75.81 -47.01
C VAL KA 39 24.37 75.85 -46.76
N ASN KA 40 23.57 75.84 -47.83
CA ASN KA 40 22.13 76.01 -47.75
C ASN KA 40 21.48 74.76 -48.37
N PRO KA 41 21.42 73.66 -47.63
CA PRO KA 41 20.90 72.41 -48.21
C PRO KA 41 19.43 72.52 -48.54
N PHE KA 42 19.02 71.75 -49.56
CA PHE KA 42 17.64 71.76 -50.04
C PHE KA 42 17.33 70.38 -50.57
N THR KA 43 16.45 69.64 -49.87
CA THR KA 43 16.30 68.21 -50.11
C THR KA 43 14.86 67.76 -49.94
N LEU KA 44 14.49 66.78 -50.76
CA LEU KA 44 13.26 66.02 -50.59
C LEU KA 44 13.61 64.66 -50.01
N THR KA 45 13.06 64.35 -48.84
CA THR KA 45 13.23 63.03 -48.24
C THR KA 45 11.92 62.26 -48.40
N ALA KA 46 12.02 61.00 -48.83
CA ALA KA 46 10.86 60.16 -49.09
C ALA KA 46 11.00 58.88 -48.28
N VAL KA 47 10.00 58.60 -47.44
CA VAL KA 47 9.98 57.43 -46.57
C VAL KA 47 8.69 56.68 -46.83
N SER KA 48 8.76 55.54 -47.50
CA SER KA 48 7.59 54.75 -47.85
C SER KA 48 7.66 53.43 -47.09
N ARG KA 49 6.78 53.26 -46.12
CA ARG KA 49 6.77 52.07 -45.27
C ARG KA 49 5.63 51.15 -45.66
N LEU KA 50 6.00 49.92 -46.04
CA LEU KA 50 5.07 48.94 -46.55
C LEU KA 50 4.15 48.46 -45.44
N PRO KA 51 3.00 47.89 -45.80
CA PRO KA 51 2.07 47.39 -44.77
C PRO KA 51 2.56 46.06 -44.23
N VAL KA 52 2.53 45.92 -42.91
CA VAL KA 52 2.82 44.66 -42.24
C VAL KA 52 1.50 44.06 -41.78
N PRO KA 53 1.11 42.90 -42.29
CA PRO KA 53 -0.16 42.30 -41.88
C PRO KA 53 -0.08 41.79 -40.45
N ARG KA 54 -1.16 41.99 -39.73
CA ARG KA 54 -1.29 41.55 -38.36
C ARG KA 54 -2.37 40.48 -38.32
N LYS KA 55 -2.37 39.67 -37.26
CA LYS KA 55 -3.31 38.56 -37.20
C LYS KA 55 -4.72 39.10 -37.02
N GLY KA 56 -5.53 39.00 -38.08
CA GLY KA 56 -6.86 39.57 -38.08
C GLY KA 56 -6.92 41.02 -38.53
N ASN KA 57 -5.79 41.63 -38.84
CA ASN KA 57 -5.75 43.03 -39.28
C ASN KA 57 -4.94 43.13 -40.56
N ALA KA 58 -5.53 43.75 -41.58
CA ALA KA 58 -4.75 44.07 -42.76
C ALA KA 58 -3.68 45.10 -42.42
N GLY KA 59 -2.67 45.18 -43.28
CA GLY KA 59 -1.65 46.20 -43.11
C GLY KA 59 -2.15 47.59 -43.48
N THR KA 60 -1.34 48.59 -43.16
CA THR KA 60 -1.56 49.97 -43.60
C THR KA 60 -0.26 50.53 -44.13
N THR KA 61 -0.31 51.10 -45.34
CA THR KA 61 0.85 51.70 -45.98
C THR KA 61 1.03 53.14 -45.52
N LYS KA 62 2.22 53.49 -45.05
CA LYS KA 62 2.52 54.87 -44.69
C LYS KA 62 3.50 55.45 -45.70
N THR KA 63 3.36 56.74 -46.00
CA THR KA 63 4.15 57.41 -47.01
C THR KA 63 4.42 58.83 -46.54
N THR KA 64 5.67 59.26 -46.58
CA THR KA 64 6.04 60.56 -46.03
C THR KA 64 7.01 61.26 -46.97
N LEU KA 65 6.64 62.46 -47.42
CA LEU KA 65 7.44 63.25 -48.35
C LEU KA 65 7.72 64.60 -47.69
N SER KA 66 9.00 64.93 -47.45
CA SER KA 66 9.38 66.15 -46.75
C SER KA 66 10.31 66.99 -47.60
N LEU KA 67 9.93 68.24 -47.87
CA LEU KA 67 10.82 69.21 -48.48
C LEU KA 67 11.42 70.08 -47.38
N ARG KA 68 12.75 70.08 -47.28
CA ARG KA 68 13.46 70.86 -46.27
C ARG KA 68 14.47 71.77 -46.96
N ARG KA 69 14.31 73.09 -46.75
CA ARG KA 69 15.25 74.07 -47.26
C ARG KA 69 15.75 74.94 -46.12
N GLU KA 70 17.06 75.00 -45.94
CA GLU KA 70 17.67 75.85 -44.91
C GLU KA 70 18.05 77.17 -45.56
N VAL KA 71 17.28 78.21 -45.28
CA VAL KA 71 17.43 79.50 -45.93
C VAL KA 71 18.18 80.45 -45.02
N THR KA 72 18.99 81.32 -45.62
CA THR KA 72 19.63 82.39 -44.86
C THR KA 72 18.60 83.48 -44.58
N ILE KA 73 18.46 83.85 -43.30
CA ILE KA 73 17.52 84.87 -42.86
C ILE KA 73 18.30 86.14 -42.56
N ASN KA 74 17.72 87.27 -42.99
CA ASN KA 74 18.21 88.64 -42.84
C ASN KA 74 19.72 88.73 -43.03
N LYS KA 75 20.14 88.39 -44.25
CA LYS KA 75 21.54 88.41 -44.63
C LYS KA 75 22.16 89.78 -44.45
N GLY KA 76 21.52 90.82 -44.98
CA GLY KA 76 22.07 92.15 -44.87
C GLY KA 76 22.21 92.62 -43.44
N THR KA 77 21.22 92.31 -42.62
CA THR KA 77 21.23 92.71 -41.22
C THR KA 77 22.23 91.85 -40.44
N ASP KA 78 22.63 92.36 -39.29
CA ASP KA 78 23.43 91.59 -38.35
C ASP KA 78 22.63 90.39 -37.84
N GLN KA 79 23.36 89.38 -37.37
CA GLN KA 79 22.77 88.14 -36.86
C GLN KA 79 22.03 87.37 -37.95
N GLU KA 80 22.59 87.34 -39.15
CA GLU KA 80 22.01 86.53 -40.21
C GLU KA 80 22.13 85.06 -39.82
N LYS KA 81 21.09 84.27 -40.08
CA LYS KA 81 21.13 82.88 -39.61
C LYS KA 81 20.49 81.93 -40.61
N ILE KA 82 21.11 80.77 -40.80
CA ILE KA 82 20.55 79.74 -41.66
C ILE KA 82 19.55 78.93 -40.86
N VAL KA 83 18.28 79.02 -41.26
CA VAL KA 83 17.20 78.40 -40.49
C VAL KA 83 16.39 77.54 -41.44
N PRO KA 84 15.94 76.35 -41.03
CA PRO KA 84 15.20 75.48 -41.95
C PRO KA 84 13.70 75.73 -42.00
N MET KA 85 13.14 75.76 -43.22
CA MET KA 85 11.71 75.68 -43.41
C MET KA 85 11.37 74.32 -44.02
N ILE KA 86 10.28 73.73 -43.56
CA ILE KA 86 9.91 72.38 -43.92
C ILE KA 86 8.44 72.35 -44.35
N ALA KA 87 8.15 71.57 -45.38
CA ALA KA 87 6.78 71.26 -45.79
C ALA KA 87 6.68 69.76 -46.07
N ARG KA 88 5.82 69.07 -45.31
CA ARG KA 88 5.63 67.62 -45.35
C ARG KA 88 4.23 67.23 -45.79
N ILE KA 89 4.18 66.19 -46.60
CA ILE KA 89 2.97 65.42 -46.85
C ILE KA 89 3.17 64.09 -46.13
N GLU KA 90 2.21 63.71 -45.30
CA GLU KA 90 2.25 62.42 -44.61
C GLU KA 90 0.92 61.72 -44.85
N THR KA 91 0.94 60.45 -45.23
CA THR KA 91 -0.27 59.75 -45.64
C THR KA 91 -0.26 58.30 -45.18
N SER KA 92 -1.28 57.93 -44.42
CA SER KA 92 -1.50 56.55 -44.01
C SER KA 92 -2.76 55.99 -44.66
N VAL KA 93 -2.61 54.97 -45.49
CA VAL KA 93 -3.70 54.36 -46.24
C VAL KA 93 -3.80 52.90 -45.84
N PRO KA 94 -4.90 52.45 -45.24
CA PRO KA 94 -5.08 51.02 -45.03
C PRO KA 94 -5.30 50.29 -46.35
N VAL KA 95 -5.13 48.96 -46.32
CA VAL KA 95 -5.09 48.18 -47.55
C VAL KA 95 -6.44 48.22 -48.27
N GLY KA 96 -7.53 48.02 -47.53
CA GLY KA 96 -8.86 47.94 -48.13
C GLY KA 96 -9.34 49.18 -48.89
N VAL KA 97 -8.57 50.26 -48.86
CA VAL KA 97 -9.01 51.53 -49.44
C VAL KA 97 -9.10 51.44 -50.96
N SER KA 98 -10.09 52.14 -51.53
CA SER KA 98 -10.21 52.28 -52.97
C SER KA 98 -9.41 53.48 -53.46
N GLN KA 99 -8.67 53.26 -54.56
CA GLN KA 99 -7.87 54.32 -55.14
C GLN KA 99 -8.73 55.54 -55.50
N ASP KA 100 -9.99 55.31 -55.84
CA ASP KA 100 -10.90 56.41 -56.13
C ASP KA 100 -11.10 57.30 -54.90
N ASP KA 101 -11.52 56.68 -53.78
CA ASP KA 101 -11.71 57.42 -52.54
C ASP KA 101 -10.46 58.18 -52.15
N PHE KA 102 -9.31 57.52 -52.24
CA PHE KA 102 -8.11 58.15 -51.73
C PHE KA 102 -7.61 59.26 -52.66
N LYS KA 103 -7.73 59.09 -53.97
CA LYS KA 103 -7.35 60.20 -54.85
C LYS KA 103 -8.29 61.38 -54.65
N ALA KA 104 -9.54 61.12 -54.27
CA ALA KA 104 -10.43 62.21 -53.90
C ALA KA 104 -9.88 62.99 -52.71
N MET KA 105 -9.52 62.27 -51.64
CA MET KA 105 -8.91 62.97 -50.51
C MET KA 105 -7.66 63.73 -50.90
N ILE KA 106 -6.84 63.15 -51.78
CA ILE KA 106 -5.60 63.82 -52.16
C ILE KA 106 -5.89 65.12 -52.91
N GLU KA 107 -6.78 65.05 -53.90
CA GLU KA 107 -7.15 66.24 -54.66
C GLU KA 107 -7.68 67.32 -53.74
N GLY KA 108 -8.47 66.94 -52.74
CA GLY KA 108 -8.88 67.93 -51.74
C GLY KA 108 -7.71 68.53 -51.00
N LEU KA 109 -6.82 67.66 -50.50
CA LEU KA 109 -5.68 68.11 -49.70
C LEU KA 109 -4.77 69.05 -50.46
N ALA KA 110 -4.71 68.90 -51.79
CA ALA KA 110 -3.80 69.72 -52.57
C ALA KA 110 -4.27 71.18 -52.63
N CYS KA 111 -5.58 71.40 -52.46
CA CYS KA 111 -6.16 72.74 -52.67
C CYS KA 111 -5.52 73.84 -51.82
N PRO KA 112 -5.33 73.70 -50.51
CA PRO KA 112 -4.75 74.82 -49.74
C PRO KA 112 -3.33 75.14 -50.14
N LEU KA 113 -2.59 74.18 -50.69
CA LEU KA 113 -1.21 74.46 -51.11
C LEU KA 113 -1.18 75.48 -52.24
N LEU KA 114 -2.13 75.38 -53.18
CA LEU KA 114 -2.11 76.20 -54.38
C LEU KA 114 -3.00 77.43 -54.19
N LEU KA 115 -2.53 78.35 -53.35
CA LEU KA 115 -3.26 79.58 -53.04
C LEU KA 115 -2.38 80.80 -53.28
N ASP KA 116 -3.03 81.97 -53.31
CA ASP KA 116 -2.32 83.21 -53.57
C ASP KA 116 -1.48 83.63 -52.36
N GLU KA 117 -0.55 84.56 -52.63
CA GLU KA 117 0.41 84.98 -51.61
C GLU KA 117 -0.29 85.54 -50.38
N ILE KA 118 -1.42 86.22 -50.57
CA ILE KA 118 -2.11 86.83 -49.44
C ILE KA 118 -2.56 85.76 -48.45
N HIS KA 119 -3.31 84.76 -48.94
CA HIS KA 119 -3.77 83.70 -48.06
C HIS KA 119 -2.60 82.88 -47.51
N VAL KA 120 -1.58 82.63 -48.34
CA VAL KA 120 -0.47 81.81 -47.88
C VAL KA 120 0.26 82.49 -46.73
N ASN KA 121 0.51 83.79 -46.85
CA ASN KA 121 1.18 84.52 -45.78
C ASN KA 121 0.29 84.64 -44.55
N ASP KA 122 -1.03 84.78 -44.76
CA ASP KA 122 -1.93 84.89 -43.61
C ASP KA 122 -2.00 83.59 -42.82
N LEU KA 123 -1.97 82.44 -43.51
CA LEU KA 123 -2.15 81.15 -42.84
C LEU KA 123 -0.84 80.51 -42.40
N PHE KA 124 0.09 80.29 -43.34
CA PHE KA 124 1.25 79.46 -43.05
C PHE KA 124 2.37 80.20 -42.33
N LEU KA 125 2.43 81.52 -42.47
CA LEU KA 125 3.48 82.34 -41.88
C LEU KA 125 2.98 83.19 -40.71
N SER KA 126 1.91 83.96 -40.90
CA SER KA 126 1.39 84.79 -39.82
C SER KA 126 0.68 83.94 -38.78
N GLY KA 127 0.01 82.88 -39.20
CA GLY KA 127 -0.67 81.99 -38.30
C GLY KA 127 -2.13 82.29 -38.08
N LEU KA 128 -2.74 83.08 -38.96
CA LEU KA 128 -4.13 83.46 -38.82
C LEU KA 128 -5.03 82.24 -38.99
N PRO KA 129 -6.29 82.32 -38.55
CA PRO KA 129 -7.21 81.20 -38.77
C PRO KA 129 -7.59 81.12 -40.24
N ILE KA 130 -8.13 79.97 -40.64
CA ILE KA 130 -8.51 79.77 -42.03
C ILE KA 130 -9.59 80.77 -42.42
N ALA KA 131 -9.42 81.41 -43.57
CA ALA KA 131 -10.40 82.36 -44.08
C ALA KA 131 -11.56 81.60 -44.71
N THR KA 132 -12.71 81.57 -44.03
CA THR KA 132 -13.89 80.88 -44.54
C THR KA 132 -14.70 81.81 -45.41
N THR KA 133 -15.25 81.29 -46.51
CA THR KA 133 -16.02 82.10 -47.45
C THR KA 133 -17.38 81.45 -47.66
N ASP KA 134 -18.45 82.19 -47.39
CA ASP KA 134 -19.78 81.66 -47.61
C ASP KA 134 -19.99 81.32 -49.07
N VAL KA 135 -20.41 80.08 -49.33
CA VAL KA 135 -20.68 79.66 -50.70
C VAL KA 135 -21.94 80.35 -51.20
N PRO KA 136 -21.92 81.01 -52.35
CA PRO KA 136 -23.15 81.63 -52.85
C PRO KA 136 -24.18 80.56 -53.15
N ASP KA 137 -25.31 80.62 -52.43
CA ASP KA 137 -26.42 79.72 -52.74
C ASP KA 137 -26.86 79.87 -54.18
N ASN KA 138 -26.63 81.05 -54.76
CA ASN KA 138 -27.01 81.31 -56.13
C ASN KA 138 -26.15 80.49 -57.09
N GLU KA 139 -24.87 80.33 -56.77
CA GLU KA 139 -23.88 79.69 -57.61
C GLU KA 139 -23.95 78.17 -57.50
N PRO KA 140 -23.29 77.44 -58.42
CA PRO KA 140 -23.40 75.98 -58.39
C PRO KA 140 -22.70 75.41 -57.16
N LEU KA 141 -23.21 74.26 -56.70
CA LEU KA 141 -22.58 73.61 -55.56
C LEU KA 141 -21.19 73.11 -55.97
N PRO KA 142 -20.18 73.35 -55.15
CA PRO KA 142 -18.81 72.95 -55.50
C PRO KA 142 -18.67 71.43 -55.50
N PRO KA 143 -17.55 70.91 -56.01
CA PRO KA 143 -17.42 69.45 -56.13
C PRO KA 143 -17.47 68.76 -54.77
N ALA KA 144 -18.09 67.58 -54.76
CA ALA KA 144 -18.41 66.94 -53.48
C ALA KA 144 -17.17 66.49 -52.71
N LEU KA 145 -16.03 66.31 -53.37
CA LEU KA 145 -14.80 65.80 -52.76
C LEU KA 145 -14.88 64.32 -52.44
N LEU KA 146 -15.70 63.58 -53.18
CA LEU KA 146 -16.01 62.16 -52.97
C LEU KA 146 -15.82 61.71 -51.52
N SER LA 1 67.19 77.43 -59.15
CA SER LA 1 66.11 78.31 -59.57
C SER LA 1 64.74 77.68 -59.27
N ILE LA 2 63.84 77.77 -60.25
CA ILE LA 2 62.52 77.16 -60.17
C ILE LA 2 62.48 76.01 -61.16
N LYS LA 3 61.92 74.88 -60.73
CA LYS LA 3 62.04 73.65 -61.51
C LYS LA 3 60.65 73.07 -61.83
N TYR LA 4 60.51 72.64 -63.09
CA TYR LA 4 59.45 71.72 -63.45
C TYR LA 4 59.55 70.48 -62.57
N ILE LA 5 58.47 70.20 -61.86
CA ILE LA 5 58.26 68.90 -61.23
C ILE LA 5 57.65 67.92 -62.23
N PHE LA 6 56.61 68.36 -62.94
CA PHE LA 6 55.97 67.58 -63.98
C PHE LA 6 55.66 68.51 -65.14
N LYS LA 7 56.32 68.27 -66.28
CA LYS LA 7 56.05 69.04 -67.49
C LYS LA 7 54.76 68.54 -68.12
N LYS LA 8 53.86 69.45 -68.44
CA LYS LA 8 52.60 69.10 -69.07
C LYS LA 8 52.81 68.52 -70.47
N THR LA 9 52.11 67.43 -70.76
CA THR LA 9 52.17 66.80 -72.07
C THR LA 9 50.81 66.92 -72.76
N ASP LA 10 50.85 67.04 -74.08
CA ASP LA 10 49.63 67.18 -74.88
C ASP LA 10 49.03 65.79 -75.13
N THR LA 11 48.69 65.13 -74.04
CA THR LA 11 48.11 63.79 -74.06
C THR LA 11 46.74 63.89 -73.37
N LEU LA 12 45.67 63.83 -74.16
CA LEU LA 12 44.34 63.97 -73.63
C LEU LA 12 43.95 62.76 -72.78
N PRO LA 13 43.19 62.95 -71.71
CA PRO LA 13 42.79 61.82 -70.88
C PRO LA 13 41.72 60.98 -71.56
N ARG LA 14 41.84 59.67 -71.41
CA ARG LA 14 40.82 58.75 -71.92
C ARG LA 14 39.53 58.97 -71.15
N SER LA 15 38.43 59.15 -71.88
CA SER LA 15 37.12 59.17 -71.24
C SER LA 15 36.87 57.83 -70.53
N VAL LA 16 36.06 57.89 -69.47
CA VAL LA 16 35.83 56.73 -68.61
C VAL LA 16 34.42 56.22 -68.83
N ILE LA 17 34.30 55.04 -69.41
CA ILE LA 17 33.02 54.45 -69.75
C ILE LA 17 32.85 53.19 -68.91
N GLY LA 18 31.63 52.96 -68.44
CA GLY LA 18 31.40 51.81 -67.58
C GLY LA 18 29.92 51.51 -67.44
N ASN LA 19 29.62 50.64 -66.48
CA ASN LA 19 28.24 50.36 -66.13
C ASN LA 19 28.17 50.03 -64.64
N VAL LA 20 27.13 50.55 -63.96
CA VAL LA 20 27.04 50.37 -62.53
C VAL LA 20 26.89 48.90 -62.17
N LEU LA 21 27.77 48.40 -61.31
CA LEU LA 21 27.75 46.99 -60.91
C LEU LA 21 26.98 46.75 -59.63
N ARG LA 22 27.45 47.30 -58.50
CA ARG LA 22 26.76 47.10 -57.24
C ARG LA 22 27.02 48.28 -56.32
N THR LA 23 26.00 48.59 -55.53
CA THR LA 23 26.04 49.66 -54.54
C THR LA 23 26.29 48.99 -53.19
N THR LA 24 27.55 49.03 -52.75
CA THR LA 24 27.93 48.39 -51.50
C THR LA 24 27.25 49.06 -50.32
N GLY LA 25 27.49 50.35 -50.12
CA GLY LA 25 26.89 51.10 -49.05
C GLY LA 25 26.16 52.32 -49.58
N PRO LA 26 25.57 53.11 -48.68
CA PRO LA 26 24.90 54.33 -49.15
C PRO LA 26 25.87 55.33 -49.73
N ASP LA 27 27.09 55.39 -49.19
CA ASP LA 27 28.13 56.27 -49.67
C ASP LA 27 29.10 55.58 -50.63
N THR LA 28 28.89 54.31 -50.95
CA THR LA 28 29.85 53.52 -51.72
C THR LA 28 29.15 52.85 -52.89
N THR LA 29 29.60 53.15 -54.12
CA THR LA 29 29.07 52.51 -55.30
C THR LA 29 30.22 51.98 -56.14
N VAL LA 30 30.01 50.84 -56.79
CA VAL LA 30 31.07 50.16 -57.52
C VAL LA 30 30.63 49.92 -58.95
N TYR LA 31 31.44 50.35 -59.90
CA TYR LA 31 31.17 50.29 -61.33
C TYR LA 31 32.07 49.24 -61.95
N SER LA 32 31.49 48.45 -62.86
CA SER LA 32 32.25 47.51 -63.68
C SER LA 32 32.61 48.18 -64.99
N LEU LA 33 33.89 48.15 -65.32
CA LEU LA 33 34.46 48.77 -66.51
C LEU LA 33 34.62 47.72 -67.61
N PRO LA 34 34.95 48.16 -68.83
CA PRO LA 34 35.17 47.18 -69.89
C PRO LA 34 36.34 46.25 -69.58
N GLY LA 35 36.27 45.04 -70.12
CA GLY LA 35 37.28 44.05 -69.85
C GLY LA 35 37.20 43.41 -68.48
N HIS LA 36 36.13 43.68 -67.74
CA HIS LA 36 35.89 43.05 -66.45
C HIS LA 36 35.36 41.65 -66.68
N THR LA 37 36.28 40.70 -66.76
CA THR LA 37 35.88 39.31 -66.70
C THR LA 37 35.76 38.89 -65.23
N PRO LA 38 35.03 37.81 -64.94
CA PRO LA 38 35.08 37.26 -63.58
C PRO LA 38 36.47 36.78 -63.23
N VAL LA 39 37.25 36.34 -64.22
CA VAL LA 39 38.62 35.90 -63.97
C VAL LA 39 39.51 37.10 -63.63
N ASN LA 40 39.40 38.18 -64.39
CA ASN LA 40 40.29 39.33 -64.28
C ASN LA 40 39.45 40.58 -64.06
N PRO LA 41 38.96 40.80 -62.85
CA PRO LA 41 38.02 41.90 -62.62
C PRO LA 41 38.66 43.27 -62.83
N PHE LA 42 37.85 44.20 -63.32
CA PHE LA 42 38.22 45.59 -63.55
C PHE LA 42 37.11 46.43 -62.93
N THR LA 43 37.40 47.19 -61.87
CA THR LA 43 36.32 47.97 -61.27
C THR LA 43 36.79 49.33 -60.78
N LEU LA 44 35.91 50.32 -60.95
CA LEU LA 44 36.02 51.62 -60.32
C LEU LA 44 35.11 51.68 -59.10
N THR LA 45 35.69 51.90 -57.93
CA THR LA 45 34.91 52.08 -56.71
C THR LA 45 34.93 53.54 -56.32
N ALA LA 46 33.75 54.08 -55.98
CA ALA LA 46 33.59 55.49 -55.65
C ALA LA 46 32.95 55.60 -54.28
N VAL LA 47 33.61 56.32 -53.38
CA VAL LA 47 33.16 56.50 -52.01
C VAL LA 47 33.16 57.99 -51.72
N SER LA 48 31.96 58.58 -51.65
CA SER LA 48 31.80 60.02 -51.46
C SER LA 48 31.13 60.23 -50.11
N ARG LA 49 31.91 60.67 -49.13
CA ARG LA 49 31.43 60.86 -47.77
C ARG LA 49 31.08 62.32 -47.55
N LEU LA 50 29.80 62.56 -47.26
CA LEU LA 50 29.23 63.89 -47.18
C LEU LA 50 29.71 64.59 -45.90
N PRO LA 51 29.65 65.91 -45.87
CA PRO LA 51 30.20 66.64 -44.72
C PRO LA 51 29.17 66.79 -43.62
N VAL LA 52 29.53 66.43 -42.39
CA VAL LA 52 28.66 66.59 -41.23
C VAL LA 52 29.08 67.87 -40.52
N PRO LA 53 28.23 68.88 -40.41
CA PRO LA 53 28.62 70.13 -39.76
C PRO LA 53 28.44 70.02 -38.26
N ARG LA 54 29.53 70.14 -37.51
CA ARG LA 54 29.48 70.29 -36.08
C ARG LA 54 29.24 71.76 -35.73
N LYS LA 55 28.75 72.02 -34.53
CA LYS LA 55 28.40 73.38 -34.16
C LYS LA 55 29.66 74.26 -34.20
N GLY LA 56 29.61 75.31 -35.00
CA GLY LA 56 30.77 76.18 -35.19
C GLY LA 56 31.77 75.70 -36.22
N ASN LA 57 31.49 74.61 -36.92
CA ASN LA 57 32.39 74.07 -37.93
C ASN LA 57 31.60 73.68 -39.16
N ALA LA 58 32.03 74.15 -40.32
CA ALA LA 58 31.50 73.61 -41.56
C ALA LA 58 32.05 72.21 -41.78
N GLY LA 59 31.32 71.42 -42.54
CA GLY LA 59 31.76 70.07 -42.82
C GLY LA 59 33.04 70.04 -43.65
N THR LA 60 33.53 68.82 -43.90
CA THR LA 60 34.60 68.57 -44.85
C THR LA 60 34.23 67.35 -45.68
N THR LA 61 34.11 67.53 -47.00
CA THR LA 61 33.67 66.47 -47.90
C THR LA 61 34.86 65.62 -48.33
N LYS LA 62 34.74 64.29 -48.19
CA LYS LA 62 35.78 63.39 -48.65
C LYS LA 62 35.29 62.62 -49.87
N THR LA 63 36.18 62.40 -50.83
CA THR LA 63 35.82 61.75 -52.10
C THR LA 63 36.95 60.83 -52.49
N THR LA 64 36.64 59.57 -52.80
CA THR LA 64 37.67 58.59 -53.10
C THR LA 64 37.26 57.78 -54.33
N LEU LA 65 38.14 57.75 -55.33
CA LEU LA 65 37.90 57.07 -56.59
C LEU LA 65 39.06 56.10 -56.85
N SER LA 66 38.76 54.81 -56.89
CA SER LA 66 39.80 53.79 -57.00
C SER LA 66 39.55 52.92 -58.23
N LEU LA 67 40.51 52.87 -59.14
CA LEU LA 67 40.51 51.90 -60.22
C LEU LA 67 41.38 50.71 -59.81
N ARG LA 68 40.79 49.51 -59.81
CA ARG LA 68 41.50 48.29 -59.47
C ARG LA 68 41.31 47.28 -60.59
N ARG LA 69 42.40 46.81 -61.18
CA ARG LA 69 42.31 45.77 -62.20
C ARG LA 69 43.38 44.72 -61.95
N GLU LA 70 42.95 43.46 -61.89
CA GLU LA 70 43.82 42.34 -61.53
C GLU LA 70 44.34 41.68 -62.80
N VAL LA 71 45.60 41.95 -63.15
CA VAL LA 71 46.17 41.46 -64.40
C VAL LA 71 46.74 40.07 -64.20
N THR LA 72 46.57 39.21 -65.21
CA THR LA 72 47.35 37.98 -65.31
C THR LA 72 48.76 38.40 -65.76
N ILE LA 73 49.67 38.45 -64.79
CA ILE LA 73 51.07 38.74 -65.03
C ILE LA 73 51.80 37.47 -65.45
N ASN LA 74 52.71 37.66 -66.42
CA ASN LA 74 53.54 36.65 -67.07
C ASN LA 74 52.76 35.35 -67.35
N LYS LA 75 51.70 35.53 -68.15
CA LYS LA 75 50.83 34.42 -68.51
C LYS LA 75 51.58 33.31 -69.23
N GLY LA 76 52.33 33.64 -70.27
CA GLY LA 76 53.04 32.60 -71.01
C GLY LA 76 53.91 31.74 -70.12
N THR LA 77 54.64 32.37 -69.20
CA THR LA 77 55.56 31.66 -68.32
C THR LA 77 54.79 30.87 -67.27
N ASP LA 78 55.38 29.77 -66.80
CA ASP LA 78 54.79 29.02 -65.71
C ASP LA 78 54.84 29.82 -64.42
N GLN LA 79 54.02 29.40 -63.46
CA GLN LA 79 53.75 30.17 -62.25
C GLN LA 79 53.26 31.57 -62.60
N GLU LA 80 52.39 31.63 -63.61
CA GLU LA 80 51.72 32.87 -63.98
C GLU LA 80 50.74 33.24 -62.87
N LYS LA 81 50.55 34.54 -62.61
CA LYS LA 81 49.73 34.87 -61.45
C LYS LA 81 48.78 36.02 -61.76
N ILE LA 82 47.71 36.12 -60.97
CA ILE LA 82 46.76 37.23 -61.09
C ILE LA 82 47.05 38.20 -59.94
N VAL LA 83 47.39 39.44 -60.28
CA VAL LA 83 47.83 40.40 -59.26
C VAL LA 83 47.17 41.74 -59.52
N PRO LA 84 46.67 42.42 -58.48
CA PRO LA 84 45.90 43.66 -58.71
C PRO LA 84 46.73 44.94 -58.76
N MET LA 85 46.57 45.74 -59.81
CA MET LA 85 47.15 47.09 -59.82
C MET LA 85 46.04 48.08 -59.50
N ILE LA 86 46.38 49.11 -58.72
CA ILE LA 86 45.39 50.05 -58.21
C ILE LA 86 45.91 51.47 -58.37
N ALA LA 87 45.03 52.36 -58.81
CA ALA LA 87 45.30 53.79 -58.86
C ALA LA 87 44.11 54.55 -58.29
N ARG LA 88 44.35 55.37 -57.26
CA ARG LA 88 43.32 56.08 -56.50
C ARG LA 88 43.53 57.59 -56.56
N ILE LA 89 42.41 58.28 -56.64
CA ILE LA 89 42.32 59.70 -56.36
C ILE LA 89 41.58 59.84 -55.04
N GLU LA 90 42.19 60.51 -54.06
CA GLU LA 90 41.54 60.75 -52.77
C GLU LA 90 41.58 62.25 -52.50
N THR LA 91 40.45 62.82 -52.11
CA THR LA 91 40.33 64.28 -52.03
C THR LA 91 39.49 64.70 -50.84
N SER LA 92 40.07 65.55 -49.98
CA SER LA 92 39.37 66.11 -48.83
C SER LA 92 39.25 67.61 -49.02
N VAL LA 93 38.02 68.09 -49.19
CA VAL LA 93 37.74 69.50 -49.44
C VAL LA 93 36.84 70.01 -48.32
N PRO LA 94 37.32 70.91 -47.47
CA PRO LA 94 36.42 71.55 -46.50
C PRO LA 94 35.37 72.41 -47.18
N VAL LA 95 34.31 72.72 -46.44
CA VAL LA 95 33.16 73.39 -47.05
C VAL LA 95 33.54 74.75 -47.61
N GLY LA 96 34.14 75.60 -46.79
CA GLY LA 96 34.48 76.97 -47.20
C GLY LA 96 35.32 77.13 -48.47
N VAL LA 97 35.87 76.03 -48.98
CA VAL LA 97 36.77 76.10 -50.12
C VAL LA 97 36.07 76.65 -51.36
N SER LA 98 36.82 77.41 -52.16
CA SER LA 98 36.31 77.96 -53.41
C SER LA 98 36.51 76.99 -54.57
N GLN LA 99 35.46 76.85 -55.38
CA GLN LA 99 35.50 75.93 -56.51
C GLN LA 99 36.61 76.30 -57.49
N ASP LA 100 36.88 77.61 -57.65
CA ASP LA 100 37.96 78.04 -58.53
C ASP LA 100 39.31 77.51 -58.05
N ASP LA 101 39.63 77.76 -56.77
CA ASP LA 101 40.90 77.33 -56.23
C ASP LA 101 41.06 75.83 -56.33
N PHE LA 102 40.03 75.09 -55.93
CA PHE LA 102 40.20 73.64 -55.93
C PHE LA 102 40.23 73.07 -57.34
N LYS LA 103 39.52 73.67 -58.30
CA LYS LA 103 39.58 73.19 -59.67
C LYS LA 103 40.96 73.43 -60.27
N ALA LA 104 41.61 74.54 -59.90
CA ALA LA 104 42.99 74.77 -60.36
C ALA LA 104 43.95 73.76 -59.75
N MET LA 105 43.82 73.50 -58.46
CA MET LA 105 44.65 72.48 -57.82
C MET LA 105 44.45 71.11 -58.45
N ILE LA 106 43.19 70.75 -58.79
CA ILE LA 106 42.93 69.49 -59.47
C ILE LA 106 43.62 69.45 -60.83
N GLU LA 107 43.47 70.52 -61.61
CA GLU LA 107 44.13 70.60 -62.91
C GLU LA 107 45.62 70.36 -62.77
N GLY LA 108 46.23 70.94 -61.74
CA GLY LA 108 47.63 70.67 -61.47
C GLY LA 108 47.90 69.21 -61.17
N LEU LA 109 47.08 68.63 -60.29
CA LEU LA 109 47.30 67.24 -59.89
C LEU LA 109 47.16 66.26 -61.06
N ALA LA 110 46.37 66.62 -62.06
CA ALA LA 110 46.19 65.71 -63.20
C ALA LA 110 47.44 65.61 -64.07
N CYS LA 111 48.40 66.53 -63.92
CA CYS LA 111 49.53 66.58 -64.84
C CYS LA 111 50.42 65.35 -64.78
N PRO LA 112 50.85 64.84 -63.62
CA PRO LA 112 51.73 63.64 -63.63
C PRO LA 112 51.06 62.41 -64.18
N LEU LA 113 49.72 62.36 -64.19
CA LEU LA 113 49.06 61.19 -64.74
C LEU LA 113 49.23 61.11 -66.26
N LEU LA 114 49.19 62.25 -66.94
CA LEU LA 114 49.23 62.26 -68.40
C LEU LA 114 50.66 62.51 -68.89
N LEU LA 115 51.50 61.51 -68.67
CA LEU LA 115 52.91 61.55 -69.06
C LEU LA 115 53.26 60.40 -69.99
N ASP LA 116 54.42 60.51 -70.63
CA ASP LA 116 54.89 59.52 -71.58
C ASP LA 116 55.35 58.24 -70.87
N GLU LA 117 55.43 57.16 -71.65
CA GLU LA 117 55.76 55.85 -71.08
C GLU LA 117 57.09 55.88 -70.35
N ILE LA 118 58.05 56.65 -70.84
CA ILE LA 118 59.37 56.68 -70.22
C ILE LA 118 59.26 57.17 -68.78
N HIS LA 119 58.67 58.36 -68.59
CA HIS LA 119 58.52 58.90 -67.24
C HIS LA 119 57.62 58.02 -66.38
N VAL LA 120 56.55 57.46 -66.97
CA VAL LA 120 55.62 56.68 -66.17
C VAL LA 120 56.28 55.41 -65.64
N ASN LA 121 57.06 54.74 -66.49
CA ASN LA 121 57.78 53.56 -66.04
C ASN LA 121 58.88 53.93 -65.04
N ASP LA 122 59.53 55.08 -65.23
CA ASP LA 122 60.58 55.47 -64.30
C ASP LA 122 60.03 55.79 -62.92
N LEU LA 123 58.82 56.36 -62.83
CA LEU LA 123 58.29 56.80 -61.54
C LEU LA 123 57.36 55.79 -60.88
N PHE LA 124 56.33 55.33 -61.59
CA PHE LA 124 55.25 54.58 -60.93
C PHE LA 124 55.56 53.10 -60.80
N LEU LA 125 56.35 52.53 -61.71
CA LEU LA 125 56.69 51.12 -61.66
C LEU LA 125 58.09 50.90 -61.08
N SER LA 126 59.09 51.55 -61.65
CA SER LA 126 60.47 51.33 -61.22
C SER LA 126 60.73 51.96 -59.85
N GLY LA 127 60.07 53.08 -59.55
CA GLY LA 127 60.32 53.76 -58.31
C GLY LA 127 61.50 54.71 -58.33
N LEU LA 128 62.06 54.98 -59.50
CA LEU LA 128 63.17 55.91 -59.62
C LEU LA 128 62.75 57.29 -59.12
N PRO LA 129 63.70 58.10 -58.63
CA PRO LA 129 63.34 59.42 -58.12
C PRO LA 129 62.88 60.36 -59.23
N ILE LA 130 62.10 61.37 -58.84
CA ILE LA 130 61.59 62.35 -59.79
C ILE LA 130 62.74 63.22 -60.28
N ALA LA 131 62.82 63.40 -61.60
CA ALA LA 131 63.85 64.22 -62.22
C ALA LA 131 63.33 65.64 -62.40
N THR LA 132 63.88 66.58 -61.63
CA THR LA 132 63.50 67.98 -61.72
C THR LA 132 64.14 68.60 -62.96
N THR LA 133 63.37 69.43 -63.67
CA THR LA 133 63.88 70.05 -64.89
C THR LA 133 63.93 71.56 -64.74
N ASP LA 134 65.10 72.16 -64.99
CA ASP LA 134 65.19 73.61 -64.89
C ASP LA 134 64.29 74.26 -65.92
N VAL LA 135 63.46 75.19 -65.46
CA VAL LA 135 62.63 76.00 -66.36
C VAL LA 135 63.53 77.01 -67.07
N PRO LA 136 63.46 77.11 -68.40
CA PRO LA 136 64.32 78.09 -69.09
C PRO LA 136 63.93 79.50 -68.69
N ASP LA 137 64.89 80.23 -68.10
CA ASP LA 137 64.66 81.63 -67.76
C ASP LA 137 64.29 82.43 -69.00
N ASN LA 138 64.77 82.01 -70.16
CA ASN LA 138 64.44 82.72 -71.40
C ASN LA 138 62.98 82.53 -71.77
N GLU LA 139 62.43 81.33 -71.51
CA GLU LA 139 61.07 80.99 -71.89
C GLU LA 139 60.06 81.62 -70.93
N PRO LA 140 58.79 81.72 -71.33
CA PRO LA 140 57.79 82.35 -70.46
C PRO LA 140 57.51 81.49 -69.24
N LEU LA 141 57.17 82.16 -68.14
CA LEU LA 141 56.93 81.44 -66.89
C LEU LA 141 55.68 80.57 -67.04
N PRO LA 142 55.70 79.34 -66.52
CA PRO LA 142 54.56 78.45 -66.66
C PRO LA 142 53.39 78.91 -65.80
N PRO LA 143 52.20 78.34 -66.00
CA PRO LA 143 51.03 78.82 -65.25
C PRO LA 143 51.20 78.67 -63.75
N ALA LA 144 50.63 79.63 -63.01
CA ALA LA 144 50.89 79.73 -61.58
C ALA LA 144 50.26 78.61 -60.77
N LEU LA 145 49.27 77.90 -61.32
CA LEU LA 145 48.55 76.83 -60.64
C LEU LA 145 47.59 77.34 -59.56
N LEU LA 146 47.24 78.63 -59.63
CA LEU LA 146 46.42 79.32 -58.63
C LEU LA 146 46.67 78.84 -57.20
N SER MA 1 18.68 -0.32 -70.19
CA SER MA 1 19.30 0.52 -71.21
C SER MA 1 19.47 1.94 -70.71
N ILE MA 2 19.17 2.90 -71.58
CA ILE MA 2 19.25 4.31 -71.27
C ILE MA 2 17.83 4.84 -71.18
N LYS MA 3 17.54 5.62 -70.14
CA LYS MA 3 16.18 6.04 -69.86
C LYS MA 3 16.04 7.56 -69.92
N TYR MA 4 14.96 8.01 -70.55
CA TYR MA 4 14.43 9.34 -70.31
C TYR MA 4 14.20 9.52 -68.82
N ILE MA 5 14.90 10.51 -68.26
CA ILE MA 5 14.56 11.03 -66.93
C ILE MA 5 13.39 11.99 -67.04
N PHE MA 6 13.52 12.99 -67.93
CA PHE MA 6 12.46 13.94 -68.20
C PHE MA 6 12.37 14.11 -69.71
N LYS MA 7 11.25 13.69 -70.29
CA LYS MA 7 11.02 13.86 -71.72
C LYS MA 7 10.61 15.31 -71.99
N LYS MA 8 11.29 15.94 -72.95
CA LYS MA 8 11.01 17.33 -73.29
C LYS MA 8 9.60 17.49 -73.87
N THR MA 9 8.90 18.52 -73.40
CA THR MA 9 7.57 18.84 -73.89
C THR MA 9 7.60 20.18 -74.63
N ASP MA 10 6.74 20.28 -75.65
CA ASP MA 10 6.67 21.49 -76.45
C ASP MA 10 5.76 22.52 -75.77
N THR MA 11 6.17 22.92 -74.57
CA THR MA 11 5.44 23.88 -73.76
C THR MA 11 6.38 25.04 -73.46
N LEU MA 12 6.13 26.18 -74.09
CA LEU MA 12 7.00 27.33 -73.95
C LEU MA 12 6.90 27.92 -72.55
N PRO MA 13 8.00 28.45 -72.02
CA PRO MA 13 7.95 29.06 -70.69
C PRO MA 13 7.23 30.40 -70.72
N ARG MA 14 6.42 30.65 -69.69
CA ARG MA 14 5.78 31.95 -69.54
C ARG MA 14 6.84 32.99 -69.26
N SER MA 15 6.81 34.08 -70.03
CA SER MA 15 7.67 35.22 -69.74
C SER MA 15 7.34 35.78 -68.36
N VAL MA 16 8.35 36.34 -67.69
CA VAL MA 16 8.23 36.79 -66.31
C VAL MA 16 8.15 38.30 -66.27
N ILE MA 17 7.00 38.82 -65.85
CA ILE MA 17 6.74 40.26 -65.84
C ILE MA 17 6.51 40.69 -64.40
N GLY MA 18 7.05 41.85 -64.03
CA GLY MA 18 6.95 42.28 -62.66
C GLY MA 18 7.30 43.74 -62.50
N ASN MA 19 7.55 44.14 -61.25
CA ASN MA 19 8.05 45.48 -60.97
C ASN MA 19 8.85 45.44 -59.67
N VAL MA 20 9.96 46.20 -59.63
CA VAL MA 20 10.85 46.16 -58.48
C VAL MA 20 10.16 46.75 -57.24
N LEU MA 21 10.10 45.95 -56.17
CA LEU MA 21 9.41 46.35 -54.93
C LEU MA 21 10.35 46.99 -53.92
N ARG MA 22 11.38 46.25 -53.49
CA ARG MA 22 12.36 46.78 -52.55
C ARG MA 22 13.70 46.11 -52.82
N THR MA 23 14.76 46.77 -52.37
CA THR MA 23 16.11 46.24 -52.43
C THR MA 23 16.56 46.02 -50.99
N THR MA 24 16.44 44.78 -50.52
CA THR MA 24 16.77 44.46 -49.13
C THR MA 24 18.22 44.77 -48.82
N GLY MA 25 19.14 44.18 -49.59
CA GLY MA 25 20.56 44.38 -49.39
C GLY MA 25 21.25 44.70 -50.70
N PRO MA 26 22.58 44.83 -50.65
CA PRO MA 26 23.33 45.17 -51.86
C PRO MA 26 23.34 44.05 -52.88
N ASP MA 27 23.20 42.81 -52.44
CA ASP MA 27 23.15 41.66 -53.32
C ASP MA 27 21.74 41.07 -53.45
N THR MA 28 20.75 41.63 -52.76
CA THR MA 28 19.42 41.05 -52.67
C THR MA 28 18.39 42.07 -53.11
N THR MA 29 17.62 41.74 -54.15
CA THR MA 29 16.54 42.62 -54.62
C THR MA 29 15.26 41.83 -54.78
N VAL MA 30 14.14 42.43 -54.40
CA VAL MA 30 12.85 41.76 -54.34
C VAL MA 30 11.87 42.43 -55.28
N TYR MA 31 11.24 41.64 -56.15
CA TYR MA 31 10.32 42.12 -57.16
C TYR MA 31 8.92 41.65 -56.79
N SER MA 32 7.93 42.56 -56.92
CA SER MA 32 6.53 42.20 -56.79
C SER MA 32 5.99 41.84 -58.16
N LEU MA 33 5.34 40.69 -58.24
CA LEU MA 33 4.77 40.13 -59.45
C LEU MA 33 3.28 40.41 -59.49
N PRO MA 34 2.62 40.13 -60.62
CA PRO MA 34 1.17 40.39 -60.69
C PRO MA 34 0.41 39.54 -59.69
N GLY MA 35 -0.71 40.09 -59.22
CA GLY MA 35 -1.51 39.39 -58.24
C GLY MA 35 -0.96 39.42 -56.83
N HIS MA 36 -0.11 40.38 -56.54
CA HIS MA 36 0.53 40.51 -55.23
C HIS MA 36 -0.30 41.44 -54.35
N THR MA 37 -1.23 40.86 -53.61
CA THR MA 37 -1.86 41.62 -52.54
C THR MA 37 -1.03 41.49 -51.26
N PRO MA 38 -1.14 42.45 -50.34
CA PRO MA 38 -0.40 42.30 -49.07
C PRO MA 38 -0.85 41.09 -48.29
N VAL MA 39 -2.14 40.74 -48.38
CA VAL MA 39 -2.66 39.57 -47.69
C VAL MA 39 -2.10 38.30 -48.31
N ASN MA 40 -2.05 38.22 -49.63
CA ASN MA 40 -1.62 37.03 -50.37
C ASN MA 40 -0.42 37.41 -51.25
N PRO MA 41 0.75 37.62 -50.66
CA PRO MA 41 1.87 38.13 -51.43
C PRO MA 41 2.42 37.12 -52.44
N PHE MA 42 2.97 37.65 -53.53
CA PHE MA 42 3.57 36.84 -54.58
C PHE MA 42 4.74 37.62 -55.16
N THR MA 43 5.96 37.11 -54.93
CA THR MA 43 7.18 37.87 -55.15
C THR MA 43 8.33 37.00 -55.62
N LEU MA 44 9.18 37.58 -56.47
CA LEU MA 44 10.44 36.99 -56.88
C LEU MA 44 11.58 37.70 -56.14
N THR MA 45 12.30 36.94 -55.32
CA THR MA 45 13.49 37.44 -54.66
C THR MA 45 14.70 36.95 -55.44
N ALA MA 46 15.68 37.85 -55.65
CA ALA MA 46 16.87 37.55 -56.42
C ALA MA 46 18.09 37.91 -55.60
N VAL MA 47 18.94 36.92 -55.34
CA VAL MA 47 20.14 37.09 -54.54
C VAL MA 47 21.32 36.64 -55.38
N SER MA 48 22.14 37.58 -55.86
CA SER MA 48 23.32 37.26 -56.67
C SER MA 48 24.56 37.64 -55.86
N ARG MA 49 25.33 36.64 -55.46
CA ARG MA 49 26.51 36.85 -54.65
C ARG MA 49 27.76 36.66 -55.50
N LEU MA 50 28.59 37.71 -55.55
CA LEU MA 50 29.79 37.72 -56.36
C LEU MA 50 30.83 36.73 -55.83
N PRO MA 51 31.79 36.35 -56.67
CA PRO MA 51 32.87 35.48 -56.19
C PRO MA 51 33.86 36.27 -55.36
N VAL MA 52 34.28 35.67 -54.26
CA VAL MA 52 35.34 36.23 -53.42
C VAL MA 52 36.58 35.38 -53.61
N PRO MA 53 37.66 35.92 -54.19
CA PRO MA 53 38.87 35.12 -54.39
C PRO MA 53 39.46 34.72 -53.06
N ARG MA 54 40.00 33.51 -53.03
CA ARG MA 54 40.69 32.98 -51.87
C ARG MA 54 42.12 32.65 -52.29
N LYS MA 55 43.05 32.68 -51.34
CA LYS MA 55 44.45 32.52 -51.69
C LYS MA 55 44.67 31.13 -52.28
N GLY MA 56 44.96 31.08 -53.59
CA GLY MA 56 45.09 29.84 -54.31
C GLY MA 56 43.79 29.30 -54.89
N ASN MA 57 42.66 29.96 -54.65
CA ASN MA 57 41.37 29.48 -55.10
C ASN MA 57 40.64 30.60 -55.84
N ALA MA 58 40.15 30.30 -57.04
CA ALA MA 58 39.29 31.24 -57.72
C ALA MA 58 37.93 31.32 -57.04
N GLY MA 59 37.25 32.44 -57.23
CA GLY MA 59 35.94 32.61 -56.65
C GLY MA 59 34.90 31.70 -57.27
N THR MA 60 33.71 31.70 -56.68
CA THR MA 60 32.54 31.04 -57.25
C THR MA 60 31.34 31.97 -57.11
N THR MA 61 30.64 32.21 -58.22
CA THR MA 61 29.45 33.05 -58.25
C THR MA 61 28.22 32.24 -57.85
N LYS MA 62 27.49 32.71 -56.84
CA LYS MA 62 26.24 32.07 -56.46
C LYS MA 62 25.08 32.95 -56.90
N THR MA 63 23.99 32.32 -57.32
CA THR MA 63 22.83 33.03 -57.86
C THR MA 63 21.58 32.28 -57.40
N THR MA 64 20.64 32.99 -56.80
CA THR MA 64 19.45 32.34 -56.24
C THR MA 64 18.23 33.17 -56.63
N LEU MA 65 17.24 32.51 -57.23
CA LEU MA 65 16.00 33.13 -57.68
C LEU MA 65 14.83 32.35 -57.08
N SER MA 66 14.05 33.00 -56.21
CA SER MA 66 12.97 32.35 -55.48
C SER MA 66 11.64 33.01 -55.81
N LEU MA 67 10.69 32.23 -56.28
CA LEU MA 67 9.30 32.68 -56.38
C LEU MA 67 8.55 32.16 -55.17
N ARG MA 68 7.81 33.05 -54.50
CA ARG MA 68 7.03 32.70 -53.32
C ARG MA 68 5.64 33.31 -53.41
N ARG MA 69 4.61 32.48 -53.33
CA ARG MA 69 3.23 32.93 -53.46
C ARG MA 69 2.38 32.24 -52.40
N GLU MA 70 1.71 33.03 -51.56
CA GLU MA 70 0.96 32.49 -50.42
C GLU MA 70 -0.51 32.36 -50.82
N VAL MA 71 -0.92 31.13 -51.14
CA VAL MA 71 -2.26 30.88 -51.64
C VAL MA 71 -3.22 30.70 -50.48
N THR MA 72 -4.45 31.20 -50.66
CA THR MA 72 -5.54 30.80 -49.78
C THR MA 72 -6.00 29.40 -50.19
N ILE MA 73 -5.96 28.47 -49.24
CA ILE MA 73 -6.30 27.08 -49.47
C ILE MA 73 -7.68 26.84 -48.90
N ASN MA 74 -8.50 26.11 -49.68
CA ASN MA 74 -9.86 25.67 -49.38
C ASN MA 74 -10.67 26.75 -48.67
N LYS MA 75 -10.84 27.86 -49.38
CA LYS MA 75 -11.52 29.03 -48.85
C LYS MA 75 -12.96 28.72 -48.44
N GLY MA 76 -13.73 28.14 -49.35
CA GLY MA 76 -15.12 27.85 -49.04
C GLY MA 76 -15.27 26.95 -47.83
N THR MA 77 -14.36 25.99 -47.70
CA THR MA 77 -14.41 25.02 -46.62
C THR MA 77 -13.86 25.66 -45.32
N ASP MA 78 -14.15 25.01 -44.19
CA ASP MA 78 -13.54 25.40 -42.94
C ASP MA 78 -12.04 25.12 -42.97
N GLN MA 79 -11.32 25.79 -42.06
CA GLN MA 79 -9.86 25.76 -42.03
C GLN MA 79 -9.25 26.29 -43.32
N GLU MA 80 -9.89 27.30 -43.91
CA GLU MA 80 -9.26 28.13 -44.92
C GLU MA 80 -7.93 28.67 -44.40
N LYS MA 81 -6.84 28.45 -45.14
CA LYS MA 81 -5.54 28.91 -44.61
C LYS MA 81 -4.68 29.51 -45.70
N ILE MA 82 -3.97 30.59 -45.38
CA ILE MA 82 -3.01 31.18 -46.30
C ILE MA 82 -1.66 30.49 -46.10
N VAL MA 83 -1.18 29.82 -47.14
CA VAL MA 83 -0.01 28.96 -47.02
C VAL MA 83 0.90 29.22 -48.22
N PRO MA 84 2.22 29.34 -48.01
CA PRO MA 84 3.11 29.69 -49.13
C PRO MA 84 3.64 28.53 -49.94
N MET MA 85 3.58 28.63 -51.28
CA MET MA 85 4.31 27.72 -52.16
C MET MA 85 5.54 28.44 -52.69
N ILE MA 86 6.64 27.70 -52.80
CA ILE MA 86 7.92 28.28 -53.19
C ILE MA 86 8.58 27.42 -54.25
N ALA MA 87 9.15 28.08 -55.26
CA ALA MA 87 9.95 27.42 -56.28
C ALA MA 87 11.23 28.23 -56.53
N ARG MA 88 12.39 27.61 -56.28
CA ARG MA 88 13.70 28.26 -56.32
C ARG MA 88 14.60 27.62 -57.35
N ILE MA 89 15.39 28.48 -57.98
CA ILE MA 89 16.54 28.10 -58.77
C ILE MA 89 17.77 28.56 -57.99
N GLU MA 90 18.69 27.66 -57.69
CA GLU MA 90 19.93 28.02 -57.01
C GLU MA 90 21.09 27.49 -57.82
N THR MA 91 22.09 28.35 -58.06
CA THR MA 91 23.15 28.03 -59.01
C THR MA 91 24.50 28.51 -58.53
N SER MA 92 25.45 27.59 -58.41
CA SER MA 92 26.82 27.92 -58.03
C SER MA 92 27.74 27.61 -59.21
N VAL MA 93 28.28 28.67 -59.82
CA VAL MA 93 29.14 28.58 -60.99
C VAL MA 93 30.53 29.07 -60.60
N PRO MA 94 31.53 28.21 -60.53
CA PRO MA 94 32.89 28.68 -60.32
C PRO MA 94 33.39 29.53 -61.49
N VAL MA 95 34.45 30.29 -61.23
CA VAL MA 95 34.83 31.37 -62.15
C VAL MA 95 35.18 30.83 -63.53
N GLY MA 96 36.08 29.85 -63.59
CA GLY MA 96 36.61 29.35 -64.86
C GLY MA 96 35.59 28.69 -65.78
N VAL MA 97 34.37 28.46 -65.29
CA VAL MA 97 33.36 27.72 -66.05
C VAL MA 97 33.08 28.41 -67.38
N SER MA 98 32.85 27.61 -68.42
CA SER MA 98 32.53 28.11 -69.75
C SER MA 98 31.04 28.33 -69.92
N GLN MA 99 30.69 29.48 -70.53
CA GLN MA 99 29.28 29.81 -70.74
C GLN MA 99 28.57 28.75 -71.56
N ASP MA 100 29.27 28.12 -72.49
CA ASP MA 100 28.66 27.09 -73.31
C ASP MA 100 28.21 25.91 -72.45
N ASP MA 101 29.13 25.35 -71.67
CA ASP MA 101 28.82 24.21 -70.83
C ASP MA 101 27.71 24.53 -69.86
N PHE MA 102 27.77 25.72 -69.24
CA PHE MA 102 26.77 25.99 -68.22
C PHE MA 102 25.39 26.26 -68.83
N LYS MA 103 25.32 26.92 -70.00
CA LYS MA 103 24.04 27.06 -70.67
C LYS MA 103 23.46 25.70 -71.04
N ALA MA 104 24.33 24.75 -71.38
CA ALA MA 104 23.85 23.39 -71.65
C ALA MA 104 23.18 22.79 -70.41
N MET MA 105 23.87 22.85 -69.28
CA MET MA 105 23.24 22.37 -68.05
C MET MA 105 21.95 23.09 -67.73
N ILE MA 106 21.89 24.41 -67.96
CA ILE MA 106 20.68 25.17 -67.67
C ILE MA 106 19.52 24.68 -68.53
N GLU MA 107 19.77 24.56 -69.83
CA GLU MA 107 18.74 24.09 -70.76
C GLU MA 107 18.23 22.72 -70.34
N GLY MA 108 19.14 21.84 -69.91
CA GLY MA 108 18.70 20.56 -69.38
C GLY MA 108 17.85 20.70 -68.13
N LEU MA 109 18.27 21.56 -67.21
CA LEU MA 109 17.55 21.73 -65.95
C LEU MA 109 16.16 22.28 -66.15
N ALA MA 110 15.96 23.08 -67.21
CA ALA MA 110 14.64 23.66 -67.44
C ALA MA 110 13.62 22.62 -67.87
N CYS MA 111 14.07 21.42 -68.26
CA CYS MA 111 13.16 20.44 -68.84
C CYS MA 111 12.09 19.94 -67.87
N PRO MA 112 12.41 19.51 -66.63
CA PRO MA 112 11.34 19.03 -65.74
C PRO MA 112 10.34 20.10 -65.37
N LEU MA 113 10.71 21.38 -65.47
CA LEU MA 113 9.75 22.42 -65.14
C LEU MA 113 8.60 22.47 -66.14
N LEU MA 114 8.91 22.30 -67.42
CA LEU MA 114 7.91 22.47 -68.46
C LEU MA 114 7.29 21.12 -68.82
N LEU MA 115 6.54 20.57 -67.87
CA LEU MA 115 5.88 19.29 -68.03
C LEU MA 115 4.37 19.43 -67.89
N ASP MA 116 3.67 18.38 -68.29
CA ASP MA 116 2.21 18.34 -68.24
C ASP MA 116 1.71 18.18 -66.81
N GLU MA 117 0.43 18.53 -66.63
CA GLU MA 117 -0.15 18.54 -65.29
C GLU MA 117 -0.05 17.16 -64.64
N ILE MA 118 -0.16 16.10 -65.42
CA ILE MA 118 -0.11 14.76 -64.85
C ILE MA 118 1.24 14.52 -64.16
N HIS MA 119 2.33 14.70 -64.89
CA HIS MA 119 3.65 14.49 -64.30
C HIS MA 119 3.92 15.49 -63.18
N VAL MA 120 3.48 16.73 -63.34
CA VAL MA 120 3.80 17.74 -62.33
C VAL MA 120 3.10 17.42 -61.01
N ASN MA 121 1.83 17.02 -61.06
CA ASN MA 121 1.13 16.61 -59.85
C ASN MA 121 1.72 15.34 -59.28
N ASP MA 122 2.12 14.40 -60.14
CA ASP MA 122 2.71 13.16 -59.64
C ASP MA 122 4.03 13.41 -58.91
N LEU MA 123 4.83 14.37 -59.38
CA LEU MA 123 6.17 14.58 -58.82
C LEU MA 123 6.23 15.67 -57.75
N PHE MA 124 5.77 16.88 -58.07
CA PHE MA 124 6.02 18.03 -57.20
C PHE MA 124 5.03 18.15 -56.06
N LEU MA 125 3.80 17.67 -56.24
CA LEU MA 125 2.79 17.74 -55.20
C LEU MA 125 2.63 16.41 -54.47
N SER MA 126 2.36 15.33 -55.20
CA SER MA 126 2.14 14.03 -54.55
C SER MA 126 3.43 13.49 -53.96
N GLY MA 127 4.56 13.71 -54.63
CA GLY MA 127 5.84 13.26 -54.14
C GLY MA 127 6.31 11.92 -54.67
N LEU MA 128 5.71 11.42 -55.75
CA LEU MA 128 6.11 10.14 -56.31
C LEU MA 128 7.54 10.20 -56.84
N PRO MA 129 8.16 9.06 -57.11
CA PRO MA 129 9.47 9.09 -57.79
C PRO MA 129 9.34 9.50 -59.24
N ILE MA 130 10.49 9.82 -59.85
CA ILE MA 130 10.51 10.28 -61.24
C ILE MA 130 10.03 9.16 -62.14
N ALA MA 131 9.16 9.50 -63.10
CA ALA MA 131 8.68 8.54 -64.09
C ALA MA 131 9.74 8.36 -65.18
N THR MA 132 10.38 7.19 -65.20
CA THR MA 132 11.43 6.90 -66.17
C THR MA 132 10.82 6.25 -67.40
N THR MA 133 11.32 6.62 -68.58
CA THR MA 133 10.78 6.07 -69.83
C THR MA 133 11.91 5.51 -70.67
N ASP MA 134 11.83 4.23 -71.01
CA ASP MA 134 12.85 3.62 -71.85
C ASP MA 134 12.93 4.33 -73.20
N VAL MA 135 14.12 4.79 -73.55
CA VAL MA 135 14.34 5.44 -74.84
C VAL MA 135 14.22 4.39 -75.94
N PRO MA 136 13.40 4.60 -76.97
CA PRO MA 136 13.34 3.61 -78.06
C PRO MA 136 14.69 3.52 -78.76
N ASP MA 137 15.29 2.33 -78.72
CA ASP MA 137 16.54 2.12 -79.44
C ASP MA 137 16.38 2.43 -80.92
N ASN MA 138 15.18 2.21 -81.47
CA ASN MA 138 14.93 2.49 -82.87
C ASN MA 138 14.99 3.99 -83.15
N GLU MA 139 14.44 4.80 -82.26
CA GLU MA 139 14.39 6.23 -82.46
C GLU MA 139 15.78 6.84 -82.28
N PRO MA 140 16.02 8.03 -82.85
CA PRO MA 140 17.36 8.63 -82.75
C PRO MA 140 17.69 8.98 -81.32
N LEU MA 141 18.99 8.98 -81.02
CA LEU MA 141 19.43 9.26 -79.66
C LEU MA 141 19.15 10.72 -79.30
N PRO MA 142 18.63 10.99 -78.11
CA PRO MA 142 18.29 12.37 -77.73
C PRO MA 142 19.54 13.22 -77.56
N PRO MA 143 19.39 14.55 -77.45
CA PRO MA 143 20.57 15.41 -77.35
C PRO MA 143 21.42 15.09 -76.13
N ALA MA 144 22.74 15.23 -76.31
CA ALA MA 144 23.70 14.78 -75.32
C ALA MA 144 23.73 15.64 -74.06
N LEU MA 145 23.15 16.84 -74.08
CA LEU MA 145 23.11 17.75 -72.94
C LEU MA 145 24.47 18.34 -72.61
N LEU MA 146 25.41 18.26 -73.56
CA LEU MA 146 26.80 18.71 -73.40
C LEU MA 146 27.36 18.45 -72.00
N SER NA 1 -93.86 59.58 72.37
CA SER NA 1 -94.54 59.61 71.08
C SER NA 1 -93.64 60.16 69.98
N ILE NA 2 -94.21 61.03 69.14
CA ILE NA 2 -93.48 61.67 68.06
C ILE NA 2 -93.35 63.15 68.41
N LYS NA 3 -92.16 63.69 68.23
CA LYS NA 3 -91.87 65.05 68.68
C LYS NA 3 -91.48 65.94 67.52
N TYR NA 4 -92.03 67.16 67.54
CA TYR NA 4 -91.44 68.27 66.81
C TYR NA 4 -89.99 68.42 67.23
N ILE NA 5 -89.10 68.31 66.25
CA ILE NA 5 -87.72 68.76 66.40
C ILE NA 5 -87.62 70.26 66.16
N PHE NA 6 -88.22 70.73 65.07
CA PHE NA 6 -88.28 72.15 64.76
C PHE NA 6 -89.69 72.47 64.24
N LYS NA 7 -90.43 73.28 65.01
CA LYS NA 7 -91.75 73.72 64.60
C LYS NA 7 -91.59 74.84 63.57
N LYS NA 8 -92.31 74.71 62.46
CA LYS NA 8 -92.25 75.73 61.41
C LYS NA 8 -92.85 77.05 61.86
N THR NA 9 -92.18 78.14 61.51
CA THR NA 9 -92.64 79.48 61.83
C THR NA 9 -92.98 80.23 60.54
N ASP NA 10 -93.99 81.08 60.62
CA ASP NA 10 -94.37 81.93 59.48
C ASP NA 10 -93.42 83.14 59.40
N THR NA 11 -92.14 82.82 59.18
CA THR NA 11 -91.10 83.83 59.06
C THR NA 11 -90.44 83.63 57.70
N LEU NA 12 -90.77 84.50 56.75
CA LEU NA 12 -90.24 84.37 55.40
C LEU NA 12 -88.74 84.61 55.40
N PRO NA 13 -87.99 83.91 54.55
CA PRO NA 13 -86.55 84.16 54.46
C PRO NA 13 -86.28 85.47 53.71
N ARG NA 14 -85.28 86.20 54.19
CA ARG NA 14 -84.82 87.39 53.48
C ARG NA 14 -84.22 86.97 52.16
N SER NA 15 -84.66 87.60 51.07
CA SER NA 15 -83.97 87.43 49.80
C SER NA 15 -82.51 87.87 49.95
N VAL NA 16 -81.64 87.29 49.14
CA VAL NA 16 -80.20 87.51 49.23
C VAL NA 16 -79.76 88.38 48.07
N ILE NA 17 -79.22 89.55 48.38
CA ILE NA 17 -78.86 90.53 47.38
C ILE NA 17 -77.37 90.81 47.51
N GLY NA 18 -76.70 90.99 46.38
CA GLY NA 18 -75.26 91.18 46.45
C GLY NA 18 -74.68 91.63 45.13
N ASN NA 19 -73.36 91.55 45.04
CA ASN NA 19 -72.65 91.79 43.80
C ASN NA 19 -71.40 90.93 43.75
N VAL NA 20 -71.15 90.32 42.60
CA VAL NA 20 -70.00 89.42 42.47
C VAL NA 20 -68.72 90.20 42.74
N LEU NA 21 -67.87 89.64 43.60
CA LEU NA 21 -66.60 90.28 44.00
C LEU NA 21 -65.41 89.70 43.25
N ARG NA 22 -65.14 88.42 43.42
CA ARG NA 22 -63.99 87.80 42.78
C ARG NA 22 -64.32 86.34 42.53
N THR NA 23 -63.68 85.78 41.51
CA THR NA 23 -63.82 84.38 41.14
C THR NA 23 -62.48 83.72 41.45
N THR NA 24 -62.38 83.13 42.64
CA THR NA 24 -61.12 82.54 43.09
C THR NA 24 -60.67 81.43 42.15
N GLY NA 25 -61.54 80.46 41.91
CA GLY NA 25 -61.24 79.36 41.02
C GLY NA 25 -62.36 79.11 40.03
N PRO NA 26 -62.20 78.07 39.22
CA PRO NA 26 -63.25 77.75 38.23
C PRO NA 26 -64.55 77.30 38.88
N ASP NA 27 -64.45 76.59 40.02
CA ASP NA 27 -65.61 76.13 40.76
C ASP NA 27 -65.99 77.03 41.93
N THR NA 28 -65.18 78.05 42.22
CA THR NA 28 -65.35 78.86 43.43
C THR NA 28 -65.52 80.32 43.04
N THR NA 29 -66.63 80.93 43.47
CA THR NA 29 -66.88 82.34 43.23
C THR NA 29 -67.31 83.01 44.53
N VAL NA 30 -66.84 84.24 44.74
CA VAL NA 30 -67.04 84.95 46.00
C VAL NA 30 -67.78 86.26 45.75
N TYR NA 31 -68.92 86.43 46.41
CA TYR NA 31 -69.78 87.58 46.25
C TYR NA 31 -69.62 88.48 47.47
N SER NA 32 -69.60 89.79 47.24
CA SER NA 32 -69.63 90.78 48.30
C SER NA 32 -71.08 91.22 48.52
N LEU NA 33 -71.50 91.19 49.77
CA LEU NA 33 -72.85 91.49 50.20
C LEU NA 33 -72.93 92.91 50.73
N PRO NA 34 -74.13 93.41 51.00
CA PRO NA 34 -74.24 94.77 51.53
C PRO NA 34 -73.60 94.89 52.91
N GLY NA 35 -73.04 96.06 53.18
CA GLY NA 35 -72.35 96.28 54.44
C GLY NA 35 -70.95 95.74 54.50
N HIS NA 36 -70.42 95.26 53.38
CA HIS NA 36 -69.04 94.79 53.28
C HIS NA 36 -68.10 95.98 53.25
N THR NA 37 -67.58 96.35 54.41
CA THR NA 37 -66.47 97.28 54.44
C THR NA 37 -65.16 96.52 54.34
N PRO NA 38 -64.06 97.20 53.98
CA PRO NA 38 -62.75 96.53 54.09
C PRO NA 38 -62.44 96.13 55.52
N VAL NA 39 -62.83 96.97 56.48
CA VAL NA 39 -62.57 96.67 57.88
C VAL NA 39 -63.40 95.48 58.34
N ASN NA 40 -64.68 95.45 57.98
CA ASN NA 40 -65.63 94.44 58.44
C ASN NA 40 -66.17 93.71 57.22
N PRO NA 41 -65.42 92.76 56.67
CA PRO NA 41 -65.86 92.10 55.43
C PRO NA 41 -67.10 91.26 55.66
N PHE NA 42 -67.88 91.11 54.59
CA PHE NA 42 -69.14 90.38 54.65
C PHE NA 42 -69.37 89.76 53.27
N THR NA 43 -69.28 88.44 53.19
CA THR NA 43 -69.18 87.77 51.89
C THR NA 43 -69.90 86.43 51.87
N LEU NA 44 -70.48 86.12 50.72
CA LEU NA 44 -70.98 84.79 50.41
C LEU NA 44 -70.00 84.11 49.46
N THR NA 45 -69.45 82.98 49.90
CA THR NA 45 -68.60 82.17 49.04
C THR NA 45 -69.37 80.95 48.58
N ALA NA 46 -69.29 80.64 47.28
CA ALA NA 46 -70.03 79.55 46.67
C ALA NA 46 -69.03 78.63 45.97
N VAL NA 47 -69.05 77.36 46.34
CA VAL NA 47 -68.14 76.35 45.79
C VAL NA 47 -69.01 75.19 45.30
N SER NA 48 -69.13 75.05 43.98
CA SER NA 48 -69.96 74.01 43.38
C SER NA 48 -69.04 73.06 42.62
N ARG NA 49 -68.89 71.84 43.13
CA ARG NA 49 -68.00 70.85 42.56
C ARG NA 49 -68.80 69.79 41.81
N LEU NA 50 -68.52 69.68 40.51
CA LEU NA 50 -69.24 68.79 39.61
C LEU NA 50 -68.95 67.34 39.95
N PRO NA 51 -69.82 66.42 39.52
CA PRO NA 51 -69.57 65.01 39.80
C PRO NA 51 -68.54 64.46 38.84
N VAL NA 52 -67.60 63.70 39.37
CA VAL NA 52 -66.61 62.98 38.57
C VAL NA 52 -67.01 61.51 38.57
N PRO NA 53 -67.34 60.94 37.42
CA PRO NA 53 -67.73 59.53 37.37
C PRO NA 53 -66.54 58.63 37.62
N ARG NA 54 -66.80 57.57 38.37
CA ARG NA 54 -65.80 56.57 38.71
C ARG NA 54 -66.21 55.27 38.03
N LYS NA 55 -65.27 54.36 37.87
CA LYS NA 55 -65.56 53.12 37.15
C LYS NA 55 -66.52 52.27 37.99
N GLY NA 56 -67.77 52.18 37.54
CA GLY NA 56 -68.80 51.49 38.30
C GLY NA 56 -69.52 52.35 39.31
N ASN NA 57 -69.15 53.62 39.45
CA ASN NA 57 -69.77 54.52 40.41
C ASN NA 57 -70.17 55.81 39.70
N ALA NA 58 -71.43 56.19 39.84
CA ALA NA 58 -71.83 57.50 39.37
C ALA NA 58 -71.15 58.58 40.19
N GLY NA 59 -71.11 59.79 39.63
CA GLY NA 59 -70.58 60.92 40.37
C GLY NA 59 -71.51 61.38 41.47
N THR NA 60 -71.00 62.30 42.30
CA THR NA 60 -71.80 63.00 43.29
C THR NA 60 -71.46 64.48 43.24
N THR NA 61 -72.49 65.32 43.14
CA THR NA 61 -72.33 66.76 43.10
C THR NA 61 -72.25 67.34 44.51
N LYS NA 62 -71.21 68.13 44.78
CA LYS NA 62 -71.10 68.80 46.07
C LYS NA 62 -71.32 70.29 45.86
N THR NA 63 -71.95 70.95 46.84
CA THR NA 63 -72.31 72.36 46.74
C THR NA 63 -72.16 72.97 48.12
N THR NA 64 -71.46 74.10 48.21
CA THR NA 64 -71.17 74.70 49.51
C THR NA 64 -71.35 76.20 49.44
N LEU NA 65 -72.22 76.73 50.30
CA LEU NA 65 -72.54 78.15 50.36
C LEU NA 65 -72.24 78.65 51.77
N SER NA 66 -71.31 79.60 51.90
CA SER NA 66 -70.87 80.10 53.21
C SER NA 66 -71.07 81.60 53.30
N LEU NA 67 -71.82 82.05 54.31
CA LEU NA 67 -71.91 83.46 54.64
C LEU NA 67 -70.96 83.74 55.80
N ARG NA 68 -70.00 84.64 55.58
CA ARG NA 68 -69.02 85.02 56.58
C ARG NA 68 -69.07 86.52 56.82
N ARG NA 69 -69.35 86.92 58.06
CA ARG NA 69 -69.34 88.31 58.45
C ARG NA 69 -68.42 88.51 59.65
N GLU NA 70 -67.44 89.39 59.52
CA GLU NA 70 -66.54 89.71 60.62
C GLU NA 70 -67.07 90.94 61.33
N VAL NA 71 -67.64 90.73 62.52
CA VAL NA 71 -68.33 91.77 63.26
C VAL NA 71 -67.42 92.29 64.36
N THR NA 72 -67.53 93.59 64.64
CA THR NA 72 -66.85 94.17 65.78
C THR NA 72 -67.60 93.79 67.05
N ILE NA 73 -66.88 93.22 68.02
CA ILE NA 73 -67.44 92.80 69.29
C ILE NA 73 -67.04 93.80 70.36
N ASN NA 74 -68.01 94.13 71.22
CA ASN NA 74 -67.93 95.06 72.35
C ASN NA 74 -67.08 96.29 72.02
N LYS NA 75 -67.59 97.05 71.05
CA LYS NA 75 -66.93 98.26 70.59
C LYS NA 75 -66.73 99.26 71.72
N GLY NA 76 -67.81 99.55 72.47
CA GLY NA 76 -67.69 100.53 73.53
C GLY NA 76 -66.70 100.11 74.61
N THR NA 77 -66.70 98.84 74.95
CA THR NA 77 -65.82 98.32 75.97
C THR NA 77 -64.39 98.24 75.44
N ASP NA 78 -63.43 98.19 76.35
CA ASP NA 78 -62.05 97.92 76.00
C ASP NA 78 -61.91 96.52 75.41
N GLN NA 79 -60.85 96.34 74.62
CA GLN NA 79 -60.56 95.07 73.95
C GLN NA 79 -61.62 94.72 72.91
N GLU NA 80 -62.10 95.73 72.17
CA GLU NA 80 -63.03 95.46 71.08
C GLU NA 80 -62.30 94.66 70.01
N LYS NA 81 -62.98 93.67 69.42
CA LYS NA 81 -62.27 92.82 68.48
C LYS NA 81 -63.16 92.41 67.31
N ILE NA 82 -62.59 92.41 66.11
CA ILE NA 82 -63.31 91.97 64.92
C ILE NA 82 -63.20 90.45 64.83
N VAL NA 83 -64.34 89.77 64.98
CA VAL NA 83 -64.35 88.32 65.05
C VAL NA 83 -65.34 87.81 64.02
N PRO NA 84 -65.05 86.72 63.31
CA PRO NA 84 -65.98 86.24 62.27
C PRO NA 84 -67.07 85.31 62.76
N MET NA 85 -68.30 85.53 62.31
CA MET NA 85 -69.37 84.56 62.43
C MET NA 85 -69.67 83.99 61.05
N ILE NA 86 -69.93 82.69 61.01
CA ILE NA 86 -70.09 81.97 59.75
C ILE NA 86 -71.34 81.11 59.82
N ALA NA 87 -72.09 81.07 58.71
CA ALA NA 87 -73.20 80.14 58.52
C ALA NA 87 -73.09 79.50 57.14
N ARG NA 88 -72.94 78.17 57.10
CA ARG NA 88 -72.73 77.39 55.89
C ARG NA 88 -73.87 76.40 55.64
N ILE NA 89 -74.21 76.29 54.37
CA ILE NA 89 -74.99 75.18 53.84
C ILE NA 89 -74.03 74.34 53.02
N GLU NA 90 -73.97 73.04 53.31
CA GLU NA 90 -73.13 72.12 52.55
C GLU NA 90 -74.01 70.94 52.12
N THR NA 91 -73.94 70.56 50.84
CA THR NA 91 -74.86 69.57 50.29
C THR NA 91 -74.16 68.66 49.30
N SER NA 92 -74.21 67.35 49.57
CA SER NA 92 -73.70 66.34 48.64
C SER NA 92 -74.86 65.51 48.11
N VAL NA 93 -75.10 65.57 46.80
CA VAL NA 93 -76.20 64.87 46.15
C VAL NA 93 -75.60 63.90 45.12
N PRO NA 94 -75.80 62.60 45.27
CA PRO NA 94 -75.42 61.68 44.19
C PRO NA 94 -76.30 61.85 42.97
N VAL NA 95 -75.83 61.33 41.84
CA VAL NA 95 -76.47 61.62 40.55
C VAL NA 95 -77.89 61.03 40.50
N GLY NA 96 -78.04 59.79 40.93
CA GLY NA 96 -79.32 59.08 40.83
C GLY NA 96 -80.48 59.70 41.61
N VAL NA 97 -80.23 60.75 42.37
CA VAL NA 97 -81.25 61.33 43.25
C VAL NA 97 -82.36 62.00 42.46
N SER NA 98 -83.59 61.89 42.96
CA SER NA 98 -84.73 62.60 42.40
C SER NA 98 -84.84 64.00 43.01
N GLN NA 99 -85.08 64.98 42.13
CA GLN NA 99 -85.23 66.36 42.58
C GLN NA 99 -86.35 66.49 43.60
N ASP NA 100 -87.37 65.65 43.50
CA ASP NA 100 -88.46 65.66 44.49
C ASP NA 100 -87.94 65.31 45.88
N ASP NA 101 -87.28 64.15 45.99
CA ASP NA 101 -86.72 63.72 47.26
C ASP NA 101 -85.80 64.79 47.84
N PHE NA 102 -84.94 65.35 46.99
CA PHE NA 102 -83.94 66.26 47.54
C PHE NA 102 -84.55 67.60 47.92
N LYS NA 103 -85.51 68.10 47.16
CA LYS NA 103 -86.16 69.34 47.59
C LYS NA 103 -86.94 69.13 48.87
N ALA NA 104 -87.44 67.91 49.10
CA ALA NA 104 -88.04 67.59 50.39
C ALA NA 104 -87.03 67.75 51.52
N MET NA 105 -85.85 67.14 51.37
CA MET NA 105 -84.82 67.31 52.39
C MET NA 105 -84.47 68.78 52.59
N ILE NA 106 -84.40 69.55 51.50
CA ILE NA 106 -84.01 70.95 51.62
C ILE NA 106 -85.05 71.72 52.41
N GLU NA 107 -86.33 71.55 52.04
CA GLU NA 107 -87.41 72.22 52.75
C GLU NA 107 -87.39 71.90 54.23
N GLY NA 108 -87.11 70.64 54.56
CA GLY NA 108 -86.92 70.29 55.97
C GLY NA 108 -85.77 71.05 56.60
N LEU NA 109 -84.61 71.03 55.93
CA LEU NA 109 -83.41 71.66 56.47
C LEU NA 109 -83.57 73.14 56.71
N ALA NA 110 -84.43 73.79 55.92
CA ALA NA 110 -84.60 75.23 56.06
C ALA NA 110 -85.32 75.60 57.34
N CYS NA 111 -86.13 74.68 57.89
CA CYS NA 111 -86.98 74.99 59.03
C CYS NA 111 -86.25 75.54 60.24
N PRO NA 112 -85.15 74.94 60.74
CA PRO NA 112 -84.51 75.50 61.94
C PRO NA 112 -83.92 76.89 61.73
N LEU NA 113 -83.59 77.24 60.48
CA LEU NA 113 -83.05 78.57 60.24
C LEU NA 113 -84.09 79.66 60.53
N LEU NA 114 -85.34 79.40 60.19
CA LEU NA 114 -86.39 80.41 60.29
C LEU NA 114 -87.15 80.25 61.60
N LEU NA 115 -86.48 80.59 62.70
CA LEU NA 115 -87.05 80.49 64.04
C LEU NA 115 -86.95 81.81 64.78
N ASP NA 116 -87.69 81.91 65.87
CA ASP NA 116 -87.72 83.14 66.66
C ASP NA 116 -86.42 83.33 67.44
N GLU NA 117 -86.23 84.58 67.91
CA GLU NA 117 -84.98 84.95 68.57
C GLU NA 117 -84.71 84.08 69.79
N ILE NA 118 -85.77 83.68 70.50
CA ILE NA 118 -85.58 82.90 71.71
C ILE NA 118 -84.90 81.56 71.38
N HIS NA 119 -85.49 80.80 70.46
CA HIS NA 119 -84.91 79.53 70.08
C HIS NA 119 -83.55 79.70 69.42
N VAL NA 120 -83.39 80.74 68.60
CA VAL NA 120 -82.12 80.92 67.90
C VAL NA 120 -81.00 81.19 68.89
N ASN NA 121 -81.25 82.06 69.88
CA ASN NA 121 -80.23 82.32 70.89
C ASN NA 121 -79.99 81.11 71.78
N ASP NA 122 -81.04 80.33 72.07
CA ASP NA 122 -80.85 79.15 72.91
C ASP NA 122 -80.02 78.09 72.21
N LEU NA 123 -80.19 77.91 70.90
CA LEU NA 123 -79.51 76.84 70.18
C LEU NA 123 -78.17 77.27 69.58
N PHE NA 124 -78.16 78.31 68.74
CA PHE NA 124 -76.98 78.61 67.93
C PHE NA 124 -75.92 79.40 68.70
N LEU NA 125 -76.31 80.14 69.73
CA LEU NA 125 -75.41 80.97 70.50
C LEU NA 125 -75.13 80.42 71.90
N SER NA 126 -76.16 80.11 72.67
CA SER NA 126 -75.95 79.57 74.02
C SER NA 126 -75.48 78.13 73.96
N GLY NA 127 -75.95 77.37 72.98
CA GLY NA 127 -75.53 76.00 72.81
C GLY NA 127 -76.42 74.97 73.48
N LEU NA 128 -77.64 75.36 73.83
CA LEU NA 128 -78.57 74.45 74.50
C LEU NA 128 -78.98 73.31 73.57
N PRO NA 129 -79.51 72.22 74.11
CA PRO NA 129 -79.99 71.15 73.24
C PRO NA 129 -81.27 71.58 72.54
N ILE NA 130 -81.61 70.85 71.47
CA ILE NA 130 -82.80 71.19 70.70
C ILE NA 130 -84.04 71.08 71.58
N ALA NA 131 -84.91 72.09 71.51
CA ALA NA 131 -86.15 72.09 72.27
C ALA NA 131 -87.18 71.21 71.54
N THR NA 132 -87.45 70.02 72.09
CA THR NA 132 -88.41 69.10 71.49
C THR NA 132 -89.80 69.40 72.03
N THR NA 133 -90.80 69.32 71.14
CA THR NA 133 -92.17 69.62 71.53
C THR NA 133 -93.07 68.45 71.15
N ASP NA 134 -93.77 67.89 72.14
CA ASP NA 134 -94.67 66.78 71.85
C ASP NA 134 -95.75 67.23 70.87
N VAL NA 135 -95.90 66.46 69.79
CA VAL NA 135 -96.94 66.77 68.81
C VAL NA 135 -98.31 66.44 69.41
N PRO NA 136 -99.27 67.35 69.40
CA PRO NA 136 -100.59 67.00 69.93
C PRO NA 136 -101.22 65.90 69.08
N ASP NA 137 -101.47 64.75 69.71
CA ASP NA 137 -102.19 63.68 69.04
C ASP NA 137 -103.54 64.18 68.54
N ASN NA 138 -104.10 65.18 69.22
CA ASN NA 138 -105.38 65.74 68.83
C ASN NA 138 -105.29 66.45 67.48
N GLU NA 139 -104.18 67.14 67.24
CA GLU NA 139 -103.95 67.99 66.09
C GLU NA 139 -103.54 67.17 64.87
N PRO NA 140 -103.57 67.76 63.66
CA PRO NA 140 -103.24 66.98 62.47
C PRO NA 140 -101.78 66.59 62.45
N LEU NA 141 -101.50 65.45 61.81
CA LEU NA 141 -100.12 65.02 61.69
C LEU NA 141 -99.36 65.99 60.78
N PRO NA 142 -98.17 66.42 61.18
CA PRO NA 142 -97.40 67.39 60.39
C PRO NA 142 -96.94 66.79 59.08
N PRO NA 143 -96.42 67.61 58.16
CA PRO NA 143 -96.05 67.08 56.83
C PRO NA 143 -94.96 66.03 56.94
N ALA NA 144 -95.05 65.01 56.07
CA ALA NA 144 -94.21 63.84 56.21
C ALA NA 144 -92.73 64.13 55.96
N LEU NA 145 -92.39 65.20 55.26
CA LEU NA 145 -91.02 65.55 54.88
C LEU NA 145 -90.46 64.63 53.79
N LEU NA 146 -91.36 64.06 52.97
CA LEU NA 146 -91.06 63.07 51.94
C LEU NA 146 -89.80 62.26 52.23
N SER OA 1 -44.22 133.42 44.85
CA SER OA 1 -45.46 133.26 45.60
C SER OA 1 -46.00 131.84 45.50
N ILE OA 2 -47.30 131.73 45.28
CA ILE OA 2 -47.96 130.44 45.07
C ILE OA 2 -48.40 130.38 43.62
N LYS OA 3 -48.18 129.23 42.98
CA LYS OA 3 -48.34 129.12 41.55
C LYS OA 3 -49.34 128.02 41.17
N TYR OA 4 -50.21 128.35 40.22
CA TYR OA 4 -50.94 127.34 39.46
C TYR OA 4 -49.94 126.38 38.84
N ILE OA 5 -50.09 125.10 39.17
CA ILE OA 5 -49.45 124.03 38.43
C ILE OA 5 -50.32 123.64 37.24
N PHE OA 6 -51.61 123.46 37.47
CA PHE OA 6 -52.57 123.15 36.43
C PHE OA 6 -53.84 123.96 36.70
N LYS OA 7 -54.15 124.90 35.80
CA LYS OA 7 -55.37 125.68 35.92
C LYS OA 7 -56.54 124.83 35.43
N LYS OA 8 -57.60 124.78 36.24
CA LYS OA 8 -58.79 124.03 35.89
C LYS OA 8 -59.49 124.62 34.66
N THR OA 9 -59.89 123.75 33.75
CA THR OA 9 -60.61 124.15 32.55
C THR OA 9 -62.02 123.58 32.59
N ASP OA 10 -62.96 124.33 32.03
CA ASP OA 10 -64.36 123.92 32.00
C ASP OA 10 -64.60 122.97 30.83
N THR OA 11 -63.88 121.86 30.87
CA THR OA 11 -63.95 120.81 29.85
C THR OA 11 -64.38 119.54 30.56
N LEU OA 12 -65.64 119.14 30.33
CA LEU OA 12 -66.18 117.97 30.99
C LEU OA 12 -65.52 116.69 30.47
N PRO OA 13 -65.33 115.68 31.31
CA PRO OA 13 -64.72 114.44 30.83
C PRO OA 13 -65.70 113.63 30.01
N ARG OA 14 -65.17 113.01 28.95
CA ARG OA 14 -65.98 112.11 28.13
C ARG OA 14 -66.35 110.88 28.96
N SER OA 15 -67.63 110.54 28.97
CA SER OA 15 -68.06 109.28 29.57
C SER OA 15 -67.39 108.12 28.85
N VAL OA 16 -67.19 107.02 29.58
CA VAL OA 16 -66.44 105.87 29.07
C VAL OA 16 -67.41 104.73 28.81
N ILE OA 17 -67.59 104.39 27.55
CA ILE OA 17 -68.53 103.35 27.15
C ILE OA 17 -67.74 102.21 26.53
N GLY OA 18 -68.14 100.98 26.82
CA GLY OA 18 -67.40 99.85 26.32
C GLY OA 18 -68.20 98.56 26.43
N ASN OA 19 -67.51 97.45 26.23
CA ASN OA 19 -68.11 96.14 26.45
C ASN OA 19 -67.02 95.18 26.92
N VAL OA 20 -67.36 94.33 27.89
CA VAL OA 20 -66.36 93.45 28.48
C VAL OA 20 -65.84 92.47 27.44
N LEU OA 21 -64.52 92.44 27.26
CA LEU OA 21 -63.90 91.56 26.27
C LEU OA 21 -63.43 90.23 26.85
N ARG OA 22 -62.46 90.26 27.77
CA ARG OA 22 -61.98 89.02 28.37
C ARG OA 22 -61.46 89.29 29.77
N THR OA 23 -61.65 88.30 30.63
CA THR OA 23 -61.19 88.34 32.01
C THR OA 23 -59.91 87.52 32.06
N THR OA 24 -58.77 88.22 32.05
CA THR OA 24 -57.48 87.56 32.05
C THR OA 24 -57.26 86.77 33.34
N GLY OA 25 -57.29 87.47 34.48
CA GLY OA 25 -57.12 86.83 35.76
C GLY OA 25 -58.28 87.15 36.68
N PRO OA 26 -58.23 86.64 37.91
CA PRO OA 26 -59.31 86.96 38.86
C PRO OA 26 -59.35 88.43 39.21
N ASP OA 27 -58.16 89.06 39.29
CA ASP OA 27 -58.04 90.48 39.58
C ASP OA 27 -57.90 91.34 38.33
N THR OA 28 -57.95 90.76 37.13
CA THR OA 28 -57.65 91.47 35.90
C THR OA 28 -58.77 91.25 34.89
N THR OA 29 -59.42 92.32 34.46
CA THR OA 29 -60.45 92.25 33.44
C THR OA 29 -60.14 93.25 32.33
N VAL OA 30 -60.45 92.90 31.09
CA VAL OA 30 -60.10 93.72 29.94
C VAL OA 30 -61.34 94.00 29.12
N TYR OA 31 -61.58 95.29 28.86
CA TYR OA 31 -62.75 95.78 28.16
C TYR OA 31 -62.34 96.26 26.77
N SER OA 32 -63.16 95.93 25.77
CA SER OA 32 -62.99 96.45 24.43
C SER OA 32 -63.85 97.69 24.27
N LEU OA 33 -63.24 98.77 23.82
CA LEU OA 33 -63.85 100.07 23.64
C LEU OA 33 -64.26 100.26 22.19
N PRO OA 34 -65.01 101.32 21.88
CA PRO OA 34 -65.38 101.57 20.49
C PRO OA 34 -64.15 101.81 19.63
N GLY OA 35 -64.27 101.46 18.35
CA GLY OA 35 -63.16 101.59 17.44
C GLY OA 35 -62.09 100.54 17.58
N HIS OA 36 -62.34 99.52 18.40
CA HIS OA 36 -61.43 98.39 18.55
C HIS OA 36 -61.59 97.46 17.35
N THR OA 37 -60.80 97.72 16.32
CA THR OA 37 -60.66 96.75 15.26
C THR OA 37 -59.60 95.73 15.66
N PRO OA 38 -59.61 94.54 15.04
CA PRO OA 38 -58.49 93.63 15.22
C PRO OA 38 -57.18 94.23 14.72
N VAL OA 39 -57.27 95.08 13.70
CA VAL OA 39 -56.07 95.74 13.17
C VAL OA 39 -55.54 96.77 14.16
N ASN OA 40 -56.43 97.59 14.73
CA ASN OA 40 -56.05 98.72 15.57
C ASN OA 40 -56.77 98.58 16.90
N PRO OA 41 -56.29 97.71 17.79
CA PRO OA 41 -57.02 97.45 19.03
C PRO OA 41 -57.09 98.65 19.96
N PHE OA 42 -58.22 98.75 20.65
CA PHE OA 42 -58.47 99.79 21.65
C PHE OA 42 -58.98 99.07 22.89
N THR OA 43 -58.24 99.10 24.00
CA THR OA 43 -58.72 98.39 25.17
C THR OA 43 -58.42 99.11 26.46
N LEU OA 44 -59.36 99.02 27.40
CA LEU OA 44 -59.16 99.40 28.80
C LEU OA 44 -58.92 98.15 29.62
N THR OA 45 -57.78 98.07 30.27
CA THR OA 45 -57.47 96.97 31.18
C THR OA 45 -57.55 97.47 32.62
N ALA OA 46 -58.23 96.71 33.47
CA ALA OA 46 -58.46 97.09 34.86
C ALA OA 46 -57.93 95.98 35.76
N VAL OA 47 -57.04 96.34 36.68
CA VAL OA 47 -56.42 95.40 37.60
C VAL OA 47 -56.59 95.95 39.01
N SER OA 48 -57.48 95.33 39.78
CA SER OA 48 -57.82 95.81 41.13
C SER OA 48 -57.36 94.72 42.10
N ARG OA 49 -56.26 94.99 42.80
CA ARG OA 49 -55.66 94.04 43.73
C ARG OA 49 -56.11 94.37 45.15
N LEU OA 50 -56.82 93.41 45.75
CA LEU OA 50 -57.47 93.58 47.03
C LEU OA 50 -56.43 93.61 48.15
N PRO OA 51 -56.78 94.17 49.30
CA PRO OA 51 -55.79 94.32 50.37
C PRO OA 51 -55.72 93.08 51.25
N VAL OA 52 -54.53 92.55 51.47
CA VAL OA 52 -54.33 91.42 52.36
C VAL OA 52 -53.86 91.96 53.72
N PRO OA 53 -54.61 91.76 54.78
CA PRO OA 53 -54.20 92.30 56.09
C PRO OA 53 -53.24 91.36 56.78
N ARG OA 54 -52.02 91.82 57.02
CA ARG OA 54 -51.07 91.13 57.87
C ARG OA 54 -51.35 91.47 59.33
N LYS OA 55 -50.89 90.62 60.24
CA LYS OA 55 -51.21 90.83 61.64
C LYS OA 55 -50.63 92.17 62.10
N GLY OA 56 -51.49 93.04 62.61
CA GLY OA 56 -51.08 94.37 63.02
C GLY OA 56 -51.03 95.39 61.90
N ASN OA 57 -51.43 95.03 60.69
CA ASN OA 57 -51.40 95.94 59.55
C ASN OA 57 -52.70 95.82 58.77
N ALA OA 58 -53.36 96.94 58.52
CA ALA OA 58 -54.45 96.94 57.57
C ALA OA 58 -53.88 96.78 56.15
N GLY OA 59 -54.71 96.27 55.26
CA GLY OA 59 -54.27 96.10 53.89
C GLY OA 59 -54.01 97.43 53.19
N THR OA 60 -53.55 97.33 51.94
CA THR OA 60 -53.45 98.48 51.04
C THR OA 60 -53.98 98.05 49.67
N THR OA 61 -55.04 98.72 49.20
CA THR OA 61 -55.69 98.37 47.95
C THR OA 61 -55.00 99.04 46.78
N LYS OA 62 -54.65 98.26 45.75
CA LYS OA 62 -54.05 98.82 44.54
C LYS OA 62 -55.05 98.72 43.39
N THR OA 63 -55.08 99.76 42.56
CA THR OA 63 -56.04 99.83 41.46
C THR OA 63 -55.34 100.43 40.25
N THR OA 64 -55.45 99.76 39.10
CA THR OA 64 -54.73 100.19 37.90
C THR OA 64 -55.66 100.14 36.70
N LEU OA 65 -55.78 101.27 36.01
CA LEU OA 65 -56.67 101.42 34.86
C LEU OA 65 -55.84 101.93 33.68
N SER OA 66 -55.73 101.13 32.63
CA SER OA 66 -54.87 101.45 31.48
C SER OA 66 -55.69 101.49 30.20
N LEU OA 67 -55.68 102.62 29.51
CA LEU OA 67 -56.20 102.71 28.15
C LEU OA 67 -55.04 102.57 27.18
N ARG OA 68 -55.13 101.59 26.28
CA ARG OA 68 -54.10 101.36 25.27
C ARG OA 68 -54.78 101.31 23.91
N ARG OA 69 -54.34 102.18 23.00
CA ARG OA 69 -54.86 102.15 21.64
C ARG OA 69 -53.72 102.29 20.64
N GLU OA 70 -53.64 101.36 19.69
CA GLU OA 70 -52.52 101.28 18.75
C GLU OA 70 -52.92 101.99 17.46
N VAL OA 71 -52.40 103.20 17.27
CA VAL OA 71 -52.78 104.02 16.12
C VAL OA 71 -51.91 103.67 14.92
N THR OA 72 -52.53 103.66 13.73
CA THR OA 72 -51.77 103.71 12.49
C THR OA 72 -51.25 105.13 12.33
N ILE OA 73 -49.99 105.33 12.66
CA ILE OA 73 -49.30 106.60 12.51
C ILE OA 73 -48.79 106.74 11.08
N ASN OA 74 -48.92 107.97 10.57
CA ASN OA 74 -48.57 108.43 9.22
C ASN OA 74 -48.96 107.41 8.15
N LYS OA 75 -50.26 107.13 8.12
CA LYS OA 75 -50.82 106.16 7.18
C LYS OA 75 -50.55 106.55 5.73
N GLY OA 76 -50.88 107.77 5.35
CA GLY OA 76 -50.68 108.17 3.97
C GLY OA 76 -49.26 107.94 3.50
N THR OA 77 -48.27 108.30 4.33
CA THR OA 77 -46.87 108.18 3.97
C THR OA 77 -46.44 106.72 3.99
N ASP OA 78 -45.44 106.40 3.16
CA ASP OA 78 -44.87 105.06 3.19
C ASP OA 78 -44.13 104.82 4.49
N GLN OA 79 -43.88 103.54 4.77
CA GLN OA 79 -43.40 103.09 6.08
C GLN OA 79 -44.34 103.57 7.19
N GLU OA 80 -45.63 103.48 6.92
CA GLU OA 80 -46.65 103.77 7.92
C GLU OA 80 -46.60 102.68 8.99
N LYS OA 81 -46.87 103.02 10.25
CA LYS OA 81 -46.68 102.00 11.27
C LYS OA 81 -47.81 102.00 12.29
N ILE OA 82 -48.00 100.88 12.98
CA ILE OA 82 -48.98 100.78 14.06
C ILE OA 82 -48.23 100.86 15.38
N VAL OA 83 -48.55 101.86 16.19
CA VAL OA 83 -47.78 102.11 17.41
C VAL OA 83 -48.75 102.39 18.55
N PRO OA 84 -48.52 101.82 19.74
CA PRO OA 84 -49.49 101.97 20.83
C PRO OA 84 -49.30 103.19 21.72
N MET OA 85 -50.34 104.00 21.92
CA MET OA 85 -50.32 105.04 22.93
C MET OA 85 -51.07 104.55 24.16
N ILE OA 86 -50.55 104.88 25.34
CA ILE OA 86 -51.08 104.35 26.58
C ILE OA 86 -51.21 105.47 27.61
N ALA OA 87 -52.34 105.48 28.32
CA ALA OA 87 -52.54 106.37 29.45
C ALA OA 87 -53.13 105.57 30.62
N ARG OA 88 -52.45 105.62 31.78
CA ARG OA 88 -52.76 104.83 32.96
C ARG OA 88 -53.05 105.71 34.16
N ILE OA 89 -54.02 105.26 34.94
CA ILE OA 89 -54.23 105.73 36.29
C ILE OA 89 -53.83 104.59 37.22
N GLU OA 90 -52.91 104.84 38.14
CA GLU OA 90 -52.48 103.83 39.11
C GLU OA 90 -52.64 104.42 40.50
N THR OA 91 -53.27 103.68 41.41
CA THR OA 91 -53.65 104.24 42.70
C THR OA 91 -53.47 103.23 43.82
N SER OA 92 -52.69 103.61 44.83
CA SER OA 92 -52.49 102.77 46.02
C SER OA 92 -53.08 103.50 47.23
N VAL OA 93 -54.13 102.93 47.79
CA VAL OA 93 -54.86 103.51 48.93
C VAL OA 93 -54.79 102.53 50.10
N PRO OA 94 -54.09 102.86 51.18
CA PRO OA 94 -54.16 102.02 52.38
C PRO OA 94 -55.56 102.02 52.98
N VAL OA 95 -55.81 101.02 53.83
CA VAL OA 95 -57.17 100.82 54.33
C VAL OA 95 -57.66 102.02 55.13
N GLY OA 96 -56.90 102.44 56.13
CA GLY OA 96 -57.31 103.52 57.00
C GLY OA 96 -57.69 104.85 56.36
N VAL OA 97 -57.41 104.99 55.06
CA VAL OA 97 -57.64 106.27 54.36
C VAL OA 97 -59.11 106.64 54.37
N SER OA 98 -59.38 107.95 54.46
CA SER OA 98 -60.73 108.48 54.42
C SER OA 98 -61.17 108.76 52.99
N GLN OA 99 -62.40 108.33 52.68
CA GLN OA 99 -62.94 108.51 51.34
C GLN OA 99 -63.00 109.98 50.94
N ASP OA 100 -63.26 110.87 51.91
CA ASP OA 100 -63.28 112.30 51.63
C ASP OA 100 -61.92 112.79 51.15
N ASP OA 101 -60.87 112.48 51.92
CA ASP OA 101 -59.52 112.92 51.56
C ASP OA 101 -59.11 112.39 50.21
N PHE OA 102 -59.32 111.09 49.99
CA PHE OA 102 -58.86 110.53 48.74
C PHE OA 102 -59.67 111.00 47.54
N LYS OA 103 -60.98 111.26 47.73
CA LYS OA 103 -61.78 111.78 46.64
C LYS OA 103 -61.35 113.18 46.26
N ALA OA 104 -60.94 113.99 47.25
CA ALA OA 104 -60.42 115.32 46.93
C ALA OA 104 -59.10 115.23 46.18
N MET OA 105 -58.21 114.36 46.63
CA MET OA 105 -56.96 114.17 45.92
C MET OA 105 -57.18 113.69 44.48
N ILE OA 106 -58.16 112.79 44.27
CA ILE OA 106 -58.50 112.35 42.92
C ILE OA 106 -58.99 113.52 42.07
N GLU OA 107 -59.92 114.31 42.63
CA GLU OA 107 -60.41 115.49 41.92
C GLU OA 107 -59.26 116.38 41.48
N GLY OA 108 -58.28 116.56 42.36
CA GLY OA 108 -57.10 117.32 41.97
C GLY OA 108 -56.33 116.67 40.83
N LEU OA 109 -56.11 115.36 40.94
CA LEU OA 109 -55.34 114.65 39.91
C LEU OA 109 -56.01 114.69 38.55
N ALA OA 110 -57.34 114.80 38.51
CA ALA OA 110 -58.02 114.82 37.22
C ALA OA 110 -57.79 116.11 36.45
N CYS OA 111 -57.29 117.16 37.11
CA CYS OA 111 -57.19 118.47 36.47
C CYS OA 111 -56.25 118.51 35.27
N PRO OA 112 -55.01 117.99 35.32
CA PRO OA 112 -54.14 118.06 34.13
C PRO OA 112 -54.67 117.28 32.95
N LEU OA 113 -55.54 116.31 33.18
CA LEU OA 113 -56.08 115.55 32.06
C LEU OA 113 -57.01 116.41 31.20
N LEU OA 114 -57.81 117.27 31.84
CA LEU OA 114 -58.82 118.04 31.12
C LEU OA 114 -58.28 119.43 30.80
N LEU OA 115 -57.31 119.46 29.88
CA LEU OA 115 -56.68 120.69 29.44
C LEU OA 115 -56.81 120.87 27.94
N ASP OA 116 -56.52 122.10 27.49
CA ASP OA 116 -56.63 122.44 26.08
C ASP OA 116 -55.50 121.82 25.26
N GLU OA 117 -55.72 121.77 23.94
CA GLU OA 117 -54.78 121.10 23.05
C GLU OA 117 -53.39 121.69 23.16
N ILE OA 118 -53.29 123.01 23.37
CA ILE OA 118 -51.99 123.65 23.43
C ILE OA 118 -51.17 123.07 24.58
N HIS OA 119 -51.72 123.11 25.80
CA HIS OA 119 -51.00 122.57 26.95
C HIS OA 119 -50.77 121.07 26.81
N VAL OA 120 -51.75 120.34 26.27
CA VAL OA 120 -51.61 118.89 26.20
C VAL OA 120 -50.48 118.50 25.25
N ASN OA 121 -50.39 119.17 24.10
CA ASN OA 121 -49.29 118.92 23.17
C ASN OA 121 -47.97 119.37 23.75
N ASP OA 122 -47.96 120.49 24.50
CA ASP OA 122 -46.70 120.96 25.07
C ASP OA 122 -46.18 120.00 26.15
N LEU OA 123 -47.06 119.36 26.92
CA LEU OA 123 -46.61 118.52 28.03
C LEU OA 123 -46.50 117.04 27.70
N PHE OA 124 -47.57 116.44 27.17
CA PHE OA 124 -47.63 114.98 27.07
C PHE OA 124 -46.96 114.42 25.82
N LEU OA 125 -46.93 115.20 24.74
CA LEU OA 125 -46.31 114.76 23.49
C LEU OA 125 -44.93 115.37 23.30
N SER OA 126 -44.83 116.70 23.37
CA SER OA 126 -43.55 117.36 23.12
C SER OA 126 -42.58 117.15 24.27
N GLY OA 127 -43.08 117.05 25.50
CA GLY OA 127 -42.21 116.92 26.64
C GLY OA 127 -41.69 118.22 27.19
N LEU OA 128 -42.21 119.36 26.72
CA LEU OA 128 -41.79 120.65 27.23
C LEU OA 128 -42.06 120.74 28.73
N PRO OA 129 -41.30 121.55 29.46
CA PRO OA 129 -41.51 121.65 30.91
C PRO OA 129 -42.82 122.33 31.26
N ILE OA 130 -43.32 122.04 32.46
CA ILE OA 130 -44.58 122.62 32.91
C ILE OA 130 -44.39 124.11 33.18
N ALA OA 131 -45.31 124.93 32.66
CA ALA OA 131 -45.27 126.37 32.83
C ALA OA 131 -46.10 126.74 34.06
N THR OA 132 -45.43 127.19 35.11
CA THR OA 132 -46.10 127.63 36.33
C THR OA 132 -46.70 129.01 36.12
N THR OA 133 -47.93 129.21 36.63
CA THR OA 133 -48.61 130.49 36.44
C THR OA 133 -48.85 131.16 37.79
N ASP OA 134 -48.41 132.40 37.93
CA ASP OA 134 -48.64 133.11 39.19
C ASP OA 134 -50.13 133.28 39.42
N VAL OA 135 -50.58 132.89 40.61
CA VAL OA 135 -51.97 133.13 41.02
C VAL OA 135 -52.14 134.60 41.34
N PRO OA 136 -53.14 135.28 40.78
CA PRO OA 136 -53.30 136.71 41.10
C PRO OA 136 -53.64 136.90 42.57
N ASP OA 137 -52.76 137.63 43.28
CA ASP OA 137 -53.03 137.95 44.67
C ASP OA 137 -54.36 138.68 44.82
N ASN OA 138 -54.75 139.42 43.79
CA ASN OA 138 -56.02 140.15 43.84
C ASN OA 138 -57.21 139.20 43.80
N GLU OA 139 -57.09 138.11 43.03
CA GLU OA 139 -58.17 137.17 42.83
C GLU OA 139 -58.32 136.23 44.04
N PRO OA 140 -59.47 135.57 44.19
CA PRO OA 140 -59.67 134.70 45.36
C PRO OA 140 -58.78 133.47 45.29
N LEU OA 141 -58.38 132.99 46.46
CA LEU OA 141 -57.49 131.84 46.52
C LEU OA 141 -58.19 130.60 45.96
N PRO OA 142 -57.51 129.79 45.17
CA PRO OA 142 -58.13 128.59 44.58
C PRO OA 142 -58.42 127.54 45.64
N PRO OA 143 -59.21 126.52 45.30
CA PRO OA 143 -59.58 125.52 46.31
C PRO OA 143 -58.36 124.82 46.89
N ALA OA 144 -58.46 124.47 48.18
CA ALA OA 144 -57.30 123.98 48.92
C ALA OA 144 -56.86 122.58 48.49
N LEU OA 145 -57.73 121.81 47.84
CA LEU OA 145 -57.46 120.44 47.41
C LEU OA 145 -57.47 119.44 48.56
N LEU OA 146 -58.07 119.84 49.69
CA LEU OA 146 -58.07 119.06 50.94
C LEU OA 146 -56.79 118.29 51.18
N SER PA 1 -64.53 67.48 -16.48
CA SER PA 1 -65.05 68.84 -16.39
C SER PA 1 -64.95 69.40 -14.98
N ILE PA 2 -66.00 70.07 -14.54
CA ILE PA 2 -66.09 70.63 -13.20
C ILE PA 2 -67.10 69.80 -12.42
N LYS PA 3 -66.74 69.43 -11.20
CA LYS PA 3 -67.56 68.51 -10.43
C LYS PA 3 -68.07 69.15 -9.14
N TYR PA 4 -69.35 68.90 -8.85
CA TYR PA 4 -69.86 69.04 -7.50
C TYR PA 4 -69.01 68.19 -6.57
N ILE PA 5 -68.40 68.87 -5.59
CA ILE PA 5 -67.82 68.20 -4.43
C ILE PA 5 -68.91 67.86 -3.43
N PHE PA 6 -69.70 68.87 -3.06
CA PHE PA 6 -70.83 68.69 -2.16
C PHE PA 6 -72.00 69.48 -2.74
N LYS PA 7 -73.05 68.76 -3.16
CA LYS PA 7 -74.25 69.40 -3.67
C LYS PA 7 -75.07 69.93 -2.50
N LYS PA 8 -75.47 71.20 -2.58
CA LYS PA 8 -76.24 71.82 -1.51
C LYS PA 8 -77.61 71.18 -1.37
N THR PA 9 -78.02 70.92 -0.12
CA THR PA 9 -79.32 70.36 0.18
C THR PA 9 -80.17 71.38 0.94
N ASP PA 10 -81.47 71.33 0.70
CA ASP PA 10 -82.40 72.26 1.34
C ASP PA 10 -82.78 71.74 2.73
N THR PA 11 -81.75 71.62 3.57
CA THR PA 11 -81.91 71.12 4.93
C THR PA 11 -81.37 72.19 5.87
N LEU PA 12 -82.27 72.88 6.58
CA LEU PA 12 -81.88 73.97 7.44
C LEU PA 12 -81.11 73.47 8.66
N PRO PA 13 -80.14 74.24 9.14
CA PRO PA 13 -79.38 73.80 10.32
C PRO PA 13 -80.21 73.94 11.59
N ARG PA 14 -80.10 72.95 12.46
CA ARG PA 14 -80.74 73.01 13.77
C ARG PA 14 -80.11 74.13 14.58
N SER PA 15 -80.94 75.01 15.12
CA SER PA 15 -80.45 76.02 16.05
C SER PA 15 -79.83 75.34 17.28
N VAL PA 16 -78.84 75.99 17.87
CA VAL PA 16 -78.05 75.42 18.96
C VAL PA 16 -78.46 76.05 20.28
N ILE PA 17 -79.05 75.25 21.16
CA ILE PA 17 -79.57 75.73 22.43
C ILE PA 17 -78.81 75.04 23.55
N GLY PA 18 -78.49 75.79 24.60
CA GLY PA 18 -77.70 75.22 25.67
C GLY PA 18 -77.73 76.09 26.91
N ASN PA 19 -76.77 75.82 27.80
CA ASN PA 19 -76.58 76.65 28.98
C ASN PA 19 -75.13 76.57 29.43
N VAL PA 20 -74.56 77.69 29.86
CA VAL PA 20 -73.15 77.73 30.21
C VAL PA 20 -72.87 76.88 31.45
N LEU PA 21 -71.96 75.90 31.33
CA LEU PA 21 -71.63 74.98 32.41
C LEU PA 21 -70.46 75.45 33.26
N ARG PA 22 -69.29 75.62 32.65
CA ARG PA 22 -68.12 76.10 33.35
C ARG PA 22 -67.26 76.88 32.38
N THR PA 23 -66.40 77.73 32.94
CA THR PA 23 -65.42 78.48 32.18
C THR PA 23 -64.04 77.98 32.61
N THR PA 24 -63.47 77.08 31.82
CA THR PA 24 -62.20 76.45 32.17
C THR PA 24 -61.10 77.49 32.29
N GLY PA 25 -60.88 78.26 31.23
CA GLY PA 25 -59.86 79.28 31.20
C GLY PA 25 -60.40 80.60 30.68
N PRO PA 26 -59.52 81.59 30.56
CA PRO PA 26 -59.97 82.91 30.09
C PRO PA 26 -60.39 82.92 28.64
N ASP PA 27 -59.85 81.99 27.83
CA ASP PA 27 -60.23 81.86 26.43
C ASP PA 27 -61.11 80.64 26.16
N THR PA 28 -61.41 79.83 27.18
CA THR PA 28 -62.08 78.55 27.00
C THR PA 28 -63.34 78.52 27.86
N THR PA 29 -64.50 78.34 27.24
CA THR PA 29 -65.77 78.22 27.96
C THR PA 29 -66.52 76.99 27.46
N VAL PA 30 -67.15 76.27 28.40
CA VAL PA 30 -67.79 75.00 28.10
C VAL PA 30 -69.27 75.09 28.42
N TYR PA 31 -70.11 74.71 27.46
CA TYR PA 31 -71.55 74.78 27.55
C TYR PA 31 -72.10 73.36 27.63
N SER PA 32 -73.06 73.15 28.53
CA SER PA 32 -73.81 71.90 28.58
C SER PA 32 -75.04 72.03 27.71
N LEU PA 33 -75.24 71.06 26.83
CA LEU PA 33 -76.33 71.00 25.87
C LEU PA 33 -77.42 70.08 26.39
N PRO PA 34 -78.58 70.05 25.73
CA PRO PA 34 -79.66 69.16 26.21
C PRO PA 34 -79.24 67.71 26.14
N GLY PA 35 -79.79 66.91 27.07
CA GLY PA 35 -79.45 65.51 27.12
C GLY PA 35 -78.10 65.20 27.73
N HIS PA 36 -77.56 66.12 28.51
CA HIS PA 36 -76.25 65.98 29.15
C HIS PA 36 -76.43 65.37 30.53
N THR PA 37 -76.36 64.04 30.60
CA THR PA 37 -76.21 63.40 31.89
C THR PA 37 -74.73 63.30 32.25
N PRO PA 38 -74.40 63.20 33.53
CA PRO PA 38 -72.98 63.01 33.88
C PRO PA 38 -72.42 61.72 33.33
N VAL PA 39 -73.25 60.68 33.25
CA VAL PA 39 -72.80 59.41 32.71
C VAL PA 39 -72.54 59.52 31.21
N ASN PA 40 -73.43 60.20 30.48
CA ASN PA 40 -73.37 60.33 29.03
C ASN PA 40 -73.29 61.81 28.65
N PRO PA 41 -72.16 62.45 28.90
CA PRO PA 41 -72.09 63.91 28.73
C PRO PA 41 -72.18 64.34 27.27
N PHE PA 42 -72.72 65.52 27.06
CA PHE PA 42 -72.86 66.11 25.72
C PHE PA 42 -72.69 67.62 25.86
N THR PA 43 -71.59 68.15 25.30
CA THR PA 43 -71.14 69.50 25.59
C THR PA 43 -70.48 70.15 24.38
N LEU PA 44 -70.67 71.47 24.28
CA LEU PA 44 -69.98 72.32 23.32
C LEU PA 44 -68.89 73.09 24.05
N THR PA 45 -67.64 72.83 23.68
CA THR PA 45 -66.51 73.60 24.18
C THR PA 45 -66.14 74.64 23.13
N ALA PA 46 -65.86 75.87 23.59
CA ALA PA 46 -65.55 76.98 22.71
C ALA PA 46 -64.24 77.62 23.17
N VAL PA 47 -63.25 77.63 22.29
CA VAL PA 47 -61.93 78.17 22.59
C VAL PA 47 -61.64 79.23 21.54
N SER PA 48 -61.66 80.51 21.94
CA SER PA 48 -61.38 81.62 21.04
C SER PA 48 -60.08 82.29 21.50
N ARG PA 49 -59.03 82.17 20.68
CA ARG PA 49 -57.73 82.71 21.02
C ARG PA 49 -57.46 83.96 20.19
N LEU PA 50 -57.21 85.07 20.88
CA LEU PA 50 -56.99 86.36 20.25
C LEU PA 50 -55.68 86.36 19.47
N PRO PA 51 -55.54 87.30 18.54
CA PRO PA 51 -54.27 87.43 17.81
C PRO PA 51 -53.23 88.10 18.68
N VAL PA 52 -52.02 87.56 18.64
CA VAL PA 52 -50.88 88.17 19.31
C VAL PA 52 -49.97 88.77 18.24
N PRO PA 53 -49.81 90.08 18.20
CA PRO PA 53 -48.95 90.68 17.17
C PRO PA 53 -47.51 90.24 17.36
N ARG PA 54 -46.82 90.04 16.25
CA ARG PA 54 -45.41 89.71 16.23
C ARG PA 54 -44.69 90.80 15.46
N LYS PA 55 -43.41 90.99 15.75
CA LYS PA 55 -42.68 92.12 15.16
C LYS PA 55 -42.61 91.93 13.65
N GLY PA 56 -43.33 92.77 12.91
CA GLY PA 56 -43.44 92.65 11.48
C GLY PA 56 -44.57 91.75 11.00
N ASN PA 57 -45.32 91.13 11.90
CA ASN PA 57 -46.37 90.20 11.53
C ASN PA 57 -47.66 90.57 12.27
N ALA PA 58 -48.75 90.68 11.52
CA ALA PA 58 -50.04 90.86 12.17
C ALA PA 58 -50.47 89.57 12.84
N GLY PA 59 -51.34 89.70 13.84
CA GLY PA 59 -51.85 88.54 14.54
C GLY PA 59 -52.75 87.67 13.66
N THR PA 60 -53.12 86.51 14.20
CA THR PA 60 -54.13 85.65 13.60
C THR PA 60 -55.06 85.16 14.69
N THR PA 61 -56.36 85.33 14.50
CA THR PA 61 -57.37 84.87 15.44
C THR PA 61 -57.70 83.40 15.20
N LYS PA 62 -57.59 82.58 16.24
CA LYS PA 62 -58.00 81.19 16.15
C LYS PA 62 -59.29 80.99 16.91
N THR PA 63 -60.16 80.12 16.39
CA THR PA 63 -61.47 79.89 16.96
C THR PA 63 -61.79 78.40 16.81
N THR PA 64 -62.16 77.74 17.90
CA THR PA 64 -62.40 76.31 17.88
C THR PA 64 -63.69 76.01 18.62
N LEU PA 65 -64.59 75.29 17.97
CA LEU PA 65 -65.90 74.92 18.53
C LEU PA 65 -66.04 73.40 18.41
N SER PA 66 -66.11 72.70 19.53
CA SER PA 66 -66.14 71.24 19.57
C SER PA 66 -67.42 70.76 20.24
N LEU PA 67 -68.20 69.94 19.53
CA LEU PA 67 -69.29 69.21 20.15
C LEU PA 67 -68.81 67.80 20.47
N ARG PA 68 -69.04 67.35 21.70
CA ARG PA 68 -68.63 66.03 22.15
C ARG PA 68 -69.78 65.36 22.90
N ARG PA 69 -70.18 64.18 22.44
CA ARG PA 69 -71.30 63.47 23.05
C ARG PA 69 -70.96 61.99 23.15
N GLU PA 70 -71.01 61.44 24.38
CA GLU PA 70 -70.56 60.07 24.64
C GLU PA 70 -71.77 59.16 24.62
N VAL PA 71 -71.96 58.44 23.51
CA VAL PA 71 -73.15 57.61 23.32
C VAL PA 71 -72.92 56.24 23.95
N THR PA 72 -73.98 55.69 24.52
CA THR PA 72 -73.98 54.26 24.84
C THR PA 72 -74.22 53.49 23.55
N ILE PA 73 -73.28 52.60 23.22
CA ILE PA 73 -73.32 51.81 22.00
C ILE PA 73 -73.77 50.40 22.36
N ASN PA 74 -74.68 49.88 21.53
CA ASN PA 74 -75.26 48.53 21.58
C ASN PA 74 -75.56 48.09 23.02
N LYS PA 75 -76.47 48.86 23.64
CA LYS PA 75 -76.83 48.65 25.03
C LYS PA 75 -77.41 47.26 25.26
N GLY PA 76 -78.43 46.88 24.48
CA GLY PA 76 -79.05 45.59 24.66
C GLY PA 76 -78.07 44.45 24.53
N THR PA 77 -77.12 44.58 23.60
CA THR PA 77 -76.15 43.54 23.32
C THR PA 77 -75.04 43.57 24.37
N ASP PA 78 -74.27 42.49 24.45
CA ASP PA 78 -73.08 42.48 25.28
C ASP PA 78 -72.04 43.44 24.73
N GLN PA 79 -71.09 43.80 25.59
CA GLN PA 79 -70.09 44.83 25.28
C GLN PA 79 -70.73 46.18 24.98
N GLU PA 80 -71.82 46.49 25.66
CA GLU PA 80 -72.33 47.86 25.74
C GLU PA 80 -71.22 48.80 26.18
N LYS PA 81 -70.96 49.86 25.41
CA LYS PA 81 -69.85 50.74 25.78
C LYS PA 81 -70.21 52.20 25.58
N ILE PA 82 -69.78 53.05 26.52
CA ILE PA 82 -69.94 54.50 26.36
C ILE PA 82 -68.73 55.04 25.60
N VAL PA 83 -68.98 55.61 24.43
CA VAL PA 83 -67.91 55.99 23.51
C VAL PA 83 -68.21 57.38 22.96
N PRO PA 84 -67.23 58.27 22.89
CA PRO PA 84 -67.52 59.66 22.47
C PRO PA 84 -67.45 59.91 20.97
N MET PA 85 -68.45 60.59 20.41
CA MET PA 85 -68.37 61.13 19.07
C MET PA 85 -68.11 62.62 19.16
N ILE PA 86 -67.27 63.13 18.25
CA ILE PA 86 -66.85 64.52 18.30
C ILE PA 86 -66.95 65.13 16.90
N ALA PA 87 -67.44 66.36 16.84
CA ALA PA 87 -67.47 67.16 15.62
C ALA PA 87 -67.00 68.58 15.93
N ARG PA 88 -65.91 69.01 15.29
CA ARG PA 88 -65.22 70.27 15.55
C ARG PA 88 -65.21 71.16 14.31
N ILE PA 89 -65.34 72.44 14.57
CA ILE PA 89 -65.03 73.50 13.62
C ILE PA 89 -63.79 74.20 14.15
N GLU PA 90 -62.75 74.29 13.34
CA GLU PA 90 -61.53 75.01 13.73
C GLU PA 90 -61.20 76.02 12.66
N THR PA 91 -60.93 77.26 13.05
CA THR PA 91 -60.82 78.36 12.10
C THR PA 91 -59.70 79.32 12.48
N SER PA 92 -58.76 79.51 11.55
CA SER PA 92 -57.67 80.46 11.74
C SER PA 92 -57.81 81.58 10.72
N VAL PA 93 -58.16 82.77 11.18
CA VAL PA 93 -58.39 83.95 10.37
C VAL PA 93 -57.32 84.98 10.70
N PRO PA 94 -56.40 85.26 9.79
CA PRO PA 94 -55.46 86.36 10.01
C PRO PA 94 -56.17 87.71 10.06
N VAL PA 95 -55.48 88.71 10.61
CA VAL PA 95 -56.15 89.95 11.00
C VAL PA 95 -56.76 90.66 9.80
N GLY PA 96 -55.95 90.87 8.74
CA GLY PA 96 -56.38 91.66 7.59
C GLY PA 96 -57.52 91.08 6.79
N VAL PA 97 -57.94 89.84 7.08
CA VAL PA 97 -58.96 89.17 6.29
C VAL PA 97 -60.26 89.96 6.28
N SER PA 98 -60.94 89.93 5.13
CA SER PA 98 -62.22 90.63 4.97
C SER PA 98 -63.39 89.74 5.37
N GLN PA 99 -64.34 90.33 6.11
CA GLN PA 99 -65.49 89.58 6.59
C GLN PA 99 -66.28 88.98 5.43
N ASP PA 100 -66.32 89.67 4.29
CA ASP PA 100 -67.03 89.16 3.13
C ASP PA 100 -66.43 87.84 2.66
N ASP PA 101 -65.12 87.85 2.38
CA ASP PA 101 -64.45 86.67 1.88
C ASP PA 101 -64.58 85.51 2.88
N PHE PA 102 -64.40 85.80 4.16
CA PHE PA 102 -64.42 84.70 5.11
C PHE PA 102 -65.83 84.15 5.31
N LYS PA 103 -66.86 85.00 5.31
CA LYS PA 103 -68.22 84.48 5.36
C LYS PA 103 -68.52 83.61 4.14
N ALA PA 104 -67.96 83.96 2.99
CA ALA PA 104 -68.12 83.11 1.81
C ALA PA 104 -67.53 81.72 2.04
N MET PA 105 -66.28 81.67 2.52
CA MET PA 105 -65.70 80.36 2.84
C MET PA 105 -66.54 79.60 3.87
N ILE PA 106 -67.05 80.29 4.89
CA ILE PA 106 -67.85 79.63 5.93
C ILE PA 106 -69.10 79.00 5.32
N GLU PA 107 -69.83 79.78 4.52
CA GLU PA 107 -71.04 79.29 3.88
C GLU PA 107 -70.74 78.07 3.04
N GLY PA 108 -69.61 78.10 2.32
CA GLY PA 108 -69.21 76.91 1.58
C GLY PA 108 -68.92 75.72 2.49
N LEU PA 109 -68.21 75.96 3.58
CA LEU PA 109 -67.83 74.88 4.50
C LEU PA 109 -69.04 74.24 5.15
N ALA PA 110 -70.12 75.01 5.35
CA ALA PA 110 -71.30 74.45 5.99
C ALA PA 110 -72.02 73.44 5.10
N CYS PA 111 -71.70 73.40 3.81
CA CYS PA 111 -72.46 72.57 2.87
C CYS PA 111 -72.35 71.08 3.14
N PRO PA 112 -71.17 70.48 3.33
CA PRO PA 112 -71.11 69.03 3.58
C PRO PA 112 -71.79 68.62 4.87
N LEU PA 113 -71.94 69.53 5.82
CA LEU PA 113 -72.60 69.17 7.07
C LEU PA 113 -74.08 68.88 6.85
N LEU PA 114 -74.74 69.67 6.02
CA LEU PA 114 -76.18 69.55 5.85
C LEU PA 114 -76.49 68.65 4.65
N LEU PA 115 -76.19 67.37 4.81
CA LEU PA 115 -76.41 66.37 3.78
C LEU PA 115 -77.34 65.28 4.28
N ASP PA 116 -77.82 64.48 3.33
CA ASP PA 116 -78.75 63.39 3.63
C ASP PA 116 -78.04 62.23 4.30
N GLU PA 117 -78.83 61.37 4.94
CA GLU PA 117 -78.28 60.27 5.73
C GLU PA 117 -77.40 59.37 4.87
N ILE PA 118 -77.76 59.19 3.60
CA ILE PA 118 -76.99 58.30 2.74
C ILE PA 118 -75.55 58.81 2.60
N HIS PA 119 -75.39 60.07 2.17
CA HIS PA 119 -74.05 60.62 2.02
C HIS PA 119 -73.33 60.71 3.35
N VAL PA 120 -74.04 61.06 4.43
CA VAL PA 120 -73.37 61.24 5.71
C VAL PA 120 -72.83 59.92 6.24
N ASN PA 121 -73.61 58.84 6.12
CA ASN PA 121 -73.11 57.53 6.52
C ASN PA 121 -71.99 57.07 5.61
N ASP PA 122 -72.10 57.36 4.30
CA ASP PA 122 -71.04 56.94 3.39
C ASP PA 122 -69.72 57.63 3.68
N LEU PA 123 -69.76 58.91 4.10
CA LEU PA 123 -68.53 59.68 4.28
C LEU PA 123 -68.01 59.70 5.72
N PHE PA 124 -68.85 60.10 6.67
CA PHE PA 124 -68.36 60.38 8.02
C PHE PA 124 -68.24 59.14 8.90
N LEU PA 125 -69.05 58.12 8.64
CA LEU PA 125 -69.01 56.89 9.42
C LEU PA 125 -68.25 55.79 8.70
N SER PA 126 -68.67 55.46 7.48
CA SER PA 126 -68.05 54.36 6.74
C SER PA 126 -66.64 54.72 6.31
N GLY PA 127 -66.42 55.98 5.93
CA GLY PA 127 -65.11 56.45 5.53
C GLY PA 127 -64.84 56.44 4.04
N LEU PA 128 -65.87 56.31 3.21
CA LEU PA 128 -65.68 56.28 1.77
C LEU PA 128 -65.13 57.61 1.28
N PRO PA 129 -64.62 57.67 0.04
CA PRO PA 129 -64.24 58.97 -0.53
C PRO PA 129 -65.46 59.81 -0.87
N ILE PA 130 -65.20 61.09 -1.13
CA ILE PA 130 -66.28 62.02 -1.43
C ILE PA 130 -66.97 61.61 -2.73
N ALA PA 131 -68.30 61.63 -2.74
CA ALA PA 131 -69.08 61.34 -3.94
C ALA PA 131 -69.09 62.57 -4.84
N THR PA 132 -68.39 62.50 -5.97
CA THR PA 132 -68.30 63.61 -6.91
C THR PA 132 -69.42 63.49 -7.95
N THR PA 133 -70.01 64.62 -8.31
CA THR PA 133 -71.12 64.61 -9.28
C THR PA 133 -70.82 65.60 -10.40
N ASP PA 134 -70.79 65.10 -11.63
CA ASP PA 134 -70.56 65.99 -12.77
C ASP PA 134 -71.64 67.05 -12.85
N VAL PA 135 -71.20 68.31 -12.88
CA VAL PA 135 -72.14 69.42 -13.01
C VAL PA 135 -72.72 69.42 -14.42
N PRO PA 136 -74.05 69.45 -14.58
CA PRO PA 136 -74.61 69.49 -15.94
C PRO PA 136 -74.20 70.78 -16.63
N ASP PA 137 -73.47 70.64 -17.75
CA ASP PA 137 -73.09 71.80 -18.53
C ASP PA 137 -74.32 72.58 -18.97
N ASN PA 138 -75.45 71.88 -19.18
CA ASN PA 138 -76.67 72.56 -19.59
C ASN PA 138 -77.22 73.44 -18.46
N GLU PA 139 -77.15 72.97 -17.23
CA GLU PA 139 -77.69 73.72 -16.10
C GLU PA 139 -76.80 74.92 -15.79
N PRO PA 140 -77.33 75.93 -15.11
CA PRO PA 140 -76.54 77.13 -14.82
C PRO PA 140 -75.38 76.81 -13.89
N LEU PA 141 -74.31 77.59 -14.01
CA LEU PA 141 -73.14 77.35 -13.19
C LEU PA 141 -73.44 77.66 -11.72
N PRO PA 142 -73.02 76.80 -10.80
CA PRO PA 142 -73.31 77.00 -9.37
C PRO PA 142 -72.58 78.22 -8.83
N PRO PA 143 -72.93 78.69 -7.63
CA PRO PA 143 -72.30 79.89 -7.09
C PRO PA 143 -70.80 79.73 -6.93
N ALA PA 144 -70.09 80.84 -7.17
CA ALA PA 144 -68.64 80.82 -7.25
C ALA PA 144 -67.94 80.59 -5.91
N LEU PA 145 -68.65 80.76 -4.78
CA LEU PA 145 -68.10 80.57 -3.45
C LEU PA 145 -67.11 81.67 -3.06
N LEU PA 146 -67.14 82.79 -3.78
CA LEU PA 146 -66.22 83.92 -3.62
C LEU PA 146 -64.80 83.49 -3.26
N SER QA 1 81.35 -66.32 -30.29
CA SER QA 1 82.22 -65.78 -31.34
C SER QA 1 81.81 -64.35 -31.72
N ILE QA 2 81.80 -64.08 -33.02
CA ILE QA 2 81.40 -62.79 -33.55
C ILE QA 2 80.07 -62.98 -34.27
N LYS QA 3 79.13 -62.08 -34.02
CA LYS QA 3 77.77 -62.24 -34.51
C LYS QA 3 77.40 -61.10 -35.46
N TYR QA 4 76.73 -61.48 -36.56
CA TYR QA 4 75.91 -60.55 -37.31
C TYR QA 4 74.89 -59.92 -36.37
N ILE QA 5 74.94 -58.60 -36.26
CA ILE QA 5 73.85 -57.82 -35.68
C ILE QA 5 72.76 -57.58 -36.73
N PHE QA 6 73.17 -57.14 -37.92
CA PHE QA 6 72.26 -56.94 -39.04
C PHE QA 6 72.93 -57.46 -40.30
N LYS QA 7 72.38 -58.53 -40.87
CA LYS QA 7 72.88 -59.06 -42.13
C LYS QA 7 72.38 -58.19 -43.28
N LYS QA 8 73.30 -57.80 -44.16
CA LYS QA 8 72.94 -56.96 -45.30
C LYS QA 8 72.05 -57.70 -46.28
N THR QA 9 71.04 -57.00 -46.79
CA THR QA 9 70.13 -57.55 -47.77
C THR QA 9 70.27 -56.79 -49.10
N ASP QA 10 70.10 -57.50 -50.21
CA ASP QA 10 70.12 -56.89 -51.52
C ASP QA 10 68.77 -56.22 -51.81
N THR QA 11 68.46 -55.22 -50.97
CA THR QA 11 67.23 -54.46 -51.08
C THR QA 11 67.61 -52.99 -51.25
N LEU QA 12 67.53 -52.48 -52.47
CA LEU QA 12 67.93 -51.11 -52.74
C LEU QA 12 66.99 -50.14 -52.03
N PRO QA 13 67.51 -49.00 -51.57
CA PRO QA 13 66.63 -48.00 -50.94
C PRO QA 13 65.82 -47.27 -52.00
N ARG QA 14 64.57 -46.99 -51.68
CA ARG QA 14 63.74 -46.16 -52.54
C ARG QA 14 64.31 -44.75 -52.56
N SER QA 15 64.51 -44.22 -53.76
CA SER QA 15 64.82 -42.80 -53.88
C SER QA 15 63.70 -41.97 -53.25
N VAL QA 16 64.05 -40.78 -52.77
CA VAL QA 16 63.12 -39.93 -52.04
C VAL QA 16 62.73 -38.76 -52.92
N ILE QA 17 61.45 -38.65 -53.23
CA ILE QA 17 60.94 -37.65 -54.15
C ILE QA 17 59.93 -36.79 -53.41
N GLY QA 18 59.93 -35.50 -53.68
CA GLY QA 18 59.05 -34.62 -52.95
C GLY QA 18 58.96 -33.25 -53.56
N ASN QA 19 58.40 -32.32 -52.79
CA ASN QA 19 58.38 -30.92 -53.16
C ASN QA 19 58.42 -30.07 -51.89
N VAL QA 20 59.25 -29.02 -51.91
CA VAL QA 20 59.40 -28.18 -50.73
C VAL QA 20 58.06 -27.56 -50.36
N LEU QA 21 57.69 -27.67 -49.09
CA LEU QA 21 56.42 -27.15 -48.59
C LEU QA 21 56.57 -25.81 -47.88
N ARG QA 22 57.33 -25.77 -46.80
CA ARG QA 22 57.50 -24.53 -46.05
C ARG QA 22 58.87 -24.55 -45.41
N THR QA 23 59.41 -23.36 -45.18
CA THR QA 23 60.69 -23.16 -44.52
C THR QA 23 60.38 -22.53 -43.17
N THR QA 24 60.28 -23.37 -42.14
CA THR QA 24 59.91 -22.90 -40.81
C THR QA 24 60.92 -21.88 -40.29
N GLY QA 25 62.20 -22.26 -40.27
CA GLY QA 25 63.25 -21.39 -39.81
C GLY QA 25 64.41 -21.34 -40.78
N PRO QA 26 65.47 -20.62 -40.41
CA PRO QA 26 66.64 -20.55 -41.30
C PRO QA 26 67.36 -21.88 -41.42
N ASP QA 27 67.36 -22.68 -40.35
CA ASP QA 27 67.99 -23.99 -40.34
C ASP QA 27 67.01 -25.13 -40.58
N THR QA 28 65.70 -24.84 -40.64
CA THR QA 28 64.67 -25.87 -40.67
C THR QA 28 63.81 -25.69 -41.91
N THR QA 29 63.73 -26.74 -42.74
CA THR QA 29 62.88 -26.72 -43.93
C THR QA 29 62.04 -27.99 -43.98
N VAL QA 30 60.79 -27.86 -44.41
CA VAL QA 30 59.83 -28.95 -44.38
C VAL QA 30 59.31 -29.23 -45.78
N TYR QA 31 59.47 -30.47 -46.22
CA TYR QA 31 59.10 -30.91 -47.54
C TYR QA 31 57.83 -31.76 -47.44
N SER QA 32 56.93 -31.56 -48.40
CA SER QA 32 55.74 -32.39 -48.55
C SER QA 32 56.05 -33.50 -49.55
N LEU QA 33 55.75 -34.72 -49.16
CA LEU QA 33 56.03 -35.93 -49.93
C LEU QA 33 54.76 -36.39 -50.64
N PRO QA 34 54.88 -37.38 -51.53
CA PRO QA 34 53.68 -37.86 -52.23
C PRO QA 34 52.69 -38.49 -51.25
N GLY QA 35 51.40 -38.35 -51.57
CA GLY QA 35 50.36 -38.86 -50.70
C GLY QA 35 50.04 -38.00 -49.50
N HIS QA 36 50.61 -36.80 -49.44
CA HIS QA 36 50.33 -35.84 -48.39
C HIS QA 36 48.96 -35.20 -48.64
N THR QA 37 47.94 -35.75 -48.00
CA THR QA 37 46.66 -35.06 -47.97
C THR QA 37 46.62 -34.14 -46.76
N PRO QA 38 45.71 -33.16 -46.74
CA PRO QA 38 45.52 -32.39 -45.51
C PRO QA 38 45.06 -33.27 -44.37
N VAL QA 39 44.22 -34.27 -44.66
CA VAL QA 39 43.72 -35.16 -43.63
C VAL QA 39 44.84 -36.06 -43.11
N ASN QA 40 45.67 -36.60 -44.00
CA ASN QA 40 46.70 -37.57 -43.66
C ASN QA 40 48.05 -36.98 -44.09
N PRO QA 41 48.62 -36.07 -43.31
CA PRO QA 41 49.85 -35.40 -43.74
C PRO QA 41 51.02 -36.38 -43.79
N PHE QA 42 51.97 -36.07 -44.67
CA PHE QA 42 53.13 -36.93 -44.88
C PHE QA 42 54.30 -36.03 -45.30
N THR QA 43 55.29 -35.89 -44.41
CA THR QA 43 56.29 -34.84 -44.56
C THR QA 43 57.66 -35.28 -44.11
N LEU QA 44 58.68 -34.78 -44.80
CA LEU QA 44 60.06 -34.86 -44.37
C LEU QA 44 60.48 -33.51 -43.82
N THR QA 45 60.89 -33.47 -42.56
CA THR QA 45 61.43 -32.27 -41.95
C THR QA 45 62.94 -32.41 -41.82
N ALA QA 46 63.67 -31.36 -42.23
CA ALA QA 46 65.13 -31.37 -42.22
C ALA QA 46 65.62 -30.19 -41.41
N VAL QA 47 66.43 -30.47 -40.39
CA VAL QA 47 66.97 -29.47 -39.48
C VAL QA 47 68.48 -29.65 -39.46
N SER QA 48 69.21 -28.72 -40.09
CA SER QA 48 70.67 -28.79 -40.18
C SER QA 48 71.24 -27.62 -39.40
N ARG QA 49 71.88 -27.92 -38.27
CA ARG QA 49 72.42 -26.89 -37.39
C ARG QA 49 73.94 -26.84 -37.53
N LEU QA 50 74.43 -25.66 -37.92
CA LEU QA 50 75.84 -25.44 -38.21
C LEU QA 50 76.65 -25.50 -36.92
N PRO QA 51 77.96 -25.74 -37.03
CA PRO QA 51 78.79 -25.79 -35.83
C PRO QA 51 79.10 -24.37 -35.34
N VAL QA 52 78.97 -24.17 -34.04
CA VAL QA 52 79.36 -22.93 -33.40
C VAL QA 52 80.67 -23.17 -32.67
N PRO QA 53 81.75 -22.51 -33.05
CA PRO QA 53 83.03 -22.72 -32.38
C PRO QA 53 83.02 -22.14 -30.98
N ARG QA 54 83.63 -22.87 -30.07
CA ARG QA 54 83.73 -22.48 -28.68
C ARG QA 54 85.21 -22.23 -28.40
N LYS QA 55 85.50 -21.49 -27.32
CA LYS QA 55 86.89 -21.14 -27.03
C LYS QA 55 87.66 -22.39 -26.62
N GLY QA 56 88.54 -22.86 -27.50
CA GLY QA 56 89.26 -24.10 -27.28
C GLY QA 56 88.54 -25.34 -27.76
N ASN QA 57 87.34 -25.21 -28.30
CA ASN QA 57 86.57 -26.34 -28.79
C ASN QA 57 86.09 -26.06 -30.20
N ALA QA 58 86.38 -26.99 -31.12
CA ALA QA 58 85.78 -26.90 -32.44
C ALA QA 58 84.27 -27.08 -32.35
N GLY QA 59 83.58 -26.63 -33.38
CA GLY QA 59 82.15 -26.85 -33.45
C GLY QA 59 81.80 -28.30 -33.76
N THR QA 60 80.51 -28.61 -33.65
CA THR QA 60 79.96 -29.89 -34.08
C THR QA 60 78.69 -29.63 -34.88
N THR QA 61 78.61 -30.23 -36.07
CA THR QA 61 77.45 -30.08 -36.95
C THR QA 61 76.38 -31.11 -36.59
N LYS QA 62 75.16 -30.66 -36.36
CA LYS QA 62 74.05 -31.57 -36.12
C LYS QA 62 73.12 -31.55 -37.32
N THR QA 63 72.53 -32.71 -37.62
CA THR QA 63 71.69 -32.88 -38.80
C THR QA 63 70.56 -33.83 -38.44
N THR QA 64 69.32 -33.46 -38.74
CA THR QA 64 68.17 -34.25 -38.31
C THR QA 64 67.16 -34.33 -39.45
N LEU QA 65 66.82 -35.55 -39.87
CA LEU QA 65 65.89 -35.80 -40.96
C LEU QA 65 64.77 -36.69 -40.42
N SER QA 66 63.53 -36.19 -40.43
CA SER QA 66 62.38 -36.91 -39.86
C SER QA 66 61.30 -37.11 -40.92
N LEU QA 67 60.92 -38.36 -41.15
CA LEU QA 67 59.76 -38.68 -41.96
C LEU QA 67 58.58 -38.96 -41.03
N ARG QA 68 57.52 -38.17 -41.18
CA ARG QA 68 56.31 -38.30 -40.36
C ARG QA 68 55.11 -38.52 -41.26
N ARG QA 69 54.43 -39.66 -41.07
CA ARG QA 69 53.19 -39.95 -41.79
C ARG QA 69 52.09 -40.27 -40.80
N GLU QA 70 50.98 -39.54 -40.88
CA GLU QA 70 49.82 -39.80 -40.02
C GLU QA 70 48.86 -40.69 -40.77
N VAL QA 71 48.80 -41.95 -40.39
CA VAL QA 71 48.05 -42.98 -41.10
C VAL QA 71 46.74 -43.23 -40.39
N THR QA 72 45.70 -43.52 -41.16
CA THR QA 72 44.43 -43.95 -40.58
C THR QA 72 44.56 -45.41 -40.14
N ILE QA 73 44.23 -45.68 -38.89
CA ILE QA 73 44.30 -47.01 -38.31
C ILE QA 73 42.89 -47.57 -38.21
N ASN QA 74 42.76 -48.85 -38.57
CA ASN QA 74 41.53 -49.67 -38.56
C ASN QA 74 40.32 -48.88 -39.04
N LYS QA 75 40.42 -48.46 -40.31
CA LYS QA 75 39.36 -47.69 -40.95
C LYS QA 75 38.03 -48.43 -40.93
N GLY QA 76 38.03 -49.70 -41.37
CA GLY QA 76 36.79 -50.44 -41.43
C GLY QA 76 36.15 -50.62 -40.06
N THR QA 77 36.97 -50.87 -39.06
CA THR QA 77 36.49 -51.08 -37.70
C THR QA 77 36.06 -49.75 -37.10
N ASP QA 78 35.24 -49.82 -36.05
CA ASP QA 78 34.90 -48.66 -35.26
C ASP QA 78 36.13 -48.12 -34.56
N GLN QA 79 36.07 -46.83 -34.21
CA GLN QA 79 37.17 -46.12 -33.55
C GLN QA 79 38.40 -46.02 -34.44
N GLU QA 80 38.18 -45.77 -35.73
CA GLU QA 80 39.31 -45.54 -36.63
C GLU QA 80 40.00 -44.25 -36.20
N LYS QA 81 41.34 -44.23 -36.24
CA LYS QA 81 42.03 -43.04 -35.74
C LYS QA 81 43.27 -42.73 -36.57
N ILE QA 82 43.49 -41.45 -36.81
CA ILE QA 82 44.69 -41.01 -37.52
C ILE QA 82 45.83 -40.86 -36.51
N VAL QA 83 46.84 -41.70 -36.66
CA VAL QA 83 47.92 -41.76 -35.68
C VAL QA 83 49.23 -41.62 -36.42
N PRO QA 84 50.20 -40.88 -35.89
CA PRO QA 84 51.47 -40.68 -36.62
C PRO QA 84 52.52 -41.76 -36.39
N MET QA 85 53.16 -42.20 -37.48
CA MET QA 85 54.38 -42.99 -37.40
C MET QA 85 55.54 -42.13 -37.88
N ILE QA 86 56.67 -42.27 -37.19
CA ILE QA 86 57.82 -41.41 -37.43
C ILE QA 86 59.07 -42.26 -37.56
N ALA QA 87 59.94 -41.89 -38.50
CA ALA QA 87 61.28 -42.47 -38.62
C ALA QA 87 62.29 -41.34 -38.82
N ARG QA 88 63.25 -41.22 -37.89
CA ARG QA 88 64.24 -40.15 -37.84
C ARG QA 88 65.65 -40.69 -37.99
N ILE QA 89 66.45 -39.94 -38.73
CA ILE QA 89 67.90 -40.04 -38.71
C ILE QA 89 68.39 -38.80 -38.00
N GLU QA 90 69.23 -38.97 -36.99
CA GLU QA 90 69.83 -37.84 -36.27
C GLU QA 90 71.33 -38.07 -36.22
N THR QA 91 72.12 -37.05 -36.56
CA THR QA 91 73.56 -37.23 -36.71
C THR QA 91 74.33 -36.02 -36.21
N SER QA 92 75.23 -36.24 -35.24
CA SER QA 92 76.13 -35.22 -34.75
C SER QA 92 77.56 -35.55 -35.12
N VAL QA 93 78.19 -34.70 -35.94
CA VAL QA 93 79.54 -34.90 -36.43
C VAL QA 93 80.40 -33.74 -35.97
N PRO QA 94 81.43 -33.97 -35.15
CA PRO QA 94 82.39 -32.90 -34.86
C PRO QA 94 83.21 -32.55 -36.08
N VAL QA 95 83.85 -31.37 -36.03
CA VAL QA 95 84.50 -30.82 -37.22
C VAL QA 95 85.66 -31.68 -37.68
N GLY QA 96 86.51 -32.11 -36.73
CA GLY QA 96 87.72 -32.85 -37.06
C GLY QA 96 87.51 -34.20 -37.77
N VAL QA 97 86.26 -34.63 -37.93
CA VAL QA 97 85.97 -35.96 -38.44
C VAL QA 97 86.34 -36.06 -39.92
N SER QA 98 86.84 -37.25 -40.31
CA SER QA 98 87.10 -37.55 -41.72
C SER QA 98 85.85 -38.10 -42.40
N GLN QA 99 85.59 -37.58 -43.60
CA GLN QA 99 84.43 -38.03 -44.37
C GLN QA 99 84.46 -39.54 -44.61
N ASP QA 100 85.66 -40.12 -44.69
CA ASP QA 100 85.78 -41.56 -44.84
C ASP QA 100 85.20 -42.29 -43.62
N ASP QA 101 85.70 -41.95 -42.43
CA ASP QA 101 85.21 -42.56 -41.19
C ASP QA 101 83.69 -42.40 -41.08
N PHE QA 102 83.20 -41.21 -41.37
CA PHE QA 102 81.79 -40.98 -41.13
C PHE QA 102 80.91 -41.67 -42.16
N LYS QA 103 81.33 -41.71 -43.43
CA LYS QA 103 80.54 -42.46 -44.39
C LYS QA 103 80.55 -43.94 -44.08
N ALA QA 104 81.63 -44.43 -43.45
CA ALA QA 104 81.63 -45.81 -42.96
C ALA QA 104 80.53 -46.02 -41.92
N MET QA 105 80.47 -45.14 -40.92
CA MET QA 105 79.39 -45.25 -39.94
C MET QA 105 78.01 -45.18 -40.61
N ILE QA 106 77.85 -44.31 -41.59
CA ILE QA 106 76.55 -44.16 -42.23
C ILE QA 106 76.15 -45.43 -42.96
N GLU QA 107 77.08 -45.98 -43.75
CA GLU QA 107 76.81 -47.22 -44.48
C GLU QA 107 76.43 -48.33 -43.51
N GLY QA 108 77.10 -48.40 -42.36
CA GLY QA 108 76.68 -49.36 -41.35
C GLY QA 108 75.26 -49.09 -40.87
N LEU QA 109 74.98 -47.84 -40.52
CA LEU QA 109 73.68 -47.47 -39.97
C LEU QA 109 72.54 -47.77 -40.92
N ALA QA 110 72.81 -47.71 -42.23
CA ALA QA 110 71.74 -47.93 -43.20
C ALA QA 110 71.28 -49.38 -43.22
N CYS QA 111 72.15 -50.31 -42.81
CA CYS QA 111 71.87 -51.74 -42.95
C CYS QA 111 70.58 -52.20 -42.29
N PRO QA 112 70.28 -51.87 -41.04
CA PRO QA 112 69.02 -52.37 -40.43
C PRO QA 112 67.77 -51.84 -41.11
N LEU QA 113 67.85 -50.67 -41.75
CA LEU QA 113 66.68 -50.14 -42.43
C LEU QA 113 66.26 -51.03 -43.60
N LEU QA 114 67.22 -51.59 -44.31
CA LEU QA 114 66.93 -52.34 -45.54
C LEU QA 114 66.89 -53.84 -45.23
N LEU QA 115 65.83 -54.25 -44.52
CA LEU QA 115 65.64 -55.63 -44.13
C LEU QA 115 64.27 -56.13 -44.58
N ASP QA 116 64.11 -57.45 -44.53
CA ASP QA 116 62.86 -58.08 -44.97
C ASP QA 116 61.73 -57.83 -43.96
N GLU QA 117 60.51 -58.07 -44.43
CA GLU QA 117 59.32 -57.76 -43.63
C GLU QA 117 59.33 -58.52 -42.31
N ILE QA 118 59.86 -59.74 -42.30
CA ILE QA 118 59.85 -60.55 -41.09
C ILE QA 118 60.65 -59.86 -39.99
N HIS QA 119 61.91 -59.52 -40.28
CA HIS QA 119 62.75 -58.85 -39.30
C HIS QA 119 62.20 -57.47 -38.96
N VAL QA 120 61.69 -56.75 -39.95
CA VAL QA 120 61.21 -55.39 -39.68
C VAL QA 120 60.03 -55.42 -38.72
N ASN QA 121 59.09 -56.34 -38.94
CA ASN QA 121 57.95 -56.46 -38.04
C ASN QA 121 58.38 -56.98 -36.67
N ASP QA 122 59.37 -57.87 -36.63
CA ASP QA 122 59.81 -58.39 -35.33
C ASP QA 122 60.50 -57.31 -34.49
N LEU QA 123 61.26 -56.42 -35.14
CA LEU QA 123 62.03 -55.43 -34.39
C LEU QA 123 61.29 -54.11 -34.18
N PHE QA 124 60.86 -53.47 -35.27
CA PHE QA 124 60.38 -52.09 -35.19
C PHE QA 124 58.92 -51.98 -34.73
N LEU QA 125 58.13 -53.03 -34.92
CA LEU QA 125 56.72 -53.04 -34.56
C LEU QA 125 56.40 -53.92 -33.36
N SER QA 126 56.83 -55.19 -33.38
CA SER QA 126 56.57 -56.06 -32.24
C SER QA 126 57.45 -55.71 -31.05
N GLY QA 127 58.68 -55.27 -31.31
CA GLY QA 127 59.57 -54.86 -30.26
C GLY QA 127 60.51 -55.94 -29.77
N LEU QA 128 60.69 -57.01 -30.54
CA LEU QA 128 61.55 -58.11 -30.15
C LEU QA 128 63.01 -57.66 -30.11
N PRO QA 129 63.87 -58.42 -29.44
CA PRO QA 129 65.30 -58.06 -29.44
C PRO QA 129 65.90 -58.36 -30.80
N ILE QA 130 67.08 -57.75 -31.05
CA ILE QA 130 67.73 -57.94 -32.34
C ILE QA 130 68.08 -59.41 -32.55
N ALA QA 131 67.78 -59.92 -33.73
CA ALA QA 131 68.08 -61.30 -34.09
C ALA QA 131 69.55 -61.41 -34.45
N THR QA 132 70.36 -62.00 -33.57
CA THR QA 132 71.79 -62.16 -33.81
C THR QA 132 72.04 -63.47 -34.55
N THR QA 133 72.98 -63.44 -35.50
CA THR QA 133 73.27 -64.62 -36.30
C THR QA 133 74.77 -64.91 -36.23
N ASP QA 134 75.13 -66.11 -35.78
CA ASP QA 134 76.53 -66.47 -35.72
C ASP QA 134 77.16 -66.43 -37.11
N VAL QA 135 78.25 -65.69 -37.24
CA VAL QA 135 78.96 -65.62 -38.52
C VAL QA 135 79.64 -66.95 -38.79
N PRO QA 136 79.44 -67.57 -39.95
CA PRO QA 136 80.14 -68.82 -40.22
C PRO QA 136 81.64 -68.59 -40.28
N ASP QA 137 82.37 -69.22 -39.36
CA ASP QA 137 83.83 -69.17 -39.41
C ASP QA 137 84.35 -69.67 -40.75
N ASN QA 138 83.58 -70.54 -41.41
CA ASN QA 138 83.96 -71.08 -42.70
C ASN QA 138 83.94 -69.99 -43.77
N GLU QA 139 82.96 -69.10 -43.69
CA GLU QA 139 82.69 -68.07 -44.68
C GLU QA 139 83.61 -66.86 -44.50
N PRO QA 140 83.68 -65.98 -45.50
CA PRO QA 140 84.62 -64.84 -45.39
C PRO QA 140 84.20 -63.89 -44.30
N LEU QA 141 85.19 -63.21 -43.71
CA LEU QA 141 84.87 -62.22 -42.69
C LEU QA 141 84.13 -61.04 -43.34
N PRO QA 142 83.04 -60.59 -42.73
CA PRO QA 142 82.26 -59.49 -43.32
C PRO QA 142 83.03 -58.19 -43.30
N PRO QA 143 82.55 -57.15 -43.99
CA PRO QA 143 83.31 -55.90 -44.08
C PRO QA 143 83.52 -55.27 -42.72
N ALA QA 144 84.70 -54.67 -42.53
CA ALA QA 144 85.11 -54.22 -41.20
C ALA QA 144 84.25 -53.08 -40.66
N LEU QA 145 83.57 -52.33 -41.52
CA LEU QA 145 82.78 -51.16 -41.13
C LEU QA 145 83.65 -49.97 -40.75
N LEU QA 146 84.87 -49.92 -41.30
CA LEU QA 146 85.91 -48.93 -40.98
C LEU QA 146 85.77 -48.33 -39.58
N SER RA 1 12.21 -13.49 -63.49
CA SER RA 1 12.63 -14.87 -63.73
C SER RA 1 14.02 -15.12 -63.16
N ILE RA 2 14.86 -15.80 -63.94
CA ILE RA 2 16.24 -16.07 -63.58
C ILE RA 2 17.12 -15.23 -64.50
N LYS RA 3 18.15 -14.61 -63.94
CA LYS RA 3 18.92 -13.61 -64.67
C LYS RA 3 20.40 -13.97 -64.71
N TYR RA 4 21.00 -13.81 -65.89
CA TYR RA 4 22.44 -13.70 -66.02
C TYR RA 4 22.94 -12.57 -65.14
N ILE RA 5 23.83 -12.92 -64.21
CA ILE RA 5 24.64 -11.94 -63.51
C ILE RA 5 25.87 -11.58 -64.33
N PHE RA 6 26.55 -12.59 -64.84
CA PHE RA 6 27.71 -12.43 -65.72
C PHE RA 6 27.62 -13.45 -66.83
N LYS RA 7 27.43 -12.97 -68.06
CA LYS RA 7 27.42 -13.85 -69.22
C LYS RA 7 28.84 -14.23 -69.58
N LYS RA 8 29.07 -15.53 -69.76
CA LYS RA 8 30.39 -16.03 -70.12
C LYS RA 8 30.80 -15.54 -71.52
N THR RA 9 32.05 -15.09 -71.63
CA THR RA 9 32.61 -14.67 -72.89
C THR RA 9 33.73 -15.60 -73.31
N ASP RA 10 33.86 -15.79 -74.63
CA ASP RA 10 34.88 -16.67 -75.18
C ASP RA 10 36.21 -15.92 -75.27
N THR RA 11 36.68 -15.48 -74.10
CA THR RA 11 37.93 -14.75 -73.95
C THR RA 11 38.83 -15.56 -73.03
N LEU RA 12 39.85 -16.19 -73.60
CA LEU RA 12 40.73 -17.05 -72.82
C LEU RA 12 41.58 -16.21 -71.87
N PRO RA 13 41.90 -16.73 -70.69
CA PRO RA 13 42.72 -15.97 -69.76
C PRO RA 13 44.18 -15.97 -70.19
N ARG RA 14 44.84 -14.82 -70.00
CA ARG RA 14 46.26 -14.72 -70.28
C ARG RA 14 47.03 -15.59 -69.29
N SER RA 15 47.92 -16.43 -69.80
CA SER RA 15 48.83 -17.15 -68.93
C SER RA 15 49.68 -16.16 -68.13
N VAL RA 16 50.11 -16.58 -66.94
CA VAL RA 16 50.82 -15.71 -66.01
C VAL RA 16 52.28 -16.14 -65.94
N ILE RA 17 53.16 -15.29 -66.44
CA ILE RA 17 54.58 -15.58 -66.51
C ILE RA 17 55.30 -14.60 -65.60
N GLY RA 18 56.32 -15.07 -64.89
CA GLY RA 18 57.02 -14.21 -63.98
C GLY RA 18 58.34 -14.81 -63.54
N ASN RA 19 58.92 -14.20 -62.51
CA ASN RA 19 60.11 -14.75 -61.89
C ASN RA 19 60.10 -14.40 -60.41
N VAL RA 20 60.50 -15.36 -59.57
CA VAL RA 20 60.42 -15.17 -58.12
C VAL RA 20 61.34 -14.03 -57.69
N LEU RA 21 60.78 -13.04 -57.00
CA LEU RA 21 61.55 -11.88 -56.55
C LEU RA 21 62.08 -12.03 -55.13
N ARG RA 22 61.19 -12.10 -54.14
CA ARG RA 22 61.63 -12.24 -52.76
C ARG RA 22 60.57 -12.98 -51.95
N THR RA 23 61.06 -13.74 -51.00
CA THR RA 23 60.22 -14.51 -50.08
C THR RA 23 60.18 -13.70 -48.78
N THR RA 24 59.08 -12.97 -48.59
CA THR RA 24 58.93 -12.13 -47.41
C THR RA 24 58.87 -12.97 -46.14
N GLY RA 25 57.89 -13.87 -46.05
CA GLY RA 25 57.74 -14.73 -44.90
C GLY RA 25 57.70 -16.18 -45.33
N PRO RA 26 57.54 -17.10 -44.37
CA PRO RA 26 57.44 -18.51 -44.74
C PRO RA 26 56.19 -18.81 -45.54
N ASP RA 27 55.09 -18.11 -45.23
CA ASP RA 27 53.83 -18.25 -45.95
C ASP RA 27 53.64 -17.20 -47.04
N THR RA 28 54.62 -16.33 -47.27
CA THR RA 28 54.44 -15.19 -48.18
C THR RA 28 55.60 -15.15 -49.17
N THR RA 29 55.29 -15.25 -50.46
CA THR RA 29 56.29 -15.13 -51.52
C THR RA 29 55.84 -14.09 -52.52
N VAL RA 30 56.78 -13.34 -53.08
CA VAL RA 30 56.47 -12.23 -53.97
C VAL RA 30 57.22 -12.41 -55.28
N TYR RA 31 56.48 -12.37 -56.39
CA TYR RA 31 56.99 -12.60 -57.72
C TYR RA 31 57.00 -11.28 -58.48
N SER RA 32 58.08 -11.04 -59.24
CA SER RA 32 58.17 -9.91 -60.14
C SER RA 32 57.73 -10.35 -61.53
N LEU RA 33 56.79 -9.60 -62.10
CA LEU RA 33 56.19 -9.87 -63.39
C LEU RA 33 56.86 -9.03 -64.46
N PRO RA 34 56.56 -9.28 -65.73
CA PRO RA 34 57.15 -8.46 -66.79
C PRO RA 34 56.71 -7.01 -66.67
N GLY RA 35 57.57 -6.11 -67.13
CA GLY RA 35 57.30 -4.69 -67.03
C GLY RA 35 57.50 -4.11 -65.65
N HIS RA 36 58.06 -4.89 -64.73
CA HIS RA 36 58.39 -4.42 -63.39
C HIS RA 36 59.67 -3.60 -63.46
N THR RA 37 59.52 -2.31 -63.68
CA THR RA 37 60.64 -1.41 -63.49
C THR RA 37 60.71 -1.02 -62.01
N PRO RA 38 61.87 -0.56 -61.56
CA PRO RA 38 61.91 0.04 -60.21
C PRO RA 38 61.04 1.26 -60.10
N VAL RA 39 60.85 1.99 -61.20
CA VAL RA 39 59.98 3.16 -61.21
C VAL RA 39 58.51 2.73 -61.08
N ASN RA 40 58.10 1.74 -61.87
CA ASN RA 40 56.70 1.33 -61.97
C ASN RA 40 56.61 -0.15 -61.64
N PRO RA 41 56.65 -0.52 -60.35
CA PRO RA 41 56.70 -1.93 -60.00
C PRO RA 41 55.43 -2.68 -60.36
N PHE RA 42 55.62 -3.96 -60.74
CA PHE RA 42 54.55 -4.88 -61.08
C PHE RA 42 54.83 -6.15 -60.29
N THR RA 43 53.97 -6.52 -59.35
CA THR RA 43 54.26 -7.73 -58.57
C THR RA 43 53.00 -8.52 -58.24
N LEU RA 44 53.16 -9.85 -58.27
CA LEU RA 44 52.18 -10.77 -57.72
C LEU RA 44 52.66 -11.25 -56.36
N THR RA 45 51.87 -11.00 -55.33
CA THR RA 45 52.16 -11.49 -53.99
C THR RA 45 51.23 -12.64 -53.65
N ALA RA 46 51.78 -13.73 -53.13
CA ALA RA 46 51.03 -14.94 -52.82
C ALA RA 46 51.23 -15.28 -51.36
N VAL RA 47 50.12 -15.41 -50.63
CA VAL RA 47 50.14 -15.71 -49.20
C VAL RA 47 49.21 -16.90 -48.98
N SER RA 48 49.80 -18.06 -48.70
CA SER RA 48 49.05 -19.30 -48.54
C SER RA 48 49.23 -19.75 -47.09
N ARG RA 49 48.18 -19.58 -46.29
CA ARG RA 49 48.21 -19.89 -44.88
C ARG RA 49 47.59 -21.27 -44.65
N LEU RA 50 48.41 -22.17 -44.14
CA LEU RA 50 48.06 -23.58 -43.99
C LEU RA 50 47.06 -23.77 -42.87
N PRO RA 51 46.32 -24.87 -42.88
CA PRO RA 51 45.27 -25.04 -41.87
C PRO RA 51 45.80 -25.67 -40.59
N VAL RA 52 45.50 -25.06 -39.45
CA VAL RA 52 45.88 -25.61 -38.16
C VAL RA 52 44.68 -26.34 -37.58
N PRO RA 53 44.75 -27.64 -37.36
CA PRO RA 53 43.59 -28.38 -36.84
C PRO RA 53 43.54 -28.27 -35.33
N ARG RA 54 42.47 -27.68 -34.81
CA ARG RA 54 42.17 -27.72 -33.39
C ARG RA 54 41.43 -29.01 -33.06
N LYS RA 55 41.47 -29.41 -31.80
CA LYS RA 55 40.87 -30.68 -31.43
C LYS RA 55 39.38 -30.66 -31.74
N GLY RA 56 38.93 -31.62 -32.55
CA GLY RA 56 37.56 -31.66 -32.99
C GLY RA 56 37.22 -30.77 -34.17
N ASN RA 57 38.21 -30.10 -34.77
CA ASN RA 57 37.98 -29.23 -35.91
C ASN RA 57 39.05 -29.47 -36.95
N ALA RA 58 38.64 -29.70 -38.19
CA ALA RA 58 39.59 -29.67 -39.28
C ALA RA 58 40.01 -28.23 -39.54
N GLY RA 59 41.19 -28.08 -40.13
CA GLY RA 59 41.69 -26.76 -40.44
C GLY RA 59 40.84 -26.06 -41.49
N THR RA 60 41.21 -24.81 -41.78
CA THR RA 60 40.67 -24.06 -42.91
C THR RA 60 41.83 -23.36 -43.61
N THR RA 61 42.05 -23.69 -44.89
CA THR RA 61 43.17 -23.15 -45.65
C THR RA 61 42.81 -21.80 -46.26
N LYS RA 62 43.65 -20.79 -46.05
CA LYS RA 62 43.43 -19.49 -46.68
C LYS RA 62 44.49 -19.26 -47.74
N THR RA 63 44.08 -18.64 -48.85
CA THR RA 63 44.97 -18.42 -49.99
C THR RA 63 44.68 -17.05 -50.57
N THR RA 64 45.71 -16.24 -50.77
CA THR RA 64 45.54 -14.87 -51.22
C THR RA 64 46.55 -14.55 -52.31
N LEU RA 65 46.05 -14.11 -53.46
CA LEU RA 65 46.86 -13.80 -54.63
C LEU RA 65 46.55 -12.37 -55.06
N SER RA 66 47.55 -11.49 -54.99
CA SER RA 66 47.35 -10.07 -55.27
C SER RA 66 48.27 -9.61 -56.40
N LEU RA 67 47.69 -9.08 -57.47
CA LEU RA 67 48.47 -8.38 -58.50
C LEU RA 67 48.40 -6.89 -58.21
N ARG RA 68 49.56 -6.26 -58.05
CA ARG RA 68 49.65 -4.83 -57.81
C ARG RA 68 50.60 -4.21 -58.83
N ARG RA 69 50.10 -3.25 -59.61
CA ARG RA 69 50.96 -2.55 -60.55
C ARG RA 69 50.70 -1.05 -60.47
N GLU RA 70 51.77 -0.27 -60.28
CA GLU RA 70 51.67 1.17 -60.05
C GLU RA 70 51.86 1.90 -61.37
N VAL RA 71 50.77 2.38 -61.96
CA VAL RA 71 50.83 3.01 -63.28
C VAL RA 71 51.16 4.48 -63.14
N THR RA 72 51.97 4.99 -64.07
CA THR RA 72 52.08 6.44 -64.27
C THR RA 72 50.81 6.88 -64.99
N ILE RA 73 49.89 7.44 -64.22
CA ILE RA 73 48.65 8.01 -64.74
C ILE RA 73 48.89 9.42 -65.24
N ASN RA 74 48.23 9.72 -66.37
CA ASN RA 74 48.28 10.98 -67.13
C ASN RA 74 49.70 11.54 -67.20
N LYS RA 75 50.58 10.73 -67.80
CA LYS RA 75 51.98 11.08 -67.94
C LYS RA 75 52.16 12.36 -68.74
N GLY RA 76 51.56 12.44 -69.93
CA GLY RA 76 51.74 13.63 -70.75
C GLY RA 76 51.40 14.91 -70.01
N THR RA 77 50.29 14.91 -69.27
CA THR RA 77 49.82 16.08 -68.56
C THR RA 77 50.71 16.36 -67.35
N ASP RA 78 50.80 17.63 -66.97
CA ASP RA 78 51.51 17.99 -65.76
C ASP RA 78 50.77 17.47 -64.52
N GLN RA 79 51.51 17.41 -63.41
CA GLN RA 79 51.05 16.73 -62.20
C GLN RA 79 50.68 15.29 -62.50
N GLU RA 80 51.52 14.65 -63.32
CA GLU RA 80 51.39 13.23 -63.61
C GLU RA 80 51.74 12.45 -62.35
N LYS RA 81 51.09 11.32 -62.11
CA LYS RA 81 51.34 10.65 -60.82
C LYS RA 81 51.48 9.15 -60.99
N ILE RA 82 52.13 8.51 -60.01
CA ILE RA 82 52.24 7.05 -59.99
C ILE RA 82 51.25 6.53 -58.96
N VAL RA 83 50.32 5.70 -59.40
CA VAL RA 83 49.23 5.26 -58.51
C VAL RA 83 49.01 3.76 -58.69
N PRO RA 84 48.82 3.00 -57.61
CA PRO RA 84 48.74 1.54 -57.73
C PRO RA 84 47.35 0.99 -57.99
N MET RA 85 47.18 0.15 -59.02
CA MET RA 85 45.95 -0.61 -59.19
C MET RA 85 46.19 -2.03 -58.69
N ILE RA 86 45.18 -2.60 -58.04
CA ILE RA 86 45.32 -3.88 -57.38
C ILE RA 86 44.11 -4.75 -57.69
N ALA RA 87 44.36 -6.02 -57.99
CA ALA RA 87 43.32 -7.02 -58.14
C ALA RA 87 43.72 -8.29 -57.38
N ARG RA 88 42.87 -8.73 -56.46
CA ARG RA 88 43.13 -9.84 -55.54
C ARG RA 88 42.10 -10.94 -55.70
N ILE RA 89 42.59 -12.16 -55.58
CA ILE RA 89 41.78 -13.33 -55.34
C ILE RA 89 42.05 -13.77 -53.90
N GLU RA 90 41.01 -13.88 -53.09
CA GLU RA 90 41.15 -14.35 -51.71
C GLU RA 90 40.19 -15.51 -51.50
N THR RA 91 40.69 -16.61 -50.94
CA THR RA 91 39.92 -17.84 -50.89
C THR RA 91 40.11 -18.57 -49.57
N SER RA 92 39.01 -18.85 -48.88
CA SER RA 92 39.04 -19.62 -47.64
C SER RA 92 38.28 -20.93 -47.85
N VAL RA 93 39.00 -22.04 -47.81
CA VAL RA 93 38.45 -23.37 -48.04
C VAL RA 93 38.67 -24.22 -46.80
N PRO RA 94 37.61 -24.60 -46.08
CA PRO RA 94 37.78 -25.56 -44.99
C PRO RA 94 38.22 -26.91 -45.49
N VAL RA 95 38.75 -27.72 -44.57
CA VAL RA 95 39.38 -28.98 -44.98
C VAL RA 95 38.37 -29.91 -45.65
N GLY RA 96 37.25 -30.18 -45.00
CA GLY RA 96 36.27 -31.12 -45.51
C GLY RA 96 35.73 -30.88 -46.91
N VAL RA 97 36.03 -29.71 -47.48
CA VAL RA 97 35.48 -29.33 -48.78
C VAL RA 97 35.92 -30.29 -49.87
N SER RA 98 35.03 -30.54 -50.84
CA SER RA 98 35.33 -31.38 -51.99
C SER RA 98 35.94 -30.58 -53.13
N GLN RA 99 37.01 -31.12 -53.71
CA GLN RA 99 37.71 -30.45 -54.80
C GLN RA 99 36.78 -30.20 -55.98
N ASP RA 100 35.83 -31.11 -56.24
CA ASP RA 100 34.89 -30.91 -57.33
C ASP RA 100 34.03 -29.65 -57.09
N ASP RA 101 33.43 -29.56 -55.91
CA ASP RA 101 32.55 -28.43 -55.60
C ASP RA 101 33.33 -27.12 -55.68
N PHE RA 102 34.51 -27.10 -55.06
CA PHE RA 102 35.22 -25.82 -55.04
C PHE RA 102 35.78 -25.46 -56.41
N LYS RA 103 36.15 -26.44 -57.23
CA LYS RA 103 36.63 -26.12 -58.57
C LYS RA 103 35.50 -25.56 -59.43
N ALA RA 104 34.28 -26.06 -59.24
CA ALA RA 104 33.14 -25.49 -59.96
C ALA RA 104 32.86 -24.06 -59.52
N MET RA 105 32.89 -23.82 -58.20
CA MET RA 105 32.71 -22.46 -57.70
C MET RA 105 33.79 -21.51 -58.23
N ILE RA 106 35.05 -21.98 -58.31
CA ILE RA 106 36.11 -21.17 -58.88
C ILE RA 106 35.83 -20.85 -60.34
N GLU RA 107 35.46 -21.87 -61.11
CA GLU RA 107 35.12 -21.66 -62.52
C GLU RA 107 34.05 -20.59 -62.66
N GLY RA 108 33.05 -20.62 -61.77
CA GLY RA 108 32.05 -19.56 -61.78
C GLY RA 108 32.64 -18.20 -61.48
N LEU RA 109 33.48 -18.13 -60.44
CA LEU RA 109 34.05 -16.84 -60.03
C LEU RA 109 34.93 -16.24 -61.12
N ALA RA 110 35.52 -17.07 -61.97
CA ALA RA 110 36.40 -16.52 -63.00
C ALA RA 110 35.63 -15.79 -64.11
N CYS RA 111 34.30 -15.96 -64.17
CA CYS RA 111 33.54 -15.42 -65.28
C CYS RA 111 33.55 -13.90 -65.36
N PRO RA 112 33.30 -13.14 -64.28
CA PRO RA 112 33.30 -11.67 -64.41
C PRO RA 112 34.66 -11.10 -64.79
N LEU RA 113 35.73 -11.84 -64.53
CA LEU RA 113 37.05 -11.34 -64.91
C LEU RA 113 37.22 -11.28 -66.43
N LEU RA 114 36.71 -12.28 -67.14
CA LEU RA 114 36.93 -12.39 -68.57
C LEU RA 114 35.75 -11.80 -69.33
N LEU RA 115 35.62 -10.48 -69.24
CA LEU RA 115 34.55 -9.73 -69.89
C LEU RA 115 35.12 -8.68 -70.83
N ASP RA 116 34.25 -8.14 -71.67
CA ASP RA 116 34.63 -7.14 -72.66
C ASP RA 116 34.88 -5.78 -72.00
N GLU RA 117 35.58 -4.92 -72.75
CA GLU RA 117 35.99 -3.63 -72.21
C GLU RA 117 34.80 -2.82 -71.74
N ILE RA 118 33.67 -2.92 -72.44
CA ILE RA 118 32.50 -2.13 -72.08
C ILE RA 118 32.05 -2.47 -70.66
N HIS RA 119 31.79 -3.76 -70.41
CA HIS RA 119 31.35 -4.18 -69.07
C HIS RA 119 32.42 -3.92 -68.03
N VAL RA 120 33.69 -4.13 -68.38
CA VAL RA 120 34.75 -3.98 -67.39
C VAL RA 120 34.88 -2.53 -66.96
N ASN RA 121 34.81 -1.59 -67.91
CA ASN RA 121 34.84 -0.18 -67.55
C ASN RA 121 33.58 0.23 -66.80
N ASP RA 122 32.43 -0.34 -67.16
CA ASP RA 122 31.20 0.04 -66.46
C ASP RA 122 31.21 -0.43 -65.01
N LEU RA 123 31.81 -1.58 -64.72
CA LEU RA 123 31.75 -2.14 -63.37
C LEU RA 123 32.96 -1.82 -62.51
N PHE RA 124 34.17 -2.10 -62.98
CA PHE RA 124 35.34 -2.06 -62.10
C PHE RA 124 35.96 -0.67 -61.97
N LEU RA 125 35.81 0.17 -63.00
CA LEU RA 125 36.36 1.52 -62.97
C LEU RA 125 35.28 2.56 -62.66
N SER RA 126 34.20 2.56 -63.43
CA SER RA 126 33.17 3.58 -63.26
C SER RA 126 32.36 3.34 -61.99
N GLY RA 127 32.17 2.08 -61.61
CA GLY RA 127 31.35 1.76 -60.46
C GLY RA 127 29.87 1.67 -60.75
N LEU RA 128 29.48 1.69 -62.02
CA LEU RA 128 28.07 1.57 -62.37
C LEU RA 128 27.50 0.25 -61.86
N PRO RA 129 26.20 0.18 -61.59
CA PRO RA 129 25.62 -1.05 -61.06
C PRO RA 129 25.63 -2.17 -62.09
N ILE RA 130 25.58 -3.42 -61.60
CA ILE RA 130 25.58 -4.57 -62.49
C ILE RA 130 24.25 -4.66 -63.22
N ALA RA 131 24.31 -4.87 -64.53
CA ALA RA 131 23.12 -4.97 -65.37
C ALA RA 131 22.75 -6.45 -65.49
N THR RA 132 21.62 -6.81 -64.88
CA THR RA 132 21.11 -8.18 -64.96
C THR RA 132 20.47 -8.41 -66.31
N THR RA 133 20.70 -9.59 -66.89
CA THR RA 133 20.17 -9.91 -68.22
C THR RA 133 19.22 -11.08 -68.13
N ASP RA 134 17.99 -10.91 -68.61
CA ASP RA 134 17.05 -12.02 -68.60
C ASP RA 134 17.56 -13.17 -69.46
N VAL RA 135 17.58 -14.35 -68.88
CA VAL RA 135 17.93 -15.57 -69.64
C VAL RA 135 16.76 -15.92 -70.54
N PRO RA 136 16.98 -16.15 -71.84
CA PRO RA 136 15.85 -16.50 -72.71
C PRO RA 136 15.25 -17.84 -72.30
N ASP RA 137 13.97 -17.82 -71.93
CA ASP RA 137 13.28 -19.06 -71.60
C ASP RA 137 13.32 -20.04 -72.78
N ASN RA 138 13.39 -19.51 -74.00
CA ASN RA 138 13.46 -20.36 -75.18
C ASN RA 138 14.79 -21.10 -75.25
N GLU RA 139 15.87 -20.43 -74.86
CA GLU RA 139 17.22 -20.97 -74.97
C GLU RA 139 17.48 -21.99 -73.84
N PRO RA 140 18.49 -22.84 -74.00
CA PRO RA 140 18.77 -23.86 -72.97
C PRO RA 140 19.28 -23.23 -71.68
N LEU RA 141 18.96 -23.87 -70.57
CA LEU RA 141 19.35 -23.33 -69.28
C LEU RA 141 20.88 -23.36 -69.14
N PRO RA 142 21.48 -22.31 -68.60
CA PRO RA 142 22.94 -22.25 -68.47
C PRO RA 142 23.44 -23.24 -67.43
N PRO RA 143 24.76 -23.49 -67.37
CA PRO RA 143 25.27 -24.50 -66.44
C PRO RA 143 24.94 -24.16 -65.00
N ALA RA 144 24.71 -25.20 -64.20
CA ALA RA 144 24.19 -25.01 -62.85
C ALA RA 144 25.20 -24.40 -61.89
N LEU RA 145 26.50 -24.45 -62.21
CA LEU RA 145 27.59 -23.95 -61.37
C LEU RA 145 27.85 -24.83 -60.15
N LEU RA 146 27.39 -26.08 -60.20
CA LEU RA 146 27.45 -27.04 -59.08
C LEU RA 146 27.29 -26.39 -57.72
N SER SA 1 98.06 20.41 -62.15
CA SER SA 1 97.26 20.02 -63.30
C SER SA 1 96.19 19.00 -62.90
N ILE SA 2 96.02 17.98 -63.73
CA ILE SA 2 95.08 16.90 -63.50
C ILE SA 2 95.89 15.66 -63.15
N LYS SA 3 95.48 14.95 -62.11
CA LYS SA 3 96.27 13.84 -61.59
C LYS SA 3 95.49 12.53 -61.68
N TYR SA 4 96.19 11.47 -62.11
CA TYR SA 4 95.78 10.11 -61.83
C TYR SA 4 95.59 9.95 -60.32
N ILE SA 5 94.37 9.60 -59.94
CA ILE SA 5 94.11 9.09 -58.60
C ILE SA 5 94.48 7.62 -58.51
N PHE SA 6 93.95 6.83 -59.45
CA PHE SA 6 94.28 5.41 -59.55
C PHE SA 6 94.52 5.09 -61.02
N LYS SA 7 95.75 4.73 -61.36
CA LYS SA 7 96.09 4.34 -62.71
C LYS SA 7 95.61 2.92 -62.96
N LYS SA 8 94.88 2.73 -64.05
CA LYS SA 8 94.35 1.41 -64.39
C LYS SA 8 95.46 0.41 -64.69
N THR SA 9 95.33 -0.78 -64.14
CA THR SA 9 96.29 -1.86 -64.38
C THR SA 9 95.62 -2.99 -65.15
N ASP SA 10 96.41 -3.66 -66.00
CA ASP SA 10 95.90 -4.74 -66.83
C ASP SA 10 95.90 -6.05 -66.02
N THR SA 11 95.13 -6.03 -64.93
CA THR SA 11 95.01 -7.17 -64.03
C THR SA 11 93.52 -7.54 -63.96
N LEU SA 12 93.17 -8.66 -64.58
CA LEU SA 12 91.78 -9.06 -64.65
C LEU SA 12 91.26 -9.49 -63.28
N PRO SA 13 89.99 -9.25 -62.98
CA PRO SA 13 89.44 -9.66 -61.69
C PRO SA 13 89.24 -11.16 -61.63
N ARG SA 14 89.56 -11.75 -60.49
CA ARG SA 14 89.27 -13.16 -60.26
C ARG SA 14 87.77 -13.38 -60.23
N SER SA 15 87.28 -14.33 -61.02
CA SER SA 15 85.89 -14.73 -60.94
C SER SA 15 85.59 -15.26 -59.53
N VAL SA 16 84.34 -15.08 -59.10
CA VAL SA 16 83.93 -15.39 -57.73
C VAL SA 16 83.10 -16.66 -57.74
N ILE SA 17 83.63 -17.72 -57.12
CA ILE SA 17 82.98 -19.02 -57.12
C ILE SA 17 82.66 -19.39 -55.68
N GLY SA 18 81.50 -19.99 -55.47
CA GLY SA 18 81.08 -20.29 -54.12
C GLY SA 18 79.91 -21.25 -54.10
N ASN SA 19 79.26 -21.32 -52.93
CA ASN SA 19 78.05 -22.10 -52.78
C ASN SA 19 77.19 -21.49 -51.67
N VAL SA 20 75.87 -21.47 -51.87
CA VAL SA 20 74.99 -20.82 -50.91
C VAL SA 20 74.97 -21.59 -49.58
N LEU SA 21 75.30 -20.90 -48.49
CA LEU SA 21 75.39 -21.52 -47.17
C LEU SA 21 74.08 -21.40 -46.38
N ARG SA 22 73.63 -20.18 -46.12
CA ARG SA 22 72.38 -19.96 -45.41
C ARG SA 22 71.76 -18.66 -45.91
N THR SA 23 70.46 -18.54 -45.69
CA THR SA 23 69.71 -17.33 -45.99
C THR SA 23 69.23 -16.77 -44.64
N THR SA 24 69.96 -15.80 -44.12
CA THR SA 24 69.65 -15.24 -42.80
C THR SA 24 68.26 -14.62 -42.79
N GLY SA 25 68.02 -13.67 -43.69
CA GLY SA 25 66.74 -12.99 -43.78
C GLY SA 25 66.23 -12.96 -45.21
N PRO SA 26 65.10 -12.29 -45.42
CA PRO SA 26 64.52 -12.23 -46.77
C PRO SA 26 65.34 -11.40 -47.73
N ASP SA 27 66.10 -10.43 -47.21
CA ASP SA 27 66.99 -9.60 -48.03
C ASP SA 27 68.46 -9.96 -47.87
N THR SA 28 68.79 -10.93 -47.02
CA THR SA 28 70.17 -11.22 -46.65
C THR SA 28 70.46 -12.69 -46.93
N THR SA 29 71.45 -12.96 -47.78
CA THR SA 29 71.87 -14.33 -48.09
C THR SA 29 73.38 -14.44 -47.96
N VAL SA 30 73.84 -15.55 -47.39
CA VAL SA 30 75.26 -15.74 -47.07
C VAL SA 30 75.79 -16.94 -47.83
N TYR SA 31 76.91 -16.74 -48.53
CA TYR SA 31 77.53 -17.75 -49.36
C TYR SA 31 78.86 -18.16 -48.72
N SER SA 32 79.12 -19.46 -48.69
CA SER SA 32 80.41 -19.99 -48.27
C SER SA 32 81.30 -20.11 -49.51
N LEU SA 33 82.50 -19.57 -49.41
CA LEU SA 33 83.49 -19.54 -50.47
C LEU SA 33 84.53 -20.63 -50.25
N PRO SA 34 85.40 -20.90 -51.21
CA PRO SA 34 86.41 -21.94 -51.02
C PRO SA 34 87.33 -21.62 -49.85
N GLY SA 35 87.81 -22.67 -49.20
CA GLY SA 35 88.69 -22.49 -48.06
C GLY SA 35 87.99 -22.09 -46.78
N HIS SA 36 86.69 -22.34 -46.69
CA HIS SA 36 85.88 -21.97 -45.54
C HIS SA 36 85.85 -23.13 -44.56
N THR SA 37 86.79 -23.15 -43.62
CA THR SA 37 86.65 -24.04 -42.49
C THR SA 37 85.85 -23.35 -41.39
N PRO SA 38 85.21 -24.11 -40.50
CA PRO SA 38 84.49 -23.46 -39.40
C PRO SA 38 85.42 -22.67 -38.50
N VAL SA 39 86.66 -23.15 -38.33
CA VAL SA 39 87.63 -22.44 -37.50
C VAL SA 39 88.04 -21.13 -38.16
N ASN SA 40 88.29 -21.16 -39.48
CA ASN SA 40 88.77 -20.00 -40.23
C ASN SA 40 87.76 -19.67 -41.34
N PRO SA 41 86.60 -19.12 -40.99
CA PRO SA 41 85.54 -18.95 -41.99
C PRO SA 41 85.88 -17.90 -43.03
N PHE SA 42 85.33 -18.10 -44.23
CA PHE SA 42 85.51 -17.18 -45.35
C PHE SA 42 84.24 -17.17 -46.17
N THR SA 43 83.53 -16.04 -46.15
CA THR SA 43 82.15 -15.97 -46.63
C THR SA 43 81.84 -14.62 -47.28
N LEU SA 44 80.98 -14.68 -48.30
CA LEU SA 44 80.38 -13.50 -48.93
C LEU SA 44 78.95 -13.34 -48.44
N THR SA 45 78.68 -12.26 -47.73
CA THR SA 45 77.32 -11.91 -47.34
C THR SA 45 76.78 -10.87 -48.32
N ALA SA 46 75.54 -11.05 -48.75
CA ALA SA 46 74.90 -10.18 -49.72
C ALA SA 46 73.57 -9.69 -49.16
N VAL SA 47 73.43 -8.39 -49.03
CA VAL SA 47 72.24 -7.75 -48.48
C VAL SA 47 71.73 -6.76 -49.52
N SER SA 48 70.61 -7.10 -50.17
CA SER SA 48 70.01 -6.23 -51.18
C SER SA 48 68.66 -5.74 -50.64
N ARG SA 49 68.56 -4.45 -50.36
CA ARG SA 49 67.36 -3.86 -49.79
C ARG SA 49 66.63 -3.05 -50.86
N LEU SA 50 65.38 -3.43 -51.10
CA LEU SA 50 64.56 -2.81 -52.13
C LEU SA 50 64.22 -1.37 -51.77
N PRO SA 51 63.84 -0.56 -52.76
CA PRO SA 51 63.41 0.81 -52.46
C PRO SA 51 62.01 0.81 -51.88
N VAL SA 52 61.83 1.63 -50.85
CA VAL SA 52 60.52 1.86 -50.25
C VAL SA 52 60.06 3.26 -50.64
N PRO SA 53 59.01 3.40 -51.44
CA PRO SA 53 58.56 4.73 -51.83
C PRO SA 53 58.08 5.51 -50.62
N ARG SA 54 58.35 6.81 -50.65
CA ARG SA 54 57.91 7.73 -49.63
C ARG SA 54 57.05 8.79 -50.31
N LYS SA 55 56.14 9.39 -49.54
CA LYS SA 55 55.17 10.30 -50.15
C LYS SA 55 55.92 11.50 -50.73
N GLY SA 56 55.95 11.60 -52.06
CA GLY SA 56 56.71 12.63 -52.74
C GLY SA 56 58.15 12.27 -53.04
N ASN SA 57 58.61 11.09 -52.63
CA ASN SA 57 60.00 10.69 -52.80
C ASN SA 57 60.05 9.31 -53.42
N ALA SA 58 60.83 9.16 -54.49
CA ALA SA 58 61.07 7.84 -55.04
C ALA SA 58 61.98 7.05 -54.12
N GLY SA 59 61.90 5.72 -54.21
CA GLY SA 59 62.73 4.88 -53.40
C GLY SA 59 64.21 4.96 -53.78
N THR SA 60 65.04 4.31 -52.97
CA THR SA 60 66.46 4.12 -53.28
C THR SA 60 66.84 2.68 -52.95
N THR SA 61 67.45 2.00 -53.92
CA THR SA 61 67.89 0.63 -53.74
C THR SA 61 69.28 0.60 -53.09
N LYS SA 62 69.40 -0.13 -51.98
CA LYS SA 62 70.70 -0.30 -51.34
C LYS SA 62 71.18 -1.73 -51.59
N THR SA 63 72.49 -1.88 -51.76
CA THR SA 63 73.08 -3.17 -52.10
C THR SA 63 74.42 -3.26 -51.38
N THR SA 64 74.65 -4.33 -50.62
CA THR SA 64 75.87 -4.45 -49.84
C THR SA 64 76.42 -5.86 -50.02
N LEU SA 65 77.70 -5.95 -50.39
CA LEU SA 65 78.40 -7.21 -50.63
C LEU SA 65 79.67 -7.21 -49.78
N SER SA 66 79.76 -8.11 -48.80
CA SER SA 66 80.86 -8.15 -47.86
C SER SA 66 81.58 -9.48 -47.95
N LEU SA 67 82.89 -9.45 -48.20
CA LEU SA 67 83.72 -10.63 -48.05
C LEU SA 67 84.42 -10.54 -46.70
N ARG SA 68 84.36 -11.64 -45.93
CA ARG SA 68 84.98 -11.70 -44.61
C ARG SA 68 85.73 -13.02 -44.46
N ARG SA 69 87.03 -12.93 -44.16
CA ARG SA 69 87.87 -14.11 -44.04
C ARG SA 69 88.76 -13.97 -42.81
N GLU SA 70 88.69 -14.93 -41.88
CA GLU SA 70 89.40 -14.83 -40.60
C GLU SA 70 90.71 -15.61 -40.71
N VAL SA 71 91.80 -14.88 -40.90
CA VAL SA 71 93.10 -15.49 -41.13
C VAL SA 71 93.76 -15.81 -39.79
N THR SA 72 94.47 -16.94 -39.75
CA THR SA 72 95.42 -17.18 -38.68
C THR SA 72 96.67 -16.35 -38.94
N ILE SA 73 97.01 -15.49 -37.98
CA ILE SA 73 98.13 -14.58 -38.08
C ILE SA 73 99.28 -15.14 -37.25
N ASN SA 74 100.48 -15.10 -37.84
CA ASN SA 74 101.76 -15.50 -37.27
C ASN SA 74 101.64 -16.79 -36.44
N LYS SA 75 101.25 -17.85 -37.16
CA LYS SA 75 101.02 -19.15 -36.55
C LYS SA 75 102.26 -19.70 -35.87
N GLY SA 76 103.38 -19.75 -36.59
CA GLY SA 76 104.60 -20.30 -36.01
C GLY SA 76 105.02 -19.55 -34.76
N THR SA 77 104.84 -18.24 -34.77
CA THR SA 77 105.25 -17.39 -33.65
C THR SA 77 104.23 -17.47 -32.52
N ASP SA 78 104.63 -17.02 -31.34
CA ASP SA 78 103.70 -16.89 -30.23
C ASP SA 78 102.67 -15.80 -30.54
N GLN SA 79 101.57 -15.85 -29.81
CA GLN SA 79 100.42 -14.97 -30.05
C GLN SA 79 99.85 -15.15 -31.45
N GLU SA 80 99.87 -16.39 -31.96
CA GLU SA 80 99.06 -16.77 -33.10
C GLU SA 80 97.60 -16.40 -32.86
N LYS SA 81 96.99 -15.65 -33.78
CA LYS SA 81 95.62 -15.22 -33.53
C LYS SA 81 94.77 -15.30 -34.79
N ILE SA 82 93.52 -15.75 -34.65
CA ILE SA 82 92.57 -15.73 -35.76
C ILE SA 82 91.88 -14.38 -35.79
N VAL SA 83 92.08 -13.64 -36.88
CA VAL SA 83 91.63 -12.25 -36.96
C VAL SA 83 90.97 -12.02 -38.31
N PRO SA 84 89.82 -11.34 -38.37
CA PRO SA 84 89.10 -11.21 -39.64
C PRO SA 84 89.50 -10.02 -40.50
N MET SA 85 89.73 -10.25 -41.81
CA MET SA 85 89.84 -9.17 -42.77
C MET SA 85 88.53 -9.08 -43.55
N ILE SA 86 88.12 -7.85 -43.85
CA ILE SA 86 86.84 -7.61 -44.49
C ILE SA 86 87.01 -6.61 -45.63
N ALA SA 87 86.35 -6.90 -46.75
CA ALA SA 87 86.28 -5.97 -47.89
C ALA SA 87 84.83 -5.92 -48.39
N ARG SA 88 84.24 -4.72 -48.36
CA ARG SA 88 82.83 -4.48 -48.66
C ARG SA 88 82.67 -3.53 -49.83
N ILE SA 89 81.65 -3.82 -50.63
CA ILE SA 89 81.11 -2.90 -51.60
C ILE SA 89 79.73 -2.51 -51.09
N GLU SA 90 79.48 -1.22 -50.94
CA GLU SA 90 78.16 -0.73 -50.52
C GLU SA 90 77.68 0.30 -51.52
N THR SA 91 76.44 0.17 -51.99
CA THR SA 91 75.95 0.96 -53.11
C THR SA 91 74.51 1.40 -52.90
N SER SA 92 74.28 2.71 -52.93
CA SER SA 92 72.94 3.27 -52.84
C SER SA 92 72.60 3.95 -54.15
N VAL SA 93 71.67 3.37 -54.90
CA VAL SA 93 71.24 3.84 -56.21
C VAL SA 93 69.79 4.27 -56.11
N PRO SA 94 69.50 5.57 -56.20
CA PRO SA 94 68.09 5.99 -56.27
C PRO SA 94 67.42 5.49 -57.53
N VAL SA 95 66.08 5.51 -57.52
CA VAL SA 95 65.31 4.78 -58.53
C VAL SA 95 65.59 5.31 -59.94
N GLY SA 96 65.46 6.63 -60.13
CA GLY SA 96 65.56 7.23 -61.45
C GLY SA 96 66.91 7.10 -62.13
N VAL SA 97 67.94 6.61 -61.41
CA VAL SA 97 69.29 6.57 -61.94
C VAL SA 97 69.35 5.74 -63.23
N SER SA 98 70.19 6.17 -64.17
CA SER SA 98 70.37 5.46 -65.43
C SER SA 98 71.46 4.40 -65.32
N GLN SA 99 71.18 3.23 -65.90
CA GLN SA 99 72.12 2.12 -65.84
C GLN SA 99 73.46 2.50 -66.46
N ASP SA 100 73.43 3.34 -67.49
CA ASP SA 100 74.67 3.76 -68.14
C ASP SA 100 75.56 4.52 -67.17
N ASP SA 101 75.02 5.57 -66.56
CA ASP SA 101 75.79 6.39 -65.64
C ASP SA 101 76.31 5.55 -64.48
N PHE SA 102 75.45 4.69 -63.93
CA PHE SA 102 75.91 3.95 -62.75
C PHE SA 102 76.94 2.89 -63.10
N LYS SA 103 76.82 2.22 -64.25
CA LYS SA 103 77.87 1.31 -64.67
C LYS SA 103 79.19 2.05 -64.87
N ALA SA 104 79.12 3.30 -65.34
CA ALA SA 104 80.35 4.08 -65.46
C ALA SA 104 81.00 4.30 -64.10
N MET SA 105 80.22 4.73 -63.11
CA MET SA 105 80.78 4.87 -61.76
C MET SA 105 81.34 3.55 -61.24
N ILE SA 106 80.65 2.43 -61.50
CA ILE SA 106 81.11 1.14 -61.02
C ILE SA 106 82.46 0.79 -61.62
N GLU SA 107 82.57 0.92 -62.95
CA GLU SA 107 83.83 0.63 -63.63
C GLU SA 107 84.95 1.48 -63.07
N GLY SA 108 84.67 2.75 -62.79
CA GLY SA 108 85.68 3.59 -62.14
C GLY SA 108 86.05 3.07 -60.77
N LEU SA 109 85.05 2.70 -59.97
CA LEU SA 109 85.29 2.25 -58.60
C LEU SA 109 86.12 0.98 -58.56
N ALA SA 110 85.99 0.13 -59.58
CA ALA SA 110 86.73 -1.12 -59.58
C ALA SA 110 88.23 -0.91 -59.77
N CYS SA 111 88.64 0.28 -60.20
CA CYS SA 111 90.04 0.51 -60.55
C CYS SA 111 91.01 0.37 -59.38
N PRO SA 112 90.78 1.00 -58.22
CA PRO SA 112 91.75 0.85 -57.11
C PRO SA 112 91.86 -0.57 -56.61
N LEU SA 113 90.83 -1.39 -56.81
CA LEU SA 113 90.92 -2.77 -56.35
C LEU SA 113 91.97 -3.57 -57.11
N LEU SA 114 92.06 -3.35 -58.41
CA LEU SA 114 92.93 -4.16 -59.26
C LEU SA 114 94.27 -3.45 -59.44
N LEU SA 115 95.02 -3.36 -58.34
CA LEU SA 115 96.33 -2.72 -58.32
C LEU SA 115 97.41 -3.70 -57.90
N ASP SA 116 98.66 -3.29 -58.12
CA ASP SA 116 99.82 -4.11 -57.80
C ASP SA 116 100.06 -4.15 -56.29
N GLU SA 117 100.84 -5.16 -55.88
CA GLU SA 117 101.06 -5.39 -54.45
C GLU SA 117 101.66 -4.17 -53.78
N ILE SA 118 102.51 -3.43 -54.49
CA ILE SA 118 103.16 -2.27 -53.89
C ILE SA 118 102.12 -1.24 -53.46
N HIS SA 119 101.27 -0.81 -54.40
CA HIS SA 119 100.24 0.17 -54.07
C HIS SA 119 99.25 -0.38 -53.05
N VAL SA 120 98.89 -1.67 -53.17
CA VAL SA 120 97.88 -2.20 -52.28
C VAL SA 120 98.38 -2.27 -50.84
N ASN SA 121 99.64 -2.67 -50.64
CA ASN SA 121 100.21 -2.65 -49.30
C ASN SA 121 100.39 -1.22 -48.80
N ASP SA 122 100.78 -0.29 -49.69
CA ASP SA 122 100.95 1.09 -49.25
C ASP SA 122 99.63 1.71 -48.81
N LEU SA 123 98.51 1.36 -49.46
CA LEU SA 123 97.23 2.02 -49.17
C LEU SA 123 96.36 1.26 -48.18
N PHE SA 124 96.08 -0.02 -48.45
CA PHE SA 124 95.04 -0.73 -47.69
C PHE SA 124 95.56 -1.32 -46.38
N LEU SA 125 96.85 -1.65 -46.31
CA LEU SA 125 97.42 -2.21 -45.10
C LEU SA 125 98.19 -1.16 -44.29
N SER SA 126 99.17 -0.50 -44.92
CA SER SA 126 99.98 0.47 -44.20
C SER SA 126 99.18 1.70 -43.84
N GLY SA 127 98.28 2.13 -44.72
CA GLY SA 127 97.44 3.28 -44.47
C GLY SA 127 97.95 4.59 -45.03
N LEU SA 128 98.90 4.56 -45.95
CA LEU SA 128 99.44 5.78 -46.52
C LEU SA 128 98.36 6.52 -47.33
N PRO SA 129 98.59 7.79 -47.68
CA PRO SA 129 97.65 8.47 -48.58
C PRO SA 129 97.77 7.93 -50.00
N ILE SA 130 96.78 8.29 -50.82
CA ILE SA 130 96.74 7.81 -52.21
C ILE SA 130 97.93 8.38 -52.97
N ALA SA 131 98.59 7.52 -53.75
CA ALA SA 131 99.71 7.93 -54.59
C ALA SA 131 99.17 8.60 -55.85
N THR SA 132 99.35 9.92 -55.95
CA THR SA 132 98.86 10.68 -57.09
C THR SA 132 99.94 10.76 -58.16
N THR SA 133 99.54 10.65 -59.43
CA THR SA 133 100.50 10.68 -60.53
C THR SA 133 100.08 11.72 -61.56
N ASP SA 134 100.96 12.68 -61.82
CA ASP SA 134 100.65 13.70 -62.82
C ASP SA 134 100.42 13.06 -64.17
N VAL SA 135 99.26 13.35 -64.77
CA VAL SA 135 98.95 12.85 -66.11
C VAL SA 135 99.84 13.55 -67.13
N PRO SA 136 100.55 12.81 -67.98
CA PRO SA 136 101.36 13.48 -69.00
C PRO SA 136 100.48 14.28 -69.95
N ASP SA 137 100.69 15.60 -69.98
CA ASP SA 137 99.95 16.43 -70.91
C ASP SA 137 100.16 15.98 -72.34
N ASN SA 138 101.33 15.41 -72.65
CA ASN SA 138 101.60 14.92 -73.99
C ASN SA 138 100.74 13.72 -74.33
N GLU SA 139 100.54 12.82 -73.37
CA GLU SA 139 99.78 11.61 -73.61
C GLU SA 139 98.29 11.94 -73.74
N PRO SA 140 97.51 11.07 -74.37
CA PRO SA 140 96.08 11.37 -74.56
C PRO SA 140 95.35 11.40 -73.23
N LEU SA 141 94.28 12.17 -73.18
CA LEU SA 141 93.52 12.31 -71.94
C LEU SA 141 92.83 10.99 -71.60
N PRO SA 142 92.87 10.57 -70.34
CA PRO SA 142 92.27 9.30 -69.95
C PRO SA 142 90.75 9.35 -70.05
N PRO SA 143 90.08 8.19 -69.97
CA PRO SA 143 88.61 8.19 -70.13
C PRO SA 143 87.91 9.04 -69.08
N ALA SA 144 86.82 9.67 -69.51
CA ALA SA 144 86.14 10.68 -68.70
C ALA SA 144 85.41 10.10 -67.50
N LEU SA 145 85.16 8.79 -67.46
CA LEU SA 145 84.46 8.12 -66.37
C LEU SA 145 82.98 8.46 -66.33
N LEU SA 146 82.45 8.99 -67.43
CA LEU SA 146 81.05 9.46 -67.56
C LEU SA 146 80.52 10.11 -66.29
N SER TA 1 -64.54 7.27 -21.43
CA SER TA 1 -64.55 8.17 -22.57
C SER TA 1 -64.08 9.56 -22.20
N ILE TA 2 -64.78 10.57 -22.72
CA ILE TA 2 -64.49 11.97 -22.42
C ILE TA 2 -65.63 12.51 -21.57
N LYS TA 3 -65.29 13.22 -20.50
CA LYS TA 3 -66.26 13.65 -19.53
C LYS TA 3 -66.35 15.17 -19.45
N TYR TA 4 -67.58 15.67 -19.37
CA TYR TA 4 -67.83 17.00 -18.84
C TYR TA 4 -67.23 17.09 -17.45
N ILE TA 5 -66.31 18.04 -17.27
CA ILE TA 5 -65.88 18.49 -15.96
C ILE TA 5 -66.88 19.51 -15.41
N PHE TA 6 -67.23 20.49 -16.22
CA PHE TA 6 -68.22 21.50 -15.86
C PHE TA 6 -69.13 21.75 -17.06
N LYS TA 7 -70.39 21.36 -16.95
CA LYS TA 7 -71.37 21.63 -18.00
C LYS TA 7 -71.78 23.10 -17.94
N LYS TA 8 -71.76 23.77 -19.09
CA LYS TA 8 -72.14 25.17 -19.16
C LYS TA 8 -73.62 25.36 -18.88
N THR TA 9 -73.93 26.40 -18.09
CA THR TA 9 -75.31 26.74 -17.77
C THR TA 9 -75.65 28.10 -18.37
N ASP TA 10 -76.91 28.26 -18.77
CA ASP TA 10 -77.39 29.54 -19.29
C ASP TA 10 -77.71 30.47 -18.12
N THR TA 11 -76.67 30.80 -17.36
CA THR TA 11 -76.76 31.68 -16.20
C THR TA 11 -75.80 32.83 -16.44
N LEU TA 12 -76.33 33.99 -16.83
CA LEU TA 12 -75.49 35.14 -17.12
C LEU TA 12 -74.79 35.63 -15.87
N PRO TA 13 -73.56 36.13 -15.98
CA PRO TA 13 -72.89 36.69 -14.81
C PRO TA 13 -73.46 38.04 -14.45
N ARG TA 14 -73.58 38.29 -13.15
CA ARG TA 14 -73.97 39.61 -12.67
C ARG TA 14 -72.88 40.60 -13.02
N SER TA 15 -73.26 41.71 -13.65
CA SER TA 15 -72.33 42.82 -13.79
C SER TA 15 -71.85 43.28 -12.42
N VAL TA 16 -70.65 43.85 -12.37
CA VAL TA 16 -70.01 44.22 -11.12
C VAL TA 16 -70.02 45.74 -11.01
N ILE TA 17 -70.68 46.24 -9.97
CA ILE TA 17 -70.88 47.66 -9.80
C ILE TA 17 -70.26 48.06 -8.46
N GLY TA 18 -69.63 49.23 -8.43
CA GLY TA 18 -68.97 49.63 -7.21
C GLY TA 18 -68.55 51.08 -7.22
N ASN TA 19 -67.68 51.42 -6.28
CA ASN TA 19 -67.06 52.73 -6.24
C ASN TA 19 -65.67 52.60 -5.63
N VAL TA 20 -64.69 53.27 -6.25
CA VAL TA 20 -63.32 53.17 -5.78
C VAL TA 20 -63.22 53.68 -4.34
N LEU TA 21 -62.60 52.89 -3.48
CA LEU TA 21 -62.45 53.21 -2.07
C LEU TA 21 -61.09 53.79 -1.72
N ARG TA 22 -60.03 53.02 -1.93
CA ARG TA 22 -58.69 53.49 -1.62
C ARG TA 22 -57.71 52.84 -2.57
N THR TA 23 -56.61 53.53 -2.80
CA THR TA 23 -55.52 53.03 -3.64
C THR TA 23 -54.34 52.76 -2.71
N THR TA 24 -54.23 51.50 -2.28
CA THR TA 24 -53.19 51.12 -1.33
C THR TA 24 -51.80 51.40 -1.88
N GLY TA 25 -51.50 50.87 -3.06
CA GLY TA 25 -50.22 51.06 -3.69
C GLY TA 25 -50.38 51.46 -5.14
N PRO TA 26 -49.25 51.62 -5.84
CA PRO TA 26 -49.31 51.99 -7.26
C PRO TA 26 -49.94 50.90 -8.12
N ASP TA 27 -49.72 49.63 -7.77
CA ASP TA 27 -50.28 48.51 -8.50
C ASP TA 27 -51.55 47.95 -7.85
N THR TA 28 -51.94 48.45 -6.68
CA THR TA 28 -53.02 47.86 -5.89
C THR TA 28 -54.09 48.92 -5.63
N THR TA 29 -55.32 48.63 -6.05
CA THR TA 29 -56.45 49.53 -5.79
C THR TA 29 -57.62 48.73 -5.23
N VAL TA 30 -58.33 49.32 -4.27
CA VAL TA 30 -59.38 48.63 -3.53
C VAL TA 30 -60.70 49.36 -3.70
N TYR TA 31 -61.70 48.64 -4.19
CA TYR TA 31 -63.02 49.18 -4.48
C TYR TA 31 -63.99 48.70 -3.41
N SER TA 32 -64.87 49.61 -2.98
CA SER TA 32 -65.97 49.27 -2.09
C SER TA 32 -67.22 48.98 -2.93
N LEU TA 33 -67.84 47.85 -2.66
CA LEU TA 33 -68.99 47.33 -3.37
C LEU TA 33 -70.26 47.64 -2.61
N PRO TA 34 -71.44 47.40 -3.21
CA PRO TA 34 -72.68 47.68 -2.49
C PRO TA 34 -72.83 46.78 -1.28
N GLY TA 35 -73.47 47.31 -0.24
CA GLY TA 35 -73.63 46.58 1.00
C GLY TA 35 -72.42 46.57 1.90
N HIS TA 36 -71.41 47.35 1.57
CA HIS TA 36 -70.22 47.51 2.41
C HIS TA 36 -70.55 48.40 3.59
N THR TA 37 -70.88 47.78 4.71
CA THR TA 37 -70.94 48.53 5.95
C THR TA 37 -69.58 48.51 6.62
N PRO TA 38 -69.32 49.43 7.57
CA PRO TA 38 -68.10 49.29 8.36
C PRO TA 38 -68.07 48.00 9.16
N VAL TA 39 -69.23 47.58 9.65
CA VAL TA 39 -69.31 46.35 10.42
C VAL TA 39 -69.06 45.13 9.54
N ASN TA 40 -69.66 45.11 8.35
CA ASN TA 40 -69.61 43.96 7.45
C ASN TA 40 -68.99 44.43 6.13
N PRO TA 41 -67.66 44.56 6.08
CA PRO TA 41 -67.03 45.10 4.87
C PRO TA 41 -67.20 44.17 3.68
N PHE TA 42 -67.20 44.77 2.49
CA PHE TA 42 -67.41 44.03 1.25
C PHE TA 42 -66.65 44.75 0.14
N THR TA 43 -65.58 44.14 -0.34
CA THR TA 43 -64.62 44.87 -1.18
C THR TA 43 -64.03 43.98 -2.27
N LEU TA 44 -63.76 44.62 -3.41
CA LEU TA 44 -62.97 44.03 -4.48
C LEU TA 44 -61.58 44.66 -4.45
N THR TA 45 -60.56 43.85 -4.26
CA THR TA 45 -59.18 44.31 -4.34
C THR TA 45 -58.57 43.84 -5.66
N ALA TA 46 -57.89 44.76 -6.34
CA ALA TA 46 -57.30 44.48 -7.66
C ALA TA 46 -55.82 44.80 -7.59
N VAL TA 47 -54.99 43.82 -7.93
CA VAL TA 47 -53.54 43.94 -7.90
C VAL TA 47 -53.01 43.52 -9.26
N SER TA 48 -52.57 44.47 -10.07
CA SER TA 48 -52.09 44.21 -11.41
C SER TA 48 -50.59 44.54 -11.45
N ARG TA 49 -49.76 43.50 -11.58
CA ARG TA 49 -48.32 43.65 -11.55
C ARG TA 49 -47.76 43.51 -12.97
N LEU TA 50 -47.09 44.56 -13.43
CA LEU TA 50 -46.57 44.64 -14.78
C LEU TA 50 -45.42 43.67 -14.97
N PRO TA 51 -45.11 43.31 -16.21
CA PRO TA 51 -43.99 42.38 -16.45
C PRO TA 51 -42.67 43.12 -16.34
N VAL TA 52 -41.73 42.51 -15.64
CA VAL TA 52 -40.36 43.00 -15.55
C VAL TA 52 -39.49 42.13 -16.45
N PRO TA 53 -38.89 42.69 -17.50
CA PRO TA 53 -38.06 41.87 -18.38
C PRO TA 53 -36.77 41.48 -17.70
N ARG TA 54 -36.37 40.24 -17.94
CA ARG TA 54 -35.14 39.68 -17.41
C ARG TA 54 -34.21 39.42 -18.57
N LYS TA 55 -32.92 39.29 -18.28
CA LYS TA 55 -31.94 39.14 -19.36
C LYS TA 55 -32.13 37.78 -20.02
N GLY TA 56 -32.64 37.79 -21.25
CA GLY TA 56 -32.98 36.56 -21.95
C GLY TA 56 -34.36 36.03 -21.67
N ASN TA 57 -35.13 36.68 -20.81
CA ASN TA 57 -36.48 36.24 -20.46
C ASN TA 57 -37.45 37.40 -20.61
N ALA TA 58 -38.51 37.20 -21.37
CA ALA TA 58 -39.57 38.19 -21.39
C ALA TA 58 -40.26 38.26 -20.02
N GLY TA 59 -40.94 39.37 -19.79
CA GLY TA 59 -41.70 39.50 -18.56
C GLY TA 59 -42.95 38.64 -18.57
N THR TA 60 -43.60 38.57 -17.41
CA THR TA 60 -44.91 37.94 -17.26
C THR TA 60 -45.81 38.87 -16.43
N THR TA 61 -47.01 39.14 -16.94
CA THR TA 61 -47.97 39.99 -16.26
C THR TA 61 -48.80 39.18 -15.29
N LYS TA 62 -48.87 39.62 -14.04
CA LYS TA 62 -49.72 38.97 -13.05
C LYS TA 62 -50.89 39.88 -12.72
N THR TA 63 -52.05 39.28 -12.48
CA THR TA 63 -53.29 40.04 -12.24
C THR TA 63 -54.10 39.29 -11.20
N THR TA 64 -54.57 39.98 -10.18
CA THR TA 64 -55.26 39.32 -9.07
C THR TA 64 -56.47 40.13 -8.65
N LEU TA 65 -57.65 39.51 -8.68
CA LEU TA 65 -58.91 40.15 -8.35
C LEU TA 65 -59.56 39.34 -7.22
N SER TA 66 -59.76 39.97 -6.05
CA SER TA 66 -60.30 39.28 -4.88
C SER TA 66 -61.57 39.96 -4.39
N LEU TA 67 -62.65 39.20 -4.30
CA LEU TA 67 -63.87 39.66 -3.65
C LEU TA 67 -63.89 39.11 -2.23
N ARG TA 68 -63.94 40.00 -1.24
CA ARG TA 68 -63.96 39.62 0.17
C ARG TA 68 -65.18 40.22 0.84
N ARG TA 69 -66.05 39.36 1.38
CA ARG TA 69 -67.21 39.80 2.15
C ARG TA 69 -67.20 39.14 3.52
N GLU TA 70 -67.24 39.96 4.57
CA GLU TA 70 -67.30 39.45 5.94
C GLU TA 70 -68.76 39.41 6.37
N VAL TA 71 -69.30 38.19 6.42
CA VAL TA 71 -70.73 37.98 6.66
C VAL TA 71 -70.94 37.59 8.11
N THR TA 72 -72.06 38.04 8.69
CA THR TA 72 -72.46 37.59 10.01
C THR TA 72 -73.03 36.17 9.90
N ILE TA 73 -72.49 35.26 10.70
CA ILE TA 73 -72.90 33.86 10.72
C ILE TA 73 -73.76 33.63 11.95
N ASN TA 74 -74.85 32.88 11.75
CA ASN TA 74 -75.85 32.47 12.74
C ASN TA 74 -76.17 33.60 13.73
N LYS TA 75 -76.72 34.67 13.15
CA LYS TA 75 -77.10 35.85 13.92
C LYS TA 75 -78.09 35.51 15.03
N GLY TA 76 -79.17 34.81 14.68
CA GLY TA 76 -80.17 34.49 15.67
C GLY TA 76 -79.63 33.64 16.80
N THR TA 77 -78.78 32.68 16.47
CA THR TA 77 -78.21 31.78 17.46
C THR TA 77 -77.15 32.53 18.27
N ASP TA 78 -76.83 31.97 19.43
CA ASP TA 78 -75.72 32.46 20.23
C ASP TA 78 -74.41 32.22 19.49
N GLN TA 79 -73.40 33.01 19.85
CA GLN TA 79 -72.07 32.95 19.24
C GLN TA 79 -72.10 33.35 17.78
N GLU TA 80 -72.89 34.37 17.45
CA GLU TA 80 -72.88 34.89 16.08
C GLU TA 80 -71.52 35.50 15.80
N LYS TA 81 -71.00 35.29 14.60
CA LYS TA 81 -69.63 35.77 14.34
C LYS TA 81 -69.49 36.29 12.92
N ILE TA 82 -68.76 37.39 12.77
CA ILE TA 82 -68.48 37.94 11.45
C ILE TA 82 -67.25 37.22 10.89
N VAL TA 83 -67.46 36.48 9.81
CA VAL TA 83 -66.40 35.63 9.26
C VAL TA 83 -66.27 35.96 7.77
N PRO TA 84 -65.06 36.03 7.23
CA PRO TA 84 -64.91 36.40 5.81
C PRO TA 84 -65.01 35.24 4.83
N MET TA 85 -65.75 35.43 3.74
CA MET TA 85 -65.69 34.54 2.58
C MET TA 85 -65.00 35.29 1.45
N ILE TA 86 -64.17 34.57 0.71
CA ILE TA 86 -63.32 35.16 -0.32
C ILE TA 86 -63.45 34.35 -1.60
N ALA TA 87 -63.49 35.05 -2.73
CA ALA TA 87 -63.38 34.43 -4.05
C ALA TA 87 -62.40 35.24 -4.90
N ARG TA 88 -61.32 34.59 -5.34
CA ARG TA 88 -60.21 35.20 -6.08
C ARG TA 88 -60.07 34.62 -7.47
N ILE TA 89 -59.77 35.50 -8.42
CA ILE TA 89 -59.23 35.15 -9.71
C ILE TA 89 -57.78 35.58 -9.69
N GLU TA 90 -56.87 34.68 -10.03
CA GLU TA 90 -55.45 35.01 -10.13
C GLU TA 90 -54.95 34.51 -11.48
N THR TA 91 -54.22 35.36 -12.20
CA THR TA 91 -53.85 35.05 -13.58
C THR TA 91 -52.44 35.54 -13.89
N SER TA 92 -51.58 34.62 -14.32
CA SER TA 92 -50.23 34.95 -14.78
C SER TA 92 -50.12 34.65 -16.27
N VAL TA 93 -49.87 35.69 -17.07
CA VAL TA 93 -49.79 35.58 -18.52
C VAL TA 93 -48.40 36.03 -18.95
N PRO TA 94 -47.58 35.18 -19.54
CA PRO TA 94 -46.33 35.64 -20.14
C PRO TA 94 -46.59 36.51 -21.36
N VAL TA 95 -45.55 37.27 -21.76
CA VAL TA 95 -45.74 38.30 -22.77
C VAL TA 95 -46.12 37.70 -24.12
N GLY TA 96 -45.40 36.64 -24.54
CA GLY TA 96 -45.60 36.04 -25.85
C GLY TA 96 -46.99 35.48 -26.13
N VAL TA 97 -47.87 35.48 -25.13
CA VAL TA 97 -49.17 34.81 -25.26
C VAL TA 97 -50.07 35.56 -26.24
N SER TA 98 -50.87 34.80 -27.00
CA SER TA 98 -51.88 35.36 -27.87
C SER TA 98 -53.19 35.59 -27.11
N GLN TA 99 -53.78 36.76 -27.33
CA GLN TA 99 -55.04 37.11 -26.69
C GLN TA 99 -56.13 36.08 -26.99
N ASP TA 100 -56.05 35.46 -28.18
CA ASP TA 100 -57.01 34.41 -28.53
C ASP TA 100 -56.88 33.22 -27.59
N ASP TA 101 -55.68 32.67 -27.47
CA ASP TA 101 -55.43 31.54 -26.58
C ASP TA 101 -55.88 31.86 -25.16
N PHE TA 102 -55.52 33.05 -24.69
CA PHE TA 102 -55.80 33.34 -23.29
C PHE TA 102 -57.27 33.60 -23.04
N LYS TA 103 -57.97 34.27 -23.96
CA LYS TA 103 -59.41 34.42 -23.76
C LYS TA 103 -60.11 33.08 -23.82
N ALA TA 104 -59.57 32.12 -24.58
CA ALA TA 104 -60.09 30.75 -24.53
C ALA TA 104 -59.97 30.17 -23.13
N MET TA 105 -58.77 30.24 -22.55
CA MET TA 105 -58.64 29.76 -21.17
C MET TA 105 -59.60 30.47 -20.21
N ILE TA 106 -59.78 31.78 -20.39
CA ILE TA 106 -60.64 32.53 -19.48
C ILE TA 106 -62.07 32.05 -19.59
N GLU TA 107 -62.58 31.94 -20.83
CA GLU TA 107 -63.94 31.47 -21.05
C GLU TA 107 -64.15 30.10 -20.44
N GLY TA 108 -63.15 29.22 -20.56
CA GLY TA 108 -63.24 27.95 -19.86
C GLY TA 108 -63.33 28.11 -18.35
N LEU TA 109 -62.43 28.92 -17.79
CA LEU TA 109 -62.35 29.11 -16.35
C LEU TA 109 -63.64 29.68 -15.77
N ALA TA 110 -64.38 30.46 -16.57
CA ALA TA 110 -65.59 31.09 -16.06
C ALA TA 110 -66.70 30.05 -15.84
N CYS TA 111 -66.65 28.93 -16.55
CA CYS TA 111 -67.75 27.97 -16.54
C CYS TA 111 -68.13 27.45 -15.16
N PRO TA 112 -67.20 26.99 -14.31
CA PRO TA 112 -67.62 26.47 -12.99
C PRO TA 112 -68.25 27.52 -12.09
N LEU TA 113 -67.92 28.80 -12.30
CA LEU TA 113 -68.52 29.84 -11.47
C LEU TA 113 -70.03 29.93 -11.70
N LEU TA 114 -70.45 29.77 -12.95
CA LEU TA 114 -71.86 29.98 -13.30
C LEU TA 114 -72.61 28.65 -13.32
N LEU TA 115 -72.81 28.11 -12.12
CA LEU TA 115 -73.49 26.83 -11.95
C LEU TA 115 -74.66 26.97 -10.98
N ASP TA 116 -75.52 25.95 -10.97
CA ASP TA 116 -76.70 25.96 -10.13
C ASP TA 116 -76.34 25.75 -8.66
N GLU TA 117 -77.30 26.08 -7.78
CA GLU TA 117 -77.06 26.04 -6.35
C GLU TA 117 -76.65 24.65 -5.88
N ILE TA 118 -77.19 23.61 -6.51
CA ILE TA 118 -76.88 22.24 -6.08
C ILE TA 118 -75.39 21.97 -6.24
N HIS TA 119 -74.87 22.17 -7.46
CA HIS TA 119 -73.45 21.93 -7.70
C HIS TA 119 -72.59 22.88 -6.89
N VAL TA 120 -73.00 24.15 -6.77
CA VAL TA 120 -72.17 25.12 -6.06
C VAL TA 120 -72.03 24.72 -4.59
N ASN TA 121 -73.14 24.33 -3.95
CA ASN TA 121 -73.07 23.89 -2.57
C ASN TA 121 -72.31 22.58 -2.43
N ASP TA 122 -72.44 21.69 -3.41
CA ASP TA 122 -71.71 20.42 -3.32
C ASP TA 122 -70.21 20.61 -3.43
N LEU TA 123 -69.76 21.55 -4.28
CA LEU TA 123 -68.33 21.72 -4.53
C LEU TA 123 -67.67 22.74 -3.62
N PHE TA 124 -68.17 23.98 -3.61
CA PHE TA 124 -67.45 25.09 -2.97
C PHE TA 124 -67.67 25.15 -1.46
N LEU TA 125 -68.78 24.60 -0.97
CA LEU TA 125 -69.12 24.64 0.45
C LEU TA 125 -68.99 23.29 1.14
N SER TA 126 -69.61 22.25 0.58
CA SER TA 126 -69.51 20.92 1.20
C SER TA 126 -68.13 20.31 0.96
N GLY TA 127 -67.54 20.58 -0.18
CA GLY TA 127 -66.21 20.08 -0.49
C GLY TA 127 -66.18 18.79 -1.26
N LEU TA 128 -67.30 18.40 -1.88
CA LEU TA 128 -67.38 17.16 -2.62
C LEU TA 128 -66.47 17.21 -3.85
N PRO TA 129 -66.14 16.06 -4.43
CA PRO TA 129 -65.34 16.06 -5.66
C PRO TA 129 -66.19 16.56 -6.82
N ILE TA 130 -65.50 16.96 -7.90
CA ILE TA 130 -66.21 17.48 -9.06
C ILE TA 130 -67.11 16.41 -9.65
N ALA TA 131 -68.36 16.80 -9.95
CA ALA TA 131 -69.34 15.89 -10.55
C ALA TA 131 -69.05 15.76 -12.04
N THR TA 132 -68.49 14.62 -12.45
CA THR TA 132 -68.17 14.37 -13.86
C THR TA 132 -69.39 13.77 -14.56
N THR TA 133 -69.62 14.19 -15.80
CA THR TA 133 -70.78 13.72 -16.56
C THR TA 133 -70.31 13.18 -17.89
N ASP TA 134 -70.60 11.91 -18.17
CA ASP TA 134 -70.22 11.35 -19.46
C ASP TA 134 -70.87 12.11 -20.60
N VAL TA 135 -70.04 12.55 -21.55
CA VAL TA 135 -70.56 13.26 -22.72
C VAL TA 135 -71.30 12.27 -23.61
N PRO TA 136 -72.54 12.53 -24.00
CA PRO TA 136 -73.22 11.60 -24.90
C PRO TA 136 -72.51 11.54 -26.24
N ASP TA 137 -71.99 10.36 -26.58
CA ASP TA 137 -71.39 10.17 -27.90
C ASP TA 137 -72.40 10.51 -29.00
N ASN TA 138 -73.69 10.37 -28.69
CA ASN TA 138 -74.73 10.67 -29.67
C ASN TA 138 -74.77 12.16 -29.97
N GLU TA 139 -74.56 12.98 -28.95
CA GLU TA 139 -74.70 14.44 -29.00
C GLU TA 139 -73.45 15.08 -29.61
N PRO TA 140 -73.53 16.36 -29.98
CA PRO TA 140 -72.38 17.00 -30.64
C PRO TA 140 -71.22 17.15 -29.66
N LEU TA 141 -70.00 17.14 -30.21
CA LEU TA 141 -68.84 17.34 -29.37
C LEU TA 141 -68.82 18.76 -28.84
N PRO TA 142 -68.59 18.95 -27.55
CA PRO TA 142 -68.62 20.30 -26.96
C PRO TA 142 -67.47 21.16 -27.49
N PRO TA 143 -67.48 22.47 -27.21
CA PRO TA 143 -66.44 23.35 -27.78
C PRO TA 143 -65.06 22.96 -27.31
N ALA TA 144 -64.08 23.09 -28.20
CA ALA TA 144 -62.75 22.55 -27.94
C ALA TA 144 -62.02 23.26 -26.81
N LEU TA 145 -62.41 24.50 -26.47
CA LEU TA 145 -61.74 25.30 -25.45
C LEU TA 145 -60.39 25.83 -25.92
N LEU TA 146 -60.23 25.97 -27.24
CA LEU TA 146 -58.97 26.36 -27.91
C LEU TA 146 -57.73 25.99 -27.12
N SER UA 1 -81.85 80.95 32.83
CA SER UA 1 -82.70 79.96 32.18
C SER UA 1 -81.91 79.16 31.16
N ILE UA 2 -82.52 78.97 29.99
CA ILE UA 2 -81.88 78.29 28.86
C ILE UA 2 -81.62 79.32 27.78
N LYS UA 3 -80.44 79.28 27.18
CA LYS UA 3 -79.99 80.35 26.31
C LYS UA 3 -79.63 79.82 24.92
N TYR UA 4 -80.09 80.56 23.90
CA TYR UA 4 -79.51 80.45 22.57
C TYR UA 4 -78.02 80.70 22.64
N ILE UA 5 -77.25 79.71 22.19
CA ILE UA 5 -75.85 79.88 21.89
C ILE UA 5 -75.67 80.43 20.49
N PHE UA 6 -76.37 79.83 19.53
CA PHE UA 6 -76.37 80.29 18.14
C PHE UA 6 -77.79 80.19 17.62
N LYS UA 7 -78.39 81.34 17.31
CA LYS UA 7 -79.73 81.37 16.73
C LYS UA 7 -79.63 81.03 15.25
N LYS UA 8 -80.47 80.10 14.80
CA LYS UA 8 -80.48 79.70 13.41
C LYS UA 8 -80.94 80.84 12.50
N THR UA 9 -80.23 81.02 11.40
CA THR UA 9 -80.58 82.03 10.41
C THR UA 9 -80.99 81.36 9.11
N ASP UA 10 -81.92 81.99 8.40
CA ASP UA 10 -82.42 81.45 7.14
C ASP UA 10 -81.48 81.84 6.00
N THR UA 11 -80.24 81.38 6.14
CA THR UA 11 -79.17 81.63 5.17
C THR UA 11 -78.70 80.27 4.67
N LEU UA 12 -79.07 79.95 3.42
CA LEU UA 12 -78.71 78.65 2.87
C LEU UA 12 -77.22 78.56 2.61
N PRO UA 13 -76.62 77.37 2.78
CA PRO UA 13 -75.18 77.25 2.53
C PRO UA 13 -74.88 77.25 1.04
N ARG UA 14 -73.78 77.90 0.67
CA ARG UA 14 -73.31 77.88 -0.70
C ARG UA 14 -72.88 76.47 -1.08
N SER UA 15 -73.38 75.97 -2.20
CA SER UA 15 -72.88 74.71 -2.72
C SER UA 15 -71.39 74.83 -3.02
N VAL UA 16 -70.68 73.70 -2.94
CA VAL UA 16 -69.23 73.68 -3.08
C VAL UA 16 -68.85 73.04 -4.40
N ILE UA 17 -68.30 73.84 -5.30
CA ILE UA 17 -67.95 73.39 -6.64
C ILE UA 17 -66.44 73.47 -6.78
N GLY UA 18 -65.85 72.48 -7.44
CA GLY UA 18 -64.42 72.46 -7.57
C GLY UA 18 -63.97 71.48 -8.63
N ASN UA 19 -62.65 71.23 -8.64
CA ASN UA 19 -62.11 70.21 -9.51
C ASN UA 19 -60.91 69.57 -8.82
N VAL UA 20 -60.78 68.25 -8.94
CA VAL UA 20 -59.72 67.54 -8.22
C VAL UA 20 -58.36 67.98 -8.73
N LEU UA 21 -57.51 68.42 -7.80
CA LEU UA 21 -56.17 68.90 -8.15
C LEU UA 21 -55.10 67.83 -8.04
N ARG UA 22 -54.84 67.34 -6.83
CA ARG UA 22 -53.82 66.31 -6.65
C ARG UA 22 -54.17 65.45 -5.46
N THR UA 23 -53.82 64.18 -5.57
CA THR UA 23 -54.02 63.19 -4.52
C THR UA 23 -52.68 63.01 -3.83
N THR UA 24 -52.53 63.66 -2.68
CA THR UA 24 -51.28 63.63 -1.94
C THR UA 24 -50.99 62.22 -1.44
N GLY UA 25 -51.87 61.66 -0.63
CA GLY UA 25 -51.72 60.32 -0.12
C GLY UA 25 -52.92 59.46 -0.44
N PRO UA 26 -52.91 58.21 0.00
CA PRO UA 26 -54.08 57.35 -0.24
C PRO UA 26 -55.31 57.84 0.50
N ASP UA 27 -55.12 58.39 1.69
CA ASP UA 27 -56.20 58.95 2.50
C ASP UA 27 -56.35 60.46 2.33
N THR UA 28 -55.56 61.10 1.47
CA THR UA 28 -55.53 62.56 1.38
C THR UA 28 -55.70 62.98 -0.07
N THR UA 29 -56.74 63.76 -0.37
CA THR UA 29 -56.96 64.30 -1.70
C THR UA 29 -57.18 65.80 -1.59
N VAL UA 30 -56.70 66.54 -2.58
CA VAL UA 30 -56.74 68.00 -2.55
C VAL UA 30 -57.41 68.52 -3.80
N TYR UA 31 -58.43 69.36 -3.61
CA TYR UA 31 -59.25 69.91 -4.67
C TYR UA 31 -58.94 71.38 -4.84
N SER UA 32 -58.85 71.83 -6.10
CA SER UA 32 -58.70 73.23 -6.42
C SER UA 32 -60.09 73.81 -6.68
N LEU UA 33 -60.38 74.91 -5.99
CA LEU UA 33 -61.66 75.60 -6.04
C LEU UA 33 -61.58 76.78 -7.00
N PRO UA 34 -62.70 77.42 -7.30
CA PRO UA 34 -62.66 78.58 -8.18
C PRO UA 34 -61.85 79.72 -7.55
N GLY UA 35 -61.25 80.53 -8.41
CA GLY UA 35 -60.40 81.60 -7.95
C GLY UA 35 -59.04 81.18 -7.47
N HIS UA 36 -58.69 79.92 -7.67
CA HIS UA 36 -57.36 79.41 -7.33
C HIS UA 36 -56.38 79.84 -8.40
N THR UA 37 -55.78 81.00 -8.20
CA THR UA 37 -54.64 81.38 -9.00
C THR UA 37 -53.39 80.76 -8.39
N PRO UA 38 -52.30 80.63 -9.17
CA PRO UA 38 -51.02 80.26 -8.57
C PRO UA 38 -50.55 81.30 -7.58
N VAL UA 39 -50.92 82.58 -7.79
CA VAL UA 39 -50.53 83.64 -6.86
C VAL UA 39 -51.30 83.51 -5.56
N ASN UA 40 -52.63 83.28 -5.65
CA ASN UA 40 -53.52 83.29 -4.49
C ASN UA 40 -54.26 81.96 -4.45
N PRO UA 41 -53.61 80.89 -3.99
CA PRO UA 41 -54.23 79.57 -4.05
C PRO UA 41 -55.47 79.45 -3.17
N PHE UA 42 -56.43 78.66 -3.66
CA PHE UA 42 -57.68 78.35 -2.96
C PHE UA 42 -57.82 76.84 -3.03
N THR UA 43 -57.76 76.14 -1.90
CA THR UA 43 -57.89 74.68 -1.98
C THR UA 43 -58.67 74.10 -0.81
N LEU UA 44 -59.45 73.06 -1.13
CA LEU UA 44 -60.06 72.19 -0.14
C LEU UA 44 -59.26 70.90 -0.04
N THR UA 45 -58.73 70.61 1.14
CA THR UA 45 -58.02 69.37 1.39
C THR UA 45 -58.90 68.45 2.23
N ALA UA 46 -59.01 67.19 1.83
CA ALA UA 46 -59.86 66.21 2.48
C ALA UA 46 -59.01 65.02 2.89
N VAL UA 47 -59.06 64.68 4.16
CA VAL UA 47 -58.28 63.58 4.72
C VAL UA 47 -59.25 62.69 5.50
N SER UA 48 -59.55 61.52 4.95
CA SER UA 48 -60.53 60.60 5.54
C SER UA 48 -59.77 59.34 5.94
N ARG UA 49 -59.54 59.18 7.25
CA ARG UA 49 -58.79 58.06 7.79
C ARG UA 49 -59.75 56.98 8.26
N LEU UA 50 -59.64 55.82 7.64
CA LEU UA 50 -60.56 54.71 7.83
C LEU UA 50 -60.32 54.06 9.19
N PRO UA 51 -61.32 53.35 9.71
CA PRO UA 51 -61.19 52.80 11.06
C PRO UA 51 -60.51 51.45 11.05
N VAL UA 52 -59.49 51.27 11.88
CA VAL UA 52 -58.81 49.99 12.03
C VAL UA 52 -59.37 49.29 13.27
N PRO UA 53 -60.01 48.14 13.13
CA PRO UA 53 -60.60 47.47 14.30
C PRO UA 53 -59.54 46.64 15.01
N ARG UA 54 -59.25 46.98 16.27
CA ARG UA 54 -58.45 46.14 17.14
C ARG UA 54 -59.33 45.09 17.78
N LYS UA 55 -58.73 44.00 18.23
CA LYS UA 55 -59.51 42.90 18.77
C LYS UA 55 -60.32 43.38 19.97
N GLY UA 56 -61.64 43.22 19.90
CA GLY UA 56 -62.51 43.71 20.94
C GLY UA 56 -62.89 45.17 20.85
N ASN UA 57 -62.47 45.87 19.79
CA ASN UA 57 -62.78 47.28 19.62
C ASN UA 57 -63.19 47.53 18.17
N ALA UA 58 -64.32 48.18 17.99
CA ALA UA 58 -64.65 48.70 16.68
C ALA UA 58 -63.76 49.89 16.35
N GLY UA 59 -63.57 50.14 15.07
CA GLY UA 59 -62.75 51.26 14.67
C GLY UA 59 -63.37 52.60 15.06
N THR UA 60 -62.63 53.67 14.76
CA THR UA 60 -63.14 55.04 14.85
C THR UA 60 -62.70 55.79 13.61
N THR UA 61 -63.65 56.27 12.81
CA THR UA 61 -63.38 56.95 11.55
C THR UA 61 -63.10 58.43 11.79
N LYS UA 62 -61.99 58.92 11.25
CA LYS UA 62 -61.67 60.34 11.34
C LYS UA 62 -61.82 60.99 9.96
N THR UA 63 -62.33 62.21 9.93
CA THR UA 63 -62.61 62.90 8.68
C THR UA 63 -62.25 64.37 8.86
N THR UA 64 -61.45 64.92 7.95
CA THR UA 64 -60.97 66.30 8.09
C THR UA 64 -61.10 67.02 6.75
N LEU UA 65 -61.78 68.16 6.76
CA LEU UA 65 -62.05 68.96 5.58
C LEU UA 65 -61.56 70.38 5.84
N SER UA 66 -60.57 70.84 5.09
CA SER UA 66 -59.95 72.14 5.33
C SER UA 66 -60.05 73.00 4.07
N LEU UA 67 -60.66 74.17 4.19
CA LEU UA 67 -60.60 75.19 3.16
C LEU UA 67 -59.51 76.18 3.53
N ARG UA 68 -58.54 76.36 2.64
CA ARG UA 68 -57.44 77.31 2.83
C ARG UA 68 -57.36 78.23 1.62
N ARG UA 69 -57.47 79.54 1.86
CA ARG UA 69 -57.32 80.49 0.77
C ARG UA 69 -56.44 81.65 1.23
N GLU UA 70 -55.39 81.93 0.45
CA GLU UA 70 -54.38 82.93 0.82
C GLU UA 70 -54.72 84.26 0.16
N VAL UA 71 -55.27 85.19 0.95
CA VAL UA 71 -55.73 86.46 0.42
C VAL UA 71 -54.58 87.46 0.36
N THR UA 72 -54.55 88.26 -0.70
CA THR UA 72 -53.75 89.48 -0.71
C THR UA 72 -54.46 90.49 0.18
N ILE UA 73 -53.97 90.63 1.40
CA ILE UA 73 -54.47 91.60 2.37
C ILE UA 73 -53.82 92.95 2.11
N ASN UA 74 -54.66 93.99 2.25
CA ASN UA 74 -54.36 95.41 2.04
C ASN UA 74 -53.49 95.65 0.81
N LYS UA 75 -54.03 95.21 -0.33
CA LYS UA 75 -53.34 95.32 -1.61
C LYS UA 75 -53.00 96.76 -1.94
N GLY UA 76 -53.99 97.65 -1.90
CA GLY UA 76 -53.72 99.04 -2.27
C GLY UA 76 -52.56 99.64 -1.49
N THR UA 77 -52.52 99.39 -0.19
CA THR UA 77 -51.51 99.95 0.69
C THR UA 77 -50.17 99.26 0.44
N ASP UA 78 -49.08 100.00 0.69
CA ASP UA 78 -47.76 99.40 0.61
C ASP UA 78 -47.57 98.38 1.73
N GLN UA 79 -46.56 97.53 1.54
CA GLN UA 79 -46.35 96.35 2.38
C GLN UA 79 -47.62 95.49 2.41
N GLU UA 80 -48.22 95.34 1.23
CA GLU UA 80 -49.35 94.44 1.05
C GLU UA 80 -48.84 93.01 1.16
N LYS UA 81 -49.66 92.11 1.72
CA LYS UA 81 -49.11 90.77 1.96
C LYS UA 81 -50.11 89.68 1.59
N ILE UA 82 -49.59 88.48 1.33
CA ILE UA 82 -50.43 87.32 1.06
C ILE UA 82 -50.48 86.47 2.32
N VAL UA 83 -51.67 86.28 2.87
CA VAL UA 83 -51.80 85.60 4.17
C VAL UA 83 -52.93 84.58 4.09
N PRO UA 84 -52.76 83.37 4.64
CA PRO UA 84 -53.79 82.34 4.47
C PRO UA 84 -54.87 82.33 5.54
N MET UA 85 -56.15 82.33 5.15
CA MET UA 85 -57.23 82.08 6.08
C MET UA 85 -57.70 80.63 5.90
N ILE UA 86 -58.02 79.99 7.02
CA ILE UA 86 -58.33 78.56 7.01
C ILE UA 86 -59.56 78.31 7.85
N ALA UA 87 -60.45 77.46 7.34
CA ALA UA 87 -61.61 76.97 8.09
C ALA UA 87 -61.73 75.45 7.89
N ARG UA 88 -61.73 74.71 9.00
CA ARG UA 88 -61.70 73.26 9.02
C ARG UA 88 -62.91 72.69 9.74
N ILE UA 89 -63.39 71.58 9.20
CA ILE UA 89 -64.30 70.68 9.88
C ILE UA 89 -63.51 69.42 10.19
N GLU UA 90 -63.45 69.02 11.46
CA GLU UA 90 -62.76 67.81 11.87
C GLU UA 90 -63.73 66.95 12.67
N THR UA 91 -63.85 65.67 12.33
CA THR UA 91 -64.90 64.83 12.89
C THR UA 91 -64.39 63.43 13.18
N SER UA 92 -64.54 62.99 14.43
CA SER UA 92 -64.18 61.63 14.84
C SER UA 92 -65.45 60.90 15.26
N VAL UA 93 -65.82 59.88 14.50
CA VAL UA 93 -67.04 59.11 14.73
C VAL UA 93 -66.65 57.65 14.97
N PRO UA 94 -66.83 57.11 16.17
CA PRO UA 94 -66.63 55.68 16.37
C PRO UA 94 -67.63 54.86 15.58
N VAL UA 95 -67.31 53.58 15.41
CA VAL UA 95 -68.11 52.73 14.51
C VAL UA 95 -69.55 52.62 15.00
N GLY UA 96 -69.73 52.21 16.26
CA GLY UA 96 -71.07 51.98 16.80
C GLY UA 96 -72.07 53.12 16.71
N VAL UA 97 -71.60 54.32 16.34
CA VAL UA 97 -72.46 55.50 16.33
C VAL UA 97 -73.60 55.35 15.34
N SER UA 98 -74.76 55.91 15.70
CA SER UA 98 -75.94 55.90 14.84
C SER UA 98 -75.95 57.11 13.90
N GLN UA 99 -76.25 56.83 12.63
CA GLN UA 99 -76.27 57.88 11.62
C GLN UA 99 -77.27 58.97 11.97
N ASP UA 100 -78.39 58.60 12.60
CA ASP UA 100 -79.39 59.59 13.01
C ASP UA 100 -78.79 60.58 14.02
N ASP UA 101 -78.20 60.04 15.09
CA ASP UA 101 -77.63 60.88 16.14
C ASP UA 101 -76.56 61.79 15.58
N PHE UA 102 -75.65 61.23 14.78
CA PHE UA 102 -74.55 62.06 14.31
C PHE UA 102 -75.01 63.08 13.28
N LYS UA 103 -76.02 62.76 12.46
CA LYS UA 103 -76.52 63.72 11.50
C LYS UA 103 -77.20 64.89 12.22
N ALA UA 104 -77.88 64.61 13.34
CA ALA UA 104 -78.47 65.70 14.11
C ALA UA 104 -77.39 66.59 14.74
N MET UA 105 -76.36 65.97 15.30
CA MET UA 105 -75.25 66.74 15.84
C MET UA 105 -74.57 67.59 14.77
N ILE UA 106 -74.41 67.05 13.56
CA ILE UA 106 -73.85 67.83 12.45
C ILE UA 106 -74.74 69.02 12.13
N GLU UA 107 -76.04 68.77 11.99
CA GLU UA 107 -77.00 69.85 11.72
C GLU UA 107 -76.84 70.96 12.76
N GLY UA 108 -76.68 70.59 14.02
CA GLY UA 108 -76.44 71.59 15.04
C GLY UA 108 -75.14 72.34 14.82
N LEU UA 109 -74.07 71.62 14.52
CA LEU UA 109 -72.77 72.25 14.35
C LEU UA 109 -72.74 73.22 13.17
N ALA UA 110 -73.59 72.99 12.17
CA ALA UA 110 -73.59 73.87 11.00
C ALA UA 110 -74.18 75.25 11.32
N CYS UA 111 -74.88 75.40 12.45
CA CYS UA 111 -75.59 76.64 12.73
C CYS UA 111 -74.68 77.86 12.88
N PRO UA 112 -73.59 77.83 13.66
CA PRO UA 112 -72.76 79.04 13.78
C PRO UA 112 -72.10 79.46 12.48
N LEU UA 113 -71.96 78.55 11.53
CA LEU UA 113 -71.36 78.92 10.26
C LEU UA 113 -72.27 79.85 9.47
N LEU UA 114 -73.58 79.60 9.50
CA LEU UA 114 -74.51 80.35 8.66
C LEU UA 114 -75.13 81.49 9.48
N LEU UA 115 -74.29 82.48 9.79
CA LEU UA 115 -74.70 83.64 10.56
C LEU UA 115 -74.44 84.92 9.78
N ASP UA 116 -75.03 86.01 10.27
CA ASP UA 116 -74.91 87.32 9.64
C ASP UA 116 -73.52 87.93 9.86
N GLU UA 117 -73.19 88.90 9.02
CA GLU UA 117 -71.86 89.49 9.05
C GLU UA 117 -71.52 90.06 10.42
N ILE UA 118 -72.52 90.62 11.12
CA ILE UA 118 -72.25 91.21 12.42
C ILE UA 118 -71.71 90.18 13.38
N HIS UA 119 -72.45 89.08 13.57
CA HIS UA 119 -71.99 88.02 14.48
C HIS UA 119 -70.70 87.40 13.99
N VAL UA 120 -70.55 87.21 12.67
CA VAL UA 120 -69.37 86.53 12.17
C VAL UA 120 -68.11 87.35 12.43
N ASN UA 121 -68.19 88.67 12.20
CA ASN UA 121 -67.07 89.55 12.49
C ASN UA 121 -66.82 89.64 14.00
N ASP UA 122 -67.88 89.63 14.80
CA ASP UA 122 -67.68 89.72 16.25
C ASP UA 122 -67.01 88.47 16.81
N LEU UA 123 -67.28 87.29 16.25
CA LEU UA 123 -66.75 86.05 16.81
C LEU UA 123 -65.48 85.55 16.14
N PHE UA 124 -65.49 85.40 14.81
CA PHE UA 124 -64.40 84.68 14.15
C PHE UA 124 -63.20 85.56 13.82
N LEU UA 125 -63.41 86.85 13.62
CA LEU UA 125 -62.32 87.79 13.31
C LEU UA 125 -61.91 88.59 14.53
N SER UA 126 -62.86 89.27 15.18
CA SER UA 126 -62.53 90.14 16.30
C SER UA 126 -62.17 89.32 17.54
N GLY UA 127 -62.78 88.16 17.71
CA GLY UA 127 -62.55 87.36 18.89
C GLY UA 127 -63.39 87.74 20.09
N LEU UA 128 -64.38 88.60 19.91
CA LEU UA 128 -65.27 88.99 20.99
C LEU UA 128 -65.98 87.75 21.55
N PRO UA 129 -66.37 87.78 22.83
CA PRO UA 129 -67.02 86.62 23.42
C PRO UA 129 -68.41 86.37 22.83
N ILE UA 130 -68.87 85.12 22.92
CA ILE UA 130 -70.19 84.77 22.40
C ILE UA 130 -71.27 85.39 23.28
N ALA UA 131 -72.25 86.02 22.63
CA ALA UA 131 -73.36 86.67 23.32
C ALA UA 131 -74.51 85.68 23.42
N THR UA 132 -74.79 85.22 24.64
CA THR UA 132 -75.90 84.31 24.89
C THR UA 132 -77.22 85.08 24.87
N THR UA 133 -78.24 84.47 24.25
CA THR UA 133 -79.54 85.14 24.12
C THR UA 133 -80.60 84.35 24.88
N ASP UA 134 -81.31 85.01 25.79
CA ASP UA 134 -82.38 84.32 26.50
C ASP UA 134 -83.46 83.86 25.53
N VAL UA 135 -83.81 82.58 25.61
CA VAL UA 135 -84.93 82.04 24.82
C VAL UA 135 -86.24 82.54 25.44
N PRO UA 136 -87.15 83.11 24.66
CA PRO UA 136 -88.40 83.58 25.25
C PRO UA 136 -89.22 82.40 25.80
N ASP UA 137 -89.47 82.43 27.10
CA ASP UA 137 -90.32 81.41 27.71
C ASP UA 137 -91.69 81.35 27.05
N ASN UA 138 -92.15 82.50 26.53
CA ASN UA 138 -93.43 82.54 25.86
C ASN UA 138 -93.41 81.78 24.54
N GLU UA 139 -92.28 81.85 23.82
CA GLU UA 139 -92.14 81.24 22.51
C GLU UA 139 -91.92 79.73 22.62
N PRO UA 140 -92.15 78.99 21.54
CA PRO UA 140 -91.99 77.53 21.62
C PRO UA 140 -90.53 77.13 21.78
N LEU UA 141 -90.31 76.01 22.48
CA LEU UA 141 -88.95 75.57 22.75
C LEU UA 141 -88.26 75.19 21.43
N PRO UA 142 -86.99 75.56 21.25
CA PRO UA 142 -86.29 75.26 20.00
C PRO UA 142 -86.00 73.76 19.87
N PRO UA 143 -85.59 73.30 18.70
CA PRO UA 143 -85.38 71.85 18.51
C PRO UA 143 -84.34 71.31 19.46
N ALA UA 144 -84.55 70.05 19.88
CA ALA UA 144 -83.74 69.47 20.94
C ALA UA 144 -82.31 69.17 20.53
N LEU UA 145 -82.03 69.08 19.22
CA LEU UA 145 -80.71 68.77 18.68
C LEU UA 145 -80.34 67.29 18.85
N LEU UA 146 -81.34 66.45 19.09
CA LEU UA 146 -81.17 65.01 19.39
C LEU UA 146 -79.91 64.72 20.20
N SER VA 1 -24.93 90.53 -39.20
CA SER VA 1 -26.27 91.06 -39.03
C SER VA 1 -27.07 90.24 -38.03
N ILE VA 2 -28.33 89.99 -38.37
CA ILE VA 2 -29.23 89.18 -37.56
C ILE VA 2 -29.45 87.87 -38.28
N LYS VA 3 -29.35 86.76 -37.56
CA LYS VA 3 -29.39 85.44 -38.18
C LYS VA 3 -30.58 84.62 -37.69
N TYR VA 4 -31.23 83.94 -38.63
CA TYR VA 4 -32.06 82.79 -38.32
C TYR VA 4 -31.23 81.79 -37.53
N ILE VA 5 -31.70 81.52 -36.31
CA ILE VA 5 -31.22 80.35 -35.56
C ILE VA 5 -31.93 79.09 -36.04
N PHE VA 6 -33.26 79.15 -36.06
CA PHE VA 6 -34.09 78.06 -36.58
C PHE VA 6 -35.17 78.66 -37.46
N LYS VA 7 -35.11 78.37 -38.76
CA LYS VA 7 -36.13 78.83 -39.69
C LYS VA 7 -37.37 77.97 -39.54
N LYS VA 8 -38.53 78.61 -39.38
CA LYS VA 8 -39.78 77.91 -39.21
C LYS VA 8 -40.15 77.12 -40.46
N THR VA 9 -40.59 75.87 -40.26
CA THR VA 9 -41.03 75.02 -41.34
C THR VA 9 -42.52 74.74 -41.23
N ASP VA 10 -43.18 74.60 -42.38
CA ASP VA 10 -44.62 74.35 -42.41
C ASP VA 10 -44.89 72.86 -42.23
N THR VA 11 -44.47 72.36 -41.07
CA THR VA 11 -44.63 70.95 -40.72
C THR VA 11 -45.41 70.89 -39.41
N LEU VA 12 -46.67 70.47 -39.49
CA LEU VA 12 -47.54 70.45 -38.33
C LEU VA 12 -47.09 69.38 -37.33
N PRO VA 13 -47.26 69.63 -36.04
CA PRO VA 13 -46.88 68.62 -35.05
C PRO VA 13 -47.87 67.47 -35.02
N ARG VA 14 -47.33 66.26 -34.89
CA ARG VA 14 -48.17 65.08 -34.71
C ARG VA 14 -48.90 65.17 -33.38
N SER VA 15 -50.22 65.00 -33.42
CA SER VA 15 -50.98 64.91 -32.18
C SER VA 15 -50.50 63.70 -31.37
N VAL VA 16 -50.60 63.80 -30.04
CA VAL VA 16 -50.06 62.80 -29.13
C VAL VA 16 -51.19 61.98 -28.56
N ILE VA 17 -51.22 60.69 -28.89
CA ILE VA 17 -52.29 59.80 -28.47
C ILE VA 17 -51.70 58.70 -27.62
N GLY VA 18 -52.40 58.32 -26.56
CA GLY VA 18 -51.85 57.35 -25.64
C GLY VA 18 -52.91 56.79 -24.71
N ASN VA 19 -52.44 56.16 -23.63
CA ASN VA 19 -53.32 55.69 -22.58
C ASN VA 19 -52.54 55.64 -21.27
N VAL VA 20 -53.20 56.02 -20.16
CA VAL VA 20 -52.51 56.10 -18.87
C VAL VA 20 -52.12 54.71 -18.39
N LEU VA 21 -50.82 54.51 -18.14
CA LEU VA 21 -50.28 53.21 -17.72
C LEU VA 21 -50.21 53.05 -16.20
N ARG VA 22 -49.47 53.93 -15.54
CA ARG VA 22 -49.36 53.89 -14.08
C ARG VA 22 -49.13 55.30 -13.59
N THR VA 23 -49.44 55.51 -12.31
CA THR VA 23 -49.18 56.77 -11.61
C THR VA 23 -48.15 56.47 -10.54
N THR VA 24 -46.89 56.76 -10.85
CA THR VA 24 -45.79 56.45 -9.94
C THR VA 24 -45.96 57.18 -8.61
N GLY VA 25 -46.07 58.51 -8.66
CA GLY VA 25 -46.22 59.32 -7.48
C GLY VA 25 -47.36 60.31 -7.63
N PRO VA 26 -47.54 61.16 -6.62
CA PRO VA 26 -48.65 62.13 -6.67
C PRO VA 26 -48.43 63.21 -7.71
N ASP VA 27 -47.17 63.50 -8.05
CA ASP VA 27 -46.84 64.47 -9.09
C ASP VA 27 -46.36 63.83 -10.39
N THR VA 28 -46.27 62.50 -10.44
CA THR VA 28 -45.64 61.80 -11.56
C THR VA 28 -46.63 60.79 -12.12
N THR VA 29 -46.96 60.92 -13.41
CA THR VA 29 -47.85 59.96 -14.07
C THR VA 29 -47.22 59.52 -15.39
N VAL VA 30 -47.35 58.23 -15.70
CA VAL VA 30 -46.68 57.63 -16.85
C VAL VA 30 -47.71 57.07 -17.81
N TYR VA 31 -47.60 57.44 -19.08
CA TYR VA 31 -48.53 57.06 -20.13
C TYR VA 31 -47.82 56.11 -21.08
N SER VA 32 -48.51 55.04 -21.46
CA SER VA 32 -48.03 54.14 -22.51
C SER VA 32 -48.57 54.64 -23.84
N LEU VA 33 -47.68 54.78 -24.81
CA LEU VA 33 -47.97 55.26 -26.15
C LEU VA 33 -48.08 54.08 -27.11
N PRO VA 34 -48.53 54.32 -28.34
CA PRO VA 34 -48.64 53.21 -29.29
C PRO VA 34 -47.29 52.57 -29.58
N GLY VA 35 -47.31 51.28 -29.87
CA GLY VA 35 -46.08 50.56 -30.14
C GLY VA 35 -45.27 50.22 -28.91
N HIS VA 36 -45.90 50.21 -27.75
CA HIS VA 36 -45.21 49.94 -26.48
C HIS VA 36 -45.30 48.45 -26.17
N THR VA 37 -44.30 47.71 -26.61
CA THR VA 37 -44.15 46.35 -26.13
C THR VA 37 -43.32 46.36 -24.85
N PRO VA 38 -43.47 45.34 -23.99
CA PRO VA 38 -42.61 45.31 -22.79
C PRO VA 38 -41.14 45.19 -23.14
N VAL VA 39 -40.82 44.50 -24.23
CA VAL VA 39 -39.44 44.37 -24.66
C VAL VA 39 -38.89 45.71 -25.15
N ASN VA 40 -39.69 46.44 -25.93
CA ASN VA 40 -39.28 47.71 -26.54
C ASN VA 40 -40.22 48.81 -26.08
N PRO VA 41 -40.12 49.24 -24.82
CA PRO VA 41 -41.11 50.17 -24.27
C PRO VA 41 -41.01 51.56 -24.90
N PHE VA 42 -42.15 52.23 -24.94
CA PHE VA 42 -42.25 53.59 -25.47
C PHE VA 42 -43.31 54.33 -24.67
N THR VA 43 -42.88 55.33 -23.89
CA THR VA 43 -43.72 55.93 -22.86
C THR VA 43 -43.44 57.41 -22.69
N LEU VA 44 -44.50 58.15 -22.36
CA LEU VA 44 -44.43 59.55 -21.96
C LEU VA 44 -44.59 59.64 -20.44
N THR VA 45 -43.56 60.10 -19.77
CA THR VA 45 -43.63 60.38 -18.34
C THR VA 45 -43.85 61.87 -18.14
N ALA VA 46 -44.76 62.22 -17.23
CA ALA VA 46 -45.12 63.60 -16.97
C ALA VA 46 -44.99 63.88 -15.48
N VAL VA 47 -44.13 64.84 -15.13
CA VAL VA 47 -43.86 65.20 -13.75
C VAL VA 47 -44.14 66.69 -13.62
N SER VA 48 -45.23 67.04 -12.94
CA SER VA 48 -45.62 68.44 -12.73
C SER VA 48 -45.50 68.74 -11.23
N ARG VA 49 -44.55 69.58 -10.86
CA ARG VA 49 -44.29 69.91 -9.47
C ARG VA 49 -44.80 71.32 -9.17
N LEU VA 50 -45.70 71.41 -8.20
CA LEU VA 50 -46.33 72.67 -7.83
C LEU VA 50 -45.33 73.62 -7.19
N PRO VA 51 -45.64 74.90 -7.17
CA PRO VA 51 -44.77 75.86 -6.49
C PRO VA 51 -44.95 75.77 -4.98
N VAL VA 52 -43.82 75.80 -4.29
CA VAL VA 52 -43.81 75.86 -2.83
C VAL VA 52 -43.38 77.26 -2.41
N PRO VA 53 -44.25 78.05 -1.79
CA PRO VA 53 -43.88 79.40 -1.39
C PRO VA 53 -42.77 79.35 -0.34
N ARG VA 54 -41.87 80.32 -0.44
CA ARG VA 54 -40.79 80.49 0.51
C ARG VA 54 -40.93 81.87 1.13
N LYS VA 55 -40.42 82.04 2.34
CA LYS VA 55 -40.65 83.30 3.06
C LYS VA 55 -39.98 84.44 2.29
N GLY VA 56 -40.80 85.31 1.71
CA GLY VA 56 -40.31 86.39 0.87
C GLY VA 56 -40.15 86.03 -0.60
N ASN VA 57 -40.40 84.78 -0.98
CA ASN VA 57 -40.22 84.33 -2.35
C ASN VA 57 -41.48 83.63 -2.84
N ALA VA 58 -41.95 84.02 -4.01
CA ALA VA 58 -43.05 83.29 -4.62
C ALA VA 58 -42.55 81.94 -5.14
N GLY VA 59 -43.48 81.01 -5.27
CA GLY VA 59 -43.13 79.70 -5.77
C GLY VA 59 -42.73 79.72 -7.25
N THR VA 60 -42.26 78.57 -7.73
CA THR VA 60 -42.01 78.36 -9.16
C THR VA 60 -42.52 76.98 -9.54
N THR VA 61 -43.36 76.92 -10.58
CA THR VA 61 -43.91 75.67 -11.08
C THR VA 61 -42.93 75.00 -12.03
N LYS VA 62 -42.59 73.74 -11.76
CA LYS VA 62 -41.75 72.98 -12.66
C LYS VA 62 -42.61 71.95 -13.38
N THR VA 63 -42.30 71.69 -14.65
CA THR VA 63 -43.07 70.79 -15.48
C THR VA 63 -42.11 70.05 -16.39
N THR VA 64 -42.17 68.72 -16.40
CA THR VA 64 -41.24 67.92 -17.17
C THR VA 64 -42.01 66.84 -17.92
N LEU VA 65 -41.79 66.77 -19.23
CA LEU VA 65 -42.45 65.81 -20.12
C LEU VA 65 -41.37 65.07 -20.90
N SER VA 66 -41.25 63.74 -20.67
CA SER VA 66 -40.18 62.93 -21.25
C SER VA 66 -40.78 61.84 -22.11
N LEU VA 67 -40.40 61.78 -23.38
CA LEU VA 67 -40.69 60.62 -24.20
C LEU VA 67 -39.46 59.74 -24.24
N ARG VA 68 -39.65 58.44 -24.00
CA ARG VA 68 -38.57 57.47 -23.99
C ARG VA 68 -38.98 56.22 -24.77
N ARG VA 69 -38.19 55.86 -25.78
CA ARG VA 69 -38.50 54.73 -26.63
C ARG VA 69 -37.23 53.93 -26.90
N GLU VA 70 -37.24 52.64 -26.55
CA GLU VA 70 -36.04 51.80 -26.62
C GLU VA 70 -36.07 51.03 -27.93
N VAL VA 71 -35.30 51.50 -28.91
CA VAL VA 71 -35.30 50.93 -30.25
C VAL VA 71 -34.34 49.74 -30.31
N THR VA 72 -34.74 48.72 -31.07
CA THR VA 72 -33.78 47.71 -31.48
C THR VA 72 -32.92 48.28 -32.61
N ILE VA 73 -31.61 48.29 -32.39
CA ILE VA 73 -30.65 48.85 -33.33
C ILE VA 73 -29.98 47.70 -34.07
N ASN VA 74 -29.86 47.87 -35.38
CA ASN VA 74 -29.21 46.98 -36.35
C ASN VA 74 -29.51 45.50 -36.05
N LYS VA 75 -30.81 45.20 -36.14
CA LYS VA 75 -31.31 43.87 -35.83
C LYS VA 75 -30.69 42.79 -36.71
N GLY VA 76 -30.75 43.00 -38.04
CA GLY VA 76 -30.21 42.00 -38.94
C GLY VA 76 -28.74 41.73 -38.68
N THR VA 77 -27.99 42.77 -38.37
CA THR VA 77 -26.56 42.68 -38.16
C THR VA 77 -26.27 42.11 -36.77
N ASP VA 78 -25.03 41.66 -36.57
CA ASP VA 78 -24.59 41.27 -35.24
C ASP VA 78 -24.53 42.48 -34.32
N GLN VA 79 -24.52 42.20 -33.02
CA GLN VA 79 -24.61 43.24 -31.98
C GLN VA 79 -25.89 44.06 -32.09
N GLU VA 80 -26.98 43.41 -32.49
CA GLU VA 80 -28.32 43.95 -32.30
C GLU VA 80 -28.51 44.36 -30.84
N LYS VA 81 -28.91 45.62 -30.60
CA LYS VA 81 -29.03 46.04 -29.21
C LYS VA 81 -30.27 46.91 -29.00
N ILE VA 82 -30.95 46.71 -27.87
CA ILE VA 82 -32.08 47.57 -27.51
C ILE VA 82 -31.53 48.77 -26.72
N VAL VA 83 -31.72 49.96 -27.27
CA VAL VA 83 -31.10 51.16 -26.74
C VAL VA 83 -32.13 52.28 -26.69
N PRO VA 84 -32.20 53.05 -25.61
CA PRO VA 84 -33.26 54.06 -25.49
C PRO VA 84 -32.93 55.43 -26.07
N MET VA 85 -33.84 56.00 -26.86
CA MET VA 85 -33.78 57.41 -27.24
C MET VA 85 -34.77 58.19 -26.40
N ILE VA 86 -34.37 59.40 -26.00
CA ILE VA 86 -35.17 60.21 -25.09
C ILE VA 86 -35.23 61.64 -25.61
N ALA VA 87 -36.43 62.22 -25.53
CA ALA VA 87 -36.65 63.64 -25.84
C ALA VA 87 -37.54 64.26 -24.76
N ARG VA 88 -37.01 65.27 -24.06
CA ARG VA 88 -37.63 65.90 -22.90
C ARG VA 88 -37.89 67.37 -23.14
N ILE VA 89 -39.02 67.82 -22.60
CA ILE VA 89 -39.31 69.23 -22.43
C ILE VA 89 -39.29 69.47 -20.92
N GLU VA 90 -38.48 70.43 -20.47
CA GLU VA 90 -38.43 70.78 -19.05
C GLU VA 90 -38.66 72.28 -18.93
N THR VA 91 -39.55 72.68 -18.03
CA THR VA 91 -40.00 74.07 -17.97
C THR VA 91 -40.17 74.55 -16.54
N SER VA 92 -39.47 75.62 -16.19
CA SER VA 92 -39.60 76.24 -14.87
C SER VA 92 -40.20 77.63 -15.05
N VAL VA 93 -41.44 77.80 -14.61
CA VAL VA 93 -42.20 79.05 -14.73
C VAL VA 93 -42.45 79.58 -13.32
N PRO VA 94 -41.83 80.70 -12.95
CA PRO VA 94 -42.17 81.32 -11.67
C PRO VA 94 -43.61 81.83 -11.66
N VAL VA 95 -44.13 82.09 -10.46
CA VAL VA 95 -45.57 82.28 -10.29
C VAL VA 95 -46.06 83.49 -11.08
N GLY VA 96 -45.42 84.65 -10.89
CA GLY VA 96 -45.89 85.90 -11.46
C GLY VA 96 -45.87 85.96 -12.98
N VAL VA 97 -45.28 84.96 -13.64
CA VAL VA 97 -45.12 85.00 -15.09
C VAL VA 97 -46.47 85.13 -15.80
N SER VA 98 -46.48 85.89 -16.90
CA SER VA 98 -47.69 86.08 -17.69
C SER VA 98 -47.83 84.99 -18.75
N GLN VA 99 -49.07 84.48 -18.89
CA GLN VA 99 -49.34 83.42 -19.85
C GLN VA 99 -48.98 83.84 -21.26
N ASP VA 100 -49.15 85.13 -21.58
CA ASP VA 100 -48.82 85.63 -22.91
C ASP VA 100 -47.34 85.45 -23.20
N ASP VA 101 -46.49 85.99 -22.32
CA ASP VA 101 -45.05 85.91 -22.52
C ASP VA 101 -44.59 84.47 -22.59
N PHE VA 102 -45.11 83.62 -21.70
CA PHE VA 102 -44.60 82.27 -21.69
C PHE VA 102 -45.08 81.46 -22.89
N LYS VA 103 -46.30 81.67 -23.36
CA LYS VA 103 -46.73 81.02 -24.60
C LYS VA 103 -45.87 81.48 -25.77
N ALA VA 104 -45.44 82.74 -25.76
CA ALA VA 104 -44.52 83.20 -26.80
C ALA VA 104 -43.22 82.40 -26.78
N MET VA 105 -42.60 82.28 -25.61
CA MET VA 105 -41.39 81.47 -25.52
C MET VA 105 -41.63 80.02 -25.95
N ILE VA 106 -42.78 79.45 -25.59
CA ILE VA 106 -43.08 78.07 -25.96
C ILE VA 106 -43.15 77.93 -27.46
N GLU VA 107 -43.90 78.81 -28.11
CA GLU VA 107 -44.04 78.77 -29.57
C GLU VA 107 -42.67 78.89 -30.23
N GLY VA 108 -41.82 79.74 -29.70
CA GLY VA 108 -40.46 79.80 -30.22
C GLY VA 108 -39.69 78.50 -30.03
N LEU VA 109 -39.80 77.91 -28.84
CA LEU VA 109 -39.07 76.69 -28.53
C LEU VA 109 -39.51 75.53 -29.41
N ALA VA 110 -40.77 75.52 -29.83
CA ALA VA 110 -41.25 74.42 -30.65
C ALA VA 110 -40.64 74.43 -32.04
N CYS VA 111 -40.00 75.53 -32.45
CA CYS VA 111 -39.53 75.67 -33.83
C CYS VA 111 -38.44 74.66 -34.20
N PRO VA 112 -37.36 74.49 -33.43
CA PRO VA 112 -36.33 73.52 -33.84
C PRO VA 112 -36.83 72.10 -33.90
N LEU VA 113 -37.90 71.77 -33.18
CA LEU VA 113 -38.41 70.40 -33.22
C LEU VA 113 -38.99 70.07 -34.59
N LEU VA 114 -39.70 71.01 -35.20
CA LEU VA 114 -40.41 70.75 -36.45
C LEU VA 114 -39.54 71.15 -37.64
N LEU VA 115 -38.45 70.42 -37.83
CA LEU VA 115 -37.50 70.66 -38.91
C LEU VA 115 -37.39 69.45 -39.81
N ASP VA 116 -36.77 69.68 -40.98
CA ASP VA 116 -36.60 68.63 -41.98
C ASP VA 116 -35.52 67.64 -41.56
N GLU VA 117 -35.56 66.46 -42.19
CA GLU VA 117 -34.66 65.38 -41.81
C GLU VA 117 -33.21 65.80 -41.91
N ILE VA 118 -32.87 66.64 -42.89
CA ILE VA 118 -31.48 67.06 -43.07
C ILE VA 118 -30.98 67.78 -41.82
N HIS VA 119 -31.69 68.84 -41.40
CA HIS VA 119 -31.26 69.58 -40.22
C HIS VA 119 -31.34 68.73 -38.97
N VAL VA 120 -32.36 67.86 -38.86
CA VAL VA 120 -32.51 67.10 -37.63
C VAL VA 120 -31.38 66.08 -37.48
N ASN VA 121 -31.00 65.42 -38.57
CA ASN VA 121 -29.85 64.50 -38.51
C ASN VA 121 -28.56 65.27 -38.28
N ASP VA 122 -28.41 66.45 -38.88
CA ASP VA 122 -27.20 67.23 -38.68
C ASP VA 122 -27.05 67.68 -37.23
N LEU VA 123 -28.15 68.01 -36.55
CA LEU VA 123 -28.07 68.57 -35.20
C LEU VA 123 -28.24 67.55 -34.08
N PHE VA 124 -29.33 66.78 -34.11
CA PHE VA 124 -29.68 65.96 -32.95
C PHE VA 124 -28.97 64.62 -32.93
N LEU VA 125 -28.60 64.07 -34.09
CA LEU VA 125 -27.91 62.79 -34.15
C LEU VA 125 -26.41 62.98 -34.36
N SER VA 126 -26.02 63.69 -35.43
CA SER VA 126 -24.60 63.85 -35.73
C SER VA 126 -23.91 64.73 -34.71
N GLY VA 127 -24.59 65.76 -34.23
CA GLY VA 127 -24.06 66.65 -33.22
C GLY VA 127 -23.42 67.91 -33.74
N LEU VA 128 -23.65 68.27 -35.01
CA LEU VA 128 -23.06 69.47 -35.57
C LEU VA 128 -23.58 70.72 -34.86
N PRO VA 129 -22.93 71.87 -35.06
CA PRO VA 129 -23.49 73.12 -34.52
C PRO VA 129 -24.72 73.55 -35.30
N ILE VA 130 -25.45 74.51 -34.72
CA ILE VA 130 -26.67 74.99 -35.34
C ILE VA 130 -26.36 75.67 -36.66
N ALA VA 131 -27.14 75.35 -37.70
CA ALA VA 131 -26.99 75.99 -39.01
C ALA VA 131 -27.63 77.37 -38.97
N THR VA 132 -26.82 78.42 -39.02
CA THR VA 132 -27.29 79.79 -38.97
C THR VA 132 -27.52 80.30 -40.39
N THR VA 133 -28.60 81.06 -40.58
CA THR VA 133 -28.93 81.57 -41.91
C THR VA 133 -29.13 83.08 -41.84
N ASP VA 134 -28.34 83.83 -42.62
CA ASP VA 134 -28.51 85.27 -42.65
C ASP VA 134 -29.91 85.66 -43.10
N VAL VA 135 -30.59 86.45 -42.28
CA VAL VA 135 -31.93 86.94 -42.63
C VAL VA 135 -31.81 87.92 -43.79
N PRO VA 136 -32.56 87.76 -44.88
CA PRO VA 136 -32.49 88.74 -45.96
C PRO VA 136 -32.99 90.10 -45.47
N ASP VA 137 -32.09 91.09 -45.51
CA ASP VA 137 -32.49 92.45 -45.15
C ASP VA 137 -33.65 92.92 -46.00
N ASN VA 138 -33.73 92.45 -47.26
CA ASN VA 138 -34.82 92.84 -48.14
C ASN VA 138 -36.15 92.28 -47.65
N GLU VA 139 -36.15 91.04 -47.17
CA GLU VA 139 -37.38 90.40 -46.75
C GLU VA 139 -37.86 91.00 -45.43
N PRO VA 140 -39.14 90.86 -45.11
CA PRO VA 140 -39.66 91.45 -43.88
C PRO VA 140 -39.05 90.80 -42.65
N LEU VA 141 -38.97 91.58 -41.56
CA LEU VA 141 -38.36 91.07 -40.35
C LEU VA 141 -39.25 89.97 -39.75
N PRO VA 142 -38.64 88.87 -39.29
CA PRO VA 142 -39.43 87.75 -38.75
C PRO VA 142 -40.08 88.14 -37.43
N PRO VA 143 -41.01 87.32 -36.93
CA PRO VA 143 -41.73 87.68 -35.69
C PRO VA 143 -40.77 87.83 -34.51
N ALA VA 144 -41.10 88.79 -33.64
CA ALA VA 144 -40.21 89.20 -32.56
C ALA VA 144 -40.08 88.15 -31.46
N LEU VA 145 -40.97 87.16 -31.39
CA LEU VA 145 -40.94 86.11 -30.38
C LEU VA 145 -41.31 86.62 -28.98
N LEU VA 146 -41.92 87.80 -28.92
CA LEU VA 146 -42.28 88.49 -27.67
C LEU VA 146 -41.25 88.32 -26.57
N SER WA 1 -21.85 -77.29 -1.43
CA SER WA 1 -21.49 -78.64 -1.04
C SER WA 1 -20.01 -78.76 -0.72
N ILE WA 2 -19.38 -79.83 -1.19
CA ILE WA 2 -17.96 -80.06 -1.00
C ILE WA 2 -17.28 -79.90 -2.36
N LYS WA 3 -16.17 -79.17 -2.38
CA LYS WA 3 -15.53 -78.82 -3.63
C LYS WA 3 -14.12 -79.40 -3.71
N TYR WA 4 -13.78 -79.92 -4.89
CA TYR WA 4 -12.40 -80.08 -5.29
C TYR WA 4 -11.70 -78.74 -5.20
N ILE WA 5 -10.65 -78.70 -4.38
CA ILE WA 5 -9.67 -77.63 -4.42
C ILE WA 5 -8.65 -77.88 -5.52
N PHE WA 6 -8.12 -79.09 -5.57
CA PHE WA 6 -7.18 -79.51 -6.61
C PHE WA 6 -7.54 -80.92 -7.04
N LYS WA 7 -8.01 -81.06 -8.28
CA LYS WA 7 -8.30 -82.36 -8.85
C LYS WA 7 -7.00 -83.05 -9.24
N LYS WA 8 -6.83 -84.29 -8.83
CA LYS WA 8 -5.63 -85.05 -9.14
C LYS WA 8 -5.53 -85.35 -10.64
N THR WA 9 -4.32 -85.21 -11.18
CA THR WA 9 -4.05 -85.50 -12.58
C THR WA 9 -3.09 -86.67 -12.68
N ASP WA 10 -3.27 -87.48 -13.73
CA ASP WA 10 -2.36 -88.60 -14.00
C ASP WA 10 -1.10 -88.07 -14.68
N THR WA 11 -0.38 -87.22 -13.95
CA THR WA 11 0.87 -86.63 -14.42
C THR WA 11 1.95 -87.01 -13.42
N LEU WA 12 2.79 -87.98 -13.78
CA LEU WA 12 3.83 -88.45 -12.87
C LEU WA 12 4.86 -87.34 -12.63
N PRO WA 13 5.43 -87.27 -11.42
CA PRO WA 13 6.47 -86.28 -11.17
C PRO WA 13 7.79 -86.71 -11.82
N ARG WA 14 8.50 -85.73 -12.37
CA ARG WA 14 9.83 -85.99 -12.89
C ARG WA 14 10.75 -86.35 -11.72
N SER WA 15 11.46 -87.46 -11.87
CA SER WA 15 12.53 -87.76 -10.92
C SER WA 15 13.55 -86.61 -10.93
N VAL WA 16 14.24 -86.43 -9.80
CA VAL WA 16 15.16 -85.31 -9.62
C VAL WA 16 16.57 -85.85 -9.65
N ILE WA 17 17.35 -85.37 -10.61
CA ILE WA 17 18.70 -85.87 -10.85
C ILE WA 17 19.66 -84.70 -10.71
N GLY WA 18 20.82 -84.95 -10.11
CA GLY WA 18 21.75 -83.86 -9.88
C GLY WA 18 23.11 -84.34 -9.47
N ASN WA 19 23.91 -83.40 -8.97
CA ASN WA 19 25.20 -83.71 -8.38
C ASN WA 19 25.49 -82.70 -7.27
N VAL WA 20 26.00 -83.20 -6.14
CA VAL WA 20 26.27 -82.32 -5.01
C VAL WA 20 27.30 -81.28 -5.39
N LEU WA 21 26.99 -80.01 -5.10
CA LEU WA 21 27.86 -78.89 -5.44
C LEU WA 21 28.69 -78.42 -4.27
N ARG WA 22 28.05 -77.94 -3.20
CA ARG WA 22 28.77 -77.45 -2.04
C ARG WA 22 27.92 -77.70 -0.81
N THR WA 23 28.60 -77.84 0.32
CA THR WA 23 27.97 -78.01 1.61
C THR WA 23 28.22 -76.74 2.41
N THR WA 24 27.25 -75.81 2.37
CA THR WA 24 27.41 -74.51 3.01
C THR WA 24 27.63 -74.67 4.51
N GLY WA 25 26.73 -75.38 5.18
CA GLY WA 25 26.82 -75.60 6.59
C GLY WA 25 26.60 -77.07 6.95
N PRO WA 26 26.62 -77.37 8.25
CA PRO WA 26 26.39 -78.76 8.66
C PRO WA 26 24.99 -79.24 8.36
N ASP WA 27 23.99 -78.36 8.43
CA ASP WA 27 22.61 -78.68 8.13
C ASP WA 27 22.20 -78.29 6.71
N THR WA 28 23.06 -77.62 5.96
CA THR WA 28 22.69 -77.04 4.67
C THR WA 28 23.61 -77.59 3.59
N THR WA 29 23.03 -78.21 2.56
CA THR WA 29 23.80 -78.71 1.42
C THR WA 29 23.15 -78.26 0.12
N VAL WA 30 23.97 -77.90 -0.86
CA VAL WA 30 23.50 -77.31 -2.10
C VAL WA 30 23.93 -78.17 -3.28
N TYR WA 31 22.95 -78.61 -4.07
CA TYR WA 31 23.16 -79.48 -5.21
C TYR WA 31 23.02 -78.67 -6.48
N SER WA 32 23.89 -78.95 -7.46
CA SER WA 32 23.80 -78.40 -8.80
C SER WA 32 23.05 -79.38 -9.68
N LEU WA 33 22.04 -78.86 -10.38
CA LEU WA 33 21.15 -79.64 -11.23
C LEU WA 33 21.56 -79.51 -12.67
N PRO WA 34 20.96 -80.29 -13.58
CA PRO WA 34 21.33 -80.17 -14.99
C PRO WA 34 20.97 -78.81 -15.55
N GLY WA 35 21.77 -78.34 -16.50
CA GLY WA 35 21.57 -77.03 -17.08
C GLY WA 35 22.08 -75.87 -16.24
N HIS WA 36 22.78 -76.15 -15.16
CA HIS WA 36 23.41 -75.14 -14.32
C HIS WA 36 24.64 -74.59 -15.01
N THR WA 37 24.46 -73.48 -15.72
CA THR WA 37 25.62 -72.73 -16.18
C THR WA 37 26.05 -71.73 -15.12
N PRO WA 38 27.28 -71.22 -15.19
CA PRO WA 38 27.64 -70.10 -14.30
C PRO WA 38 26.77 -68.88 -14.56
N VAL WA 39 26.41 -68.64 -15.83
CA VAL WA 39 25.58 -67.49 -16.17
C VAL WA 39 24.17 -67.68 -15.65
N ASN WA 40 23.60 -68.87 -15.82
CA ASN WA 40 22.21 -69.17 -15.49
C ASN WA 40 22.20 -70.29 -14.44
N PRO WA 41 22.47 -69.98 -13.19
CA PRO WA 41 22.58 -71.04 -12.17
C PRO WA 41 21.24 -71.74 -11.95
N PHE WA 42 21.32 -73.00 -11.55
CA PHE WA 42 20.14 -73.83 -11.33
C PHE WA 42 20.46 -74.83 -10.23
N THR WA 43 19.85 -74.68 -9.06
CA THR WA 43 20.31 -75.38 -7.87
C THR WA 43 19.16 -75.77 -6.97
N LEU WA 44 19.32 -76.93 -6.32
CA LEU WA 44 18.47 -77.35 -5.22
C LEU WA 44 19.24 -77.16 -3.93
N THR WA 45 18.70 -76.35 -3.02
CA THR WA 45 19.26 -76.17 -1.70
C THR WA 45 18.41 -76.92 -0.68
N ALA WA 46 19.05 -77.68 0.20
CA ALA WA 46 18.37 -78.50 1.19
C ALA WA 46 18.87 -78.12 2.57
N VAL WA 47 17.95 -77.74 3.45
CA VAL WA 47 18.27 -77.32 4.81
C VAL WA 47 17.41 -78.15 5.75
N SER WA 48 18.03 -79.09 6.45
CA SER WA 48 17.33 -79.98 7.37
C SER WA 48 17.80 -79.69 8.78
N ARG WA 49 16.92 -79.11 9.59
CA ARG WA 49 17.25 -78.71 10.95
C ARG WA 49 16.63 -79.68 11.95
N LEU WA 50 17.49 -80.30 12.74
CA LEU WA 50 17.11 -81.34 13.69
C LEU WA 50 16.29 -80.74 14.83
N PRO WA 51 15.52 -81.56 15.53
CA PRO WA 51 14.73 -81.04 16.65
C PRO WA 51 15.61 -80.84 17.88
N VAL WA 52 15.45 -79.70 18.52
CA VAL WA 52 16.11 -79.40 19.78
C VAL WA 52 15.07 -79.54 20.89
N PRO WA 53 15.24 -80.48 21.82
CA PRO WA 53 14.26 -80.64 22.89
C PRO WA 53 14.34 -79.49 23.87
N ARG WA 54 13.16 -79.07 24.31
CA ARG WA 54 13.02 -77.99 25.28
C ARG WA 54 12.45 -78.60 26.55
N LYS WA 55 12.60 -77.89 27.66
CA LYS WA 55 12.18 -78.45 28.95
C LYS WA 55 10.66 -78.52 28.98
N GLY WA 56 10.11 -79.73 28.90
CA GLY WA 56 8.69 -79.94 28.81
C GLY WA 56 8.12 -79.91 27.40
N ASN WA 57 8.96 -79.68 26.40
CA ASN WA 57 8.52 -79.62 25.00
C ASN WA 57 9.40 -80.54 24.16
N ALA WA 58 8.78 -81.43 23.41
CA ALA WA 58 9.53 -82.17 22.43
C ALA WA 58 10.05 -81.25 21.34
N GLY WA 59 11.06 -81.71 20.61
CA GLY WA 59 11.57 -80.96 19.48
C GLY WA 59 10.62 -80.99 18.30
N THR WA 60 10.93 -80.17 17.30
CA THR WA 60 10.25 -80.20 16.01
C THR WA 60 11.29 -80.14 14.91
N THR WA 61 11.19 -81.07 13.95
CA THR WA 61 12.12 -81.13 12.82
C THR WA 61 11.64 -80.23 11.69
N LYS WA 62 12.53 -79.36 11.21
CA LYS WA 62 12.21 -78.50 10.08
C LYS WA 62 13.02 -78.97 8.88
N THR WA 63 12.43 -78.88 7.68
CA THR WA 63 13.03 -79.36 6.46
C THR WA 63 12.65 -78.41 5.34
N THR WA 64 13.63 -77.96 4.56
CA THR WA 64 13.38 -76.96 3.53
C THR WA 64 14.13 -77.31 2.26
N LEU WA 65 13.39 -77.45 1.16
CA LEU WA 65 13.94 -77.82 -0.15
C LEU WA 65 13.56 -76.72 -1.14
N SER WA 66 14.56 -76.05 -1.72
CA SER WA 66 14.33 -74.92 -2.62
C SER WA 66 14.98 -75.17 -3.97
N LEU WA 67 14.19 -75.12 -5.04
CA LEU WA 67 14.70 -75.13 -6.40
C LEU WA 67 14.74 -73.69 -6.91
N ARG WA 68 15.94 -73.22 -7.27
CA ARG WA 68 16.14 -71.87 -7.76
C ARG WA 68 16.78 -71.92 -9.14
N ARG WA 69 16.11 -71.37 -10.15
CA ARG WA 69 16.65 -71.26 -11.49
C ARG WA 69 16.60 -69.81 -11.95
N GLU WA 70 17.75 -69.26 -12.34
CA GLU WA 70 17.81 -67.90 -12.85
C GLU WA 70 17.74 -67.96 -14.37
N VAL WA 71 16.60 -67.59 -14.92
CA VAL WA 71 16.31 -67.74 -16.34
C VAL WA 71 16.49 -66.39 -17.04
N THR WA 72 16.98 -66.44 -18.28
CA THR WA 72 17.03 -65.25 -19.10
C THR WA 72 15.63 -64.93 -19.62
N ILE WA 73 15.17 -63.70 -19.38
CA ILE WA 73 13.86 -63.25 -19.80
C ILE WA 73 14.02 -62.36 -21.03
N ASN WA 74 13.12 -62.56 -22.00
CA ASN WA 74 13.01 -61.86 -23.28
C ASN WA 74 14.37 -61.57 -23.90
N LYS WA 75 15.05 -62.68 -24.21
CA LYS WA 75 16.39 -62.62 -24.81
C LYS WA 75 16.38 -61.85 -26.12
N GLY WA 76 15.47 -62.19 -27.03
CA GLY WA 76 15.44 -61.52 -28.31
C GLY WA 76 15.17 -60.03 -28.19
N THR WA 77 14.27 -59.66 -27.28
CA THR WA 77 13.92 -58.27 -27.09
C THR WA 77 15.05 -57.55 -26.36
N ASP WA 78 15.03 -56.21 -26.46
CA ASP WA 78 15.93 -55.40 -25.68
C ASP WA 78 15.59 -55.52 -24.19
N GLN WA 79 16.59 -55.22 -23.35
CA GLN WA 79 16.46 -55.30 -21.90
C GLN WA 79 16.24 -56.74 -21.43
N GLU WA 80 16.95 -57.69 -22.05
CA GLU WA 80 16.89 -59.06 -21.58
C GLU WA 80 17.51 -59.13 -20.19
N LYS WA 81 16.92 -59.92 -19.29
CA LYS WA 81 17.42 -59.91 -17.92
C LYS WA 81 17.37 -61.29 -17.29
N ILE WA 82 18.41 -61.64 -16.55
CA ILE WA 82 18.43 -62.91 -15.83
C ILE WA 82 17.71 -62.73 -14.50
N VAL WA 83 16.59 -63.41 -14.34
CA VAL WA 83 15.74 -63.20 -13.17
C VAL WA 83 15.48 -64.57 -12.54
N PRO WA 84 15.48 -64.70 -11.22
CA PRO WA 84 15.27 -66.01 -10.60
C PRO WA 84 13.82 -66.40 -10.38
N MET WA 85 13.48 -67.65 -10.71
CA MET WA 85 12.23 -68.26 -10.27
C MET WA 85 12.56 -69.32 -9.23
N ILE WA 86 11.72 -69.40 -8.21
CA ILE WA 86 11.96 -70.26 -7.06
C ILE WA 86 10.71 -71.06 -6.76
N ALA WA 87 10.90 -72.33 -6.40
CA ALA WA 87 9.84 -73.18 -5.86
C ALA WA 87 10.37 -73.94 -4.64
N ARG WA 88 9.74 -73.71 -3.48
CA ARG WA 88 10.15 -74.25 -2.20
C ARG WA 88 9.09 -75.15 -1.59
N ILE WA 89 9.57 -76.23 -0.99
CA ILE WA 89 8.81 -77.04 -0.06
C ILE WA 89 9.40 -76.75 1.32
N GLU WA 90 8.55 -76.38 2.28
CA GLU WA 90 9.00 -76.16 3.65
C GLU WA 90 8.09 -76.96 4.57
N THR WA 91 8.67 -77.70 5.52
CA THR WA 91 7.91 -78.63 6.33
C THR WA 91 8.41 -78.66 7.76
N SER WA 92 7.51 -78.38 8.70
CA SER WA 92 7.80 -78.50 10.13
C SER WA 92 6.96 -79.61 10.73
N VAL WA 93 7.63 -80.65 11.25
CA VAL WA 93 6.98 -81.82 11.81
C VAL WA 93 7.40 -81.94 13.27
N PRO WA 94 6.50 -81.84 14.23
CA PRO WA 94 6.84 -82.16 15.62
C PRO WA 94 7.13 -83.65 15.79
N VAL WA 95 7.79 -83.97 16.90
CA VAL WA 95 8.32 -85.33 17.08
C VAL WA 95 7.19 -86.35 17.18
N GLY WA 96 6.16 -86.05 17.97
CA GLY WA 96 5.07 -86.99 18.22
C GLY WA 96 4.27 -87.43 17.00
N VAL WA 97 4.54 -86.86 15.84
CA VAL WA 97 3.73 -87.10 14.65
C VAL WA 97 3.91 -88.53 14.15
N SER WA 98 2.81 -89.10 13.64
CA SER WA 98 2.86 -90.41 12.97
C SER WA 98 3.20 -90.25 11.51
N GLN WA 99 4.11 -91.11 11.03
CA GLN WA 99 4.51 -91.09 9.63
C GLN WA 99 3.31 -91.26 8.70
N ASP WA 100 2.29 -92.00 9.15
CA ASP WA 100 1.09 -92.17 8.37
C ASP WA 100 0.39 -90.84 8.14
N ASP WA 101 0.07 -90.14 9.24
CA ASP WA 101 -0.58 -88.83 9.16
C ASP WA 101 0.21 -87.89 8.27
N PHE WA 102 1.53 -87.86 8.45
CA PHE WA 102 2.31 -86.86 7.73
C PHE WA 102 2.46 -87.21 6.26
N LYS WA 103 2.61 -88.49 5.91
CA LYS WA 103 2.65 -88.83 4.51
C LYS WA 103 1.30 -88.55 3.84
N ALA WA 104 0.20 -88.63 4.60
CA ALA WA 104 -1.09 -88.20 4.08
C ALA WA 104 -1.06 -86.73 3.71
N MET WA 105 -0.61 -85.89 4.63
CA MET WA 105 -0.49 -84.46 4.29
C MET WA 105 0.40 -84.23 3.09
N ILE WA 106 1.50 -84.97 2.99
CA ILE WA 106 2.44 -84.77 1.88
C ILE WA 106 1.77 -85.11 0.55
N GLU WA 107 1.12 -86.29 0.50
CA GLU WA 107 0.43 -86.72 -0.72
C GLU WA 107 -0.61 -85.69 -1.13
N GLY WA 108 -1.32 -85.12 -0.17
CA GLY WA 108 -2.23 -84.02 -0.49
C GLY WA 108 -1.50 -82.83 -1.08
N LEU WA 109 -0.42 -82.40 -0.41
CA LEU WA 109 0.32 -81.22 -0.83
C LEU WA 109 0.89 -81.36 -2.23
N ALA WA 110 1.20 -82.59 -2.64
CA ALA WA 110 1.81 -82.79 -3.95
C ALA WA 110 0.82 -82.52 -5.09
N CYS WA 111 -0.47 -82.66 -4.81
CA CYS WA 111 -1.50 -82.59 -5.86
C CYS WA 111 -1.47 -81.32 -6.68
N PRO WA 112 -1.43 -80.11 -6.10
CA PRO WA 112 -1.45 -78.89 -6.94
C PRO WA 112 -0.22 -78.75 -7.82
N LEU WA 113 0.90 -79.35 -7.44
CA LEU WA 113 2.10 -79.25 -8.27
C LEU WA 113 1.91 -79.96 -9.61
N LEU WA 114 1.22 -81.09 -9.59
CA LEU WA 114 1.09 -81.92 -10.80
C LEU WA 114 -0.23 -81.63 -11.50
N LEU WA 115 -0.29 -80.44 -12.11
CA LEU WA 115 -1.47 -79.98 -12.82
C LEU WA 115 -1.11 -79.57 -14.25
N ASP WA 116 -2.15 -79.41 -15.07
CA ASP WA 116 -1.97 -79.06 -16.47
C ASP WA 116 -1.53 -77.59 -16.63
N GLU WA 117 -1.02 -77.29 -17.82
CA GLU WA 117 -0.46 -75.96 -18.08
C GLU WA 117 -1.50 -74.86 -17.86
N ILE WA 118 -2.77 -75.15 -18.17
CA ILE WA 118 -3.79 -74.12 -18.05
C ILE WA 118 -3.92 -73.68 -16.59
N HIS WA 119 -4.14 -74.65 -15.69
CA HIS WA 119 -4.27 -74.31 -14.27
C HIS WA 119 -2.98 -73.74 -13.71
N VAL WA 120 -1.83 -74.28 -14.13
CA VAL WA 120 -0.57 -73.81 -13.58
C VAL WA 120 -0.34 -72.35 -13.95
N ASN WA 121 -0.59 -71.98 -15.21
CA ASN WA 121 -0.44 -70.60 -15.62
C ASN WA 121 -1.47 -69.70 -14.96
N ASP WA 122 -2.69 -70.21 -14.76
CA ASP WA 122 -3.72 -69.39 -14.12
C ASP WA 122 -3.40 -69.11 -12.66
N LEU WA 123 -2.82 -70.07 -11.95
CA LEU WA 123 -2.58 -69.92 -10.52
C LEU WA 123 -1.20 -69.35 -10.19
N PHE WA 124 -0.13 -70.00 -10.66
CA PHE WA 124 1.21 -69.68 -10.18
C PHE WA 124 1.83 -68.49 -10.88
N LEU WA 125 1.39 -68.18 -12.10
CA LEU WA 125 1.93 -67.09 -12.90
C LEU WA 125 0.98 -65.90 -13.02
N SER WA 126 -0.27 -66.14 -13.43
CA SER WA 126 -1.23 -65.04 -13.56
C SER WA 126 -1.69 -64.56 -12.20
N GLY WA 127 -1.82 -65.47 -11.24
CA GLY WA 127 -2.22 -65.12 -9.91
C GLY WA 127 -3.70 -65.23 -9.63
N LEU WA 128 -4.44 -65.96 -10.48
CA LEU WA 128 -5.87 -66.11 -10.31
C LEU WA 128 -6.19 -66.90 -9.05
N PRO WA 129 -7.42 -66.82 -8.56
CA PRO WA 129 -7.79 -67.63 -7.39
C PRO WA 129 -7.90 -69.09 -7.79
N ILE WA 130 -7.87 -69.97 -6.77
CA ILE WA 130 -7.93 -71.40 -7.04
C ILE WA 130 -9.26 -71.74 -7.72
N ALA WA 131 -9.19 -72.55 -8.78
CA ALA WA 131 -10.37 -72.99 -9.50
C ALA WA 131 -11.04 -74.13 -8.74
N THR WA 132 -12.17 -73.84 -8.09
CA THR WA 132 -12.89 -74.85 -7.32
C THR WA 132 -13.87 -75.57 -8.23
N THR WA 133 -13.99 -76.88 -8.03
CA THR WA 133 -14.87 -77.70 -8.87
C THR WA 133 -15.83 -78.48 -7.99
N ASP WA 134 -17.13 -78.29 -8.18
CA ASP WA 134 -18.10 -79.04 -7.40
C ASP WA 134 -17.93 -80.54 -7.61
N VAL WA 135 -17.80 -81.26 -6.52
CA VAL WA 135 -17.67 -82.73 -6.60
C VAL WA 135 -19.02 -83.31 -7.01
N PRO WA 136 -19.08 -84.15 -8.04
CA PRO WA 136 -20.38 -84.75 -8.39
C PRO WA 136 -20.86 -85.65 -7.27
N ASP WA 137 -22.00 -85.30 -6.69
CA ASP WA 137 -22.62 -86.16 -5.68
C ASP WA 137 -22.87 -87.55 -6.25
N ASN WA 138 -23.04 -87.64 -7.58
CA ASN WA 138 -23.28 -88.92 -8.22
C ASN WA 138 -22.04 -89.80 -8.15
N GLU WA 139 -20.86 -89.20 -8.28
CA GLU WA 139 -19.58 -89.88 -8.37
C GLU WA 139 -19.07 -90.29 -6.99
N PRO WA 140 -18.05 -91.16 -6.91
CA PRO WA 140 -17.58 -91.61 -5.61
C PRO WA 140 -16.92 -90.48 -4.85
N LEU WA 141 -16.99 -90.57 -3.51
CA LEU WA 141 -16.33 -89.57 -2.70
C LEU WA 141 -14.82 -89.70 -2.85
N PRO WA 142 -14.11 -88.59 -3.05
CA PRO WA 142 -12.66 -88.65 -3.26
C PRO WA 142 -11.94 -89.10 -2.00
N PRO WA 143 -10.63 -89.40 -2.09
CA PRO WA 143 -9.93 -89.93 -0.91
C PRO WA 143 -9.91 -88.93 0.23
N ALA WA 144 -10.01 -89.44 1.46
CA ALA WA 144 -10.23 -88.60 2.61
C ALA WA 144 -9.06 -87.68 2.92
N LEU WA 145 -7.85 -88.02 2.47
CA LEU WA 145 -6.63 -87.28 2.76
C LEU WA 145 -6.16 -87.47 4.21
N LEU WA 146 -6.52 -88.61 4.80
CA LEU WA 146 -6.27 -88.95 6.22
C LEU WA 146 -6.14 -87.73 7.10
N SER XA 1 64.28 -66.39 -35.11
CA SER XA 1 63.02 -66.80 -35.70
C SER XA 1 61.97 -67.12 -34.62
N ILE XA 2 61.28 -68.23 -34.80
CA ILE XA 2 60.29 -68.72 -33.84
C ILE XA 2 60.85 -69.98 -33.22
N LYS XA 3 60.73 -70.11 -31.89
CA LYS XA 3 61.42 -71.16 -31.17
C LYS XA 3 60.45 -72.02 -30.38
N TYR XA 4 60.66 -73.34 -30.45
CA TYR XA 4 60.12 -74.27 -29.46
C TYR XA 4 60.57 -73.82 -28.08
N ILE XA 5 59.58 -73.57 -27.22
CA ILE XA 5 59.81 -73.46 -25.79
C ILE XA 5 59.78 -74.85 -25.15
N PHE XA 6 58.77 -75.64 -25.49
CA PHE XA 6 58.64 -77.01 -25.02
C PHE XA 6 58.17 -77.87 -26.19
N LYS XA 7 59.03 -78.78 -26.64
CA LYS XA 7 58.65 -79.71 -27.69
C LYS XA 7 57.78 -80.81 -27.10
N LYS XA 8 56.65 -81.07 -27.76
CA LYS XA 8 55.73 -82.11 -27.30
C LYS XA 8 56.36 -83.49 -27.42
N THR XA 9 56.20 -84.29 -26.37
CA THR XA 9 56.68 -85.66 -26.36
C THR XA 9 55.51 -86.63 -26.32
N ASP XA 10 55.68 -87.78 -26.96
CA ASP XA 10 54.64 -88.81 -27.01
C ASP XA 10 54.67 -89.64 -25.73
N THR XA 11 54.47 -88.95 -24.61
CA THR XA 11 54.45 -89.55 -23.28
C THR XA 11 53.08 -89.28 -22.68
N LEU XA 12 52.25 -90.32 -22.62
CA LEU XA 12 50.89 -90.16 -22.11
C LEU XA 12 50.90 -89.87 -20.61
N PRO XA 13 49.97 -89.07 -20.12
CA PRO XA 13 49.93 -88.78 -18.68
C PRO XA 13 49.39 -89.96 -17.90
N ARG XA 14 49.98 -90.20 -16.74
CA ARG XA 14 49.49 -91.23 -15.83
C ARG XA 14 48.11 -90.83 -15.32
N SER XA 15 47.16 -91.74 -15.42
CA SER XA 15 45.87 -91.52 -14.78
C SER XA 15 46.06 -91.37 -13.28
N VAL XA 16 45.15 -90.61 -12.65
CA VAL XA 16 45.25 -90.27 -11.24
C VAL XA 16 44.20 -91.03 -10.45
N ILE XA 17 44.65 -91.95 -9.62
CA ILE XA 17 43.77 -92.81 -8.84
C ILE XA 17 43.98 -92.49 -7.38
N GLY XA 18 42.90 -92.47 -6.60
CA GLY XA 18 43.01 -92.12 -5.21
C GLY XA 18 41.76 -92.50 -4.44
N ASN XA 19 41.69 -91.99 -3.21
CA ASN XA 19 40.48 -92.15 -2.41
C ASN XA 19 40.33 -90.92 -1.52
N VAL XA 20 39.10 -90.44 -1.38
CA VAL XA 20 38.86 -89.20 -0.63
C VAL XA 20 39.24 -89.40 0.83
N LEU XA 21 40.12 -88.51 1.33
CA LEU XA 21 40.59 -88.60 2.71
C LEU XA 21 39.79 -87.72 3.67
N ARG XA 22 39.84 -86.41 3.50
CA ARG XA 22 39.11 -85.51 4.38
C ARG XA 22 38.74 -84.24 3.64
N THR XA 23 37.59 -83.71 4.00
CA THR XA 23 37.07 -82.46 3.44
C THR XA 23 37.35 -81.39 4.47
N THR XA 24 38.42 -80.62 4.22
CA THR XA 24 38.83 -79.58 5.16
C THR XA 24 37.78 -78.48 5.26
N GLY XA 25 37.46 -77.84 4.14
CA GLY XA 25 36.46 -76.79 4.09
C GLY XA 25 35.40 -77.10 3.06
N PRO XA 26 34.43 -76.20 2.91
CA PRO XA 26 33.41 -76.42 1.87
C PRO XA 26 33.99 -76.38 0.48
N ASP XA 27 34.98 -75.52 0.27
CA ASP XA 27 35.66 -75.39 -1.00
C ASP XA 27 36.96 -76.20 -1.09
N THR XA 28 37.31 -76.95 -0.05
CA THR XA 28 38.60 -77.63 0.03
C THR XA 28 38.40 -79.09 0.37
N THR XA 29 38.86 -79.98 -0.51
CA THR XA 29 38.81 -81.41 -0.26
C THR XA 29 40.19 -82.01 -0.47
N VAL XA 30 40.54 -83.02 0.32
CA VAL XA 30 41.88 -83.59 0.28
C VAL XA 30 41.78 -85.10 0.07
N TYR XA 31 42.49 -85.59 -0.93
CA TYR XA 31 42.47 -86.98 -1.35
C TYR XA 31 43.79 -87.64 -0.98
N SER XA 32 43.71 -88.86 -0.47
CA SER XA 32 44.89 -89.68 -0.20
C SER XA 32 45.15 -90.57 -1.42
N LEU XA 33 46.37 -90.52 -1.91
CA LEU XA 33 46.82 -91.24 -3.09
C LEU XA 33 47.53 -92.52 -2.68
N PRO XA 34 47.84 -93.40 -3.63
CA PRO XA 34 48.58 -94.61 -3.28
C PRO XA 34 49.96 -94.28 -2.72
N GLY XA 35 50.44 -95.17 -1.85
CA GLY XA 35 51.71 -94.94 -1.20
C GLY XA 35 51.69 -93.94 -0.08
N HIS XA 36 50.50 -93.48 0.31
CA HIS XA 36 50.33 -92.57 1.43
C HIS XA 36 50.44 -93.37 2.72
N THR XA 37 51.66 -93.48 3.22
CA THR XA 37 51.83 -93.97 4.58
C THR XA 37 51.68 -92.80 5.56
N PRO XA 38 51.38 -93.08 6.82
CA PRO XA 38 51.44 -92.01 7.83
C PRO XA 38 52.85 -91.45 7.95
N VAL XA 39 53.86 -92.26 7.70
CA VAL XA 39 55.25 -91.79 7.75
C VAL XA 39 55.54 -90.85 6.58
N ASN XA 40 55.14 -91.24 5.38
CA ASN XA 40 55.48 -90.54 4.14
C ASN XA 40 54.18 -90.18 3.42
N PRO XA 41 53.48 -89.15 3.86
CA PRO XA 41 52.16 -88.85 3.28
C PRO XA 41 52.24 -88.43 1.82
N PHE XA 42 51.21 -88.83 1.07
CA PHE XA 42 51.05 -88.49 -0.34
C PHE XA 42 49.62 -87.97 -0.47
N THR XA 43 49.42 -86.70 -0.81
CA THR XA 43 48.05 -86.21 -0.91
C THR XA 43 47.87 -85.22 -2.05
N LEU XA 44 46.71 -85.30 -2.69
CA LEU XA 44 46.22 -84.29 -3.62
C LEU XA 44 45.18 -83.43 -2.90
N THR XA 45 45.45 -82.13 -2.80
CA THR XA 45 44.49 -81.19 -2.24
C THR XA 45 43.88 -80.36 -3.36
N ALA XA 46 42.56 -80.22 -3.33
CA ALA XA 46 41.81 -79.52 -4.37
C ALA XA 46 40.99 -78.43 -3.72
N VAL XA 47 41.17 -77.20 -4.20
CA VAL XA 47 40.49 -76.03 -3.68
C VAL XA 47 39.86 -75.30 -4.86
N SER XA 48 38.54 -75.39 -4.98
CA SER XA 48 37.80 -74.81 -6.09
C SER XA 48 36.90 -73.70 -5.54
N ARG XA 49 37.30 -72.46 -5.76
CA ARG XA 49 36.59 -71.30 -5.24
C ARG XA 49 35.67 -70.74 -6.31
N LEU XA 50 34.37 -70.77 -6.02
CA LEU XA 50 33.32 -70.43 -6.95
C LEU XA 50 33.30 -68.93 -7.21
N PRO XA 51 32.72 -68.51 -8.32
CA PRO XA 51 32.76 -67.08 -8.66
C PRO XA 51 31.60 -66.32 -8.04
N VAL XA 52 31.89 -65.22 -7.36
CA VAL XA 52 30.87 -64.36 -6.78
C VAL XA 52 30.66 -63.19 -7.73
N PRO XA 53 29.47 -63.03 -8.30
CA PRO XA 53 29.24 -61.92 -9.25
C PRO XA 53 28.90 -60.66 -8.51
N ARG XA 54 29.73 -59.63 -8.66
CA ARG XA 54 29.41 -58.28 -8.20
C ARG XA 54 28.58 -57.58 -9.27
N LYS XA 55 27.84 -56.55 -8.86
CA LYS XA 55 26.95 -55.89 -9.80
C LYS XA 55 27.75 -55.30 -10.95
N GLY XA 56 27.42 -55.71 -12.17
CA GLY XA 56 28.15 -55.29 -13.34
C GLY XA 56 29.41 -56.09 -13.64
N ASN XA 57 29.68 -57.15 -12.88
CA ASN XA 57 30.86 -57.97 -13.10
C ASN XA 57 30.47 -59.44 -13.00
N ALA XA 58 30.85 -60.22 -14.01
CA ALA XA 58 30.76 -61.66 -13.86
C ALA XA 58 31.84 -62.14 -12.90
N GLY XA 59 31.60 -63.29 -12.29
CA GLY XA 59 32.57 -63.84 -11.37
C GLY XA 59 33.85 -64.24 -12.06
N THR XA 60 34.81 -64.71 -11.26
CA THR XA 60 36.03 -65.35 -11.75
C THR XA 60 36.28 -66.59 -10.90
N THR XA 61 36.30 -67.76 -11.55
CA THR XA 61 36.46 -69.04 -10.84
C THR XA 61 37.93 -69.36 -10.65
N LYS XA 62 38.32 -69.68 -9.40
CA LYS XA 62 39.68 -70.09 -9.12
C LYS XA 62 39.72 -71.57 -8.79
N THR XA 63 40.76 -72.26 -9.26
CA THR XA 63 40.86 -73.71 -9.08
C THR XA 63 42.31 -74.04 -8.79
N THR XA 64 42.56 -74.81 -7.73
CA THR XA 64 43.93 -75.10 -7.30
C THR XA 64 44.05 -76.57 -6.97
N LEU XA 65 45.01 -77.25 -7.60
CA LEU XA 65 45.24 -78.68 -7.44
C LEU XA 65 46.70 -78.88 -7.06
N SER XA 66 46.96 -79.41 -5.86
CA SER XA 66 48.31 -79.54 -5.34
C SER XA 66 48.59 -81.00 -5.00
N LEU XA 67 49.64 -81.57 -5.61
CA LEU XA 67 50.17 -82.85 -5.20
C LEU XA 67 51.36 -82.61 -4.27
N ARG XA 68 51.29 -83.14 -3.05
CA ARG XA 68 52.37 -83.02 -2.09
C ARG XA 68 52.76 -84.41 -1.59
N ARG XA 69 54.02 -84.78 -1.75
CA ARG XA 69 54.49 -86.06 -1.23
C ARG XA 69 55.83 -85.86 -0.55
N GLU XA 70 55.92 -86.33 0.71
CA GLU XA 70 57.10 -86.10 1.55
C GLU XA 70 58.02 -87.32 1.46
N VAL XA 71 59.11 -87.19 0.69
CA VAL XA 71 60.00 -88.32 0.45
C VAL XA 71 61.03 -88.41 1.56
N THR XA 72 61.36 -89.64 1.95
CA THR XA 72 62.57 -89.90 2.73
C THR XA 72 63.75 -89.78 1.77
N ILE XA 73 64.42 -88.63 1.82
CA ILE XA 73 65.61 -88.36 1.04
C ILE XA 73 66.83 -88.94 1.75
N ASN XA 74 67.72 -89.50 0.93
CA ASN XA 74 68.98 -90.17 1.30
C ASN XA 74 68.81 -91.05 2.54
N LYS XA 75 67.90 -92.02 2.41
CA LYS XA 75 67.59 -92.95 3.48
C LYS XA 75 68.81 -93.72 3.93
N GLY XA 76 69.52 -94.36 3.01
CA GLY XA 76 70.68 -95.16 3.39
C GLY XA 76 71.68 -94.38 4.22
N THR XA 77 71.96 -93.14 3.82
CA THR XA 77 72.95 -92.30 4.49
C THR XA 77 72.39 -91.82 5.83
N ASP XA 78 73.30 -91.57 6.77
CA ASP XA 78 72.89 -90.98 8.04
C ASP XA 78 72.43 -89.54 7.84
N GLN XA 79 71.70 -89.03 8.84
CA GLN XA 79 70.98 -87.77 8.73
C GLN XA 79 70.05 -87.79 7.54
N GLU XA 80 69.37 -88.93 7.36
CA GLU XA 80 68.34 -89.06 6.34
C GLU XA 80 67.14 -88.21 6.76
N LYS XA 81 66.43 -87.63 5.79
CA LYS XA 81 65.38 -86.70 6.22
C LYS XA 81 64.11 -86.89 5.39
N ILE XA 82 62.98 -86.45 5.94
CA ILE XA 82 61.71 -86.46 5.23
C ILE XA 82 61.42 -85.05 4.76
N VAL XA 83 61.30 -84.87 3.44
CA VAL XA 83 61.18 -83.52 2.88
C VAL XA 83 60.08 -83.53 1.82
N PRO XA 84 59.21 -82.51 1.79
CA PRO XA 84 58.07 -82.54 0.87
C PRO XA 84 58.34 -81.96 -0.51
N MET XA 85 58.03 -82.70 -1.58
CA MET XA 85 58.02 -82.13 -2.92
C MET XA 85 56.58 -81.84 -3.31
N ILE XA 86 56.38 -80.72 -4.01
CA ILE XA 86 55.03 -80.23 -4.31
C ILE XA 86 54.97 -79.79 -5.76
N ALA XA 87 53.89 -80.16 -6.44
CA ALA XA 87 53.58 -79.68 -7.78
C ALA XA 87 52.11 -79.26 -7.84
N ARG XA 88 51.86 -78.01 -8.23
CA ARG XA 88 50.54 -77.38 -8.22
C ARG XA 88 50.15 -76.91 -9.61
N ILE XA 89 48.88 -77.06 -9.90
CA ILE XA 89 48.21 -76.40 -10.98
C ILE XA 89 47.28 -75.36 -10.36
N GLU XA 90 47.42 -74.10 -10.74
CA GLU XA 90 46.55 -73.03 -10.24
C GLU XA 90 45.97 -72.31 -11.44
N THR XA 91 44.65 -72.10 -11.44
CA THR XA 91 43.97 -71.60 -12.63
C THR XA 91 42.87 -70.62 -12.27
N SER XA 92 42.94 -69.42 -12.85
CA SER XA 92 41.91 -68.39 -12.66
C SER XA 92 41.24 -68.12 -13.99
N VAL XA 93 39.97 -68.48 -14.11
CA VAL XA 93 39.19 -68.34 -15.33
C VAL XA 93 38.01 -67.42 -15.06
N PRO XA 94 37.97 -66.24 -15.65
CA PRO XA 94 36.76 -65.39 -15.54
C PRO XA 94 35.57 -66.06 -16.23
N VAL XA 95 34.38 -65.57 -15.88
CA VAL XA 95 33.17 -66.25 -16.35
C VAL XA 95 33.05 -66.22 -17.86
N GLY XA 96 33.16 -65.04 -18.47
CA GLY XA 96 32.99 -64.89 -19.91
C GLY XA 96 33.87 -65.75 -20.81
N VAL XA 97 34.88 -66.41 -20.22
CA VAL XA 97 35.84 -67.17 -21.01
C VAL XA 97 35.17 -68.32 -21.76
N SER XA 98 35.67 -68.60 -22.97
CA SER XA 98 35.17 -69.70 -23.79
C SER XA 98 35.90 -71.00 -23.47
N GLN XA 99 35.12 -72.08 -23.32
CA GLN XA 99 35.69 -73.38 -22.99
C GLN XA 99 36.69 -73.83 -24.05
N ASP XA 100 36.45 -73.50 -25.32
CA ASP XA 100 37.39 -73.86 -26.38
C ASP XA 100 38.76 -73.21 -26.15
N ASP XA 101 38.76 -71.88 -25.95
CA ASP XA 101 40.01 -71.16 -25.76
C ASP XA 101 40.76 -71.68 -24.55
N PHE XA 102 40.05 -71.85 -23.43
CA PHE XA 102 40.76 -72.24 -22.24
C PHE XA 102 41.23 -73.70 -22.30
N LYS XA 103 40.48 -74.57 -22.99
CA LYS XA 103 40.93 -75.95 -23.13
C LYS XA 103 42.18 -76.03 -23.98
N ALA XA 104 42.28 -75.16 -25.01
CA ALA XA 104 43.50 -75.13 -25.82
C ALA XA 104 44.69 -74.62 -25.00
N MET XA 105 44.48 -73.57 -24.22
CA MET XA 105 45.54 -73.07 -23.35
C MET XA 105 45.99 -74.13 -22.34
N ILE XA 106 45.04 -74.90 -21.78
CA ILE XA 106 45.38 -75.99 -20.88
C ILE XA 106 46.23 -77.04 -21.59
N GLU XA 107 45.78 -77.46 -22.78
CA GLU XA 107 46.55 -78.42 -23.57
C GLU XA 107 47.98 -77.95 -23.76
N GLY XA 108 48.15 -76.65 -24.04
CA GLY XA 108 49.49 -76.12 -24.14
C GLY XA 108 50.26 -76.22 -22.84
N LEU XA 109 49.62 -75.84 -21.73
CA LEU XA 109 50.30 -75.84 -20.44
C LEU XA 109 50.71 -77.25 -20.02
N ALA XA 110 50.02 -78.28 -20.48
CA ALA XA 110 50.37 -79.63 -20.08
C ALA XA 110 51.67 -80.11 -20.72
N CYS XA 111 52.16 -79.41 -21.76
CA CYS XA 111 53.31 -79.91 -22.51
C CYS XA 111 54.59 -80.00 -21.70
N PRO XA 112 55.01 -78.98 -20.93
CA PRO XA 112 56.27 -79.12 -20.17
C PRO XA 112 56.23 -80.19 -19.11
N LEU XA 113 55.04 -80.59 -18.66
CA LEU XA 113 54.97 -81.64 -17.67
C LEU XA 113 55.39 -83.00 -18.24
N LEU XA 114 55.01 -83.27 -19.48
CA LEU XA 114 55.24 -84.58 -20.09
C LEU XA 114 56.52 -84.54 -20.93
N LEU XA 115 57.65 -84.42 -20.23
CA LEU XA 115 58.97 -84.36 -20.87
C LEU XA 115 59.87 -85.48 -20.34
N ASP XA 116 60.97 -85.69 -21.04
CA ASP XA 116 61.93 -86.73 -20.69
C ASP XA 116 62.74 -86.35 -19.46
N GLU XA 117 63.36 -87.38 -18.85
CA GLU XA 117 64.07 -87.18 -17.60
C GLU XA 117 65.17 -86.13 -17.74
N ILE XA 118 65.82 -86.08 -18.91
CA ILE XA 118 66.91 -85.12 -19.09
C ILE XA 118 66.40 -83.70 -18.92
N HIS XA 119 65.38 -83.32 -19.69
CA HIS XA 119 64.84 -81.97 -19.57
C HIS XA 119 64.23 -81.72 -18.20
N VAL XA 120 63.57 -82.73 -17.62
CA VAL XA 120 62.90 -82.50 -16.34
C VAL XA 120 63.92 -82.25 -15.24
N ASN XA 121 65.02 -83.00 -15.22
CA ASN XA 121 66.07 -82.75 -14.25
C ASN XA 121 66.77 -81.43 -14.52
N ASP XA 122 66.94 -81.06 -15.79
CA ASP XA 122 67.61 -79.80 -16.09
C ASP XA 122 66.78 -78.59 -15.65
N LEU XA 123 65.45 -78.68 -15.75
CA LEU XA 123 64.61 -77.52 -15.44
C LEU XA 123 64.05 -77.50 -14.02
N PHE XA 124 63.40 -78.58 -13.59
CA PHE XA 124 62.63 -78.51 -12.35
C PHE XA 124 63.46 -78.78 -11.10
N LEU XA 125 64.52 -79.55 -11.21
CA LEU XA 125 65.39 -79.85 -10.08
C LEU XA 125 66.66 -79.01 -10.09
N SER XA 126 67.41 -79.03 -11.20
CA SER XA 126 68.68 -78.32 -11.25
C SER XA 126 68.46 -76.82 -11.34
N GLY XA 127 67.39 -76.38 -11.99
CA GLY XA 127 67.16 -74.96 -12.17
C GLY XA 127 67.86 -74.36 -13.36
N LEU XA 128 68.45 -75.19 -14.23
CA LEU XA 128 69.11 -74.68 -15.42
C LEU XA 128 68.11 -73.91 -16.29
N PRO XA 129 68.59 -72.95 -17.10
CA PRO XA 129 67.67 -72.17 -17.92
C PRO XA 129 67.04 -73.01 -19.03
N ILE XA 130 65.88 -72.56 -19.51
CA ILE XA 130 65.18 -73.27 -20.58
C ILE XA 130 65.95 -73.11 -21.88
N ALA XA 131 66.15 -74.24 -22.59
CA ALA XA 131 66.87 -74.25 -23.86
C ALA XA 131 65.86 -74.12 -24.99
N THR XA 132 65.88 -72.97 -25.66
CA THR XA 132 65.00 -72.72 -26.80
C THR XA 132 65.52 -73.46 -28.03
N THR XA 133 64.61 -74.07 -28.79
CA THR XA 133 65.00 -74.85 -29.96
C THR XA 133 64.44 -74.22 -31.22
N ASP XA 134 65.29 -73.93 -32.19
CA ASP XA 134 64.81 -73.37 -33.45
C ASP XA 134 63.88 -74.35 -34.14
N VAL XA 135 62.70 -73.86 -34.51
CA VAL XA 135 61.77 -74.66 -35.31
C VAL XA 135 62.28 -74.75 -36.73
N PRO XA 136 62.38 -75.93 -37.33
CA PRO XA 136 62.88 -76.01 -38.71
C PRO XA 136 61.91 -75.31 -39.66
N ASP XA 137 62.42 -74.28 -40.34
CA ASP XA 137 61.61 -73.60 -41.36
C ASP XA 137 61.14 -74.57 -42.43
N ASN XA 138 61.91 -75.63 -42.67
CA ASN XA 138 61.53 -76.63 -43.67
C ASN XA 138 60.33 -77.44 -43.19
N GLU XA 139 60.25 -77.73 -41.89
CA GLU XA 139 59.21 -78.57 -41.32
C GLU XA 139 57.90 -77.78 -41.17
N PRO XA 140 56.76 -78.46 -41.03
CA PRO XA 140 55.48 -77.75 -40.93
C PRO XA 140 55.38 -77.00 -39.61
N LEU XA 141 54.66 -75.88 -39.65
CA LEU XA 141 54.53 -75.04 -38.47
C LEU XA 141 53.76 -75.80 -37.38
N PRO XA 142 54.19 -75.71 -36.13
CA PRO XA 142 53.51 -76.43 -35.04
C PRO XA 142 52.15 -75.85 -34.75
N PRO XA 143 51.31 -76.54 -33.97
CA PRO XA 143 49.94 -76.04 -33.73
C PRO XA 143 49.95 -74.67 -33.07
N ALA XA 144 48.94 -73.86 -33.43
CA ALA XA 144 48.93 -72.46 -33.03
C ALA XA 144 48.68 -72.26 -31.54
N LEU XA 145 48.13 -73.24 -30.85
CA LEU XA 145 47.79 -73.17 -29.43
C LEU XA 145 46.56 -72.30 -29.15
N LEU XA 146 45.76 -72.06 -30.18
CA LEU XA 146 44.59 -71.17 -30.14
C LEU XA 146 44.79 -69.96 -29.23
N SER YA 1 52.19 -114.37 42.82
CA SER YA 1 52.58 -114.85 41.50
C SER YA 1 52.10 -113.91 40.41
N ILE YA 2 51.59 -114.49 39.33
CA ILE YA 2 51.06 -113.74 38.20
C ILE YA 2 49.54 -113.89 38.23
N LYS YA 3 48.83 -112.79 38.05
CA LYS YA 3 47.38 -112.79 38.21
C LYS YA 3 46.68 -112.40 36.92
N TYR YA 4 45.60 -113.14 36.61
CA TYR YA 4 44.57 -112.66 35.72
C TYR YA 4 44.07 -111.30 36.22
N ILE YA 5 44.23 -110.28 35.37
CA ILE YA 5 43.53 -109.02 35.55
C ILE YA 5 42.11 -109.14 35.03
N PHE YA 6 41.97 -109.61 33.79
CA PHE YA 6 40.68 -109.85 33.18
C PHE YA 6 40.74 -111.19 32.46
N LYS YA 7 39.97 -112.16 32.94
CA LYS YA 7 39.91 -113.47 32.30
C LYS YA 7 39.02 -113.38 31.07
N LYS YA 8 39.53 -113.86 29.94
CA LYS YA 8 38.78 -113.81 28.69
C LYS YA 8 37.52 -114.68 28.74
N THR YA 9 36.41 -114.13 28.26
CA THR YA 9 35.16 -114.85 28.19
C THR YA 9 34.76 -115.09 26.75
N ASP YA 10 34.09 -116.23 26.51
CA ASP YA 10 33.67 -116.61 25.17
C ASP YA 10 32.35 -115.92 24.83
N THR YA 11 32.38 -114.59 24.84
CA THR YA 11 31.23 -113.76 24.54
C THR YA 11 31.59 -112.86 23.37
N LEU YA 12 31.00 -113.15 22.21
CA LEU YA 12 31.34 -112.42 21.00
C LEU YA 12 30.80 -110.99 21.07
N PRO YA 13 31.51 -110.03 20.47
CA PRO YA 13 31.03 -108.64 20.50
C PRO YA 13 29.86 -108.46 19.54
N ARG YA 14 28.88 -107.68 19.99
CA ARG YA 14 27.77 -107.31 19.12
C ARG YA 14 28.27 -106.43 17.99
N SER YA 15 27.94 -106.80 16.75
CA SER YA 15 28.23 -105.93 15.63
C SER YA 15 27.52 -104.60 15.79
N VAL YA 16 28.12 -103.54 15.25
CA VAL YA 16 27.62 -102.17 15.45
C VAL YA 16 26.95 -101.70 14.17
N ILE YA 17 25.65 -101.46 14.24
CA ILE YA 17 24.86 -101.08 13.09
C ILE YA 17 24.27 -99.70 13.35
N GLY YA 18 24.25 -98.86 12.32
CA GLY YA 18 23.78 -97.50 12.52
C GLY YA 18 23.51 -96.81 11.21
N ASN YA 19 23.40 -95.48 11.28
CA ASN YA 19 23.28 -94.65 10.09
C ASN YA 19 23.85 -93.27 10.37
N VAL YA 20 24.54 -92.68 9.39
CA VAL YA 20 25.20 -91.40 9.61
C VAL YA 20 24.17 -90.29 9.81
N LEU YA 21 24.25 -89.59 10.93
CA LEU YA 21 23.30 -88.53 11.28
C LEU YA 21 23.76 -87.14 10.84
N ARG YA 22 24.91 -86.69 11.32
CA ARG YA 22 25.46 -85.41 10.94
C ARG YA 22 26.98 -85.49 11.01
N THR YA 23 27.62 -84.58 10.29
CA THR YA 23 29.06 -84.41 10.31
C THR YA 23 29.35 -83.05 10.92
N THR YA 24 29.66 -83.05 12.22
CA THR YA 24 29.87 -81.79 12.94
C THR YA 24 31.02 -81.00 12.34
N GLY YA 25 32.21 -81.62 12.27
CA GLY YA 25 33.38 -80.99 11.74
C GLY YA 25 34.08 -81.87 10.73
N PRO YA 26 35.23 -81.42 10.22
CA PRO YA 26 35.95 -82.21 9.21
C PRO YA 26 36.56 -83.47 9.79
N ASP YA 27 36.85 -83.50 11.09
CA ASP YA 27 37.38 -84.68 11.75
C ASP YA 27 36.35 -85.38 12.63
N THR YA 28 35.13 -84.85 12.73
CA THR YA 28 34.14 -85.32 13.69
C THR YA 28 32.86 -85.69 12.94
N THR YA 29 32.44 -86.95 13.05
CA THR YA 29 31.20 -87.41 12.43
C THR YA 29 30.36 -88.17 13.46
N VAL YA 30 29.05 -87.94 13.43
CA VAL YA 30 28.13 -88.47 14.44
C VAL YA 30 27.12 -89.38 13.78
N TYR YA 31 26.98 -90.59 14.31
CA TYR YA 31 26.09 -91.62 13.79
C TYR YA 31 24.95 -91.83 14.77
N SER YA 32 23.73 -91.93 14.24
CA SER YA 32 22.58 -92.32 15.03
C SER YA 32 22.43 -93.83 14.98
N LEU YA 33 22.29 -94.44 16.14
CA LEU YA 33 22.17 -95.87 16.31
C LEU YA 33 20.72 -96.25 16.52
N PRO YA 34 20.39 -97.54 16.52
CA PRO YA 34 18.99 -97.93 16.71
C PRO YA 34 18.47 -97.50 18.08
N GLY YA 35 17.17 -97.22 18.14
CA GLY YA 35 16.58 -96.78 19.38
C GLY YA 35 16.85 -95.34 19.74
N HIS YA 36 17.21 -94.52 18.75
CA HIS YA 36 17.55 -93.11 18.96
C HIS YA 36 16.30 -92.27 18.76
N THR YA 37 15.58 -92.03 19.84
CA THR YA 37 14.55 -91.00 19.80
C THR YA 37 15.17 -89.65 20.15
N PRO YA 38 14.56 -88.55 19.72
CA PRO YA 38 15.10 -87.24 20.12
C PRO YA 38 15.04 -87.03 21.62
N VAL YA 39 14.02 -87.60 22.28
CA VAL YA 39 13.92 -87.46 23.73
C VAL YA 39 15.02 -88.27 24.42
N ASN YA 40 15.27 -89.49 23.94
CA ASN YA 40 16.24 -90.40 24.55
C ASN YA 40 17.32 -90.76 23.52
N PRO YA 41 18.20 -89.82 23.20
CA PRO YA 41 19.15 -90.04 22.09
C PRO YA 41 20.18 -91.11 22.41
N PHE YA 42 20.63 -91.79 21.36
CA PHE YA 42 21.66 -92.83 21.46
C PHE YA 42 22.50 -92.78 20.20
N THR YA 43 23.78 -92.39 20.35
CA THR YA 43 24.61 -92.00 19.23
C THR YA 43 26.07 -92.39 19.44
N LEU YA 44 26.74 -92.74 18.35
CA LEU YA 44 28.18 -92.94 18.30
C LEU YA 44 28.83 -91.73 17.63
N THR YA 45 29.65 -91.02 18.39
CA THR YA 45 30.45 -89.92 17.85
C THR YA 45 31.86 -90.45 17.58
N ALA YA 46 32.41 -90.09 16.44
CA ALA YA 46 33.73 -90.54 16.01
C ALA YA 46 34.58 -89.33 15.65
N VAL YA 47 35.70 -89.17 16.34
CA VAL YA 47 36.61 -88.04 16.14
C VAL YA 47 37.98 -88.63 15.84
N SER YA 48 38.43 -88.53 14.59
CA SER YA 48 39.74 -89.04 14.18
C SER YA 48 40.60 -87.85 13.78
N ARG YA 49 41.64 -87.57 14.57
CA ARG YA 49 42.52 -86.44 14.35
C ARG YA 49 43.85 -86.92 13.79
N LEU YA 50 44.19 -86.40 12.60
CA LEU YA 50 45.40 -86.80 11.91
C LEU YA 50 46.65 -86.33 12.65
N PRO YA 51 47.79 -86.94 12.36
CA PRO YA 51 49.04 -86.48 12.97
C PRO YA 51 49.52 -85.20 12.30
N VAL YA 52 49.97 -84.27 13.12
CA VAL YA 52 50.59 -83.04 12.64
C VAL YA 52 52.08 -83.12 12.92
N PRO YA 53 52.93 -83.19 11.90
CA PRO YA 53 54.37 -83.28 12.14
C PRO YA 53 54.88 -82.02 12.83
N ARG YA 54 55.84 -82.22 13.72
CA ARG YA 54 56.50 -81.13 14.42
C ARG YA 54 57.98 -81.22 14.09
N LYS YA 55 58.68 -80.10 14.17
CA LYS YA 55 60.07 -80.06 13.72
C LYS YA 55 60.90 -80.98 14.63
N GLY YA 56 61.37 -82.09 14.07
CA GLY YA 56 62.08 -83.11 14.82
C GLY YA 56 61.20 -84.16 15.47
N ASN YA 57 59.88 -84.05 15.33
CA ASN YA 57 58.96 -84.98 15.97
C ASN YA 57 57.96 -85.50 14.93
N ALA YA 58 57.81 -86.82 14.87
CA ALA YA 58 56.76 -87.39 14.04
C ALA YA 58 55.40 -87.13 14.67
N GLY YA 59 54.37 -87.14 13.83
CA GLY YA 59 53.03 -86.93 14.33
C GLY YA 59 52.53 -88.07 15.19
N THR YA 60 51.35 -87.87 15.78
CA THR YA 60 50.64 -88.92 16.50
C THR YA 60 49.16 -88.85 16.12
N THR YA 61 48.59 -89.98 15.68
CA THR YA 61 47.19 -90.07 15.31
C THR YA 61 46.33 -90.30 16.55
N LYS YA 62 45.34 -89.45 16.77
CA LYS YA 62 44.39 -89.65 17.85
C LYS YA 62 43.05 -90.11 17.28
N THR YA 63 42.37 -90.99 17.99
CA THR YA 63 41.13 -91.58 17.53
C THR YA 63 40.21 -91.75 18.73
N THR YA 64 38.99 -91.24 18.66
CA THR YA 64 38.08 -91.27 19.79
C THR YA 64 36.71 -91.72 19.31
N LEU YA 65 36.16 -92.74 19.94
CA LEU YA 65 34.86 -93.31 19.61
C LEU YA 65 34.02 -93.33 20.89
N SER YA 66 32.91 -92.57 20.91
CA SER YA 66 32.09 -92.41 22.10
C SER YA 66 30.67 -92.87 21.81
N LEU YA 67 30.17 -93.82 22.59
CA LEU YA 67 28.76 -94.15 22.59
C LEU YA 67 28.09 -93.44 23.75
N ARG YA 68 26.97 -92.75 23.47
CA ARG YA 68 26.23 -92.01 24.48
C ARG YA 68 24.75 -92.29 24.33
N ARG YA 69 24.12 -92.77 25.42
CA ARG YA 69 22.71 -93.12 25.39
C ARG YA 69 22.05 -92.63 26.67
N GLU YA 70 21.00 -91.81 26.53
CA GLU YA 70 20.37 -91.15 27.67
C GLU YA 70 19.14 -91.97 28.08
N VAL YA 71 19.30 -92.76 29.14
CA VAL YA 71 18.25 -93.66 29.58
C VAL YA 71 17.27 -92.93 30.48
N THR YA 72 15.99 -93.29 30.37
CA THR YA 72 15.03 -92.93 31.39
C THR YA 72 15.22 -93.87 32.58
N ILE YA 73 15.48 -93.28 33.74
CA ILE YA 73 15.75 -94.02 34.97
C ILE YA 73 14.49 -93.97 35.84
N ASN YA 74 14.16 -95.13 36.40
CA ASN YA 74 13.04 -95.38 37.32
C ASN YA 74 11.78 -94.61 36.91
N LYS YA 75 11.30 -94.97 35.73
CA LYS YA 75 10.14 -94.31 35.12
C LYS YA 75 8.90 -94.44 35.99
N GLY YA 76 8.56 -95.67 36.38
CA GLY YA 76 7.36 -95.87 37.18
C GLY YA 76 7.41 -95.09 38.49
N THR YA 77 8.59 -95.01 39.10
CA THR YA 77 8.76 -94.34 40.37
C THR YA 77 8.82 -92.83 40.18
N ASP YA 78 8.65 -92.09 41.26
CA ASP YA 78 8.86 -90.65 41.23
C ASP YA 78 10.34 -90.34 40.99
N GLN YA 79 10.59 -89.11 40.55
CA GLN YA 79 11.93 -88.67 40.15
C GLN YA 79 12.47 -89.50 38.98
N GLU YA 80 11.58 -89.91 38.08
CA GLU YA 80 11.99 -90.39 36.76
C GLU YA 80 12.90 -89.38 36.09
N LYS YA 81 14.09 -89.81 35.66
CA LYS YA 81 15.01 -88.82 35.07
C LYS YA 81 15.72 -89.39 33.84
N ILE YA 82 15.88 -88.55 32.82
CA ILE YA 82 16.67 -88.94 31.65
C ILE YA 82 18.13 -88.59 31.91
N VAL YA 83 18.99 -89.60 31.93
CA VAL YA 83 20.37 -89.44 32.36
C VAL YA 83 21.27 -90.19 31.39
N PRO YA 84 22.39 -89.60 30.96
CA PRO YA 84 23.23 -90.25 29.93
C PRO YA 84 24.29 -91.20 30.46
N MET YA 85 24.38 -92.39 29.87
CA MET YA 85 25.53 -93.28 30.08
C MET YA 85 26.43 -93.18 28.87
N ILE YA 86 27.75 -93.21 29.13
CA ILE YA 86 28.74 -93.01 28.08
C ILE YA 86 29.84 -94.06 28.21
N ALA YA 87 30.24 -94.62 27.06
CA ALA YA 87 31.38 -95.53 26.97
C ALA YA 87 32.25 -95.13 25.78
N ARG YA 88 33.52 -94.78 26.05
CA ARG YA 88 34.46 -94.24 25.09
C ARG YA 88 35.69 -95.13 24.94
N ILE YA 89 36.16 -95.21 23.71
CA ILE YA 89 37.47 -95.72 23.38
C ILE YA 89 38.29 -94.52 22.91
N GLU YA 90 39.43 -94.27 23.52
CA GLU YA 90 40.32 -93.19 23.09
C GLU YA 90 41.70 -93.77 22.87
N THR YA 91 42.31 -93.44 21.73
CA THR YA 91 43.54 -94.11 21.30
C THR YA 91 44.51 -93.13 20.65
N SER YA 92 45.72 -93.05 21.20
CA SER YA 92 46.78 -92.21 20.65
C SER YA 92 47.91 -93.12 20.17
N VAL YA 93 48.07 -93.19 18.85
CA VAL YA 93 49.06 -94.04 18.19
C VAL YA 93 50.07 -93.14 17.50
N PRO YA 94 51.31 -93.08 17.96
CA PRO YA 94 52.34 -92.34 17.22
C PRO YA 94 52.61 -93.00 15.87
N VAL YA 95 53.25 -92.24 14.98
CA VAL YA 95 53.31 -92.62 13.57
C VAL YA 95 54.04 -93.95 13.38
N GLY YA 96 55.26 -94.05 13.93
CA GLY YA 96 56.12 -95.21 13.70
C GLY YA 96 55.58 -96.54 14.23
N VAL YA 97 54.48 -96.51 15.00
CA VAL YA 97 53.98 -97.72 15.64
C VAL YA 97 53.65 -98.79 14.61
N SER YA 98 53.89 -100.05 14.97
CA SER YA 98 53.61 -101.18 14.10
C SER YA 98 52.19 -101.69 14.30
N GLN YA 99 51.51 -101.99 13.19
CA GLN YA 99 50.14 -102.45 13.25
C GLN YA 99 50.02 -103.73 14.06
N ASP YA 100 51.04 -104.58 14.02
CA ASP YA 100 51.03 -105.82 14.78
C ASP YA 100 50.93 -105.53 16.28
N ASP YA 101 51.88 -104.74 16.78
CA ASP YA 101 51.92 -104.43 18.20
C ASP YA 101 50.63 -103.76 18.65
N PHE YA 102 50.14 -102.81 17.85
CA PHE YA 102 48.98 -102.08 18.31
C PHE YA 102 47.71 -102.93 18.26
N LYS YA 103 47.56 -103.80 17.26
CA LYS YA 103 46.43 -104.73 17.27
C LYS YA 103 46.50 -105.66 18.47
N ALA YA 104 47.72 -106.02 18.90
CA ALA YA 104 47.84 -106.82 20.12
C ALA YA 104 47.29 -106.07 21.32
N MET YA 105 47.72 -104.83 21.51
CA MET YA 105 47.17 -104.04 22.61
C MET YA 105 45.65 -103.89 22.51
N ILE YA 106 45.13 -103.70 21.30
CA ILE YA 106 43.68 -103.55 21.13
C ILE YA 106 42.95 -104.80 21.57
N GLU YA 107 43.41 -105.96 21.09
CA GLU YA 107 42.78 -107.22 21.45
C GLU YA 107 42.80 -107.42 22.95
N GLY YA 108 43.91 -107.05 23.60
CA GLY YA 108 43.93 -107.10 25.05
C GLY YA 108 42.92 -106.16 25.69
N LEU YA 109 42.84 -104.93 25.18
CA LEU YA 109 41.94 -103.93 25.75
C LEU YA 109 40.48 -104.34 25.62
N ALA YA 110 40.14 -105.10 24.58
CA ALA YA 110 38.75 -105.51 24.39
C ALA YA 110 38.29 -106.52 25.44
N CYS YA 111 39.22 -107.12 26.18
CA CYS YA 111 38.87 -108.20 27.09
C CYS YA 111 37.96 -107.78 28.22
N PRO YA 112 38.23 -106.70 28.98
CA PRO YA 112 37.32 -106.34 30.08
C PRO YA 112 35.93 -105.96 29.61
N LEU YA 113 35.78 -105.54 28.36
CA LEU YA 113 34.45 -105.17 27.87
C LEU YA 113 33.54 -106.39 27.79
N LEU YA 114 34.07 -107.53 27.34
CA LEU YA 114 33.26 -108.70 27.08
C LEU YA 114 33.28 -109.62 28.30
N LEU YA 115 32.66 -109.14 29.39
CA LEU YA 115 32.58 -109.87 30.65
C LEU YA 115 31.14 -110.12 31.04
N ASP YA 116 30.97 -111.01 32.02
CA ASP YA 116 29.65 -111.39 32.51
C ASP YA 116 29.05 -110.28 33.36
N GLU YA 117 27.72 -110.37 33.53
CA GLU YA 117 26.99 -109.31 34.23
C GLU YA 117 27.52 -109.12 35.65
N ILE YA 118 27.96 -110.20 36.30
CA ILE YA 118 28.44 -110.09 37.67
C ILE YA 118 29.65 -109.16 37.73
N HIS YA 119 30.69 -109.46 36.94
CA HIS YA 119 31.89 -108.62 36.95
C HIS YA 119 31.58 -107.21 36.45
N VAL YA 120 30.71 -107.09 35.44
CA VAL YA 120 30.47 -105.76 34.87
C VAL YA 120 29.74 -104.87 35.88
N ASN YA 121 28.76 -105.41 36.60
CA ASN YA 121 28.11 -104.62 37.64
C ASN YA 121 29.06 -104.34 38.79
N ASP YA 122 29.91 -105.30 39.14
CA ASP YA 122 30.86 -105.06 40.23
C ASP YA 122 31.85 -103.96 39.90
N LEU YA 123 32.27 -103.86 38.63
CA LEU YA 123 33.33 -102.91 38.26
C LEU YA 123 32.81 -101.57 37.71
N PHE YA 124 31.97 -101.62 36.68
CA PHE YA 124 31.62 -100.40 35.95
C PHE YA 124 30.50 -99.61 36.60
N LEU YA 125 29.60 -100.28 37.33
CA LEU YA 125 28.49 -99.58 37.99
C LEU YA 125 28.77 -99.38 39.47
N SER YA 126 29.05 -100.46 40.21
CA SER YA 126 29.26 -100.34 41.65
C SER YA 126 30.55 -99.61 41.97
N GLY YA 127 31.59 -99.83 41.16
CA GLY YA 127 32.86 -99.17 41.35
C GLY YA 127 33.90 -99.94 42.14
N LEU YA 128 33.70 -101.24 42.34
CA LEU YA 128 34.64 -102.04 43.12
C LEU YA 128 35.99 -102.09 42.40
N PRO YA 129 37.05 -102.53 43.10
CA PRO YA 129 38.33 -102.76 42.40
C PRO YA 129 38.26 -103.99 41.50
N ILE YA 130 39.26 -104.11 40.64
CA ILE YA 130 39.31 -105.23 39.70
C ILE YA 130 39.45 -106.54 40.44
N ALA YA 131 38.66 -107.54 40.04
CA ALA YA 131 38.74 -108.87 40.63
C ALA YA 131 39.93 -109.62 40.03
N THR YA 132 40.98 -109.83 40.83
CA THR YA 132 42.19 -110.50 40.40
C THR YA 132 42.07 -112.00 40.66
N THR YA 133 42.56 -112.81 39.72
CA THR YA 133 42.46 -114.26 39.86
C THR YA 133 43.84 -114.89 39.66
N ASP YA 134 44.31 -115.61 40.67
CA ASP YA 134 45.60 -116.27 40.55
C ASP YA 134 45.59 -117.26 39.39
N VAL YA 135 46.54 -117.10 38.48
CA VAL YA 135 46.68 -118.01 37.34
C VAL YA 135 47.15 -119.36 37.85
N PRO YA 136 46.47 -120.47 37.51
CA PRO YA 136 46.97 -121.78 37.96
C PRO YA 136 48.32 -122.07 37.34
N ASP YA 137 49.32 -122.23 38.21
CA ASP YA 137 50.65 -122.60 37.72
C ASP YA 137 50.61 -123.89 36.92
N ASN YA 138 49.68 -124.79 37.27
CA ASN YA 138 49.56 -126.05 36.54
C ASN YA 138 49.06 -125.83 35.12
N GLU YA 139 48.11 -124.90 34.94
CA GLU YA 139 47.53 -124.66 33.64
C GLU YA 139 48.54 -123.92 32.74
N PRO YA 140 48.38 -123.99 31.42
CA PRO YA 140 49.34 -123.33 30.53
C PRO YA 140 49.30 -121.83 30.69
N LEU YA 141 50.43 -121.20 30.40
CA LEU YA 141 50.52 -119.75 30.56
C LEU YA 141 49.64 -119.06 29.52
N PRO YA 142 48.89 -118.04 29.91
CA PRO YA 142 47.99 -117.34 28.98
C PRO YA 142 48.76 -116.57 27.93
N PRO YA 143 48.10 -116.10 26.87
CA PRO YA 143 48.82 -115.42 25.79
C PRO YA 143 49.54 -114.17 26.29
N ALA YA 144 50.70 -113.91 25.69
CA ALA YA 144 51.61 -112.88 26.17
C ALA YA 144 51.11 -111.46 25.92
N LEU YA 145 50.12 -111.28 25.05
CA LEU YA 145 49.56 -109.97 24.72
C LEU YA 145 50.52 -109.10 23.92
N LEU YA 146 51.55 -109.72 23.33
CA LEU YA 146 52.61 -109.04 22.57
C LEU YA 146 53.01 -107.70 23.17
N SER ZA 1 39.90 -112.46 44.50
CA SER ZA 1 38.62 -113.12 44.71
C SER ZA 1 37.86 -112.54 45.90
N ILE ZA 2 37.28 -113.42 46.70
CA ILE ZA 2 36.56 -113.03 47.91
C ILE ZA 2 37.38 -113.50 49.11
N LYS ZA 3 37.54 -112.62 50.09
CA LYS ZA 3 38.44 -112.89 51.20
C LYS ZA 3 37.68 -112.93 52.52
N TYR ZA 4 38.03 -113.91 53.36
CA TYR ZA 4 37.76 -113.83 54.78
C TYR ZA 4 38.38 -112.56 55.33
N ILE ZA 5 37.53 -111.72 55.91
CA ILE ZA 5 37.98 -110.63 56.77
C ILE ZA 5 38.26 -111.15 58.18
N PHE ZA 6 37.31 -111.91 58.72
CA PHE ZA 6 37.47 -112.54 60.03
C PHE ZA 6 36.92 -113.96 59.94
N LYS ZA 7 37.81 -114.95 60.07
CA LYS ZA 7 37.40 -116.34 60.09
C LYS ZA 7 36.82 -116.67 61.47
N LYS ZA 8 35.65 -117.30 61.47
CA LYS ZA 8 35.00 -117.67 62.72
C LYS ZA 8 35.78 -118.74 63.47
N THR ZA 9 35.88 -118.58 64.79
CA THR ZA 9 36.55 -119.54 65.64
C THR ZA 9 35.54 -120.17 66.60
N ASP ZA 10 35.76 -121.43 66.93
CA ASP ZA 10 34.93 -122.14 67.89
C ASP ZA 10 35.35 -121.76 69.31
N THR ZA 11 35.21 -120.47 69.61
CA THR ZA 11 35.54 -119.91 70.92
C THR ZA 11 34.28 -119.26 71.47
N LEU ZA 12 33.62 -119.93 72.41
CA LEU ZA 12 32.37 -119.42 72.96
C LEU ZA 12 32.64 -118.13 73.74
N PRO ZA 13 31.70 -117.19 73.73
CA PRO ZA 13 31.86 -115.98 74.53
C PRO ZA 13 31.62 -116.26 76.00
N ARG ZA 14 32.42 -115.63 76.85
CA ARG ZA 14 32.19 -115.71 78.28
C ARG ZA 14 30.89 -115.01 78.61
N SER ZA 15 30.02 -115.68 79.35
CA SER ZA 15 28.86 -115.02 79.92
C SER ZA 15 29.32 -113.85 80.79
N VAL ZA 16 28.47 -112.83 80.91
CA VAL ZA 16 28.80 -111.60 81.61
C VAL ZA 16 28.04 -111.57 82.93
N ILE ZA 17 28.77 -111.55 84.03
CA ILE ZA 17 28.19 -111.62 85.37
C ILE ZA 17 28.58 -110.37 86.12
N GLY ZA 18 27.66 -109.84 86.92
CA GLY ZA 18 27.96 -108.61 87.61
C GLY ZA 18 26.94 -108.29 88.67
N ASN ZA 19 26.99 -107.04 89.13
CA ASN ZA 19 25.98 -106.52 90.05
C ASN ZA 19 25.81 -105.02 89.81
N VAL ZA 20 24.56 -104.57 89.77
CA VAL ZA 20 24.30 -103.16 89.49
C VAL ZA 20 24.95 -102.30 90.55
N LEU ZA 21 25.68 -101.27 90.11
CA LEU ZA 21 26.40 -100.37 90.99
C LEU ZA 21 25.67 -99.05 91.21
N ARG ZA 22 25.45 -98.29 90.15
CA ARG ZA 22 24.78 -97.00 90.27
C ARG ZA 22 24.04 -96.72 88.99
N THR ZA 23 22.97 -95.95 89.11
CA THR ZA 23 22.17 -95.51 87.98
C THR ZA 23 22.40 -94.01 87.82
N THR ZA 24 23.34 -93.66 86.94
CA THR ZA 24 23.72 -92.27 86.76
C THR ZA 24 22.54 -91.43 86.31
N GLY ZA 25 21.89 -91.84 85.23
CA GLY ZA 25 20.74 -91.14 84.70
C GLY ZA 25 19.59 -92.08 84.39
N PRO ZA 26 18.51 -91.54 83.84
CA PRO ZA 26 17.36 -92.40 83.51
C PRO ZA 26 17.68 -93.38 82.40
N ASP ZA 27 18.52 -92.99 81.45
CA ASP ZA 27 18.93 -93.85 80.35
C ASP ZA 27 20.27 -94.53 80.58
N THR ZA 28 20.98 -94.20 81.65
CA THR ZA 28 22.35 -94.64 81.87
C THR ZA 28 22.44 -95.40 83.19
N THR ZA 29 22.90 -96.66 83.14
CA THR ZA 29 23.10 -97.45 84.35
C THR ZA 29 24.48 -98.09 84.30
N VAL ZA 30 25.13 -98.15 85.47
CA VAL ZA 30 26.52 -98.59 85.57
C VAL ZA 30 26.61 -99.79 86.50
N TYR ZA 31 27.15 -100.89 85.98
CA TYR ZA 31 27.28 -102.15 86.70
C TYR ZA 31 28.74 -102.34 87.10
N SER ZA 32 28.93 -102.85 88.31
CA SER ZA 32 30.24 -103.25 88.79
C SER ZA 32 30.42 -104.74 88.53
N LEU ZA 33 31.53 -105.09 87.92
CA LEU ZA 33 31.87 -106.45 87.51
C LEU ZA 33 32.82 -107.08 88.51
N PRO ZA 34 33.09 -108.38 88.39
CA PRO ZA 34 34.01 -109.01 89.34
C PRO ZA 34 35.42 -108.44 89.21
N GLY ZA 35 36.13 -108.40 90.34
CA GLY ZA 35 37.47 -107.83 90.36
C GLY ZA 35 37.51 -106.32 90.41
N HIS ZA 36 36.37 -105.67 90.59
CA HIS ZA 36 36.28 -104.21 90.74
C HIS ZA 36 36.75 -103.84 92.13
N THR ZA 37 38.03 -103.48 92.25
CA THR ZA 37 38.48 -102.84 93.47
C THR ZA 37 38.31 -101.34 93.35
N PRO ZA 38 38.32 -100.60 94.48
CA PRO ZA 38 38.35 -99.14 94.37
C PRO ZA 38 39.61 -98.66 93.66
N VAL ZA 39 40.73 -99.34 93.89
CA VAL ZA 39 41.98 -98.95 93.25
C VAL ZA 39 41.95 -99.22 91.76
N ASN ZA 40 41.43 -100.39 91.37
CA ASN ZA 40 41.43 -100.85 89.98
C ASN ZA 40 39.98 -101.07 89.55
N PRO ZA 41 39.25 -100.02 89.24
CA PRO ZA 41 37.83 -100.18 88.93
C PRO ZA 41 37.61 -100.98 87.65
N PHE ZA 42 36.47 -101.65 87.58
CA PHE ZA 42 36.13 -102.51 86.45
C PHE ZA 42 34.62 -102.51 86.31
N THR ZA 43 34.12 -101.89 85.24
CA THR ZA 43 32.69 -101.57 85.15
C THR ZA 43 32.17 -101.68 83.73
N LEU ZA 44 30.92 -102.11 83.64
CA LEU ZA 44 30.13 -102.05 82.42
C LEU ZA 44 29.15 -100.89 82.53
N THR ZA 45 29.25 -99.93 81.62
CA THR ZA 45 28.30 -98.84 81.54
C THR ZA 45 27.37 -99.07 80.36
N ALA ZA 46 26.07 -98.90 80.57
CA ALA ZA 46 25.06 -99.15 79.56
C ALA ZA 46 24.21 -97.88 79.40
N VAL ZA 47 24.15 -97.38 78.17
CA VAL ZA 47 23.42 -96.16 77.84
C VAL ZA 47 22.49 -96.50 76.69
N SER ZA 48 21.19 -96.58 76.97
CA SER ZA 48 20.19 -96.93 75.97
C SER ZA 48 19.28 -95.73 75.76
N ARG ZA 49 19.38 -95.09 74.60
CA ARG ZA 49 18.63 -93.89 74.28
C ARG ZA 49 17.49 -94.22 73.34
N LEU ZA 50 16.26 -93.93 73.78
CA LEU ZA 50 15.06 -94.27 73.06
C LEU ZA 50 14.93 -93.40 71.81
N PRO ZA 51 14.14 -93.85 70.84
CA PRO ZA 51 13.97 -93.05 69.62
C PRO ZA 51 13.01 -91.90 69.87
N VAL ZA 52 13.39 -90.72 69.40
CA VAL ZA 52 12.52 -89.54 69.43
C VAL ZA 52 11.99 -89.32 68.02
N PRO ZA 53 10.69 -89.42 67.80
CA PRO ZA 53 10.15 -89.21 66.46
C PRO ZA 53 10.23 -87.76 66.06
N ARG ZA 54 10.57 -87.55 64.80
CA ARG ZA 54 10.68 -86.23 64.21
C ARG ZA 54 9.58 -86.11 63.16
N LYS ZA 55 9.25 -84.88 62.79
CA LYS ZA 55 8.14 -84.66 61.86
C LYS ZA 55 8.54 -85.18 60.49
N GLY ZA 56 7.93 -86.29 60.08
CA GLY ZA 56 8.30 -86.95 58.83
C GLY ZA 56 9.44 -87.94 58.94
N ASN ZA 57 10.03 -88.10 60.13
CA ASN ZA 57 11.14 -89.02 60.34
C ASN ZA 57 10.84 -89.91 61.53
N ALA ZA 58 10.94 -91.22 61.33
CA ALA ZA 58 10.88 -92.12 62.46
C ALA ZA 58 12.09 -91.91 63.37
N GLY ZA 59 11.95 -92.36 64.61
CA GLY ZA 59 13.06 -92.31 65.54
C GLY ZA 59 14.14 -93.34 65.20
N THR ZA 60 15.27 -93.22 65.89
CA THR ZA 60 16.33 -94.22 65.84
C THR ZA 60 16.81 -94.50 67.27
N THR ZA 61 16.86 -95.78 67.62
CA THR ZA 61 17.30 -96.20 68.95
C THR ZA 61 18.82 -96.34 68.98
N LYS ZA 62 19.46 -95.70 69.96
CA LYS ZA 62 20.90 -95.84 70.14
C LYS ZA 62 21.16 -96.64 71.40
N THR ZA 63 22.20 -97.46 71.38
CA THR ZA 63 22.52 -98.35 72.49
C THR ZA 63 24.04 -98.43 72.60
N THR ZA 64 24.57 -98.25 73.81
CA THR ZA 64 26.01 -98.18 73.99
C THR ZA 64 26.41 -98.97 75.23
N LEU ZA 65 27.29 -99.95 75.06
CA LEU ZA 65 27.77 -100.82 76.14
C LEU ZA 65 29.28 -100.72 76.19
N SER ZA 66 29.83 -100.24 77.32
CA SER ZA 66 31.27 -100.01 77.47
C SER ZA 66 31.81 -100.79 78.65
N LEU ZA 67 32.81 -101.63 78.41
CA LEU ZA 67 33.58 -102.28 79.46
C LEU ZA 67 34.87 -101.50 79.67
N ARG ZA 68 35.06 -100.98 80.88
CA ARG ZA 68 36.24 -100.21 81.24
C ARG ZA 68 36.94 -100.85 82.42
N ARG ZA 69 38.20 -101.25 82.23
CA ARG ZA 69 39.02 -101.79 83.31
C ARG ZA 69 40.32 -101.01 83.41
N GLU ZA 70 40.60 -100.47 84.59
CA GLU ZA 70 41.84 -99.74 84.82
C GLU ZA 70 42.84 -100.71 85.44
N VAL ZA 71 43.82 -101.12 84.63
CA VAL ZA 71 44.77 -102.15 85.01
C VAL ZA 71 46.08 -101.50 85.42
N THR ZA 72 46.75 -102.12 86.40
CA THR ZA 72 48.09 -101.70 86.77
C THR ZA 72 49.07 -102.22 85.72
N ILE ZA 73 49.88 -101.31 85.17
CA ILE ZA 73 50.87 -101.63 84.15
C ILE ZA 73 52.25 -101.64 84.80
N ASN ZA 74 53.05 -102.64 84.43
CA ASN ZA 74 54.42 -102.92 84.86
C ASN ZA 74 54.61 -102.64 86.36
N LYS ZA 75 53.87 -103.43 87.14
CA LYS ZA 75 53.91 -103.32 88.59
C LYS ZA 75 55.32 -103.52 89.13
N GLY ZA 76 55.98 -104.60 88.72
CA GLY ZA 76 57.31 -104.87 89.24
C GLY ZA 76 58.31 -103.78 88.89
N THR ZA 77 58.22 -103.25 87.67
CA THR ZA 77 59.13 -102.21 87.22
C THR ZA 77 58.76 -100.89 87.90
N ASP ZA 78 59.72 -99.97 87.89
CA ASP ZA 78 59.46 -98.61 88.32
C ASP ZA 78 58.48 -97.93 87.37
N GLN ZA 79 57.81 -96.90 87.89
CA GLN ZA 79 56.80 -96.15 87.14
C GLN ZA 79 55.59 -97.00 86.80
N GLU ZA 80 55.16 -97.84 87.73
CA GLU ZA 80 53.95 -98.61 87.52
C GLU ZA 80 52.77 -97.64 87.47
N LYS ZA 81 51.81 -97.89 86.57
CA LYS ZA 81 50.73 -96.91 86.42
C LYS ZA 81 49.40 -97.59 86.15
N ILE ZA 82 48.34 -97.09 86.78
CA ILE ZA 82 46.99 -97.60 86.52
C ILE ZA 82 46.44 -96.89 85.29
N VAL ZA 83 46.22 -97.66 84.23
CA VAL ZA 83 45.82 -97.08 82.95
C VAL ZA 83 44.57 -97.82 82.49
N PRO ZA 84 43.58 -97.12 81.92
CA PRO ZA 84 42.34 -97.80 81.50
C PRO ZA 84 42.37 -98.41 80.11
N MET ZA 85 41.86 -99.65 80.00
CA MET ZA 85 41.55 -100.24 78.70
C MET ZA 85 40.03 -100.31 78.58
N ILE ZA 86 39.54 -100.03 77.37
CA ILE ZA 86 38.11 -99.91 77.13
C ILE ZA 86 37.75 -100.71 75.89
N ALA ZA 87 36.60 -101.40 75.95
CA ALA ZA 87 36.00 -102.05 74.79
C ALA ZA 87 34.50 -101.72 74.76
N ARG ZA 88 34.06 -101.06 73.68
CA ARG ZA 88 32.69 -100.57 73.50
C ARG ZA 88 32.00 -101.22 72.32
N ILE ZA 89 30.73 -101.52 72.52
CA ILE ZA 89 29.79 -101.81 71.46
C ILE ZA 89 28.87 -100.59 71.38
N GLU ZA 90 28.71 -100.02 70.19
CA GLU ZA 90 27.80 -98.90 69.98
C GLU ZA 90 26.92 -99.24 68.79
N THR ZA 91 25.61 -99.05 68.92
CA THR ZA 91 24.67 -99.51 67.92
C THR ZA 91 23.52 -98.53 67.74
N SER ZA 92 23.35 -98.04 66.51
CA SER ZA 92 22.21 -97.20 66.16
C SER ZA 92 21.30 -97.93 65.17
N VAL ZA 93 20.07 -98.18 65.58
CA VAL ZA 93 19.09 -98.93 64.79
C VAL ZA 93 17.89 -98.02 64.55
N PRO ZA 94 17.58 -97.67 63.30
CA PRO ZA 94 16.33 -96.97 63.02
C PRO ZA 94 15.12 -97.88 63.25
N VAL ZA 95 13.95 -97.26 63.37
CA VAL ZA 95 12.76 -98.00 63.81
C VAL ZA 95 12.36 -99.06 62.78
N GLY ZA 96 12.34 -98.70 61.51
CA GLY ZA 96 11.87 -99.58 60.45
C GLY ZA 96 12.65 -100.88 60.28
N VAL ZA 97 13.74 -101.06 61.01
CA VAL ZA 97 14.63 -102.20 60.80
C VAL ZA 97 13.96 -103.49 61.24
N SER ZA 98 14.26 -104.57 60.49
CA SER ZA 98 13.82 -105.91 60.87
C SER ZA 98 14.82 -106.56 61.81
N GLN ZA 99 14.29 -107.20 62.86
CA GLN ZA 99 15.13 -107.87 63.84
C GLN ZA 99 16.01 -108.94 63.17
N ASP ZA 100 15.52 -109.54 62.08
CA ASP ZA 100 16.31 -110.52 61.34
C ASP ZA 100 17.56 -109.87 60.76
N ASP ZA 101 17.39 -108.80 59.98
CA ASP ZA 101 18.51 -108.08 59.39
C ASP ZA 101 19.50 -107.66 60.46
N PHE ZA 102 18.99 -107.12 61.56
CA PHE ZA 102 19.92 -106.55 62.53
C PHE ZA 102 20.64 -107.64 63.33
N LYS ZA 103 19.97 -108.74 63.66
CA LYS ZA 103 20.69 -109.82 64.32
C LYS ZA 103 21.74 -110.42 63.40
N ALA ZA 104 21.49 -110.38 62.08
CA ALA ZA 104 22.53 -110.77 61.13
C ALA ZA 104 23.77 -109.89 61.27
N MET ZA 105 23.57 -108.57 61.24
CA MET ZA 105 24.71 -107.68 61.44
C MET ZA 105 25.41 -107.94 62.77
N ILE ZA 106 24.64 -108.21 63.83
CA ILE ZA 106 25.25 -108.42 65.14
C ILE ZA 106 26.12 -109.67 65.13
N GLU ZA 107 25.56 -110.77 64.63
CA GLU ZA 107 26.31 -112.02 64.54
C GLU ZA 107 27.61 -111.83 63.77
N GLY ZA 108 27.54 -111.07 62.67
CA GLY ZA 108 28.78 -110.73 61.97
C GLY ZA 108 29.75 -109.96 62.83
N LEU ZA 109 29.26 -108.91 63.50
CA LEU ZA 109 30.11 -108.04 64.30
C LEU ZA 109 30.79 -108.79 65.44
N ALA ZA 110 30.15 -109.84 65.93
CA ALA ZA 110 30.72 -110.58 67.07
C ALA ZA 110 31.97 -111.35 66.66
N CYS ZA 111 32.09 -111.72 65.38
CA CYS ZA 111 33.15 -112.60 64.92
C CYS ZA 111 34.56 -112.13 65.26
N PRO ZA 112 34.96 -110.88 64.99
CA PRO ZA 112 36.35 -110.48 65.31
C PRO ZA 112 36.67 -110.51 66.79
N LEU ZA 113 35.66 -110.37 67.65
CA LEU ZA 113 35.93 -110.42 69.09
C LEU ZA 113 36.42 -111.79 69.52
N LEU ZA 114 35.86 -112.84 68.92
CA LEU ZA 114 36.16 -114.20 69.37
C LEU ZA 114 37.25 -114.81 68.49
N LEU ZA 115 38.46 -114.31 68.66
CA LEU ZA 115 39.62 -114.77 67.89
C LEU ZA 115 40.76 -115.19 68.81
N ASP ZA 116 41.73 -115.89 68.24
CA ASP ZA 116 42.86 -116.39 69.01
C ASP ZA 116 43.81 -115.26 69.41
N GLU ZA 117 44.67 -115.57 70.39
CA GLU ZA 117 45.56 -114.56 70.95
C GLU ZA 117 46.45 -113.94 69.90
N ILE ZA 118 46.87 -114.74 68.91
CA ILE ZA 118 47.78 -114.22 67.89
C ILE ZA 118 47.13 -113.08 67.12
N HIS ZA 119 45.94 -113.33 66.56
CA HIS ZA 119 45.24 -112.29 65.81
C HIS ZA 119 44.85 -111.13 66.71
N VAL ZA 120 44.42 -111.42 67.94
CA VAL ZA 120 43.98 -110.35 68.83
C VAL ZA 120 45.13 -109.40 69.15
N ASN ZA 121 46.31 -109.96 69.45
CA ASN ZA 121 47.47 -109.11 69.73
C ASN ZA 121 47.94 -108.39 68.47
N ASP ZA 122 47.83 -109.03 67.30
CA ASP ZA 122 48.26 -108.37 66.08
C ASP ZA 122 47.37 -107.19 65.72
N LEU ZA 123 46.06 -107.31 65.96
CA LEU ZA 123 45.12 -106.27 65.55
C LEU ZA 123 44.85 -105.23 66.63
N PHE ZA 124 44.40 -105.65 67.81
CA PHE ZA 124 43.89 -104.71 68.80
C PHE ZA 124 44.98 -104.04 69.63
N LEU ZA 125 46.14 -104.67 69.75
CA LEU ZA 125 47.25 -104.16 70.55
C LEU ZA 125 48.41 -103.66 69.70
N SER ZA 126 48.92 -104.47 68.77
CA SER ZA 126 50.03 -104.02 67.93
C SER ZA 126 49.56 -103.01 66.90
N GLY ZA 127 48.34 -103.17 66.40
CA GLY ZA 127 47.79 -102.23 65.45
C GLY ZA 127 47.99 -102.63 64.00
N LEU ZA 128 48.29 -103.89 63.72
CA LEU ZA 128 48.52 -104.36 62.38
C LEU ZA 128 47.23 -104.30 61.56
N PRO ZA 129 47.32 -104.34 60.23
CA PRO ZA 129 46.11 -104.37 59.42
C PRO ZA 129 45.44 -105.73 59.54
N ILE ZA 130 44.15 -105.77 59.16
CA ILE ZA 130 43.39 -107.01 59.26
C ILE ZA 130 44.03 -108.08 58.38
N ALA ZA 131 44.19 -109.28 58.94
CA ALA ZA 131 44.75 -110.42 58.21
C ALA ZA 131 43.68 -111.02 57.32
N THR ZA 132 43.76 -110.77 56.00
CA THR ZA 132 42.80 -111.30 55.05
C THR ZA 132 43.22 -112.68 54.59
N THR ZA 133 42.25 -113.58 54.44
CA THR ZA 133 42.54 -114.96 54.03
C THR ZA 133 41.71 -115.31 52.83
N ASP ZA 134 42.37 -115.70 51.73
CA ASP ZA 134 41.63 -116.10 50.53
C ASP ZA 134 40.73 -117.28 50.84
N VAL ZA 135 39.45 -117.14 50.50
CA VAL ZA 135 38.50 -118.24 50.71
C VAL ZA 135 38.79 -119.34 49.69
N PRO ZA 136 38.95 -120.58 50.11
CA PRO ZA 136 39.19 -121.65 49.12
C PRO ZA 136 37.97 -121.80 48.23
N ASP ZA 137 38.15 -121.55 46.93
CA ASP ZA 137 37.09 -121.80 45.97
C ASP ZA 137 36.61 -123.25 46.04
N ASN ZA 138 37.50 -124.14 46.46
CA ASN ZA 138 37.16 -125.56 46.58
C ASN ZA 138 36.15 -125.78 47.69
N GLU ZA 139 36.28 -125.04 48.79
CA GLU ZA 139 35.49 -125.20 50.00
C GLU ZA 139 34.13 -124.52 49.88
N PRO ZA 140 33.20 -124.80 50.78
CA PRO ZA 140 31.85 -124.21 50.64
C PRO ZA 140 31.89 -122.72 50.88
N LEU ZA 141 30.95 -122.02 50.22
CA LEU ZA 141 30.86 -120.58 50.43
C LEU ZA 141 30.43 -120.29 51.86
N PRO ZA 142 31.08 -119.37 52.55
CA PRO ZA 142 30.74 -119.08 53.95
C PRO ZA 142 29.36 -118.44 54.06
N PRO ZA 143 28.83 -118.30 55.28
CA PRO ZA 143 27.46 -117.78 55.42
C PRO ZA 143 27.35 -116.36 54.91
N ALA ZA 144 26.20 -116.05 54.29
CA ALA ZA 144 26.05 -114.81 53.55
C ALA ZA 144 26.09 -113.58 54.45
N LEU ZA 145 25.81 -113.72 55.75
CA LEU ZA 145 25.74 -112.61 56.70
C LEU ZA 145 24.48 -111.75 56.50
N LEU ZA 146 23.43 -112.36 55.95
CA LEU ZA 146 22.17 -111.70 55.56
C LEU ZA 146 22.33 -110.22 55.26
N SER AB 1 43.78 -97.13 136.28
CA SER AB 1 44.29 -98.18 135.41
C SER AB 1 43.67 -98.12 134.02
N ILE AB 2 43.27 -99.26 133.49
CA ILE AB 2 42.59 -99.36 132.21
C ILE AB 2 41.15 -99.76 132.49
N LYS AB 3 40.21 -99.12 131.81
CA LYS AB 3 38.80 -99.26 132.14
C LYS AB 3 37.98 -99.73 130.95
N TYR AB 4 37.08 -100.68 131.22
CA TYR AB 4 35.97 -100.96 130.33
C TYR AB 4 35.18 -99.68 130.11
N ILE AB 5 35.07 -99.29 128.85
CA ILE AB 5 34.10 -98.30 128.41
C ILE AB 5 32.75 -98.95 128.17
N PHE AB 6 32.76 -100.05 127.43
CA PHE AB 6 31.57 -100.84 127.16
C PHE AB 6 31.93 -102.32 127.28
N LYS AB 7 31.36 -102.99 128.27
CA LYS AB 7 31.57 -104.42 128.43
C LYS AB 7 30.70 -105.16 127.42
N LYS AB 8 31.31 -106.10 126.70
CA LYS AB 8 30.59 -106.90 125.71
C LYS AB 8 29.56 -107.79 126.37
N THR AB 9 28.36 -107.83 125.79
CA THR AB 9 27.29 -108.68 126.27
C THR AB 9 26.97 -109.75 125.23
N ASP AB 10 26.57 -110.92 125.71
CA ASP AB 10 26.25 -112.04 124.83
C ASP AB 10 24.81 -111.90 124.32
N THR AB 11 24.58 -110.79 123.63
CA THR AB 11 23.28 -110.45 123.06
C THR AB 11 23.47 -110.34 121.55
N LEU AB 12 22.98 -111.32 120.81
CA LEU AB 12 23.16 -111.33 119.36
C LEU AB 12 22.33 -110.23 118.71
N PRO AB 13 22.82 -109.64 117.63
CA PRO AB 13 22.06 -108.58 116.96
C PRO AB 13 20.89 -109.18 116.17
N ARG AB 14 19.76 -108.48 116.20
CA ARG AB 14 18.61 -108.86 115.39
C ARG AB 14 18.95 -108.70 113.92
N SER AB 15 18.70 -109.73 113.14
CA SER AB 15 18.81 -109.61 111.69
C SER AB 15 17.84 -108.54 111.19
N VAL AB 16 18.19 -107.90 110.08
CA VAL AB 16 17.43 -106.77 109.55
C VAL AB 16 16.71 -107.20 108.29
N ILE AB 17 15.39 -107.26 108.36
CA ILE AB 17 14.56 -107.71 107.25
C ILE AB 17 13.71 -106.54 106.79
N GLY AB 18 13.54 -106.41 105.48
CA GLY AB 18 12.79 -105.30 104.96
C GLY AB 18 12.39 -105.51 103.51
N ASN AB 19 11.92 -104.43 102.89
CA ASN AB 19 11.64 -104.45 101.47
C ASN AB 19 11.90 -103.06 100.90
N VAL AB 20 12.50 -103.00 99.71
CA VAL AB 20 12.89 -101.72 99.14
C VAL AB 20 11.66 -100.88 98.84
N LEU AB 21 11.64 -99.66 99.38
CA LEU AB 21 10.50 -98.76 99.21
C LEU AB 21 10.68 -97.80 98.04
N ARG AB 22 11.66 -96.89 98.12
CA ARG AB 22 11.89 -95.94 97.05
C ARG AB 22 13.35 -95.56 97.00
N THR AB 23 13.81 -95.30 95.78
CA THR AB 23 15.18 -94.88 95.51
C THR AB 23 15.11 -93.37 95.28
N THR AB 24 15.47 -92.62 96.32
CA THR AB 24 15.40 -91.16 96.25
C THR AB 24 16.39 -90.62 95.22
N GLY AB 25 17.68 -90.90 95.41
CA GLY AB 25 18.70 -90.47 94.49
C GLY AB 25 19.53 -91.64 94.01
N PRO AB 26 20.53 -91.37 93.16
CA PRO AB 26 21.39 -92.46 92.70
C PRO AB 26 22.20 -93.07 93.83
N ASP AB 27 22.61 -92.24 94.79
CA ASP AB 27 23.35 -92.69 95.96
C ASP AB 27 22.46 -92.93 97.18
N THR AB 28 21.15 -92.76 97.07
CA THR AB 28 20.25 -92.81 98.22
C THR AB 28 19.11 -93.77 97.94
N THR AB 29 18.97 -94.80 98.76
CA THR AB 29 17.86 -95.74 98.66
C THR AB 29 17.19 -95.88 100.02
N VAL AB 30 15.87 -96.05 100.02
CA VAL AB 30 15.10 -96.06 101.26
C VAL AB 30 14.27 -97.34 101.31
N TYR AB 31 14.40 -98.08 102.40
CA TYR AB 31 13.77 -99.37 102.61
C TYR AB 31 12.67 -99.21 103.66
N SER AB 32 11.53 -99.85 103.41
CA SER AB 32 10.45 -99.93 104.39
C SER AB 32 10.60 -101.23 105.18
N LEU AB 33 10.59 -101.09 106.49
CA LEU AB 33 10.78 -102.19 107.42
C LEU AB 33 9.42 -102.67 107.93
N PRO AB 34 9.39 -103.78 108.66
CA PRO AB 34 8.11 -104.25 109.21
C PRO AB 34 7.53 -103.24 110.19
N GLY AB 35 6.21 -103.24 110.28
CA GLY AB 35 5.52 -102.29 111.13
C GLY AB 35 5.45 -100.88 110.58
N HIS AB 36 5.85 -100.68 109.33
CA HIS AB 36 5.74 -99.39 108.66
C HIS AB 36 4.30 -99.19 108.22
N THR AB 37 3.51 -98.59 109.09
CA THR AB 37 2.22 -98.11 108.68
C THR AB 37 2.38 -96.71 108.07
N PRO AB 38 1.42 -96.26 107.26
CA PRO AB 38 1.45 -94.85 106.84
C PRO AB 38 1.31 -93.91 108.03
N VAL AB 39 0.62 -94.35 109.09
CA VAL AB 39 0.48 -93.54 110.29
C VAL AB 39 1.81 -93.44 111.03
N ASN AB 40 2.49 -94.57 111.20
CA ASN AB 40 3.69 -94.66 112.03
C ASN AB 40 4.83 -95.24 111.17
N PRO AB 41 5.43 -94.43 110.31
CA PRO AB 41 6.42 -94.97 109.38
C PRO AB 41 7.66 -95.49 110.07
N PHE AB 42 8.22 -96.55 109.48
CA PHE AB 42 9.46 -97.19 109.93
C PHE AB 42 10.33 -97.33 108.69
N THR AB 43 11.47 -96.65 108.63
CA THR AB 43 12.29 -96.77 107.42
C THR AB 43 13.78 -96.77 107.72
N LEU AB 44 14.50 -97.57 106.95
CA LEU AB 44 15.96 -97.51 106.89
C LEU AB 44 16.37 -96.78 105.61
N THR AB 45 17.09 -95.68 105.76
CA THR AB 45 17.62 -94.94 104.63
C THR AB 45 19.12 -95.18 104.53
N ALA AB 46 19.60 -95.48 103.33
CA ALA AB 46 21.00 -95.81 103.09
C ALA AB 46 21.55 -94.87 102.03
N VAL AB 47 22.63 -94.19 102.36
CA VAL AB 47 23.26 -93.22 101.48
C VAL AB 47 24.75 -93.57 101.40
N SER AB 48 25.17 -94.12 100.27
CA SER AB 48 26.54 -94.59 100.08
C SER AB 48 27.17 -93.73 99.00
N ARG AB 49 28.05 -92.81 99.40
CA ARG AB 49 28.68 -91.86 98.50
C ARG AB 49 30.06 -92.37 98.12
N LEU AB 50 30.23 -92.62 96.83
CA LEU AB 50 31.41 -93.25 96.28
C LEU AB 50 32.60 -92.30 96.32
N PRO AB 51 33.82 -92.82 96.27
CA PRO AB 51 34.98 -91.95 96.41
C PRO AB 51 35.42 -91.38 95.08
N VAL AB 52 35.61 -90.06 95.01
CA VAL AB 52 36.11 -89.41 93.81
C VAL AB 52 37.60 -89.17 93.98
N PRO AB 53 38.46 -89.76 93.16
CA PRO AB 53 39.91 -89.58 93.33
C PRO AB 53 40.35 -88.30 92.66
N ARG AB 54 40.88 -87.36 93.43
CA ARG AB 54 41.57 -86.20 92.91
C ARG AB 54 43.02 -86.57 92.59
N LYS AB 55 43.65 -85.78 91.72
CA LYS AB 55 45.00 -86.13 91.31
C LYS AB 55 45.94 -86.12 92.52
N GLY AB 56 46.59 -87.25 92.76
CA GLY AB 56 47.44 -87.40 93.92
C GLY AB 56 46.74 -87.78 95.20
N ASN AB 57 45.43 -88.03 95.15
CA ASN AB 57 44.66 -88.40 96.33
C ASN AB 57 43.73 -89.55 95.99
N ALA AB 58 43.78 -90.61 96.80
CA ALA AB 58 42.75 -91.62 96.70
C ALA AB 58 41.44 -91.07 97.27
N GLY AB 59 40.33 -91.64 96.83
CA GLY AB 59 39.05 -91.20 97.31
C GLY AB 59 38.86 -91.50 98.79
N THR AB 60 37.71 -91.07 99.32
CA THR AB 60 37.24 -91.46 100.64
C THR AB 60 35.76 -91.81 100.55
N THR AB 61 35.40 -93.05 100.87
CA THR AB 61 34.03 -93.52 100.75
C THR AB 61 33.23 -93.18 102.00
N LYS AB 62 32.06 -92.57 101.82
CA LYS AB 62 31.18 -92.28 102.94
C LYS AB 62 29.95 -93.17 102.87
N THR AB 63 29.49 -93.64 104.03
CA THR AB 63 28.37 -94.57 104.10
C THR AB 63 27.51 -94.19 105.28
N THR AB 64 26.20 -94.05 105.08
CA THR AB 64 25.30 -93.58 106.13
C THR AB 64 24.04 -94.45 106.14
N LEU AB 65 23.74 -95.02 107.30
CA LEU AB 65 22.60 -95.92 107.49
C LEU AB 65 21.77 -95.38 108.65
N SER AB 66 20.52 -94.99 108.36
CA SER AB 66 19.67 -94.36 109.37
C SER AB 66 18.38 -95.14 109.52
N LEU AB 67 18.09 -95.60 110.73
CA LEU AB 67 16.78 -96.15 111.07
C LEU AB 67 15.96 -95.04 111.74
N ARG AB 68 14.79 -94.74 111.16
CA ARG AB 68 13.89 -93.74 111.71
C ARG AB 68 12.51 -94.36 111.88
N ARG AB 69 11.99 -94.34 113.10
CA ARG AB 69 10.64 -94.82 113.34
C ARG AB 69 9.89 -93.85 114.25
N GLU AB 70 8.70 -93.43 113.80
CA GLU AB 70 7.93 -92.40 114.48
C GLU AB 70 6.90 -93.06 115.38
N VAL AB 71 7.17 -93.08 116.69
CA VAL AB 71 6.31 -93.77 117.64
C VAL AB 71 5.17 -92.86 118.08
N THR AB 72 3.98 -93.45 118.24
CA THR AB 72 2.92 -92.80 119.00
C THR AB 72 3.30 -92.90 120.47
N ILE AB 73 3.83 -91.81 121.02
CA ILE AB 73 4.17 -91.69 122.42
C ILE AB 73 2.93 -91.32 123.23
N ASN AB 74 2.84 -91.94 124.41
CA ASN AB 74 1.76 -91.83 125.39
C ASN AB 74 0.38 -91.80 124.74
N LYS AB 75 0.11 -92.89 124.01
CA LYS AB 75 -1.15 -93.03 123.29
C LYS AB 75 -2.36 -92.95 124.22
N GLY AB 76 -2.37 -93.76 125.28
CA GLY AB 76 -3.51 -93.76 126.18
C GLY AB 76 -3.86 -92.38 126.69
N THR AB 77 -2.84 -91.61 127.07
CA THR AB 77 -3.05 -90.28 127.64
C THR AB 77 -3.46 -89.29 126.54
N ASP AB 78 -4.21 -88.27 126.93
CA ASP AB 78 -4.55 -87.21 125.99
C ASP AB 78 -3.31 -86.41 125.62
N GLN AB 79 -3.44 -85.66 124.52
CA GLN AB 79 -2.29 -85.02 123.87
C GLN AB 79 -1.21 -86.04 123.55
N GLU AB 80 -1.64 -87.20 123.07
CA GLU AB 80 -0.73 -88.22 122.59
C GLU AB 80 -0.08 -87.72 121.29
N LYS AB 81 1.18 -88.09 121.06
CA LYS AB 81 1.83 -87.48 119.89
C LYS AB 81 2.65 -88.50 119.12
N ILE AB 82 2.92 -88.20 117.85
CA ILE AB 82 3.78 -89.04 117.02
C ILE AB 82 5.14 -88.35 116.92
N VAL AB 83 6.18 -89.03 117.38
CA VAL AB 83 7.51 -88.41 117.47
C VAL AB 83 8.55 -89.38 116.94
N PRO AB 84 9.52 -88.92 116.14
CA PRO AB 84 10.48 -89.85 115.52
C PRO AB 84 11.72 -90.14 116.34
N MET AB 85 12.04 -91.42 116.55
CA MET AB 85 13.33 -91.79 117.11
C MET AB 85 14.23 -92.26 115.98
N ILE AB 86 15.52 -91.90 116.06
CA ILE AB 86 16.45 -92.14 114.98
C ILE AB 86 17.75 -92.69 115.54
N ALA AB 87 18.30 -93.71 114.87
CA ALA AB 87 19.63 -94.23 115.17
C ALA AB 87 20.39 -94.42 113.86
N ARG AB 88 21.56 -93.79 113.76
CA ARG AB 88 22.39 -93.75 112.56
C ARG AB 88 23.76 -94.34 112.80
N ILE AB 89 24.23 -95.02 111.78
CA ILE AB 89 25.63 -95.39 111.62
C ILE AB 89 26.17 -94.53 110.49
N GLU AB 90 27.24 -93.78 110.74
CA GLU AB 90 27.88 -92.96 109.70
C GLU AB 90 29.35 -93.32 109.67
N THR AB 91 29.89 -93.57 108.48
CA THR AB 91 31.24 -94.12 108.37
C THR AB 91 31.99 -93.52 107.19
N SER AB 92 33.16 -92.95 107.46
CA SER AB 92 34.03 -92.40 106.42
C SER AB 92 35.32 -93.21 106.41
N VAL AB 93 35.54 -93.94 105.31
CA VAL AB 93 36.71 -94.80 105.15
C VAL AB 93 37.50 -94.33 103.94
N PRO AB 94 38.71 -93.81 104.12
CA PRO AB 94 39.56 -93.50 102.96
C PRO AB 94 39.94 -94.77 102.21
N VAL AB 95 40.40 -94.59 100.96
CA VAL AB 95 40.63 -95.74 100.10
C VAL AB 95 41.71 -96.65 100.67
N GLY AB 96 42.88 -96.10 100.98
CA GLY AB 96 44.00 -96.89 101.45
C GLY AB 96 43.78 -97.78 102.67
N VAL AB 97 42.64 -97.62 103.34
CA VAL AB 97 42.37 -98.34 104.58
C VAL AB 97 42.32 -99.84 104.34
N SER AB 98 42.79 -100.61 105.33
CA SER AB 98 42.76 -102.07 105.28
C SER AB 98 41.46 -102.61 105.84
N GLN AB 99 40.88 -103.57 105.11
CA GLN AB 99 39.62 -104.17 105.52
C GLN AB 99 39.72 -104.81 106.89
N ASP AB 100 40.88 -105.39 107.22
CA ASP AB 100 41.06 -105.99 108.54
C ASP AB 100 40.93 -104.94 109.64
N ASP AB 101 41.68 -103.85 109.52
CA ASP AB 101 41.66 -102.79 110.53
C ASP AB 101 40.26 -102.23 110.70
N PHE AB 102 39.61 -101.91 109.58
CA PHE AB 102 38.31 -101.28 109.71
C PHE AB 102 37.24 -102.26 110.21
N LYS AB 103 37.35 -103.55 109.87
CA LYS AB 103 36.38 -104.51 110.37
C LYS AB 103 36.53 -104.68 111.88
N ALA AB 104 37.78 -104.61 112.39
CA ALA AB 104 37.97 -104.67 113.83
C ALA AB 104 37.39 -103.45 114.53
N MET AB 105 37.64 -102.27 113.96
CA MET AB 105 37.06 -101.05 114.52
C MET AB 105 35.52 -101.10 114.51
N ILE AB 106 34.93 -101.64 113.44
CA ILE AB 106 33.47 -101.81 113.40
C ILE AB 106 33.00 -102.74 114.51
N GLU AB 107 33.66 -103.89 114.63
CA GLU AB 107 33.32 -104.84 115.70
C GLU AB 107 33.33 -104.15 117.05
N GLY AB 108 34.34 -103.30 117.29
CA GLY AB 108 34.35 -102.54 118.52
C GLY AB 108 33.16 -101.59 118.65
N LEU AB 109 32.87 -100.87 117.56
CA LEU AB 109 31.78 -99.89 117.61
C LEU AB 109 30.43 -100.56 117.85
N ALA AB 110 30.27 -101.81 117.45
CA ALA AB 110 28.98 -102.47 117.65
C ALA AB 110 28.70 -102.80 119.11
N CYS AB 111 29.71 -102.73 119.98
CA CYS AB 111 29.55 -103.19 121.36
C CYS AB 111 28.54 -102.37 122.16
N PRO AB 112 28.58 -101.03 122.17
CA PRO AB 112 27.59 -100.28 122.98
C PRO AB 112 26.16 -100.47 122.52
N LEU AB 113 25.96 -100.88 121.27
CA LEU AB 113 24.59 -101.10 120.79
C LEU AB 113 23.96 -102.31 121.47
N LEU AB 114 24.73 -103.37 121.68
CA LEU AB 114 24.18 -104.62 122.20
C LEU AB 114 24.40 -104.69 123.72
N LEU AB 115 23.66 -103.84 124.43
CA LEU AB 115 23.73 -103.75 125.88
C LEU AB 115 22.35 -103.98 126.49
N ASP AB 116 22.35 -104.21 127.81
CA ASP AB 116 21.13 -104.48 128.55
C ASP AB 116 20.30 -103.21 128.73
N GLU AB 117 19.02 -103.43 129.05
CA GLU AB 117 18.08 -102.31 129.15
C GLU AB 117 18.54 -101.27 130.15
N ILE AB 118 19.17 -101.71 131.24
CA ILE AB 118 19.60 -100.76 132.27
C ILE AB 118 20.58 -99.76 131.69
N HIS AB 119 21.68 -100.26 131.10
CA HIS AB 119 22.67 -99.35 130.51
C HIS AB 119 22.08 -98.55 129.35
N VAL AB 120 21.22 -99.17 128.55
CA VAL AB 120 20.71 -98.46 127.38
C VAL AB 120 19.82 -97.29 127.80
N ASN AB 121 18.97 -97.50 128.81
CA ASN AB 121 18.15 -96.41 129.33
C ASN AB 121 19.01 -95.37 130.03
N ASP AB 122 20.06 -95.79 130.73
CA ASP AB 122 20.90 -94.81 131.41
C ASP AB 122 21.67 -93.92 130.43
N LEU AB 123 22.07 -94.46 129.28
CA LEU AB 123 22.91 -93.69 128.35
C LEU AB 123 22.13 -93.01 127.23
N PHE AB 124 21.31 -93.75 126.49
CA PHE AB 124 20.75 -93.22 125.25
C PHE AB 124 19.47 -92.42 125.46
N LEU AB 125 18.70 -92.73 126.50
CA LEU AB 125 17.47 -92.00 126.80
C LEU AB 125 17.66 -90.99 127.91
N SER AB 126 18.16 -91.43 129.06
CA SER AB 126 18.29 -90.53 130.21
C SER AB 126 19.41 -89.52 130.01
N GLY AB 127 20.47 -89.92 129.31
CA GLY AB 127 21.61 -89.05 129.12
C GLY AB 127 22.61 -89.09 130.26
N LEU AB 128 22.47 -90.02 131.20
CA LEU AB 128 23.42 -90.15 132.29
C LEU AB 128 24.82 -90.40 131.75
N PRO AB 129 25.86 -90.02 132.50
CA PRO AB 129 27.23 -90.22 132.00
C PRO AB 129 27.61 -91.69 131.95
N ILE AB 130 28.59 -91.99 131.11
CA ILE AB 130 29.05 -93.38 130.97
C ILE AB 130 29.80 -93.80 132.23
N ALA AB 131 29.47 -94.98 132.75
CA ALA AB 131 30.11 -95.51 133.95
C ALA AB 131 31.28 -96.40 133.53
N THR AB 132 32.49 -95.94 133.81
CA THR AB 132 33.69 -96.71 133.51
C THR AB 132 33.87 -97.81 134.53
N THR AB 133 34.27 -99.00 134.06
CA THR AB 133 34.42 -100.15 134.96
C THR AB 133 35.88 -100.60 134.98
N ASP AB 134 36.46 -100.69 136.17
CA ASP AB 134 37.84 -101.17 136.25
C ASP AB 134 37.94 -102.59 135.76
N VAL AB 135 38.87 -102.83 134.83
CA VAL AB 135 39.16 -104.18 134.37
C VAL AB 135 39.92 -104.93 135.46
N PRO AB 136 39.50 -106.13 135.85
CA PRO AB 136 40.23 -106.85 136.91
C PRO AB 136 41.64 -107.19 136.44
N ASP AB 137 42.64 -106.67 137.16
CA ASP AB 137 44.02 -107.02 136.85
C ASP AB 137 44.24 -108.52 136.92
N ASN AB 138 43.47 -109.21 137.76
CA ASN AB 138 43.59 -110.66 137.87
C ASN AB 138 43.09 -111.36 136.62
N GLU AB 139 42.04 -110.83 136.00
CA GLU AB 139 41.42 -111.45 134.84
C GLU AB 139 42.24 -111.19 133.58
N PRO AB 140 42.03 -111.98 132.51
CA PRO AB 140 42.82 -111.78 131.29
C PRO AB 140 42.47 -110.48 130.60
N LEU AB 141 43.46 -109.89 129.93
CA LEU AB 141 43.25 -108.62 129.27
C LEU AB 141 42.25 -108.78 128.13
N PRO AB 142 41.33 -107.84 127.95
CA PRO AB 142 40.31 -107.94 126.90
C PRO AB 142 40.93 -107.76 125.52
N PRO AB 143 40.19 -108.08 124.46
CA PRO AB 143 40.77 -108.00 123.11
C PRO AB 143 41.24 -106.59 122.78
N ALA AB 144 42.32 -106.52 122.00
CA ALA AB 144 43.00 -105.25 121.77
C ALA AB 144 42.20 -104.29 120.88
N LEU AB 145 41.23 -104.79 120.12
CA LEU AB 145 40.42 -104.00 119.20
C LEU AB 145 41.19 -103.59 117.94
N LEU AB 146 42.30 -104.26 117.66
CA LEU AB 146 43.22 -103.94 116.56
C LEU AB 146 43.35 -102.45 116.32
N SER BB 1 -37.48 -90.57 92.98
CA SER BB 1 -37.02 -91.59 93.92
C SER BB 1 -35.50 -91.68 93.94
N ILE BB 2 -35.01 -92.92 93.97
CA ILE BB 2 -33.58 -93.19 93.96
C ILE BB 2 -33.24 -93.77 92.59
N LYS BB 3 -32.16 -93.27 91.99
CA LYS BB 3 -31.83 -93.63 90.62
C LYS BB 3 -30.48 -94.33 90.54
N TYR BB 4 -30.43 -95.39 89.74
CA TYR BB 4 -29.18 -95.89 89.18
C TYR BB 4 -28.48 -94.75 88.47
N ILE BB 5 -27.27 -94.44 88.95
CA ILE BB 5 -26.33 -93.61 88.20
C ILE BB 5 -25.62 -94.47 87.15
N PHE BB 6 -25.05 -95.58 87.58
CA PHE BB 6 -24.40 -96.54 86.70
C PHE BB 6 -24.84 -97.94 87.12
N LYS BB 7 -25.58 -98.62 86.24
CA LYS BB 7 -25.99 -99.98 86.51
C LYS BB 7 -24.83 -100.91 86.24
N LYS BB 8 -24.54 -101.79 87.21
CA LYS BB 8 -23.43 -102.73 87.08
C LYS BB 8 -23.67 -103.73 85.95
N THR BB 9 -22.63 -103.97 85.16
CA THR BB 9 -22.68 -104.93 84.07
C THR BB 9 -21.74 -106.09 84.36
N ASP BB 10 -22.14 -107.28 83.90
CA ASP BB 10 -21.35 -108.48 84.12
C ASP BB 10 -20.26 -108.60 83.06
N THR BB 11 -19.39 -107.59 83.05
CA THR BB 11 -18.28 -107.51 82.10
C THR BB 11 -16.99 -107.42 82.90
N LEU BB 12 -16.22 -108.50 82.90
CA LEU BB 12 -15.01 -108.57 83.70
C LEU BB 12 -13.93 -107.63 83.14
N PRO BB 13 -13.12 -107.05 84.01
CA PRO BB 13 -12.06 -106.16 83.51
C PRO BB 13 -10.92 -106.96 82.88
N ARG BB 14 -10.41 -106.43 81.77
CA ARG BB 14 -9.24 -107.01 81.14
C ARG BB 14 -8.04 -106.86 82.07
N SER BB 15 -7.34 -107.97 82.32
CA SER BB 15 -6.08 -107.90 83.05
C SER BB 15 -5.09 -107.04 82.28
N VAL BB 16 -4.19 -106.38 83.01
CA VAL BB 16 -3.27 -105.41 82.45
C VAL BB 16 -1.87 -106.01 82.39
N ILE BB 17 -1.37 -106.21 81.17
CA ILE BB 17 -0.09 -106.86 80.95
C ILE BB 17 0.83 -105.86 80.26
N GLY BB 18 2.10 -105.85 80.67
CA GLY BB 18 3.01 -104.87 80.12
C GLY BB 18 4.45 -105.22 80.43
N ASN BB 19 5.33 -104.22 80.25
CA ASN BB 19 6.72 -104.35 80.63
C ASN BB 19 7.29 -102.97 80.96
N VAL BB 20 8.12 -102.90 82.00
CA VAL BB 20 8.64 -101.61 82.45
C VAL BB 20 9.56 -100.99 81.40
N LEU BB 21 9.24 -99.78 80.96
CA LEU BB 21 9.99 -99.09 79.92
C LEU BB 21 11.08 -98.18 80.48
N ARG BB 22 10.71 -97.19 81.28
CA ARG BB 22 11.66 -96.29 81.91
C ARG BB 22 11.10 -95.83 83.24
N THR BB 23 12.00 -95.38 84.10
CA THR BB 23 11.66 -94.80 85.39
C THR BB 23 12.06 -93.32 85.33
N THR BB 24 11.09 -92.45 85.04
CA THR BB 24 11.38 -91.04 84.88
C THR BB 24 11.95 -90.43 86.15
N GLY BB 25 11.23 -90.56 87.26
CA GLY BB 25 11.66 -90.04 88.53
C GLY BB 25 11.54 -91.07 89.63
N PRO BB 26 11.83 -90.67 90.86
CA PRO BB 26 11.76 -91.62 91.98
C PRO BB 26 10.35 -92.04 92.32
N ASP BB 27 9.37 -91.20 92.02
CA ASP BB 27 7.96 -91.52 92.24
C ASP BB 27 7.21 -91.84 90.94
N THR BB 28 7.87 -91.78 89.79
CA THR BB 28 7.22 -91.88 88.50
C THR BB 28 7.86 -92.99 87.70
N THR BB 29 7.07 -93.99 87.30
CA THR BB 29 7.56 -95.10 86.47
C THR BB 29 6.61 -95.31 85.29
N VAL BB 30 7.19 -95.57 84.12
CA VAL BB 30 6.43 -95.66 82.89
C VAL BB 30 6.57 -97.05 82.29
N TYR BB 31 5.44 -97.67 81.97
CA TYR BB 31 5.38 -99.03 81.45
C TYR BB 31 4.93 -98.96 79.99
N SER BB 32 5.58 -99.73 79.13
CA SER BB 32 5.15 -99.91 77.75
C SER BB 32 4.21 -101.12 77.70
N LEU BB 33 3.06 -100.93 77.10
CA LEU BB 33 2.01 -101.92 76.96
C LEU BB 33 2.06 -102.55 75.57
N PRO BB 34 1.31 -103.61 75.32
CA PRO BB 34 1.33 -104.23 73.99
C PRO BB 34 0.85 -103.26 72.91
N GLY BB 35 1.40 -103.42 71.71
CA GLY BB 35 1.04 -102.54 70.61
C GLY BB 35 1.68 -101.19 70.66
N HIS BB 36 2.78 -101.04 71.39
CA HIS BB 36 3.47 -99.77 71.55
C HIS BB 36 4.55 -99.66 70.49
N THR BB 37 4.21 -99.07 69.36
CA THR BB 37 5.23 -98.65 68.42
C THR BB 37 5.70 -97.24 68.77
N PRO BB 38 6.92 -96.87 68.37
CA PRO BB 38 7.36 -95.49 68.65
C PRO BB 38 6.49 -94.47 67.93
N VAL BB 39 5.98 -94.81 66.75
CA VAL BB 39 5.12 -93.90 66.01
C VAL BB 39 3.79 -93.75 66.72
N ASN BB 40 3.20 -94.85 67.21
CA ASN BB 40 1.89 -94.87 67.84
C ASN BB 40 2.03 -95.40 69.27
N PRO BB 41 2.60 -94.61 70.18
CA PRO BB 41 2.91 -95.13 71.51
C PRO BB 41 1.67 -95.41 72.34
N PHE BB 42 1.80 -96.40 73.23
CA PHE BB 42 0.72 -96.79 74.14
C PHE BB 42 1.35 -97.23 75.45
N THR BB 43 1.11 -96.45 76.51
CA THR BB 43 1.88 -96.57 77.75
C THR BB 43 1.04 -96.26 78.97
N LEU BB 44 1.35 -96.96 80.06
CA LEU BB 44 0.80 -96.68 81.39
C LEU BB 44 1.86 -95.97 82.22
N THR BB 45 1.58 -94.74 82.60
CA THR BB 45 2.43 -94.00 83.52
C THR BB 45 1.83 -94.10 84.92
N ALA BB 46 2.69 -94.34 85.91
CA ALA BB 46 2.26 -94.51 87.30
C ALA BB 46 3.06 -93.55 88.18
N VAL BB 47 2.36 -92.67 88.87
CA VAL BB 47 2.96 -91.66 89.74
C VAL BB 47 2.36 -91.85 91.13
N SER BB 48 3.14 -92.38 92.07
CA SER BB 48 2.69 -92.58 93.45
C SER BB 48 3.48 -91.65 94.36
N ARG BB 49 2.81 -90.66 94.93
CA ARG BB 49 3.46 -89.67 95.78
C ARG BB 49 3.11 -89.94 97.24
N LEU BB 50 4.15 -90.15 98.05
CA LEU BB 50 3.99 -90.47 99.46
C LEU BB 50 3.42 -89.30 100.23
N PRO BB 51 2.87 -89.56 101.41
CA PRO BB 51 2.39 -88.46 102.25
C PRO BB 51 3.54 -87.76 102.93
N VAL BB 52 3.47 -86.45 102.95
CA VAL BB 52 4.43 -85.62 103.67
C VAL BB 52 3.72 -85.04 104.90
N PRO BB 53 4.12 -85.42 106.11
CA PRO BB 53 3.46 -84.90 107.30
C PRO BB 53 3.68 -83.40 107.41
N ARG BB 54 2.65 -82.72 107.89
CA ARG BB 54 2.69 -81.29 108.14
C ARG BB 54 2.40 -81.08 109.62
N LYS BB 55 2.89 -79.98 110.18
CA LYS BB 55 2.79 -79.78 111.62
C LYS BB 55 1.32 -79.67 112.00
N GLY BB 56 0.81 -80.68 112.71
CA GLY BB 56 -0.60 -80.76 113.05
C GLY BB 56 -1.47 -81.44 112.01
N ASN BB 57 -0.91 -81.86 110.89
CA ASN BB 57 -1.68 -82.47 109.80
C ASN BB 57 -1.03 -83.77 109.39
N ALA BB 58 -1.82 -84.83 109.31
CA ALA BB 58 -1.32 -86.08 108.75
C ALA BB 58 -1.14 -85.94 107.24
N GLY BB 59 -0.27 -86.77 106.69
CA GLY BB 59 -0.05 -86.75 105.26
C GLY BB 59 -1.25 -87.24 104.47
N THR BB 60 -1.16 -87.11 103.15
CA THR BB 60 -2.13 -87.70 102.23
C THR BB 60 -1.37 -88.33 101.06
N THR BB 61 -1.67 -89.60 100.78
CA THR BB 61 -1.04 -90.33 99.68
C THR BB 61 -1.78 -90.05 98.38
N LYS BB 62 -1.05 -89.60 97.37
CA LYS BB 62 -1.64 -89.41 96.05
C LYS BB 62 -1.14 -90.50 95.11
N THR BB 63 -2.02 -90.95 94.21
CA THR BB 63 -1.71 -92.05 93.32
C THR BB 63 -2.37 -91.75 91.98
N THR BB 64 -1.60 -91.80 90.90
CA THR BB 64 -2.12 -91.45 89.58
C THR BB 64 -1.66 -92.49 88.58
N LEU BB 65 -2.62 -93.06 87.84
CA LEU BB 65 -2.37 -94.08 86.83
C LEU BB 65 -3.00 -93.62 85.52
N SER BB 66 -2.16 -93.37 84.50
CA SER BB 66 -2.61 -92.81 83.22
C SER BB 66 -2.29 -93.78 82.09
N LEU BB 67 -3.31 -94.17 81.33
CA LEU BB 67 -3.09 -94.87 80.08
C LEU BB 67 -3.19 -93.86 78.94
N ARG BB 68 -2.20 -93.86 78.04
CA ARG BB 68 -2.17 -92.95 76.91
C ARG BB 68 -1.81 -93.72 75.64
N ARG BB 69 -2.67 -93.64 74.63
CA ARG BB 69 -2.47 -94.36 73.38
C ARG BB 69 -2.80 -93.44 72.21
N GLU BB 70 -1.84 -93.24 71.30
CA GLU BB 70 -1.98 -92.28 70.21
C GLU BB 70 -2.43 -93.02 68.96
N VAL BB 71 -3.72 -92.94 68.67
CA VAL BB 71 -4.32 -93.69 67.55
C VAL BB 71 -4.14 -92.92 66.26
N THR BB 72 -3.91 -93.66 65.18
CA THR BB 72 -4.07 -93.08 63.85
C THR BB 72 -5.55 -93.02 63.54
N ILE BB 73 -6.03 -91.81 63.24
CA ILE BB 73 -7.44 -91.55 62.97
C ILE BB 73 -7.61 -91.40 61.46
N ASN BB 74 -8.67 -92.04 60.96
CA ASN BB 74 -9.12 -92.03 59.56
C ASN BB 74 -7.96 -92.10 58.58
N LYS BB 75 -7.23 -93.22 58.68
CA LYS BB 75 -6.04 -93.44 57.87
C LYS BB 75 -6.34 -93.41 56.38
N GLY BB 76 -7.32 -94.21 55.94
CA GLY BB 76 -7.63 -94.26 54.52
C GLY BB 76 -8.01 -92.90 53.97
N THR BB 77 -8.72 -92.11 54.76
CA THR BB 77 -9.20 -90.81 54.34
C THR BB 77 -8.07 -89.78 54.43
N ASP BB 78 -8.26 -88.64 53.77
CA ASP BB 78 -7.34 -87.53 53.93
C ASP BB 78 -7.42 -86.97 55.35
N GLN BB 79 -6.38 -86.23 55.73
CA GLN BB 79 -6.23 -85.73 57.10
C GLN BB 79 -6.15 -86.87 58.12
N GLU BB 80 -5.55 -87.98 57.73
CA GLU BB 80 -5.09 -88.99 58.68
C GLU BB 80 -4.24 -88.34 59.76
N LYS BB 81 -4.59 -88.55 61.03
CA LYS BB 81 -3.82 -87.87 62.08
C LYS BB 81 -3.58 -88.79 63.28
N ILE BB 82 -2.38 -88.72 63.84
CA ILE BB 82 -2.08 -89.45 65.08
C ILE BB 82 -2.46 -88.58 66.26
N VAL BB 83 -3.42 -89.05 67.06
CA VAL BB 83 -4.03 -88.24 68.11
C VAL BB 83 -4.14 -89.08 69.38
N PRO BB 84 -3.79 -88.55 70.54
CA PRO BB 84 -3.78 -89.37 71.76
C PRO BB 84 -5.10 -89.44 72.52
N MET BB 85 -5.52 -90.64 72.91
CA MET BB 85 -6.61 -90.81 73.87
C MET BB 85 -6.00 -91.17 75.22
N ILE BB 86 -6.59 -90.63 76.28
CA ILE BB 86 -6.05 -90.78 77.62
C ILE BB 86 -7.18 -91.15 78.58
N ALA BB 87 -6.89 -92.11 79.47
CA ALA BB 87 -7.80 -92.48 80.57
C ALA BB 87 -6.98 -92.61 81.86
N ARG BB 88 -7.33 -91.79 82.86
CA ARG BB 88 -6.59 -91.67 84.12
C ARG BB 88 -7.46 -92.02 85.31
N ILE BB 89 -6.81 -92.66 86.27
CA ILE BB 89 -7.34 -92.82 87.62
C ILE BB 89 -6.46 -91.96 88.52
N GLU BB 90 -7.07 -91.04 89.27
CA GLU BB 90 -6.32 -90.21 90.21
C GLU BB 90 -6.97 -90.34 91.58
N THR BB 91 -6.17 -90.58 92.61
CA THR BB 91 -6.69 -90.95 93.93
C THR BB 91 -5.90 -90.30 95.05
N SER BB 92 -6.58 -89.52 95.89
CA SER BB 92 -5.97 -88.90 97.06
C SER BB 92 -6.60 -89.51 98.31
N VAL BB 93 -5.80 -90.29 99.04
CA VAL BB 93 -6.23 -90.99 100.24
C VAL BB 93 -5.46 -90.42 101.42
N PRO BB 94 -6.11 -89.70 102.33
CA PRO BB 94 -5.43 -89.28 103.55
C PRO BB 94 -5.03 -90.48 104.41
N VAL BB 95 -4.11 -90.23 105.36
CA VAL BB 95 -3.43 -91.34 106.03
C VAL BB 95 -4.42 -92.19 106.82
N GLY BB 96 -5.22 -91.57 107.67
CA GLY BB 96 -6.11 -92.29 108.58
C GLY BB 96 -7.18 -93.13 107.92
N VAL BB 97 -7.36 -93.01 106.60
CA VAL BB 97 -8.45 -93.69 105.90
C VAL BB 97 -8.36 -95.20 106.09
N SER BB 98 -9.53 -95.84 106.20
CA SER BB 98 -9.61 -97.29 106.36
C SER BB 98 -9.66 -97.99 105.01
N GLN BB 99 -8.88 -99.08 104.90
CA GLN BB 99 -8.81 -99.83 103.66
C GLN BB 99 -10.18 -100.33 103.23
N ASP BB 100 -11.04 -100.67 104.20
CA ASP BB 100 -12.38 -101.15 103.90
C ASP BB 100 -13.18 -100.08 103.15
N ASP BB 101 -13.28 -98.89 103.76
CA ASP BB 101 -14.05 -97.81 103.16
C ASP BB 101 -13.51 -97.45 101.79
N PHE BB 102 -12.18 -97.37 101.66
CA PHE BB 102 -11.66 -96.93 100.38
C PHE BB 102 -11.80 -97.99 99.30
N LYS BB 103 -11.66 -99.27 99.63
CA LYS BB 103 -11.94 -100.31 98.64
C LYS BB 103 -13.39 -100.27 98.20
N ALA BB 104 -14.30 -99.90 99.12
CA ALA BB 104 -15.70 -99.74 98.74
C ALA BB 104 -15.86 -98.64 97.69
N MET BB 105 -15.28 -97.47 97.96
CA MET BB 105 -15.33 -96.41 96.94
C MET BB 105 -14.70 -96.84 95.62
N ILE BB 106 -13.59 -97.58 95.68
CA ILE BB 106 -12.93 -98.01 94.45
C ILE BB 106 -13.85 -98.92 93.63
N GLU BB 107 -14.44 -99.92 94.30
CA GLU BB 107 -15.33 -100.85 93.63
C GLU BB 107 -16.49 -100.10 92.99
N GLY BB 108 -17.02 -99.08 93.68
CA GLY BB 108 -18.05 -98.26 93.08
C GLY BB 108 -17.54 -97.51 91.86
N LEU BB 109 -16.34 -96.92 91.97
CA LEU BB 109 -15.79 -96.13 90.87
C LEU BB 109 -15.53 -96.97 89.63
N ALA BB 110 -15.23 -98.25 89.81
CA ALA BB 110 -14.94 -99.09 88.66
C ALA BB 110 -16.20 -99.38 87.82
N CYS BB 111 -17.39 -99.09 88.35
CA CYS BB 111 -18.62 -99.48 87.68
C CYS BB 111 -18.83 -98.77 86.34
N PRO BB 112 -18.71 -97.44 86.22
CA PRO BB 112 -18.94 -96.81 84.91
C PRO BB 112 -17.93 -97.24 83.85
N LEU BB 113 -16.76 -97.72 84.25
CA LEU BB 113 -15.78 -98.15 83.26
C LEU BB 113 -16.26 -99.39 82.52
N LEU BB 114 -16.87 -100.33 83.23
CA LEU BB 114 -17.24 -101.61 82.64
C LEU BB 114 -18.69 -101.56 82.15
N LEU BB 115 -18.91 -100.76 81.12
CA LEU BB 115 -20.23 -100.59 80.53
C LEU BB 115 -20.23 -101.00 79.06
N ASP BB 116 -21.44 -101.14 78.51
CA ASP BB 116 -21.62 -101.54 77.13
C ASP BB 116 -21.28 -100.41 76.17
N GLU BB 117 -21.05 -100.79 74.91
CA GLU BB 117 -20.59 -99.82 73.92
C GLU BB 117 -21.58 -98.67 73.77
N ILE BB 118 -22.88 -98.95 73.91
CA ILE BB 118 -23.89 -97.91 73.74
C ILE BB 118 -23.68 -96.80 74.77
N HIS BB 119 -23.65 -97.16 76.06
CA HIS BB 119 -23.46 -96.15 77.11
C HIS BB 119 -22.09 -95.50 77.00
N VAL BB 120 -21.06 -96.27 76.65
CA VAL BB 120 -19.71 -95.71 76.63
C VAL BB 120 -19.58 -94.68 75.52
N ASN BB 121 -20.13 -94.96 74.34
CA ASN BB 121 -20.11 -93.97 73.26
C ASN BB 121 -20.99 -92.77 73.61
N ASP BB 122 -22.13 -93.01 74.26
CA ASP BB 122 -23.00 -91.90 74.63
C ASP BB 122 -22.34 -90.97 75.63
N LEU BB 123 -21.54 -91.50 76.56
CA LEU BB 123 -20.97 -90.68 77.64
C LEU BB 123 -19.56 -90.18 77.36
N PHE BB 124 -18.63 -91.09 77.04
CA PHE BB 124 -17.22 -90.72 77.02
C PHE BB 124 -16.78 -90.11 75.69
N LEU BB 125 -17.44 -90.44 74.60
CA LEU BB 125 -17.10 -89.89 73.29
C LEU BB 125 -18.05 -88.78 72.88
N SER BB 126 -19.36 -89.06 72.86
CA SER BB 126 -20.32 -88.06 72.41
C SER BB 126 -20.45 -86.92 73.41
N GLY BB 127 -20.36 -87.24 74.70
CA GLY BB 127 -20.43 -86.23 75.74
C GLY BB 127 -21.80 -86.00 76.34
N LEU BB 128 -22.74 -86.92 76.13
CA LEU BB 128 -24.08 -86.75 76.67
C LEU BB 128 -24.06 -86.79 78.20
N PRO BB 129 -25.13 -86.38 78.86
CA PRO BB 129 -25.21 -86.56 80.30
C PRO BB 129 -25.40 -88.02 80.69
N ILE BB 130 -25.20 -88.30 81.97
CA ILE BB 130 -25.32 -89.68 82.46
C ILE BB 130 -26.75 -90.17 82.30
N ALA BB 131 -26.91 -91.39 81.81
CA ALA BB 131 -28.22 -92.01 81.66
C ALA BB 131 -28.67 -92.54 83.02
N THR BB 132 -29.67 -91.89 83.61
CA THR BB 132 -30.19 -92.27 84.93
C THR BB 132 -31.34 -93.27 84.76
N THR BB 133 -31.39 -94.28 85.63
CA THR BB 133 -32.42 -95.30 85.53
C THR BB 133 -33.13 -95.45 86.86
N ASP BB 134 -34.44 -95.24 86.88
CA ASP BB 134 -35.20 -95.41 88.12
C ASP BB 134 -35.07 -96.83 88.65
N VAL BB 135 -34.63 -96.94 89.90
CA VAL BB 135 -34.51 -98.25 90.54
C VAL BB 135 -35.91 -98.81 90.79
N PRO BB 136 -36.21 -100.04 90.37
CA PRO BB 136 -37.53 -100.59 90.66
C PRO BB 136 -37.73 -100.75 92.16
N ASP BB 137 -38.72 -100.04 92.69
CA ASP BB 137 -39.04 -100.19 94.11
C ASP BB 137 -39.35 -101.63 94.45
N ASN BB 138 -39.90 -102.39 93.50
CA ASN BB 138 -40.21 -103.79 93.75
C ASN BB 138 -38.95 -104.62 93.92
N GLU BB 139 -37.92 -104.34 93.11
CA GLU BB 139 -36.70 -105.11 93.16
C GLU BB 139 -35.91 -104.77 94.42
N PRO BB 140 -35.00 -105.65 94.85
CA PRO BB 140 -34.26 -105.39 96.08
C PRO BB 140 -33.34 -104.19 95.93
N LEU BB 141 -33.07 -103.53 97.05
CA LEU BB 141 -32.24 -102.34 97.02
C LEU BB 141 -30.81 -102.71 96.67
N PRO BB 142 -30.17 -101.96 95.77
CA PRO BB 142 -28.79 -102.28 95.35
C PRO BB 142 -27.80 -102.08 96.49
N PRO BB 143 -26.57 -102.56 96.33
CA PRO BB 143 -25.59 -102.47 97.42
C PRO BB 143 -25.31 -101.02 97.81
N ALA BB 144 -25.09 -100.81 99.11
CA ALA BB 144 -25.01 -99.48 99.68
C ALA BB 144 -23.74 -98.74 99.29
N LEU BB 145 -22.72 -99.43 98.78
CA LEU BB 145 -21.46 -98.82 98.37
C LEU BB 145 -20.62 -98.34 99.56
N LEU BB 146 -20.94 -98.83 100.77
CA LEU BB 146 -20.30 -98.44 102.02
C LEU BB 146 -19.94 -96.95 102.08
N SER CB 1 -33.73 -92.28 80.93
CA SER CB 1 -33.91 -93.05 79.69
C SER CB 1 -34.09 -92.14 78.49
N ILE CB 2 -35.04 -92.50 77.63
CA ILE CB 2 -35.38 -91.72 76.45
C ILE CB 2 -36.75 -91.11 76.67
N LYS CB 3 -36.88 -89.83 76.36
CA LYS CB 3 -38.09 -89.09 76.69
C LYS CB 3 -38.77 -88.56 75.43
N TYR CB 4 -40.10 -88.69 75.39
CA TYR CB 4 -40.93 -87.87 74.53
C TYR CB 4 -40.63 -86.41 74.82
N ILE CB 5 -40.20 -85.70 73.78
CA ILE CB 5 -40.19 -84.24 73.79
C ILE CB 5 -41.57 -83.71 73.43
N PHE CB 6 -42.16 -84.25 72.35
CA PHE CB 6 -43.51 -83.89 71.94
C PHE CB 6 -44.23 -85.16 71.52
N LYS CB 7 -45.25 -85.55 72.28
CA LYS CB 7 -46.07 -86.70 71.93
C LYS CB 7 -47.04 -86.31 70.82
N LYS CB 8 -47.09 -87.14 69.78
CA LYS CB 8 -47.98 -86.87 68.65
C LYS CB 8 -49.45 -86.99 69.04
N THR CB 9 -50.26 -86.05 68.56
CA THR CB 9 -51.69 -86.04 68.80
C THR CB 9 -52.44 -86.26 67.49
N ASP CB 10 -53.58 -86.94 67.58
CA ASP CB 10 -54.44 -87.15 66.42
C ASP CB 10 -55.27 -85.89 66.17
N THR CB 11 -54.57 -84.81 65.87
CA THR CB 11 -55.18 -83.52 65.60
C THR CB 11 -54.73 -83.09 64.21
N LEU CB 12 -55.61 -83.24 63.21
CA LEU CB 12 -55.25 -82.90 61.85
C LEU CB 12 -55.00 -81.40 61.70
N PRO CB 13 -54.06 -81.00 60.85
CA PRO CB 13 -53.85 -79.58 60.63
C PRO CB 13 -54.95 -78.98 59.77
N ARG CB 14 -55.36 -77.77 60.11
CA ARG CB 14 -56.31 -77.04 59.27
C ARG CB 14 -55.65 -76.73 57.94
N SER CB 15 -56.34 -77.06 56.84
CA SER CB 15 -55.91 -76.58 55.54
C SER CB 15 -55.87 -75.05 55.55
N VAL CB 16 -54.99 -74.49 54.70
CA VAL CB 16 -54.76 -73.05 54.68
C VAL CB 16 -55.39 -72.49 53.41
N ILE CB 17 -56.34 -71.59 53.59
CA ILE CB 17 -57.12 -71.03 52.49
C ILE CB 17 -56.91 -69.53 52.48
N GLY CB 18 -56.80 -68.95 51.29
CA GLY CB 18 -56.54 -67.53 51.23
C GLY CB 18 -56.74 -66.97 49.83
N ASN CB 19 -56.23 -65.76 49.65
CA ASN CB 19 -56.18 -65.13 48.34
C ASN CB 19 -54.97 -64.23 48.26
N VAL CB 20 -54.25 -64.29 47.14
CA VAL CB 20 -53.03 -63.48 46.99
C VAL CB 20 -53.38 -62.01 47.09
N LEU CB 21 -52.62 -61.29 47.93
CA LEU CB 21 -52.85 -59.87 48.17
C LEU CB 21 -51.88 -58.98 47.37
N ARG CB 22 -50.59 -59.11 47.64
CA ARG CB 22 -49.61 -58.29 46.95
C ARG CB 22 -48.31 -59.08 46.83
N THR CB 23 -47.54 -58.74 45.81
CA THR CB 23 -46.24 -59.34 45.57
C THR CB 23 -45.20 -58.25 45.82
N THR CB 24 -44.67 -58.22 47.04
CA THR CB 24 -43.74 -57.17 47.44
C THR CB 24 -42.50 -57.17 46.55
N GLY CB 25 -41.84 -58.32 46.45
CA GLY CB 25 -40.66 -58.47 45.64
C GLY CB 25 -40.72 -59.70 44.76
N PRO CB 26 -39.65 -59.96 44.01
CA PRO CB 26 -39.64 -61.15 43.14
C PRO CB 26 -39.64 -62.44 43.94
N ASP CB 27 -39.00 -62.45 45.11
CA ASP CB 27 -38.96 -63.62 45.97
C ASP CB 27 -39.99 -63.58 47.10
N THR CB 28 -40.72 -62.48 47.25
CA THR CB 28 -41.60 -62.26 48.40
C THR CB 28 -43.02 -62.00 47.91
N THR CB 29 -43.96 -62.83 48.37
CA THR CB 29 -45.37 -62.66 48.05
C THR CB 29 -46.21 -62.72 49.31
N VAL CB 30 -47.24 -61.88 49.40
CA VAL CB 30 -48.03 -61.73 50.60
C VAL CB 30 -49.49 -62.04 50.31
N TYR CB 31 -50.04 -62.99 51.04
CA TYR CB 31 -51.40 -63.47 50.87
C TYR CB 31 -52.26 -62.93 52.00
N SER CB 32 -53.48 -62.52 51.66
CA SER CB 32 -54.49 -62.14 52.64
C SER CB 32 -55.37 -63.35 52.94
N LEU CB 33 -55.53 -63.63 54.22
CA LEU CB 33 -56.27 -64.78 54.73
C LEU CB 33 -57.66 -64.36 55.16
N PRO CB 34 -58.53 -65.31 55.49
CA PRO CB 34 -59.88 -64.94 55.91
C PRO CB 34 -59.86 -64.16 57.23
N GLY CB 35 -60.80 -63.24 57.36
CA GLY CB 35 -60.86 -62.39 58.54
C GLY CB 35 -59.90 -61.24 58.53
N HIS CB 36 -59.23 -61.00 57.42
CA HIS CB 36 -58.34 -59.85 57.24
C HIS CB 36 -59.18 -58.59 57.04
N THR CB 37 -59.41 -57.87 58.13
CA THR CB 37 -59.95 -56.53 57.99
C THR CB 37 -58.81 -55.53 57.85
N PRO CB 38 -59.09 -54.33 57.35
CA PRO CB 38 -58.05 -53.28 57.40
C PRO CB 38 -57.65 -52.96 58.82
N VAL CB 39 -58.61 -52.98 59.76
CA VAL CB 39 -58.32 -52.68 61.15
C VAL CB 39 -57.47 -53.79 61.77
N ASN CB 40 -57.82 -55.05 61.51
CA ASN CB 40 -57.19 -56.21 62.12
C ASN CB 40 -56.61 -57.08 61.01
N PRO CB 41 -55.45 -56.70 60.47
CA PRO CB 41 -54.90 -57.44 59.33
C PRO CB 41 -54.50 -58.86 59.72
N PHE CB 42 -54.56 -59.75 58.73
CA PHE CB 42 -54.26 -61.17 58.94
C PHE CB 42 -53.68 -61.72 57.65
N THR CB 43 -52.39 -62.04 57.65
CA THR CB 43 -51.67 -62.29 56.41
C THR CB 43 -50.63 -63.38 56.56
N LEU CB 44 -50.46 -64.14 55.47
CA LEU CB 44 -49.34 -65.06 55.32
C LEU CB 44 -48.34 -64.43 54.35
N THR CB 45 -47.11 -64.22 54.83
CA THR CB 45 -46.03 -63.75 53.98
C THR CB 45 -45.09 -64.91 53.67
N ALA CB 46 -44.72 -65.05 52.40
CA ALA CB 46 -43.88 -66.15 51.94
C ALA CB 46 -42.66 -65.56 51.23
N VAL CB 47 -41.48 -65.93 51.69
CA VAL CB 47 -40.22 -65.45 51.16
C VAL CB 47 -39.37 -66.66 50.83
N SER CB 48 -39.21 -66.96 49.54
CA SER CB 48 -38.45 -68.13 49.09
C SER CB 48 -37.22 -67.62 48.34
N ARG CB 49 -36.05 -67.82 48.92
CA ARG CB 49 -34.79 -67.34 48.36
C ARG CB 49 -34.02 -68.50 47.76
N LEU CB 50 -33.75 -68.39 46.46
CA LEU CB 50 -33.10 -69.44 45.70
C LEU CB 50 -31.65 -69.57 46.11
N PRO CB 51 -31.03 -70.73 45.84
CA PRO CB 51 -29.63 -70.90 46.20
C PRO CB 51 -28.72 -70.19 45.20
N VAL CB 52 -27.74 -69.48 45.72
CA VAL CB 52 -26.71 -68.85 44.91
C VAL CB 52 -25.44 -69.68 45.04
N PRO CB 53 -24.94 -70.29 43.97
CA PRO CB 53 -23.73 -71.10 44.06
C PRO CB 53 -22.51 -70.23 44.28
N ARG CB 54 -21.63 -70.72 45.14
CA ARG CB 54 -20.39 -70.05 45.47
C ARG CB 54 -19.26 -70.91 44.93
N LYS CB 55 -18.07 -70.32 44.77
CA LYS CB 55 -16.96 -71.05 44.18
C LYS CB 55 -16.50 -72.13 45.15
N GLY CB 56 -16.78 -73.39 44.82
CA GLY CB 56 -16.49 -74.50 45.69
C GLY CB 56 -17.58 -74.82 46.70
N ASN CB 57 -18.67 -74.07 46.71
CA ASN CB 57 -19.78 -74.27 47.63
C ASN CB 57 -21.08 -74.33 46.87
N ALA CB 58 -21.85 -75.38 47.08
CA ALA CB 58 -23.20 -75.41 46.54
C ALA CB 58 -24.05 -74.34 47.21
N GLY CB 59 -25.15 -73.98 46.56
CA GLY CB 59 -26.09 -73.06 47.16
C GLY CB 59 -26.88 -73.69 48.30
N THR CB 60 -27.62 -72.84 49.01
CA THR CB 60 -28.59 -73.29 50.00
C THR CB 60 -29.89 -72.51 49.82
N THR CB 61 -31.01 -73.23 49.74
CA THR CB 61 -32.32 -72.63 49.56
C THR CB 61 -32.90 -72.25 50.91
N LYS CB 62 -33.34 -71.00 51.04
CA LYS CB 62 -34.01 -70.55 52.26
C LYS CB 62 -35.48 -70.32 51.96
N THR CB 63 -36.35 -70.61 52.92
CA THR CB 63 -37.79 -70.53 52.74
C THR CB 63 -38.39 -70.05 54.05
N THR CB 64 -39.26 -69.04 54.00
CA THR CB 64 -39.78 -68.44 55.23
C THR CB 64 -41.27 -68.16 55.04
N LEU CB 65 -42.08 -68.73 55.94
CA LEU CB 65 -43.54 -68.59 55.90
C LEU CB 65 -43.99 -68.02 57.25
N SER CB 66 -44.59 -66.82 57.23
CA SER CB 66 -44.99 -66.12 58.45
C SER CB 66 -46.49 -65.83 58.44
N LEU CB 67 -47.19 -66.30 59.47
CA LEU CB 67 -48.57 -65.92 59.71
C LEU CB 67 -48.60 -64.82 60.76
N ARG CB 68 -49.13 -63.66 60.38
CA ARG CB 68 -49.23 -62.51 61.28
C ARG CB 68 -50.68 -62.08 61.39
N ARG CB 69 -51.21 -62.10 62.62
CA ARG CB 69 -52.56 -61.61 62.91
C ARG CB 69 -52.51 -60.56 64.01
N GLU CB 70 -53.03 -59.37 63.73
CA GLU CB 70 -53.09 -58.31 64.73
C GLU CB 70 -54.47 -58.36 65.39
N VAL CB 71 -54.50 -58.85 66.62
CA VAL CB 71 -55.74 -59.10 67.34
C VAL CB 71 -56.01 -57.97 68.32
N THR CB 72 -57.29 -57.65 68.49
CA THR CB 72 -57.67 -56.71 69.54
C THR CB 72 -57.62 -57.41 70.89
N ILE CB 73 -56.90 -56.81 71.84
CA ILE CB 73 -56.73 -57.34 73.18
C ILE CB 73 -57.61 -56.55 74.13
N ASN CB 74 -58.28 -57.28 75.03
CA ASN CB 74 -59.19 -56.80 76.09
C ASN CB 74 -60.06 -55.66 75.60
N LYS CB 75 -60.89 -56.00 74.60
CA LYS CB 75 -61.82 -55.04 74.00
C LYS CB 75 -62.75 -54.44 75.04
N GLY CB 76 -63.41 -55.28 75.84
CA GLY CB 76 -64.35 -54.77 76.81
C GLY CB 76 -63.70 -53.85 77.83
N THR CB 77 -62.50 -54.21 78.27
CA THR CB 77 -61.79 -53.44 79.26
C THR CB 77 -61.24 -52.15 78.61
N ASP CB 78 -60.93 -51.18 79.46
CA ASP CB 78 -60.22 -49.99 79.01
C ASP CB 78 -58.83 -50.36 78.52
N GLN CB 79 -58.27 -49.48 77.67
CA GLN CB 79 -56.95 -49.67 77.08
C GLN CB 79 -56.91 -50.88 76.16
N GLU CB 80 -57.97 -51.09 75.39
CA GLU CB 80 -57.96 -52.17 74.40
C GLU CB 80 -56.91 -51.83 73.34
N LYS CB 81 -56.16 -52.84 72.88
CA LYS CB 81 -55.08 -52.53 71.95
C LYS CB 81 -54.93 -53.62 70.90
N ILE CB 82 -54.67 -53.19 69.66
CA ILE CB 82 -54.43 -54.13 68.58
C ILE CB 82 -52.96 -54.51 68.60
N VAL CB 83 -52.67 -55.77 68.88
CA VAL CB 83 -51.31 -56.23 69.06
C VAL CB 83 -51.09 -57.43 68.16
N PRO CB 84 -49.93 -57.56 67.51
CA PRO CB 84 -49.71 -58.69 66.59
C PRO CB 84 -49.19 -59.97 67.24
N MET CB 85 -49.78 -61.10 66.86
CA MET CB 85 -49.19 -62.40 67.15
C MET CB 85 -48.69 -63.00 65.86
N ILE CB 86 -47.53 -63.65 65.93
CA ILE CB 86 -46.84 -64.15 64.75
C ILE CB 86 -46.43 -65.60 64.99
N ALA CB 87 -46.56 -66.42 63.94
CA ALA CB 87 -46.03 -67.77 63.93
C ALA CB 87 -45.31 -68.01 62.58
N ARG CB 88 -44.01 -68.29 62.64
CA ARG CB 88 -43.13 -68.46 61.48
C ARG CB 88 -42.56 -69.85 61.39
N ILE CB 89 -42.48 -70.35 60.17
CA ILE CB 89 -41.66 -71.48 59.79
C ILE CB 89 -40.51 -70.90 58.98
N GLU CB 90 -39.28 -71.23 59.36
CA GLU CB 90 -38.11 -70.80 58.60
C GLU CB 90 -37.25 -72.03 58.34
N THR CB 91 -36.80 -72.21 57.09
CA THR CB 91 -36.13 -73.44 56.69
C THR CB 91 -35.00 -73.17 55.72
N SER CB 92 -33.79 -73.59 56.09
CA SER CB 92 -32.63 -73.51 55.21
C SER CB 92 -32.18 -74.92 54.85
N VAL CB 93 -32.23 -75.26 53.55
CA VAL CB 93 -31.89 -76.58 53.05
C VAL CB 93 -30.74 -76.41 52.06
N PRO CB 94 -29.57 -76.99 52.32
CA PRO CB 94 -28.53 -77.02 51.29
C PRO CB 94 -28.90 -77.93 50.13
N VAL CB 95 -28.21 -77.75 49.01
CA VAL CB 95 -28.63 -78.41 47.77
C VAL CB 95 -28.51 -79.92 47.87
N GLY CB 96 -27.39 -80.42 48.40
CA GLY CB 96 -27.13 -81.85 48.47
C GLY CB 96 -28.12 -82.68 49.28
N VAL CB 97 -29.08 -82.04 49.94
CA VAL CB 97 -29.97 -82.74 50.85
C VAL CB 97 -30.93 -83.66 50.10
N SER CB 98 -31.24 -84.82 50.70
CA SER CB 98 -32.25 -85.72 50.18
C SER CB 98 -33.64 -85.34 50.68
N GLN CB 99 -34.60 -85.34 49.76
CA GLN CB 99 -35.97 -85.02 50.11
C GLN CB 99 -36.51 -85.93 51.21
N ASP CB 100 -36.02 -87.18 51.25
CA ASP CB 100 -36.42 -88.10 52.30
C ASP CB 100 -35.99 -87.58 53.68
N ASP CB 101 -34.69 -87.29 53.83
CA ASP CB 101 -34.16 -86.77 55.09
C ASP CB 101 -34.91 -85.51 55.50
N PHE CB 102 -35.14 -84.61 54.56
CA PHE CB 102 -35.72 -83.33 54.94
C PHE CB 102 -37.20 -83.45 55.27
N LYS CB 103 -37.94 -84.29 54.55
CA LYS CB 103 -39.34 -84.47 54.92
C LYS CB 103 -39.44 -85.14 56.28
N ALA CB 104 -38.46 -85.97 56.64
CA ALA CB 104 -38.41 -86.51 58.00
C ALA CB 104 -38.29 -85.38 59.03
N MET CB 105 -37.33 -84.48 58.83
CA MET CB 105 -37.22 -83.35 59.74
C MET CB 105 -38.52 -82.55 59.80
N ILE CB 106 -39.17 -82.34 58.66
CA ILE CB 106 -40.39 -81.54 58.64
C ILE CB 106 -41.49 -82.20 59.44
N GLU CB 107 -41.71 -83.50 59.19
CA GLU CB 107 -42.73 -84.25 59.93
C GLU CB 107 -42.47 -84.18 61.42
N GLY CB 108 -41.20 -84.27 61.84
CA GLY CB 108 -40.89 -84.06 63.24
C GLY CB 108 -41.27 -82.68 63.72
N LEU CB 109 -40.86 -81.65 62.97
CA LEU CB 109 -41.09 -80.27 63.36
C LEU CB 109 -42.57 -79.94 63.49
N ALA CB 110 -43.42 -80.63 62.72
CA ALA CB 110 -44.85 -80.33 62.75
C ALA CB 110 -45.48 -80.77 64.07
N CYS CB 111 -44.89 -81.76 64.74
CA CYS CB 111 -45.51 -82.36 65.92
C CYS CB 111 -45.86 -81.37 67.03
N PRO CB 112 -44.97 -80.48 67.48
CA PRO CB 112 -45.36 -79.57 68.58
C PRO CB 112 -46.47 -78.62 68.21
N LEU CB 113 -46.65 -78.31 66.92
CA LEU CB 113 -47.73 -77.41 66.54
C LEU CB 113 -49.10 -78.02 66.82
N LEU CB 114 -49.23 -79.33 66.61
CA LEU CB 114 -50.52 -79.99 66.71
C LEU CB 114 -50.68 -80.64 68.09
N LEU CB 115 -50.84 -79.79 69.09
CA LEU CB 115 -50.99 -80.22 70.47
C LEU CB 115 -52.25 -79.64 71.10
N ASP CB 116 -52.63 -80.20 72.24
CA ASP CB 116 -53.84 -79.78 72.94
C ASP CB 116 -53.66 -78.40 73.58
N GLU CB 117 -54.79 -77.79 73.94
CA GLU CB 117 -54.78 -76.43 74.47
C GLU CB 117 -53.94 -76.33 75.73
N ILE CB 118 -53.92 -77.38 76.55
CA ILE CB 118 -53.18 -77.31 77.80
C ILE CB 118 -51.70 -77.12 77.52
N HIS CB 119 -51.11 -78.00 76.71
CA HIS CB 119 -49.69 -77.89 76.39
C HIS CB 119 -49.40 -76.61 75.62
N VAL CB 120 -50.30 -76.22 74.70
CA VAL CB 120 -50.03 -75.04 73.89
C VAL CB 120 -49.99 -73.79 74.77
N ASN CB 121 -50.93 -73.66 75.70
CA ASN CB 121 -50.91 -72.52 76.60
C ASN CB 121 -49.73 -72.58 77.56
N ASP CB 122 -49.34 -73.78 77.98
CA ASP CB 122 -48.21 -73.89 78.89
C ASP CB 122 -46.90 -73.50 78.22
N LEU CB 123 -46.72 -73.84 76.95
CA LEU CB 123 -45.46 -73.61 76.26
C LEU CB 123 -45.41 -72.26 75.52
N PHE CB 124 -46.35 -72.02 74.61
CA PHE CB 124 -46.22 -70.89 73.69
C PHE CB 124 -46.68 -69.56 74.30
N LEU CB 125 -47.55 -69.61 75.30
CA LEU CB 125 -48.09 -68.41 75.93
C LEU CB 125 -47.55 -68.18 77.34
N SER CB 126 -47.62 -69.18 78.23
CA SER CB 126 -47.11 -69.01 79.58
C SER CB 126 -45.59 -69.01 79.60
N GLY CB 127 -44.97 -69.79 78.71
CA GLY CB 127 -43.53 -69.84 78.62
C GLY CB 127 -42.88 -70.92 79.44
N LEU CB 128 -43.64 -71.93 79.86
CA LEU CB 128 -43.10 -73.01 80.67
C LEU CB 128 -42.12 -73.85 79.86
N PRO CB 129 -41.27 -74.64 80.53
CA PRO CB 129 -40.36 -75.52 79.79
C PRO CB 129 -41.13 -76.66 79.16
N ILE CB 130 -40.50 -77.31 78.18
CA ILE CB 130 -41.16 -78.41 77.48
C ILE CB 130 -41.49 -79.53 78.46
N ALA CB 131 -42.71 -80.04 78.38
CA ALA CB 131 -43.15 -81.15 79.24
C ALA CB 131 -42.61 -82.46 78.67
N THR CB 132 -41.59 -83.02 79.32
CA THR CB 132 -41.00 -84.28 78.88
C THR CB 132 -41.74 -85.45 79.49
N THR CB 133 -41.93 -86.51 78.71
CA THR CB 133 -42.66 -87.68 79.18
C THR CB 133 -41.83 -88.92 78.97
N ASP CB 134 -41.56 -89.66 80.04
CA ASP CB 134 -40.79 -90.89 79.92
C ASP CB 134 -41.49 -91.87 79.00
N VAL CB 135 -40.77 -92.35 77.99
CA VAL CB 135 -41.33 -93.34 77.07
C VAL CB 135 -41.48 -94.67 77.80
N PRO CB 136 -42.65 -95.30 77.80
CA PRO CB 136 -42.76 -96.61 78.46
C PRO CB 136 -41.88 -97.63 77.76
N ASP CB 137 -40.90 -98.15 78.49
CA ASP CB 137 -40.08 -99.24 77.95
C ASP CB 137 -40.94 -100.42 77.53
N ASN CB 138 -42.10 -100.56 78.17
CA ASN CB 138 -43.01 -101.65 77.84
C ASN CB 138 -43.60 -101.47 76.45
N GLU CB 139 -43.88 -100.23 76.07
CA GLU CB 139 -44.57 -99.87 74.83
C GLU CB 139 -43.60 -99.85 73.65
N PRO CB 140 -44.11 -99.81 72.41
CA PRO CB 140 -43.21 -99.86 71.26
C PRO CB 140 -42.37 -98.61 71.15
N LEU CB 141 -41.18 -98.76 70.58
CA LEU CB 141 -40.33 -97.59 70.38
C LEU CB 141 -40.97 -96.67 69.35
N PRO CB 142 -41.02 -95.37 69.62
CA PRO CB 142 -41.66 -94.43 68.70
C PRO CB 142 -40.87 -94.31 67.40
N PRO CB 143 -41.44 -93.65 66.38
CA PRO CB 143 -40.76 -93.59 65.08
C PRO CB 143 -39.43 -92.87 65.17
N ALA CB 144 -38.46 -93.37 64.40
CA ALA CB 144 -37.08 -92.92 64.57
C ALA CB 144 -36.88 -91.46 64.19
N LEU CB 145 -37.75 -90.88 63.37
CA LEU CB 145 -37.63 -89.52 62.86
C LEU CB 145 -36.54 -89.38 61.80
N LEU CB 146 -36.24 -90.48 61.10
CA LEU CB 146 -35.14 -90.60 60.13
C LEU CB 146 -34.00 -89.64 60.38
N SER DB 1 -86.73 -25.27 43.87
CA SER DB 1 -87.00 -26.42 44.74
C SER DB 1 -85.83 -27.37 44.79
N ILE DB 2 -86.11 -28.66 44.68
CA ILE DB 2 -85.10 -29.71 44.63
C ILE DB 2 -85.10 -30.29 43.22
N LYS DB 3 -83.91 -30.50 42.66
CA LYS DB 3 -83.79 -30.83 41.25
C LYS DB 3 -83.04 -32.15 41.05
N TYR DB 4 -83.59 -32.97 40.15
CA TYR DB 4 -82.82 -34.05 39.54
C TYR DB 4 -81.57 -33.46 38.90
N ILE DB 5 -80.42 -33.96 39.35
CA ILE DB 5 -79.15 -33.77 38.65
C ILE DB 5 -79.00 -34.82 37.56
N PHE DB 6 -79.24 -36.08 37.90
CA PHE DB 6 -79.21 -37.19 36.97
C PHE DB 6 -80.39 -38.10 37.28
N LYS DB 7 -81.34 -38.20 36.34
CA LYS DB 7 -82.46 -39.11 36.49
C LYS DB 7 -82.01 -40.52 36.18
N LYS DB 8 -82.33 -41.45 37.06
CA LYS DB 8 -81.97 -42.86 36.86
C LYS DB 8 -82.69 -43.44 35.65
N THR DB 9 -81.94 -44.19 34.84
CA THR DB 9 -82.50 -44.86 33.68
C THR DB 9 -82.41 -46.37 33.88
N ASP DB 10 -83.40 -47.08 33.33
CA ASP DB 10 -83.45 -48.54 33.45
C ASP DB 10 -82.56 -49.17 32.38
N THR DB 11 -81.28 -48.83 32.45
CA THR DB 11 -80.26 -49.32 31.53
C THR DB 11 -79.22 -50.06 32.36
N LEU DB 12 -79.23 -51.39 32.26
CA LEU DB 12 -78.32 -52.21 33.06
C LEU DB 12 -76.88 -52.03 32.57
N PRO DB 13 -75.90 -52.07 33.48
CA PRO DB 13 -74.51 -51.92 33.05
C PRO DB 13 -74.01 -53.18 32.38
N ARG DB 14 -73.21 -52.99 31.33
CA ARG DB 14 -72.56 -54.11 30.66
C ARG DB 14 -71.56 -54.75 31.61
N SER DB 15 -71.65 -56.08 31.74
CA SER DB 15 -70.61 -56.81 32.47
C SER DB 15 -69.27 -56.60 31.79
N VAL DB 16 -68.19 -56.68 32.59
CA VAL DB 16 -66.85 -56.38 32.11
C VAL DB 16 -66.05 -57.67 32.02
N ILE DB 17 -65.72 -58.07 30.81
CA ILE DB 17 -65.02 -59.33 30.55
C ILE DB 17 -63.66 -58.99 29.97
N GLY DB 18 -62.63 -59.73 30.39
CA GLY DB 18 -61.30 -59.43 29.92
C GLY DB 18 -60.34 -60.58 30.20
N ASN DB 19 -59.05 -60.28 30.03
CA ASN DB 19 -58.02 -61.23 30.40
C ASN DB 19 -56.78 -60.45 30.85
N VAL DB 20 -56.13 -60.92 31.91
CA VAL DB 20 -55.01 -60.19 32.48
C VAL DB 20 -53.87 -60.12 31.49
N LEU DB 21 -53.41 -58.90 31.21
CA LEU DB 21 -52.34 -58.68 30.24
C LEU DB 21 -50.96 -58.60 30.89
N ARG DB 22 -50.73 -57.58 31.71
CA ARG DB 22 -49.43 -57.44 32.37
C ARG DB 22 -49.59 -56.73 33.70
N THR DB 23 -48.76 -57.12 34.64
CA THR DB 23 -48.72 -56.54 35.97
C THR DB 23 -47.54 -55.58 35.99
N THR DB 24 -47.85 -54.30 35.83
CA THR DB 24 -46.81 -53.27 35.78
C THR DB 24 -46.06 -53.18 37.10
N GLY DB 25 -46.77 -52.87 38.18
CA GLY DB 25 -46.19 -52.79 39.50
C GLY DB 25 -46.90 -53.70 40.48
N PRO DB 26 -46.46 -53.68 41.73
CA PRO DB 26 -47.15 -54.51 42.74
C PRO DB 26 -48.58 -54.04 42.99
N ASP DB 27 -48.81 -52.73 42.92
CA ASP DB 27 -50.12 -52.14 43.08
C ASP DB 27 -50.83 -51.86 41.76
N THR DB 28 -50.22 -52.22 40.62
CA THR DB 28 -50.75 -51.84 39.31
C THR DB 28 -50.85 -53.07 38.42
N THR DB 29 -52.05 -53.39 37.96
CA THR DB 29 -52.26 -54.50 37.02
C THR DB 29 -53.06 -54.00 35.84
N VAL DB 30 -52.76 -54.52 34.66
CA VAL DB 30 -53.37 -54.05 33.41
C VAL DB 30 -53.99 -55.22 32.68
N TYR DB 31 -55.26 -55.07 32.34
CA TYR DB 31 -56.07 -56.11 31.70
C TYR DB 31 -56.33 -55.71 30.25
N SER DB 32 -56.23 -56.69 29.35
CA SER DB 32 -56.60 -56.50 27.95
C SER DB 32 -58.04 -56.95 27.77
N LEU DB 33 -58.84 -56.07 27.18
CA LEU DB 33 -60.27 -56.27 26.95
C LEU DB 33 -60.50 -56.75 25.54
N PRO DB 34 -61.73 -57.16 25.21
CA PRO DB 34 -62.01 -57.57 23.83
C PRO DB 34 -61.82 -56.42 22.86
N GLY DB 35 -61.45 -56.76 21.62
CA GLY DB 35 -61.18 -55.76 20.61
C GLY DB 35 -59.85 -55.07 20.76
N HIS DB 36 -59.00 -55.54 21.67
CA HIS DB 36 -57.66 -55.01 21.84
C HIS DB 36 -56.77 -55.56 20.73
N THR DB 37 -56.72 -54.84 19.63
CA THR DB 37 -55.70 -55.12 18.64
C THR DB 37 -54.42 -54.39 19.02
N PRO DB 38 -53.27 -54.83 18.51
CA PRO DB 38 -52.06 -54.03 18.67
C PRO DB 38 -52.18 -52.67 18.01
N VAL DB 39 -52.98 -52.57 16.94
CA VAL DB 39 -53.20 -51.30 16.27
C VAL DB 39 -54.05 -50.38 17.14
N ASN DB 40 -55.14 -50.91 17.70
CA ASN DB 40 -56.13 -50.12 18.42
C ASN DB 40 -56.29 -50.71 19.82
N PRO DB 41 -55.36 -50.43 20.73
CA PRO DB 41 -55.40 -51.09 22.04
C PRO DB 41 -56.61 -50.69 22.87
N PHE DB 42 -57.09 -51.65 23.65
CA PHE DB 42 -58.21 -51.47 24.57
C PHE DB 42 -57.74 -52.05 25.90
N THR DB 43 -57.59 -51.23 26.94
CA THR DB 43 -57.12 -51.80 28.21
C THR DB 43 -57.78 -51.14 29.41
N LEU DB 44 -58.03 -51.97 30.42
CA LEU DB 44 -58.41 -51.53 31.76
C LEU DB 44 -57.18 -51.61 32.67
N THR DB 45 -56.77 -50.48 33.22
CA THR DB 45 -55.69 -50.44 34.18
C THR DB 45 -56.25 -50.21 35.58
N ALA DB 46 -55.79 -51.00 36.54
CA ALA DB 46 -56.28 -50.97 37.92
C ALA DB 46 -55.11 -50.72 38.84
N VAL DB 47 -55.22 -49.68 39.67
CA VAL DB 47 -54.18 -49.28 40.60
C VAL DB 47 -54.82 -49.14 41.96
N SER DB 48 -54.56 -50.10 42.86
CA SER DB 48 -55.17 -50.14 44.18
C SER DB 48 -54.06 -49.94 45.20
N ARG DB 49 -53.99 -48.74 45.79
CA ARG DB 49 -52.95 -48.38 46.74
C ARG DB 49 -53.47 -48.56 48.15
N LEU DB 50 -52.81 -49.46 48.88
CA LEU DB 50 -53.24 -49.90 50.20
C LEU DB 50 -53.00 -48.79 51.22
N PRO DB 51 -53.71 -48.84 52.35
CA PRO DB 51 -53.58 -47.75 53.32
C PRO DB 51 -52.43 -47.98 54.28
N VAL DB 52 -51.57 -46.99 54.45
CA VAL DB 52 -50.47 -47.06 55.41
C VAL DB 52 -50.90 -46.32 56.68
N PRO DB 53 -51.00 -46.98 57.81
CA PRO DB 53 -51.45 -46.31 59.04
C PRO DB 53 -50.28 -45.61 59.72
N ARG DB 54 -50.35 -44.29 59.83
CA ARG DB 54 -49.44 -43.53 60.65
C ARG DB 54 -49.93 -43.54 62.10
N LYS DB 55 -49.02 -43.28 63.03
CA LYS DB 55 -49.39 -43.37 64.44
C LYS DB 55 -50.49 -42.37 64.75
N GLY DB 56 -51.62 -42.86 65.25
CA GLY DB 56 -52.76 -42.02 65.52
C GLY DB 56 -53.66 -41.76 64.32
N ASN DB 57 -53.38 -42.37 63.17
CA ASN DB 57 -54.19 -42.18 61.98
C ASN DB 57 -54.44 -43.53 61.32
N ALA DB 58 -55.70 -43.82 61.03
CA ALA DB 58 -55.99 -44.94 60.16
C ALA DB 58 -55.60 -44.61 58.73
N GLY DB 59 -55.33 -45.64 57.95
CA GLY DB 59 -54.95 -45.41 56.56
C GLY DB 59 -56.10 -44.82 55.74
N THR DB 60 -55.81 -44.54 54.48
CA THR DB 60 -56.82 -44.18 53.49
C THR DB 60 -56.51 -44.95 52.20
N THR DB 61 -57.45 -45.79 51.76
CA THR DB 61 -57.27 -46.64 50.60
C THR DB 61 -57.63 -45.90 49.32
N LYS DB 62 -56.73 -45.91 48.34
CA LYS DB 62 -57.01 -45.29 47.05
C LYS DB 62 -57.18 -46.38 45.99
N THR DB 63 -58.12 -46.18 45.09
CA THR DB 63 -58.45 -47.18 44.06
C THR DB 63 -58.73 -46.45 42.75
N THR DB 64 -58.08 -46.87 41.67
CA THR DB 64 -58.20 -46.18 40.39
C THR DB 64 -58.39 -47.20 39.28
N LEU DB 65 -59.46 -47.04 38.50
CA LEU DB 65 -59.83 -47.94 37.43
C LEU DB 65 -59.99 -47.12 36.16
N SER DB 66 -59.15 -47.37 35.15
CA SER DB 66 -59.13 -46.56 33.93
C SER DB 66 -59.36 -47.46 32.72
N LEU DB 67 -60.40 -47.16 31.95
CA LEU DB 67 -60.58 -47.76 30.63
C LEU DB 67 -60.03 -46.81 29.57
N ARG DB 68 -59.08 -47.28 28.78
CA ARG DB 68 -58.49 -46.49 27.70
C ARG DB 68 -58.59 -47.28 26.40
N ARG DB 69 -59.24 -46.68 25.40
CA ARG DB 69 -59.31 -47.33 24.08
C ARG DB 69 -59.03 -46.30 23.00
N GLU DB 70 -58.08 -46.61 22.12
CA GLU DB 70 -57.60 -45.67 21.11
C GLU DB 70 -58.34 -45.95 19.79
N VAL DB 71 -59.31 -45.11 19.47
CA VAL DB 71 -60.15 -45.33 18.30
C VAL DB 71 -59.49 -44.74 17.06
N THR DB 72 -59.61 -45.44 15.94
CA THR DB 72 -59.36 -44.83 14.63
C THR DB 72 -60.54 -43.92 14.32
N ILE DB 73 -60.34 -42.62 14.53
CA ILE DB 73 -61.32 -41.60 14.23
C ILE DB 73 -61.23 -41.22 12.76
N ASN DB 74 -62.41 -41.01 12.17
CA ASN DB 74 -62.67 -40.67 10.76
C ASN DB 74 -61.78 -41.47 9.81
N LYS DB 75 -61.91 -42.80 9.91
CA LYS DB 75 -61.13 -43.72 9.09
C LYS DB 75 -61.33 -43.48 7.60
N GLY DB 76 -62.59 -43.45 7.15
CA GLY DB 76 -62.84 -43.27 5.73
C GLY DB 76 -62.14 -42.04 5.16
N THR DB 77 -62.21 -40.93 5.88
CA THR DB 77 -61.64 -39.67 5.43
C THR DB 77 -60.12 -39.72 5.52
N ASP DB 78 -59.46 -38.95 4.65
CA ASP DB 78 -58.02 -38.82 4.73
C ASP DB 78 -57.62 -38.07 5.99
N GLN DB 79 -56.33 -38.21 6.34
CA GLN DB 79 -55.82 -37.75 7.65
C GLN DB 79 -56.63 -38.37 8.78
N GLU DB 80 -56.93 -39.66 8.63
CA GLU DB 80 -57.58 -40.42 9.68
C GLU DB 80 -56.59 -40.62 10.81
N LYS DB 81 -57.06 -40.64 12.06
CA LYS DB 81 -56.07 -40.67 13.15
C LYS DB 81 -56.49 -41.64 14.24
N ILE DB 82 -55.51 -42.09 15.03
CA ILE DB 82 -55.78 -42.94 16.19
C ILE DB 82 -55.68 -42.08 17.43
N VAL DB 83 -56.78 -41.99 18.19
CA VAL DB 83 -56.83 -41.07 19.32
C VAL DB 83 -57.45 -41.78 20.52
N PRO DB 84 -56.90 -41.61 21.73
CA PRO DB 84 -57.40 -42.38 22.88
C PRO DB 84 -58.55 -41.73 23.64
N MET DB 85 -59.65 -42.45 23.87
CA MET DB 85 -60.67 -42.01 24.79
C MET DB 85 -60.51 -42.75 26.11
N ILE DB 86 -60.72 -42.03 27.21
CA ILE DB 86 -60.44 -42.58 28.54
C ILE DB 86 -61.60 -42.25 29.47
N ALA DB 87 -61.99 -43.24 30.27
CA ALA DB 87 -62.95 -43.04 31.35
C ALA DB 87 -62.44 -43.72 32.62
N ARG DB 88 -62.33 -42.96 33.70
CA ARG DB 88 -61.74 -43.38 34.97
C ARG DB 88 -62.72 -43.25 36.11
N ILE DB 89 -62.64 -44.23 37.00
CA ILE DB 89 -63.22 -44.16 38.32
C ILE DB 89 -62.05 -44.04 39.29
N GLU DB 90 -62.05 -43.00 40.12
CA GLU DB 90 -61.00 -42.80 41.13
C GLU DB 90 -61.68 -42.63 42.49
N THR DB 91 -61.23 -43.37 43.49
CA THR DB 91 -61.93 -43.42 44.76
C THR DB 91 -60.97 -43.45 45.94
N SER DB 92 -61.13 -42.50 46.86
CA SER DB 92 -60.35 -42.44 48.09
C SER DB 92 -61.27 -42.65 49.27
N VAL DB 93 -61.09 -43.78 49.97
CA VAL DB 93 -61.92 -44.17 51.11
C VAL DB 93 -61.04 -44.28 52.34
N PRO DB 94 -61.18 -43.43 53.33
CA PRO DB 94 -60.46 -43.63 54.59
C PRO DB 94 -60.93 -44.88 55.30
N VAL DB 95 -60.12 -45.35 56.25
CA VAL DB 95 -60.36 -46.65 56.87
C VAL DB 95 -61.70 -46.66 57.60
N GLY DB 96 -61.91 -45.71 58.51
CA GLY DB 96 -63.11 -45.67 59.32
C GLY DB 96 -64.45 -45.69 58.60
N VAL DB 97 -64.44 -45.51 57.28
CA VAL DB 97 -65.68 -45.40 56.52
C VAL DB 97 -66.50 -46.68 56.61
N SER DB 98 -67.82 -46.52 56.62
CA SER DB 98 -68.75 -47.64 56.65
C SER DB 98 -69.09 -48.12 55.24
N GLN DB 99 -69.06 -49.44 55.06
CA GLN DB 99 -69.33 -50.03 53.75
C GLN DB 99 -70.73 -49.67 53.26
N ASP DB 100 -71.69 -49.55 54.17
CA ASP DB 100 -73.05 -49.14 53.77
C ASP DB 100 -73.05 -47.76 53.15
N ASP DB 101 -72.47 -46.78 53.85
CA ASP DB 101 -72.44 -45.40 53.37
C ASP DB 101 -71.75 -45.32 52.03
N PHE DB 102 -70.57 -45.94 51.92
CA PHE DB 102 -69.83 -45.80 50.68
C PHE DB 102 -70.48 -46.55 49.53
N LYS DB 103 -71.14 -47.68 49.80
CA LYS DB 103 -71.82 -48.40 48.73
C LYS DB 103 -73.01 -47.58 48.21
N ALA DB 104 -73.69 -46.85 49.10
CA ALA DB 104 -74.77 -45.98 48.65
C ALA DB 104 -74.24 -44.83 47.80
N MET DB 105 -73.15 -44.22 48.24
CA MET DB 105 -72.53 -43.16 47.44
C MET DB 105 -72.09 -43.67 46.07
N ILE DB 106 -71.54 -44.88 46.01
CA ILE DB 106 -71.16 -45.49 44.73
C ILE DB 106 -72.38 -45.67 43.85
N GLU DB 107 -73.45 -46.25 44.41
CA GLU DB 107 -74.69 -46.42 43.65
C GLU DB 107 -75.15 -45.11 43.06
N GLY DB 108 -75.05 -44.03 43.83
CA GLY DB 108 -75.39 -42.72 43.30
C GLY DB 108 -74.47 -42.31 42.15
N LEU DB 109 -73.16 -42.50 42.34
CA LEU DB 109 -72.20 -42.08 41.32
C LEU DB 109 -72.38 -42.84 40.02
N ALA DB 110 -72.90 -44.06 40.07
CA ALA DB 110 -73.07 -44.83 38.84
C ALA DB 110 -74.19 -44.29 37.96
N CYS DB 111 -75.05 -43.42 38.49
CA CYS DB 111 -76.23 -42.99 37.75
C CYS DB 111 -75.91 -42.21 36.47
N PRO DB 112 -75.03 -41.21 36.47
CA PRO DB 112 -74.77 -40.48 35.21
C PRO DB 112 -74.14 -41.33 34.14
N LEU DB 113 -73.49 -42.43 34.51
CA LEU DB 113 -72.91 -43.29 33.50
C LEU DB 113 -73.97 -44.00 32.66
N LEU DB 114 -75.06 -44.41 33.29
CA LEU DB 114 -76.07 -45.21 32.59
C LEU DB 114 -77.21 -44.29 32.11
N LEU DB 115 -76.89 -43.46 31.14
CA LEU DB 115 -77.83 -42.52 30.55
C LEU DB 115 -77.97 -42.76 29.05
N ASP DB 116 -79.02 -42.14 28.48
CA ASP DB 116 -79.31 -42.28 27.07
C ASP DB 116 -78.33 -41.49 26.21
N GLU DB 117 -78.29 -41.84 24.92
CA GLU DB 117 -77.31 -41.25 24.01
C GLU DB 117 -77.44 -39.74 23.95
N ILE DB 118 -78.67 -39.22 24.06
CA ILE DB 118 -78.87 -37.78 23.97
C ILE DB 118 -78.11 -37.07 25.09
N HIS DB 119 -78.38 -37.46 26.34
CA HIS DB 119 -77.70 -36.83 27.47
C HIS DB 119 -76.20 -37.09 27.44
N VAL DB 120 -75.79 -38.29 27.03
CA VAL DB 120 -74.37 -38.62 27.06
C VAL DB 120 -73.60 -37.77 26.05
N ASN DB 121 -74.15 -37.59 24.85
CA ASN DB 121 -73.52 -36.72 23.87
C ASN DB 121 -73.56 -35.27 24.31
N ASP DB 122 -74.65 -34.85 24.97
CA ASP DB 122 -74.73 -33.45 25.39
C ASP DB 122 -73.71 -33.14 26.49
N LEU DB 123 -73.42 -34.10 27.37
CA LEU DB 123 -72.53 -33.81 28.51
C LEU DB 123 -71.08 -34.21 28.28
N PHE DB 124 -70.82 -35.46 27.89
CA PHE DB 124 -69.45 -35.97 27.92
C PHE DB 124 -68.66 -35.64 26.66
N LEU DB 125 -69.33 -35.48 25.52
CA LEU DB 125 -68.65 -35.15 24.27
C LEU DB 125 -68.79 -33.68 23.93
N SER DB 126 -70.02 -33.16 23.89
CA SER DB 126 -70.22 -31.78 23.48
C SER DB 126 -69.78 -30.81 24.56
N GLY DB 127 -69.91 -31.20 25.82
CA GLY DB 127 -69.56 -30.30 26.91
C GLY DB 127 -70.66 -29.35 27.30
N LEU DB 128 -71.87 -29.53 26.79
CA LEU DB 128 -73.00 -28.69 27.17
C LEU DB 128 -73.24 -28.76 28.67
N PRO DB 129 -73.81 -27.71 29.27
CA PRO DB 129 -74.03 -27.74 30.72
C PRO DB 129 -75.10 -28.74 31.11
N ILE DB 130 -75.05 -29.18 32.37
CA ILE DB 130 -76.02 -30.14 32.89
C ILE DB 130 -77.38 -29.49 33.02
N ALA DB 131 -78.42 -30.15 32.52
CA ALA DB 131 -79.79 -29.65 32.57
C ALA DB 131 -80.46 -30.19 33.82
N THR DB 132 -80.72 -29.31 34.78
CA THR DB 132 -81.41 -29.69 36.01
C THR DB 132 -82.90 -29.86 35.75
N THR DB 133 -83.50 -30.90 36.33
CA THR DB 133 -84.91 -31.18 36.10
C THR DB 133 -85.69 -31.06 37.41
N ASP DB 134 -86.74 -30.23 37.42
CA ASP DB 134 -87.54 -30.11 38.63
C ASP DB 134 -88.20 -31.44 38.97
N VAL DB 135 -88.02 -31.87 40.21
CA VAL DB 135 -88.70 -33.07 40.71
C VAL DB 135 -90.18 -32.74 40.92
N PRO DB 136 -91.10 -33.54 40.40
CA PRO DB 136 -92.52 -33.22 40.61
C PRO DB 136 -92.87 -33.33 42.09
N ASP DB 137 -93.33 -32.21 42.66
CA ASP DB 137 -93.79 -32.22 44.05
C ASP DB 137 -94.90 -33.23 44.25
N ASN DB 138 -95.69 -33.48 43.19
CA ASN DB 138 -96.77 -34.45 43.29
C ASN DB 138 -96.23 -35.87 43.41
N GLU DB 139 -95.14 -36.17 42.72
CA GLU DB 139 -94.57 -37.51 42.68
C GLU DB 139 -93.79 -37.81 43.97
N PRO DB 140 -93.53 -39.10 44.27
CA PRO DB 140 -92.84 -39.43 45.51
C PRO DB 140 -91.38 -38.97 45.47
N LEU DB 141 -90.86 -38.63 46.64
CA LEU DB 141 -89.48 -38.14 46.71
C LEU DB 141 -88.51 -39.24 46.32
N PRO DB 142 -87.49 -38.93 45.54
CA PRO DB 142 -86.52 -39.94 45.10
C PRO DB 142 -85.66 -40.44 46.25
N PRO DB 143 -84.92 -41.53 46.06
CA PRO DB 143 -84.14 -42.09 47.17
C PRO DB 143 -83.12 -41.10 47.71
N ALA DB 144 -82.89 -41.17 49.02
CA ALA DB 144 -82.09 -40.15 49.69
C ALA DB 144 -80.62 -40.21 49.36
N LEU DB 145 -80.13 -41.33 48.82
CA LEU DB 145 -78.72 -41.54 48.48
C LEU DB 145 -77.84 -41.74 49.72
N LEU DB 146 -78.45 -42.08 50.85
CA LEU DB 146 -77.77 -42.21 52.15
C LEU DB 146 -76.65 -41.19 52.35
N SER EB 1 -27.63 -71.00 -10.32
CA SER EB 1 -29.08 -71.07 -10.30
C SER EB 1 -29.64 -70.65 -8.95
N ILE EB 2 -30.64 -71.40 -8.48
CA ILE EB 2 -31.27 -71.17 -7.18
C ILE EB 2 -30.84 -72.30 -6.27
N LYS EB 3 -30.43 -71.97 -5.05
CA LYS EB 3 -29.85 -72.94 -4.14
C LYS EB 3 -30.69 -73.10 -2.87
N TYR EB 4 -30.87 -74.35 -2.47
CA TYR EB 4 -31.21 -74.67 -1.09
C TYR EB 4 -30.19 -74.03 -0.17
N ILE EB 5 -30.69 -73.14 0.70
CA ILE EB 5 -29.93 -72.68 1.86
C ILE EB 5 -30.00 -73.72 2.97
N PHE EB 6 -31.22 -74.11 3.32
CA PHE EB 6 -31.46 -75.16 4.31
C PHE EB 6 -32.55 -76.07 3.77
N LYS EB 7 -32.18 -77.34 3.50
CA LYS EB 7 -33.13 -78.32 3.04
C LYS EB 7 -33.95 -78.82 4.22
N LYS EB 8 -35.27 -78.81 4.08
CA LYS EB 8 -36.17 -79.24 5.15
C LYS EB 8 -35.99 -80.72 5.45
N THR EB 9 -35.94 -81.06 6.74
CA THR EB 9 -35.83 -82.44 7.18
C THR EB 9 -37.10 -82.84 7.93
N ASP EB 10 -37.46 -84.12 7.80
CA ASP EB 10 -38.65 -84.64 8.44
C ASP EB 10 -38.35 -85.03 9.89
N THR EB 11 -37.94 -84.01 10.65
CA THR EB 11 -37.60 -84.17 12.06
C THR EB 11 -38.49 -83.23 12.87
N LEU EB 12 -39.46 -83.80 13.59
CA LEU EB 12 -40.42 -83.01 14.32
C LEU EB 12 -39.75 -82.31 15.51
N PRO EB 13 -40.20 -81.11 15.86
CA PRO EB 13 -39.62 -80.42 17.01
C PRO EB 13 -40.06 -81.03 18.32
N ARG EB 14 -39.12 -81.14 19.26
CA ARG EB 14 -39.45 -81.59 20.60
C ARG EB 14 -40.35 -80.57 21.27
N SER EB 15 -41.48 -81.03 21.81
CA SER EB 15 -42.32 -80.16 22.61
C SER EB 15 -41.54 -79.66 23.83
N VAL EB 16 -41.88 -78.46 24.30
CA VAL EB 16 -41.13 -77.79 25.35
C VAL EB 16 -41.94 -77.86 26.65
N ILE EB 17 -41.41 -78.56 27.64
CA ILE EB 17 -42.09 -78.78 28.91
C ILE EB 17 -41.25 -78.17 30.01
N GLY EB 18 -41.91 -77.53 30.97
CA GLY EB 18 -41.17 -76.84 32.01
C GLY EB 18 -42.06 -76.48 33.18
N ASN EB 19 -41.55 -75.57 34.02
CA ASN EB 19 -42.34 -75.01 35.11
C ASN EB 19 -41.81 -73.61 35.43
N VAL EB 20 -42.73 -72.70 35.74
CA VAL EB 20 -42.33 -71.30 35.97
C VAL EB 20 -41.51 -71.19 37.25
N LEU EB 21 -40.29 -70.64 37.12
CA LEU EB 21 -39.37 -70.51 38.25
C LEU EB 21 -39.48 -69.17 38.96
N ARG EB 22 -39.25 -68.08 38.25
CA ARG EB 22 -39.36 -66.75 38.81
C ARG EB 22 -39.79 -65.79 37.71
N THR EB 23 -40.35 -64.65 38.14
CA THR EB 23 -40.72 -63.56 37.25
C THR EB 23 -39.82 -62.39 37.61
N THR EB 24 -38.74 -62.20 36.84
CA THR EB 24 -37.77 -61.16 37.14
C THR EB 24 -38.42 -59.78 37.10
N GLY EB 25 -39.02 -59.44 35.95
CA GLY EB 25 -39.67 -58.16 35.77
C GLY EB 25 -41.06 -58.31 35.20
N PRO EB 26 -41.73 -57.20 34.92
CA PRO EB 26 -43.10 -57.26 34.39
C PRO EB 26 -43.16 -57.80 32.98
N ASP EB 27 -42.07 -57.66 32.21
CA ASP EB 27 -42.01 -58.20 30.86
C ASP EB 27 -41.11 -59.43 30.75
N THR EB 28 -40.49 -59.86 31.85
CA THR EB 28 -39.48 -60.91 31.83
C THR EB 28 -39.89 -62.03 32.79
N THR EB 29 -40.04 -63.25 32.27
CA THR EB 29 -40.36 -64.40 33.10
C THR EB 29 -39.43 -65.55 32.77
N VAL EB 30 -38.98 -66.27 33.81
CA VAL EB 30 -37.96 -67.30 33.66
C VAL EB 30 -38.53 -68.64 34.09
N TYR EB 31 -38.38 -69.64 33.22
CA TYR EB 31 -38.90 -70.98 33.43
C TYR EB 31 -37.74 -71.93 33.65
N SER EB 32 -37.88 -72.82 34.64
CA SER EB 32 -36.94 -73.90 34.85
C SER EB 32 -37.41 -75.12 34.07
N LEU EB 33 -36.51 -75.69 33.30
CA LEU EB 33 -36.76 -76.84 32.43
C LEU EB 33 -36.25 -78.10 33.10
N PRO EB 34 -36.56 -79.28 32.55
CA PRO EB 34 -36.08 -80.51 33.17
C PRO EB 34 -34.56 -80.58 33.19
N GLY EB 35 -34.02 -81.25 34.21
CA GLY EB 35 -32.59 -81.36 34.34
C GLY EB 35 -31.91 -80.12 34.87
N HIS EB 36 -32.65 -79.24 35.55
CA HIS EB 36 -32.13 -77.99 36.06
C HIS EB 36 -31.67 -78.20 37.50
N THR EB 37 -30.40 -78.54 37.67
CA THR EB 37 -29.80 -78.47 39.00
C THR EB 37 -29.26 -77.07 39.24
N PRO EB 38 -29.12 -76.66 40.49
CA PRO EB 38 -28.52 -75.34 40.74
C PRO EB 38 -27.09 -75.26 40.25
N VAL EB 39 -26.36 -76.38 40.32
CA VAL EB 39 -24.98 -76.39 39.84
C VAL EB 39 -24.94 -76.27 38.33
N ASN EB 40 -25.82 -76.99 37.62
CA ASN EB 40 -25.86 -77.01 36.16
C ASN EB 40 -27.21 -76.53 35.67
N PRO EB 41 -27.48 -75.22 35.77
CA PRO EB 41 -28.83 -74.73 35.48
C PRO EB 41 -29.19 -74.84 34.01
N PHE EB 42 -30.49 -74.99 33.75
CA PHE EB 42 -31.02 -75.08 32.39
C PHE EB 42 -32.40 -74.44 32.39
N THR EB 43 -32.52 -73.30 31.70
CA THR EB 43 -33.68 -72.42 31.85
C THR EB 43 -34.03 -71.72 30.55
N LEU EB 44 -35.33 -71.50 30.37
CA LEU EB 44 -35.88 -70.68 29.29
C LEU EB 44 -36.29 -69.33 29.86
N THR EB 45 -35.64 -68.27 29.42
CA THR EB 45 -36.04 -66.91 29.76
C THR EB 45 -36.86 -66.34 28.61
N ALA EB 46 -37.96 -65.66 28.95
CA ALA EB 46 -38.87 -65.10 27.96
C ALA EB 46 -39.08 -63.63 28.27
N VAL EB 47 -38.74 -62.77 27.32
CA VAL EB 47 -38.85 -61.33 27.47
C VAL EB 47 -39.72 -60.83 26.32
N SER EB 48 -40.95 -60.42 26.62
CA SER EB 48 -41.87 -59.90 25.61
C SER EB 48 -42.12 -58.42 25.91
N ARG EB 49 -41.64 -57.54 25.03
CA ARG EB 49 -41.75 -56.11 25.22
C ARG EB 49 -42.80 -55.55 24.27
N LEU EB 50 -43.82 -54.90 24.85
CA LEU EB 50 -44.94 -54.36 24.11
C LEU EB 50 -44.49 -53.20 23.23
N PRO EB 51 -45.30 -52.86 22.22
CA PRO EB 51 -44.98 -51.70 21.39
C PRO EB 51 -45.34 -50.42 22.11
N VAL EB 52 -44.44 -49.45 22.02
CA VAL EB 52 -44.68 -48.11 22.55
C VAL EB 52 -44.90 -47.17 21.37
N PRO EB 53 -46.10 -46.61 21.20
CA PRO EB 53 -46.35 -45.72 20.07
C PRO EB 53 -45.50 -44.48 20.19
N ARG EB 54 -45.03 -44.00 19.03
CA ARG EB 54 -44.27 -42.78 18.93
C ARG EB 54 -45.04 -41.83 18.02
N LYS EB 55 -44.84 -40.53 18.20
CA LYS EB 55 -45.65 -39.56 17.46
C LYS EB 55 -45.37 -39.70 15.97
N GLY EB 56 -46.36 -40.19 15.23
CA GLY EB 56 -46.21 -40.48 13.82
C GLY EB 56 -45.68 -41.87 13.50
N ASN EB 57 -45.37 -42.68 14.51
CA ASN EB 57 -44.81 -44.00 14.31
C ASN EB 57 -45.61 -45.03 15.10
N ALA EB 58 -46.01 -46.10 14.44
CA ALA EB 58 -46.62 -47.20 15.18
C ALA EB 58 -45.57 -47.95 15.98
N GLY EB 59 -46.02 -48.63 17.03
CA GLY EB 59 -45.10 -49.39 17.85
C GLY EB 59 -44.52 -50.60 17.12
N THR EB 60 -43.57 -51.25 17.77
CA THR EB 60 -43.04 -52.54 17.32
C THR EB 60 -42.91 -53.46 18.53
N THR EB 61 -43.48 -54.66 18.42
CA THR EB 61 -43.42 -55.66 19.47
C THR EB 61 -42.12 -56.45 19.38
N LYS EB 62 -41.35 -56.50 20.47
CA LYS EB 62 -40.16 -57.32 20.51
C LYS EB 62 -40.41 -58.53 21.39
N THR EB 63 -39.83 -59.67 21.02
CA THR EB 63 -40.05 -60.93 21.70
C THR EB 63 -38.75 -61.70 21.70
N THR EB 64 -38.30 -62.15 22.86
CA THR EB 64 -37.00 -62.82 22.96
C THR EB 64 -37.16 -64.05 23.83
N LEU EB 65 -36.73 -65.21 23.31
CA LEU EB 65 -36.83 -66.49 24.00
C LEU EB 65 -35.42 -67.11 24.00
N SER EB 66 -34.84 -67.28 25.19
CA SER EB 66 -33.46 -67.75 25.34
C SER EB 66 -33.44 -69.04 26.14
N LEU EB 67 -32.88 -70.11 25.57
CA LEU EB 67 -32.56 -71.30 26.33
C LEU EB 67 -31.09 -71.25 26.71
N ARG EB 68 -30.79 -71.48 27.99
CA ARG EB 68 -29.42 -71.47 28.50
C ARG EB 68 -29.20 -72.67 29.40
N ARG EB 69 -28.18 -73.48 29.07
CA ARG EB 69 -27.89 -74.70 29.81
C ARG EB 69 -26.38 -74.81 30.00
N GLU EB 70 -25.94 -74.90 31.26
CA GLU EB 70 -24.51 -74.88 31.59
C GLU EB 70 -24.02 -76.32 31.75
N VAL EB 71 -23.36 -76.82 30.71
CA VAL EB 71 -22.93 -78.22 30.68
C VAL EB 71 -21.59 -78.36 31.39
N THR EB 72 -21.43 -79.47 32.10
CA THR EB 72 -20.10 -79.89 32.52
C THR EB 72 -19.37 -80.49 31.32
N ILE EB 73 -18.22 -79.91 30.99
CA ILE EB 73 -17.42 -80.31 29.84
C ILE EB 73 -16.25 -81.14 30.34
N ASN EB 74 -16.00 -82.24 29.63
CA ASN EB 74 -14.91 -83.20 29.84
C ASN EB 74 -14.65 -83.47 31.31
N LYS EB 75 -15.70 -84.04 31.94
CA LYS EB 75 -15.68 -84.30 33.38
C LYS EB 75 -14.56 -85.27 33.76
N GLY EB 76 -14.49 -86.42 33.08
CA GLY EB 76 -13.46 -87.38 33.43
C GLY EB 76 -12.06 -86.82 33.30
N THR EB 77 -11.85 -85.98 32.30
CA THR EB 77 -10.54 -85.41 32.02
C THR EB 77 -10.27 -84.25 32.98
N ASP EB 78 -9.00 -83.84 33.07
CA ASP EB 78 -8.66 -82.64 33.80
C ASP EB 78 -9.22 -81.41 33.10
N GLN EB 79 -9.31 -80.32 33.85
CA GLN EB 79 -9.95 -79.09 33.38
C GLN EB 79 -11.42 -79.29 33.02
N GLU EB 80 -12.10 -80.18 33.76
CA GLU EB 80 -13.55 -80.22 33.78
C GLU EB 80 -14.11 -78.83 34.06
N LYS EB 81 -15.01 -78.34 33.19
CA LYS EB 81 -15.50 -76.98 33.41
C LYS EB 81 -16.99 -76.89 33.12
N ILE EB 82 -17.71 -76.12 33.95
CA ILE EB 82 -19.12 -75.84 33.69
C ILE EB 82 -19.22 -74.61 32.80
N VAL EB 83 -19.77 -74.80 31.61
CA VAL EB 83 -19.76 -73.75 30.58
C VAL EB 83 -21.13 -73.66 29.94
N PRO EB 84 -21.68 -72.46 29.74
CA PRO EB 84 -23.05 -72.35 29.23
C PRO EB 84 -23.20 -72.36 27.71
N MET EB 85 -24.12 -73.15 27.19
CA MET EB 85 -24.56 -73.05 25.80
C MET EB 85 -25.89 -72.32 25.76
N ILE EB 86 -26.06 -71.47 24.75
CA ILE EB 86 -27.25 -70.63 24.65
C ILE EB 86 -27.79 -70.66 23.23
N ALA EB 87 -29.12 -70.77 23.11
CA ALA EB 87 -29.82 -70.67 21.84
C ALA EB 87 -31.04 -69.76 21.99
N ARG EB 88 -31.06 -68.65 21.23
CA ARG EB 88 -32.06 -67.59 21.34
C ARG EB 88 -32.83 -67.43 20.05
N ILE EB 89 -34.10 -67.12 20.22
CA ILE EB 89 -34.96 -66.61 19.16
C ILE EB 89 -35.26 -65.16 19.54
N GLU EB 90 -34.98 -64.22 18.64
CA GLU EB 90 -35.29 -62.82 18.88
C GLU EB 90 -36.10 -62.30 17.70
N THR EB 91 -37.21 -61.62 17.98
CA THR EB 91 -38.17 -61.27 16.94
C THR EB 91 -38.74 -59.88 17.15
N SER EB 92 -38.58 -59.02 16.14
CA SER EB 92 -39.15 -57.67 16.17
C SER EB 92 -40.20 -57.58 15.07
N VAL EB 93 -41.46 -57.48 15.48
CA VAL EB 93 -42.61 -57.42 14.58
C VAL EB 93 -43.26 -56.05 14.75
N PRO EB 94 -43.21 -55.19 13.75
CA PRO EB 94 -43.96 -53.93 13.81
C PRO EB 94 -45.46 -54.19 13.82
N VAL EB 95 -46.22 -53.17 14.23
CA VAL EB 95 -47.62 -53.38 14.57
C VAL EB 95 -48.43 -53.86 13.36
N GLY EB 96 -48.33 -53.14 12.24
CA GLY EB 96 -49.15 -53.41 11.07
C GLY EB 96 -48.93 -54.75 10.41
N VAL EB 97 -47.90 -55.49 10.83
CA VAL EB 97 -47.54 -56.75 10.17
C VAL EB 97 -48.70 -57.74 10.20
N SER EB 98 -48.84 -58.51 9.12
CA SER EB 98 -49.89 -59.51 9.01
C SER EB 98 -49.42 -60.85 9.57
N GLN EB 99 -50.32 -61.49 10.34
CA GLN EB 99 -50.00 -62.77 10.96
C GLN EB 99 -49.62 -63.82 9.92
N ASP EB 100 -50.23 -63.75 8.74
CA ASP EB 100 -49.92 -64.70 7.68
C ASP EB 100 -48.47 -64.59 7.26
N ASP EB 101 -48.05 -63.38 6.89
CA ASP EB 101 -46.68 -63.16 6.43
C ASP EB 101 -45.68 -63.54 7.50
N PHE EB 102 -45.96 -63.15 8.75
CA PHE EB 102 -44.97 -63.42 9.78
C PHE EB 102 -44.90 -64.89 10.14
N LYS EB 103 -46.03 -65.61 10.16
CA LYS EB 103 -45.96 -67.05 10.36
C LYS EB 103 -45.18 -67.74 9.24
N ALA EB 104 -45.28 -67.19 8.02
CA ALA EB 104 -44.46 -67.73 6.93
C ALA EB 104 -42.97 -67.58 7.22
N MET EB 105 -42.55 -66.38 7.60
CA MET EB 105 -41.15 -66.20 7.97
C MET EB 105 -40.73 -67.11 9.12
N ILE EB 106 -41.62 -67.29 10.12
CA ILE EB 106 -41.29 -68.15 11.26
C ILE EB 106 -41.05 -69.58 10.80
N GLU EB 107 -41.99 -70.11 10.01
CA GLU EB 107 -41.87 -71.47 9.51
C GLU EB 107 -40.57 -71.65 8.73
N GLY EB 108 -40.21 -70.65 7.94
CA GLY EB 108 -38.91 -70.70 7.27
C GLY EB 108 -37.75 -70.71 8.23
N LEU EB 109 -37.80 -69.85 9.26
CA LEU EB 109 -36.71 -69.73 10.21
C LEU EB 109 -36.51 -71.02 11.01
N ALA EB 110 -37.58 -71.77 11.22
CA ALA EB 110 -37.46 -73.01 12.00
C ALA EB 110 -36.69 -74.08 11.26
N CYS EB 111 -36.49 -73.92 9.95
CA CYS EB 111 -35.89 -74.99 9.14
C CYS EB 111 -34.45 -75.32 9.53
N PRO EB 112 -33.53 -74.36 9.66
CA PRO EB 112 -32.15 -74.75 10.02
C PRO EB 112 -32.04 -75.38 11.38
N LEU EB 113 -32.99 -75.13 12.28
CA LEU EB 113 -32.92 -75.75 13.60
C LEU EB 113 -33.09 -77.27 13.52
N LEU EB 114 -34.01 -77.72 12.67
CA LEU EB 114 -34.35 -79.15 12.63
C LEU EB 114 -33.54 -79.84 11.54
N LEU EB 115 -32.23 -79.92 11.78
CA LEU EB 115 -31.31 -80.55 10.85
C LEU EB 115 -30.59 -81.72 11.50
N ASP EB 116 -29.93 -82.52 10.66
CA ASP EB 116 -29.22 -83.70 11.11
C ASP EB 116 -27.91 -83.32 11.82
N GLU EB 117 -27.39 -84.27 12.59
CA GLU EB 117 -26.21 -84.01 13.40
C GLU EB 117 -25.03 -83.54 12.56
N ILE EB 118 -24.91 -84.07 11.34
CA ILE EB 118 -23.78 -83.70 10.49
C ILE EB 118 -23.81 -82.20 10.20
N HIS EB 119 -24.93 -81.70 9.66
CA HIS EB 119 -25.02 -80.27 9.35
C HIS EB 119 -24.95 -79.43 10.61
N VAL EB 120 -25.56 -79.90 11.71
CA VAL EB 120 -25.59 -79.07 12.92
C VAL EB 120 -24.18 -78.92 13.51
N ASN EB 121 -23.40 -80.00 13.53
CA ASN EB 121 -22.02 -79.89 13.99
C ASN EB 121 -21.18 -79.07 13.03
N ASP EB 122 -21.42 -79.22 11.72
CA ASP EB 122 -20.65 -78.43 10.76
C ASP EB 122 -20.91 -76.94 10.90
N LEU EB 123 -22.15 -76.53 11.21
CA LEU EB 123 -22.51 -75.12 11.24
C LEU EB 123 -22.44 -74.47 12.62
N PHE EB 124 -23.12 -75.05 13.61
CA PHE EB 124 -23.30 -74.36 14.88
C PHE EB 124 -22.13 -74.55 15.84
N LEU EB 125 -21.40 -75.66 15.73
CA LEU EB 125 -20.26 -75.92 16.61
C LEU EB 125 -18.94 -75.62 15.90
N SER EB 126 -18.70 -76.25 14.75
CA SER EB 126 -17.43 -76.06 14.06
C SER EB 126 -17.31 -74.66 13.49
N GLY EB 127 -18.41 -74.10 12.99
CA GLY EB 127 -18.43 -72.76 12.46
C GLY EB 127 -18.26 -72.65 10.96
N LEU EB 128 -18.42 -73.75 10.22
CA LEU EB 128 -18.26 -73.73 8.78
C LEU EB 128 -19.33 -72.84 8.14
N PRO EB 129 -19.16 -72.47 6.87
CA PRO EB 129 -20.24 -71.76 6.16
C PRO EB 129 -21.41 -72.69 5.86
N ILE EB 130 -22.53 -72.08 5.48
CA ILE EB 130 -23.74 -72.85 5.20
C ILE EB 130 -23.51 -73.74 3.99
N ALA EB 131 -23.94 -74.99 4.09
CA ALA EB 131 -23.85 -75.94 2.98
C ALA EB 131 -24.98 -75.67 1.99
N THR EB 132 -24.64 -75.15 0.82
CA THR EB 132 -25.61 -74.82 -0.21
C THR EB 132 -25.79 -76.01 -1.14
N THR EB 133 -27.05 -76.25 -1.55
CA THR EB 133 -27.33 -77.39 -2.41
C THR EB 133 -28.12 -76.92 -3.63
N ASP EB 134 -27.58 -77.17 -4.83
CA ASP EB 134 -28.28 -76.79 -6.04
C ASP EB 134 -29.64 -77.49 -6.12
N VAL EB 135 -30.69 -76.70 -6.28
CA VAL EB 135 -32.04 -77.25 -6.42
C VAL EB 135 -32.14 -77.96 -7.78
N PRO EB 136 -32.58 -79.21 -7.83
CA PRO EB 136 -32.73 -79.86 -9.14
C PRO EB 136 -33.79 -79.14 -9.96
N ASP EB 137 -33.36 -78.61 -11.12
CA ASP EB 137 -34.32 -77.98 -12.02
C ASP EB 137 -35.43 -78.94 -12.42
N ASN EB 138 -35.10 -80.24 -12.48
CA ASN EB 138 -36.11 -81.23 -12.84
C ASN EB 138 -37.17 -81.36 -11.75
N GLU EB 139 -36.76 -81.31 -10.49
CA GLU EB 139 -37.70 -81.48 -9.38
C GLU EB 139 -38.57 -80.23 -9.24
N PRO EB 140 -39.74 -80.36 -8.60
CA PRO EB 140 -40.62 -79.21 -8.47
C PRO EB 140 -40.01 -78.13 -7.61
N LEU EB 141 -40.41 -76.88 -7.88
CA LEU EB 141 -39.86 -75.77 -7.14
C LEU EB 141 -40.31 -75.81 -5.68
N PRO EB 142 -39.41 -75.58 -4.73
CA PRO EB 142 -39.77 -75.64 -3.31
C PRO EB 142 -40.71 -74.52 -2.91
N PRO EB 143 -41.32 -74.60 -1.72
CA PRO EB 143 -42.30 -73.57 -1.33
C PRO EB 143 -41.68 -72.18 -1.28
N ALA EB 144 -42.48 -71.19 -1.66
CA ALA EB 144 -42.00 -69.83 -1.87
C ALA EB 144 -41.65 -69.11 -0.57
N LEU EB 145 -42.08 -69.63 0.59
CA LEU EB 145 -41.79 -69.02 1.90
C LEU EB 145 -42.55 -67.70 2.11
N LEU EB 146 -43.58 -67.46 1.31
CA LEU EB 146 -44.37 -66.22 1.32
C LEU EB 146 -43.53 -64.98 1.59
N SER FB 1 -24.15 -32.50 -41.19
CA SER FB 1 -23.28 -33.07 -42.22
C SER FB 1 -22.03 -32.22 -42.44
N ILE FB 2 -21.68 -32.01 -43.70
CA ILE FB 2 -20.53 -31.18 -44.08
C ILE FB 2 -21.07 -29.93 -44.74
N LYS FB 3 -20.53 -28.78 -44.35
CA LYS FB 3 -21.07 -27.50 -44.78
C LYS FB 3 -20.04 -26.71 -45.58
N TYR FB 4 -20.52 -26.11 -46.67
CA TYR FB 4 -19.83 -24.98 -47.28
C TYR FB 4 -19.64 -23.90 -46.22
N ILE FB 5 -18.38 -23.55 -45.99
CA ILE FB 5 -18.03 -22.32 -45.28
C ILE FB 5 -18.07 -21.14 -46.23
N PHE FB 6 -17.43 -21.28 -47.39
CA PHE FB 6 -17.44 -20.27 -48.43
C PHE FB 6 -17.61 -20.95 -49.78
N LYS FB 7 -18.76 -20.71 -50.42
CA LYS FB 7 -19.01 -21.25 -51.75
C LYS FB 7 -18.24 -20.42 -52.77
N LYS FB 8 -17.52 -21.09 -53.66
CA LYS FB 8 -16.74 -20.40 -54.68
C LYS FB 8 -17.65 -19.70 -55.70
N THR FB 9 -17.27 -18.48 -56.07
CA THR FB 9 -17.99 -17.70 -57.06
C THR FB 9 -17.12 -17.49 -58.29
N ASP FB 10 -17.76 -17.46 -59.46
CA ASP FB 10 -17.06 -17.18 -60.71
C ASP FB 10 -16.84 -15.67 -60.85
N THR FB 11 -16.06 -15.14 -59.91
CA THR FB 11 -15.72 -13.73 -59.87
C THR FB 11 -14.19 -13.63 -59.90
N LEU FB 12 -13.64 -13.29 -61.07
CA LEU FB 12 -12.20 -13.23 -61.21
C LEU FB 12 -11.62 -12.10 -60.36
N PRO FB 13 -10.42 -12.27 -59.81
CA PRO FB 13 -9.80 -11.19 -59.05
C PRO FB 13 -9.27 -10.10 -59.98
N ARG FB 14 -9.43 -8.86 -59.54
CA ARG FB 14 -8.84 -7.75 -60.28
C ARG FB 14 -7.33 -7.85 -60.19
N SER FB 15 -6.66 -7.78 -61.34
CA SER FB 15 -5.21 -7.62 -61.33
C SER FB 15 -4.83 -6.36 -60.56
N VAL FB 16 -3.64 -6.37 -59.98
CA VAL FB 16 -3.18 -5.28 -59.12
C VAL FB 16 -2.13 -4.48 -59.86
N ILE FB 17 -2.40 -3.21 -60.08
CA ILE FB 17 -1.54 -2.35 -60.87
C ILE FB 17 -1.11 -1.18 -59.99
N GLY FB 18 0.15 -0.76 -60.13
CA GLY FB 18 0.63 0.29 -59.27
C GLY FB 18 1.96 0.84 -59.74
N ASN FB 19 2.59 1.58 -58.83
CA ASN FB 19 3.95 2.07 -59.06
C ASN FB 19 4.66 2.18 -57.71
N VAL FB 20 5.92 1.72 -57.67
CA VAL FB 20 6.67 1.74 -56.43
C VAL FB 20 6.81 3.17 -55.93
N LEU FB 21 6.48 3.38 -54.65
CA LEU FB 21 6.53 4.70 -54.02
C LEU FB 21 7.79 4.92 -53.20
N ARG FB 22 7.99 4.12 -52.15
CA ARG FB 22 9.14 4.27 -51.30
C ARG FB 22 9.52 2.91 -50.75
N THR FB 23 10.80 2.76 -50.43
CA THR FB 23 11.32 1.55 -49.82
C THR FB 23 11.73 1.92 -48.39
N THR FB 24 10.81 1.67 -47.45
CA THR FB 24 11.04 2.05 -46.06
C THR FB 24 12.27 1.37 -45.50
N GLY FB 25 12.32 0.05 -45.59
CA GLY FB 25 13.44 -0.73 -45.10
C GLY FB 25 13.91 -1.74 -46.12
N PRO FB 26 14.90 -2.54 -45.74
CA PRO FB 26 15.41 -3.56 -46.68
C PRO FB 26 14.38 -4.64 -46.96
N ASP FB 27 13.54 -4.98 -45.99
CA ASP FB 27 12.50 -5.98 -46.15
C ASP FB 27 11.13 -5.38 -46.44
N THR FB 28 11.00 -4.06 -46.40
CA THR FB 28 9.70 -3.38 -46.49
C THR FB 28 9.70 -2.41 -47.65
N THR FB 29 8.75 -2.59 -48.58
CA THR FB 29 8.60 -1.68 -49.72
C THR FB 29 7.14 -1.27 -49.85
N VAL FB 30 6.91 0.00 -50.19
CA VAL FB 30 5.56 0.57 -50.21
C VAL FB 30 5.25 1.09 -51.61
N TYR FB 31 4.16 0.59 -52.18
CA TYR FB 31 3.73 0.92 -53.52
C TYR FB 31 2.53 1.86 -53.44
N SER FB 32 2.51 2.86 -54.32
CA SER FB 32 1.36 3.73 -54.48
C SER FB 32 0.49 3.19 -55.61
N LEU FB 33 -0.80 3.06 -55.34
CA LEU FB 33 -1.79 2.49 -56.23
C LEU FB 33 -2.56 3.60 -56.92
N PRO FB 34 -3.39 3.27 -57.91
CA PRO FB 34 -4.17 4.32 -58.58
C PRO FB 34 -5.15 4.98 -57.63
N GLY FB 35 -5.40 6.27 -57.85
CA GLY FB 35 -6.29 7.03 -56.99
C GLY FB 35 -5.66 7.49 -55.69
N HIS FB 36 -4.35 7.31 -55.54
CA HIS FB 36 -3.62 7.80 -54.37
C HIS FB 36 -3.43 9.31 -54.49
N THR FB 37 -4.32 10.06 -53.86
CA THR FB 37 -4.06 11.47 -53.68
C THR FB 37 -3.30 11.69 -52.39
N PRO FB 38 -2.66 12.85 -52.22
CA PRO FB 38 -2.09 13.17 -50.90
C PRO FB 38 -3.16 13.24 -49.83
N VAL FB 39 -4.34 13.75 -50.19
CA VAL FB 39 -5.43 13.87 -49.22
C VAL FB 39 -5.96 12.49 -48.85
N ASN FB 40 -6.14 11.61 -49.84
CA ASN FB 40 -6.76 10.29 -49.65
C ASN FB 40 -5.76 9.24 -50.10
N PRO FB 41 -4.77 8.93 -49.26
CA PRO FB 41 -3.73 7.99 -49.69
C PRO FB 41 -4.27 6.59 -49.91
N PHE FB 42 -3.61 5.86 -50.80
CA PHE FB 42 -4.03 4.51 -51.16
C PHE FB 42 -2.79 3.72 -51.54
N THR FB 43 -2.42 2.74 -50.70
CA THR FB 43 -1.10 2.13 -50.81
C THR FB 43 -1.12 0.65 -50.48
N LEU FB 44 -0.27 -0.09 -51.17
CA LEU FB 44 0.05 -1.47 -50.82
C LEU FB 44 1.42 -1.50 -50.16
N THR FB 45 1.48 -1.98 -48.93
CA THR FB 45 2.74 -2.16 -48.23
C THR FB 45 3.07 -3.66 -48.20
N ALA FB 46 4.32 -4.00 -48.54
CA ALA FB 46 4.77 -5.38 -48.61
C ALA FB 46 5.98 -5.54 -47.70
N VAL FB 47 5.88 -6.49 -46.78
CA VAL FB 47 6.93 -6.77 -45.80
C VAL FB 47 7.24 -8.26 -45.88
N SER FB 48 8.38 -8.61 -46.45
CA SER FB 48 8.78 -10.01 -46.63
C SER FB 48 10.01 -10.26 -45.77
N ARG FB 49 9.85 -11.05 -44.71
CA ARG FB 49 10.91 -11.32 -43.76
C ARG FB 49 11.46 -12.73 -43.98
N LEU FB 50 12.75 -12.80 -44.27
CA LEU FB 50 13.41 -14.04 -44.60
C LEU FB 50 13.53 -14.94 -43.38
N PRO FB 51 13.72 -16.24 -43.58
CA PRO FB 51 13.84 -17.15 -42.45
C PRO FB 51 15.23 -17.04 -41.83
N VAL FB 52 15.27 -16.97 -40.52
CA VAL FB 52 16.52 -17.01 -39.77
C VAL FB 52 16.65 -18.39 -39.13
N PRO FB 53 17.65 -19.17 -39.52
CA PRO FB 53 17.80 -20.51 -38.94
C PRO FB 53 18.23 -20.43 -37.49
N ARG FB 54 17.65 -21.32 -36.69
CA ARG FB 54 17.95 -21.42 -35.27
C ARG FB 54 18.63 -22.76 -35.05
N LYS FB 55 19.33 -22.90 -33.93
CA LYS FB 55 20.09 -24.13 -33.68
C LYS FB 55 19.11 -25.28 -33.45
N GLY FB 56 19.01 -26.19 -34.41
CA GLY FB 56 18.05 -27.26 -34.35
C GLY FB 56 16.68 -26.93 -34.91
N ASN FB 57 16.47 -25.70 -35.37
CA ASN FB 57 15.19 -25.27 -35.94
C ASN FB 57 15.43 -24.63 -37.28
N ALA FB 58 14.71 -25.11 -38.30
CA ALA FB 58 14.72 -24.39 -39.57
C ALA FB 58 14.05 -23.03 -39.42
N GLY FB 59 14.35 -22.15 -40.36
CA GLY FB 59 13.69 -20.85 -40.37
C GLY FB 59 12.24 -20.94 -40.81
N THR FB 60 11.54 -19.82 -40.66
CA THR FB 60 10.18 -19.66 -41.19
C THR FB 60 10.09 -18.31 -41.89
N THR FB 61 9.60 -18.32 -43.12
CA THR FB 61 9.44 -17.11 -43.92
C THR FB 61 8.10 -16.44 -43.60
N LYS FB 62 8.13 -15.15 -43.27
CA LYS FB 62 6.89 -14.41 -43.06
C LYS FB 62 6.71 -13.41 -44.20
N THR FB 63 5.46 -13.19 -44.59
CA THR FB 63 5.13 -12.34 -45.72
C THR FB 63 3.85 -11.60 -45.41
N THR FB 64 3.84 -10.28 -45.60
CA THR FB 64 2.69 -9.48 -45.19
C THR FB 64 2.38 -8.44 -46.26
N LEU FB 65 1.17 -8.46 -46.79
CA LEU FB 65 0.71 -7.58 -47.85
C LEU FB 65 -0.52 -6.82 -47.34
N SER FB 66 -0.43 -5.49 -47.24
CA SER FB 66 -1.51 -4.68 -46.68
C SER FB 66 -1.96 -3.63 -47.69
N LEU FB 67 -3.25 -3.63 -48.02
CA LEU FB 67 -3.86 -2.56 -48.80
C LEU FB 67 -4.55 -1.61 -47.83
N ARG FB 68 -4.13 -0.34 -47.84
CA ARG FB 68 -4.70 0.69 -46.98
C ARG FB 68 -5.22 1.84 -47.83
N ARG FB 69 -6.52 2.12 -47.73
CA ARG FB 69 -7.13 3.26 -48.40
C ARG FB 69 -7.86 4.13 -47.38
N GLU FB 70 -7.51 5.41 -47.33
CA GLU FB 70 -8.18 6.36 -46.43
C GLU FB 70 -9.27 7.06 -47.22
N VAL FB 71 -10.51 6.69 -46.96
CA VAL FB 71 -11.66 7.15 -47.73
C VAL FB 71 -12.37 8.25 -46.98
N THR FB 72 -12.90 9.22 -47.72
CA THR FB 72 -13.76 10.23 -47.12
C THR FB 72 -15.13 9.63 -46.84
N ILE FB 73 -15.59 9.75 -45.60
CA ILE FB 73 -16.87 9.23 -45.17
C ILE FB 73 -17.86 10.39 -45.05
N ASN FB 74 -19.08 10.15 -45.53
CA ASN FB 74 -20.23 11.05 -45.54
C ASN FB 74 -19.83 12.49 -45.87
N LYS FB 75 -19.31 12.63 -47.08
CA LYS FB 75 -18.86 13.93 -47.59
C LYS FB 75 -19.98 14.95 -47.57
N GLY FB 76 -21.14 14.59 -48.14
CA GLY FB 76 -22.23 15.56 -48.20
C GLY FB 76 -22.71 15.99 -46.82
N THR FB 77 -22.77 15.04 -45.90
CA THR FB 77 -23.23 15.33 -44.55
C THR FB 77 -22.15 16.10 -43.79
N ASP FB 78 -22.56 16.77 -42.72
CA ASP FB 78 -21.63 17.37 -41.80
C ASP FB 78 -20.78 16.31 -41.11
N GLN FB 79 -19.61 16.74 -40.63
CA GLN FB 79 -18.66 15.86 -39.96
C GLN FB 79 -18.10 14.80 -40.90
N GLU FB 80 -17.82 15.20 -42.15
CA GLU FB 80 -17.18 14.27 -43.07
C GLU FB 80 -15.78 13.98 -42.57
N LYS FB 81 -15.34 12.72 -42.67
CA LYS FB 81 -14.04 12.38 -42.09
C LYS FB 81 -13.29 11.37 -42.95
N ILE FB 82 -11.98 11.58 -43.07
CA ILE FB 82 -11.14 10.64 -43.80
C ILE FB 82 -10.73 9.52 -42.84
N VAL FB 83 -11.19 8.32 -43.13
CA VAL FB 83 -10.98 7.20 -42.22
C VAL FB 83 -10.37 6.05 -43.02
N PRO FB 84 -9.41 5.31 -42.47
CA PRO FB 84 -8.78 4.24 -43.24
C PRO FB 84 -9.47 2.89 -43.18
N MET FB 85 -9.61 2.24 -44.35
CA MET FB 85 -9.99 0.83 -44.41
C MET FB 85 -8.77 0.04 -44.85
N ILE FB 86 -8.59 -1.13 -44.25
CA ILE FB 86 -7.39 -1.94 -44.47
C ILE FB 86 -7.81 -3.38 -44.75
N ALA FB 87 -7.11 -4.02 -45.70
CA ALA FB 87 -7.22 -5.44 -45.95
C ALA FB 87 -5.82 -6.04 -46.09
N ARG FB 88 -5.49 -6.98 -45.20
CA ARG FB 88 -4.17 -7.60 -45.10
C ARG FB 88 -4.21 -9.10 -45.38
N ILE FB 89 -3.20 -9.57 -46.08
CA ILE FB 89 -2.83 -10.96 -46.16
C ILE FB 89 -1.56 -11.11 -45.35
N GLU FB 90 -1.54 -12.05 -44.40
CA GLU FB 90 -0.34 -12.32 -43.61
C GLU FB 90 -0.09 -13.82 -43.67
N THR FB 91 1.14 -14.23 -43.95
CA THR FB 91 1.44 -15.64 -44.19
C THR FB 91 2.79 -16.04 -43.60
N SER FB 92 2.78 -17.04 -42.72
CA SER FB 92 4.00 -17.60 -42.18
C SER FB 92 4.16 -19.05 -42.67
N VAL FB 93 5.22 -19.31 -43.42
CA VAL FB 93 5.49 -20.61 -44.01
C VAL FB 93 6.82 -21.11 -43.48
N PRO FB 94 6.87 -22.22 -42.75
CA PRO FB 94 8.15 -22.83 -42.40
C PRO FB 94 8.85 -23.40 -43.63
N VAL FB 95 10.15 -23.64 -43.48
CA VAL FB 95 10.98 -23.99 -44.65
C VAL FB 95 10.56 -25.32 -45.25
N GLY FB 96 10.35 -26.33 -44.41
CA GLY FB 96 10.05 -27.68 -44.88
C GLY FB 96 8.77 -27.83 -45.69
N VAL FB 97 7.99 -26.76 -45.83
CA VAL FB 97 6.68 -26.86 -46.47
C VAL FB 97 6.81 -27.12 -47.96
N SER FB 98 5.88 -27.92 -48.50
CA SER FB 98 5.78 -28.15 -49.94
C SER FB 98 4.93 -27.07 -50.60
N GLN FB 99 5.43 -26.57 -51.73
CA GLN FB 99 4.70 -25.55 -52.47
C GLN FB 99 3.31 -26.02 -52.86
N ASP FB 100 3.13 -27.33 -53.07
CA ASP FB 100 1.82 -27.87 -53.37
C ASP FB 100 0.85 -27.65 -52.22
N ASP FB 101 1.24 -28.11 -51.02
CA ASP FB 101 0.41 -27.94 -49.83
C ASP FB 101 0.07 -26.47 -49.62
N PHE FB 102 1.06 -25.61 -49.76
CA PHE FB 102 0.83 -24.21 -49.41
C PHE FB 102 -0.02 -23.51 -50.46
N LYS FB 103 0.16 -23.81 -51.74
CA LYS FB 103 -0.71 -23.22 -52.74
C LYS FB 103 -2.14 -23.71 -52.57
N ALA FB 104 -2.31 -24.93 -52.06
CA ALA FB 104 -3.65 -25.39 -51.71
C ALA FB 104 -4.27 -24.50 -50.64
N MET FB 105 -3.54 -24.26 -49.55
CA MET FB 105 -4.07 -23.35 -48.53
C MET FB 105 -4.38 -21.97 -49.11
N ILE FB 106 -3.53 -21.47 -50.00
CA ILE FB 106 -3.73 -20.14 -50.54
C ILE FB 106 -5.02 -20.09 -51.37
N GLU FB 107 -5.18 -21.07 -52.27
CA GLU FB 107 -6.38 -21.14 -53.10
C GLU FB 107 -7.63 -21.19 -52.23
N GLY FB 108 -7.57 -21.95 -51.14
CA GLY FB 108 -8.69 -21.93 -50.20
C GLY FB 108 -8.92 -20.55 -49.61
N LEU FB 109 -7.85 -19.92 -49.12
CA LEU FB 109 -7.96 -18.62 -48.46
C LEU FB 109 -8.52 -17.55 -49.39
N ALA FB 110 -8.28 -17.68 -50.69
CA ALA FB 110 -8.75 -16.66 -51.62
C ALA FB 110 -10.26 -16.67 -51.76
N CYS FB 111 -10.90 -17.81 -51.51
CA CYS FB 111 -12.33 -17.97 -51.77
C CYS FB 111 -13.22 -16.94 -51.09
N PRO FB 112 -13.10 -16.66 -49.78
CA PRO FB 112 -14.02 -15.67 -49.17
C PRO FB 112 -13.85 -14.27 -49.72
N LEU FB 113 -12.68 -13.93 -50.25
CA LEU FB 113 -12.49 -12.60 -50.81
C LEU FB 113 -13.38 -12.38 -52.03
N LEU FB 114 -13.54 -13.41 -52.86
CA LEU FB 114 -14.24 -13.26 -54.13
C LEU FB 114 -15.70 -13.70 -53.97
N LEU FB 115 -16.46 -12.89 -53.25
CA LEU FB 115 -17.88 -13.16 -52.99
C LEU FB 115 -18.73 -11.99 -53.41
N ASP FB 116 -20.04 -12.23 -53.50
CA ASP FB 116 -20.99 -11.21 -53.92
C ASP FB 116 -21.19 -10.15 -52.84
N GLU FB 117 -21.77 -9.02 -53.26
CA GLU FB 117 -21.91 -7.87 -52.37
C GLU FB 117 -22.73 -8.22 -51.13
N ILE FB 118 -23.72 -9.11 -51.28
CA ILE FB 118 -24.58 -9.44 -50.15
C ILE FB 118 -23.76 -10.08 -49.04
N HIS FB 119 -23.03 -11.15 -49.36
CA HIS FB 119 -22.21 -11.82 -48.36
C HIS FB 119 -21.10 -10.91 -47.85
N VAL FB 120 -20.49 -10.12 -48.74
CA VAL FB 120 -19.39 -9.26 -48.30
C VAL FB 120 -19.86 -8.24 -47.29
N ASN FB 121 -21.01 -7.61 -47.55
CA ASN FB 121 -21.55 -6.63 -46.61
C ASN FB 121 -22.02 -7.32 -45.32
N ASP FB 122 -22.56 -8.53 -45.43
CA ASP FB 122 -23.00 -9.22 -44.22
C ASP FB 122 -21.84 -9.60 -43.32
N LEU FB 123 -20.71 -10.02 -43.89
CA LEU FB 123 -19.58 -10.50 -43.10
C LEU FB 123 -18.58 -9.41 -42.73
N PHE FB 124 -18.02 -8.70 -43.72
CA PHE FB 124 -16.88 -7.83 -43.47
C PHE FB 124 -17.27 -6.46 -42.91
N LEU FB 125 -18.50 -6.02 -43.17
CA LEU FB 125 -18.98 -4.70 -42.74
C LEU FB 125 -20.00 -4.78 -41.62
N SER FB 126 -21.06 -5.58 -41.79
CA SER FB 126 -22.07 -5.70 -40.73
C SER FB 126 -21.55 -6.52 -39.56
N GLY FB 127 -20.73 -7.52 -39.84
CA GLY FB 127 -20.15 -8.34 -38.80
C GLY FB 127 -20.91 -9.60 -38.49
N LEU FB 128 -21.81 -10.03 -39.37
CA LEU FB 128 -22.61 -11.22 -39.14
C LEU FB 128 -21.73 -12.47 -39.13
N PRO FB 129 -22.23 -13.57 -38.59
CA PRO FB 129 -21.45 -14.81 -38.63
C PRO FB 129 -21.42 -15.37 -40.05
N ILE FB 130 -20.47 -16.27 -40.30
CA ILE FB 130 -20.33 -16.84 -41.63
C ILE FB 130 -21.59 -17.60 -42.00
N ALA FB 131 -22.08 -17.38 -43.22
CA ALA FB 131 -23.26 -18.06 -43.73
C ALA FB 131 -22.88 -19.47 -44.19
N THR FB 132 -23.25 -20.48 -43.41
CA THR FB 132 -22.94 -21.86 -43.74
C THR FB 132 -24.03 -22.44 -44.62
N THR FB 133 -23.65 -23.24 -45.61
CA THR FB 133 -24.61 -23.82 -46.55
C THR FB 133 -24.42 -25.32 -46.59
N ASP FB 134 -25.47 -26.07 -46.28
CA ASP FB 134 -25.37 -27.53 -46.34
C ASP FB 134 -25.02 -27.98 -47.75
N VAL FB 135 -23.98 -28.79 -47.86
CA VAL FB 135 -23.58 -29.34 -49.16
C VAL FB 135 -24.61 -30.37 -49.60
N PRO FB 136 -25.16 -30.27 -50.81
CA PRO FB 136 -26.12 -31.30 -51.24
C PRO FB 136 -25.41 -32.64 -51.36
N ASP FB 137 -25.86 -33.61 -50.56
CA ASP FB 137 -25.35 -34.96 -50.68
C ASP FB 137 -25.55 -35.49 -52.08
N ASN FB 138 -26.57 -34.97 -52.78
CA ASN FB 138 -26.85 -35.41 -54.14
C ASN FB 138 -25.74 -34.95 -55.09
N GLU FB 139 -25.20 -33.76 -54.87
CA GLU FB 139 -24.25 -33.11 -55.74
C GLU FB 139 -22.83 -33.63 -55.50
N PRO FB 140 -21.88 -33.33 -56.40
CA PRO FB 140 -20.53 -33.89 -56.22
C PRO FB 140 -19.84 -33.28 -55.02
N LEU FB 141 -18.95 -34.05 -54.42
CA LEU FB 141 -18.19 -33.54 -53.29
C LEU FB 141 -17.25 -32.42 -53.76
N PRO FB 142 -17.21 -31.29 -53.06
CA PRO FB 142 -16.37 -30.18 -53.49
C PRO FB 142 -14.90 -30.50 -53.39
N PRO FB 143 -14.01 -29.66 -53.93
CA PRO FB 143 -12.59 -30.00 -53.94
C PRO FB 143 -12.02 -30.12 -52.52
N ALA FB 144 -11.11 -31.06 -52.35
CA ALA FB 144 -10.66 -31.43 -51.01
C ALA FB 144 -9.89 -30.31 -50.31
N LEU FB 145 -9.33 -29.36 -51.05
CA LEU FB 145 -8.50 -28.28 -50.50
C LEU FB 145 -7.13 -28.77 -50.05
N LEU FB 146 -6.65 -29.88 -50.66
CA LEU FB 146 -5.41 -30.58 -50.29
C LEU FB 146 -5.01 -30.38 -48.84
N SER GB 1 6.76 52.06 -65.02
CA SER GB 1 5.61 51.25 -65.42
C SER GB 1 5.76 49.81 -64.96
N ILE GB 2 5.44 48.88 -65.86
CA ILE GB 2 5.60 47.45 -65.61
C ILE GB 2 6.74 46.95 -66.48
N LYS GB 3 7.60 46.12 -65.91
CA LYS GB 3 8.85 45.76 -66.58
C LYS GB 3 8.97 44.25 -66.73
N TYR GB 4 9.41 43.84 -67.93
CA TYR GB 4 9.98 42.50 -68.12
C TYR GB 4 11.13 42.31 -67.15
N ILE GB 5 11.00 41.28 -66.33
CA ILE GB 5 12.13 40.76 -65.57
C ILE GB 5 12.92 39.77 -66.42
N PHE GB 6 12.22 38.85 -67.07
CA PHE GB 6 12.82 37.88 -67.97
C PHE GB 6 11.91 37.75 -69.19
N LYS GB 7 12.40 38.17 -70.35
CA LYS GB 7 11.64 38.02 -71.59
C LYS GB 7 11.76 36.58 -72.06
N LYS GB 8 10.62 35.98 -72.39
CA LYS GB 8 10.59 34.60 -72.87
C LYS GB 8 11.29 34.48 -74.22
N THR GB 9 12.11 33.44 -74.35
CA THR GB 9 12.80 33.16 -75.60
C THR GB 9 12.30 31.84 -76.18
N ASP GB 10 12.27 31.76 -77.51
CA ASP GB 10 11.80 30.57 -78.20
C ASP GB 10 12.93 29.54 -78.29
N THR GB 11 13.40 29.14 -77.11
CA THR GB 11 14.48 28.17 -76.96
C THR GB 11 13.91 26.99 -76.17
N LEU GB 12 13.68 25.88 -76.86
CA LEU GB 12 13.09 24.71 -76.22
C LEU GB 12 14.07 24.07 -75.24
N PRO GB 13 13.58 23.53 -74.13
CA PRO GB 13 14.50 22.89 -73.17
C PRO GB 13 14.98 21.55 -73.68
N ARG GB 14 16.25 21.27 -73.42
CA ARG GB 14 16.82 19.97 -73.76
C ARG GB 14 16.17 18.89 -72.90
N SER GB 15 15.70 17.84 -73.54
CA SER GB 15 15.23 16.67 -72.80
C SER GB 15 16.37 16.11 -71.96
N VAL GB 16 16.01 15.48 -70.84
CA VAL GB 16 16.98 14.99 -69.87
C VAL GB 16 17.03 13.47 -69.92
N ILE GB 17 18.15 12.94 -70.38
CA ILE GB 17 18.32 11.51 -70.56
C ILE GB 17 19.41 11.05 -69.60
N GLY GB 18 19.23 9.89 -68.99
CA GLY GB 18 20.18 9.41 -68.03
C GLY GB 18 20.00 7.93 -67.73
N ASN GB 19 20.67 7.48 -66.69
CA ASN GB 19 20.47 6.14 -66.19
C ASN GB 19 20.68 6.13 -64.68
N VAL GB 20 19.84 5.39 -63.96
CA VAL GB 20 19.89 5.40 -62.50
C VAL GB 20 21.22 4.84 -62.02
N LEU GB 21 21.92 5.62 -61.19
CA LEU GB 21 23.22 5.21 -60.68
C LEU GB 21 23.13 4.54 -59.31
N ARG GB 22 22.71 5.28 -58.28
CA ARG GB 22 22.61 4.70 -56.95
C ARG GB 22 21.52 5.41 -56.17
N THR GB 23 20.87 4.64 -55.32
CA THR GB 23 19.81 5.12 -54.44
C THR GB 23 20.44 5.29 -53.06
N THR GB 24 20.78 6.55 -52.74
CA THR GB 24 21.44 6.84 -51.47
C THR GB 24 20.52 6.54 -50.30
N GLY GB 25 19.37 7.19 -50.24
CA GLY GB 25 18.41 6.96 -49.19
C GLY GB 25 17.05 6.60 -49.76
N PRO GB 26 16.06 6.39 -48.88
CA PRO GB 26 14.72 6.08 -49.39
C PRO GB 26 14.11 7.24 -50.14
N ASP GB 27 14.41 8.47 -49.71
CA ASP GB 27 13.93 9.68 -50.37
C ASP GB 27 14.95 10.27 -51.34
N THR GB 28 16.11 9.64 -51.53
CA THR GB 28 17.20 10.22 -52.30
C THR GB 28 17.68 9.22 -53.34
N THR GB 29 17.60 9.60 -54.62
CA THR GB 29 18.10 8.77 -55.71
C THR GB 29 19.02 9.61 -56.58
N VAL GB 30 20.07 8.98 -57.12
CA VAL GB 30 21.09 9.70 -57.88
C VAL GB 30 21.26 9.04 -59.23
N TYR GB 31 21.16 9.84 -60.29
CA TYR GB 31 21.20 9.41 -61.67
C TYR GB 31 22.52 9.86 -62.28
N SER GB 32 23.14 8.98 -63.06
CA SER GB 32 24.31 9.31 -63.85
C SER GB 32 23.87 9.72 -65.25
N LEU GB 33 24.32 10.87 -65.69
CA LEU GB 33 23.97 11.47 -66.97
C LEU GB 33 25.07 11.18 -67.99
N PRO GB 34 24.84 11.49 -69.26
CA PRO GB 34 25.89 11.29 -70.26
C PRO GB 34 27.12 12.13 -69.97
N GLY GB 35 28.28 11.63 -70.39
CA GLY GB 35 29.53 12.32 -70.12
C GLY GB 35 30.03 12.19 -68.70
N HIS GB 36 29.39 11.35 -67.90
CA HIS GB 36 29.83 11.07 -66.54
C HIS GB 36 31.01 10.11 -66.60
N THR GB 37 32.20 10.67 -66.67
CA THR GB 37 33.39 9.88 -66.45
C THR GB 37 33.66 9.80 -64.95
N PRO GB 38 34.43 8.80 -64.51
CA PRO GB 38 34.90 8.83 -63.12
C PRO GB 38 35.77 10.03 -62.84
N VAL GB 39 36.49 10.53 -63.86
CA VAL GB 39 37.33 11.72 -63.69
C VAL GB 39 36.47 12.96 -63.53
N ASN GB 40 35.45 13.11 -64.38
CA ASN GB 40 34.63 14.32 -64.45
C ASN GB 40 33.17 13.92 -64.26
N PRO GB 41 32.74 13.67 -63.03
CA PRO GB 41 31.39 13.14 -62.82
C PRO GB 41 30.31 14.15 -63.20
N PHE GB 42 29.20 13.61 -63.70
CA PHE GB 42 28.01 14.38 -64.08
C PHE GB 42 26.84 13.65 -63.44
N THR GB 43 26.14 14.27 -62.48
CA THR GB 43 25.03 13.56 -61.87
C THR GB 43 23.86 14.48 -61.54
N LEU GB 44 22.66 13.92 -61.71
CA LEU GB 44 21.42 14.52 -61.21
C LEU GB 44 21.01 13.81 -59.93
N THR GB 45 20.91 14.55 -58.83
CA THR GB 45 20.44 14.00 -57.57
C THR GB 45 19.03 14.52 -57.30
N ALA GB 46 18.13 13.62 -56.93
CA ALA GB 46 16.73 13.93 -56.70
C ALA GB 46 16.35 13.51 -55.29
N VAL GB 47 15.83 14.45 -54.53
CA VAL GB 47 15.44 14.23 -53.14
C VAL GB 47 14.00 14.72 -52.98
N SER GB 48 13.06 13.79 -52.86
CA SER GB 48 11.64 14.11 -52.78
C SER GB 48 11.15 13.68 -51.40
N ARG GB 49 10.93 14.65 -50.53
CA ARG GB 49 10.53 14.41 -49.15
C ARG GB 49 9.02 14.56 -49.04
N LEU GB 50 8.37 13.45 -48.67
CA LEU GB 50 6.93 13.34 -48.64
C LEU GB 50 6.35 14.14 -47.49
N PRO GB 51 5.08 14.50 -47.56
CA PRO GB 51 4.50 15.36 -46.54
C PRO GB 51 3.97 14.56 -45.36
N VAL GB 52 4.36 14.93 -44.14
CA VAL GB 52 3.85 14.29 -42.93
C VAL GB 52 2.74 15.16 -42.37
N PRO GB 53 1.52 14.67 -42.29
CA PRO GB 53 0.41 15.51 -41.77
C PRO GB 53 0.37 15.46 -40.27
N ARG GB 54 0.57 16.62 -39.63
CA ARG GB 54 0.33 16.77 -38.21
C ARG GB 54 -1.16 17.05 -37.98
N LYS GB 55 -1.62 16.78 -36.75
CA LYS GB 55 -3.05 16.92 -36.49
C LYS GB 55 -3.47 18.38 -36.71
N GLY GB 56 -4.45 18.57 -37.60
CA GLY GB 56 -4.89 19.90 -37.95
C GLY GB 56 -4.06 20.59 -39.02
N ASN GB 57 -3.07 19.91 -39.60
CA ASN GB 57 -2.23 20.49 -40.62
C ASN GB 57 -2.03 19.48 -41.75
N ALA GB 58 -2.29 19.91 -42.98
CA ALA GB 58 -1.88 19.11 -44.12
C ALA GB 58 -0.36 19.16 -44.26
N GLY GB 59 0.21 18.14 -44.89
CA GLY GB 59 1.64 18.11 -45.08
C GLY GB 59 2.11 19.22 -46.01
N THR GB 60 3.43 19.29 -46.20
CA THR GB 60 4.07 20.11 -47.22
C THR GB 60 5.15 19.28 -47.90
N THR GB 61 5.01 19.08 -49.21
CA THR GB 61 5.93 18.25 -49.98
C THR GB 61 7.14 19.06 -50.44
N LYS GB 62 8.34 18.55 -50.16
CA LYS GB 62 9.55 19.21 -50.64
C LYS GB 62 10.20 18.37 -51.73
N THR GB 63 10.73 19.04 -52.75
CA THR GB 63 11.31 18.36 -53.91
C THR GB 63 12.56 19.10 -54.33
N THR GB 64 13.67 18.38 -54.49
CA THR GB 64 14.95 19.02 -54.80
C THR GB 64 15.65 18.24 -55.91
N LEU GB 65 16.02 18.96 -56.98
CA LEU GB 65 16.65 18.38 -58.16
C LEU GB 65 17.93 19.14 -58.42
N SER GB 66 19.08 18.47 -58.32
CA SER GB 66 20.39 19.11 -58.44
C SER GB 66 21.19 18.47 -59.56
N LEU GB 67 21.59 19.28 -60.54
CA LEU GB 67 22.57 18.84 -61.53
C LEU GB 67 23.94 19.35 -61.10
N ARG GB 68 24.90 18.43 -60.94
CA ARG GB 68 26.27 18.75 -60.56
C ARG GB 68 27.22 18.14 -61.57
N ARG GB 69 28.04 18.96 -62.20
CA ARG GB 69 29.05 18.45 -63.12
C ARG GB 69 30.37 19.15 -62.87
N GLU GB 70 31.44 18.36 -62.67
CA GLU GB 70 32.75 18.88 -62.28
C GLU GB 70 33.61 19.02 -63.54
N VAL GB 71 33.77 20.26 -64.01
CA VAL GB 71 34.47 20.51 -65.26
C VAL GB 71 35.96 20.64 -64.99
N THR GB 72 36.78 20.10 -65.91
CA THR GB 72 38.20 20.46 -65.97
C THR GB 72 38.27 21.86 -66.56
N ILE GB 73 38.45 22.85 -65.69
CA ILE GB 73 38.64 24.23 -66.08
C ILE GB 73 40.09 24.48 -66.45
N ASN GB 74 40.25 25.29 -67.51
CA ASN GB 74 41.51 25.69 -68.13
C ASN GB 74 42.50 24.53 -68.24
N LYS GB 75 42.06 23.50 -68.94
CA LYS GB 75 42.85 22.28 -69.14
C LYS GB 75 44.18 22.58 -69.81
N GLY GB 76 44.16 23.27 -70.95
CA GLY GB 76 45.41 23.54 -71.65
C GLY GB 76 46.45 24.19 -70.77
N THR GB 77 46.04 25.17 -69.97
CA THR GB 77 46.96 25.92 -69.13
C THR GB 77 47.39 25.06 -67.93
N ASP GB 78 48.60 25.35 -67.43
CA ASP GB 78 49.06 24.68 -66.23
C ASP GB 78 48.23 25.10 -65.03
N GLN GB 79 48.33 24.30 -63.97
CA GLN GB 79 47.45 24.42 -62.81
C GLN GB 79 45.98 24.36 -63.24
N GLU GB 80 45.71 23.43 -64.16
CA GLU GB 80 44.34 23.15 -64.58
C GLU GB 80 43.63 22.47 -63.42
N LYS GB 81 42.32 22.72 -63.27
CA LYS GB 81 41.68 22.17 -62.08
C LYS GB 81 40.30 21.59 -62.39
N ILE GB 82 39.84 20.69 -61.52
CA ILE GB 82 38.48 20.14 -61.66
C ILE GB 82 37.59 20.83 -60.63
N VAL GB 83 36.55 21.50 -61.11
CA VAL GB 83 35.73 22.32 -60.22
C VAL GB 83 34.26 22.07 -60.52
N PRO GB 84 33.39 21.93 -59.52
CA PRO GB 84 31.99 21.57 -59.79
C PRO GB 84 31.06 22.74 -60.02
N MET GB 85 30.29 22.73 -61.12
CA MET GB 85 29.21 23.68 -61.29
C MET GB 85 27.90 22.98 -60.96
N ILE GB 86 26.98 23.71 -60.32
CA ILE GB 86 25.76 23.11 -59.80
C ILE GB 86 24.59 24.03 -60.13
N ALA GB 87 23.49 23.42 -60.57
CA ALA GB 87 22.22 24.11 -60.76
C ALA GB 87 21.09 23.27 -60.16
N ARG GB 88 20.32 23.88 -59.24
CA ARG GB 88 19.29 23.21 -58.45
C ARG GB 88 17.94 23.87 -58.67
N ILE GB 89 16.93 23.02 -58.69
CA ILE GB 89 15.54 23.40 -58.53
C ILE GB 89 15.10 22.88 -57.17
N GLU GB 90 14.61 23.77 -56.32
CA GLU GB 90 14.11 23.38 -55.00
C GLU GB 90 12.69 23.91 -54.86
N THR GB 91 11.76 23.06 -54.43
CA THR GB 91 10.34 23.41 -54.46
C THR GB 91 9.61 22.88 -53.25
N SER GB 92 8.94 23.78 -52.52
CA SER GB 92 8.12 23.41 -51.36
C SER GB 92 6.67 23.75 -51.67
N VAL GB 93 5.84 22.72 -51.79
CA VAL GB 93 4.42 22.86 -52.13
C VAL GB 93 3.60 22.29 -50.98
N PRO GB 94 2.85 23.11 -50.26
CA PRO GB 94 1.91 22.57 -49.26
C PRO GB 94 0.80 21.77 -49.93
N VAL GB 95 0.12 20.94 -49.13
CA VAL GB 95 -0.84 19.99 -49.69
C VAL GB 95 -1.98 20.72 -50.40
N GLY GB 96 -2.64 21.64 -49.71
CA GLY GB 96 -3.80 22.33 -50.27
C GLY GB 96 -3.62 23.03 -51.61
N VAL GB 97 -2.37 23.15 -52.08
CA VAL GB 97 -2.08 23.90 -53.30
C VAL GB 97 -2.77 23.27 -54.51
N SER GB 98 -3.21 24.13 -55.44
CA SER GB 98 -3.82 23.68 -56.68
C SER GB 98 -2.78 23.45 -57.76
N GLN GB 99 -2.92 22.32 -58.46
CA GLN GB 99 -1.98 21.95 -59.51
C GLN GB 99 -1.93 23.00 -60.61
N ASP GB 100 -3.06 23.64 -60.90
CA ASP GB 100 -3.09 24.70 -61.91
C ASP GB 100 -2.19 25.86 -61.51
N ASP GB 101 -2.39 26.38 -60.29
CA ASP GB 101 -1.62 27.52 -59.81
C ASP GB 101 -0.13 27.20 -59.80
N PHE GB 102 0.22 26.03 -59.25
CA PHE GB 102 1.64 25.74 -59.14
C PHE GB 102 2.28 25.45 -60.49
N LYS GB 103 1.53 24.85 -61.43
CA LYS GB 103 2.09 24.62 -62.76
C LYS GB 103 2.33 25.92 -63.49
N ALA GB 104 1.46 26.92 -63.28
CA ALA GB 104 1.70 28.23 -63.87
C ALA GB 104 2.93 28.90 -63.28
N MET GB 105 3.07 28.84 -61.96
CA MET GB 105 4.25 29.38 -61.31
C MET GB 105 5.52 28.70 -61.79
N ILE GB 106 5.48 27.37 -61.99
CA ILE GB 106 6.64 26.65 -62.53
C ILE GB 106 6.97 27.15 -63.93
N GLU GB 107 5.95 27.24 -64.79
CA GLU GB 107 6.15 27.75 -66.15
C GLU GB 107 6.84 29.11 -66.11
N GLY GB 108 6.43 29.96 -65.19
CA GLY GB 108 7.11 31.24 -65.03
C GLY GB 108 8.56 31.07 -64.62
N LEU GB 109 8.81 30.21 -63.63
CA LEU GB 109 10.16 30.03 -63.13
C LEU GB 109 11.11 29.48 -64.19
N ALA GB 110 10.58 28.73 -65.15
CA ALA GB 110 11.44 28.16 -66.17
C ALA GB 110 11.99 29.20 -67.14
N CYS GB 111 11.41 30.41 -67.16
CA CYS GB 111 11.78 31.40 -68.18
C CYS GB 111 13.23 31.86 -68.10
N PRO GB 112 13.78 32.24 -66.93
CA PRO GB 112 15.18 32.70 -66.91
C PRO GB 112 16.17 31.63 -67.30
N LEU GB 113 15.79 30.36 -67.18
CA LEU GB 113 16.71 29.29 -67.58
C LEU GB 113 16.94 29.27 -69.09
N LEU GB 114 15.88 29.51 -69.86
CA LEU GB 114 15.96 29.38 -71.31
C LEU GB 114 16.22 30.76 -71.94
N LEU GB 115 17.42 31.28 -71.71
CA LEU GB 115 17.83 32.57 -72.22
C LEU GB 115 19.10 32.43 -73.07
N ASP GB 116 19.38 33.50 -73.82
CA ASP GB 116 20.53 33.52 -74.72
C ASP GB 116 21.84 33.65 -73.94
N GLU GB 117 22.94 33.31 -74.63
CA GLU GB 117 24.24 33.28 -73.98
C GLU GB 117 24.61 34.62 -73.37
N ILE GB 118 24.21 35.72 -74.03
CA ILE GB 118 24.56 37.04 -73.51
C ILE GB 118 23.97 37.24 -72.12
N HIS GB 119 22.66 37.08 -71.99
CA HIS GB 119 22.03 37.26 -70.68
C HIS GB 119 22.53 36.22 -69.67
N VAL GB 120 22.75 34.98 -70.11
CA VAL GB 120 23.14 33.94 -69.17
C VAL GB 120 24.53 34.23 -68.60
N ASN GB 121 25.46 34.66 -69.44
CA ASN GB 121 26.79 35.04 -68.95
C ASN GB 121 26.72 36.30 -68.10
N ASP GB 122 25.85 37.25 -68.44
CA ASP GB 122 25.76 38.46 -67.64
C ASP GB 122 25.20 38.19 -66.26
N LEU GB 123 24.28 37.24 -66.11
CA LEU GB 123 23.63 37.01 -64.82
C LEU GB 123 24.24 35.89 -63.99
N PHE GB 124 24.40 34.70 -64.57
CA PHE GB 124 24.72 33.52 -63.76
C PHE GB 124 26.22 33.37 -63.52
N LEU GB 125 27.05 33.83 -64.44
CA LEU GB 125 28.50 33.74 -64.30
C LEU GB 125 29.12 35.05 -63.83
N SER GB 126 28.85 36.15 -64.54
CA SER GB 126 29.47 37.42 -64.21
C SER GB 126 28.88 38.01 -62.94
N GLY GB 127 27.61 37.77 -62.68
CA GLY GB 127 26.96 38.35 -61.52
C GLY GB 127 26.44 39.75 -61.73
N LEU GB 128 26.43 40.24 -62.98
CA LEU GB 128 25.90 41.57 -63.26
C LEU GB 128 24.44 41.65 -62.84
N PRO GB 129 23.95 42.85 -62.52
CA PRO GB 129 22.54 42.97 -62.09
C PRO GB 129 21.57 42.70 -63.23
N ILE GB 130 20.35 42.33 -62.87
CA ILE GB 130 19.32 42.04 -63.86
C ILE GB 130 18.87 43.33 -64.52
N ALA GB 131 18.80 43.33 -65.85
CA ALA GB 131 18.40 44.49 -66.62
C ALA GB 131 16.89 44.40 -66.88
N THR GB 132 16.14 45.31 -66.24
CA THR GB 132 14.70 45.37 -66.43
C THR GB 132 14.37 46.03 -67.77
N THR GB 133 13.39 45.49 -68.48
CA THR GB 133 13.03 46.02 -69.79
C THR GB 133 11.60 46.55 -69.77
N ASP GB 134 11.42 47.81 -70.17
CA ASP GB 134 10.08 48.36 -70.22
C ASP GB 134 9.22 47.59 -71.21
N VAL GB 135 8.05 47.15 -70.76
CA VAL GB 135 7.08 46.52 -71.65
C VAL GB 135 6.44 47.59 -72.53
N PRO GB 136 6.39 47.42 -73.85
CA PRO GB 136 5.78 48.45 -74.69
C PRO GB 136 4.30 48.57 -74.39
N ASP GB 137 3.89 49.76 -73.94
CA ASP GB 137 2.47 50.02 -73.71
C ASP GB 137 1.66 49.78 -74.97
N ASN GB 138 2.26 49.98 -76.14
CA ASN GB 138 1.58 49.75 -77.40
C ASN GB 138 1.31 48.25 -77.63
N GLU GB 139 2.25 47.40 -77.22
CA GLU GB 139 2.16 45.97 -77.44
C GLU GB 139 1.19 45.31 -76.46
N PRO GB 140 0.72 44.11 -76.76
CA PRO GB 140 -0.24 43.45 -75.85
C PRO GB 140 0.41 43.05 -74.55
N LEU GB 141 -0.38 43.07 -73.47
CA LEU GB 141 0.15 42.75 -72.15
C LEU GB 141 0.59 41.29 -72.12
N PRO GB 142 1.73 40.99 -71.50
CA PRO GB 142 2.23 39.61 -71.45
C PRO GB 142 1.37 38.75 -70.55
N PRO GB 143 1.54 37.42 -70.59
CA PRO GB 143 0.68 36.54 -69.79
C PRO GB 143 0.79 36.84 -68.30
N ALA GB 144 -0.34 36.66 -67.60
CA ALA GB 144 -0.43 37.11 -66.21
C ALA GB 144 0.39 36.25 -65.25
N LEU GB 145 0.77 35.03 -65.65
CA LEU GB 145 1.52 34.10 -64.83
C LEU GB 145 0.68 33.47 -63.71
N LEU GB 146 -0.65 33.53 -63.87
CA LEU GB 146 -1.63 33.07 -62.86
C LEU GB 146 -1.17 33.32 -61.42
N SER HB 1 65.69 -19.00 -64.96
CA SER HB 1 65.14 -18.27 -66.09
C SER HB 1 63.81 -17.60 -65.75
N ILE HB 2 62.87 -17.69 -66.68
CA ILE HB 2 61.53 -17.14 -66.49
C ILE HB 2 60.58 -18.32 -66.32
N LYS HB 3 59.70 -18.24 -65.33
CA LYS HB 3 58.86 -19.37 -64.98
C LYS HB 3 57.38 -19.03 -65.14
N TYR HB 4 56.64 -19.99 -65.72
CA TYR HB 4 55.19 -20.04 -65.56
C TYR HB 4 54.87 -20.04 -64.07
N ILE HB 5 54.12 -19.02 -63.66
CA ILE HB 5 53.46 -19.03 -62.36
C ILE HB 5 52.17 -19.84 -62.44
N PHE HB 6 51.33 -19.52 -63.42
CA PHE HB 6 50.10 -20.25 -63.69
C PHE HB 6 49.99 -20.45 -65.20
N LYS HB 7 50.06 -21.71 -65.64
CA LYS HB 7 49.91 -22.03 -67.05
C LYS HB 7 48.43 -21.99 -67.40
N LYS HB 8 48.11 -21.27 -68.47
CA LYS HB 8 46.72 -21.14 -68.91
C LYS HB 8 46.14 -22.47 -69.37
N THR HB 9 44.92 -22.77 -68.94
CA THR HB 9 44.23 -23.99 -69.33
C THR HB 9 43.01 -23.63 -70.18
N ASP HB 10 42.70 -24.52 -71.13
CA ASP HB 10 41.58 -24.30 -72.04
C ASP HB 10 40.28 -24.77 -71.37
N THR HB 11 39.96 -24.12 -70.24
CA THR HB 11 38.77 -24.43 -69.46
C THR HB 11 37.96 -23.15 -69.34
N LEU HB 12 36.84 -23.11 -70.06
CA LEU HB 12 36.01 -21.90 -70.09
C LEU HB 12 35.34 -21.67 -68.74
N PRO HB 13 35.16 -20.41 -68.35
CA PRO HB 13 34.49 -20.13 -67.08
C PRO HB 13 33.00 -20.39 -67.17
N ARG HB 14 32.45 -20.97 -66.10
CA ARG HB 14 31.01 -21.15 -66.00
C ARG HB 14 30.34 -19.79 -65.91
N SER HB 15 29.34 -19.57 -66.76
CA SER HB 15 28.52 -18.37 -66.65
C SER HB 15 27.81 -18.37 -65.29
N VAL HB 16 27.56 -17.16 -64.78
CA VAL HB 16 27.03 -16.98 -63.43
C VAL HB 16 25.55 -16.59 -63.52
N ILE HB 17 24.68 -17.46 -63.04
CA ILE HB 17 23.24 -17.26 -63.14
C ILE HB 17 22.68 -17.19 -61.73
N GLY HB 18 21.73 -16.28 -61.52
CA GLY HB 18 21.21 -16.09 -60.17
C GLY HB 18 19.93 -15.29 -60.19
N ASN HB 19 19.57 -14.79 -59.00
CA ASN HB 19 18.44 -13.89 -58.87
C ASN HB 19 18.65 -12.99 -57.65
N VAL HB 20 18.28 -11.71 -57.77
CA VAL HB 20 18.54 -10.75 -56.70
C VAL HB 20 17.70 -11.08 -55.47
N LEU HB 21 18.37 -11.27 -54.33
CA LEU HB 21 17.70 -11.66 -53.08
C LEU HB 21 17.34 -10.45 -52.22
N ARG HB 22 18.34 -9.67 -51.82
CA ARG HB 22 18.10 -8.48 -51.01
C ARG HB 22 19.17 -7.45 -51.34
N THR HB 23 18.85 -6.20 -51.04
CA THR HB 23 19.79 -5.09 -51.18
C THR HB 23 20.07 -4.57 -49.77
N THR HB 24 21.17 -5.01 -49.19
CA THR HB 24 21.50 -4.66 -47.81
C THR HB 24 21.65 -3.15 -47.65
N GLY HB 25 22.54 -2.55 -48.43
CA GLY HB 25 22.79 -1.13 -48.39
C GLY HB 25 22.78 -0.51 -49.77
N PRO HB 26 23.07 0.79 -49.85
CA PRO HB 26 23.05 1.46 -51.15
C PRO HB 26 24.18 1.03 -52.07
N ASP HB 27 25.28 0.55 -51.50
CA ASP HB 27 26.41 0.03 -52.27
C ASP HB 27 26.52 -1.48 -52.23
N THR HB 28 25.64 -2.16 -51.50
CA THR HB 28 25.77 -3.59 -51.25
C THR HB 28 24.49 -4.30 -51.69
N THR HB 29 24.62 -5.25 -52.62
CA THR HB 29 23.47 -6.04 -53.07
C THR HB 29 23.83 -7.51 -53.05
N VAL HB 30 22.88 -8.34 -52.62
CA VAL HB 30 23.12 -9.77 -52.40
C VAL HB 30 22.22 -10.59 -53.30
N TYR HB 31 22.81 -11.52 -54.04
CA TYR HB 31 22.12 -12.35 -55.01
C TYR HB 31 22.10 -13.79 -54.47
N SER HB 32 20.94 -14.43 -54.59
CA SER HB 32 20.83 -15.87 -54.30
C SER HB 32 21.08 -16.64 -55.59
N LEU HB 33 21.96 -17.62 -55.51
CA LEU HB 33 22.38 -18.46 -56.61
C LEU HB 33 21.65 -19.79 -56.55
N PRO HB 34 21.76 -20.62 -57.60
CA PRO HB 34 21.07 -21.91 -57.56
C PRO HB 34 21.57 -22.79 -56.43
N GLY HB 35 20.68 -23.63 -55.91
CA GLY HB 35 21.04 -24.50 -54.80
C GLY HB 35 21.09 -23.81 -53.45
N HIS HB 36 20.43 -22.66 -53.32
CA HIS HB 36 20.45 -21.88 -52.09
C HIS HB 36 19.25 -22.29 -51.22
N THR HB 37 19.47 -23.26 -50.35
CA THR HB 37 18.49 -23.50 -49.31
C THR HB 37 18.80 -22.62 -48.11
N PRO HB 38 17.81 -22.33 -47.26
CA PRO HB 38 18.11 -21.54 -46.06
C PRO HB 38 19.07 -22.25 -45.14
N VAL HB 39 19.00 -23.59 -45.09
CA VAL HB 39 19.91 -24.36 -44.25
C VAL HB 39 21.33 -24.28 -44.80
N ASN HB 40 21.48 -24.42 -46.12
CA ASN HB 40 22.79 -24.45 -46.78
C ASN HB 40 22.87 -23.31 -47.79
N PRO HB 41 23.00 -22.07 -47.33
CA PRO HB 41 22.91 -20.92 -48.24
C PRO HB 41 24.09 -20.83 -49.18
N PHE HB 42 23.82 -20.27 -50.36
CA PHE HB 42 24.85 -20.08 -51.39
C PHE HB 42 24.52 -18.79 -52.14
N THR HB 43 25.37 -17.77 -51.97
CA THR HB 43 25.04 -16.41 -52.36
C THR HB 43 26.27 -15.64 -52.85
N LEU HB 44 26.02 -14.76 -53.82
CA LEU HB 44 27.00 -13.79 -54.29
C LEU HB 44 26.66 -12.42 -53.72
N THR HB 45 27.54 -11.88 -52.90
CA THR HB 45 27.42 -10.52 -52.39
C THR HB 45 28.30 -9.61 -53.23
N ALA HB 46 27.78 -8.45 -53.61
CA ALA HB 46 28.49 -7.50 -54.45
C ALA HB 46 28.47 -6.14 -53.77
N VAL HB 47 29.67 -5.61 -53.49
CA VAL HB 47 29.84 -4.34 -52.82
C VAL HB 47 30.70 -3.46 -53.72
N SER HB 48 30.09 -2.45 -54.34
CA SER HB 48 30.80 -1.52 -55.22
C SER HB 48 30.80 -0.14 -54.57
N ARG HB 49 31.97 0.33 -54.15
CA ARG HB 49 32.11 1.60 -53.47
C ARG HB 49 32.72 2.63 -54.40
N LEU HB 50 31.99 3.72 -54.62
CA LEU HB 50 32.40 4.77 -55.52
C LEU HB 50 33.63 5.50 -55.00
N PRO HB 51 34.35 6.20 -55.88
CA PRO HB 51 35.48 7.00 -55.42
C PRO HB 51 35.01 8.28 -54.77
N VAL HB 52 35.64 8.62 -53.65
CA VAL HB 52 35.40 9.88 -52.97
C VAL HB 52 36.62 10.77 -53.19
N PRO HB 53 36.47 11.88 -53.90
CA PRO HB 53 37.62 12.75 -54.14
C PRO HB 53 38.12 13.35 -52.83
N ARG HB 54 39.43 13.49 -52.74
CA ARG HB 54 40.09 14.11 -51.61
C ARG HB 54 40.87 15.31 -52.13
N LYS HB 55 41.09 16.29 -51.25
CA LYS HB 55 41.70 17.53 -51.71
C LYS HB 55 43.11 17.24 -52.21
N GLY HB 56 43.33 17.36 -53.52
CA GLY HB 56 44.58 17.01 -54.14
C GLY HB 56 44.73 15.56 -54.55
N ASN HB 57 43.73 14.72 -54.28
CA ASN HB 57 43.79 13.30 -54.57
C ASN HB 57 42.55 12.88 -55.33
N ALA HB 58 42.75 12.19 -56.45
CA ALA HB 58 41.61 11.59 -57.14
C ALA HB 58 41.07 10.41 -56.36
N GLY HB 59 39.80 10.09 -56.59
CA GLY HB 59 39.20 8.97 -55.90
C GLY HB 59 39.77 7.63 -56.36
N THR HB 60 39.36 6.58 -55.66
CA THR HB 60 39.64 5.20 -56.08
C THR HB 60 38.38 4.37 -55.90
N THR HB 61 38.00 3.66 -56.97
CA THR HB 61 36.82 2.80 -56.96
C THR HB 61 37.18 1.44 -56.39
N LYS HB 62 36.45 0.99 -55.36
CA LYS HB 62 36.63 -0.34 -54.82
C LYS HB 62 35.45 -1.21 -55.23
N THR HB 63 35.73 -2.48 -55.50
CA THR HB 63 34.73 -3.41 -55.99
C THR HB 63 35.01 -4.78 -55.37
N THR HB 64 34.01 -5.38 -54.74
CA THR HB 64 34.21 -6.65 -54.03
C THR HB 64 33.07 -7.59 -54.39
N LEU HB 65 33.42 -8.79 -54.84
CA LEU HB 65 32.46 -9.82 -55.24
C LEU HB 65 32.81 -11.09 -54.47
N SER HB 66 31.89 -11.54 -53.60
CA SER HB 66 32.13 -12.68 -52.71
C SER HB 66 31.10 -13.77 -52.98
N LEU HB 67 31.57 -14.97 -53.30
CA LEU HB 67 30.70 -16.15 -53.31
C LEU HB 67 30.89 -16.89 -52.00
N ARG HB 68 29.78 -17.23 -51.35
CA ARG HB 68 29.79 -17.95 -50.08
C ARG HB 68 28.78 -19.08 -50.11
N ARG HB 69 29.25 -20.31 -49.86
CA ARG HB 69 28.38 -21.48 -49.91
C ARG HB 69 28.70 -22.38 -48.73
N GLU HB 70 27.70 -22.69 -47.90
CA GLU HB 70 27.92 -23.43 -46.66
C GLU HB 70 27.60 -24.90 -46.92
N VAL HB 71 28.65 -25.70 -47.09
CA VAL HB 71 28.49 -27.11 -47.45
C VAL HB 71 28.28 -27.94 -46.19
N THR HB 72 27.44 -28.96 -46.31
CA THR HB 72 27.42 -30.02 -45.31
C THR HB 72 28.63 -30.93 -45.56
N ILE HB 73 29.47 -31.06 -44.53
CA ILE HB 73 30.70 -31.85 -44.61
C ILE HB 73 30.45 -33.17 -43.90
N ASN HB 74 30.92 -34.24 -44.54
CA ASN HB 74 30.89 -35.64 -44.09
C ASN HB 74 29.58 -35.98 -43.40
N LYS HB 75 28.51 -35.89 -44.19
CA LYS HB 75 27.15 -36.11 -43.71
C LYS HB 75 26.97 -37.52 -43.15
N GLY HB 76 27.32 -38.53 -43.94
CA GLY HB 76 27.15 -39.90 -43.49
C GLY HB 76 27.89 -40.18 -42.19
N THR HB 77 29.08 -39.60 -42.05
CA THR HB 77 29.91 -39.83 -40.88
C THR HB 77 29.42 -38.99 -39.71
N ASP HB 78 29.88 -39.32 -38.51
CA ASP HB 78 29.64 -38.49 -37.34
C ASP HB 78 30.37 -37.16 -37.48
N GLN HB 79 29.90 -36.18 -36.70
CA GLN HB 79 30.40 -34.80 -36.79
C GLN HB 79 30.16 -34.19 -38.17
N GLU HB 80 29.04 -34.56 -38.80
CA GLU HB 80 28.51 -33.81 -39.93
C GLU HB 80 28.39 -32.34 -39.58
N LYS HB 81 28.98 -31.45 -40.38
CA LYS HB 81 28.93 -30.04 -40.01
C LYS HB 81 28.69 -29.15 -41.23
N ILE HB 82 27.87 -28.11 -41.06
CA ILE HB 82 27.67 -27.13 -42.11
C ILE HB 82 28.74 -26.05 -41.96
N VAL HB 83 29.58 -25.91 -42.98
CA VAL HB 83 30.76 -25.06 -42.90
C VAL HB 83 30.88 -24.25 -44.18
N PRO HB 84 31.16 -22.95 -44.11
CA PRO HB 84 31.16 -22.11 -45.32
C PRO HB 84 32.48 -22.06 -46.07
N MET HB 85 32.45 -22.24 -47.40
CA MET HB 85 33.57 -21.94 -48.26
C MET HB 85 33.31 -20.60 -48.95
N ILE HB 86 34.37 -19.80 -49.10
CA ILE HB 86 34.25 -18.45 -49.64
C ILE HB 86 35.33 -18.22 -50.68
N ALA HB 87 34.95 -17.59 -51.79
CA ALA HB 87 35.88 -17.15 -52.82
C ALA HB 87 35.53 -15.71 -53.24
N ARG HB 88 36.47 -14.78 -53.05
CA ARG HB 88 36.28 -13.35 -53.25
C ARG HB 88 37.22 -12.81 -54.31
N ILE HB 89 36.68 -11.87 -55.07
CA ILE HB 89 37.46 -10.98 -55.92
C ILE HB 89 37.36 -9.60 -55.29
N GLU HB 90 38.50 -8.98 -55.00
CA GLU HB 90 38.50 -7.62 -54.46
C GLU HB 90 39.42 -6.76 -55.32
N THR HB 91 38.94 -5.58 -55.73
CA THR HB 91 39.62 -4.79 -56.74
C THR HB 91 39.57 -3.31 -56.41
N SER HB 92 40.73 -2.68 -56.30
CA SER HB 92 40.84 -1.23 -56.07
C SER HB 92 41.48 -0.59 -57.29
N VAL HB 93 40.69 0.17 -58.04
CA VAL HB 93 41.11 0.83 -59.27
C VAL HB 93 41.06 2.33 -59.03
N PRO HB 94 42.19 3.01 -58.99
CA PRO HB 94 42.17 4.48 -58.94
C PRO HB 94 41.57 5.07 -60.22
N VAL HB 95 41.18 6.34 -60.12
CA VAL HB 95 40.33 6.93 -61.16
C VAL HB 95 41.02 6.95 -62.52
N GLY HB 96 42.25 7.49 -62.57
CA GLY HB 96 42.96 7.69 -63.82
C GLY HB 96 43.31 6.42 -64.59
N VAL HB 97 43.11 5.25 -63.97
CA VAL HB 97 43.54 3.99 -64.59
C VAL HB 97 42.87 3.78 -65.94
N SER HB 98 43.62 3.20 -66.88
CA SER HB 98 43.11 2.93 -68.21
C SER HB 98 42.44 1.55 -68.27
N GLN HB 99 41.28 1.51 -68.95
CA GLN HB 99 40.52 0.26 -69.06
C GLN HB 99 41.34 -0.83 -69.71
N ASP HB 100 42.22 -0.46 -70.65
CA ASP HB 100 43.06 -1.44 -71.32
C ASP HB 100 43.98 -2.15 -70.33
N ASP HB 101 44.75 -1.36 -69.58
CA ASP HB 101 45.70 -1.91 -68.63
C ASP HB 101 44.98 -2.76 -67.59
N PHE HB 102 43.85 -2.27 -67.09
CA PHE HB 102 43.20 -3.01 -66.02
C PHE HB 102 42.55 -4.30 -66.53
N LYS HB 103 41.97 -4.29 -67.73
CA LYS HB 103 41.47 -5.53 -68.29
C LYS HB 103 42.59 -6.54 -68.50
N ALA HB 104 43.80 -6.05 -68.84
CA ALA HB 104 44.94 -6.96 -68.93
C ALA HB 104 45.23 -7.63 -67.59
N MET HB 105 45.33 -6.83 -66.53
CA MET HB 105 45.52 -7.44 -65.20
C MET HB 105 44.40 -8.41 -64.85
N ILE HB 106 43.16 -8.08 -65.19
CA ILE HB 106 42.03 -8.96 -64.86
C ILE HB 106 42.18 -10.30 -65.56
N GLU HB 107 42.45 -10.25 -66.87
CA GLU HB 107 42.61 -11.47 -67.66
C GLU HB 107 43.73 -12.33 -67.09
N GLY HB 108 44.82 -11.69 -66.66
CA GLY HB 108 45.87 -12.44 -65.98
C GLY HB 108 45.40 -13.07 -64.68
N LEU HB 109 44.67 -12.30 -63.87
CA LEU HB 109 44.21 -12.78 -62.57
C LEU HB 109 43.26 -13.96 -62.71
N ALA HB 110 42.49 -14.01 -63.79
CA ALA HB 110 41.54 -15.10 -63.97
C ALA HB 110 42.23 -16.44 -64.22
N CYS HB 111 43.53 -16.43 -64.54
CA CYS HB 111 44.21 -17.66 -64.95
C CYS HB 111 44.29 -18.71 -63.85
N PRO HB 112 44.72 -18.40 -62.62
CA PRO HB 112 44.80 -19.46 -61.59
C PRO HB 112 43.44 -20.05 -61.24
N LEU HB 113 42.36 -19.31 -61.47
CA LEU HB 113 41.04 -19.85 -61.15
C LEU HB 113 40.68 -21.03 -62.05
N LEU HB 114 41.01 -20.94 -63.33
CA LEU HB 114 40.60 -21.95 -64.30
C LEU HB 114 41.71 -22.98 -64.49
N LEU HB 115 41.93 -23.75 -63.42
CA LEU HB 115 42.95 -24.79 -63.41
C LEU HB 115 42.33 -26.16 -63.15
N ASP HB 116 43.13 -27.19 -63.40
CA ASP HB 116 42.69 -28.57 -63.23
C ASP HB 116 42.61 -28.94 -61.75
N GLU HB 117 41.87 -30.02 -61.48
CA GLU HB 117 41.60 -30.42 -60.10
C GLU HB 117 42.90 -30.67 -59.34
N ILE HB 118 43.92 -31.20 -60.02
CA ILE HB 118 45.18 -31.51 -59.34
C ILE HB 118 45.79 -30.24 -58.75
N HIS HB 119 45.99 -29.22 -59.59
CA HIS HB 119 46.58 -27.97 -59.10
C HIS HB 119 45.66 -27.28 -58.10
N VAL HB 120 44.35 -27.34 -58.33
CA VAL HB 120 43.44 -26.60 -57.44
C VAL HB 120 43.44 -27.23 -56.04
N ASN HB 121 43.43 -28.56 -55.95
CA ASN HB 121 43.51 -29.21 -54.65
C ASN HB 121 44.89 -28.98 -54.02
N ASP HB 122 45.96 -28.99 -54.83
CA ASP HB 122 47.28 -28.76 -54.27
C ASP HB 122 47.42 -27.36 -53.69
N LEU HB 123 46.79 -26.35 -54.30
CA LEU HB 123 46.99 -24.97 -53.89
C LEU HB 123 45.92 -24.45 -52.93
N PHE HB 124 44.64 -24.55 -53.32
CA PHE HB 124 43.59 -23.85 -52.57
C PHE HB 124 43.09 -24.63 -51.37
N LEU HB 125 43.18 -25.96 -51.39
CA LEU HB 125 42.73 -26.78 -50.28
C LEU HB 125 43.89 -27.25 -49.41
N SER HB 126 44.88 -27.92 -50.03
CA SER HB 126 45.99 -28.46 -49.26
C SER HB 126 46.89 -27.36 -48.73
N GLY HB 127 47.07 -26.29 -49.51
CA GLY HB 127 47.88 -25.17 -49.10
C GLY HB 127 49.32 -25.19 -49.56
N LEU HB 128 49.67 -26.03 -50.52
CA LEU HB 128 51.03 -26.12 -51.00
C LEU HB 128 51.45 -24.80 -51.66
N PRO HB 129 52.75 -24.60 -51.89
CA PRO HB 129 53.17 -23.43 -52.67
C PRO HB 129 52.82 -23.58 -54.15
N ILE HB 130 52.92 -22.47 -54.87
CA ILE HB 130 52.56 -22.46 -56.29
C ILE HB 130 53.53 -23.35 -57.05
N ALA HB 131 52.98 -24.18 -57.95
CA ALA HB 131 53.79 -25.04 -58.81
C ALA HB 131 54.36 -24.22 -59.96
N THR HB 132 55.66 -23.97 -59.94
CA THR HB 132 56.33 -23.18 -60.97
C THR HB 132 56.83 -24.09 -62.08
N THR HB 133 56.69 -23.63 -63.33
CA THR HB 133 57.11 -24.45 -64.47
C THR HB 133 58.04 -23.65 -65.36
N ASP HB 134 59.25 -24.16 -65.57
CA ASP HB 134 60.20 -23.46 -66.45
C ASP HB 134 59.63 -23.33 -67.85
N VAL HB 135 59.59 -22.10 -68.34
CA VAL HB 135 59.12 -21.84 -69.70
C VAL HB 135 60.14 -22.39 -70.70
N PRO HB 136 59.73 -23.21 -71.67
CA PRO HB 136 60.71 -23.69 -72.65
C PRO HB 136 61.25 -22.53 -73.46
N ASP HB 137 62.58 -22.32 -73.37
CA ASP HB 137 63.21 -21.28 -74.17
C ASP HB 137 62.95 -21.50 -75.65
N ASN HB 138 62.81 -22.77 -76.07
CA ASN HB 138 62.54 -23.06 -77.47
C ASN HB 138 61.15 -22.58 -77.88
N GLU HB 139 60.16 -22.76 -77.01
CA GLU HB 139 58.80 -22.38 -77.34
C GLU HB 139 58.65 -20.85 -77.34
N PRO HB 140 57.64 -20.33 -78.02
CA PRO HB 140 57.48 -18.88 -78.09
C PRO HB 140 57.18 -18.29 -76.72
N LEU HB 141 57.57 -17.02 -76.54
CA LEU HB 141 57.37 -16.38 -75.27
C LEU HB 141 55.88 -16.15 -75.02
N PRO HB 142 55.39 -16.42 -73.81
CA PRO HB 142 53.96 -16.28 -73.52
C PRO HB 142 53.54 -14.82 -73.53
N PRO HB 143 52.23 -14.53 -73.53
CA PRO HB 143 51.78 -13.14 -73.61
C PRO HB 143 52.29 -12.30 -72.44
N ALA HB 144 52.58 -11.04 -72.74
CA ALA HB 144 53.25 -10.16 -71.80
C ALA HB 144 52.38 -9.73 -70.63
N LEU HB 145 51.06 -9.90 -70.71
CA LEU HB 145 50.11 -9.55 -69.65
C LEU HB 145 49.97 -8.02 -69.50
N LEU HB 146 50.40 -7.28 -70.50
CA LEU HB 146 50.40 -5.80 -70.51
C LEU HB 146 50.75 -5.20 -69.16
#